data_7XTD
#
_entry.id   7XTD
#
_cell.length_a   1.00
_cell.length_b   1.00
_cell.length_c   1.00
_cell.angle_alpha   90.00
_cell.angle_beta   90.00
_cell.angle_gamma   90.00
#
_symmetry.space_group_name_H-M   'P 1'
#
loop_
_entity.id
_entity.type
_entity.pdbx_description
1 polymer 'DNA-directed RNA polymerase subunit'
2 polymer 'DNA-directed RNA polymerase subunit beta'
3 polymer 'RNA polymerase II third largest subunit B44, part of central core'
4 polymer 'RNA polymerase II subunit B32'
5 polymer 'DNA-directed RNA polymerases I, II, and III subunit RPABC1'
6 polymer 'RNA polymerase subunit ABC23, common to RNA polymerases I, II, and III'
7 polymer 'RNA polymerase II subunit'
8 polymer 'DNA-directed RNA polymerases I, II, and III subunit RPABC3'
9 polymer 'DNA-directed RNA polymerase subunit'
10 polymer 'RNA polymerase subunit ABC10-beta, common to RNA polymerases I, II, and III'
11 polymer 'RNA polymerase II subunit B12.5'
12 polymer 'RNA polymerase subunit ABC10-alpha'
13 polymer 'Transcription elongation factor 1 homolog'
14 polymer 'DNA (198-MER)'
15 polymer "RNA (5'-R(P*UP*GP*UP*AP*AP*UP*CP*CP*CP*CP*UP*UP*GP*GP*CP*GP*GP*UP*U)-3')"
16 polymer 'DNA (198-MER)'
17 polymer 'Transcription elongation factor SPT4'
18 polymer 'Transcription elongation factor SPT5'
19 polymer 'Transcription elongation factor Spt6'
20 polymer 'Protein that interacts with Spt6p and copurifies with Spt5p and RNA polymerase II'
21 polymer 'Component of the Paf1p complex'
22 polymer 'RNAPII-associated chromatin remodeling Paf1 complex subunit'
23 polymer Leo1
24 polymer 'RNAP II-associated protein'
25 polymer 'Constituent of Paf1 complex with RNA polymerase II, Paf1p, Hpr1p, Ctr9, Leo1, Rtf1 and Ccr4p'
26 polymer 'Histone H3.3'
27 polymer 'Histone H4'
28 polymer 'Histone H2A type 1-B/E'
29 polymer 'Histone H2B type 1-J'
30 polymer 'FACT complex subunit'
31 polymer 'FACT complex subunit POB3'
32 non-polymer 'ZINC ION'
33 non-polymer 'MAGNESIUM ION'
#
loop_
_entity_poly.entity_id
_entity_poly.type
_entity_poly.pdbx_seq_one_letter_code
_entity_poly.pdbx_strand_id
1 'polypeptide(L)'
;MSQFPYSSAPLRSVKEVQFGLLSPEEIRAISVVKIEYPEIMDESRQRPREGGLNDPKLGSIDRNFKCQTCGEGMAECPGH
FGHMELAKPVFHIGFIPKIKKVCECICMNCGKLLLDETNPTMAQAIRIRDPKKRFNAVWQLCKTKMVCEADAPVDEYSEQ
KVVSRGGCGNTQPVVRKDGMKLWGTWKKSGFSDRDAQPERKLLTPGEILNVFKHISPEDCFRLGFNEDYARPEWMIITVL
PVPPPQVRPSIAMDETTQGQDDLTHKLSDILKANINVQKLEMDGSPQHIINEVEQLLQFHVATYMDNDIAGQPQALQKSG
RPVKAIRARLKGKEGRLRGNLMGKRVDFSARTVISGDPNLELDQVGVPISIAKTLSYPETVTQYNIHRLTEYVRNGPNEH
PGAKYVIRDNGDRIDLRYHKRAGDIVLQYGWKVERHLMDDDPVLFNRQPSLHKMSMMAHRVKVMPYSTFRLNLSVTSPYN
ADFDGDEMNLHVPQSEETRAELSQLCAVPLQIVSPQSNKPVMGIVQDTLCGVRKMTLRDTFIEYEQVMNMLFWVPSWDGV
VPQPAILKPKPLWTGKQLLSIAIPSGIHLQRTDGGNSLLSPKDNGMLIVDGKVMFGVVDKKTVGSGGGGLIHTVMREKGP
KICAELFGNIQKVVNYWLLHNGFSIGIGDAIADASTMKEITHAISSAKEQVQEIIYKAQHNELELKPGMTLRESFEGEVS
RTLNDARDSAGRSAEMNLKDLNNVKQMVSAGSKGSFINIAQMSACVGQQMVEGKRIAFGFADRSLPHFTKDDFSPESKGF
VENSYLRGLTPQEFFFHAMAGREGLIDTAVKTAETGYIQRRLVKALEDIMVHYDGTTRNSLGDIIQFLYGEDGLDGTQVE
RQTIDTIPGSDKAFHKRYYVDLMDEKNSIKPDVIEYAADILGDVELQKELNSEYEQLVSDRKFLREIVFVNGDHNWPLPV
NLRRIIQNAQQIFHLDRAKASDLTIPEIIHGVRDLCKKLFVLRGENELIKEAQQNATSLFQCLVRARLATRRILEEFRLN
RDAFEWVLGTIEAQFQRSLVHPGEMVGVIAAQSIGEPATQMTLNTFHYAGVSSKNVTLGVPRLKEILNVAKNIKTPALTV
YLDREIALDIEKAKVIQSSIEYTTLKNVTSATEIYYDPDPTSTVIEEDFDTVEAYFSIPDEKVEETIDKQSPWLLRLELD
RARMLDKQLTMNQVADKISEVFSDDLFVMWSEDNADKLIIRCRVIRDPKAMDEELEAEEDQMLKRIEAHMLDLIALRGIP
GISKVYMVKHKVSVPDESGEYKNEELWALETDGINLAEVMAVPGVDSSRTYSNSFVEILSVLGIEATRSSLYKEILNVIA
FDGSYVNYRHMALLVDVMTSRGYLMAITRHGINRADTGALMRCSFEETVEILFEAGAAAELDDCRGVSENVMLGQLAPMG
TGAFDVMIDEKLLTSLPADYAPTMPLFKGKATQGSATPYDNNAQYDDEFNHDDVADVMFSPMAETGSGDDRSGGLTEYAG
IQSPYQPTSPGLSATSPGFAPTSPGFAPTSPRYSPTSPGYSPTSPSYSPTSPSYSPTSPSYSPTSPSYSPTSPSYSPTSP
SYSPTSPSYSPTSPSYSPTSPSYSPTSPQYSPTSPQYSPTSPQYSPTSPQYSPTSPQYSPTSPQYSPTSPQYSPTSPQYS
PTSPQYSPTSPQYSPTSPQYSPTSPQYSPTSPQYSPTSPQYSPASPQYSPSRHSPNGESKEGE
;
A
2 'polypeptide(L)'
;MSYDPYSIDDTITTEDCWTVISAFFEEKGLVSQQLDSFDEFMETSIQDLVWEEPRLILDQPAQHTNEKDNINKRYEIRFG
KIYLSRPTMTEADGTTHAMFPQEARLRNLTYSSPVYLDMEKSMFTSIDDEGNPNATLDWQQVHEPIKDGVEEGNKVHIGK
VPIMLRSKFCSLRTLDEVDLYKMKECPYDMGGYFVINGSEKVLIAQERSAANIVQVFKKAAPSPISHVAEIRSALEKGSR
LISTMQIKLYGREDKGTGRTIKATLPYVKQDIPIVIVFRALGVVPDGEILQHICYDENDWQMLEMLKPCIEEGFVIQDKE
VALDFIGRRGSAALGIRREKRIQYAKDILQKELLPHITQEEGFETRKTFFLGYMVNRLLLCALERKDQDDRDHFGKKRLD
LAGPLLANLFRILFRKLTREIYRYMQRCIETDRDFNLNLAVKSTTITSGLKYSLATGNWGEQKKAMSSRAGVSQVLNRYT
YSSTLSHLRRTNTPIGRDGKLAKPRQLHNTHWGLVCPAETPEGQACGLVKNLSLLSGISIGSPSEPIINFLEEWGMEPLE
DYDPAQHTKSTRIFVNGVWTGIHRDPSMLVSTMRDLRRSGAISPEVSIIRDIREREFKIFTDVGRVYRPLFIVEDDESKD
NKGELRITKEHIRKIQQGYDDDAMNDDSEEQEQDVYGWSSLVTSGVIEYVDGEEEETIMIAMTPEDLQTRSLEQKEIDLN
DTAKRIKPEMSTSSHHTFTHCEIHPSMILGVAASIIPFPDHNQSPRNTYQSAMGKQAMGVFLTNYNVRMDTMANILYYPQ
KPLAKTQAMEYLKFRELPAGQNAIVAIACYSGYNQEDSMIMNQSSIDRGLFRSLFFRSYMDQEKRFGISIVEEFEKPTRA
TTLRLKHGTYEKLDEDGLIAPGVRVSGDDIIIGKTTPIPPDTEELGQRTKYHTKRDASTPLRSTENGIVDQVLLTTNQEG
LKFVKVRMRTTKVPQIGDKFASRHGQKGTIGVTYRHEDMPFSAEGIVPDLIINPHAIPSRMTVAHLIECLLSKVGSIRGY
EGDATPFTDLTVDAVSNLLRDNGYQSRGFEVMYNGHTGKKLMAQVFFGPTYYQRLRHMVDDKIHARARGPVQVLTRQPVE
GRSRDGGLRFGEMERDCMIAHGAAGFLKERLMEASDAFRVHVCGICGLMSVIANLKKNQFECRSCKNKTNIYQLHIPYAA
KLLFQELMAMNIAPRLYTERSGVSMRS
;
B
3 'polypeptide(L)'
;MSKEPKVNIINAQDDEVELMLSDVNLSLANSLRRTMLAEVPTLAIDLVEIKMNTSVLADEFISHRLGLIPLVSEDVEEMK
YSRDCTCEDYCDECSVVLELSARHEGEEGTTDVYSSSLIKVSGPGNLNVGEPVRRDDYDQGILLCKLRNHQELNIRCIAK
KGIAKEHAKWSPCSAIAFEYDPHNKLKHTDFWFEVDAKKEWPDSKYATWEEPPKPGEVFDYKAKPNRFYMTVETTGSLKA
NQVFSRGIKTLQEKLANVLFELENSRPANTTAYGGATAYGGQTVYGRETSYGGNTNYGDYNAPY
;
C
4 'polypeptide(L)'
;MNVSTSTVGARRRRAKQQVDDEENATLLRLGPEFALKQYDHDGNEHDLIALSLSESRLLIREALKARSRARNGGVDIESS
NGEIDDDELAKVTSGAVANGVVKKTLDYLNTFARFKDEETCTAVDQLLHNSSDCSVLHPFEIAQLSSLGCEDVDEAITLI
PSLAAKKEVNLQRILDELNRLEDPYK
;
D
5 'polypeptide(L)'
;MEDNNRIISRLWRSFRTVKEMAADRGYFISQEEMDQSLEEFRSKICDSMGNPQRKLMSFLANPTPEALEKYSDLGTLWVE
FCDEPSVGIKTMRNFCLRIQEKNFSTGIFIYQNNITPSANKMIPTVSPAIIETFQESDLVVNITHHELVPKHIRLSDGEK
SQLLQRYKLKESQLPRIQREDPVARYLGLKRGQVVKIIRRSETSGRYASYRICL
;
E
6 'polypeptide(L)'
;MSEDEAFNEQTENFENFEDEHFSDDNFEDRSTQPEDYAVGVTADGRQIINGDGIQEVNGTIKAHRKRSNKELAILKEERT
TTPYLTKYERARILGTRALQISMNAPVLVDIEGETDPLQIAMKELSQRKIPLVIRRYLPDGSYEDWGCDELIVDN
;
F
7 'polypeptide(L)'
;MFFLKDLSLILTLHPSYFGPQMNQYLREKLLTDVEGTCTGQFGYIVTVLDGMNIDVGKGRIIPGSGSAEFEVKYRAVVWK
PFKGEVVDAIVSNVSPIGFFADVGPLNVFVSTRLIPDNLVYNPSNSPPAYMSNDELITKGSKVRLKVVGTRTDVNEIYAI
GSIKEDFLGAI
;
G
8 'polypeptide(L)'
;MSSALFDDIFTVQTVDNGRYNKVSRIIGISTTNSAIKLTLDINNEMFPVSQDDSLTVTLANSLSLDGEDESANFSKSWRP
PKPTDKSLADDYDYVMFGTVYKFEEGDEDKIKVYVSFGGLLMCLEGGYKSLASLKQDNLYILIRR
;
H
9 'polypeptide(L)'
;MASFRFCLECNNMLYPKEDKENQRLLYSCRNCDYTELAEDPKVYRHELITNIGETAGIVDDIGQDPTLPRSDKECPECHS
RDCVFFQSQQRRKDTNMTLFYVCLNCKKTFRDESE
;
I
10 'polypeptide(L)' MIIPVRCFSCGKVVGDKWDAYLRLLEEGKQEGDALDELKLKRYCCRRMVLTHVDLIEKFLRYNPLEKKDFDS J
11 'polypeptide(L)'
;MNAPDRFELFILPDDVPKLKITPDSRVPNCIIIKFEREDHTLANLLREELALYPDVTFVAYKVEHPLFANFVMRLQTEEG
TRPKQALERACASIINKLKTLDHKFNEEWNIKNFSLND
;
K
12 'polypeptide(L)' MSREGFVAPSGTDLAAAASGVAPNKHYGVKYTCGACAHNFSLNKSDPVRCKECGHRVIYKARTKRMIQFDAR L
13 'polypeptide(L)'
;GPGMGKRKSSARKPAPKIKQKLETQFTCLFCNHDNSVVCTLDKKNSIGLLECKKCNLSFQAPINSLSQPIDIYSDWIDAC
EAVAEENADVNGDNFIENDGADREQDDDYDDEF
;
M
14 'polydeoxyribonucleotide'
;(DG)(DC)(DT)(DT)(DA)(DC)(DG)(DT)(DC)(DA)(DG)(DT)(DC)(DT)(DG)(DG)(DC)(DC)(DA)(DT)
(DC)(DT)(DT)(DT)(DG)(DT)(DG)(DT)(DT)(DT)(DG)(DG)(DT)(DG)(DT)(DG)(DT)(DT)(DT)(DG)
(DG)(DG)(DT)(DG)(DG)(DT)(DG)(DG)(DC)(DC)(DG)(DT)(DT)(DT)(DT)(DC)(DG)(DT)(DT)(DG)
(DT)(DT)(DT)(DT)(DT)(DT)(DT)(DC)(DT)(DG)(DT)(DC)(DT)(DC)(DG)(DT)(DG)(DC)(DC)(DT)
(DG)(DG)(DT)(DG)(DT)(DC)(DT)(DT)(DG)(DG)(DG)(DT)(DG)(DT)(DA)(DA)(DT)(DC)(DC)(DC)
(DC)(DT)(DT)(DG)(DG)(DC)(DG)(DG)(DT)(DT)(DA)(DA)(DA)(DA)(DC)(DG)(DC)(DG)(DG)(DG)
(DG)(DG)(DA)(DC)(DA)(DG)(DC)(DG)(DC)(DG)(DT)(DA)(DC)(DG)(DT)(DG)(DC)(DG)(DT)(DT)
(DT)(DA)(DA)(DG)(DC)(DG)(DG)(DT)(DG)(DC)(DT)(DA)(DG)(DA)(DG)(DC)(DT)(DG)(DT)(DC)
(DT)(DA)(DC)(DG)(DA)(DC)(DC)(DA)(DA)(DT)(DT)(DG)(DA)(DG)(DC)(DG)(DG)(DC)(DC)(DT)
(DC)(DG)(DG)(DC)(DA)(DC)(DC)(DG)(DG)(DG)(DA)(DT)(DT)(DC)(DT)(DG)(DA)(DT)
;
N
15 'polyribonucleotide' UGUAAUCCCCUUGGCGGUU P
16 'polydeoxyribonucleotide'
;(DA)(DT)(DC)(DA)(DG)(DA)(DA)(DT)(DC)(DC)(DC)(DG)(DG)(DT)(DG)(DC)(DC)(DG)(DA)(DG)
(DG)(DC)(DC)(DG)(DC)(DT)(DC)(DA)(DA)(DT)(DT)(DG)(DG)(DT)(DC)(DG)(DT)(DA)(DG)(DA)
(DC)(DA)(DG)(DC)(DT)(DC)(DT)(DA)(DG)(DC)(DA)(DC)(DC)(DG)(DC)(DT)(DT)(DA)(DA)(DA)
(DC)(DG)(DC)(DA)(DC)(DG)(DT)(DA)(DC)(DG)(DC)(DG)(DC)(DT)(DG)(DT)(DC)(DC)(DC)(DC)
(DC)(DG)(DC)(DG)(DT)(DT)(DT)(DT)(DA)(DA)(DC)(DC)(DG)(DC)(DC)(DA)(DA)(DG)(DG)(DG)
(DG)(DA)(DT)(DT)(DA)(DC)(DA)(DC)(DC)(DC)(DA)(DA)(DG)(DA)(DC)(DA)(DC)(DC)(DA)(DG)
(DG)(DC)(DA)(DC)(DG)(DA)(DG)(DA)(DC)(DA)(DG)(DA)(DA)(DA)(DA)(DA)(DA)(DA)(DC)(DA)
(DA)(DC)(DG)(DA)(DA)(DA)(DA)(DC)(DG)(DG)(DC)(DC)(DA)(DC)(DC)(DA)(DC)(DC)(DC)(DA)
(DA)(DA)(DC)(DA)(DC)(DA)(DC)(DC)(DA)(DA)(DA)(DC)(DA)(DC)(DA)(DA)(DG)(DA)(DG)(DC)
(DT)(DA)(DA)(DT)(DT)(DG)(DA)(DC)(DT)(DG)(DA)(DC)(DG)(DT)(DA)(DA)(DG)(DC)
;
T
17 'polypeptide(L)'
;MRERACMLCGIVLPGRVFMQNGCPNCDSVLNLRDSDQATVNECTSSSFEGLVAVGDNEHSWVAKWLRVDRFQPGLYAVRV
DGRLPSDIVAALEQYGVYYRPRDGSVID
;
V
18 'polypeptide(L)'
;GPGMSETHKNQLDKVSTVSPDGPSEAVKEHSLQSKDLSKNDGQFIVPLDRNVIEQEEHKQVKSSAQAHNTTGDAADNEIE
DGVPSEDVEFDKFKEDDYDEDDEVEEEGDIRSRKRRRHNQFLDVEAEVDDEEDDDDDDDDVELKHDFIQDDHIQHETQNE
GFIAGHVDDDRLHRKLDQSREKIADQDAQELADEFKQRYGRSASSKYMGSASTTAPQRLLIPTVDDPGIWGVKVRLGKEK
DVVRQILKKKLAREGTKNPLEIYSAFQRDSFKGHVYIEARKAEAINDALKGNVNVFSNNSKFLVGIVEYKDLLRPVKSSD
VKLTRGSYVRVKNGKFKGDLAQVDEVLENGLEARLKLVPRLDYGKDLSHLSTSSSVDSTKNRRKFYTSKFRPAQRLFSEA
EARVHEPTIRRDRDGFVTYGGEEYYEGFLYKTFRLQNLIVNSINPTLNELSLFQSNEESTTIDLSTIADSLKETAKNLVS
FQPGDNVEIINGELNHLTGTVSSVNQSTIVSVRLHSDDDTINSETVEIPTSDLRKIFNVGDHVRVIHGKHTDDTGLIVEV
NGDKVEFISNQTKRTVIVFSNYLIKSTDSTVSINESGRFELHDLVQVNSDLVGIVIRAQKDSFDVLCSDGKLLSLPPVSI
YSKLNLNPNQQIAIDSNGVEVKVGDTVREFTGERRQGTILHVYRNFLFLRSREIVENQGVFVTSSNRVKTITSKSNGTGG
QISGPDLSRMNPSRVIPPPSIPVANQRMTGRDPTLNKTVKIRQGGYKGKIGIVKEANGDRFRVELHNPNKTIPIPCSFLL
IESTHGWVPYEDFVASDRRGGNIPRHEISGHVQQPQHGRAPAWGSGGKTPAWGSGGKTPAWGSGGSGGKTPAWGSGGKTP
TWGSGAKTPAWGSGSKTPAWSGLDEEDRRDF
;
W
19 'polypeptide(L)'
;GPGMSAPSPSVSEEDINETRNSIDADASTVQDLLDQDAQEGSGSDNEGSNIVDSSEEDDDEDDEEEMQKVREGFIVDDDD
ENDEDGIPSSTKRKHRKKHKKRSAEVVEEVDEDDLQLLMENSGAVPGQQQNVKFKRLKRAEQDEKAQDSDSRGLNDMFSD
EEGPGGVVEEGSEEEGLEDNLTTKTQRSGNLPHDEFDDFIEEDEFSDEDDEARDERLARMRSAKAAPQLAGLQGEQYQEI
IEIFGDGTDYQWTLDAEEEMEQPQQDQEYDEAGEEIKGTTTSLADVFEPSELKEKMLTDEDNVIRVTDLPERFQAYRKSI
KNYKLSDVDYSNERDWIVEQLKLEKRDFLQHLTQAHSSVAHLEEKFEASVKKIVDFIAIESFEVPFIWNHRRDYALHTYN
DDSNNTIIVKLLNEDDLWRIVQLDLDYHSIHDKKAALSSIYKQLDLDVVDPTYEEFFGSARTLSELQDIDDYLTFNYSSQ
VKNLTAVAELSIEGNGSGEDEEQTTKSSFAEVKMKRKYSKYAIYDRIRQDAIYPVVQSIANISQMRENLAQSKRLHQVED
PIESPMDMIADIMSTEKDKTTFISSEKAYQAVKQFFSEQLSYEPFIRKTIRTAFQSFGVINIELTERGKLQIEPESPYFD
FKYAKNRPISALTATPDLYLRMIQAENDGLVNIKVELPMLSTVVDHFYNILKSDGTSEISEKWNALRNDAWKQSLDKLIP
LVQLNVKESIRRDCERVLYFQVKNSFTKKIDQAPYQPPTYAKGTIPRVLTLSFGEGNRGDAVLGVFMDDSGDVKSQIKFD
EDFQSRDFSDSLTRYIKSNNINPDIIGISGFNIHTKKLFDKVNELVNEERLTIEYDNEYGYDREEDGRSDKHLIRVIYVN
DETARLYQHSSKSSAEYPNRPQLAKYCIGLAKYIQSPLLEYLALDESMYSLHIHKHQNLLPREKLIDAVQTSIVDIVNLV
GVDINEAVRAPYHALALPYVCGLGPRKAAGLIQSIQRIGSNLVNRAHLITEQLTSKTVFLNMASFVYIVFDPDVERNPQG
EMDLLDSTRIHPEDYSLARKMAADALDIEDIDDDDESAMRNAIYEMVFPRSPPKDEDDLTFKLDELILDDYATELERKHQ
LKKRSTLQIIKEELQSRYREIRRDFHILNEAEIFQLLTRETVDSFRKGMVIPVYVRKVESSYMSVSTQSLIAGNIQRQDI
LEPNDRRDPREVYSVGQTVRACILDVDYYNFKCQLSLLRQFTENQVAGLNVNRNPKFWDIESENRDRQEEIDKQREESRE
SRVIKHPFFHNMKSKEAEDYLAARPVGDVVIRPSSKGSNHITISWKVAPQLYQHIDVLEENKDDANAIGRVLLVGKYRYH
DLDELLVEYVNNVANKVELMVSHDKFMSDSLDYVKEWLERYSKANGNRSHYIFTFNRKAPGWFFLLFKLNPTSEIKIWNV
KALPDGYLLANNVYPDTNSLCNGFKTLMSSRRQIKQRSNRAGGEYNNSHAGAYDNGYSNAPRY
;
m
20 'polypeptide(L)'
;GPGMSDEESENKKLLDQVLPEKTDQETQPEADAALAEQEAPENEPNEPASDDDSDSDLSDISDVDEEKVAEGLRYLDEQT
AASLSKHKAAQPSSTHKKKEPTRRRPKQQTARETQYEPDVVEDEAARRTRLFEEKLDAAIKRKPNKRKKNDDVDLEQMQD
ELIQQLKLQMEESAIRDANNIEQGKPAIFKLKLLPKVKDILLRANLADSILDNNLLASVRLWLEPLPDASLPAYQIQKVL
FDAIKSLPIKTSHLRESGLGKVMVFYQKSKRVEPNLKRTAEKLISDWTRPIMGASDNYKDMRVRTQQFDPAQFAESLPGR
VSVRPQEAKTLYEEAAERRKRAAIPQARTAAYTIAPQVNTELLMSSARRTLPSGVGSSLSGEDQYKRLNSRLNTMGTKRK
SSAKKGGISIEGRGLPQ
;
n
21 'polypeptide(L)'
;MKDHLIHNHHKHEHAHAEHDYKDDDDKEHLYFQGSSGSSGMSLLDQDYYLSALPEDKRAELVTLQLTIPLKSGDEVVTID
FNEDVDVSQLCVLLESENARPDLWLSAAKVFVSKGNIAGSQEIIRKALQSNVILDSSASVTSLFHNFSFWLSLMEYVSTN
SREDQFLEYASNSLQASNSLDSGLILNGIGNGVLYAKSRRYDEALKEFDNLLKKKSTNILAILGKAQILYKRQKYSQALE
LYQKALTINPLIVPDPRLGIGLCFWHLNNKQLAEQAWHNSLKVHPQNNLNTKILICLAKFDYCFNESKDDDEFTALYRES
LEFLHSCLKEDAKHPLLLMVLASYYFSKEDYEKVEKLCNLVLKENSRNAAFVSASHFWLARVAYHKEDYVQAQKQFKQAE
DSQNSNTLAKLGYAQCLIARNEVGDATIYLEKFFKENQDSKSSEMMLLLGIIYSQSGKSYYKAIIFLEKYVAVCQEENYP
ILPEAYLVLSRVYENKDLNVALDYLMKANDILGDKANVYVLNNLGIYHFFRNNVSQSSDFFAQSLEALNNVSPQNKEALS
ITLHYNKARVEEVSNQSEAEKLYSKLMEKCPGYTSNKIRYIYLLALKSNGNNYADVQQLLDDFPSDLEVRSFYGWFLKRY
GRKNGLKQDLESQHHKDTLINYDKHDCYALLSLGNIYATIAREMKVTDQKQNEIKRQQYLRAAQFYHKVLSIDPKNIYAA
QGIAIIFSDKERTGLALEIFKKVRDTVQDLGTFINLGHCFMEAKQFGKAIESYTIALEKFSNGMDSKLLVLIGRAWYHRG
FYEKSMDAYKKALEVSEQAYQLSKLPALRFNIVFIQFQIADFVKSLPNTQRDLTTLENALSGLNDAIKSLLKLAELEQPP
YPSEDLKARATMGSNTLRNQLERAIQDQQDYEMSIQEKLRTARRKQQLDEEKRLEQEQRRLEEARKRQEAELIKRQELIK
QAEEWNKMDIDAAKDNNDVLSEDGGEGEKKTTKKRKRKQKVSEDIAPDLDRINEENGNTEDYDPILDNEEEENYDEKDSE
NKENGQNGQNEEVYPESEGDDEDDVTNTKRQKRSKGIVDEEDSE
;
q
22 'polypeptide(L)'
;MKDHLIHNHHKHEHAHAEHLYFQGSSGSSGMSDKEQDLDEDLLALAGAGSDSESNSAYSPEQEVSRKSKKIVNDSEDENN
DSDGEQLLNPYPLEDKFKDEADRARLLGLSEMEREAILYERSQEVIKLKEKHLLSLRAKQSQLEKTAREGPKSSKTNKLS
ELKKQREQKSKRQRSDEYSDEEDDYRYEEVGDNDDVEMSDNYIDEDDAVFVEPKKSSRSQELSKPATLSDINKIIFGRTA
MSKYWYYPEFDDVVKGMYLRLNTGSGGNGFSPYKVVEVLGSQRIKGSAYGLNSKENNCDMYLKVAFPNQKEMVRPLFVFS
DSSITHPEFDLFLRELDAEGLSVMDLRDVDYKYHQLKEMSSRSLSNDEVNSIVKMKQSLSSNTGFNTVLKKAQLQEELEE
ARDAHDHERVARIEAELKSIGAESVVASKASSSMLKIDQRNKKLNNRFIRKAEMAAVEKRKLRGTSESDPFYRLATTARM
FYKSANLGADDSNQPKTKAELEEEAKQEKKLEMQKLESMVKSNYRNGGLDRIISKIDFDFDLEL
;
r
23 'polypeptide(L)'
;MKDHLIHNHHKHEHAHAEHLYFQGSSGSSGMSQELEQNRHSGEESPDPVLDANTSDVDDDGLDLFGDDDDEQPEAKPGQL
DDSSNDAEEDEQEKAGKPEAKVTSHTKSVYDNGETLDISLPIHPKSHIPQGKQDRWVVKLPDFLDINAEPFDPRPFEMNV
KTHEDKNQELLDKLIAVNTVRWRYAKSETGGIFKETNSQIIQWEDGTYSLRVGSEIFDMFTTNTDDNYLVSEHNEEGILM
TESTLSKSVKLVPASFQSTTHQKLAKALSAKQKKESYARSVVTKEDPEERQRRLESQENERYRLERRRKQAEEEEDYDSY
AVSTSRSRPSRASQMYNAADEDDDDDDVAIGRTLASRRNNGYEDDGFIIDDEEEEEAVENDSADEESENEGDDDEEDDEE
AAERLNRLKRAGASKYTNEGEQAQSEPVKSEEADNASQRDDAPRKKRRVILDDDEEEEE
;
u
24 'polypeptide(L)'
;GSAMTSSKSRQDYIAKVRYQNDLPAPPCPPKLLKYEIEKEAPQKEFLKDSRLLSALFSKDNFRYLMNETSDGLDVNYLRI
PGIIENEKSLGKLFSSYKNLAIENLHPDDRLLLVDPNKSATLNEESPVFFLRRPQYVSDGEKINLQNFTNKRKHQDMEDT
NPRSQLHSVERTFDEVIDPRNKNRLQSLIHPRKKIKAVKAWHFFPDTSTFDQVFHSLKFVGSASLSKDRPLNEQLGQVSE
TDSTSVNASILTSLFKPIEINPHNKWISLYAVTDKLSAESFRKSFNSIKDDNIVNRHVIYDHIKDFDQMFRGHKKLFEDF
AISFDDISDRAFFVPIVGRLELKKKRIVPGLVDMVNRTNYAHIRMDLRNPSTQETAIRDSRREQYDPVNYSSIQEE
;
v
25 'polypeptide(L)'
;MKDHLIHNHHKHEHAHAEHLYFQGSSGSSGMSEPLIALRQAIKDKKPVGVNEGETIGNAKVLNIGEKQYSLDAPTSFVIN
GKEFNLKVIYQCWVFRDSSSADYITECEKENIDGISFVERSELISWLKGEITSSAFIKGEKVGITEENGKNEGETKSNNK
RKLSDDPLLKEIASNERVLIDHNKVLRGLKPKDFSSVAKDCELRILKEKPANAKSSDSNGRSSTSVSSSSKDARNKEPII
VLSPAASSLVRMSNVKEFLQEGKFLDPSKEPASSSNLLAIQRKSSRFKTPIKLLVVDNVEKLFTKSEYWDRVVAIVTTGK
DWQFKNYKYKDPQILFQKFNGFYFKYKGDAVPASVKSWNVKVLDIDRVERFSDRQVVEQFWDTVENTLVAKRYKS
;
x
26 'polypeptide(L)'
;GSHMARTKQTARKSTGGKAPRKQLATKAARKSAPSTGGVKKPHRYRPGTVALREIRRYQKSTELLIRKLPFQRLVREIAQ
DFKTDLRFQSAAIGALQEASEAYLVGLFEDTNLCAIHAKRVTIMPKDIQLARRIRGERA
;
a,e
27 'polypeptide(L)'
;GSHMSGRGKGGKGLGKGGAKRHRKVLRDNIQGITKPAIRRLARRGGVKRISGLIYEETRGVLKVFLENVIRDAVTYTEHA
KRKTVTAMDVVYALKRQGRTLYGFGG
;
b,f
28 'polypeptide(L)'
;GSHMSGRGKQGGKARAKAKTRSSRAGLQFPVGRVHRLLRKGNYSERVGAGAPVYLAAVLEYLTAEILELAGNAARDNKKT
RIIPRHLQLAIRNDEELNKLLGRVTIAQGGVLPNIQAVLLPKKTESHHKAKGK
;
c,g
29 'polypeptide(L)'
;GSHMPEPAKSAPAPKKGSKKAVTKAQKKDGKKRKRSRKESYSIYVYKVLKQVHPDTGISSKAMGIMNSFVNDIFERIAGE
ASRLAHYNKRSTITSREIQTAVRLLLPGELAKHAVSEGTKAVTKYTSAK
;
d,h
30 'polypeptide(L)'
;GPGMSEVKIDPVAFKNRLGAIQRKLNSSNEIFQGITTLLVVVGSSDESNPYKKSTILHNWLLGYEFPATALAITKNSITF
LTSVGKAKYLTPLQNVTTVKILARNKDSEHNEALFDQFIDQLKSSVDDSKRLGVITKDKFTGSFYQDWLKKWDAAKSDFE
LVDVATGLSQATEYKDEEEQKFIRTASKATVNMMTVFTDEVINIIDEDLNFTNNQVVDKIENKIDDTKFWKTLEQNKSMK
KLGGDFEIGQLDWCYRPIVQSGGKYELKFSAESNDDKLTSGVILASLGLRYNSYCSNVSRTLLIDPSREINKNYDFLLEL
RSYIMNQIKDGAVCKDVYAKALAMVNKDRPDLAKHFVKNIGSLIGLEFRDSTMVLNAKNDRVIHDGSVINLVLGFQQLKD
ESQPLGTYSLLIADTVRITGGEPILLTDSPISRSEISFYFKDEEGEDKKPRVKDEPTSRKIEKPEVSAPARGSKILKSKL
RNETTNTEEEKERLRKEIQKQLHEKIQKEGLARFNKSDAQDGNENHAVFKRYESYVRESQIPSKVKNLRISIDPKAQTII
LPICGRPVPFHINSFKNGSKNEEGDYMYIRLNFNSPGMGSSVKKTELPYEDGDDKEFVRSLTFRSTNKERMSEVFKAITE
LKKTAVKRDQERKTMEDVVAQAQLVEFKGRPKKLENVFVRPAPDSKRVTGTLFIHQNGIRYQSPVRSDHRVDILFSNIKH
LFFQPCKEELMVIIHCHLKTPLMIGKKKTFDVQFYREVSDVTVDETGNKKRRYRYGDEDELEQEQEERRRKALLDKEFRR
FAEEISEASNGLLDLETPFRELGFTGVPFRSSVLCLPTRDCLIQLIDTPFLVVTLEEIEVAHLERVQFGLKNFDLVFVFK
DFSKPVVHINTIPIEMLEFVKQWLTDVDIPYSEGAVNLNWGTIMKTIQADPYEFFENGGWSFLGGGESDDEESEEEESEF
QVSDEDPEDEDVSEEYSAAEDGSDFSEEDDSEGSIAGSEDESEEEFSD
;
j
31 'polypeptide(L)'
;GPGMSTVDFDTIFLNQSKAPGRFRITSSGLGWKPSSQVPTKGKTDPFLLPSGDILSVSWSRGYRGWELRVYTRNDKVIML
DGFEQQDFQQLKNEIQRTFNVNLEHKEHSLRGWNWGKTQLTRAELVFNVNNRPAWEIPYSEISNSNLTGRHEISMELNPK
TVDENHYETLGDELVEVRLYVPGQIDKDEDSTEGQDTTEEAKSKSQLFYEQLKDKADFDTTSEAIVSFEDILFLTPRGRF
EISMYANNLRLRGQSYDYKIQNKNVLRIFSLPRLDDRHHLVILQVDPPLRQGQTRYPFLVMQFDRNEELEVELNLSDEEY
KSKYEGKLNRSYGTDSTYKILSHCLRGLTERRVITPGSFQSQHMQPGVNCSLKASEGQIYLLDKCLFFATKPCVYLPYSG
IISVVTSRGTGQSTSRTFDIEVQFSGGSHTFANINKDEQKPIEDFLKGQGVRVKNEKPAEFLGNALVDDDDDSDDGDIAM
GSAGEDDESVDEDFNAGSDSDVAEEYDSNAGSEDEDSDASSGEPEKKKPKH
;
k
#
loop_
_chem_comp.id
_chem_comp.type
_chem_comp.name
_chem_comp.formula
A RNA linking ADENOSINE-5'-MONOPHOSPHATE 'C10 H14 N5 O7 P'
C RNA linking CYTIDINE-5'-MONOPHOSPHATE 'C9 H14 N3 O8 P'
DA DNA linking 2'-DEOXYADENOSINE-5'-MONOPHOSPHATE 'C10 H14 N5 O6 P'
DC DNA linking 2'-DEOXYCYTIDINE-5'-MONOPHOSPHATE 'C9 H14 N3 O7 P'
DG DNA linking 2'-DEOXYGUANOSINE-5'-MONOPHOSPHATE 'C10 H14 N5 O7 P'
DT DNA linking THYMIDINE-5'-MONOPHOSPHATE 'C10 H15 N2 O8 P'
G RNA linking GUANOSINE-5'-MONOPHOSPHATE 'C10 H14 N5 O8 P'
MG non-polymer 'MAGNESIUM ION' 'Mg 2'
U RNA linking URIDINE-5'-MONOPHOSPHATE 'C9 H13 N2 O9 P'
ZN non-polymer 'ZINC ION' 'Zn 2'
#
# COMPACT_ATOMS: atom_id res chain seq x y z
N SER A 2 4.84 -31.62 -7.92
CA SER A 2 3.67 -32.22 -7.27
C SER A 2 2.64 -31.16 -6.92
N GLN A 3 2.98 -29.90 -7.20
CA GLN A 3 2.04 -28.81 -6.96
C GLN A 3 1.09 -28.59 -8.13
N PHE A 4 1.25 -29.31 -9.22
CA PHE A 4 0.43 -29.21 -10.40
C PHE A 4 -0.55 -30.39 -10.48
N PRO A 5 -1.79 -30.15 -10.87
CA PRO A 5 -2.75 -31.25 -11.02
C PRO A 5 -2.28 -32.23 -12.08
N TYR A 6 -2.64 -33.50 -11.88
CA TYR A 6 -2.14 -34.57 -12.72
C TYR A 6 -2.57 -34.37 -14.17
N SER A 7 -1.62 -34.57 -15.09
CA SER A 7 -1.87 -34.55 -16.52
C SER A 7 -1.20 -35.77 -17.14
N SER A 8 -1.93 -36.48 -17.99
CA SER A 8 -1.43 -37.74 -18.52
C SER A 8 -0.34 -37.56 -19.57
N ALA A 9 -0.12 -36.35 -20.05
CA ALA A 9 0.93 -36.12 -21.03
C ALA A 9 2.29 -36.35 -20.39
N PRO A 10 3.24 -36.95 -21.12
CA PRO A 10 4.57 -37.17 -20.55
C PRO A 10 5.31 -35.86 -20.31
N LEU A 11 6.15 -35.86 -19.28
CA LEU A 11 6.90 -34.68 -18.87
C LEU A 11 8.31 -34.76 -19.43
N ARG A 12 8.67 -33.78 -20.26
CA ARG A 12 9.99 -33.75 -20.88
C ARG A 12 10.54 -32.34 -20.74
N SER A 13 11.80 -32.15 -21.13
CA SER A 13 12.48 -30.88 -21.02
C SER A 13 12.90 -30.37 -22.38
N VAL A 14 12.96 -29.04 -22.52
CA VAL A 14 13.27 -28.43 -23.80
C VAL A 14 14.71 -28.74 -24.18
N LYS A 15 14.90 -29.20 -25.42
CA LYS A 15 16.22 -29.47 -25.95
C LYS A 15 16.61 -28.56 -27.10
N GLU A 16 15.65 -27.92 -27.75
CA GLU A 16 15.92 -27.04 -28.89
C GLU A 16 14.85 -25.97 -28.94
N VAL A 17 15.24 -24.76 -29.29
CA VAL A 17 14.31 -23.67 -29.55
C VAL A 17 14.51 -23.24 -30.99
N GLN A 18 13.50 -23.49 -31.83
CA GLN A 18 13.54 -23.15 -33.23
C GLN A 18 12.79 -21.85 -33.46
N PHE A 19 13.46 -20.85 -34.00
CA PHE A 19 12.84 -19.56 -34.24
C PHE A 19 12.28 -19.52 -35.66
N GLY A 20 11.66 -18.40 -35.99
CA GLY A 20 11.06 -18.23 -37.30
C GLY A 20 9.93 -17.24 -37.22
N LEU A 21 9.29 -17.03 -38.37
CA LEU A 21 8.13 -16.17 -38.45
C LEU A 21 6.85 -16.98 -38.47
N LEU A 22 5.74 -16.30 -38.23
CA LEU A 22 4.43 -16.94 -38.20
C LEU A 22 3.71 -16.67 -39.51
N SER A 23 3.38 -17.74 -40.23
CA SER A 23 2.63 -17.58 -41.46
C SER A 23 1.18 -17.20 -41.13
N PRO A 24 0.53 -16.45 -42.02
CA PRO A 24 -0.89 -16.14 -41.78
C PRO A 24 -1.75 -17.38 -41.64
N GLU A 25 -1.41 -18.45 -42.36
CA GLU A 25 -2.14 -19.70 -42.21
C GLU A 25 -2.02 -20.22 -40.78
N GLU A 26 -0.81 -20.17 -40.22
CA GLU A 26 -0.62 -20.65 -38.85
C GLU A 26 -1.32 -19.76 -37.85
N ILE A 27 -1.30 -18.45 -38.08
CA ILE A 27 -2.00 -17.53 -37.17
C ILE A 27 -3.49 -17.83 -37.17
N ARG A 28 -4.06 -18.05 -38.35
CA ARG A 28 -5.48 -18.41 -38.42
C ARG A 28 -5.74 -19.78 -37.80
N ALA A 29 -4.80 -20.70 -37.92
CA ALA A 29 -5.02 -22.06 -37.42
C ALA A 29 -4.99 -22.10 -35.89
N ILE A 30 -3.99 -21.46 -35.27
CA ILE A 30 -3.85 -21.51 -33.82
C ILE A 30 -4.82 -20.60 -33.10
N SER A 31 -5.51 -19.72 -33.82
CA SER A 31 -6.47 -18.83 -33.19
C SER A 31 -7.72 -19.59 -32.78
N VAL A 32 -8.44 -19.05 -31.80
CA VAL A 32 -9.68 -19.63 -31.32
C VAL A 32 -10.88 -18.74 -31.55
N VAL A 33 -10.69 -17.47 -31.89
CA VAL A 33 -11.80 -16.55 -32.13
C VAL A 33 -11.26 -15.41 -33.00
N LYS A 34 -12.18 -14.77 -33.71
CA LYS A 34 -11.84 -13.64 -34.58
C LYS A 34 -12.29 -12.34 -33.93
N ILE A 35 -11.38 -11.39 -33.80
CA ILE A 35 -11.64 -10.14 -33.11
C ILE A 35 -12.05 -9.09 -34.12
N GLU A 36 -13.27 -8.56 -33.98
CA GLU A 36 -13.79 -7.59 -34.94
C GLU A 36 -14.51 -6.39 -34.33
N TYR A 37 -15.01 -6.47 -33.10
CA TYR A 37 -15.79 -5.38 -32.52
C TYR A 37 -14.93 -4.54 -31.61
N PRO A 38 -14.77 -3.23 -31.88
CA PRO A 38 -13.90 -2.41 -31.04
C PRO A 38 -14.38 -2.24 -29.62
N GLU A 39 -15.68 -2.40 -29.36
CA GLU A 39 -16.19 -2.20 -28.00
C GLU A 39 -15.68 -3.29 -27.08
N ILE A 40 -15.02 -2.87 -25.99
CA ILE A 40 -14.49 -3.83 -25.04
C ILE A 40 -15.63 -4.53 -24.29
N MET A 41 -16.60 -3.75 -23.83
CA MET A 41 -17.69 -4.25 -23.00
C MET A 41 -18.96 -4.36 -23.82
N ASP A 42 -19.75 -5.40 -23.54
CA ASP A 42 -20.99 -5.63 -24.28
C ASP A 42 -21.97 -4.48 -24.08
N GLU A 43 -22.49 -4.33 -22.86
CA GLU A 43 -23.39 -3.23 -22.53
C GLU A 43 -23.07 -2.66 -21.16
N SER A 44 -21.83 -2.81 -20.71
CA SER A 44 -21.40 -2.41 -19.37
C SER A 44 -22.26 -3.10 -18.30
N ARG A 45 -22.62 -4.35 -18.56
CA ARG A 45 -23.45 -5.16 -17.69
C ARG A 45 -22.83 -6.54 -17.52
N GLN A 46 -21.51 -6.56 -17.23
CA GLN A 46 -20.73 -7.79 -17.15
C GLN A 46 -20.79 -8.54 -18.47
N ARG A 47 -20.19 -9.74 -18.51
CA ARG A 47 -20.26 -10.60 -19.69
C ARG A 47 -19.70 -9.87 -20.91
N PRO A 48 -18.39 -9.69 -21.01
CA PRO A 48 -17.82 -8.90 -22.10
C PRO A 48 -18.20 -9.46 -23.46
N ARG A 49 -18.36 -8.55 -24.42
CA ARG A 49 -18.90 -8.90 -25.72
C ARG A 49 -18.07 -9.99 -26.39
N GLU A 50 -18.76 -11.04 -26.87
CA GLU A 50 -18.09 -12.07 -27.64
C GLU A 50 -17.66 -11.51 -28.99
N GLY A 51 -16.48 -11.92 -29.44
CA GLY A 51 -15.90 -11.34 -30.63
C GLY A 51 -15.18 -10.03 -30.41
N GLY A 52 -15.16 -9.52 -29.18
CA GLY A 52 -14.44 -8.33 -28.85
C GLY A 52 -13.07 -8.63 -28.24
N LEU A 53 -12.40 -7.57 -27.80
CA LEU A 53 -11.04 -7.71 -27.28
C LEU A 53 -10.99 -8.44 -25.95
N ASN A 54 -12.12 -8.63 -25.28
CA ASN A 54 -12.17 -9.34 -24.01
C ASN A 54 -13.11 -10.54 -24.12
N ASP A 55 -12.99 -11.26 -25.23
CA ASP A 55 -13.83 -12.45 -25.42
C ASP A 55 -13.50 -13.48 -24.35
N PRO A 56 -14.51 -14.13 -23.77
CA PRO A 56 -14.23 -15.17 -22.75
C PRO A 56 -13.47 -16.35 -23.31
N LYS A 57 -13.46 -16.56 -24.62
CA LYS A 57 -12.71 -17.69 -25.17
C LYS A 57 -11.21 -17.47 -25.14
N LEU A 58 -10.78 -16.20 -25.07
CA LEU A 58 -9.35 -15.91 -25.03
C LEU A 58 -8.70 -16.39 -23.75
N GLY A 59 -9.46 -16.60 -22.69
CA GLY A 59 -8.90 -16.98 -21.42
C GLY A 59 -9.59 -16.28 -20.28
N SER A 60 -9.33 -16.72 -19.05
CA SER A 60 -9.96 -16.16 -17.86
C SER A 60 -8.92 -15.61 -16.92
N ILE A 61 -9.17 -14.43 -16.37
CA ILE A 61 -8.34 -13.83 -15.35
C ILE A 61 -9.11 -13.57 -14.06
N ASP A 62 -10.31 -14.14 -13.92
CA ASP A 62 -11.13 -13.98 -12.74
C ASP A 62 -11.24 -15.32 -12.03
N ARG A 63 -11.26 -15.26 -10.69
CA ARG A 63 -11.22 -16.49 -9.89
C ARG A 63 -12.46 -17.35 -10.14
N ASN A 64 -13.64 -16.72 -10.18
CA ASN A 64 -14.89 -17.44 -10.27
C ASN A 64 -15.30 -17.76 -11.70
N PHE A 65 -14.52 -17.36 -12.70
CA PHE A 65 -14.84 -17.59 -14.10
C PHE A 65 -13.83 -18.56 -14.69
N LYS A 66 -14.32 -19.62 -15.31
CA LYS A 66 -13.48 -20.60 -15.99
C LYS A 66 -13.39 -20.27 -17.47
N CYS A 67 -12.26 -20.63 -18.07
CA CYS A 67 -12.06 -20.38 -19.49
C CYS A 67 -13.06 -21.19 -20.30
N GLN A 68 -13.65 -20.55 -21.31
CA GLN A 68 -14.62 -21.24 -22.15
C GLN A 68 -13.98 -22.12 -23.20
N THR A 69 -12.67 -22.08 -23.36
CA THR A 69 -11.97 -22.89 -24.35
C THR A 69 -11.38 -24.16 -23.76
N CYS A 70 -10.61 -24.04 -22.69
CA CYS A 70 -10.00 -25.21 -22.06
C CYS A 70 -10.75 -25.68 -20.83
N GLY A 71 -11.56 -24.83 -20.22
CA GLY A 71 -12.31 -25.20 -19.03
C GLY A 71 -11.52 -25.19 -17.75
N GLU A 72 -10.24 -24.80 -17.79
CA GLU A 72 -9.41 -24.76 -16.61
C GLU A 72 -9.61 -23.46 -15.85
N GLY A 73 -9.13 -23.44 -14.61
CA GLY A 73 -9.24 -22.26 -13.79
C GLY A 73 -8.20 -21.21 -14.14
N MET A 74 -8.22 -20.12 -13.37
CA MET A 74 -7.28 -19.03 -13.61
C MET A 74 -5.84 -19.48 -13.40
N ALA A 75 -5.61 -20.34 -12.41
CA ALA A 75 -4.26 -20.76 -12.09
C ALA A 75 -3.68 -21.72 -13.13
N GLU A 76 -4.51 -22.26 -14.01
CA GLU A 76 -4.05 -23.25 -14.97
C GLU A 76 -4.20 -22.83 -16.43
N CYS A 77 -5.08 -21.90 -16.73
CA CYS A 77 -5.29 -21.49 -18.11
C CYS A 77 -4.08 -20.69 -18.59
N PRO A 78 -3.42 -21.09 -19.67
CA PRO A 78 -2.28 -20.31 -20.17
C PRO A 78 -2.67 -19.13 -21.04
N GLY A 79 -3.93 -19.02 -21.42
CA GLY A 79 -4.32 -18.02 -22.39
C GLY A 79 -4.28 -18.54 -23.81
N HIS A 80 -5.26 -18.13 -24.59
CA HIS A 80 -5.40 -18.59 -25.96
C HIS A 80 -5.47 -17.40 -26.90
N PHE A 81 -4.88 -17.54 -28.07
CA PHE A 81 -4.72 -16.43 -28.99
C PHE A 81 -5.96 -16.26 -29.87
N GLY A 82 -6.22 -15.00 -30.25
CA GLY A 82 -7.18 -14.70 -31.28
C GLY A 82 -6.48 -13.95 -32.40
N HIS A 83 -7.15 -13.86 -33.55
CA HIS A 83 -6.54 -13.22 -34.71
C HIS A 83 -7.46 -12.14 -35.26
N MET A 84 -6.85 -11.12 -35.83
CA MET A 84 -7.55 -9.98 -36.39
C MET A 84 -7.14 -9.81 -37.85
N GLU A 85 -8.11 -9.84 -38.75
CA GLU A 85 -7.83 -9.70 -40.16
C GLU A 85 -7.64 -8.24 -40.53
N LEU A 86 -6.56 -7.94 -41.22
CA LEU A 86 -6.24 -6.59 -41.64
C LEU A 86 -6.84 -6.32 -43.02
N ALA A 87 -7.46 -5.15 -43.18
CA ALA A 87 -8.06 -4.80 -44.46
C ALA A 87 -7.01 -4.66 -45.55
N LYS A 88 -5.87 -4.03 -45.24
CA LYS A 88 -4.77 -3.91 -46.18
C LYS A 88 -3.48 -4.32 -45.49
N PRO A 89 -2.61 -5.08 -46.17
CA PRO A 89 -1.36 -5.50 -45.55
C PRO A 89 -0.49 -4.30 -45.18
N VAL A 90 0.23 -4.43 -44.07
CA VAL A 90 1.09 -3.37 -43.58
C VAL A 90 2.46 -3.95 -43.27
N PHE A 91 3.44 -3.06 -43.22
CA PHE A 91 4.81 -3.47 -42.93
C PHE A 91 4.97 -3.85 -41.46
N HIS A 92 5.82 -4.85 -41.22
CA HIS A 92 6.27 -5.14 -39.87
C HIS A 92 7.41 -4.20 -39.54
N ILE A 93 7.26 -3.43 -38.45
CA ILE A 93 8.18 -2.35 -38.17
C ILE A 93 9.60 -2.87 -37.92
N GLY A 94 9.73 -4.12 -37.50
CA GLY A 94 11.04 -4.66 -37.21
C GLY A 94 11.80 -5.19 -38.41
N PHE A 95 11.17 -5.26 -39.58
CA PHE A 95 11.77 -5.89 -40.75
C PHE A 95 11.89 -4.95 -41.94
N ILE A 96 11.62 -3.66 -41.78
CA ILE A 96 11.65 -2.74 -42.91
C ILE A 96 13.03 -2.67 -43.57
N PRO A 97 14.14 -2.52 -42.83
CA PRO A 97 15.45 -2.56 -43.50
C PRO A 97 15.70 -3.87 -44.24
N LYS A 98 15.30 -5.01 -43.66
CA LYS A 98 15.49 -6.28 -44.34
C LYS A 98 14.61 -6.37 -45.59
N ILE A 99 13.39 -5.82 -45.51
CA ILE A 99 12.52 -5.78 -46.68
C ILE A 99 13.17 -4.96 -47.79
N LYS A 100 13.74 -3.82 -47.43
CA LYS A 100 14.42 -2.98 -48.42
C LYS A 100 15.60 -3.73 -49.05
N LYS A 101 16.38 -4.43 -48.24
CA LYS A 101 17.50 -5.19 -48.78
C LYS A 101 17.02 -6.28 -49.73
N VAL A 102 15.96 -6.99 -49.37
CA VAL A 102 15.45 -8.05 -50.24
C VAL A 102 14.93 -7.45 -51.54
N CYS A 103 14.28 -6.29 -51.46
CA CYS A 103 13.84 -5.61 -52.67
C CYS A 103 15.02 -5.24 -53.56
N GLU A 104 16.14 -4.82 -52.95
CA GLU A 104 17.33 -4.53 -53.72
C GLU A 104 17.97 -5.78 -54.32
N CYS A 105 17.76 -6.94 -53.72
CA CYS A 105 18.43 -8.15 -54.18
C CYS A 105 17.73 -8.83 -55.35
N ILE A 106 16.43 -8.61 -55.53
CA ILE A 106 15.64 -9.32 -56.52
C ILE A 106 15.02 -8.31 -57.47
N CYS A 107 14.47 -8.83 -58.57
CA CYS A 107 13.75 -8.01 -59.52
C CYS A 107 12.30 -7.86 -59.10
N MET A 108 11.77 -6.64 -59.28
CA MET A 108 10.43 -6.31 -58.82
C MET A 108 9.33 -6.81 -59.75
N ASN A 109 9.67 -7.39 -60.90
CA ASN A 109 8.67 -7.83 -61.86
C ASN A 109 8.66 -9.35 -62.01
N CYS A 110 9.79 -9.95 -62.37
CA CYS A 110 9.85 -11.39 -62.54
C CYS A 110 10.07 -12.14 -61.24
N GLY A 111 10.43 -11.45 -60.17
CA GLY A 111 10.64 -12.08 -58.89
C GLY A 111 11.77 -13.09 -58.87
N LYS A 112 12.91 -12.71 -59.45
CA LYS A 112 14.08 -13.58 -59.51
C LYS A 112 15.32 -12.80 -59.14
N LEU A 113 16.35 -13.53 -58.71
CA LEU A 113 17.61 -12.89 -58.34
C LEU A 113 18.26 -12.23 -59.54
N LEU A 114 18.97 -11.13 -59.29
CA LEU A 114 19.63 -10.39 -60.34
C LEU A 114 20.96 -11.01 -60.77
N LEU A 115 21.46 -12.00 -60.04
CA LEU A 115 22.69 -12.68 -60.39
C LEU A 115 22.48 -14.18 -60.32
N ASP A 116 23.33 -14.91 -61.03
CA ASP A 116 23.22 -16.36 -61.13
C ASP A 116 24.55 -17.01 -60.79
N GLU A 117 24.53 -18.33 -60.70
CA GLU A 117 25.71 -19.11 -60.34
C GLU A 117 26.79 -19.07 -61.42
N THR A 118 26.49 -18.55 -62.61
CA THR A 118 27.51 -18.42 -63.64
C THR A 118 28.66 -17.54 -63.16
N ASN A 119 28.36 -16.48 -62.44
CA ASN A 119 29.40 -15.63 -61.87
C ASN A 119 30.18 -16.40 -60.82
N PRO A 120 31.50 -16.50 -60.94
CA PRO A 120 32.27 -17.23 -59.91
C PRO A 120 32.11 -16.66 -58.52
N THR A 121 32.04 -15.33 -58.39
CA THR A 121 31.85 -14.73 -57.08
C THR A 121 30.49 -15.10 -56.50
N MET A 122 29.45 -15.13 -57.34
CA MET A 122 28.13 -15.51 -56.85
C MET A 122 28.10 -16.95 -56.36
N ALA A 123 28.72 -17.86 -57.12
CA ALA A 123 28.80 -19.25 -56.67
C ALA A 123 29.59 -19.38 -55.38
N GLN A 124 30.68 -18.61 -55.26
CA GLN A 124 31.46 -18.62 -54.03
C GLN A 124 30.62 -18.15 -52.85
N ALA A 125 29.82 -17.09 -53.05
CA ALA A 125 28.96 -16.59 -52.00
C ALA A 125 27.91 -17.62 -51.61
N ILE A 126 27.31 -18.28 -52.59
CA ILE A 126 26.30 -19.30 -52.31
C ILE A 126 26.92 -20.48 -51.57
N ARG A 127 28.21 -20.74 -51.79
CA ARG A 127 28.86 -21.88 -51.15
C ARG A 127 28.86 -21.76 -49.63
N ILE A 128 28.83 -20.53 -49.09
CA ILE A 128 28.89 -20.38 -47.64
C ILE A 128 27.63 -20.94 -46.99
N ARG A 129 27.73 -21.23 -45.70
CA ARG A 129 26.70 -21.94 -44.96
C ARG A 129 25.81 -21.02 -44.13
N ASP A 130 26.39 -20.07 -43.41
CA ASP A 130 25.62 -19.25 -42.49
C ASP A 130 24.61 -18.39 -43.24
N PRO A 131 23.32 -18.48 -42.92
CA PRO A 131 22.32 -17.70 -43.69
C PRO A 131 22.56 -16.21 -43.65
N LYS A 132 22.98 -15.65 -42.52
CA LYS A 132 23.16 -14.20 -42.44
C LYS A 132 24.32 -13.74 -43.31
N LYS A 133 25.46 -14.43 -43.21
CA LYS A 133 26.61 -14.08 -44.04
C LYS A 133 26.33 -14.36 -45.50
N ARG A 134 25.58 -15.42 -45.80
CA ARG A 134 25.19 -15.70 -47.17
C ARG A 134 24.36 -14.57 -47.75
N PHE A 135 23.38 -14.10 -46.98
CA PHE A 135 22.55 -12.98 -47.44
C PHE A 135 23.38 -11.72 -47.59
N ASN A 136 24.31 -11.49 -46.67
CA ASN A 136 25.16 -10.30 -46.77
C ASN A 136 25.98 -10.31 -48.04
N ALA A 137 26.60 -11.46 -48.34
CA ALA A 137 27.41 -11.57 -49.56
C ALA A 137 26.55 -11.42 -50.81
N VAL A 138 25.39 -12.08 -50.84
CA VAL A 138 24.52 -11.99 -52.01
C VAL A 138 24.04 -10.56 -52.21
N TRP A 139 23.76 -9.85 -51.12
CA TRP A 139 23.34 -8.45 -51.24
C TRP A 139 24.49 -7.59 -51.72
N GLN A 140 25.70 -7.83 -51.21
CA GLN A 140 26.86 -7.05 -51.64
C GLN A 140 27.10 -7.22 -53.13
N LEU A 141 26.88 -8.42 -53.65
CA LEU A 141 27.04 -8.64 -55.09
C LEU A 141 25.89 -8.04 -55.89
N CYS A 142 24.65 -8.45 -55.59
CA CYS A 142 23.50 -8.06 -56.39
C CYS A 142 23.11 -6.60 -56.22
N LYS A 143 23.68 -5.89 -55.26
CA LYS A 143 23.38 -4.47 -55.10
C LYS A 143 23.82 -3.68 -56.32
N THR A 144 25.01 -3.97 -56.84
CA THR A 144 25.53 -3.23 -57.98
C THR A 144 24.70 -3.48 -59.23
N LYS A 145 24.26 -4.72 -59.44
CA LYS A 145 23.45 -5.08 -60.60
C LYS A 145 22.14 -4.29 -60.54
N MET A 146 21.98 -3.31 -61.42
CA MET A 146 20.87 -2.37 -61.36
C MET A 146 19.82 -2.61 -62.44
N VAL A 147 19.96 -3.66 -63.24
CA VAL A 147 19.01 -3.94 -64.30
C VAL A 147 18.77 -5.45 -64.38
N CYS A 148 17.50 -5.83 -64.47
CA CYS A 148 17.17 -7.23 -64.73
C CYS A 148 17.52 -7.59 -66.16
N GLU A 149 17.97 -8.82 -66.35
CA GLU A 149 18.35 -9.32 -67.67
C GLU A 149 17.34 -10.36 -68.12
N ALA A 150 16.64 -10.07 -69.22
CA ALA A 150 15.79 -11.07 -69.85
C ALA A 150 16.58 -12.10 -70.63
N ASP A 151 17.88 -11.87 -70.83
CA ASP A 151 18.75 -12.80 -71.52
C ASP A 151 19.97 -13.06 -70.66
N ALA A 152 20.64 -14.18 -70.91
CA ALA A 152 21.81 -14.55 -70.13
C ALA A 152 22.93 -13.53 -70.34
N PRO A 153 23.64 -13.12 -69.27
CA PRO A 153 24.75 -12.18 -69.38
C PRO A 153 26.03 -12.82 -69.92
N VAL A 163 20.07 -17.29 -74.89
CA VAL A 163 19.78 -17.93 -73.61
C VAL A 163 19.05 -16.96 -72.69
N SER A 164 17.95 -17.41 -72.12
CA SER A 164 17.14 -16.61 -71.20
C SER A 164 17.33 -17.13 -69.77
N ARG A 165 17.65 -16.22 -68.85
CA ARG A 165 17.87 -16.56 -67.46
C ARG A 165 16.60 -16.52 -66.63
N GLY A 166 15.44 -16.28 -67.27
CA GLY A 166 14.19 -16.14 -66.57
C GLY A 166 13.83 -14.73 -66.18
N GLY A 167 14.73 -13.77 -66.38
CA GLY A 167 14.43 -12.40 -66.07
C GLY A 167 13.53 -11.77 -67.11
N CYS A 168 13.07 -10.56 -66.80
CA CYS A 168 12.14 -9.83 -67.66
C CYS A 168 12.79 -8.66 -68.38
N GLY A 169 14.05 -8.33 -68.06
CA GLY A 169 14.74 -7.26 -68.74
C GLY A 169 14.44 -5.87 -68.23
N ASN A 170 13.57 -5.72 -67.24
CA ASN A 170 13.21 -4.41 -66.73
C ASN A 170 14.34 -3.83 -65.90
N THR A 171 14.45 -2.51 -65.92
CA THR A 171 15.44 -1.83 -65.08
C THR A 171 15.01 -1.87 -63.62
N GLN A 172 15.97 -2.13 -62.74
CA GLN A 172 15.67 -2.25 -61.32
C GLN A 172 15.63 -0.88 -60.67
N PRO A 173 14.56 -0.54 -59.95
CA PRO A 173 14.50 0.76 -59.28
C PRO A 173 15.42 0.81 -58.08
N VAL A 174 15.71 2.03 -57.65
CA VAL A 174 16.49 2.29 -56.45
C VAL A 174 15.53 2.65 -55.33
N VAL A 175 15.63 1.94 -54.20
CA VAL A 175 14.67 2.08 -53.11
C VAL A 175 15.30 2.90 -52.00
N ARG A 176 14.52 3.85 -51.46
CA ARG A 176 14.94 4.69 -50.36
C ARG A 176 13.91 4.59 -49.25
N LYS A 177 14.38 4.62 -48.00
CA LYS A 177 13.52 4.50 -46.84
C LYS A 177 13.15 5.87 -46.32
N ASP A 178 11.87 6.04 -45.96
CA ASP A 178 11.37 7.29 -45.40
C ASP A 178 10.27 6.93 -44.40
N GLY A 179 10.66 6.85 -43.13
CA GLY A 179 9.70 6.43 -42.12
C GLY A 179 9.26 5.00 -42.38
N MET A 180 7.95 4.80 -42.46
CA MET A 180 7.38 3.49 -42.78
C MET A 180 7.10 3.32 -44.27
N LYS A 181 7.51 4.28 -45.09
CA LYS A 181 7.27 4.22 -46.53
C LYS A 181 8.56 4.03 -47.29
N LEU A 182 8.49 3.22 -48.35
CA LEU A 182 9.63 2.95 -49.21
C LEU A 182 9.35 3.53 -50.59
N TRP A 183 10.28 4.34 -51.09
CA TRP A 183 10.15 4.98 -52.39
C TRP A 183 11.04 4.25 -53.39
N GLY A 184 10.47 3.83 -54.51
CA GLY A 184 11.21 3.18 -55.58
C GLY A 184 11.30 4.09 -56.79
N THR A 185 12.53 4.37 -57.20
CA THR A 185 12.82 5.31 -58.28
C THR A 185 13.28 4.55 -59.51
N TRP A 186 12.50 4.62 -60.57
CA TRP A 186 12.83 3.97 -61.84
C TRP A 186 13.49 4.97 -62.77
N LYS A 187 14.57 4.55 -63.42
CA LYS A 187 15.22 5.36 -64.46
C LYS A 187 14.57 5.06 -65.80
N LYS A 188 13.31 5.46 -65.91
CA LYS A 188 12.53 5.21 -67.12
C LYS A 188 13.14 5.91 -68.32
N SER A 189 13.15 5.22 -69.46
CA SER A 189 13.70 5.77 -70.68
C SER A 189 12.61 5.99 -71.72
N ARG A 194 21.01 12.24 -72.84
CA ARG A 194 21.10 11.05 -72.00
C ARG A 194 20.05 11.06 -70.90
N ASP A 195 20.07 12.11 -70.09
CA ASP A 195 19.16 12.20 -68.96
C ASP A 195 17.72 12.35 -69.44
N ALA A 196 16.80 11.79 -68.68
CA ALA A 196 15.38 11.80 -69.01
C ALA A 196 14.60 12.08 -67.72
N GLN A 197 13.29 11.85 -67.76
CA GLN A 197 12.45 12.09 -66.60
C GLN A 197 12.26 10.77 -65.86
N PRO A 198 12.85 10.60 -64.67
CA PRO A 198 12.58 9.39 -63.88
C PRO A 198 11.43 9.59 -62.91
N GLU A 199 10.70 8.52 -62.67
CA GLU A 199 9.55 8.54 -61.77
C GLU A 199 9.85 7.72 -60.53
N ARG A 200 9.62 8.31 -59.37
CA ARG A 200 9.69 7.62 -58.09
C ARG A 200 8.27 7.45 -57.57
N LYS A 201 7.86 6.21 -57.34
CA LYS A 201 6.51 5.93 -56.88
C LYS A 201 6.58 5.07 -55.63
N LEU A 202 5.52 5.16 -54.83
CA LEU A 202 5.47 4.46 -53.56
C LEU A 202 5.40 2.95 -53.77
N LEU A 203 6.16 2.21 -52.96
CA LEU A 203 6.11 0.76 -52.97
C LEU A 203 5.15 0.31 -51.87
N THR A 204 3.90 0.07 -52.23
CA THR A 204 2.91 -0.33 -51.26
C THR A 204 3.23 -1.71 -50.71
N PRO A 205 2.83 -1.99 -49.47
CA PRO A 205 3.07 -3.34 -48.91
C PRO A 205 2.42 -4.45 -49.72
N GLY A 206 1.25 -4.21 -50.30
CA GLY A 206 0.62 -5.25 -51.09
C GLY A 206 1.40 -5.63 -52.32
N GLU A 207 1.96 -4.64 -53.01
CA GLU A 207 2.78 -4.91 -54.18
C GLU A 207 4.00 -5.74 -53.81
N ILE A 208 4.70 -5.35 -52.74
CA ILE A 208 5.86 -6.11 -52.30
C ILE A 208 5.46 -7.52 -51.89
N LEU A 209 4.29 -7.65 -51.26
CA LEU A 209 3.84 -8.97 -50.83
C LEU A 209 3.59 -9.89 -52.02
N ASN A 210 2.86 -9.40 -53.02
CA ASN A 210 2.56 -10.25 -54.16
C ASN A 210 3.79 -10.49 -55.04
N VAL A 211 4.79 -9.60 -54.96
CA VAL A 211 6.06 -9.89 -55.59
C VAL A 211 6.80 -11.00 -54.85
N PHE A 212 6.82 -10.92 -53.52
CA PHE A 212 7.56 -11.89 -52.72
C PHE A 212 6.95 -13.28 -52.83
N LYS A 213 5.62 -13.36 -52.96
CA LYS A 213 5.00 -14.69 -53.07
C LYS A 213 5.46 -15.44 -54.31
N HIS A 214 6.02 -14.76 -55.30
CA HIS A 214 6.49 -15.40 -56.51
C HIS A 214 7.96 -15.76 -56.46
N ILE A 215 8.61 -15.60 -55.31
CA ILE A 215 10.01 -15.99 -55.18
C ILE A 215 10.11 -17.51 -55.13
N SER A 216 10.98 -18.07 -55.96
CA SER A 216 11.16 -19.52 -55.98
C SER A 216 11.83 -19.99 -54.69
N PRO A 217 11.54 -21.22 -54.26
CA PRO A 217 12.18 -21.73 -53.03
C PRO A 217 13.69 -21.75 -53.11
N GLU A 218 14.26 -22.05 -54.27
CA GLU A 218 15.71 -22.07 -54.40
C GLU A 218 16.29 -20.67 -54.20
N ASP A 219 15.67 -19.66 -54.80
CA ASP A 219 16.12 -18.29 -54.59
C ASP A 219 15.93 -17.87 -53.14
N CYS A 220 14.83 -18.30 -52.52
CA CYS A 220 14.60 -18.01 -51.11
C CYS A 220 15.72 -18.59 -50.24
N PHE A 221 16.13 -19.83 -50.52
CA PHE A 221 17.25 -20.41 -49.79
C PHE A 221 18.54 -19.66 -50.06
N ARG A 222 18.75 -19.25 -51.32
CA ARG A 222 19.97 -18.51 -51.65
C ARG A 222 20.04 -17.18 -50.92
N LEU A 223 18.89 -16.59 -50.60
CA LEU A 223 18.83 -15.29 -49.93
C LEU A 223 18.99 -15.39 -48.43
N GLY A 224 19.14 -16.59 -47.87
CA GLY A 224 19.27 -16.77 -46.45
C GLY A 224 18.00 -17.09 -45.71
N PHE A 225 16.84 -16.97 -46.37
CA PHE A 225 15.58 -17.32 -45.73
C PHE A 225 15.35 -18.82 -45.79
N ASN A 226 14.48 -19.30 -44.90
CA ASN A 226 14.17 -20.72 -44.81
C ASN A 226 12.77 -20.95 -45.35
N GLU A 227 12.64 -21.92 -46.25
CA GLU A 227 11.34 -22.18 -46.87
C GLU A 227 10.31 -22.63 -45.85
N ASP A 228 10.72 -23.47 -44.90
CA ASP A 228 9.78 -24.03 -43.94
C ASP A 228 9.40 -23.05 -42.84
N TYR A 229 10.34 -22.23 -42.39
CA TYR A 229 10.15 -21.50 -41.14
C TYR A 229 10.13 -19.99 -41.31
N ALA A 230 10.95 -19.42 -42.18
CA ALA A 230 11.04 -17.98 -42.34
C ALA A 230 10.93 -17.65 -43.83
N ARG A 231 9.74 -17.51 -44.31
CA ARG A 231 9.47 -17.18 -45.70
C ARG A 231 9.43 -15.66 -45.86
N PRO A 232 10.05 -15.10 -46.90
CA PRO A 232 10.20 -13.64 -46.96
C PRO A 232 8.89 -12.87 -46.94
N GLU A 233 7.83 -13.37 -47.57
CA GLU A 233 6.59 -12.61 -47.60
C GLU A 233 5.87 -12.58 -46.26
N TRP A 234 6.30 -13.40 -45.29
CA TRP A 234 5.71 -13.33 -43.96
C TRP A 234 6.16 -12.11 -43.18
N MET A 235 7.12 -11.35 -43.69
CA MET A 235 7.53 -10.11 -43.05
C MET A 235 6.51 -8.99 -43.21
N ILE A 236 5.49 -9.18 -44.04
CA ILE A 236 4.40 -8.23 -44.19
C ILE A 236 3.19 -8.78 -43.45
N ILE A 237 2.60 -7.95 -42.58
CA ILE A 237 1.52 -8.40 -41.71
C ILE A 237 0.20 -8.29 -42.47
N THR A 238 -0.48 -9.41 -42.65
CA THR A 238 -1.81 -9.45 -43.23
C THR A 238 -2.88 -9.86 -42.24
N VAL A 239 -2.52 -10.66 -41.24
CA VAL A 239 -3.40 -10.99 -40.12
C VAL A 239 -2.61 -10.79 -38.84
N LEU A 240 -3.24 -10.17 -37.85
CA LEU A 240 -2.57 -9.83 -36.60
C LEU A 240 -3.01 -10.78 -35.50
N PRO A 241 -2.08 -11.37 -34.74
CA PRO A 241 -2.49 -12.19 -33.59
C PRO A 241 -2.81 -11.30 -32.40
N VAL A 242 -3.93 -11.60 -31.73
CA VAL A 242 -4.38 -10.84 -30.58
C VAL A 242 -4.01 -11.62 -29.32
N PRO A 243 -3.13 -11.11 -28.47
CA PRO A 243 -2.70 -11.86 -27.30
C PRO A 243 -3.81 -12.01 -26.29
N PRO A 244 -3.78 -13.05 -25.46
CA PRO A 244 -4.83 -13.25 -24.47
C PRO A 244 -4.74 -12.21 -23.38
N PRO A 245 -5.79 -12.07 -22.55
CA PRO A 245 -5.74 -11.06 -21.47
C PRO A 245 -4.64 -11.31 -20.46
N GLN A 246 -4.10 -12.53 -20.38
CA GLN A 246 -2.98 -12.77 -19.48
C GLN A 246 -1.79 -11.89 -19.83
N VAL A 247 -1.63 -11.58 -21.11
CA VAL A 247 -0.50 -10.75 -21.53
C VAL A 247 -0.76 -9.28 -21.22
N ARG A 248 -2.02 -8.86 -21.22
CA ARG A 248 -2.40 -7.46 -21.02
C ARG A 248 -3.46 -7.39 -19.94
N PRO A 249 -3.10 -7.68 -18.69
CA PRO A 249 -4.10 -7.71 -17.62
C PRO A 249 -4.58 -6.31 -17.28
N SER A 250 -5.82 -6.23 -16.83
CA SER A 250 -6.40 -4.97 -16.38
C SER A 250 -6.16 -4.79 -14.88
N ILE A 251 -6.10 -3.52 -14.46
CA ILE A 251 -5.79 -3.16 -13.09
C ILE A 251 -6.94 -2.33 -12.53
N ALA A 252 -7.33 -2.63 -11.30
CA ALA A 252 -8.38 -1.88 -10.61
C ALA A 252 -7.74 -0.67 -9.95
N MET A 253 -7.92 0.51 -10.56
CA MET A 253 -7.32 1.76 -10.10
C MET A 253 -7.90 2.18 -8.74
N ASP A 254 -9.19 1.94 -8.51
CA ASP A 254 -9.85 2.18 -7.24
C ASP A 254 -10.85 1.06 -7.01
N GLU A 255 -11.71 1.25 -6.01
CA GLU A 255 -12.67 0.21 -5.63
C GLU A 255 -13.75 0.00 -6.68
N THR A 256 -13.94 0.95 -7.59
CA THR A 256 -15.01 0.86 -8.58
C THR A 256 -14.53 0.80 -10.02
N THR A 257 -13.58 1.65 -10.40
CA THR A 257 -13.17 1.80 -11.80
C THR A 257 -11.86 1.04 -12.02
N GLN A 258 -11.88 0.13 -12.98
CA GLN A 258 -10.68 -0.60 -13.37
C GLN A 258 -10.08 0.04 -14.62
N GLY A 259 -8.77 -0.16 -14.80
CA GLY A 259 -8.08 0.46 -15.91
C GLY A 259 -7.66 -0.51 -16.99
N GLN A 260 -8.03 -0.21 -18.23
CA GLN A 260 -7.58 -1.01 -19.36
C GLN A 260 -6.08 -0.85 -19.57
N ASP A 261 -5.44 -1.93 -19.99
CA ASP A 261 -4.00 -1.89 -20.21
C ASP A 261 -3.67 -1.11 -21.48
N ASP A 262 -2.39 -0.73 -21.61
CA ASP A 262 -1.95 0.01 -22.79
C ASP A 262 -2.14 -0.81 -24.05
N LEU A 263 -1.79 -2.10 -24.00
CA LEU A 263 -1.94 -2.95 -25.17
C LEU A 263 -3.41 -3.07 -25.57
N THR A 264 -4.31 -3.12 -24.61
CA THR A 264 -5.73 -3.19 -24.94
C THR A 264 -6.18 -1.94 -25.68
N HIS A 265 -5.76 -0.76 -25.22
CA HIS A 265 -6.13 0.47 -25.91
C HIS A 265 -5.53 0.52 -27.31
N LYS A 266 -4.28 0.08 -27.45
CA LYS A 266 -3.64 0.10 -28.77
C LYS A 266 -4.34 -0.86 -29.72
N LEU A 267 -4.75 -2.03 -29.22
CA LEU A 267 -5.48 -2.96 -30.08
C LEU A 267 -6.84 -2.40 -30.45
N SER A 268 -7.50 -1.69 -29.53
CA SER A 268 -8.76 -1.04 -29.87
C SER A 268 -8.55 0.00 -30.97
N ASP A 269 -7.49 0.78 -30.88
CA ASP A 269 -7.20 1.77 -31.93
C ASP A 269 -6.93 1.09 -33.26
N ILE A 270 -6.15 0.01 -33.25
CA ILE A 270 -5.87 -0.72 -34.49
C ILE A 270 -7.16 -1.27 -35.09
N LEU A 271 -8.04 -1.83 -34.26
CA LEU A 271 -9.28 -2.40 -34.78
C LEU A 271 -10.21 -1.31 -35.31
N LYS A 272 -10.25 -0.15 -34.65
CA LYS A 272 -11.03 0.96 -35.17
C LYS A 272 -10.52 1.42 -36.53
N ALA A 273 -9.20 1.50 -36.67
CA ALA A 273 -8.63 1.87 -37.97
C ALA A 273 -8.97 0.83 -39.03
N ASN A 274 -8.92 -0.45 -38.67
CA ASN A 274 -9.30 -1.50 -39.62
C ASN A 274 -10.75 -1.34 -40.06
N ILE A 275 -11.65 -1.09 -39.10
CA ILE A 275 -13.05 -0.90 -39.43
C ILE A 275 -13.22 0.31 -40.33
N ASN A 276 -12.48 1.39 -40.05
CA ASN A 276 -12.57 2.59 -40.86
C ASN A 276 -12.13 2.33 -42.28
N VAL A 277 -11.03 1.60 -42.46
CA VAL A 277 -10.56 1.27 -43.80
C VAL A 277 -11.60 0.44 -44.54
N GLN A 278 -12.15 -0.57 -43.88
CA GLN A 278 -13.14 -1.42 -44.53
C GLN A 278 -14.37 -0.63 -44.94
N LYS A 279 -14.84 0.27 -44.07
CA LYS A 279 -16.02 1.08 -44.37
C LYS A 279 -15.74 2.03 -45.53
N LEU A 280 -14.57 2.67 -45.53
CA LEU A 280 -14.24 3.63 -46.57
C LEU A 280 -14.10 2.94 -47.92
N GLU A 281 -13.53 1.74 -47.93
CA GLU A 281 -13.23 1.08 -49.20
C GLU A 281 -14.51 0.74 -49.97
N MET A 282 -15.54 0.24 -49.27
CA MET A 282 -16.74 -0.22 -49.96
C MET A 282 -17.64 0.93 -50.39
N ASP A 283 -17.56 2.08 -49.71
CA ASP A 283 -18.52 3.15 -49.96
C ASP A 283 -18.08 4.05 -51.12
N GLY A 284 -16.92 4.69 -50.97
CA GLY A 284 -16.43 5.64 -51.95
C GLY A 284 -14.96 5.91 -51.73
N SER A 285 -14.20 6.06 -52.81
CA SER A 285 -12.75 5.93 -52.75
C SER A 285 -12.04 7.15 -53.35
N PRO A 286 -12.01 8.26 -52.61
CA PRO A 286 -11.01 9.29 -52.92
C PRO A 286 -9.64 8.82 -52.47
N GLN A 287 -8.69 8.83 -53.40
CA GLN A 287 -7.38 8.24 -53.12
C GLN A 287 -6.68 8.95 -51.97
N HIS A 288 -6.88 10.26 -51.85
CA HIS A 288 -6.28 11.00 -50.74
C HIS A 288 -6.76 10.48 -49.40
N ILE A 289 -8.08 10.27 -49.27
CA ILE A 289 -8.63 9.76 -48.03
C ILE A 289 -8.14 8.35 -47.76
N ILE A 290 -8.08 7.51 -48.80
CA ILE A 290 -7.60 6.14 -48.63
C ILE A 290 -6.16 6.15 -48.16
N ASN A 291 -5.32 6.99 -48.77
CA ASN A 291 -3.92 7.08 -48.34
C ASN A 291 -3.82 7.52 -46.89
N GLU A 292 -4.60 8.53 -46.51
CA GLU A 292 -4.55 9.01 -45.13
C GLU A 292 -4.94 7.91 -44.14
N VAL A 293 -6.04 7.23 -44.41
CA VAL A 293 -6.54 6.24 -43.45
C VAL A 293 -5.63 5.02 -43.40
N GLU A 294 -5.13 4.56 -44.54
CA GLU A 294 -4.21 3.42 -44.53
C GLU A 294 -2.89 3.77 -43.86
N GLN A 295 -2.43 5.02 -44.01
CA GLN A 295 -1.22 5.43 -43.33
C GLN A 295 -1.45 5.50 -41.82
N LEU A 296 -2.65 5.90 -41.41
CA LEU A 296 -2.99 5.87 -39.99
C LEU A 296 -2.97 4.45 -39.45
N LEU A 297 -3.53 3.50 -40.21
CA LEU A 297 -3.52 2.10 -39.78
C LEU A 297 -2.09 1.57 -39.67
N GLN A 298 -1.25 1.89 -40.66
CA GLN A 298 0.14 1.47 -40.60
C GLN A 298 0.83 2.05 -39.37
N PHE A 299 0.58 3.33 -39.08
CA PHE A 299 1.18 3.94 -37.89
C PHE A 299 0.74 3.24 -36.62
N HIS A 300 -0.55 2.94 -36.49
CA HIS A 300 -1.02 2.30 -35.27
C HIS A 300 -0.42 0.92 -35.11
N VAL A 301 -0.38 0.13 -36.18
CA VAL A 301 0.18 -1.21 -36.09
C VAL A 301 1.67 -1.14 -35.74
N ALA A 302 2.39 -0.21 -36.35
CA ALA A 302 3.81 -0.09 -36.07
C ALA A 302 4.08 0.32 -34.63
N THR A 303 3.33 1.30 -34.12
CA THR A 303 3.56 1.76 -32.75
C THR A 303 3.05 0.76 -31.71
N TYR A 304 2.17 -0.15 -32.10
CA TYR A 304 1.74 -1.19 -31.16
C TYR A 304 2.89 -2.12 -30.80
N MET A 305 3.90 -2.25 -31.66
CA MET A 305 5.02 -3.14 -31.41
C MET A 305 6.33 -2.41 -31.16
N ASP A 306 6.42 -1.13 -31.48
CA ASP A 306 7.66 -0.37 -31.29
C ASP A 306 7.31 1.11 -31.26
N ASN A 307 7.46 1.73 -30.09
CA ASN A 307 7.10 3.13 -29.91
C ASN A 307 8.30 4.04 -29.77
N ASP A 308 9.48 3.58 -30.18
CA ASP A 308 10.69 4.39 -30.17
C ASP A 308 11.30 4.48 -31.56
N ILE A 309 10.45 4.65 -32.57
CA ILE A 309 10.92 4.75 -33.94
C ILE A 309 11.50 6.14 -34.16
N ALA A 310 12.81 6.21 -34.37
CA ALA A 310 13.47 7.50 -34.56
C ALA A 310 13.01 8.14 -35.87
N GLY A 311 12.78 9.45 -35.82
CA GLY A 311 12.38 10.20 -36.99
C GLY A 311 10.91 10.53 -37.09
N GLN A 312 10.11 10.19 -36.08
CA GLN A 312 8.69 10.52 -36.09
C GLN A 312 8.19 10.59 -34.66
N PRO A 313 7.13 11.35 -34.40
CA PRO A 313 6.64 11.47 -33.02
C PRO A 313 6.05 10.16 -32.52
N GLN A 314 6.15 9.98 -31.19
CA GLN A 314 5.67 8.77 -30.54
C GLN A 314 4.16 8.83 -30.36
N ALA A 315 3.56 7.65 -30.18
CA ALA A 315 2.15 7.58 -29.81
C ALA A 315 2.01 7.90 -28.33
N LEU A 316 1.07 8.79 -28.01
CA LEU A 316 0.89 9.27 -26.64
C LEU A 316 -0.45 8.83 -26.09
N GLN A 317 -0.50 8.62 -24.79
CA GLN A 317 -1.76 8.34 -24.12
C GLN A 317 -2.52 9.65 -23.86
N LYS A 318 -3.77 9.54 -23.41
CA LYS A 318 -4.58 10.71 -23.02
C LYS A 318 -3.96 11.47 -21.85
N SER A 319 -3.12 10.80 -21.04
CA SER A 319 -2.40 11.47 -19.97
C SER A 319 -1.13 12.14 -20.44
N GLY A 320 -0.74 11.96 -21.70
CA GLY A 320 0.46 12.56 -22.24
C GLY A 320 1.69 11.68 -22.20
N ARG A 321 1.65 10.58 -21.45
CA ARG A 321 2.77 9.66 -21.42
C ARG A 321 2.82 8.83 -22.70
N PRO A 322 4.01 8.47 -23.16
CA PRO A 322 4.12 7.61 -24.35
C PRO A 322 3.56 6.21 -24.07
N VAL A 323 3.08 5.58 -25.13
CA VAL A 323 2.52 4.24 -25.01
C VAL A 323 3.65 3.24 -24.79
N LYS A 324 3.43 2.30 -23.88
CA LYS A 324 4.41 1.25 -23.59
C LYS A 324 4.23 0.12 -24.60
N ALA A 325 4.99 0.19 -25.68
CA ALA A 325 4.90 -0.80 -26.73
C ALA A 325 5.48 -2.14 -26.25
N ILE A 326 5.25 -3.18 -27.04
CA ILE A 326 5.72 -4.51 -26.67
C ILE A 326 7.25 -4.55 -26.64
N ARG A 327 7.89 -3.81 -27.55
CA ARG A 327 9.35 -3.79 -27.56
C ARG A 327 9.90 -3.21 -26.26
N ALA A 328 9.26 -2.17 -25.72
CA ALA A 328 9.71 -1.59 -24.47
C ALA A 328 9.55 -2.54 -23.30
N ARG A 329 8.66 -3.52 -23.41
CA ARG A 329 8.49 -4.49 -22.34
C ARG A 329 9.71 -5.40 -22.18
N LEU A 330 10.50 -5.58 -23.23
CA LEU A 330 11.55 -6.59 -23.25
C LEU A 330 12.95 -6.04 -23.00
N LYS A 331 13.14 -4.73 -23.02
CA LYS A 331 14.48 -4.17 -22.97
C LYS A 331 14.70 -3.41 -21.66
N GLY A 332 15.97 -3.32 -21.27
CA GLY A 332 16.36 -2.58 -20.09
C GLY A 332 16.58 -3.48 -18.89
N LYS A 333 16.95 -2.84 -17.77
CA LYS A 333 17.10 -3.57 -16.52
C LYS A 333 15.77 -4.12 -16.05
N GLU A 334 14.69 -3.37 -16.22
CA GLU A 334 13.37 -3.76 -15.77
C GLU A 334 12.59 -4.52 -16.83
N GLY A 335 13.20 -4.84 -17.97
CA GLY A 335 12.52 -5.57 -19.01
C GLY A 335 12.31 -7.01 -18.63
N ARG A 336 11.75 -7.77 -19.57
CA ARG A 336 11.46 -9.17 -19.31
C ARG A 336 12.74 -9.95 -19.06
N LEU A 337 13.72 -9.85 -19.96
CA LEU A 337 14.89 -10.71 -19.88
C LEU A 337 15.74 -10.41 -18.65
N ARG A 338 16.06 -9.14 -18.42
CA ARG A 338 16.91 -8.79 -17.29
C ARG A 338 16.14 -8.80 -15.98
N GLY A 339 14.88 -8.38 -16.00
CA GLY A 339 14.16 -8.16 -14.76
C GLY A 339 13.23 -9.27 -14.31
N ASN A 340 12.98 -10.27 -15.15
CA ASN A 340 12.08 -11.35 -14.74
C ASN A 340 12.59 -12.74 -15.10
N LEU A 341 13.62 -12.87 -15.92
CA LEU A 341 14.10 -14.19 -16.33
C LEU A 341 15.52 -14.46 -15.89
N MET A 342 16.43 -13.50 -16.08
CA MET A 342 17.80 -13.69 -15.60
C MET A 342 17.87 -13.55 -14.09
N GLY A 343 17.08 -12.65 -13.52
CA GLY A 343 17.01 -12.50 -12.08
C GLY A 343 15.63 -12.08 -11.63
N LYS A 344 15.07 -12.77 -10.64
CA LYS A 344 13.70 -12.56 -10.24
C LYS A 344 13.60 -12.61 -8.72
N ARG A 345 12.54 -12.02 -8.20
CA ARG A 345 12.26 -12.11 -6.77
C ARG A 345 11.88 -13.54 -6.39
N VAL A 346 12.27 -13.94 -5.18
CA VAL A 346 12.14 -15.33 -4.75
C VAL A 346 11.47 -15.40 -3.40
N ASP A 347 10.90 -16.56 -3.10
CA ASP A 347 10.31 -16.85 -1.81
C ASP A 347 11.36 -17.45 -0.88
N PHE A 348 10.95 -17.70 0.36
CA PHE A 348 11.80 -18.35 1.37
C PHE A 348 13.13 -17.62 1.51
N SER A 349 13.04 -16.36 1.93
CA SER A 349 14.20 -15.51 2.09
C SER A 349 13.93 -14.51 3.19
N ALA A 350 15.01 -13.96 3.74
CA ALA A 350 14.91 -13.00 4.84
C ALA A 350 15.99 -11.96 4.69
N ARG A 351 15.80 -10.83 5.37
CA ARG A 351 16.75 -9.73 5.31
C ARG A 351 16.66 -8.92 6.59
N THR A 352 17.80 -8.65 7.22
CA THR A 352 17.85 -7.81 8.40
C THR A 352 19.27 -7.36 8.64
N VAL A 353 19.44 -6.47 9.62
CA VAL A 353 20.74 -5.92 9.95
C VAL A 353 21.64 -7.00 10.54
N ILE A 354 22.94 -6.88 10.31
CA ILE A 354 23.90 -7.85 10.80
C ILE A 354 24.63 -7.29 12.02
N SER A 355 25.09 -8.19 12.87
CA SER A 355 25.85 -7.82 14.06
C SER A 355 26.95 -8.86 14.26
N GLY A 356 27.89 -8.55 15.15
CA GLY A 356 29.02 -9.41 15.38
C GLY A 356 28.87 -10.22 16.66
N ASP A 357 29.39 -11.43 16.63
CA ASP A 357 29.34 -12.34 17.77
C ASP A 357 30.67 -13.05 17.88
N PRO A 358 31.51 -12.70 18.85
CA PRO A 358 32.77 -13.44 19.04
C PRO A 358 32.56 -14.89 19.43
N ASN A 359 31.38 -15.25 19.93
CA ASN A 359 31.11 -16.58 20.44
C ASN A 359 30.35 -17.45 19.45
N LEU A 360 30.61 -17.27 18.17
CA LEU A 360 30.03 -18.11 17.12
C LEU A 360 31.16 -18.78 16.35
N GLU A 361 30.94 -20.02 15.95
CA GLU A 361 31.89 -20.69 15.09
C GLU A 361 31.98 -19.98 13.75
N LEU A 362 32.98 -20.34 12.96
CA LEU A 362 33.21 -19.65 11.70
C LEU A 362 32.03 -19.81 10.76
N ASP A 363 31.47 -21.01 10.67
CA ASP A 363 30.40 -21.31 9.72
C ASP A 363 29.03 -21.30 10.37
N GLN A 364 28.80 -20.43 11.34
CA GLN A 364 27.52 -20.31 12.01
C GLN A 364 26.97 -18.91 11.84
N VAL A 365 25.66 -18.81 11.69
CA VAL A 365 24.97 -17.53 11.59
C VAL A 365 23.87 -17.52 12.65
N GLY A 366 23.71 -16.39 13.33
CA GLY A 366 22.68 -16.26 14.34
C GLY A 366 21.39 -15.73 13.74
N VAL A 367 20.31 -16.46 13.90
CA VAL A 367 19.03 -16.16 13.25
C VAL A 367 18.03 -15.78 14.32
N PRO A 368 17.31 -14.66 14.17
CA PRO A 368 16.28 -14.31 15.15
C PRO A 368 15.18 -15.35 15.20
N ILE A 369 14.45 -15.36 16.31
CA ILE A 369 13.41 -16.35 16.49
C ILE A 369 12.25 -16.10 15.53
N SER A 370 11.90 -14.84 15.30
CA SER A 370 10.78 -14.54 14.43
C SER A 370 11.06 -14.98 12.99
N ILE A 371 12.28 -14.74 12.51
CA ILE A 371 12.64 -15.19 11.17
C ILE A 371 12.63 -16.71 11.10
N ALA A 372 13.11 -17.38 12.14
CA ALA A 372 13.08 -18.82 12.17
C ALA A 372 11.66 -19.37 12.13
N LYS A 373 10.73 -18.66 12.78
CA LYS A 373 9.33 -19.08 12.74
C LYS A 373 8.72 -18.82 11.37
N THR A 374 9.06 -17.70 10.74
CA THR A 374 8.47 -17.37 9.45
C THR A 374 8.93 -18.32 8.35
N LEU A 375 10.24 -18.54 8.25
CA LEU A 375 10.76 -19.43 7.23
C LEU A 375 10.56 -20.89 7.64
N SER A 376 10.63 -21.78 6.66
CA SER A 376 10.29 -23.17 6.91
C SER A 376 11.06 -24.06 5.94
N TYR A 377 11.10 -25.35 6.26
CA TYR A 377 11.73 -26.35 5.43
C TYR A 377 10.87 -27.60 5.40
N PRO A 378 10.41 -28.03 4.22
CA PRO A 378 9.52 -29.21 4.14
C PRO A 378 10.29 -30.51 4.32
N GLU A 379 10.03 -31.18 5.42
CA GLU A 379 10.72 -32.42 5.77
C GLU A 379 9.80 -33.61 5.52
N THR A 380 10.30 -34.59 4.78
CA THR A 380 9.52 -35.77 4.45
C THR A 380 9.40 -36.68 5.66
N VAL A 381 8.19 -37.16 5.93
CA VAL A 381 7.95 -38.03 7.08
C VAL A 381 8.45 -39.41 6.75
N THR A 382 9.37 -39.92 7.57
CA THR A 382 9.88 -41.29 7.46
C THR A 382 9.80 -41.94 8.82
N GLN A 383 10.27 -43.18 8.90
CA GLN A 383 10.23 -43.90 10.16
C GLN A 383 11.41 -43.60 11.06
N TYR A 384 12.29 -42.67 10.65
CA TYR A 384 13.33 -42.17 11.53
C TYR A 384 12.94 -40.90 12.26
N ASN A 385 11.89 -40.19 11.80
CA ASN A 385 11.57 -38.90 12.38
C ASN A 385 10.08 -38.68 12.59
N ILE A 386 9.26 -39.73 12.53
CA ILE A 386 7.81 -39.52 12.65
C ILE A 386 7.44 -39.06 14.04
N HIS A 387 8.14 -39.55 15.07
CA HIS A 387 7.87 -39.12 16.44
C HIS A 387 8.18 -37.64 16.62
N ARG A 388 9.36 -37.22 16.19
CA ARG A 388 9.77 -35.83 16.31
C ARG A 388 8.85 -34.92 15.50
N LEU A 389 8.46 -35.36 14.30
CA LEU A 389 7.60 -34.53 13.47
C LEU A 389 6.19 -34.43 14.06
N THR A 390 5.69 -35.50 14.69
CA THR A 390 4.42 -35.39 15.39
C THR A 390 4.51 -34.41 16.54
N GLU A 391 5.62 -34.43 17.28
CA GLU A 391 5.80 -33.43 18.34
C GLU A 391 5.77 -32.02 17.77
N TYR A 392 6.46 -31.80 16.64
CA TYR A 392 6.46 -30.48 16.01
C TYR A 392 5.06 -30.08 15.59
N VAL A 393 4.28 -31.01 15.04
CA VAL A 393 2.92 -30.70 14.62
C VAL A 393 2.07 -30.33 15.82
N ARG A 394 2.24 -31.04 16.93
CA ARG A 394 1.49 -30.70 18.14
C ARG A 394 1.85 -29.30 18.63
N ASN A 395 3.14 -28.95 18.60
CA ASN A 395 3.56 -27.66 19.12
C ASN A 395 2.91 -26.49 18.38
N GLY A 396 2.58 -26.66 17.11
CA GLY A 396 1.87 -25.65 16.37
C GLY A 396 2.77 -24.57 15.81
N PRO A 397 2.19 -23.63 15.07
CA PRO A 397 2.99 -22.62 14.37
C PRO A 397 3.42 -21.45 15.22
N ASN A 398 3.18 -21.46 16.53
CA ASN A 398 3.56 -20.35 17.40
C ASN A 398 4.58 -20.74 18.45
N GLU A 399 4.89 -22.02 18.59
CA GLU A 399 5.80 -22.49 19.62
C GLU A 399 7.01 -23.13 18.97
N HIS A 400 8.19 -22.74 19.40
CA HIS A 400 9.41 -23.26 18.81
C HIS A 400 9.97 -24.39 19.66
N PRO A 401 10.29 -25.56 19.07
CA PRO A 401 10.16 -25.88 17.65
C PRO A 401 8.74 -26.21 17.24
N GLY A 402 8.35 -25.80 16.04
CA GLY A 402 6.99 -26.01 15.58
C GLY A 402 6.88 -26.32 14.11
N ALA A 403 5.68 -26.25 13.57
CA ALA A 403 5.47 -26.48 12.14
C ALA A 403 4.38 -25.53 11.66
N LYS A 404 4.40 -25.24 10.36
CA LYS A 404 3.42 -24.35 9.76
C LYS A 404 2.38 -25.07 8.93
N TYR A 405 2.78 -26.07 8.15
CA TYR A 405 1.87 -26.78 7.27
C TYR A 405 2.17 -28.27 7.31
N VAL A 406 1.17 -29.07 6.96
CA VAL A 406 1.34 -30.49 6.69
C VAL A 406 0.82 -30.73 5.28
N ILE A 407 1.66 -31.33 4.44
CA ILE A 407 1.35 -31.51 3.02
C ILE A 407 1.14 -33.00 2.79
N ARG A 408 -0.01 -33.35 2.23
CA ARG A 408 -0.30 -34.75 1.96
C ARG A 408 0.37 -35.19 0.67
N ASP A 409 0.23 -36.49 0.36
CA ASP A 409 0.81 -37.03 -0.85
C ASP A 409 0.20 -36.40 -2.10
N ASN A 410 -1.11 -36.20 -2.09
CA ASN A 410 -1.79 -35.63 -3.25
C ASN A 410 -1.45 -34.16 -3.48
N GLY A 411 -0.80 -33.50 -2.53
CA GLY A 411 -0.40 -32.12 -2.68
C GLY A 411 -1.22 -31.13 -1.88
N ASP A 412 -2.28 -31.57 -1.22
CA ASP A 412 -3.09 -30.66 -0.41
C ASP A 412 -2.32 -30.19 0.81
N ARG A 413 -2.49 -28.92 1.15
CA ARG A 413 -1.81 -28.30 2.29
C ARG A 413 -2.79 -28.16 3.45
N ILE A 414 -2.36 -28.59 4.63
CA ILE A 414 -3.13 -28.44 5.86
C ILE A 414 -2.49 -27.32 6.66
N ASP A 415 -3.21 -26.22 6.81
CA ASP A 415 -2.71 -25.08 7.57
C ASP A 415 -2.96 -25.33 9.06
N LEU A 416 -1.92 -25.19 9.86
CA LEU A 416 -2.02 -25.48 11.29
C LEU A 416 -2.49 -24.29 12.11
N ARG A 417 -2.58 -23.09 11.51
CA ARG A 417 -3.18 -21.97 12.21
C ARG A 417 -4.69 -22.13 12.34
N TYR A 418 -5.33 -22.54 11.25
CA TYR A 418 -6.78 -22.58 11.17
C TYR A 418 -7.35 -23.97 11.40
N HIS A 419 -6.56 -24.88 11.95
CA HIS A 419 -7.03 -26.24 12.21
C HIS A 419 -7.39 -26.36 13.69
N LYS A 420 -8.64 -26.75 13.95
CA LYS A 420 -9.12 -26.92 15.31
C LYS A 420 -8.76 -28.27 15.91
N ARG A 421 -8.30 -29.22 15.10
CA ARG A 421 -8.03 -30.58 15.54
C ARG A 421 -6.60 -30.97 15.19
N ALA A 422 -5.65 -30.08 15.51
CA ALA A 422 -4.25 -30.35 15.18
C ALA A 422 -3.74 -31.59 15.90
N GLY A 423 -4.18 -31.81 17.15
CA GLY A 423 -3.84 -33.02 17.85
C GLY A 423 -4.46 -34.27 17.27
N ASP A 424 -5.49 -34.11 16.44
CA ASP A 424 -6.14 -35.24 15.78
C ASP A 424 -5.60 -35.48 14.37
N ILE A 425 -4.33 -35.17 14.15
CA ILE A 425 -3.67 -35.40 12.86
C ILE A 425 -2.63 -36.50 13.05
N VAL A 426 -2.73 -37.54 12.24
CA VAL A 426 -1.74 -38.63 12.23
C VAL A 426 -0.96 -38.51 10.93
N LEU A 427 0.36 -38.61 11.04
CA LEU A 427 1.24 -38.43 9.89
C LEU A 427 1.54 -39.77 9.24
N GLN A 428 1.35 -39.84 7.93
CA GLN A 428 1.67 -41.03 7.16
C GLN A 428 3.01 -40.85 6.47
N TYR A 429 3.70 -41.95 6.24
CA TYR A 429 4.98 -41.90 5.56
C TYR A 429 4.81 -41.30 4.17
N GLY A 430 5.75 -40.44 3.79
CA GLY A 430 5.70 -39.76 2.51
C GLY A 430 5.08 -38.38 2.56
N TRP A 431 4.38 -38.04 3.64
CA TRP A 431 3.90 -36.68 3.80
C TRP A 431 5.06 -35.74 4.08
N LYS A 432 4.80 -34.45 3.96
CA LYS A 432 5.78 -33.43 4.25
C LYS A 432 5.27 -32.53 5.35
N VAL A 433 6.15 -32.16 6.27
CA VAL A 433 5.84 -31.22 7.34
C VAL A 433 6.74 -30.01 7.16
N GLU A 434 6.13 -28.84 6.97
CA GLU A 434 6.89 -27.60 6.79
C GLU A 434 7.26 -27.07 8.16
N ARG A 435 8.25 -27.72 8.77
CA ARG A 435 8.65 -27.38 10.12
C ARG A 435 9.41 -26.07 10.14
N HIS A 436 9.59 -25.54 11.34
CA HIS A 436 10.33 -24.30 11.52
C HIS A 436 11.81 -24.49 11.23
N LEU A 437 12.50 -23.38 11.00
CA LEU A 437 13.94 -23.41 10.85
C LEU A 437 14.58 -23.78 12.17
N MET A 438 15.52 -24.72 12.16
CA MET A 438 16.12 -25.24 13.37
C MET A 438 17.64 -25.09 13.31
N ASP A 439 18.29 -25.52 14.39
CA ASP A 439 19.74 -25.41 14.48
C ASP A 439 20.42 -26.37 13.51
N ASP A 440 21.57 -25.94 13.00
CA ASP A 440 22.41 -26.67 12.05
C ASP A 440 21.74 -26.90 10.70
N ASP A 441 20.74 -26.10 10.35
CA ASP A 441 20.20 -26.14 9.00
C ASP A 441 21.08 -25.29 8.09
N PRO A 442 21.58 -25.84 6.98
CA PRO A 442 22.38 -25.02 6.07
C PRO A 442 21.50 -23.99 5.37
N VAL A 443 21.97 -22.75 5.34
CA VAL A 443 21.27 -21.67 4.67
C VAL A 443 22.28 -20.85 3.89
N LEU A 444 21.88 -20.37 2.72
CA LEU A 444 22.74 -19.52 1.93
C LEU A 444 22.66 -18.09 2.42
N PHE A 445 23.81 -17.43 2.50
CA PHE A 445 23.91 -16.11 3.10
C PHE A 445 24.66 -15.22 2.13
N ASN A 446 24.18 -13.99 1.96
CA ASN A 446 24.62 -13.19 0.81
C ASN A 446 24.61 -11.72 1.17
N ARG A 447 25.55 -10.97 0.59
CA ARG A 447 25.59 -9.52 0.72
C ARG A 447 25.78 -8.89 -0.65
N GLN A 448 25.09 -7.79 -0.91
CA GLN A 448 25.20 -7.07 -2.16
C GLN A 448 26.13 -5.86 -2.01
N PRO A 449 26.88 -5.51 -3.06
CA PRO A 449 26.96 -6.20 -4.35
C PRO A 449 27.81 -7.46 -4.29
N SER A 450 27.39 -8.50 -5.01
CA SER A 450 28.09 -9.79 -5.00
C SER A 450 29.19 -9.76 -6.04
N LEU A 451 30.36 -9.29 -5.62
CA LEU A 451 31.46 -9.08 -6.55
C LEU A 451 32.15 -10.38 -6.92
N HIS A 452 32.27 -11.31 -5.97
CA HIS A 452 32.92 -12.58 -6.23
C HIS A 452 32.17 -13.69 -5.52
N LYS A 453 32.61 -14.93 -5.76
CA LYS A 453 31.85 -16.09 -5.31
C LYS A 453 31.93 -16.31 -3.81
N MET A 454 32.81 -15.62 -3.10
CA MET A 454 32.85 -15.69 -1.65
C MET A 454 31.83 -14.77 -1.00
N SER A 455 31.07 -14.02 -1.80
CA SER A 455 29.99 -13.20 -1.27
C SER A 455 28.72 -14.00 -1.01
N MET A 456 28.65 -15.24 -1.48
CA MET A 456 27.57 -16.16 -1.14
C MET A 456 28.17 -17.42 -0.55
N MET A 457 27.93 -17.64 0.74
CA MET A 457 28.44 -18.81 1.42
C MET A 457 27.35 -19.38 2.30
N ALA A 458 27.43 -20.68 2.56
CA ALA A 458 26.41 -21.38 3.32
C ALA A 458 26.86 -21.53 4.77
N HIS A 459 26.05 -21.05 5.69
CA HIS A 459 26.31 -21.15 7.12
C HIS A 459 25.34 -22.15 7.75
N ARG A 460 25.59 -22.44 9.03
CA ARG A 460 24.72 -23.29 9.82
C ARG A 460 23.90 -22.42 10.77
N VAL A 461 22.60 -22.68 10.83
CA VAL A 461 21.68 -21.84 11.58
C VAL A 461 21.88 -22.08 13.07
N LYS A 462 21.84 -20.99 13.85
CA LYS A 462 21.71 -21.04 15.29
C LYS A 462 20.68 -20.00 15.69
N VAL A 463 19.59 -20.44 16.29
CA VAL A 463 18.49 -19.55 16.63
C VAL A 463 18.83 -18.77 17.89
N MET A 464 18.68 -17.45 17.84
CA MET A 464 19.08 -16.57 18.92
C MET A 464 18.02 -15.50 19.12
N PRO A 465 17.97 -14.88 20.29
CA PRO A 465 17.04 -13.77 20.51
C PRO A 465 17.47 -12.50 19.80
N TYR A 466 16.63 -11.47 19.86
CA TYR A 466 16.86 -10.17 19.23
C TYR A 466 16.88 -10.29 17.72
N SER A 467 16.92 -9.15 17.01
CA SER A 467 16.43 -9.08 15.64
C SER A 467 17.53 -8.89 14.60
N THR A 468 18.77 -9.27 14.89
CA THR A 468 19.85 -9.07 13.94
C THR A 468 20.51 -10.40 13.59
N PHE A 469 20.97 -10.52 12.35
CA PHE A 469 21.84 -11.62 11.97
C PHE A 469 23.19 -11.45 12.64
N ARG A 470 23.81 -12.56 13.04
CA ARG A 470 25.06 -12.51 13.77
C ARG A 470 26.10 -13.36 13.07
N LEU A 471 27.29 -12.80 12.91
CA LEU A 471 28.38 -13.41 12.15
C LEU A 471 29.62 -13.46 13.01
N ASN A 472 30.40 -14.53 12.86
CA ASN A 472 31.77 -14.50 13.35
C ASN A 472 32.54 -13.43 12.58
N LEU A 473 33.42 -12.71 13.26
CA LEU A 473 33.98 -11.53 12.62
C LEU A 473 35.04 -11.86 11.57
N SER A 474 35.47 -13.12 11.49
CA SER A 474 36.44 -13.46 10.46
C SER A 474 35.81 -13.48 9.07
N VAL A 475 34.50 -13.63 8.97
CA VAL A 475 33.84 -13.74 7.66
C VAL A 475 33.41 -12.37 7.18
N THR A 476 33.71 -11.32 7.94
CA THR A 476 33.35 -9.97 7.49
C THR A 476 34.27 -9.49 6.37
N SER A 477 35.38 -10.17 6.14
CA SER A 477 36.29 -9.77 5.08
C SER A 477 35.79 -10.22 3.70
N PRO A 478 35.47 -11.50 3.49
CA PRO A 478 34.95 -11.90 2.18
C PRO A 478 33.65 -11.21 1.82
N TYR A 479 32.79 -10.94 2.80
CA TYR A 479 31.54 -10.24 2.53
C TYR A 479 31.72 -8.74 2.37
N ASN A 480 32.89 -8.20 2.74
CA ASN A 480 33.12 -6.76 2.73
C ASN A 480 32.08 -6.05 3.59
N ALA A 481 31.79 -6.62 4.75
CA ALA A 481 30.73 -6.14 5.62
C ALA A 481 31.28 -5.65 6.94
N ASP A 482 30.64 -4.62 7.49
CA ASP A 482 30.85 -4.22 8.86
C ASP A 482 29.49 -3.92 9.48
N PHE A 483 29.50 -3.64 10.78
CA PHE A 483 28.27 -3.59 11.56
C PHE A 483 27.81 -2.17 11.83
N ASP A 484 27.96 -1.27 10.87
CA ASP A 484 27.49 0.10 11.00
C ASP A 484 26.13 0.31 10.36
N GLY A 485 25.41 -0.76 10.04
CA GLY A 485 24.12 -0.65 9.40
C GLY A 485 23.94 -1.55 8.19
N ASP A 486 24.91 -2.39 7.86
CA ASP A 486 24.78 -3.25 6.68
C ASP A 486 23.68 -4.27 6.89
N GLU A 487 23.11 -4.73 5.78
CA GLU A 487 22.10 -5.77 5.79
C GLU A 487 22.52 -6.88 4.85
N MET A 488 22.12 -8.10 5.17
CA MET A 488 22.49 -9.26 4.38
C MET A 488 21.27 -10.15 4.18
N ASN A 489 21.33 -10.95 3.12
CA ASN A 489 20.20 -11.73 2.65
C ASN A 489 20.42 -13.18 3.04
N LEU A 490 19.35 -13.86 3.42
CA LEU A 490 19.39 -15.28 3.76
C LEU A 490 18.39 -16.04 2.91
N HIS A 491 18.83 -17.13 2.29
CA HIS A 491 18.01 -17.97 1.44
C HIS A 491 18.00 -19.39 1.97
N VAL A 492 16.81 -19.97 2.08
CA VAL A 492 16.62 -21.28 2.69
C VAL A 492 16.46 -22.31 1.58
N PRO A 493 17.28 -23.35 1.53
CA PRO A 493 17.04 -24.45 0.60
C PRO A 493 15.78 -25.22 0.98
N GLN A 494 15.12 -25.77 -0.03
CA GLN A 494 13.82 -26.41 0.17
C GLN A 494 13.82 -27.88 -0.24
N SER A 495 14.98 -28.52 -0.30
CA SER A 495 15.03 -29.91 -0.75
C SER A 495 16.25 -30.58 -0.17
N GLU A 496 16.24 -31.91 -0.18
CA GLU A 496 17.41 -32.67 0.27
C GLU A 496 18.58 -32.49 -0.66
N GLU A 497 18.32 -32.49 -1.98
CA GLU A 497 19.38 -32.30 -2.95
C GLU A 497 20.04 -30.94 -2.79
N THR A 498 19.22 -29.90 -2.63
CA THR A 498 19.74 -28.55 -2.50
C THR A 498 20.49 -28.37 -1.18
N ARG A 499 19.98 -28.97 -0.11
CA ARG A 499 20.69 -28.93 1.17
C ARG A 499 22.05 -29.59 1.05
N ALA A 500 22.12 -30.74 0.39
CA ALA A 500 23.41 -31.40 0.20
C ALA A 500 24.35 -30.54 -0.62
N GLU A 501 23.84 -29.91 -1.67
CA GLU A 501 24.69 -29.05 -2.48
C GLU A 501 25.25 -27.90 -1.66
N LEU A 502 24.41 -27.27 -0.84
CA LEU A 502 24.89 -26.17 -0.01
C LEU A 502 25.92 -26.63 1.01
N SER A 503 25.69 -27.76 1.65
CA SER A 503 26.61 -28.20 2.69
C SER A 503 27.90 -28.77 2.12
N GLN A 504 27.91 -29.21 0.87
CA GLN A 504 29.10 -29.83 0.29
C GLN A 504 29.86 -28.94 -0.67
N LEU A 505 29.29 -27.82 -1.12
CA LEU A 505 29.97 -26.98 -2.10
C LEU A 505 30.21 -25.56 -1.61
N CYS A 506 29.21 -24.90 -1.05
CA CYS A 506 29.30 -23.49 -0.70
C CYS A 506 29.63 -23.26 0.77
N ALA A 507 29.90 -24.31 1.53
CA ALA A 507 30.10 -24.15 2.96
C ALA A 507 31.29 -23.25 3.24
N VAL A 508 31.18 -22.49 4.33
CA VAL A 508 32.22 -21.50 4.66
C VAL A 508 33.60 -22.11 4.80
N PRO A 509 33.79 -23.24 5.49
CA PRO A 509 35.15 -23.79 5.60
C PRO A 509 35.79 -24.11 4.27
N LEU A 510 35.01 -24.47 3.26
CA LEU A 510 35.57 -24.80 1.96
C LEU A 510 36.03 -23.57 1.19
N GLN A 511 35.65 -22.37 1.62
CA GLN A 511 35.92 -21.14 0.88
C GLN A 511 37.05 -20.32 1.49
N ILE A 512 37.83 -20.90 2.39
CA ILE A 512 38.85 -20.13 3.09
C ILE A 512 39.94 -19.68 2.13
N VAL A 513 40.35 -20.55 1.21
CA VAL A 513 41.36 -20.23 0.21
C VAL A 513 40.68 -19.91 -1.10
N SER A 514 41.05 -18.79 -1.70
CA SER A 514 40.43 -18.29 -2.91
C SER A 514 41.25 -18.66 -4.14
N PRO A 515 40.60 -18.90 -5.27
CA PRO A 515 41.34 -19.17 -6.51
C PRO A 515 41.90 -17.93 -7.17
N GLN A 516 41.51 -16.73 -6.72
CA GLN A 516 41.97 -15.53 -7.39
C GLN A 516 43.47 -15.31 -7.18
N SER A 517 43.95 -15.49 -5.95
CA SER A 517 45.37 -15.27 -5.66
C SER A 517 45.97 -16.38 -4.83
N ASN A 518 45.35 -17.56 -4.82
CA ASN A 518 45.77 -18.73 -4.04
C ASN A 518 46.28 -18.35 -2.65
N LYS A 519 45.52 -17.52 -1.94
CA LYS A 519 45.81 -17.13 -0.57
C LYS A 519 44.49 -17.06 0.19
N PRO A 520 44.53 -17.21 1.51
CA PRO A 520 43.28 -17.17 2.28
C PRO A 520 42.59 -15.82 2.17
N VAL A 521 41.25 -15.86 2.24
CA VAL A 521 40.45 -14.65 2.25
C VAL A 521 39.98 -14.27 3.63
N MET A 522 40.12 -15.15 4.62
CA MET A 522 39.73 -14.87 6.00
C MET A 522 40.95 -14.99 6.90
N GLY A 523 41.09 -14.04 7.81
CA GLY A 523 42.17 -14.08 8.78
C GLY A 523 41.71 -13.45 10.07
N ILE A 524 42.60 -13.47 11.06
CA ILE A 524 42.31 -12.80 12.31
C ILE A 524 42.33 -11.29 12.07
N VAL A 525 41.29 -10.60 12.57
CA VAL A 525 41.09 -9.20 12.26
C VAL A 525 40.76 -8.42 13.53
N GLN A 526 41.06 -7.13 13.49
CA GLN A 526 40.60 -6.13 14.46
C GLN A 526 41.20 -6.45 15.83
N ASP A 527 40.41 -6.39 16.90
CA ASP A 527 41.00 -6.44 18.24
C ASP A 527 41.53 -7.83 18.57
N THR A 528 41.06 -8.86 17.87
CA THR A 528 41.69 -10.17 18.04
C THR A 528 43.12 -10.14 17.52
N LEU A 529 43.37 -9.47 16.39
CA LEU A 529 44.72 -9.31 15.90
C LEU A 529 45.57 -8.46 16.84
N CYS A 530 44.99 -7.35 17.33
CA CYS A 530 45.74 -6.52 18.27
C CYS A 530 46.07 -7.28 19.54
N GLY A 531 45.12 -8.07 20.05
CA GLY A 531 45.33 -8.80 21.28
C GLY A 531 46.23 -10.01 21.12
N VAL A 532 46.32 -10.57 19.92
CA VAL A 532 47.25 -11.67 19.74
C VAL A 532 48.66 -11.11 19.56
N ARG A 533 48.79 -9.87 19.10
CA ARG A 533 50.11 -9.25 19.12
C ARG A 533 50.52 -8.88 20.54
N LYS A 534 49.60 -8.30 21.31
CA LYS A 534 49.94 -7.92 22.68
C LYS A 534 50.17 -9.13 23.56
N MET A 535 49.41 -10.19 23.34
CA MET A 535 49.45 -11.36 24.21
C MET A 535 50.71 -12.19 23.98
N THR A 536 51.28 -12.13 22.78
CA THR A 536 52.45 -12.92 22.43
C THR A 536 53.74 -12.13 22.50
N LEU A 537 53.74 -10.97 23.15
CA LEU A 537 54.98 -10.27 23.40
C LEU A 537 55.87 -11.10 24.32
N ARG A 538 57.16 -10.78 24.32
CA ARG A 538 58.10 -11.59 25.08
C ARG A 538 57.90 -11.43 26.58
N ASP A 539 57.36 -10.31 27.03
CA ASP A 539 57.23 -10.01 28.45
C ASP A 539 55.78 -10.06 28.91
N THR A 540 55.02 -11.03 28.42
CA THR A 540 53.65 -11.27 28.88
C THR A 540 53.62 -12.61 29.62
N PHE A 541 53.38 -12.55 30.92
CA PHE A 541 53.33 -13.73 31.77
C PHE A 541 51.97 -13.84 32.42
N ILE A 542 51.48 -15.07 32.56
CA ILE A 542 50.12 -15.34 32.99
C ILE A 542 50.16 -16.26 34.21
N GLU A 543 49.37 -15.92 35.23
CA GLU A 543 49.33 -16.70 36.45
C GLU A 543 48.52 -17.98 36.26
N TYR A 544 48.61 -18.86 37.26
CA TYR A 544 47.99 -20.18 37.13
C TYR A 544 46.47 -20.07 37.03
N GLU A 545 45.84 -19.22 37.85
CA GLU A 545 44.39 -19.17 37.89
C GLU A 545 43.82 -18.60 36.59
N GLN A 546 44.54 -17.67 35.96
CA GLN A 546 44.08 -17.18 34.67
C GLN A 546 44.36 -18.18 33.56
N VAL A 547 45.46 -18.93 33.67
CA VAL A 547 45.77 -19.96 32.68
C VAL A 547 44.70 -21.03 32.67
N MET A 548 44.19 -21.41 33.84
CA MET A 548 43.16 -22.43 33.89
C MET A 548 41.91 -21.97 33.15
N ASN A 549 41.49 -20.74 33.38
CA ASN A 549 40.33 -20.20 32.67
C ASN A 549 40.58 -20.12 31.18
N MET A 550 41.78 -19.70 30.79
CA MET A 550 42.08 -19.56 29.36
C MET A 550 42.13 -20.92 28.68
N LEU A 551 42.58 -21.95 29.39
CA LEU A 551 42.63 -23.28 28.81
C LEU A 551 41.25 -23.88 28.69
N PHE A 552 40.39 -23.65 29.68
CA PHE A 552 39.03 -24.19 29.60
C PHE A 552 38.25 -23.57 28.44
N TRP A 553 38.62 -22.36 28.00
CA TRP A 553 37.90 -21.70 26.93
C TRP A 553 38.14 -22.34 25.58
N VAL A 554 39.24 -23.06 25.41
CA VAL A 554 39.56 -23.68 24.12
C VAL A 554 38.67 -24.90 23.94
N PRO A 555 37.80 -24.94 22.93
CA PRO A 555 36.93 -26.10 22.76
C PRO A 555 37.68 -27.39 22.46
N SER A 556 38.82 -27.30 21.79
CA SER A 556 39.58 -28.47 21.35
C SER A 556 40.66 -28.88 22.33
N TRP A 557 40.75 -28.25 23.49
CA TRP A 557 41.77 -28.59 24.46
C TRP A 557 41.58 -30.00 24.96
N ASP A 558 42.68 -30.72 25.18
CA ASP A 558 42.64 -32.12 25.51
C ASP A 558 42.68 -32.41 27.01
N GLY A 559 42.63 -31.38 27.86
CA GLY A 559 42.57 -31.61 29.28
C GLY A 559 43.90 -31.77 29.97
N VAL A 560 45.00 -31.43 29.30
CA VAL A 560 46.34 -31.51 29.88
C VAL A 560 46.92 -30.11 29.90
N VAL A 561 47.30 -29.64 31.08
CA VAL A 561 47.85 -28.29 31.20
C VAL A 561 49.35 -28.34 30.90
N PRO A 562 49.86 -27.47 30.05
CA PRO A 562 51.30 -27.48 29.77
C PRO A 562 52.10 -27.04 30.99
N GLN A 563 53.33 -27.51 31.05
CA GLN A 563 54.22 -27.07 32.12
C GLN A 563 54.54 -25.59 31.93
N PRO A 564 54.59 -24.81 33.01
CA PRO A 564 54.89 -23.39 32.88
C PRO A 564 56.31 -23.16 32.39
N ALA A 565 56.50 -22.02 31.72
CA ALA A 565 57.84 -21.64 31.30
C ALA A 565 58.74 -21.41 32.50
N ILE A 566 58.21 -20.82 33.55
CA ILE A 566 58.95 -20.53 34.78
C ILE A 566 58.32 -21.35 35.89
N LEU A 567 59.09 -22.28 36.45
CA LEU A 567 58.60 -23.15 37.51
C LEU A 567 58.85 -22.59 38.91
N LYS A 568 59.95 -21.90 39.10
CA LYS A 568 60.34 -21.32 40.38
C LYS A 568 60.82 -19.90 40.15
N PRO A 569 60.60 -18.99 41.11
CA PRO A 569 59.91 -19.11 42.40
C PRO A 569 58.40 -19.18 42.29
N LYS A 570 57.85 -18.71 41.18
CA LYS A 570 56.41 -18.65 40.98
C LYS A 570 56.08 -19.26 39.62
N PRO A 571 55.10 -20.16 39.54
CA PRO A 571 54.73 -20.73 38.23
C PRO A 571 54.12 -19.67 37.33
N LEU A 572 54.72 -19.46 36.16
CA LEU A 572 54.24 -18.48 35.20
C LEU A 572 54.26 -19.09 33.81
N TRP A 573 53.21 -18.81 33.05
CA TRP A 573 53.12 -19.19 31.65
C TRP A 573 53.27 -17.94 30.79
N THR A 574 53.81 -18.11 29.59
CA THR A 574 53.90 -17.01 28.64
C THR A 574 52.74 -17.08 27.66
N GLY A 575 52.44 -15.94 27.03
CA GLY A 575 51.34 -15.90 26.08
C GLY A 575 51.54 -16.82 24.90
N LYS A 576 52.79 -17.05 24.51
CA LYS A 576 53.07 -17.95 23.40
C LYS A 576 52.60 -19.38 23.70
N GLN A 577 52.72 -19.81 24.96
CA GLN A 577 52.25 -21.13 25.33
C GLN A 577 50.74 -21.24 25.17
N LEU A 578 50.01 -20.24 25.65
CA LEU A 578 48.56 -20.29 25.55
C LEU A 578 48.10 -20.19 24.11
N LEU A 579 48.84 -19.47 23.27
CA LEU A 579 48.51 -19.46 21.85
C LEU A 579 48.82 -20.80 21.21
N SER A 580 49.95 -21.41 21.56
CA SER A 580 50.30 -22.71 20.99
C SER A 580 49.30 -23.79 21.41
N ILE A 581 48.60 -23.55 22.52
CA ILE A 581 47.53 -24.48 22.91
C ILE A 581 46.45 -24.53 21.83
N ALA A 582 46.17 -23.38 21.20
CA ALA A 582 45.11 -23.31 20.20
C ALA A 582 45.52 -23.84 18.84
N ILE A 583 46.80 -24.00 18.57
CA ILE A 583 47.29 -24.44 17.26
C ILE A 583 47.32 -25.96 17.20
N PRO A 584 46.77 -26.58 16.17
CA PRO A 584 46.80 -28.04 16.08
C PRO A 584 48.23 -28.56 15.96
N SER A 585 48.45 -29.75 16.50
CA SER A 585 49.78 -30.34 16.49
C SER A 585 50.15 -30.82 15.09
N GLY A 586 51.44 -30.81 14.80
CA GLY A 586 51.93 -31.18 13.49
C GLY A 586 52.01 -30.05 12.50
N ILE A 587 52.01 -28.80 12.95
CA ILE A 587 52.13 -27.64 12.09
C ILE A 587 53.53 -27.08 12.22
N HIS A 588 54.21 -26.92 11.09
CA HIS A 588 55.54 -26.35 11.04
C HIS A 588 55.50 -25.08 10.21
N LEU A 589 56.05 -24.00 10.75
CA LEU A 589 56.06 -22.72 10.06
C LEU A 589 57.34 -21.98 10.42
N GLN A 590 58.04 -21.50 9.40
CA GLN A 590 59.29 -20.79 9.57
C GLN A 590 59.26 -19.55 8.70
N ARG A 591 59.65 -18.41 9.27
CA ARG A 591 59.68 -17.17 8.51
C ARG A 591 60.83 -16.31 9.02
N THR A 592 61.53 -15.67 8.09
CA THR A 592 62.64 -14.79 8.41
C THR A 592 62.24 -13.36 8.09
N ASP A 593 62.31 -12.49 9.09
CA ASP A 593 61.93 -11.10 8.95
C ASP A 593 63.18 -10.23 9.11
N GLY A 594 63.58 -9.58 8.02
CA GLY A 594 64.75 -8.72 8.05
C GLY A 594 66.04 -9.44 8.36
N GLY A 595 66.18 -10.68 7.91
CA GLY A 595 67.41 -11.43 8.11
C GLY A 595 67.76 -11.65 9.56
N ASN A 596 66.77 -11.87 10.42
CA ASN A 596 67.03 -12.11 11.83
C ASN A 596 67.73 -13.44 12.03
N SER A 597 68.49 -13.54 13.11
CA SER A 597 69.14 -14.79 13.47
C SER A 597 68.16 -15.69 14.21
N LEU A 598 68.60 -16.92 14.48
CA LEU A 598 67.78 -17.84 15.25
C LEU A 598 67.63 -17.43 16.70
N LEU A 599 68.40 -16.45 17.16
CA LEU A 599 68.26 -15.98 18.53
C LEU A 599 67.27 -14.83 18.65
N SER A 600 66.83 -14.26 17.54
CA SER A 600 65.76 -13.28 17.45
C SER A 600 65.84 -12.21 18.54
N PRO A 601 66.83 -11.33 18.49
CA PRO A 601 66.91 -10.27 19.52
C PRO A 601 65.70 -9.35 19.54
N LYS A 602 65.10 -9.06 18.39
CA LYS A 602 63.96 -8.16 18.32
C LYS A 602 62.62 -8.90 18.39
N ASP A 603 62.64 -10.21 18.58
CA ASP A 603 61.43 -11.03 18.62
C ASP A 603 60.62 -10.89 17.33
N ASN A 604 61.31 -10.84 16.20
CA ASN A 604 60.66 -10.86 14.91
C ASN A 604 60.90 -12.21 14.24
N GLY A 605 60.41 -12.36 13.02
CA GLY A 605 60.48 -13.67 12.42
C GLY A 605 59.43 -14.58 13.04
N MET A 606 59.55 -15.86 12.72
CA MET A 606 58.59 -16.84 13.23
C MET A 606 59.20 -18.22 13.17
N LEU A 607 58.86 -19.05 14.15
CA LEU A 607 59.24 -20.46 14.13
C LEU A 607 58.24 -21.23 14.96
N ILE A 608 57.44 -22.06 14.29
CA ILE A 608 56.45 -22.92 14.94
C ILE A 608 56.87 -24.35 14.67
N VAL A 609 57.15 -25.09 15.73
CA VAL A 609 57.61 -26.47 15.64
C VAL A 609 56.58 -27.37 16.29
N ASP A 610 55.97 -28.25 15.51
CA ASP A 610 54.97 -29.18 16.00
C ASP A 610 53.83 -28.46 16.70
N GLY A 611 53.41 -27.33 16.14
CA GLY A 611 52.30 -26.59 16.70
C GLY A 611 52.64 -25.80 17.94
N LYS A 612 53.93 -25.63 18.26
CA LYS A 612 54.35 -24.86 19.42
C LYS A 612 55.22 -23.71 18.97
N VAL A 613 54.88 -22.51 19.41
CA VAL A 613 55.60 -21.31 19.00
C VAL A 613 56.91 -21.21 19.78
N MET A 614 58.02 -21.12 19.06
CA MET A 614 59.33 -21.01 19.69
C MET A 614 59.73 -19.56 19.88
N PHE A 615 59.57 -18.72 18.86
CA PHE A 615 59.83 -17.31 19.00
C PHE A 615 59.07 -16.56 17.92
N GLY A 616 58.97 -15.26 18.09
CA GLY A 616 58.30 -14.42 17.10
C GLY A 616 56.95 -13.94 17.59
N VAL A 617 56.72 -12.65 17.43
CA VAL A 617 55.44 -12.06 17.78
C VAL A 617 54.43 -12.40 16.69
N VAL A 618 53.25 -12.86 17.10
CA VAL A 618 52.21 -13.23 16.14
C VAL A 618 51.41 -11.98 15.78
N ASP A 619 51.36 -11.67 14.49
CA ASP A 619 50.69 -10.46 14.03
C ASP A 619 50.12 -10.73 12.64
N LYS A 620 49.86 -9.66 11.91
CA LYS A 620 49.25 -9.78 10.58
C LYS A 620 50.06 -10.67 9.66
N LYS A 621 51.39 -10.67 9.77
CA LYS A 621 52.22 -11.47 8.88
C LYS A 621 52.09 -12.96 9.14
N THR A 622 51.47 -13.37 10.25
CA THR A 622 51.33 -14.77 10.59
C THR A 622 49.89 -15.26 10.54
N VAL A 623 48.96 -14.57 11.22
CA VAL A 623 47.57 -14.98 11.25
C VAL A 623 46.69 -14.10 10.38
N GLY A 624 47.28 -13.30 9.50
CA GLY A 624 46.51 -12.50 8.57
C GLY A 624 46.03 -13.33 7.40
N SER A 625 45.50 -12.64 6.41
CA SER A 625 44.97 -13.29 5.22
C SER A 625 46.01 -13.50 4.14
N GLY A 626 47.27 -13.13 4.39
CA GLY A 626 48.29 -13.31 3.39
C GLY A 626 48.64 -14.76 3.17
N GLY A 627 49.30 -15.02 2.04
CA GLY A 627 49.66 -16.38 1.70
C GLY A 627 50.86 -16.87 2.48
N GLY A 628 50.92 -18.18 2.68
CA GLY A 628 52.03 -18.77 3.40
C GLY A 628 52.00 -18.58 4.90
N GLY A 629 50.90 -18.11 5.46
CA GLY A 629 50.78 -17.89 6.88
C GLY A 629 50.34 -19.14 7.62
N LEU A 630 49.90 -18.95 8.86
CA LEU A 630 49.44 -20.07 9.66
C LEU A 630 48.15 -20.65 9.12
N ILE A 631 47.23 -19.78 8.69
CA ILE A 631 45.93 -20.26 8.21
C ILE A 631 46.08 -21.07 6.94
N HIS A 632 46.91 -20.58 6.00
CA HIS A 632 47.13 -21.31 4.76
C HIS A 632 47.80 -22.66 5.03
N THR A 633 48.78 -22.67 5.94
CA THR A 633 49.45 -23.92 6.28
C THR A 633 48.48 -24.92 6.89
N VAL A 634 47.62 -24.47 7.81
CA VAL A 634 46.67 -25.37 8.45
C VAL A 634 45.66 -25.90 7.44
N MET A 635 45.19 -25.03 6.53
CA MET A 635 44.24 -25.47 5.52
C MET A 635 44.85 -26.52 4.59
N ARG A 636 46.08 -26.29 4.16
CA ARG A 636 46.75 -27.27 3.29
C ARG A 636 47.02 -28.57 4.04
N GLU A 637 47.37 -28.48 5.31
CA GLU A 637 47.81 -29.66 6.07
C GLU A 637 46.65 -30.45 6.66
N LYS A 638 45.74 -29.79 7.38
CA LYS A 638 44.75 -30.49 8.16
C LYS A 638 43.37 -30.53 7.52
N GLY A 639 43.04 -29.59 6.65
CA GLY A 639 41.75 -29.59 6.00
C GLY A 639 40.87 -28.45 6.44
N PRO A 640 39.76 -28.26 5.73
CA PRO A 640 38.89 -27.10 6.04
C PRO A 640 38.27 -27.13 7.42
N LYS A 641 37.96 -28.32 7.96
CA LYS A 641 37.31 -28.39 9.26
C LYS A 641 38.24 -27.91 10.37
N ILE A 642 39.46 -28.42 10.40
CA ILE A 642 40.42 -28.00 11.42
C ILE A 642 40.77 -26.54 11.25
N CYS A 643 40.88 -26.07 10.01
CA CYS A 643 41.17 -24.66 9.78
C CYS A 643 40.05 -23.78 10.29
N ALA A 644 38.80 -24.21 10.12
CA ALA A 644 37.68 -23.44 10.66
C ALA A 644 37.69 -23.44 12.17
N GLU A 645 38.05 -24.57 12.79
CA GLU A 645 38.12 -24.60 14.25
C GLU A 645 39.25 -23.73 14.77
N LEU A 646 40.30 -23.54 13.98
CA LEU A 646 41.43 -22.71 14.40
C LEU A 646 41.00 -21.27 14.68
N PHE A 647 40.14 -20.72 13.81
CA PHE A 647 39.64 -19.37 14.03
C PHE A 647 38.96 -19.25 15.37
N GLY A 648 38.07 -20.20 15.69
CA GLY A 648 37.36 -20.14 16.95
C GLY A 648 38.28 -20.25 18.14
N ASN A 649 39.23 -21.19 18.10
CA ASN A 649 40.14 -21.35 19.22
C ASN A 649 40.94 -20.07 19.47
N ILE A 650 41.57 -19.54 18.42
CA ILE A 650 42.39 -18.35 18.59
C ILE A 650 41.55 -17.19 19.08
N GLN A 651 40.37 -16.99 18.49
CA GLN A 651 39.53 -15.87 18.86
C GLN A 651 39.10 -15.96 20.32
N LYS A 652 38.71 -17.15 20.77
CA LYS A 652 38.24 -17.30 22.14
C LYS A 652 39.35 -17.01 23.14
N VAL A 653 40.54 -17.60 22.93
CA VAL A 653 41.63 -17.37 23.86
C VAL A 653 42.01 -15.90 23.91
N VAL A 654 42.24 -15.31 22.73
CA VAL A 654 42.71 -13.93 22.68
C VAL A 654 41.66 -12.98 23.22
N ASN A 655 40.37 -13.26 22.96
CA ASN A 655 39.33 -12.37 23.43
C ASN A 655 39.21 -12.42 24.94
N TYR A 656 39.34 -13.60 25.54
CA TYR A 656 39.33 -13.66 27.00
C TYR A 656 40.51 -12.89 27.58
N TRP A 657 41.72 -13.12 27.05
CA TRP A 657 42.88 -12.42 27.59
C TRP A 657 42.72 -10.91 27.46
N LEU A 658 42.25 -10.44 26.31
CA LEU A 658 42.13 -9.00 26.09
C LEU A 658 41.01 -8.40 26.91
N LEU A 659 39.94 -9.16 27.16
CA LEU A 659 38.90 -8.70 28.07
C LEU A 659 39.46 -8.46 29.46
N HIS A 660 40.28 -9.39 29.94
CA HIS A 660 40.79 -9.23 31.29
C HIS A 660 42.08 -8.42 31.37
N ASN A 661 42.60 -7.95 30.23
CA ASN A 661 43.75 -7.06 30.22
C ASN A 661 43.37 -5.63 29.86
N GLY A 662 42.60 -5.42 28.80
CA GLY A 662 42.15 -4.10 28.42
C GLY A 662 43.00 -3.48 27.32
N PHE A 663 42.40 -2.53 26.62
CA PHE A 663 43.08 -1.79 25.56
C PHE A 663 42.24 -0.57 25.21
N SER A 664 42.89 0.56 25.05
CA SER A 664 42.18 1.81 24.79
C SER A 664 43.03 2.72 23.91
N ILE A 665 42.49 3.90 23.62
CA ILE A 665 43.19 4.93 22.86
C ILE A 665 42.65 6.28 23.30
N GLY A 666 43.53 7.28 23.37
CA GLY A 666 43.16 8.58 23.87
C GLY A 666 43.81 9.69 23.08
N ILE A 667 43.49 10.92 23.47
CA ILE A 667 44.07 12.08 22.81
C ILE A 667 45.57 12.16 23.07
N GLY A 668 46.02 11.61 24.18
CA GLY A 668 47.44 11.65 24.50
C GLY A 668 48.29 10.81 23.58
N ASP A 669 47.67 9.92 22.80
CA ASP A 669 48.41 9.05 21.89
C ASP A 669 48.72 9.72 20.56
N ALA A 670 48.13 10.87 20.26
CA ALA A 670 48.39 11.60 19.04
C ALA A 670 49.33 12.77 19.26
N ILE A 671 49.99 12.83 20.41
CA ILE A 671 50.81 13.98 20.80
C ILE A 671 52.26 13.54 20.83
N ALA A 672 53.14 14.37 20.25
CA ALA A 672 54.57 14.15 20.28
C ALA A 672 55.22 15.23 21.13
N ASP A 673 56.31 14.87 21.81
CA ASP A 673 56.96 15.79 22.72
C ASP A 673 57.59 16.95 21.96
N ALA A 674 58.03 17.96 22.74
CA ALA A 674 58.59 19.16 22.12
C ALA A 674 59.85 18.87 21.34
N SER A 675 60.65 17.89 21.80
CA SER A 675 61.88 17.56 21.09
C SER A 675 61.60 17.08 19.68
N THR A 676 60.50 16.36 19.48
CA THR A 676 60.13 15.92 18.14
C THR A 676 59.40 17.01 17.37
N MET A 677 58.63 17.85 18.05
CA MET A 677 57.91 18.91 17.35
C MET A 677 58.88 19.93 16.77
N LYS A 678 59.96 20.23 17.48
CA LYS A 678 60.94 21.15 16.90
C LYS A 678 61.63 20.53 15.69
N GLU A 679 61.89 19.22 15.72
CA GLU A 679 62.45 18.55 14.54
C GLU A 679 61.49 18.62 13.36
N ILE A 680 60.21 18.36 13.60
CA ILE A 680 59.23 18.41 12.52
C ILE A 680 59.13 19.82 11.95
N THR A 681 59.09 20.82 12.82
CA THR A 681 59.02 22.21 12.36
C THR A 681 60.25 22.57 11.55
N HIS A 682 61.43 22.14 12.00
CA HIS A 682 62.65 22.43 11.25
C HIS A 682 62.63 21.77 9.88
N ALA A 683 62.18 20.52 9.81
CA ALA A 683 62.12 19.84 8.52
C ALA A 683 61.16 20.55 7.57
N ILE A 684 59.99 20.95 8.07
CA ILE A 684 59.02 21.62 7.22
C ILE A 684 59.55 22.97 6.75
N SER A 685 60.20 23.71 7.64
CA SER A 685 60.78 24.99 7.25
C SER A 685 61.87 24.82 6.21
N SER A 686 62.72 23.79 6.37
CA SER A 686 63.75 23.54 5.38
C SER A 686 63.14 23.21 4.02
N ALA A 687 62.07 22.42 4.00
CA ALA A 687 61.41 22.11 2.74
C ALA A 687 60.82 23.36 2.09
N LYS A 688 60.20 24.22 2.90
CA LYS A 688 59.65 25.45 2.35
C LYS A 688 60.75 26.35 1.78
N GLU A 689 61.90 26.40 2.46
CA GLU A 689 63.03 27.17 1.93
C GLU A 689 63.52 26.58 0.61
N GLN A 690 63.58 25.25 0.51
CA GLN A 690 63.98 24.63 -0.75
C GLN A 690 63.00 24.97 -1.87
N VAL A 691 61.70 24.94 -1.57
CA VAL A 691 60.70 25.27 -2.59
C VAL A 691 60.85 26.73 -3.01
N GLN A 692 61.15 27.61 -2.05
CA GLN A 692 61.38 29.02 -2.39
C GLN A 692 62.59 29.18 -3.31
N GLU A 693 63.66 28.45 -3.02
CA GLU A 693 64.83 28.50 -3.90
C GLU A 693 64.51 27.99 -5.29
N ILE A 694 63.72 26.91 -5.38
CA ILE A 694 63.30 26.40 -6.68
C ILE A 694 62.48 27.44 -7.42
N ILE A 695 61.62 28.15 -6.70
CA ILE A 695 60.80 29.21 -7.33
C ILE A 695 61.70 30.30 -7.89
N TYR A 696 62.70 30.73 -7.11
CA TYR A 696 63.62 31.74 -7.59
C TYR A 696 64.37 31.27 -8.83
N LYS A 697 64.86 30.03 -8.80
CA LYS A 697 65.60 29.49 -9.94
C LYS A 697 64.74 29.43 -11.18
N ALA A 698 63.49 29.01 -11.03
CA ALA A 698 62.58 28.95 -12.17
C ALA A 698 62.26 30.35 -12.69
N GLN A 699 62.11 31.32 -11.79
CA GLN A 699 61.81 32.69 -12.22
C GLN A 699 63.00 33.37 -12.87
N HIS A 700 64.22 32.91 -12.62
CA HIS A 700 65.40 33.47 -13.25
C HIS A 700 65.99 32.54 -14.31
N ASN A 701 65.18 31.62 -14.85
CA ASN A 701 65.57 30.76 -15.97
C ASN A 701 66.77 29.88 -15.66
N GLU A 702 67.04 29.64 -14.37
CA GLU A 702 68.16 28.81 -13.95
C GLU A 702 67.76 27.38 -13.69
N LEU A 703 66.52 27.00 -13.98
CA LEU A 703 65.98 25.70 -13.64
C LEU A 703 66.21 24.70 -14.77
N GLU A 704 66.75 23.54 -14.41
CA GLU A 704 66.91 22.46 -15.38
C GLU A 704 65.54 21.91 -15.78
N LEU A 705 65.42 21.52 -17.04
CA LEU A 705 64.15 21.03 -17.58
C LEU A 705 64.21 19.51 -17.70
N LYS A 706 63.25 18.83 -17.11
CA LYS A 706 63.13 17.39 -17.28
C LYS A 706 62.73 17.08 -18.72
N PRO A 707 63.40 16.15 -19.38
CA PRO A 707 63.06 15.87 -20.79
C PRO A 707 61.63 15.38 -20.94
N GLY A 708 60.98 15.82 -22.01
CA GLY A 708 59.60 15.49 -22.27
C GLY A 708 58.60 16.30 -21.49
N MET A 709 59.04 17.27 -20.70
CA MET A 709 58.16 18.10 -19.91
C MET A 709 58.56 19.57 -20.08
N THR A 710 57.57 20.46 -20.01
CA THR A 710 57.83 21.87 -20.15
C THR A 710 58.47 22.42 -18.88
N LEU A 711 58.80 23.71 -18.90
CA LEU A 711 59.38 24.35 -17.71
C LEU A 711 58.39 24.33 -16.56
N ARG A 712 57.13 24.67 -16.84
CA ARG A 712 56.11 24.67 -15.79
C ARG A 712 55.88 23.27 -15.24
N GLU A 713 55.81 22.27 -16.11
CA GLU A 713 55.60 20.89 -15.66
C GLU A 713 56.75 20.41 -14.80
N SER A 714 57.99 20.68 -15.22
CA SER A 714 59.14 20.27 -14.44
C SER A 714 59.16 20.97 -13.08
N PHE A 715 58.85 22.27 -13.07
CA PHE A 715 58.80 23.02 -11.82
C PHE A 715 57.76 22.43 -10.88
N GLU A 716 56.57 22.16 -11.39
CA GLU A 716 55.50 21.61 -10.55
C GLU A 716 55.88 20.23 -10.03
N GLY A 717 56.46 19.38 -10.88
CA GLY A 717 56.87 18.06 -10.43
C GLY A 717 57.92 18.12 -9.34
N GLU A 718 58.91 19.00 -9.49
CA GLU A 718 59.94 19.13 -8.48
C GLU A 718 59.36 19.63 -7.17
N VAL A 719 58.47 20.62 -7.22
CA VAL A 719 57.87 21.13 -5.98
C VAL A 719 57.05 20.05 -5.30
N SER A 720 56.26 19.30 -6.07
CA SER A 720 55.45 18.24 -5.48
C SER A 720 56.33 17.18 -4.83
N ARG A 721 57.42 16.79 -5.49
CA ARG A 721 58.31 15.79 -4.90
C ARG A 721 58.94 16.31 -3.61
N THR A 722 59.37 17.58 -3.60
CA THR A 722 59.95 18.13 -2.39
C THR A 722 58.96 18.12 -1.24
N LEU A 723 57.71 18.52 -1.51
CA LEU A 723 56.72 18.59 -0.44
C LEU A 723 56.34 17.19 0.08
N ASN A 724 56.23 16.22 -0.82
CA ASN A 724 55.95 14.86 -0.39
C ASN A 724 57.08 14.32 0.47
N ASP A 725 58.33 14.59 0.08
CA ASP A 725 59.46 14.17 0.91
C ASP A 725 59.43 14.86 2.26
N ALA A 726 59.01 16.12 2.30
CA ALA A 726 58.89 16.83 3.57
C ALA A 726 57.91 16.14 4.50
N ARG A 727 56.72 15.82 3.98
CA ARG A 727 55.73 15.16 4.82
C ARG A 727 56.22 13.80 5.28
N ASP A 728 56.88 13.05 4.40
CA ASP A 728 57.38 11.73 4.79
C ASP A 728 58.44 11.85 5.87
N SER A 729 59.35 12.82 5.76
CA SER A 729 60.38 13.00 6.78
C SER A 729 59.78 13.37 8.12
N ALA A 730 58.84 14.31 8.14
CA ALA A 730 58.21 14.70 9.39
C ALA A 730 57.46 13.53 10.01
N GLY A 731 56.74 12.76 9.19
CA GLY A 731 56.04 11.61 9.71
C GLY A 731 56.98 10.55 10.26
N ARG A 732 58.12 10.36 9.60
CA ARG A 732 59.10 9.40 10.10
C ARG A 732 59.66 9.83 11.44
N SER A 733 59.94 11.13 11.60
CA SER A 733 60.39 11.62 12.89
C SER A 733 59.34 11.36 13.98
N ALA A 734 58.07 11.70 13.68
CA ALA A 734 57.02 11.48 14.66
C ALA A 734 56.89 10.01 15.01
N GLU A 735 56.95 9.13 14.01
CA GLU A 735 56.81 7.70 14.25
C GLU A 735 57.97 7.16 15.08
N MET A 736 59.18 7.64 14.83
CA MET A 736 60.31 7.18 15.63
C MET A 736 60.24 7.71 17.06
N ASN A 737 59.56 8.84 17.27
CA ASN A 737 59.38 9.33 18.63
C ASN A 737 58.56 8.37 19.49
N LEU A 738 57.51 7.78 18.91
CA LEU A 738 56.50 7.09 19.69
C LEU A 738 57.09 5.96 20.52
N LYS A 739 56.61 5.84 21.76
CA LYS A 739 57.03 4.77 22.65
C LYS A 739 56.35 3.47 22.28
N ASP A 740 56.73 2.40 22.98
CA ASP A 740 56.10 1.10 22.76
C ASP A 740 54.71 1.05 23.37
N LEU A 741 54.46 1.84 24.41
CA LEU A 741 53.14 1.85 25.05
C LEU A 741 52.13 2.72 24.32
N ASN A 742 52.56 3.44 23.28
CA ASN A 742 51.61 4.22 22.50
C ASN A 742 50.60 3.30 21.84
N ASN A 743 49.32 3.63 21.97
CA ASN A 743 48.28 2.73 21.50
C ASN A 743 48.16 2.76 19.97
N VAL A 744 48.33 3.93 19.37
CA VAL A 744 48.30 4.02 17.90
C VAL A 744 49.43 3.21 17.31
N LYS A 745 50.62 3.31 17.91
CA LYS A 745 51.75 2.51 17.43
C LYS A 745 51.46 1.03 17.57
N GLN A 746 50.81 0.62 18.67
CA GLN A 746 50.46 -0.79 18.84
C GLN A 746 49.49 -1.27 17.77
N MET A 747 48.47 -0.46 17.46
CA MET A 747 47.52 -0.85 16.42
C MET A 747 48.17 -0.91 15.06
N VAL A 748 49.08 0.02 14.76
CA VAL A 748 49.77 0.00 13.47
C VAL A 748 50.71 -1.20 13.40
N SER A 749 51.44 -1.48 14.48
CA SER A 749 52.38 -2.58 14.49
C SER A 749 51.68 -3.92 14.34
N ALA A 750 50.53 -4.09 15.01
CA ALA A 750 49.77 -5.32 14.85
C ALA A 750 49.17 -5.45 13.46
N GLY A 751 49.05 -4.36 12.72
CA GLY A 751 48.40 -4.38 11.43
C GLY A 751 46.89 -4.41 11.49
N SER A 752 46.31 -4.29 12.69
CA SER A 752 44.86 -4.37 12.82
C SER A 752 44.16 -3.21 12.15
N LYS A 753 44.69 -2.00 12.32
CA LYS A 753 44.06 -0.81 11.73
C LYS A 753 45.07 0.31 11.72
N GLY A 754 45.05 1.08 10.62
CA GLY A 754 45.92 2.23 10.48
C GLY A 754 47.24 1.89 9.80
N SER A 755 47.98 2.94 9.47
CA SER A 755 49.26 2.80 8.81
C SER A 755 50.13 4.00 9.17
N PHE A 756 51.29 4.10 8.54
CA PHE A 756 52.25 5.15 8.87
C PHE A 756 51.73 6.53 8.49
N ILE A 757 51.00 6.62 7.37
CA ILE A 757 50.50 7.91 6.92
C ILE A 757 49.50 8.49 7.91
N ASN A 758 48.71 7.63 8.55
CA ASN A 758 47.77 8.11 9.55
C ASN A 758 48.50 8.72 10.74
N ILE A 759 49.56 8.07 11.22
CA ILE A 759 50.36 8.64 12.29
C ILE A 759 50.95 9.97 11.85
N ALA A 760 51.49 10.03 10.63
CA ALA A 760 52.10 11.24 10.14
C ALA A 760 51.11 12.40 10.11
N GLN A 761 49.90 12.14 9.63
CA GLN A 761 48.92 13.21 9.50
C GLN A 761 48.30 13.60 10.83
N MET A 762 48.10 12.64 11.74
CA MET A 762 47.53 12.98 13.04
C MET A 762 48.53 13.68 13.94
N SER A 763 49.82 13.43 13.75
CA SER A 763 50.82 13.94 14.68
C SER A 763 51.74 15.00 14.08
N ALA A 764 52.11 14.90 12.80
CA ALA A 764 53.18 15.71 12.26
C ALA A 764 52.71 16.72 11.21
N CYS A 765 52.11 16.27 10.13
CA CYS A 765 51.78 17.16 9.01
C CYS A 765 50.81 16.52 8.05
N VAL A 766 49.72 17.21 7.73
CA VAL A 766 48.73 16.65 6.80
C VAL A 766 49.33 16.54 5.41
N GLY A 767 50.04 17.55 4.96
CA GLY A 767 50.76 17.49 3.71
C GLY A 767 50.05 18.21 2.58
N GLN A 768 50.46 17.87 1.36
CA GLN A 768 50.02 18.56 0.16
C GLN A 768 48.71 17.97 -0.33
N GLN A 769 47.74 18.84 -0.61
CA GLN A 769 46.44 18.44 -1.12
C GLN A 769 46.44 18.51 -2.63
N MET A 770 46.10 17.40 -3.28
CA MET A 770 46.15 17.28 -4.73
C MET A 770 44.74 17.11 -5.28
N VAL A 771 44.40 17.93 -6.27
CA VAL A 771 43.12 17.82 -6.97
C VAL A 771 43.43 17.45 -8.42
N GLU A 772 42.91 16.30 -8.84
CA GLU A 772 43.15 15.78 -10.19
C GLU A 772 44.63 15.62 -10.48
N GLY A 773 45.39 15.20 -9.47
CA GLY A 773 46.79 14.93 -9.64
C GLY A 773 47.70 16.15 -9.65
N LYS A 774 47.16 17.34 -9.43
CA LYS A 774 47.94 18.56 -9.41
C LYS A 774 47.64 19.33 -8.14
N ARG A 775 48.50 20.30 -7.83
CA ARG A 775 48.25 21.18 -6.70
C ARG A 775 46.98 22.01 -6.95
N ILE A 776 46.56 22.73 -5.92
CA ILE A 776 45.32 23.51 -6.03
C ILE A 776 45.48 24.56 -7.11
N ALA A 777 44.56 24.55 -8.07
CA ALA A 777 44.65 25.42 -9.23
C ALA A 777 44.35 26.86 -8.85
N PHE A 778 44.38 27.75 -9.84
CA PHE A 778 44.07 29.16 -9.64
C PHE A 778 42.63 29.40 -10.06
N GLY A 779 41.71 29.08 -9.15
CA GLY A 779 40.30 29.24 -9.46
C GLY A 779 39.90 30.68 -9.64
N PHE A 780 40.46 31.58 -8.84
CA PHE A 780 40.21 33.00 -9.00
C PHE A 780 41.10 33.53 -10.13
N ALA A 781 41.19 34.85 -10.25
CA ALA A 781 42.05 35.45 -11.26
C ALA A 781 43.49 35.38 -10.79
N ASP A 782 44.22 34.37 -11.24
CA ASP A 782 45.65 34.20 -10.96
C ASP A 782 45.94 34.03 -9.47
N ARG A 783 44.99 33.47 -8.73
CA ARG A 783 45.24 33.10 -7.34
C ARG A 783 44.21 32.06 -6.94
N SER A 784 44.50 31.36 -5.84
CA SER A 784 43.64 30.27 -5.40
C SER A 784 42.51 30.75 -4.48
N LEU A 785 42.78 31.76 -3.66
CA LEU A 785 41.79 32.33 -2.77
C LEU A 785 41.97 33.84 -2.75
N PRO A 786 40.91 34.60 -2.46
CA PRO A 786 41.04 36.06 -2.40
C PRO A 786 41.88 36.57 -1.24
N HIS A 787 42.46 35.68 -0.43
CA HIS A 787 43.31 36.09 0.69
C HIS A 787 44.78 36.06 0.34
N PHE A 788 45.13 35.73 -0.90
CA PHE A 788 46.50 35.69 -1.35
C PHE A 788 46.71 36.73 -2.44
N THR A 789 47.95 37.20 -2.56
CA THR A 789 48.28 38.11 -3.65
C THR A 789 48.39 37.34 -4.96
N LYS A 790 48.29 38.07 -6.07
CA LYS A 790 48.34 37.44 -7.37
C LYS A 790 49.72 36.87 -7.65
N ASP A 791 49.75 35.76 -8.40
CA ASP A 791 50.99 35.10 -8.81
C ASP A 791 51.84 34.73 -7.59
N ASP A 792 51.26 33.86 -6.76
CA ASP A 792 51.91 33.38 -5.55
C ASP A 792 52.02 31.86 -5.64
N PHE A 793 53.24 31.36 -5.75
CA PHE A 793 53.48 29.93 -5.88
C PHE A 793 54.05 29.30 -4.61
N SER A 794 53.93 29.98 -3.48
CA SER A 794 54.44 29.46 -2.23
C SER A 794 53.66 28.19 -1.87
N PRO A 795 54.27 27.30 -1.08
CA PRO A 795 53.58 26.04 -0.74
C PRO A 795 52.23 26.24 -0.07
N GLU A 796 52.12 27.22 0.82
CA GLU A 796 50.87 27.43 1.53
C GLU A 796 49.80 28.08 0.67
N SER A 797 50.18 28.64 -0.47
CA SER A 797 49.24 29.30 -1.36
C SER A 797 48.61 28.37 -2.38
N LYS A 798 49.06 27.12 -2.44
CA LYS A 798 48.53 26.18 -3.44
C LYS A 798 48.14 24.85 -2.82
N GLY A 799 47.92 24.81 -1.52
CA GLY A 799 47.29 23.65 -0.91
C GLY A 799 48.20 22.74 -0.12
N PHE A 800 49.18 23.28 0.58
CA PHE A 800 50.04 22.49 1.45
C PHE A 800 49.62 22.76 2.89
N VAL A 801 49.00 21.77 3.52
CA VAL A 801 48.55 21.89 4.90
C VAL A 801 49.75 21.61 5.79
N GLU A 802 50.28 22.65 6.41
CA GLU A 802 51.46 22.52 7.23
C GLU A 802 51.16 21.89 8.59
N ASN A 803 49.94 22.09 9.09
CA ASN A 803 49.59 21.62 10.42
C ASN A 803 49.24 20.15 10.42
N SER A 804 48.89 19.64 11.60
CA SER A 804 48.40 18.29 11.79
C SER A 804 46.96 18.35 12.28
N TYR A 805 46.30 17.19 12.30
CA TYR A 805 44.93 17.15 12.76
C TYR A 805 44.83 17.50 14.23
N LEU A 806 45.82 17.08 15.03
CA LEU A 806 45.84 17.46 16.43
C LEU A 806 46.02 18.97 16.59
N ARG A 807 46.86 19.57 15.76
CA ARG A 807 47.14 20.99 15.87
C ARG A 807 46.01 21.85 15.32
N GLY A 808 45.29 21.35 14.33
CA GLY A 808 44.18 22.07 13.76
C GLY A 808 44.56 22.78 12.48
N LEU A 809 43.59 22.92 11.58
CA LEU A 809 43.81 23.49 10.26
C LEU A 809 43.32 24.92 10.20
N THR A 810 44.08 25.78 9.52
CA THR A 810 43.65 27.15 9.30
C THR A 810 42.56 27.16 8.24
N PRO A 811 41.79 28.26 8.13
CA PRO A 811 40.66 28.25 7.19
C PRO A 811 41.04 27.93 5.76
N GLN A 812 42.16 28.46 5.26
CA GLN A 812 42.57 28.18 3.90
C GLN A 812 42.91 26.70 3.72
N GLU A 813 43.69 26.15 4.64
CA GLU A 813 44.00 24.72 4.58
C GLU A 813 42.73 23.89 4.70
N PHE A 814 41.78 24.35 5.53
CA PHE A 814 40.52 23.65 5.65
C PHE A 814 39.79 23.59 4.32
N PHE A 815 39.74 24.72 3.61
CA PHE A 815 39.05 24.73 2.31
C PHE A 815 39.76 23.86 1.28
N PHE A 816 41.09 23.94 1.22
CA PHE A 816 41.81 23.11 0.25
C PHE A 816 41.61 21.63 0.54
N HIS A 817 41.67 21.25 1.82
CA HIS A 817 41.49 19.86 2.20
C HIS A 817 40.07 19.40 1.89
N ALA A 818 39.09 20.29 2.06
CA ALA A 818 37.73 19.96 1.68
C ALA A 818 37.61 19.74 0.18
N MET A 819 38.31 20.55 -0.63
CA MET A 819 38.31 20.32 -2.07
C MET A 819 38.87 18.95 -2.42
N ALA A 820 39.99 18.58 -1.79
CA ALA A 820 40.57 17.26 -2.07
C ALA A 820 39.62 16.13 -1.65
N GLY A 821 38.99 16.26 -0.48
CA GLY A 821 38.06 15.23 -0.05
C GLY A 821 36.85 15.10 -0.96
N ARG A 822 36.34 16.23 -1.44
CA ARG A 822 35.24 16.20 -2.41
C ARG A 822 35.67 15.47 -3.68
N GLU A 823 36.90 15.72 -4.15
CA GLU A 823 37.38 14.99 -5.31
C GLU A 823 37.41 13.49 -5.06
N GLY A 824 37.86 13.08 -3.88
CA GLY A 824 37.86 11.66 -3.56
C GLY A 824 36.47 11.05 -3.60
N LEU A 825 35.51 11.73 -2.98
CA LEU A 825 34.13 11.22 -2.97
C LEU A 825 33.58 11.09 -4.38
N ILE A 826 33.79 12.13 -5.21
CA ILE A 826 33.30 12.11 -6.58
C ILE A 826 33.93 10.96 -7.35
N ASP A 827 35.24 10.78 -7.20
CA ASP A 827 35.94 9.73 -7.94
C ASP A 827 35.39 8.36 -7.58
N THR A 828 35.16 8.11 -6.30
CA THR A 828 34.58 6.83 -5.90
C THR A 828 33.19 6.64 -6.52
N ALA A 829 32.32 7.62 -6.33
CA ALA A 829 30.93 7.49 -6.78
C ALA A 829 30.82 7.42 -8.30
N VAL A 830 31.83 7.86 -9.03
CA VAL A 830 31.80 7.74 -10.48
C VAL A 830 32.43 6.45 -10.97
N LYS A 831 33.58 6.07 -10.42
CA LYS A 831 34.24 4.86 -10.90
C LYS A 831 33.46 3.61 -10.58
N THR A 832 32.61 3.63 -9.55
CA THR A 832 31.88 2.40 -9.20
C THR A 832 31.01 1.91 -10.35
N ALA A 833 30.32 2.83 -11.05
CA ALA A 833 29.44 2.42 -12.14
C ALA A 833 30.23 1.87 -13.32
N GLU A 834 31.35 2.52 -13.66
CA GLU A 834 32.18 2.05 -14.75
C GLU A 834 32.72 0.66 -14.46
N THR A 835 33.18 0.43 -13.22
CA THR A 835 33.68 -0.89 -12.85
C THR A 835 32.57 -1.93 -12.90
N GLY A 836 31.37 -1.57 -12.46
CA GLY A 836 30.26 -2.51 -12.54
C GLY A 836 29.93 -2.91 -13.96
N TYR A 837 29.92 -1.92 -14.87
CA TYR A 837 29.67 -2.24 -16.27
C TYR A 837 30.76 -3.14 -16.84
N ILE A 838 32.01 -2.86 -16.50
CA ILE A 838 33.10 -3.68 -17.01
C ILE A 838 32.96 -5.12 -16.53
N GLN A 839 32.65 -5.30 -15.24
CA GLN A 839 32.54 -6.66 -14.72
C GLN A 839 31.34 -7.38 -15.34
N ARG A 840 30.23 -6.68 -15.56
CA ARG A 840 29.10 -7.33 -16.20
C ARG A 840 29.45 -7.79 -17.61
N ARG A 841 30.15 -6.95 -18.38
CA ARG A 841 30.55 -7.35 -19.72
C ARG A 841 31.49 -8.54 -19.68
N LEU A 842 32.44 -8.54 -18.74
CA LEU A 842 33.35 -9.68 -18.63
C LEU A 842 32.61 -10.97 -18.32
N VAL A 843 31.66 -10.91 -17.37
CA VAL A 843 30.93 -12.12 -17.01
C VAL A 843 30.11 -12.61 -18.17
N LYS A 844 29.45 -11.71 -18.90
CA LYS A 844 28.65 -12.14 -20.04
C LYS A 844 29.53 -12.76 -21.13
N ALA A 845 30.74 -12.24 -21.31
CA ALA A 845 31.63 -12.79 -22.32
C ALA A 845 32.16 -14.16 -21.92
N LEU A 846 32.44 -14.36 -20.65
CA LEU A 846 33.12 -15.56 -20.18
C LEU A 846 32.22 -16.56 -19.47
N GLU A 847 30.90 -16.40 -19.54
CA GLU A 847 30.04 -17.18 -18.65
C GLU A 847 29.99 -18.66 -19.04
N ASP A 848 29.96 -18.96 -20.35
CA ASP A 848 29.65 -20.30 -20.82
C ASP A 848 30.89 -21.17 -21.02
N ILE A 849 31.97 -20.90 -20.29
CA ILE A 849 33.24 -21.61 -20.46
C ILE A 849 33.43 -22.54 -19.28
N MET A 850 33.76 -23.79 -19.56
CA MET A 850 33.77 -24.82 -18.54
C MET A 850 34.81 -25.87 -18.87
N VAL A 851 35.45 -26.41 -17.84
CA VAL A 851 36.44 -27.47 -18.01
C VAL A 851 35.71 -28.79 -18.21
N HIS A 852 36.02 -29.47 -19.30
CA HIS A 852 35.33 -30.71 -19.64
C HIS A 852 36.12 -31.91 -19.14
N TYR A 853 35.56 -33.10 -19.34
CA TYR A 853 36.12 -34.30 -18.75
C TYR A 853 37.40 -34.78 -19.44
N ASP A 854 37.71 -34.26 -20.62
CA ASP A 854 38.96 -34.59 -21.29
C ASP A 854 40.06 -33.57 -21.00
N GLY A 855 39.80 -32.60 -20.11
CA GLY A 855 40.79 -31.62 -19.74
C GLY A 855 40.72 -30.33 -20.51
N THR A 856 40.08 -30.30 -21.67
CA THR A 856 40.03 -29.09 -22.47
C THR A 856 39.06 -28.08 -21.87
N THR A 857 39.23 -26.84 -22.28
CA THR A 857 38.38 -25.73 -21.85
C THR A 857 37.61 -25.25 -23.06
N ARG A 858 36.29 -25.46 -23.05
CA ARG A 858 35.46 -25.20 -24.22
C ARG A 858 34.29 -24.31 -23.84
N ASN A 859 33.74 -23.63 -24.85
CA ASN A 859 32.54 -22.83 -24.66
C ASN A 859 31.31 -23.67 -24.99
N SER A 860 30.15 -23.02 -25.11
CA SER A 860 28.91 -23.75 -25.33
C SER A 860 28.85 -24.36 -26.73
N LEU A 861 29.52 -23.76 -27.70
CA LEU A 861 29.57 -24.31 -29.05
C LEU A 861 30.45 -25.54 -29.16
N GLY A 862 31.22 -25.85 -28.12
CA GLY A 862 32.21 -26.90 -28.20
C GLY A 862 33.56 -26.45 -28.71
N ASP A 863 33.69 -25.18 -29.10
CA ASP A 863 34.97 -24.69 -29.59
C ASP A 863 36.01 -24.69 -28.48
N ILE A 864 37.23 -25.08 -28.83
CA ILE A 864 38.30 -25.17 -27.85
C ILE A 864 38.85 -23.78 -27.58
N ILE A 865 38.87 -23.39 -26.31
CA ILE A 865 39.56 -22.18 -25.88
C ILE A 865 40.98 -22.49 -25.46
N GLN A 866 41.15 -23.53 -24.65
CA GLN A 866 42.45 -24.01 -24.22
C GLN A 866 42.47 -25.53 -24.31
N PHE A 867 43.63 -26.08 -24.64
CA PHE A 867 43.76 -27.52 -24.68
C PHE A 867 44.05 -28.12 -23.31
N LEU A 868 44.27 -27.27 -22.31
CA LEU A 868 44.50 -27.71 -20.94
C LEU A 868 44.33 -26.47 -20.07
N TYR A 869 43.48 -26.55 -19.06
CA TYR A 869 43.16 -25.37 -18.26
C TYR A 869 44.41 -24.83 -17.58
N GLY A 870 44.65 -23.53 -17.75
CA GLY A 870 45.78 -22.88 -17.15
C GLY A 870 47.11 -23.38 -17.68
N GLU A 871 47.05 -24.15 -18.75
CA GLU A 871 48.19 -24.77 -19.42
C GLU A 871 48.89 -25.80 -18.54
N ASP A 872 48.35 -26.09 -17.35
CA ASP A 872 48.85 -27.18 -16.52
C ASP A 872 47.75 -28.04 -15.93
N GLY A 873 46.49 -27.64 -16.02
CA GLY A 873 45.40 -28.46 -15.55
C GLY A 873 45.18 -28.46 -14.06
N LEU A 874 45.72 -27.48 -13.35
CA LEU A 874 45.63 -27.41 -11.90
C LEU A 874 44.55 -26.44 -11.48
N ASP A 875 44.15 -26.55 -10.22
CA ASP A 875 43.18 -25.65 -9.64
C ASP A 875 43.87 -24.45 -9.02
N GLY A 876 43.22 -23.30 -9.08
CA GLY A 876 43.84 -22.07 -8.62
C GLY A 876 44.11 -22.02 -7.14
N THR A 877 43.41 -22.84 -6.35
CA THR A 877 43.56 -22.84 -4.91
C THR A 877 44.64 -23.79 -4.42
N GLN A 878 45.18 -24.64 -5.29
CA GLN A 878 46.07 -25.72 -4.89
C GLN A 878 47.52 -25.45 -5.33
N VAL A 879 47.92 -24.20 -5.40
CA VAL A 879 49.27 -23.83 -5.82
C VAL A 879 49.87 -22.92 -4.76
N GLU A 880 51.19 -22.93 -4.66
CA GLU A 880 51.92 -22.14 -3.68
C GLU A 880 53.24 -21.67 -4.27
N ARG A 881 53.73 -20.55 -3.77
CA ARG A 881 55.03 -20.05 -4.18
C ARG A 881 56.13 -20.99 -3.69
N GLN A 882 56.91 -21.53 -4.63
CA GLN A 882 58.04 -22.37 -4.31
C GLN A 882 59.25 -21.92 -5.12
N THR A 883 60.43 -22.26 -4.63
CA THR A 883 61.68 -21.93 -5.31
C THR A 883 62.21 -23.16 -6.04
N ILE A 884 62.55 -23.00 -7.31
CA ILE A 884 63.19 -24.04 -8.09
C ILE A 884 64.70 -23.89 -7.90
N ASP A 885 65.33 -24.93 -7.36
CA ASP A 885 66.69 -24.79 -6.85
C ASP A 885 67.77 -24.87 -7.93
N THR A 886 67.43 -25.34 -9.13
CA THR A 886 68.44 -25.44 -10.18
C THR A 886 68.68 -24.13 -10.92
N ILE A 887 67.78 -23.16 -10.77
CA ILE A 887 67.92 -21.90 -11.50
C ILE A 887 69.02 -21.03 -10.91
N PRO A 888 68.98 -20.63 -9.65
CA PRO A 888 69.90 -19.61 -9.16
C PRO A 888 71.28 -20.18 -8.85
N GLY A 889 72.21 -19.27 -8.60
CA GLY A 889 73.54 -19.64 -8.16
C GLY A 889 74.52 -19.83 -9.30
N SER A 890 75.79 -19.68 -8.97
CA SER A 890 76.86 -19.85 -9.95
C SER A 890 77.02 -21.32 -10.31
N ASP A 891 77.82 -21.58 -11.34
CA ASP A 891 78.05 -22.95 -11.78
C ASP A 891 78.79 -23.74 -10.72
N LYS A 892 79.71 -23.10 -10.01
CA LYS A 892 80.44 -23.79 -8.95
C LYS A 892 79.51 -24.23 -7.83
N ALA A 893 78.60 -23.36 -7.40
CA ALA A 893 77.66 -23.72 -6.35
C ALA A 893 76.75 -24.85 -6.79
N PHE A 894 76.26 -24.79 -8.03
CA PHE A 894 75.42 -25.86 -8.57
C PHE A 894 76.17 -27.19 -8.58
N HIS A 895 77.41 -27.17 -9.05
CA HIS A 895 78.19 -28.40 -9.09
C HIS A 895 78.45 -28.94 -7.69
N LYS A 896 78.77 -28.05 -6.75
CA LYS A 896 79.03 -28.48 -5.38
C LYS A 896 77.78 -29.09 -4.76
N ARG A 897 76.62 -28.52 -5.06
CA ARG A 897 75.39 -28.98 -4.42
C ARG A 897 74.91 -30.30 -5.03
N TYR A 898 75.08 -30.49 -6.33
CA TYR A 898 74.42 -31.62 -6.99
C TYR A 898 75.33 -32.74 -7.47
N TYR A 899 76.62 -32.47 -7.69
CA TYR A 899 77.50 -33.49 -8.25
C TYR A 899 77.98 -34.45 -7.17
N VAL A 900 78.01 -35.74 -7.52
CA VAL A 900 78.51 -36.79 -6.64
C VAL A 900 79.53 -37.61 -7.41
N ASP A 901 80.72 -37.74 -6.85
CA ASP A 901 81.82 -38.45 -7.49
C ASP A 901 82.18 -39.66 -6.63
N LEU A 902 82.09 -40.85 -7.22
CA LEU A 902 82.36 -42.09 -6.50
C LEU A 902 83.79 -42.57 -6.65
N MET A 903 84.61 -41.89 -7.45
CA MET A 903 86.01 -42.25 -7.60
C MET A 903 86.92 -41.45 -6.66
N ASP A 904 86.77 -40.12 -6.64
CA ASP A 904 87.51 -39.31 -5.71
C ASP A 904 86.87 -39.40 -4.33
N GLU A 905 87.69 -39.64 -3.31
CA GLU A 905 87.16 -39.89 -1.98
C GLU A 905 86.61 -38.62 -1.35
N LYS A 906 87.34 -37.51 -1.45
CA LYS A 906 86.92 -36.28 -0.79
C LYS A 906 85.78 -35.57 -1.53
N ASN A 907 85.42 -36.02 -2.74
CA ASN A 907 84.28 -35.48 -3.47
C ASN A 907 83.13 -36.46 -3.53
N SER A 908 83.01 -37.33 -2.53
CA SER A 908 81.98 -38.36 -2.48
C SER A 908 81.02 -38.07 -1.33
N ILE A 909 80.05 -38.98 -1.16
CA ILE A 909 79.13 -38.90 -0.05
C ILE A 909 79.90 -39.15 1.25
N LYS A 910 79.58 -38.38 2.28
CA LYS A 910 80.25 -38.54 3.55
C LYS A 910 79.99 -39.95 4.11
N PRO A 911 80.98 -40.56 4.76
CA PRO A 911 80.81 -41.95 5.20
C PRO A 911 79.95 -42.11 6.43
N ASP A 912 79.79 -41.07 7.24
CA ASP A 912 79.01 -41.19 8.47
C ASP A 912 77.50 -41.08 8.23
N VAL A 913 77.07 -40.72 7.03
CA VAL A 913 75.64 -40.60 6.76
C VAL A 913 75.04 -41.84 6.13
N ILE A 914 75.87 -42.75 5.60
CA ILE A 914 75.39 -43.96 4.94
C ILE A 914 76.07 -45.17 5.57
N GLU A 915 75.30 -46.25 5.73
CA GLU A 915 75.85 -47.48 6.29
C GLU A 915 76.81 -48.16 5.33
N TYR A 916 76.53 -48.08 4.02
CA TYR A 916 77.24 -48.84 3.01
C TYR A 916 78.38 -48.07 2.35
N ALA A 917 79.00 -47.14 3.08
CA ALA A 917 80.01 -46.29 2.45
C ALA A 917 81.26 -47.08 2.05
N ALA A 918 81.44 -48.29 2.58
CA ALA A 918 82.63 -49.07 2.27
C ALA A 918 82.61 -49.56 0.83
N ASP A 919 81.50 -50.14 0.39
CA ASP A 919 81.42 -50.77 -0.93
C ASP A 919 80.77 -49.85 -1.97
N ILE A 920 81.00 -48.54 -1.86
CA ILE A 920 80.53 -47.58 -2.84
C ILE A 920 81.65 -47.09 -3.74
N LEU A 921 82.78 -46.71 -3.17
CA LEU A 921 83.88 -46.17 -3.95
C LEU A 921 84.38 -47.19 -4.95
N GLY A 922 84.67 -46.74 -6.17
CA GLY A 922 85.18 -47.58 -7.22
C GLY A 922 84.14 -48.27 -8.07
N ASP A 923 82.86 -48.15 -7.74
CA ASP A 923 81.81 -48.76 -8.54
C ASP A 923 81.59 -47.92 -9.79
N VAL A 924 81.43 -48.58 -10.93
CA VAL A 924 81.31 -47.84 -12.19
C VAL A 924 79.86 -47.77 -12.68
N GLU A 925 79.05 -48.80 -12.47
CA GLU A 925 77.66 -48.76 -12.87
C GLU A 925 76.89 -47.71 -12.07
N LEU A 926 77.13 -47.66 -10.77
CA LEU A 926 76.49 -46.66 -9.93
C LEU A 926 76.95 -45.26 -10.33
N GLN A 927 78.21 -45.12 -10.72
CA GLN A 927 78.68 -43.85 -11.26
C GLN A 927 77.96 -43.49 -12.56
N LYS A 928 77.67 -44.49 -13.40
CA LYS A 928 76.90 -44.21 -14.61
C LYS A 928 75.52 -43.68 -14.26
N GLU A 929 74.86 -44.29 -13.28
CA GLU A 929 73.56 -43.81 -12.84
C GLU A 929 73.64 -42.37 -12.33
N LEU A 930 74.64 -42.09 -11.49
CA LEU A 930 74.79 -40.74 -10.97
C LEU A 930 75.07 -39.74 -12.07
N ASN A 931 75.85 -40.13 -13.07
CA ASN A 931 76.13 -39.23 -14.20
C ASN A 931 74.87 -38.94 -14.98
N SER A 932 74.01 -39.97 -15.17
CA SER A 932 72.74 -39.72 -15.86
C SER A 932 71.88 -38.75 -15.07
N GLU A 933 71.83 -38.90 -13.75
CA GLU A 933 71.08 -37.97 -12.93
C GLU A 933 71.61 -36.55 -13.07
N TYR A 934 72.93 -36.39 -13.03
CA TYR A 934 73.50 -35.05 -13.11
C TYR A 934 73.28 -34.44 -14.48
N GLU A 935 73.33 -35.24 -15.54
CA GLU A 935 73.05 -34.73 -16.87
C GLU A 935 71.61 -34.27 -16.98
N GLN A 936 70.68 -35.03 -16.38
CA GLN A 936 69.30 -34.60 -16.36
C GLN A 936 69.15 -33.27 -15.63
N LEU A 937 69.84 -33.12 -14.51
CA LEU A 937 69.78 -31.86 -13.76
C LEU A 937 70.33 -30.70 -14.58
N VAL A 938 71.44 -30.93 -15.29
CA VAL A 938 72.02 -29.86 -16.09
C VAL A 938 71.10 -29.48 -17.23
N SER A 939 70.45 -30.47 -17.84
CA SER A 939 69.48 -30.18 -18.89
C SER A 939 68.31 -29.36 -18.35
N ASP A 940 67.83 -29.72 -17.15
CA ASP A 940 66.77 -28.93 -16.52
C ASP A 940 67.21 -27.50 -16.27
N ARG A 941 68.43 -27.32 -15.78
CA ARG A 941 68.95 -25.98 -15.53
C ARG A 941 68.99 -25.17 -16.81
N LYS A 942 69.49 -25.76 -17.90
CA LYS A 942 69.57 -25.07 -19.17
C LYS A 942 68.19 -24.70 -19.69
N PHE A 943 67.25 -25.65 -19.61
CA PHE A 943 65.89 -25.41 -20.10
C PHE A 943 65.21 -24.30 -19.32
N LEU A 944 65.36 -24.29 -17.99
CA LEU A 944 64.72 -23.26 -17.19
C LEU A 944 65.39 -21.91 -17.39
N ARG A 945 66.71 -21.90 -17.57
CA ARG A 945 67.45 -20.65 -17.55
C ARG A 945 67.47 -19.97 -18.91
N GLU A 946 67.32 -20.73 -20.00
CA GLU A 946 67.43 -20.17 -21.33
C GLU A 946 66.11 -20.04 -22.08
N ILE A 947 65.06 -20.72 -21.65
CA ILE A 947 63.78 -20.76 -22.36
C ILE A 947 62.66 -20.18 -21.50
N VAL A 948 62.41 -20.78 -20.34
CA VAL A 948 61.22 -20.45 -19.58
C VAL A 948 61.39 -19.12 -18.83
N PHE A 949 62.37 -19.06 -17.93
CA PHE A 949 62.62 -17.89 -17.09
C PHE A 949 63.97 -17.30 -17.49
N VAL A 950 63.96 -16.39 -18.47
CA VAL A 950 65.22 -15.80 -18.93
C VAL A 950 65.78 -14.83 -17.90
N ASN A 951 64.93 -14.15 -17.14
CA ASN A 951 65.41 -13.16 -16.18
C ASN A 951 65.85 -13.79 -14.87
N GLY A 952 65.75 -15.10 -14.71
CA GLY A 952 66.28 -15.78 -13.56
C GLY A 952 65.40 -15.81 -12.34
N ASP A 953 64.15 -15.40 -12.45
CA ASP A 953 63.23 -15.48 -11.31
C ASP A 953 62.90 -16.93 -11.01
N HIS A 954 63.06 -17.32 -9.75
CA HIS A 954 62.94 -18.73 -9.36
C HIS A 954 61.85 -18.97 -8.33
N ASN A 955 61.03 -17.97 -8.01
CA ASN A 955 59.95 -18.12 -7.04
C ASN A 955 58.63 -18.06 -7.79
N TRP A 956 58.01 -19.22 -7.98
CA TRP A 956 56.81 -19.32 -8.81
C TRP A 956 55.79 -20.21 -8.13
N PRO A 957 54.50 -19.97 -8.38
CA PRO A 957 53.45 -20.81 -7.78
C PRO A 957 53.41 -22.18 -8.45
N LEU A 958 53.58 -23.22 -7.65
CA LEU A 958 53.61 -24.60 -8.12
C LEU A 958 52.81 -25.45 -7.15
N PRO A 959 52.27 -26.59 -7.61
CA PRO A 959 51.47 -27.43 -6.73
C PRO A 959 52.32 -28.11 -5.68
N VAL A 960 51.64 -28.84 -4.79
CA VAL A 960 52.18 -29.63 -3.67
C VAL A 960 53.50 -29.11 -3.10
N ASN A 961 53.44 -28.56 -1.90
CA ASN A 961 54.60 -27.96 -1.25
C ASN A 961 55.59 -29.04 -0.83
N LEU A 962 56.78 -29.03 -1.42
CA LEU A 962 57.76 -30.07 -1.15
C LEU A 962 58.45 -29.88 0.19
N ARG A 963 58.75 -28.63 0.56
CA ARG A 963 59.42 -28.36 1.83
C ARG A 963 58.57 -28.83 3.00
N ARG A 964 57.26 -28.58 2.94
CA ARG A 964 56.37 -29.03 3.99
C ARG A 964 56.35 -30.54 4.08
N ILE A 965 56.33 -31.22 2.94
CA ILE A 965 56.33 -32.68 2.94
C ILE A 965 57.61 -33.21 3.58
N ILE A 966 58.75 -32.63 3.23
CA ILE A 966 60.02 -33.14 3.75
C ILE A 966 60.11 -32.92 5.25
N GLN A 967 59.71 -31.74 5.74
CA GLN A 967 59.82 -31.54 7.18
C GLN A 967 58.77 -32.36 7.93
N ASN A 968 57.61 -32.62 7.31
CA ASN A 968 56.67 -33.55 7.93
C ASN A 968 57.27 -34.93 8.04
N ALA A 969 57.96 -35.39 7.00
CA ALA A 969 58.60 -36.70 7.07
C ALA A 969 59.66 -36.74 8.16
N GLN A 970 60.45 -35.67 8.27
CA GLN A 970 61.48 -35.61 9.29
C GLN A 970 60.89 -35.65 10.69
N GLN A 971 59.78 -34.96 10.90
CA GLN A 971 59.14 -34.99 12.22
C GLN A 971 58.49 -36.34 12.48
N ILE A 972 57.91 -36.97 11.45
CA ILE A 972 57.19 -38.22 11.65
C ILE A 972 58.16 -39.35 11.98
N PHE A 973 59.25 -39.46 11.25
CA PHE A 973 60.14 -40.60 11.39
C PHE A 973 61.34 -40.34 12.28
N HIS A 974 61.40 -39.18 12.95
CA HIS A 974 62.49 -38.82 13.84
C HIS A 974 63.84 -38.93 13.13
N LEU A 975 63.98 -38.14 12.08
CA LEU A 975 65.17 -38.19 11.24
C LEU A 975 66.31 -37.37 11.78
N ASP A 976 66.30 -37.06 13.08
CA ASP A 976 67.44 -36.43 13.72
C ASP A 976 68.48 -37.49 14.03
N ARG A 977 69.46 -37.15 14.87
CA ARG A 977 70.51 -38.05 15.30
C ARG A 977 71.50 -38.33 14.16
N ALA A 978 72.74 -38.64 14.51
CA ALA A 978 73.79 -38.89 13.52
C ALA A 978 73.72 -40.29 12.93
N LYS A 979 72.58 -40.98 13.07
CA LYS A 979 72.45 -42.32 12.55
C LYS A 979 72.62 -42.34 11.04
N ALA A 980 73.24 -43.39 10.54
CA ALA A 980 73.50 -43.53 9.11
C ALA A 980 72.27 -44.09 8.40
N SER A 981 72.00 -43.56 7.21
CA SER A 981 70.86 -44.00 6.43
C SER A 981 71.12 -45.36 5.79
N ASP A 982 70.03 -46.08 5.55
CA ASP A 982 70.08 -47.37 4.86
C ASP A 982 69.49 -47.28 3.46
N LEU A 983 69.45 -46.09 2.89
CA LEU A 983 68.82 -45.85 1.60
C LEU A 983 69.88 -45.90 0.51
N THR A 984 69.87 -46.95 -0.30
CA THR A 984 70.86 -47.09 -1.35
C THR A 984 70.60 -46.08 -2.47
N ILE A 985 71.68 -45.71 -3.15
CA ILE A 985 71.58 -44.73 -4.25
C ILE A 985 70.68 -45.22 -5.37
N PRO A 986 70.78 -46.46 -5.85
CA PRO A 986 69.86 -46.88 -6.92
C PRO A 986 68.39 -46.79 -6.53
N GLU A 987 68.05 -47.03 -5.26
CA GLU A 987 66.67 -46.85 -4.84
C GLU A 987 66.25 -45.39 -5.00
N ILE A 988 67.10 -44.45 -4.60
CA ILE A 988 66.78 -43.04 -4.77
C ILE A 988 66.55 -42.71 -6.22
N ILE A 989 67.48 -43.11 -7.09
CA ILE A 989 67.40 -42.75 -8.50
C ILE A 989 66.15 -43.33 -9.12
N HIS A 990 65.92 -44.62 -8.92
CA HIS A 990 64.78 -45.27 -9.56
C HIS A 990 63.46 -44.77 -8.98
N GLY A 991 63.42 -44.50 -7.68
CA GLY A 991 62.19 -43.99 -7.09
C GLY A 991 61.80 -42.63 -7.64
N VAL A 992 62.76 -41.71 -7.71
CA VAL A 992 62.44 -40.39 -8.26
C VAL A 992 62.09 -40.50 -9.74
N ARG A 993 62.82 -41.33 -10.48
CA ARG A 993 62.54 -41.49 -11.91
C ARG A 993 61.14 -42.05 -12.13
N ASP A 994 60.73 -43.02 -11.33
CA ASP A 994 59.40 -43.60 -11.47
C ASP A 994 58.33 -42.61 -11.03
N LEU A 995 58.60 -41.83 -9.98
CA LEU A 995 57.63 -40.83 -9.54
C LEU A 995 57.39 -39.81 -10.64
N CYS A 996 58.44 -39.40 -11.33
CA CYS A 996 58.25 -38.42 -12.39
C CYS A 996 57.46 -38.96 -13.59
N LYS A 997 56.94 -40.18 -13.51
CA LYS A 997 56.11 -40.74 -14.56
C LYS A 997 54.71 -41.14 -14.08
N LYS A 998 54.37 -40.87 -12.81
CA LYS A 998 53.06 -41.19 -12.27
C LYS A 998 52.24 -39.95 -11.96
N LEU A 999 52.67 -38.77 -12.43
CA LEU A 999 51.91 -37.55 -12.23
C LEU A 999 50.96 -37.40 -13.41
N PHE A 1000 49.81 -38.06 -13.29
CA PHE A 1000 48.85 -38.14 -14.39
C PHE A 1000 47.97 -36.89 -14.41
N VAL A 1001 48.05 -36.13 -15.49
CA VAL A 1001 47.13 -35.02 -15.72
C VAL A 1001 46.15 -35.47 -16.78
N LEU A 1002 46.62 -36.30 -17.70
CA LEU A 1002 45.79 -36.84 -18.78
C LEU A 1002 45.98 -38.34 -18.83
N ARG A 1003 44.87 -39.08 -18.88
CA ARG A 1003 44.92 -40.52 -19.01
C ARG A 1003 44.85 -40.93 -20.48
N GLY A 1004 45.45 -42.08 -20.78
CA GLY A 1004 45.42 -42.62 -22.12
C GLY A 1004 46.77 -43.05 -22.63
N GLU A 1005 46.79 -44.00 -23.58
CA GLU A 1005 48.01 -44.50 -24.17
C GLU A 1005 48.33 -43.86 -25.50
N ASN A 1006 47.53 -42.91 -25.96
CA ASN A 1006 47.78 -42.27 -27.24
C ASN A 1006 49.10 -41.51 -27.19
N GLU A 1007 49.82 -41.51 -28.31
CA GLU A 1007 51.12 -40.86 -28.36
C GLU A 1007 50.99 -39.36 -28.15
N LEU A 1008 50.01 -38.74 -28.79
CA LEU A 1008 49.78 -37.31 -28.60
C LEU A 1008 49.38 -37.01 -27.15
N ILE A 1009 48.60 -37.91 -26.55
CA ILE A 1009 48.25 -37.77 -25.14
C ILE A 1009 49.49 -37.85 -24.27
N LYS A 1010 50.39 -38.78 -24.56
CA LYS A 1010 51.61 -38.89 -23.78
C LYS A 1010 52.47 -37.64 -23.92
N GLU A 1011 52.55 -37.09 -25.13
CA GLU A 1011 53.32 -35.87 -25.33
C GLU A 1011 52.72 -34.70 -24.54
N ALA A 1012 51.40 -34.56 -24.56
CA ALA A 1012 50.76 -33.50 -23.79
C ALA A 1012 50.96 -33.71 -22.29
N GLN A 1013 50.88 -34.96 -21.83
CA GLN A 1013 51.10 -35.25 -20.42
C GLN A 1013 52.52 -34.89 -19.99
N GLN A 1014 53.50 -35.22 -20.83
CA GLN A 1014 54.88 -34.86 -20.52
C GLN A 1014 55.06 -33.36 -20.52
N ASN A 1015 54.43 -32.65 -21.45
CA ASN A 1015 54.54 -31.20 -21.48
C ASN A 1015 53.93 -30.56 -20.24
N ALA A 1016 52.80 -31.09 -19.76
CA ALA A 1016 52.05 -30.43 -18.71
C ALA A 1016 52.78 -30.39 -17.38
N THR A 1017 53.76 -31.28 -17.15
CA THR A 1017 54.41 -31.38 -15.85
C THR A 1017 55.91 -31.07 -15.92
N SER A 1018 56.35 -30.33 -16.93
CA SER A 1018 57.79 -30.08 -17.09
C SER A 1018 58.34 -29.28 -15.91
N LEU A 1019 57.70 -28.17 -15.58
CA LEU A 1019 58.19 -27.32 -14.50
C LEU A 1019 58.14 -28.05 -13.16
N PHE A 1020 57.06 -28.79 -12.92
CA PHE A 1020 56.94 -29.50 -11.66
C PHE A 1020 57.96 -30.61 -11.54
N GLN A 1021 58.23 -31.33 -12.64
CA GLN A 1021 59.26 -32.34 -12.59
C GLN A 1021 60.63 -31.72 -12.34
N CYS A 1022 60.88 -30.54 -12.92
CA CYS A 1022 62.12 -29.85 -12.64
C CYS A 1022 62.24 -29.51 -11.16
N LEU A 1023 61.14 -29.04 -10.55
CA LEU A 1023 61.14 -28.77 -9.12
C LEU A 1023 61.44 -30.03 -8.32
N VAL A 1024 60.76 -31.13 -8.65
CA VAL A 1024 60.91 -32.36 -7.87
C VAL A 1024 62.34 -32.88 -7.97
N ARG A 1025 62.91 -32.88 -9.18
CA ARG A 1025 64.28 -33.35 -9.35
C ARG A 1025 65.27 -32.40 -8.67
N ALA A 1026 64.97 -31.11 -8.63
CA ALA A 1026 65.84 -30.18 -7.92
C ALA A 1026 65.85 -30.46 -6.43
N ARG A 1027 64.69 -30.79 -5.85
CA ARG A 1027 64.64 -31.03 -4.42
C ARG A 1027 65.13 -32.43 -4.06
N LEU A 1028 64.65 -33.45 -4.75
CA LEU A 1028 64.99 -34.83 -4.39
C LEU A 1028 66.21 -35.35 -5.15
N ALA A 1029 67.30 -34.59 -5.09
CA ALA A 1029 68.55 -35.07 -5.64
C ALA A 1029 69.19 -36.05 -4.66
N THR A 1030 70.14 -36.83 -5.18
CA THR A 1030 70.77 -37.86 -4.35
C THR A 1030 71.56 -37.24 -3.20
N ARG A 1031 72.41 -36.27 -3.52
CA ARG A 1031 73.23 -35.66 -2.48
C ARG A 1031 72.37 -34.95 -1.44
N ARG A 1032 71.34 -34.23 -1.89
CA ARG A 1032 70.49 -33.52 -0.95
C ARG A 1032 69.72 -34.48 -0.05
N ILE A 1033 69.23 -35.57 -0.62
CA ILE A 1033 68.49 -36.54 0.19
C ILE A 1033 69.41 -37.17 1.22
N LEU A 1034 70.60 -37.60 0.81
CA LEU A 1034 71.46 -38.33 1.73
C LEU A 1034 72.09 -37.42 2.77
N GLU A 1035 72.40 -36.17 2.42
CA GLU A 1035 73.13 -35.28 3.30
C GLU A 1035 72.26 -34.20 3.93
N GLU A 1036 71.52 -33.44 3.13
CA GLU A 1036 70.78 -32.30 3.67
C GLU A 1036 69.56 -32.75 4.46
N PHE A 1037 68.81 -33.71 3.94
CA PHE A 1037 67.58 -34.17 4.60
C PHE A 1037 67.77 -35.42 5.43
N ARG A 1038 68.73 -36.27 5.06
CA ARG A 1038 69.07 -37.48 5.82
C ARG A 1038 67.88 -38.40 5.97
N LEU A 1039 67.08 -38.53 4.91
CA LEU A 1039 65.98 -39.46 4.92
C LEU A 1039 66.48 -40.90 4.93
N ASN A 1040 65.73 -41.76 5.60
CA ASN A 1040 65.94 -43.19 5.51
C ASN A 1040 64.99 -43.77 4.46
N ARG A 1041 64.91 -45.10 4.41
CA ARG A 1041 64.06 -45.73 3.41
C ARG A 1041 62.60 -45.35 3.62
N ASP A 1042 62.06 -45.70 4.79
CA ASP A 1042 60.63 -45.56 5.01
C ASP A 1042 60.17 -44.13 4.79
N ALA A 1043 60.97 -43.16 5.24
CA ALA A 1043 60.69 -41.77 4.93
C ALA A 1043 60.67 -41.53 3.43
N PHE A 1044 61.52 -42.23 2.69
CA PHE A 1044 61.59 -42.00 1.25
C PHE A 1044 60.33 -42.50 0.54
N GLU A 1045 59.90 -43.73 0.82
CA GLU A 1045 58.64 -44.17 0.22
C GLU A 1045 57.46 -43.33 0.70
N TRP A 1046 57.48 -42.89 1.96
CA TRP A 1046 56.40 -42.02 2.42
C TRP A 1046 56.38 -40.71 1.64
N VAL A 1047 57.55 -40.13 1.38
CA VAL A 1047 57.61 -38.87 0.64
C VAL A 1047 57.10 -39.07 -0.79
N LEU A 1048 57.52 -40.17 -1.43
CA LEU A 1048 57.09 -40.41 -2.80
C LEU A 1048 55.58 -40.60 -2.88
N GLY A 1049 55.02 -41.42 -2.00
CA GLY A 1049 53.58 -41.62 -1.99
C GLY A 1049 52.81 -40.34 -1.72
N THR A 1050 53.30 -39.54 -0.76
CA THR A 1050 52.62 -38.29 -0.45
C THR A 1050 52.66 -37.32 -1.62
N ILE A 1051 53.81 -37.23 -2.31
CA ILE A 1051 53.89 -36.35 -3.46
C ILE A 1051 52.89 -36.77 -4.52
N GLU A 1052 52.83 -38.06 -4.83
CA GLU A 1052 51.92 -38.53 -5.86
C GLU A 1052 50.46 -38.24 -5.47
N ALA A 1053 50.09 -38.55 -4.23
CA ALA A 1053 48.71 -38.36 -3.81
C ALA A 1053 48.31 -36.90 -3.81
N GLN A 1054 49.18 -36.02 -3.29
CA GLN A 1054 48.86 -34.60 -3.27
C GLN A 1054 48.75 -34.04 -4.67
N PHE A 1055 49.63 -34.47 -5.58
CA PHE A 1055 49.50 -34.00 -6.95
C PHE A 1055 48.18 -34.42 -7.56
N GLN A 1056 47.77 -35.67 -7.33
CA GLN A 1056 46.47 -36.10 -7.83
C GLN A 1056 45.34 -35.27 -7.23
N ARG A 1057 45.50 -34.85 -5.98
CA ARG A 1057 44.46 -34.06 -5.34
C ARG A 1057 44.44 -32.62 -5.81
N SER A 1058 45.52 -32.13 -6.43
CA SER A 1058 45.59 -30.72 -6.80
C SER A 1058 45.11 -30.44 -8.22
N LEU A 1059 44.57 -31.44 -8.93
CA LEU A 1059 44.11 -31.21 -10.30
C LEU A 1059 42.77 -30.48 -10.29
N VAL A 1060 42.39 -29.99 -11.46
CA VAL A 1060 41.13 -29.27 -11.59
C VAL A 1060 40.01 -30.27 -11.81
N HIS A 1061 38.83 -29.92 -11.33
CA HIS A 1061 37.71 -30.85 -11.39
C HIS A 1061 36.87 -30.59 -12.63
N PRO A 1062 36.60 -31.60 -13.45
CA PRO A 1062 35.69 -31.39 -14.58
C PRO A 1062 34.34 -30.90 -14.11
N GLY A 1063 33.81 -29.90 -14.80
CA GLY A 1063 32.63 -29.21 -14.37
C GLY A 1063 32.87 -27.85 -13.75
N GLU A 1064 34.13 -27.47 -13.51
CA GLU A 1064 34.43 -26.10 -13.13
C GLU A 1064 33.92 -25.13 -14.17
N MET A 1065 33.26 -24.08 -13.69
CA MET A 1065 32.87 -22.96 -14.54
C MET A 1065 33.96 -21.89 -14.44
N VAL A 1066 35.11 -22.21 -15.05
CA VAL A 1066 36.29 -21.39 -14.89
C VAL A 1066 36.15 -20.03 -15.55
N GLY A 1067 35.25 -19.89 -16.52
CA GLY A 1067 35.05 -18.59 -17.13
C GLY A 1067 34.50 -17.56 -16.17
N VAL A 1068 33.49 -17.95 -15.39
CA VAL A 1068 32.91 -17.03 -14.42
C VAL A 1068 33.91 -16.73 -13.33
N ILE A 1069 34.67 -17.73 -12.89
CA ILE A 1069 35.67 -17.52 -11.86
C ILE A 1069 36.74 -16.55 -12.35
N ALA A 1070 37.18 -16.71 -13.59
CA ALA A 1070 38.17 -15.79 -14.15
C ALA A 1070 37.60 -14.38 -14.28
N ALA A 1071 36.36 -14.25 -14.73
CA ALA A 1071 35.77 -12.93 -14.87
C ALA A 1071 35.65 -12.23 -13.52
N GLN A 1072 35.22 -12.96 -12.50
CA GLN A 1072 35.13 -12.39 -11.16
C GLN A 1072 36.50 -12.05 -10.61
N SER A 1073 37.49 -12.91 -10.82
CA SER A 1073 38.83 -12.66 -10.30
C SER A 1073 39.50 -11.49 -10.98
N ILE A 1074 39.12 -11.18 -12.23
CA ILE A 1074 39.68 -10.01 -12.88
C ILE A 1074 38.92 -8.75 -12.51
N GLY A 1075 37.59 -8.84 -12.40
CA GLY A 1075 36.80 -7.66 -12.09
C GLY A 1075 36.84 -7.23 -10.64
N GLU A 1076 37.13 -8.16 -9.72
CA GLU A 1076 37.17 -7.80 -8.30
C GLU A 1076 38.24 -6.77 -7.97
N PRO A 1077 39.49 -6.91 -8.41
CA PRO A 1077 40.48 -5.85 -8.13
C PRO A 1077 40.09 -4.51 -8.72
N ALA A 1078 39.44 -4.49 -9.87
CA ALA A 1078 39.11 -3.22 -10.52
C ALA A 1078 38.21 -2.36 -9.66
N THR A 1079 37.41 -2.99 -8.80
CA THR A 1079 36.54 -2.23 -7.90
C THR A 1079 37.35 -1.52 -6.81
N GLN A 1080 38.57 -1.98 -6.54
CA GLN A 1080 39.42 -1.40 -5.51
C GLN A 1080 40.68 -0.79 -6.10
N MET A 1081 40.53 -0.09 -7.23
CA MET A 1081 41.65 0.57 -7.88
C MET A 1081 41.17 1.70 -8.77
N ASN A 1095 55.00 9.31 -18.98
CA ASN A 1095 53.59 9.40 -18.63
C ASN A 1095 52.76 8.43 -19.48
N VAL A 1096 52.08 7.51 -18.81
CA VAL A 1096 51.25 6.51 -19.48
C VAL A 1096 49.89 6.43 -18.79
N THR A 1097 48.91 5.91 -19.51
CA THR A 1097 47.58 5.72 -18.97
C THR A 1097 47.54 4.43 -18.16
N LEU A 1098 46.89 4.49 -16.99
CA LEU A 1098 46.81 3.32 -16.13
C LEU A 1098 45.50 3.38 -15.35
N GLY A 1099 45.10 2.23 -14.83
CA GLY A 1099 43.88 2.13 -14.05
C GLY A 1099 42.68 1.74 -14.87
N VAL A 1100 41.49 2.13 -14.41
CA VAL A 1100 40.26 1.78 -15.12
C VAL A 1100 40.22 2.29 -16.55
N PRO A 1101 40.63 3.54 -16.85
CA PRO A 1101 40.61 3.96 -18.26
C PRO A 1101 41.46 3.08 -19.17
N ARG A 1102 42.63 2.65 -18.71
CA ARG A 1102 43.46 1.78 -19.54
C ARG A 1102 42.84 0.40 -19.70
N LEU A 1103 42.23 -0.13 -18.64
CA LEU A 1103 41.54 -1.40 -18.76
C LEU A 1103 40.38 -1.31 -19.74
N LYS A 1104 39.65 -0.21 -19.70
CA LYS A 1104 38.57 0.01 -20.65
C LYS A 1104 39.10 0.10 -22.08
N GLU A 1105 40.25 0.73 -22.26
CA GLU A 1105 40.87 0.76 -23.58
C GLU A 1105 41.25 -0.65 -24.04
N ILE A 1106 41.77 -1.46 -23.14
CA ILE A 1106 42.20 -2.82 -23.51
C ILE A 1106 41.00 -3.67 -23.88
N LEU A 1107 39.96 -3.66 -23.05
CA LEU A 1107 38.83 -4.55 -23.27
C LEU A 1107 38.05 -4.17 -24.52
N ASN A 1108 37.88 -2.87 -24.77
CA ASN A 1108 37.18 -2.43 -25.97
C ASN A 1108 37.99 -2.62 -27.24
N VAL A 1109 39.29 -2.93 -27.12
CA VAL A 1109 40.21 -2.97 -28.25
C VAL A 1109 40.09 -1.66 -29.02
N ALA A 1110 40.40 -0.56 -28.36
CA ALA A 1110 40.33 0.75 -28.99
C ALA A 1110 41.42 0.86 -30.06
N LYS A 1111 41.05 1.45 -31.19
CA LYS A 1111 42.02 1.61 -32.28
C LYS A 1111 43.04 2.70 -31.95
N ASN A 1112 42.61 3.78 -31.31
CA ASN A 1112 43.45 4.92 -31.01
C ASN A 1112 43.50 5.10 -29.50
N ILE A 1113 44.52 4.52 -28.87
CA ILE A 1113 44.69 4.61 -27.43
C ILE A 1113 45.18 6.02 -27.06
N LYS A 1114 45.15 6.33 -25.77
CA LYS A 1114 45.45 7.69 -25.32
C LYS A 1114 46.92 8.04 -25.55
N THR A 1115 47.83 7.17 -25.13
CA THR A 1115 49.26 7.44 -25.17
C THR A 1115 49.98 6.29 -25.86
N PRO A 1116 49.99 6.27 -27.19
CA PRO A 1116 50.74 5.22 -27.90
C PRO A 1116 52.23 5.36 -27.63
N ALA A 1117 52.91 4.22 -27.55
CA ALA A 1117 54.32 4.24 -27.25
C ALA A 1117 55.00 3.00 -27.82
N LEU A 1118 56.31 3.10 -28.00
CA LEU A 1118 57.15 1.99 -28.41
C LEU A 1118 58.23 1.79 -27.35
N THR A 1119 58.80 0.59 -27.33
CA THR A 1119 59.94 0.29 -26.46
C THR A 1119 61.02 -0.27 -27.36
N VAL A 1120 61.83 0.63 -27.93
CA VAL A 1120 62.87 0.24 -28.87
C VAL A 1120 64.10 -0.19 -28.09
N TYR A 1121 64.55 -1.41 -28.32
CA TYR A 1121 65.77 -1.91 -27.72
C TYR A 1121 66.90 -1.82 -28.74
N LEU A 1122 68.08 -1.41 -28.28
CA LEU A 1122 69.22 -1.21 -29.14
C LEU A 1122 70.14 -2.43 -29.10
N ASP A 1123 71.07 -2.48 -30.05
CA ASP A 1123 72.01 -3.58 -30.11
C ASP A 1123 72.97 -3.51 -28.92
N ARG A 1124 73.68 -4.62 -28.70
CA ARG A 1124 74.48 -4.76 -27.49
C ARG A 1124 75.54 -3.66 -27.39
N GLU A 1125 76.26 -3.40 -28.49
CA GLU A 1125 77.29 -2.37 -28.46
C GLU A 1125 76.67 -0.98 -28.27
N ILE A 1126 75.56 -0.70 -28.95
CA ILE A 1126 74.93 0.61 -28.83
C ILE A 1126 74.27 0.77 -27.47
N ALA A 1127 73.75 -0.31 -26.89
CA ALA A 1127 73.02 -0.20 -25.63
C ALA A 1127 73.90 0.31 -24.52
N LEU A 1128 75.20 0.00 -24.54
CA LEU A 1128 76.11 0.40 -23.48
C LEU A 1128 76.88 1.67 -23.79
N ASP A 1129 76.61 2.31 -24.93
CA ASP A 1129 77.28 3.56 -25.30
C ASP A 1129 76.23 4.65 -25.49
N ILE A 1130 76.40 5.75 -24.77
CA ILE A 1130 75.40 6.82 -24.82
C ILE A 1130 75.46 7.59 -26.13
N GLU A 1131 76.65 7.73 -26.72
CA GLU A 1131 76.78 8.53 -27.94
C GLU A 1131 76.06 7.87 -29.11
N LYS A 1132 76.30 6.59 -29.34
CA LYS A 1132 75.63 5.88 -30.42
C LYS A 1132 74.12 5.84 -30.18
N ALA A 1133 73.71 5.70 -28.92
CA ALA A 1133 72.29 5.72 -28.60
C ALA A 1133 71.67 7.06 -28.96
N LYS A 1134 72.37 8.16 -28.67
CA LYS A 1134 71.85 9.48 -29.04
C LYS A 1134 71.79 9.61 -30.55
N VAL A 1135 72.77 9.05 -31.26
CA VAL A 1135 72.74 9.09 -32.72
C VAL A 1135 71.49 8.38 -33.24
N ILE A 1136 71.21 7.19 -32.69
CA ILE A 1136 70.03 6.44 -33.12
C ILE A 1136 68.76 7.21 -32.79
N GLN A 1137 68.71 7.82 -31.61
CA GLN A 1137 67.53 8.58 -31.22
C GLN A 1137 67.29 9.73 -32.17
N SER A 1138 68.35 10.44 -32.56
CA SER A 1138 68.20 11.50 -33.55
C SER A 1138 67.75 10.95 -34.89
N SER A 1139 68.24 9.77 -35.27
CA SER A 1139 67.88 9.20 -36.56
C SER A 1139 66.43 8.74 -36.61
N ILE A 1140 65.85 8.39 -35.47
CA ILE A 1140 64.49 7.86 -35.46
C ILE A 1140 63.44 8.97 -35.42
N GLU A 1141 63.66 9.99 -34.59
CA GLU A 1141 62.62 10.98 -34.31
C GLU A 1141 62.21 11.73 -35.58
N TYR A 1142 60.91 11.95 -35.72
CA TYR A 1142 60.39 12.66 -36.88
C TYR A 1142 60.64 14.14 -36.78
N THR A 1143 61.23 14.72 -37.81
CA THR A 1143 61.53 16.14 -37.85
C THR A 1143 61.11 16.70 -39.22
N THR A 1144 60.33 17.78 -39.20
CA THR A 1144 59.87 18.41 -40.41
C THR A 1144 60.44 19.82 -40.51
N LEU A 1145 60.25 20.43 -41.68
CA LEU A 1145 60.74 21.79 -41.90
C LEU A 1145 60.09 22.77 -40.93
N LYS A 1146 58.81 22.55 -40.61
CA LYS A 1146 58.11 23.42 -39.67
C LYS A 1146 58.76 23.40 -38.29
N ASN A 1147 59.40 22.29 -37.93
CA ASN A 1147 60.02 22.19 -36.60
C ASN A 1147 61.16 23.19 -36.45
N VAL A 1148 61.97 23.36 -37.50
CA VAL A 1148 63.12 24.24 -37.42
C VAL A 1148 62.86 25.64 -37.97
N THR A 1149 61.83 25.81 -38.79
CA THR A 1149 61.54 27.13 -39.35
C THR A 1149 61.07 28.09 -38.26
N SER A 1150 61.68 29.26 -38.20
CA SER A 1150 61.33 30.28 -37.23
C SER A 1150 60.34 31.30 -37.78
N ALA A 1151 60.49 31.72 -39.03
CA ALA A 1151 59.55 32.64 -39.66
C ALA A 1151 59.70 32.52 -41.16
N THR A 1152 58.64 32.91 -41.87
CA THR A 1152 58.62 32.88 -43.32
C THR A 1152 58.11 34.21 -43.84
N GLU A 1153 58.59 34.61 -45.01
CA GLU A 1153 58.26 35.90 -45.58
C GLU A 1153 58.20 35.80 -47.10
N ILE A 1154 57.45 36.70 -47.71
CA ILE A 1154 57.34 36.81 -49.16
C ILE A 1154 57.71 38.22 -49.56
N TYR A 1155 58.61 38.36 -50.53
CA TYR A 1155 59.06 39.65 -50.99
C TYR A 1155 58.89 39.77 -52.49
N TYR A 1156 58.80 41.01 -52.95
CA TYR A 1156 58.76 41.32 -54.38
C TYR A 1156 60.16 41.74 -54.82
N ASP A 1157 60.73 41.02 -55.78
CA ASP A 1157 62.09 41.28 -56.24
C ASP A 1157 62.17 40.89 -57.71
N PRO A 1158 62.18 41.88 -58.62
CA PRO A 1158 62.11 41.58 -60.05
C PRO A 1158 63.44 41.16 -60.69
N ASP A 1159 64.55 41.28 -59.98
CA ASP A 1159 65.85 40.95 -60.56
C ASP A 1159 66.33 39.61 -60.03
N PRO A 1160 66.29 38.55 -60.83
CA PRO A 1160 66.77 37.24 -60.36
C PRO A 1160 68.25 37.23 -59.99
N THR A 1161 69.05 38.09 -60.63
CA THR A 1161 70.49 38.12 -60.39
C THR A 1161 70.89 39.10 -59.29
N SER A 1162 69.94 39.76 -58.66
CA SER A 1162 70.23 40.69 -57.58
C SER A 1162 69.07 40.64 -56.60
N THR A 1163 68.97 41.63 -55.71
CA THR A 1163 67.91 41.65 -54.73
C THR A 1163 67.67 43.07 -54.24
N VAL A 1164 66.53 43.25 -53.58
CA VAL A 1164 66.21 44.54 -52.97
C VAL A 1164 66.69 44.62 -51.53
N ILE A 1165 66.59 43.52 -50.78
CA ILE A 1165 66.97 43.54 -49.37
C ILE A 1165 68.48 43.70 -49.26
N GLU A 1166 68.91 44.71 -48.50
CA GLU A 1166 70.33 44.95 -48.31
C GLU A 1166 70.97 43.88 -47.43
N GLU A 1167 70.22 43.35 -46.46
CA GLU A 1167 70.78 42.36 -45.54
C GLU A 1167 71.18 41.09 -46.28
N ASP A 1168 70.33 40.61 -47.19
CA ASP A 1168 70.60 39.41 -47.95
C ASP A 1168 71.36 39.69 -49.24
N PHE A 1169 71.65 40.96 -49.53
CA PHE A 1169 72.32 41.30 -50.78
C PHE A 1169 73.72 40.69 -50.85
N ASP A 1170 74.47 40.75 -49.74
CA ASP A 1170 75.83 40.25 -49.75
C ASP A 1170 75.87 38.75 -50.04
N THR A 1171 75.01 37.98 -49.37
CA THR A 1171 75.02 36.53 -49.55
C THR A 1171 74.62 36.14 -50.98
N VAL A 1172 73.57 36.77 -51.51
CA VAL A 1172 73.12 36.41 -52.85
C VAL A 1172 74.15 36.81 -53.89
N GLU A 1173 74.80 37.97 -53.72
CA GLU A 1173 75.81 38.38 -54.68
C GLU A 1173 77.04 37.48 -54.60
N ALA A 1174 77.41 37.05 -53.39
CA ALA A 1174 78.51 36.11 -53.25
C ALA A 1174 78.18 34.78 -53.90
N TYR A 1175 76.93 34.32 -53.75
CA TYR A 1175 76.52 33.08 -54.40
C TYR A 1175 76.57 33.21 -55.92
N PHE A 1176 76.14 34.35 -56.45
CA PHE A 1176 76.12 34.54 -57.90
C PHE A 1176 77.51 34.71 -58.48
N SER A 1177 78.51 34.97 -57.65
CA SER A 1177 79.88 35.13 -58.12
C SER A 1177 80.73 33.91 -57.79
N GLN A 1190 60.92 32.49 -64.93
CA GLN A 1190 60.85 32.64 -63.47
C GLN A 1190 59.98 33.83 -63.08
N SER A 1191 59.46 33.79 -61.85
CA SER A 1191 58.61 34.88 -61.37
C SER A 1191 59.38 35.78 -60.41
N PRO A 1192 59.06 37.09 -60.40
CA PRO A 1192 59.73 38.00 -59.47
C PRO A 1192 59.39 37.74 -58.01
N TRP A 1193 58.35 36.98 -57.73
CA TRP A 1193 57.91 36.77 -56.34
C TRP A 1193 58.95 35.97 -55.57
N LEU A 1194 59.56 36.61 -54.58
CA LEU A 1194 60.55 35.97 -53.74
C LEU A 1194 59.88 35.36 -52.51
N LEU A 1195 60.21 34.10 -52.23
CA LEU A 1195 59.73 33.42 -51.02
C LEU A 1195 60.96 33.00 -50.21
N ARG A 1196 61.12 33.60 -49.04
CA ARG A 1196 62.23 33.30 -48.15
C ARG A 1196 61.69 32.96 -46.77
N LEU A 1197 62.52 32.29 -45.98
CA LEU A 1197 62.13 31.94 -44.63
C LEU A 1197 63.39 31.76 -43.78
N GLU A 1198 63.30 32.19 -42.53
CA GLU A 1198 64.44 32.17 -41.61
C GLU A 1198 64.34 30.97 -40.68
N LEU A 1199 65.40 30.18 -40.64
CA LEU A 1199 65.47 28.99 -39.79
C LEU A 1199 66.13 29.33 -38.46
N ASP A 1200 65.55 28.82 -37.38
CA ASP A 1200 66.15 29.01 -36.06
C ASP A 1200 67.48 28.29 -35.99
N ARG A 1201 68.55 29.05 -35.79
CA ARG A 1201 69.89 28.45 -35.77
C ARG A 1201 70.05 27.49 -34.60
N ALA A 1202 69.48 27.82 -33.45
CA ALA A 1202 69.66 26.99 -32.26
C ALA A 1202 69.07 25.60 -32.45
N ARG A 1203 67.80 25.53 -32.87
CA ARG A 1203 67.18 24.23 -33.07
C ARG A 1203 67.75 23.51 -34.28
N MET A 1204 68.13 24.26 -35.32
CA MET A 1204 68.76 23.65 -36.48
C MET A 1204 70.05 22.94 -36.09
N LEU A 1205 70.86 23.58 -35.22
CA LEU A 1205 72.04 22.93 -34.69
C LEU A 1205 71.68 21.76 -33.78
N ASP A 1206 70.63 21.93 -32.96
CA ASP A 1206 70.23 20.88 -32.03
C ASP A 1206 69.80 19.62 -32.77
N LYS A 1207 69.03 19.78 -33.84
CA LYS A 1207 68.62 18.65 -34.66
C LYS A 1207 69.76 18.11 -35.53
N GLN A 1208 70.97 18.69 -35.43
CA GLN A 1208 72.14 18.21 -36.13
C GLN A 1208 71.91 18.17 -37.64
N LEU A 1209 71.27 19.20 -38.16
CA LEU A 1209 70.93 19.29 -39.57
C LEU A 1209 71.86 20.24 -40.31
N THR A 1210 71.88 20.10 -41.63
CA THR A 1210 72.72 20.90 -42.51
C THR A 1210 71.83 21.66 -43.49
N MET A 1211 72.16 22.94 -43.73
CA MET A 1211 71.41 23.74 -44.67
C MET A 1211 71.36 23.08 -46.04
N ASN A 1212 72.49 22.47 -46.45
CA ASN A 1212 72.51 21.74 -47.71
C ASN A 1212 71.50 20.60 -47.70
N GLN A 1213 71.36 19.91 -46.56
CA GLN A 1213 70.40 18.82 -46.48
C GLN A 1213 68.97 19.31 -46.66
N VAL A 1214 68.63 20.43 -46.02
CA VAL A 1214 67.29 20.99 -46.17
C VAL A 1214 67.04 21.39 -47.62
N ALA A 1215 68.01 22.05 -48.24
CA ALA A 1215 67.87 22.45 -49.63
C ALA A 1215 67.70 21.24 -50.54
N ASP A 1216 68.47 20.17 -50.28
CA ASP A 1216 68.36 18.97 -51.08
C ASP A 1216 66.99 18.33 -50.92
N LYS A 1217 66.45 18.30 -49.70
CA LYS A 1217 65.12 17.75 -49.49
C LYS A 1217 64.07 18.55 -50.25
N ILE A 1218 64.15 19.88 -50.19
CA ILE A 1218 63.20 20.71 -50.92
C ILE A 1218 63.33 20.48 -52.42
N SER A 1219 64.56 20.39 -52.93
CA SER A 1219 64.77 20.15 -54.34
C SER A 1219 64.20 18.79 -54.76
N GLU A 1220 64.42 17.77 -53.93
CA GLU A 1220 63.91 16.44 -54.27
C GLU A 1220 62.39 16.42 -54.29
N VAL A 1221 61.75 17.10 -53.34
CA VAL A 1221 60.29 17.08 -53.31
C VAL A 1221 59.68 18.00 -54.36
N PHE A 1222 60.44 18.96 -54.89
CA PHE A 1222 59.91 19.87 -55.89
C PHE A 1222 60.69 19.87 -57.20
N SER A 1223 61.57 18.88 -57.40
CA SER A 1223 62.31 18.72 -58.64
C SER A 1223 63.06 20.00 -59.02
N ASP A 1224 62.71 20.59 -60.16
CA ASP A 1224 63.30 21.85 -60.61
C ASP A 1224 62.24 22.95 -60.76
N ASP A 1225 61.11 22.80 -60.08
CA ASP A 1225 60.05 23.79 -60.15
C ASP A 1225 60.34 25.04 -59.32
N LEU A 1226 61.37 25.00 -58.48
CA LEU A 1226 61.70 26.13 -57.62
C LEU A 1226 63.21 26.27 -57.54
N PHE A 1227 63.70 27.49 -57.75
CA PHE A 1227 65.12 27.79 -57.61
C PHE A 1227 65.39 28.19 -56.17
N VAL A 1228 66.37 27.53 -55.55
CA VAL A 1228 66.58 27.64 -54.10
C VAL A 1228 68.01 28.08 -53.84
N MET A 1229 68.17 29.08 -52.97
CA MET A 1229 69.46 29.50 -52.47
C MET A 1229 69.42 29.51 -50.95
N TRP A 1230 70.53 29.10 -50.34
CA TRP A 1230 70.60 29.02 -48.89
C TRP A 1230 71.85 29.72 -48.38
N SER A 1231 71.69 30.43 -47.27
CA SER A 1231 72.81 31.13 -46.66
C SER A 1231 73.79 30.12 -46.05
N GLU A 1232 75.04 30.57 -45.90
CA GLU A 1232 76.04 29.72 -45.28
C GLU A 1232 75.80 29.62 -43.78
N ASP A 1233 76.44 28.63 -43.16
CA ASP A 1233 76.31 28.43 -41.73
C ASP A 1233 76.96 29.55 -40.93
N ASN A 1234 77.89 30.30 -41.52
CA ASN A 1234 78.56 31.38 -40.81
C ASN A 1234 77.79 32.69 -40.87
N ALA A 1235 76.66 32.73 -41.55
CA ALA A 1235 75.86 33.95 -41.59
C ALA A 1235 75.26 34.23 -40.20
N ASP A 1236 74.97 35.51 -39.95
CA ASP A 1236 74.39 35.90 -38.67
C ASP A 1236 73.05 35.22 -38.45
N LYS A 1237 72.20 35.18 -39.48
CA LYS A 1237 70.91 34.52 -39.42
C LYS A 1237 70.84 33.48 -40.53
N LEU A 1238 70.42 32.27 -40.17
CA LEU A 1238 70.30 31.19 -41.14
C LEU A 1238 69.03 31.41 -41.96
N ILE A 1239 69.20 31.72 -43.25
CA ILE A 1239 68.08 32.00 -44.14
C ILE A 1239 68.22 31.16 -45.40
N ILE A 1240 67.09 30.89 -46.03
CA ILE A 1240 67.04 30.16 -47.30
C ILE A 1240 66.01 30.85 -48.19
N ARG A 1241 66.37 31.05 -49.45
CA ARG A 1241 65.53 31.80 -50.37
C ARG A 1241 65.05 30.89 -51.50
N CYS A 1242 63.87 31.19 -52.02
CA CYS A 1242 63.26 30.38 -53.06
C CYS A 1242 62.58 31.28 -54.07
N ARG A 1243 62.42 30.77 -55.29
CA ARG A 1243 61.78 31.51 -56.37
C ARG A 1243 61.03 30.55 -57.28
N VAL A 1244 59.90 31.01 -57.80
CA VAL A 1244 59.11 30.22 -58.74
C VAL A 1244 59.72 30.37 -60.12
N ILE A 1245 59.81 29.24 -60.85
CA ILE A 1245 60.35 29.26 -62.20
C ILE A 1245 59.23 29.12 -63.22
N GLU A 1258 48.42 36.75 -61.50
CA GLU A 1258 48.19 36.67 -60.06
C GLU A 1258 48.68 35.33 -59.51
N GLU A 1259 49.82 35.37 -58.79
CA GLU A 1259 50.40 34.18 -58.21
C GLU A 1259 50.67 34.29 -56.72
N ASP A 1260 50.24 35.39 -56.08
CA ASP A 1260 50.48 35.55 -54.65
C ASP A 1260 49.76 34.48 -53.83
N GLN A 1261 48.50 34.21 -54.18
CA GLN A 1261 47.76 33.17 -53.48
C GLN A 1261 48.36 31.79 -53.75
N MET A 1262 48.80 31.55 -54.98
CA MET A 1262 49.48 30.29 -55.29
C MET A 1262 50.75 30.14 -54.48
N LEU A 1263 51.52 31.23 -54.36
CA LEU A 1263 52.74 31.19 -53.55
C LEU A 1263 52.42 30.92 -52.08
N LYS A 1264 51.35 31.53 -51.56
CA LYS A 1264 50.96 31.29 -50.18
C LYS A 1264 50.57 29.83 -49.96
N ARG A 1265 49.82 29.26 -50.91
CA ARG A 1265 49.44 27.86 -50.80
C ARG A 1265 50.67 26.95 -50.85
N ILE A 1266 51.62 27.28 -51.73
CA ILE A 1266 52.84 26.48 -51.82
C ILE A 1266 53.64 26.58 -50.52
N GLU A 1267 53.70 27.78 -49.93
CA GLU A 1267 54.38 27.96 -48.66
C GLU A 1267 53.72 27.15 -47.56
N ALA A 1268 52.39 27.14 -47.51
CA ALA A 1268 51.69 26.33 -46.53
C ALA A 1268 51.98 24.85 -46.71
N HIS A 1269 51.97 24.39 -47.96
CA HIS A 1269 52.30 23.00 -48.26
C HIS A 1269 53.72 22.67 -47.82
N MET A 1270 54.66 23.58 -48.06
CA MET A 1270 56.05 23.41 -47.64
C MET A 1270 56.13 23.25 -46.13
N LEU A 1271 55.55 24.18 -45.38
CA LEU A 1271 55.53 24.05 -43.93
C LEU A 1271 54.78 22.80 -43.47
N ASP A 1272 53.90 22.28 -44.31
CA ASP A 1272 53.07 21.14 -43.91
C ASP A 1272 53.82 19.82 -44.01
N LEU A 1273 54.24 19.43 -45.22
CA LEU A 1273 54.63 18.05 -45.45
C LEU A 1273 56.07 17.87 -45.89
N ILE A 1274 56.96 18.81 -45.60
CA ILE A 1274 58.37 18.62 -45.91
C ILE A 1274 58.99 17.86 -44.75
N ALA A 1275 59.34 16.60 -44.98
CA ALA A 1275 59.92 15.73 -43.96
C ALA A 1275 61.44 15.73 -44.11
N LEU A 1276 62.14 16.15 -43.06
CA LEU A 1276 63.58 16.21 -43.12
C LEU A 1276 64.21 14.84 -42.86
N ARG A 1277 63.94 14.25 -41.69
CA ARG A 1277 64.45 12.94 -41.38
C ARG A 1277 63.64 12.35 -40.25
N GLY A 1278 63.74 11.04 -40.11
CA GLY A 1278 63.08 10.32 -39.04
C GLY A 1278 61.88 9.53 -39.53
N ILE A 1279 61.41 8.63 -38.68
CA ILE A 1279 60.26 7.79 -39.00
C ILE A 1279 58.98 8.61 -38.82
N PRO A 1280 58.11 8.67 -39.83
CA PRO A 1280 56.85 9.40 -39.65
C PRO A 1280 56.00 8.80 -38.54
N GLY A 1281 55.34 9.67 -37.79
CA GLY A 1281 54.48 9.26 -36.71
C GLY A 1281 55.15 9.17 -35.35
N ILE A 1282 56.47 9.30 -35.29
CA ILE A 1282 57.21 9.24 -34.02
C ILE A 1282 57.48 10.68 -33.61
N SER A 1283 56.62 11.23 -32.76
CA SER A 1283 56.72 12.65 -32.43
C SER A 1283 57.91 12.92 -31.51
N LYS A 1284 58.11 12.08 -30.49
CA LYS A 1284 59.14 12.32 -29.50
C LYS A 1284 59.83 10.99 -29.18
N VAL A 1285 61.10 11.07 -28.77
CA VAL A 1285 61.88 9.92 -28.36
C VAL A 1285 62.64 10.26 -27.10
N TYR A 1286 62.65 9.34 -26.14
CA TYR A 1286 63.35 9.52 -24.89
C TYR A 1286 64.39 8.44 -24.69
N MET A 1287 65.49 8.79 -24.05
CA MET A 1287 66.48 7.81 -23.62
C MET A 1287 66.12 7.29 -22.24
N VAL A 1288 66.12 5.98 -22.08
CA VAL A 1288 65.72 5.35 -20.84
C VAL A 1288 66.75 4.29 -20.47
N LYS A 1289 67.08 4.21 -19.19
CA LYS A 1289 68.00 3.19 -18.69
C LYS A 1289 67.20 2.01 -18.15
N HIS A 1290 67.55 0.81 -18.58
CA HIS A 1290 66.86 -0.41 -18.19
C HIS A 1290 67.80 -1.31 -17.39
N LYS A 1291 67.31 -1.85 -16.29
CA LYS A 1291 68.05 -2.80 -15.48
C LYS A 1291 67.64 -4.21 -15.87
N VAL A 1292 68.60 -5.00 -16.35
CA VAL A 1292 68.35 -6.37 -16.79
C VAL A 1292 69.29 -7.30 -16.02
N SER A 1293 68.75 -8.41 -15.55
CA SER A 1293 69.53 -9.42 -14.85
C SER A 1293 70.00 -10.45 -15.86
N VAL A 1294 71.32 -10.55 -16.03
CA VAL A 1294 71.89 -11.45 -17.02
C VAL A 1294 72.89 -12.36 -16.32
N PRO A 1295 72.93 -13.65 -16.64
CA PRO A 1295 73.93 -14.54 -16.01
C PRO A 1295 75.35 -14.07 -16.35
N ASP A 1296 76.23 -14.19 -15.36
CA ASP A 1296 77.60 -13.75 -15.48
C ASP A 1296 78.42 -14.84 -16.16
N GLU A 1297 79.74 -14.65 -16.24
CA GLU A 1297 80.59 -15.71 -16.79
C GLU A 1297 80.69 -16.90 -15.85
N SER A 1298 80.37 -16.72 -14.57
CA SER A 1298 80.35 -17.82 -13.60
C SER A 1298 78.98 -18.44 -13.45
N GLY A 1299 77.98 -17.98 -14.20
CA GLY A 1299 76.62 -18.45 -14.06
C GLY A 1299 75.78 -17.68 -13.08
N GLU A 1300 76.38 -16.78 -12.30
CA GLU A 1300 75.64 -15.98 -11.35
C GLU A 1300 74.85 -14.90 -12.08
N TYR A 1301 73.67 -14.59 -11.55
CA TYR A 1301 72.85 -13.53 -12.11
C TYR A 1301 73.25 -12.19 -11.50
N LYS A 1302 73.61 -11.24 -12.35
CA LYS A 1302 74.03 -9.92 -11.91
C LYS A 1302 73.28 -8.85 -12.69
N ASN A 1303 72.89 -7.80 -11.99
CA ASN A 1303 72.15 -6.71 -12.63
C ASN A 1303 73.05 -5.94 -13.58
N GLU A 1304 72.44 -5.29 -14.56
CA GLU A 1304 73.16 -4.57 -15.58
C GLU A 1304 72.29 -3.47 -16.13
N GLU A 1305 72.89 -2.34 -16.45
CA GLU A 1305 72.17 -1.17 -16.96
C GLU A 1305 72.45 -1.03 -18.45
N LEU A 1306 71.39 -0.81 -19.22
CA LEU A 1306 71.50 -0.65 -20.67
C LEU A 1306 70.61 0.50 -21.10
N TRP A 1307 70.92 1.05 -22.28
CA TRP A 1307 70.19 2.17 -22.83
C TRP A 1307 69.15 1.68 -23.83
N ALA A 1308 67.95 2.25 -23.76
CA ALA A 1308 66.88 1.94 -24.69
C ALA A 1308 66.08 3.20 -24.93
N LEU A 1309 65.29 3.18 -26.00
CA LEU A 1309 64.49 4.33 -26.39
C LEU A 1309 63.01 4.06 -26.17
N GLU A 1310 62.29 5.07 -25.73
CA GLU A 1310 60.84 5.02 -25.62
C GLU A 1310 60.27 6.22 -26.37
N THR A 1311 59.28 5.97 -27.22
CA THR A 1311 58.79 6.99 -28.13
C THR A 1311 57.37 7.39 -27.78
N ASP A 1312 56.87 8.40 -28.48
CA ASP A 1312 55.47 8.79 -28.48
C ASP A 1312 54.94 8.60 -29.89
N GLY A 1313 53.80 7.93 -30.01
CA GLY A 1313 53.32 7.50 -31.30
C GLY A 1313 53.95 6.17 -31.69
N ILE A 1314 53.28 5.47 -32.61
CA ILE A 1314 53.64 4.10 -32.94
C ILE A 1314 53.85 3.98 -34.44
N ASN A 1315 54.98 3.39 -34.83
CA ASN A 1315 55.17 2.87 -36.18
C ASN A 1315 56.11 1.68 -36.04
N LEU A 1316 55.53 0.50 -35.85
CA LEU A 1316 56.33 -0.66 -35.48
C LEU A 1316 57.14 -1.19 -36.66
N ALA A 1317 56.50 -1.29 -37.82
CA ALA A 1317 57.15 -1.89 -38.98
C ALA A 1317 58.36 -1.06 -39.41
N GLU A 1318 58.22 0.26 -39.42
CA GLU A 1318 59.32 1.11 -39.86
C GLU A 1318 60.45 1.16 -38.83
N VAL A 1319 60.10 1.28 -37.55
CA VAL A 1319 61.13 1.39 -36.52
C VAL A 1319 61.90 0.08 -36.41
N MET A 1320 61.22 -1.05 -36.61
CA MET A 1320 61.91 -2.35 -36.53
C MET A 1320 63.00 -2.47 -37.59
N ALA A 1321 62.89 -1.72 -38.68
CA ALA A 1321 63.82 -1.83 -39.80
C ALA A 1321 64.99 -0.87 -39.69
N VAL A 1322 65.02 0.01 -38.71
CA VAL A 1322 66.10 0.98 -38.58
C VAL A 1322 67.39 0.24 -38.20
N PRO A 1323 68.49 0.44 -38.91
CA PRO A 1323 69.75 -0.20 -38.52
C PRO A 1323 70.20 0.27 -37.14
N GLY A 1324 70.80 -0.65 -36.40
CA GLY A 1324 71.19 -0.38 -35.02
C GLY A 1324 70.12 -0.66 -34.00
N VAL A 1325 68.93 -1.06 -34.43
CA VAL A 1325 67.82 -1.38 -33.54
C VAL A 1325 67.71 -2.89 -33.43
N ASP A 1326 67.56 -3.39 -32.21
CA ASP A 1326 67.35 -4.81 -32.00
C ASP A 1326 65.95 -5.17 -32.47
N SER A 1327 65.83 -5.60 -33.72
CA SER A 1327 64.53 -5.85 -34.32
C SER A 1327 63.81 -7.05 -33.72
N SER A 1328 64.51 -7.89 -32.97
CA SER A 1328 63.89 -9.07 -32.38
C SER A 1328 63.29 -8.79 -31.02
N ARG A 1329 63.32 -7.56 -30.52
CA ARG A 1329 62.76 -7.24 -29.22
C ARG A 1329 61.93 -5.96 -29.21
N THR A 1330 61.76 -5.29 -30.34
CA THR A 1330 60.95 -4.08 -30.36
C THR A 1330 59.52 -4.41 -29.97
N TYR A 1331 58.95 -3.59 -29.09
CA TYR A 1331 57.66 -3.86 -28.49
C TYR A 1331 56.79 -2.60 -28.52
N SER A 1332 55.48 -2.81 -28.62
CA SER A 1332 54.52 -1.71 -28.65
C SER A 1332 53.39 -2.00 -27.68
N ASN A 1333 52.80 -0.95 -27.15
CA ASN A 1333 51.68 -1.10 -26.22
C ASN A 1333 50.33 -1.05 -26.92
N SER A 1334 50.30 -0.95 -28.24
CA SER A 1334 49.08 -1.01 -29.03
C SER A 1334 49.06 -2.35 -29.74
N PHE A 1335 48.31 -3.30 -29.19
CA PHE A 1335 48.32 -4.66 -29.73
C PHE A 1335 47.57 -4.79 -31.05
N VAL A 1336 46.85 -3.77 -31.49
CA VAL A 1336 46.30 -3.80 -32.85
C VAL A 1336 47.43 -3.78 -33.88
N GLU A 1337 48.42 -2.91 -33.66
CA GLU A 1337 49.59 -2.90 -34.53
C GLU A 1337 50.39 -4.18 -34.40
N ILE A 1338 50.49 -4.73 -33.18
CA ILE A 1338 51.15 -6.01 -32.99
C ILE A 1338 50.46 -7.09 -33.81
N LEU A 1339 49.11 -7.07 -33.84
CA LEU A 1339 48.39 -8.03 -34.64
C LEU A 1339 48.66 -7.82 -36.13
N SER A 1340 48.73 -6.57 -36.56
CA SER A 1340 48.95 -6.30 -37.98
C SER A 1340 50.36 -6.63 -38.42
N VAL A 1341 51.32 -6.68 -37.49
CA VAL A 1341 52.73 -6.85 -37.82
C VAL A 1341 53.22 -8.27 -37.54
N LEU A 1342 53.07 -8.74 -36.30
CA LEU A 1342 53.74 -9.95 -35.84
C LEU A 1342 52.83 -11.18 -35.79
N GLY A 1343 51.53 -11.02 -35.96
CA GLY A 1343 50.64 -12.16 -35.95
C GLY A 1343 49.67 -12.15 -34.78
N ILE A 1344 49.19 -13.33 -34.43
CA ILE A 1344 48.14 -13.46 -33.43
C ILE A 1344 48.71 -13.98 -32.12
N GLU A 1345 49.74 -14.83 -32.18
CA GLU A 1345 50.36 -15.30 -30.94
C GLU A 1345 51.10 -14.17 -30.23
N ALA A 1346 51.81 -13.35 -31.00
CA ALA A 1346 52.42 -12.16 -30.41
C ALA A 1346 51.36 -11.23 -29.83
N THR A 1347 50.20 -11.14 -30.48
CA THR A 1347 49.11 -10.36 -29.93
C THR A 1347 48.64 -10.92 -28.61
N ARG A 1348 48.56 -12.25 -28.51
CA ARG A 1348 48.17 -12.88 -27.25
C ARG A 1348 49.15 -12.52 -26.14
N SER A 1349 50.44 -12.65 -26.41
CA SER A 1349 51.44 -12.33 -25.40
C SER A 1349 51.40 -10.86 -25.02
N SER A 1350 51.28 -9.97 -25.99
CA SER A 1350 51.24 -8.53 -25.70
C SER A 1350 50.00 -8.17 -24.89
N LEU A 1351 48.86 -8.77 -25.24
CA LEU A 1351 47.62 -8.52 -24.51
C LEU A 1351 47.75 -8.96 -23.06
N TYR A 1352 48.33 -10.15 -22.84
CA TYR A 1352 48.55 -10.59 -21.46
C TYR A 1352 49.47 -9.63 -20.72
N LYS A 1353 50.54 -9.17 -21.39
CA LYS A 1353 51.47 -8.27 -20.73
C LYS A 1353 50.80 -6.96 -20.34
N GLU A 1354 49.97 -6.41 -21.23
CA GLU A 1354 49.27 -5.17 -20.92
C GLU A 1354 48.29 -5.34 -19.76
N ILE A 1355 47.53 -6.44 -19.77
CA ILE A 1355 46.58 -6.67 -18.70
C ILE A 1355 47.30 -6.82 -17.36
N LEU A 1356 48.38 -7.60 -17.34
CA LEU A 1356 49.14 -7.78 -16.11
C LEU A 1356 49.74 -6.46 -15.64
N ASN A 1357 50.20 -5.62 -16.57
CA ASN A 1357 50.73 -4.33 -16.22
C ASN A 1357 49.66 -3.47 -15.55
N VAL A 1358 48.44 -3.50 -16.08
CA VAL A 1358 47.36 -2.71 -15.48
C VAL A 1358 47.04 -3.23 -14.08
N ILE A 1359 46.94 -4.54 -13.92
CA ILE A 1359 46.51 -5.10 -12.65
C ILE A 1359 47.57 -4.92 -11.57
N ALA A 1360 48.83 -5.18 -11.92
CA ALA A 1360 49.90 -5.24 -10.92
C ALA A 1360 50.52 -3.89 -10.62
N PHE A 1361 50.02 -2.81 -11.21
CA PHE A 1361 50.59 -1.50 -10.94
C PHE A 1361 50.44 -1.13 -9.46
N ASP A 1362 49.27 -1.38 -8.88
CA ASP A 1362 49.00 -1.06 -7.49
C ASP A 1362 49.40 -2.19 -6.54
N GLY A 1363 50.26 -3.10 -6.98
CA GLY A 1363 50.75 -4.17 -6.14
C GLY A 1363 49.83 -5.37 -6.02
N SER A 1364 48.66 -5.34 -6.67
CA SER A 1364 47.74 -6.46 -6.59
C SER A 1364 48.29 -7.65 -7.37
N TYR A 1365 47.80 -8.84 -7.04
CA TYR A 1365 48.22 -10.06 -7.69
C TYR A 1365 46.99 -10.88 -8.06
N VAL A 1366 46.90 -11.27 -9.32
CA VAL A 1366 45.86 -12.16 -9.81
C VAL A 1366 46.54 -13.36 -10.45
N ASN A 1367 46.02 -14.55 -10.16
CA ASN A 1367 46.64 -15.77 -10.64
C ASN A 1367 46.74 -15.76 -12.16
N TYR A 1368 47.73 -16.49 -12.68
CA TYR A 1368 48.01 -16.43 -14.11
C TYR A 1368 46.88 -17.03 -14.93
N ARG A 1369 46.27 -18.11 -14.45
CA ARG A 1369 45.33 -18.86 -15.29
C ARG A 1369 44.12 -18.04 -15.66
N HIS A 1370 43.70 -17.10 -14.80
CA HIS A 1370 42.53 -16.29 -15.12
C HIS A 1370 42.80 -15.35 -16.29
N MET A 1371 43.92 -14.63 -16.24
CA MET A 1371 44.27 -13.74 -17.35
C MET A 1371 44.59 -14.54 -18.60
N ALA A 1372 45.18 -15.72 -18.43
CA ALA A 1372 45.42 -16.58 -19.59
C ALA A 1372 44.11 -16.97 -20.26
N LEU A 1373 43.10 -17.33 -19.47
CA LEU A 1373 41.80 -17.65 -20.04
C LEU A 1373 41.18 -16.45 -20.75
N LEU A 1374 41.29 -15.27 -20.14
CA LEU A 1374 40.70 -14.08 -20.76
C LEU A 1374 41.36 -13.78 -22.11
N VAL A 1375 42.69 -13.78 -22.15
CA VAL A 1375 43.36 -13.45 -23.41
C VAL A 1375 43.29 -14.58 -24.41
N ASP A 1376 43.01 -15.81 -23.97
CA ASP A 1376 42.75 -16.87 -24.93
C ASP A 1376 41.36 -16.76 -25.52
N VAL A 1377 40.40 -16.24 -24.75
CA VAL A 1377 39.08 -15.98 -25.30
C VAL A 1377 39.11 -14.82 -26.28
N MET A 1378 39.85 -13.76 -25.96
CA MET A 1378 39.85 -12.59 -26.82
C MET A 1378 40.52 -12.84 -28.17
N THR A 1379 41.39 -13.84 -28.28
CA THR A 1379 42.14 -14.08 -29.52
C THR A 1379 41.92 -15.48 -30.06
N SER A 1380 40.77 -16.08 -29.81
CA SER A 1380 40.54 -17.45 -30.24
C SER A 1380 40.00 -17.55 -31.66
N ARG A 1381 39.51 -16.46 -32.22
CA ARG A 1381 38.91 -16.48 -33.55
C ARG A 1381 39.87 -16.08 -34.65
N GLY A 1382 41.14 -15.85 -34.33
CA GLY A 1382 42.09 -15.34 -35.30
C GLY A 1382 42.20 -13.83 -35.34
N TYR A 1383 41.32 -13.13 -34.64
CA TYR A 1383 41.36 -11.67 -34.58
C TYR A 1383 40.94 -11.24 -33.19
N LEU A 1384 41.22 -9.98 -32.87
CA LEU A 1384 40.89 -9.46 -31.55
C LEU A 1384 39.38 -9.28 -31.43
N MET A 1385 38.80 -9.99 -30.47
CA MET A 1385 37.36 -9.94 -30.21
C MET A 1385 37.13 -9.05 -28.99
N ALA A 1386 36.65 -7.84 -29.22
CA ALA A 1386 36.43 -6.91 -28.12
C ALA A 1386 35.32 -7.42 -27.20
N ILE A 1387 35.44 -7.06 -25.92
CA ILE A 1387 34.41 -7.45 -24.94
C ILE A 1387 33.37 -6.35 -24.96
N THR A 1388 32.52 -6.39 -25.98
CA THR A 1388 31.38 -5.50 -26.15
C THR A 1388 30.30 -6.28 -26.89
N ARG A 1389 29.20 -5.60 -27.19
CA ARG A 1389 28.15 -6.26 -27.96
C ARG A 1389 28.63 -6.57 -29.38
N HIS A 1390 29.45 -5.69 -29.96
CA HIS A 1390 29.97 -5.94 -31.29
C HIS A 1390 30.97 -7.08 -31.35
N GLY A 1391 31.49 -7.52 -30.21
CA GLY A 1391 32.37 -8.68 -30.19
C GLY A 1391 31.68 -9.95 -29.76
N ILE A 1392 30.92 -9.88 -28.67
CA ILE A 1392 30.29 -11.07 -28.13
C ILE A 1392 29.09 -11.50 -28.97
N ASN A 1393 28.23 -10.54 -29.33
CA ASN A 1393 27.00 -10.88 -30.03
C ASN A 1393 27.22 -11.28 -31.49
N ARG A 1394 28.43 -11.11 -32.01
CA ARG A 1394 28.73 -11.54 -33.38
C ARG A 1394 29.31 -12.95 -33.43
N ALA A 1395 28.96 -13.80 -32.48
CA ALA A 1395 29.37 -15.19 -32.47
C ALA A 1395 28.23 -16.06 -32.99
N ASP A 1396 28.43 -17.37 -32.98
CA ASP A 1396 27.42 -18.32 -33.43
C ASP A 1396 26.65 -18.94 -32.27
N THR A 1397 26.75 -18.36 -31.08
CA THR A 1397 26.05 -18.89 -29.92
C THR A 1397 24.54 -18.76 -30.10
N GLY A 1398 23.82 -19.37 -29.16
CA GLY A 1398 22.37 -19.39 -29.26
C GLY A 1398 21.78 -18.00 -29.18
N ALA A 1399 20.64 -17.82 -29.86
CA ALA A 1399 19.99 -16.52 -29.87
C ALA A 1399 19.50 -16.13 -28.48
N LEU A 1400 18.99 -17.09 -27.72
CA LEU A 1400 18.51 -16.80 -26.37
C LEU A 1400 19.66 -16.37 -25.46
N MET A 1401 20.83 -16.98 -25.61
CA MET A 1401 21.98 -16.55 -24.82
C MET A 1401 22.44 -15.16 -25.21
N ARG A 1402 22.46 -14.86 -26.51
CA ARG A 1402 22.95 -13.57 -26.97
C ARG A 1402 21.99 -12.44 -26.61
N CYS A 1403 20.68 -12.69 -26.68
CA CYS A 1403 19.71 -11.64 -26.42
C CYS A 1403 19.66 -11.24 -24.96
N SER A 1404 20.16 -12.08 -24.06
CA SER A 1404 20.13 -11.76 -22.64
C SER A 1404 21.17 -10.73 -22.24
N PHE A 1405 22.12 -10.40 -23.13
CA PHE A 1405 23.17 -9.45 -22.78
C PHE A 1405 22.78 -8.04 -23.22
N GLU A 1406 22.62 -7.81 -24.52
CA GLU A 1406 22.28 -6.50 -25.05
C GLU A 1406 21.59 -6.70 -26.40
N GLU A 1407 20.87 -5.67 -26.83
CA GLU A 1407 20.14 -5.68 -28.10
C GLU A 1407 19.19 -6.86 -28.18
N THR A 1408 18.31 -6.95 -27.18
CA THR A 1408 17.46 -8.13 -27.07
C THR A 1408 16.47 -8.23 -28.25
N VAL A 1409 15.74 -7.14 -28.51
CA VAL A 1409 14.67 -7.21 -29.49
C VAL A 1409 15.23 -7.34 -30.90
N GLU A 1410 16.29 -6.61 -31.20
CA GLU A 1410 16.92 -6.71 -32.52
C GLU A 1410 17.47 -8.11 -32.75
N ILE A 1411 18.11 -8.69 -31.74
CA ILE A 1411 18.61 -10.06 -31.86
C ILE A 1411 17.46 -11.02 -32.10
N LEU A 1412 16.35 -10.83 -31.39
CA LEU A 1412 15.22 -11.75 -31.56
C LEU A 1412 14.61 -11.64 -32.95
N PHE A 1413 14.47 -10.42 -33.49
CA PHE A 1413 13.99 -10.29 -34.87
C PHE A 1413 14.96 -10.92 -35.86
N GLU A 1414 16.27 -10.71 -35.68
CA GLU A 1414 17.23 -11.29 -36.60
C GLU A 1414 17.20 -12.81 -36.55
N ALA A 1415 17.03 -13.37 -35.35
CA ALA A 1415 16.91 -14.81 -35.23
C ALA A 1415 15.65 -15.32 -35.89
N GLY A 1416 14.54 -14.61 -35.72
CA GLY A 1416 13.29 -15.05 -36.35
C GLY A 1416 13.34 -15.00 -37.86
N ALA A 1417 13.89 -13.91 -38.41
CA ALA A 1417 13.94 -13.76 -39.86
C ALA A 1417 14.89 -14.78 -40.48
N ALA A 1418 15.97 -15.12 -39.79
CA ALA A 1418 16.94 -16.07 -40.31
C ALA A 1418 16.67 -17.50 -39.87
N ALA A 1419 15.57 -17.74 -39.14
CA ALA A 1419 15.19 -19.08 -38.69
C ALA A 1419 16.32 -19.75 -37.92
N GLU A 1420 16.93 -19.01 -37.00
CA GLU A 1420 18.03 -19.54 -36.20
C GLU A 1420 17.54 -20.68 -35.32
N LEU A 1421 18.42 -21.65 -35.08
CA LEU A 1421 18.13 -22.77 -34.20
C LEU A 1421 19.05 -22.69 -32.99
N ASP A 1422 18.45 -22.71 -31.81
CA ASP A 1422 19.18 -22.68 -30.56
C ASP A 1422 19.19 -24.09 -29.97
N ASP A 1423 20.38 -24.61 -29.69
CA ASP A 1423 20.52 -25.98 -29.20
C ASP A 1423 20.44 -26.09 -27.69
N CYS A 1424 20.25 -24.97 -27.00
CA CYS A 1424 20.06 -24.96 -25.54
C CYS A 1424 21.21 -25.66 -24.81
N ARG A 1425 22.43 -25.41 -25.28
CA ARG A 1425 23.62 -25.96 -24.63
C ARG A 1425 24.25 -25.00 -23.64
N GLY A 1426 23.94 -23.71 -23.73
CA GLY A 1426 24.52 -22.72 -22.84
C GLY A 1426 23.88 -22.77 -21.47
N VAL A 1427 24.40 -21.90 -20.60
CA VAL A 1427 23.88 -21.83 -19.23
C VAL A 1427 22.75 -20.83 -19.12
N SER A 1428 22.79 -19.74 -19.90
CA SER A 1428 21.71 -18.76 -19.85
C SER A 1428 20.41 -19.35 -20.40
N GLU A 1429 20.51 -20.14 -21.47
CA GLU A 1429 19.31 -20.77 -22.03
C GLU A 1429 18.65 -21.68 -21.02
N ASN A 1430 19.44 -22.48 -20.30
CA ASN A 1430 18.86 -23.39 -19.33
C ASN A 1430 18.39 -22.67 -18.07
N VAL A 1431 19.01 -21.54 -17.75
CA VAL A 1431 18.55 -20.76 -16.60
C VAL A 1431 17.20 -20.13 -16.90
N MET A 1432 17.05 -19.54 -18.08
CA MET A 1432 15.79 -18.87 -18.39
C MET A 1432 14.67 -19.83 -18.78
N LEU A 1433 14.98 -21.12 -18.92
CA LEU A 1433 13.94 -22.12 -19.14
C LEU A 1433 13.70 -23.00 -17.91
N GLY A 1434 14.32 -22.67 -16.79
CA GLY A 1434 14.13 -23.42 -15.56
C GLY A 1434 14.55 -24.87 -15.67
N GLN A 1435 15.74 -25.11 -16.20
CA GLN A 1435 16.26 -26.46 -16.37
C GLN A 1435 17.61 -26.58 -15.70
N LEU A 1436 18.04 -27.82 -15.50
CA LEU A 1436 19.34 -28.10 -14.91
C LEU A 1436 20.42 -27.77 -15.93
N ALA A 1437 21.17 -26.70 -15.68
CA ALA A 1437 22.21 -26.30 -16.60
C ALA A 1437 23.32 -27.35 -16.67
N PRO A 1438 23.95 -27.51 -17.82
CA PRO A 1438 25.06 -28.48 -17.96
C PRO A 1438 26.36 -27.95 -17.35
N MET A 1439 26.31 -27.64 -16.06
CA MET A 1439 27.43 -27.05 -15.35
C MET A 1439 27.52 -27.70 -13.99
N GLY A 1440 28.70 -27.63 -13.39
CA GLY A 1440 28.89 -28.07 -12.02
C GLY A 1440 28.30 -29.43 -11.73
N THR A 1441 27.28 -29.46 -10.87
CA THR A 1441 26.63 -30.71 -10.52
C THR A 1441 25.68 -31.20 -11.60
N GLY A 1442 25.43 -30.40 -12.63
CA GLY A 1442 24.58 -30.80 -13.74
C GLY A 1442 25.34 -31.21 -14.98
N ALA A 1443 26.64 -31.49 -14.88
CA ALA A 1443 27.48 -31.82 -16.02
C ALA A 1443 27.53 -33.31 -16.29
N PHE A 1444 26.62 -34.08 -15.73
CA PHE A 1444 26.61 -35.53 -15.88
C PHE A 1444 25.21 -36.02 -15.57
N ASP A 1445 25.04 -37.33 -15.61
CA ASP A 1445 23.76 -37.96 -15.31
C ASP A 1445 23.97 -39.08 -14.30
N VAL A 1446 22.94 -39.31 -13.49
CA VAL A 1446 22.97 -40.37 -12.49
C VAL A 1446 21.98 -41.44 -12.94
N MET A 1447 22.47 -42.67 -13.07
CA MET A 1447 21.65 -43.82 -13.42
C MET A 1447 21.53 -44.74 -12.22
N ILE A 1448 20.63 -45.71 -12.33
CA ILE A 1448 20.37 -46.65 -11.25
C ILE A 1448 21.07 -47.97 -11.58
N ASP A 1449 21.85 -48.47 -10.63
CA ASP A 1449 22.73 -49.62 -10.85
C ASP A 1449 21.97 -50.89 -10.51
N GLU A 1450 21.29 -51.46 -11.51
CA GLU A 1450 20.54 -52.68 -11.29
C GLU A 1450 21.46 -53.86 -10.97
N LYS A 1451 22.72 -53.79 -11.37
CA LYS A 1451 23.65 -54.86 -11.04
C LYS A 1451 24.02 -54.84 -9.56
N LEU A 1452 24.31 -53.66 -9.02
CA LEU A 1452 24.72 -53.58 -7.61
C LEU A 1452 23.57 -53.87 -6.67
N LEU A 1453 22.34 -53.54 -7.06
CA LEU A 1453 21.20 -53.78 -6.19
C LEU A 1453 20.90 -55.25 -6.01
N THR A 1454 21.53 -56.13 -6.79
CA THR A 1454 21.31 -57.56 -6.64
C THR A 1454 21.91 -58.12 -5.35
N SER A 1455 22.75 -57.35 -4.66
CA SER A 1455 23.31 -57.80 -3.39
C SER A 1455 22.26 -57.83 -2.30
N ASP B 9 41.15 54.79 19.25
CA ASP B 9 39.97 54.02 19.63
C ASP B 9 40.39 52.79 20.45
N ASP B 10 39.65 51.70 20.26
CA ASP B 10 39.97 50.43 20.92
C ASP B 10 39.87 49.32 19.90
N THR B 11 40.61 48.24 20.15
CA THR B 11 40.67 47.14 19.21
C THR B 11 39.36 46.37 19.18
N ILE B 12 39.16 45.64 18.07
CA ILE B 12 37.98 44.81 17.87
C ILE B 12 38.37 43.36 18.11
N THR B 13 37.66 42.68 19.01
CA THR B 13 37.95 41.31 19.36
C THR B 13 36.97 40.38 18.65
N THR B 14 37.12 39.08 18.93
CA THR B 14 36.22 38.10 18.33
C THR B 14 34.79 38.26 18.85
N GLU B 15 34.64 38.62 20.12
CA GLU B 15 33.31 38.78 20.69
C GLU B 15 32.53 39.88 19.98
N ASP B 16 33.22 40.92 19.51
CA ASP B 16 32.55 41.96 18.75
C ASP B 16 32.10 41.44 17.39
N CYS B 17 32.91 40.58 16.78
CA CYS B 17 32.49 39.94 15.53
C CYS B 17 31.23 39.12 15.74
N TRP B 18 31.16 38.41 16.87
CA TRP B 18 29.95 37.64 17.14
C TRP B 18 28.76 38.52 17.48
N THR B 19 29.01 39.69 18.07
CA THR B 19 27.93 40.66 18.25
C THR B 19 27.37 41.13 16.91
N VAL B 20 28.26 41.40 15.95
CA VAL B 20 27.81 41.81 14.63
C VAL B 20 27.03 40.70 13.95
N ILE B 21 27.51 39.46 14.06
CA ILE B 21 26.80 38.33 13.45
C ILE B 21 25.43 38.15 14.10
N SER B 22 25.35 38.36 15.41
CA SER B 22 24.06 38.30 16.09
C SER B 22 23.11 39.36 15.56
N ALA B 23 23.62 40.57 15.31
CA ALA B 23 22.78 41.59 14.70
C ALA B 23 22.28 41.17 13.33
N PHE B 24 23.18 40.58 12.53
CA PHE B 24 22.79 40.10 11.21
C PHE B 24 21.63 39.12 11.31
N PHE B 25 21.76 38.12 12.18
CA PHE B 25 20.72 37.11 12.27
C PHE B 25 19.46 37.64 12.93
N GLU B 26 19.59 38.69 13.75
CA GLU B 26 18.40 39.31 14.32
C GLU B 26 17.59 40.01 13.24
N GLU B 27 18.26 40.68 12.29
CA GLU B 27 17.51 41.33 11.23
C GLU B 27 17.05 40.35 10.16
N LYS B 28 17.99 39.63 9.55
CA LYS B 28 17.69 38.84 8.36
C LYS B 28 16.91 37.58 8.73
N GLY B 29 17.49 36.72 9.55
CA GLY B 29 16.96 35.39 9.76
C GLY B 29 17.66 34.37 8.87
N LEU B 30 17.17 33.14 8.93
CA LEU B 30 17.79 32.06 8.19
C LEU B 30 17.11 31.75 6.87
N VAL B 31 15.85 32.13 6.69
CA VAL B 31 15.15 31.84 5.44
C VAL B 31 14.68 33.14 4.82
N SER B 32 15.45 34.21 5.02
CA SER B 32 15.03 35.52 4.53
C SER B 32 14.97 35.56 3.01
N GLN B 33 15.80 34.76 2.34
CA GLN B 33 15.83 34.83 0.87
C GLN B 33 14.55 34.30 0.26
N GLN B 34 14.00 33.21 0.79
CA GLN B 34 12.74 32.68 0.29
C GLN B 34 11.62 33.70 0.45
N LEU B 35 11.49 34.26 1.65
CA LEU B 35 10.41 35.21 1.91
C LEU B 35 10.58 36.47 1.08
N ASP B 36 11.81 36.97 0.95
CA ASP B 36 12.03 38.16 0.15
C ASP B 36 11.70 37.93 -1.31
N SER B 37 12.10 36.79 -1.86
CA SER B 37 11.79 36.48 -3.25
C SER B 37 10.28 36.38 -3.46
N PHE B 38 9.57 35.72 -2.54
CA PHE B 38 8.12 35.60 -2.71
C PHE B 38 7.43 36.95 -2.57
N ASP B 39 7.87 37.79 -1.63
CA ASP B 39 7.28 39.10 -1.49
C ASP B 39 7.50 39.93 -2.74
N GLU B 40 8.69 39.85 -3.33
CA GLU B 40 8.94 40.54 -4.59
C GLU B 40 8.03 40.02 -5.69
N PHE B 41 7.82 38.71 -5.76
CA PHE B 41 6.96 38.16 -6.79
C PHE B 41 5.53 38.65 -6.64
N MET B 42 5.01 38.64 -5.41
CA MET B 42 3.61 39.02 -5.23
C MET B 42 3.41 40.52 -5.39
N GLU B 43 4.33 41.33 -4.88
CA GLU B 43 4.13 42.78 -4.88
C GLU B 43 4.14 43.35 -6.29
N THR B 44 5.16 43.02 -7.08
CA THR B 44 5.36 43.68 -8.36
C THR B 44 5.38 42.74 -9.55
N SER B 45 5.80 41.49 -9.38
CA SER B 45 6.05 40.63 -10.54
C SER B 45 4.74 40.25 -11.24
N ILE B 46 3.68 39.98 -10.48
CA ILE B 46 2.42 39.58 -11.11
C ILE B 46 1.87 40.71 -11.98
N GLN B 47 1.92 41.95 -11.48
CA GLN B 47 1.41 43.07 -12.24
C GLN B 47 2.18 43.24 -13.55
N ASP B 48 3.51 43.12 -13.50
CA ASP B 48 4.30 43.26 -14.71
C ASP B 48 4.07 42.11 -15.67
N LEU B 49 3.87 40.90 -15.15
CA LEU B 49 3.54 39.77 -16.03
C LEU B 49 2.23 40.02 -16.75
N VAL B 50 1.25 40.61 -16.05
CA VAL B 50 -0.02 40.93 -16.68
C VAL B 50 0.16 42.03 -17.73
N TRP B 51 0.91 43.06 -17.39
CA TRP B 51 1.09 44.20 -18.31
C TRP B 51 2.05 43.88 -19.46
N GLU B 52 2.72 42.74 -19.44
CA GLU B 52 3.56 42.37 -20.58
C GLU B 52 2.76 42.31 -21.86
N GLU B 53 1.52 41.80 -21.79
CA GLU B 53 0.60 41.76 -22.93
C GLU B 53 -0.71 42.41 -22.49
N PRO B 54 -0.77 43.74 -22.47
CA PRO B 54 -1.91 44.41 -21.85
C PRO B 54 -3.13 44.59 -22.75
N ARG B 55 -3.14 44.05 -23.97
CA ARG B 55 -4.25 44.28 -24.87
C ARG B 55 -4.60 43.02 -25.66
N LEU B 56 -5.88 42.68 -25.67
CA LEU B 56 -6.44 41.69 -26.59
C LEU B 56 -7.35 42.42 -27.56
N ILE B 57 -7.07 42.30 -28.86
CA ILE B 57 -7.76 43.10 -29.87
C ILE B 57 -8.43 42.18 -30.86
N LEU B 58 -9.73 42.41 -31.09
CA LEU B 58 -10.45 41.83 -32.20
C LEU B 58 -11.07 42.94 -33.04
N ASP B 59 -11.01 42.75 -34.36
CA ASP B 59 -11.54 43.72 -35.31
C ASP B 59 -12.42 42.98 -36.30
N GLN B 60 -13.36 43.71 -36.89
CA GLN B 60 -14.27 43.10 -37.84
C GLN B 60 -14.79 44.14 -38.83
N PRO B 61 -14.44 44.03 -40.11
CA PRO B 61 -14.99 44.93 -41.15
C PRO B 61 -16.33 44.45 -41.65
N ALA B 62 -17.38 44.77 -40.89
CA ALA B 62 -18.71 44.26 -41.16
C ALA B 62 -19.26 44.79 -42.48
N GLN B 63 -19.60 43.88 -43.39
CA GLN B 63 -20.32 44.21 -44.62
C GLN B 63 -21.37 43.11 -44.79
N HIS B 64 -22.53 43.30 -44.18
CA HIS B 64 -23.55 42.26 -44.16
C HIS B 64 -24.89 42.83 -43.68
N ASP B 69 -22.04 49.32 -46.60
CA ASP B 69 -22.21 49.34 -45.16
C ASP B 69 -20.92 48.96 -44.45
N ASN B 70 -19.81 49.54 -44.90
CA ASN B 70 -18.50 49.21 -44.34
C ASN B 70 -18.42 49.73 -42.91
N ILE B 71 -18.51 48.82 -41.95
CA ILE B 71 -18.49 49.16 -40.52
C ILE B 71 -17.34 48.39 -39.90
N ASN B 72 -16.20 49.04 -39.74
CA ASN B 72 -15.05 48.41 -39.10
C ASN B 72 -15.18 48.55 -37.59
N LYS B 73 -15.50 47.45 -36.92
CA LYS B 73 -15.64 47.41 -35.48
C LYS B 73 -14.43 46.74 -34.87
N ARG B 74 -13.80 47.40 -33.90
CA ARG B 74 -12.68 46.85 -33.15
C ARG B 74 -13.11 46.60 -31.72
N TYR B 75 -12.99 45.35 -31.27
CA TYR B 75 -13.30 44.96 -29.90
C TYR B 75 -12.00 44.69 -29.17
N GLU B 76 -11.67 45.54 -28.20
CA GLU B 76 -10.42 45.46 -27.46
C GLU B 76 -10.69 45.46 -25.97
N ILE B 77 -9.99 44.60 -25.24
CA ILE B 77 -10.09 44.52 -23.79
C ILE B 77 -8.71 44.73 -23.19
N ARG B 78 -8.63 45.54 -22.15
CA ARG B 78 -7.38 45.87 -21.50
C ARG B 78 -7.35 45.32 -20.07
N PHE B 79 -6.15 44.96 -19.63
CA PHE B 79 -5.94 44.44 -18.29
C PHE B 79 -5.46 45.57 -17.37
N GLY B 80 -6.09 45.69 -16.21
CA GLY B 80 -5.77 46.78 -15.31
C GLY B 80 -5.01 46.34 -14.07
N LYS B 81 -5.41 46.85 -12.92
CA LYS B 81 -4.70 46.58 -11.68
C LYS B 81 -4.85 45.13 -11.27
N ILE B 82 -3.96 44.70 -10.37
CA ILE B 82 -4.03 43.41 -9.69
C ILE B 82 -4.47 43.66 -8.27
N TYR B 83 -5.52 42.97 -7.84
CA TYR B 83 -5.99 43.04 -6.47
C TYR B 83 -5.76 41.69 -5.81
N LEU B 84 -5.07 41.70 -4.67
CA LEU B 84 -4.80 40.50 -3.90
C LEU B 84 -5.56 40.58 -2.58
N SER B 85 -5.77 39.42 -1.97
CA SER B 85 -6.48 39.33 -0.71
C SER B 85 -5.77 38.34 0.20
N ARG B 86 -6.14 38.37 1.47
CA ARG B 86 -5.65 37.37 2.39
C ARG B 86 -6.27 36.02 2.05
N PRO B 87 -5.58 34.92 2.35
CA PRO B 87 -6.13 33.60 2.04
C PRO B 87 -7.48 33.39 2.70
N THR B 88 -8.38 32.74 1.96
CA THR B 88 -9.76 32.59 2.39
C THR B 88 -10.23 31.19 2.04
N MET B 89 -11.10 30.63 2.89
CA MET B 89 -11.65 29.30 2.70
C MET B 89 -13.14 29.41 2.42
N THR B 90 -13.58 28.77 1.34
CA THR B 90 -14.99 28.78 0.96
C THR B 90 -15.55 27.37 1.13
N GLU B 91 -16.40 27.20 2.12
CA GLU B 91 -16.95 25.88 2.43
C GLU B 91 -17.97 25.48 1.36
N ALA B 92 -18.40 24.21 1.44
CA ALA B 92 -19.38 23.70 0.50
C ALA B 92 -20.72 24.41 0.65
N ASP B 93 -21.12 24.70 1.89
CA ASP B 93 -22.40 25.34 2.12
C ASP B 93 -22.45 26.75 1.52
N GLY B 94 -21.30 27.42 1.41
CA GLY B 94 -21.27 28.73 0.80
C GLY B 94 -20.56 29.79 1.63
N THR B 95 -20.50 29.58 2.94
CA THR B 95 -19.85 30.56 3.82
C THR B 95 -18.36 30.61 3.56
N THR B 96 -17.80 31.82 3.63
CA THR B 96 -16.36 32.03 3.45
C THR B 96 -15.80 32.69 4.69
N HIS B 97 -14.59 32.26 5.08
CA HIS B 97 -13.97 32.76 6.30
C HIS B 97 -12.46 32.75 6.12
N ALA B 98 -11.79 33.53 6.97
CA ALA B 98 -10.33 33.57 6.94
C ALA B 98 -9.77 32.21 7.28
N MET B 99 -8.65 31.87 6.64
CA MET B 99 -8.03 30.56 6.80
C MET B 99 -6.63 30.72 7.36
N PHE B 100 -6.29 29.88 8.32
CA PHE B 100 -4.97 29.87 8.93
C PHE B 100 -4.28 28.55 8.63
N PRO B 101 -2.94 28.55 8.60
CA PRO B 101 -2.24 27.36 8.07
C PRO B 101 -2.53 26.08 8.81
N GLN B 102 -2.78 26.12 10.11
CA GLN B 102 -3.04 24.89 10.84
C GLN B 102 -4.31 24.22 10.36
N GLU B 103 -5.36 25.01 10.09
CA GLU B 103 -6.60 24.44 9.56
C GLU B 103 -6.38 23.84 8.18
N ALA B 104 -5.57 24.49 7.35
CA ALA B 104 -5.27 23.94 6.04
C ALA B 104 -4.53 22.62 6.16
N ARG B 105 -3.59 22.53 7.09
CA ARG B 105 -2.85 21.29 7.29
C ARG B 105 -3.77 20.18 7.77
N LEU B 106 -4.66 20.48 8.71
CA LEU B 106 -5.50 19.45 9.30
C LEU B 106 -6.55 18.96 8.32
N ARG B 107 -7.09 19.85 7.49
CA ARG B 107 -8.19 19.54 6.58
C ARG B 107 -7.73 19.26 5.16
N ASN B 108 -6.42 19.17 4.93
CA ASN B 108 -5.86 18.91 3.61
C ASN B 108 -6.33 19.94 2.59
N LEU B 109 -6.37 21.20 2.99
CA LEU B 109 -6.71 22.29 2.08
C LEU B 109 -5.43 22.83 1.46
N THR B 110 -5.54 23.91 0.70
CA THR B 110 -4.41 24.61 0.12
C THR B 110 -4.44 26.06 0.58
N TYR B 111 -3.33 26.52 1.14
CA TYR B 111 -3.22 27.87 1.65
C TYR B 111 -2.94 28.80 0.48
N SER B 112 -4.00 29.32 -0.12
CA SER B 112 -3.88 30.17 -1.30
C SER B 112 -4.84 31.35 -1.18
N SER B 113 -4.60 32.36 -1.99
CA SER B 113 -5.40 33.57 -1.96
C SER B 113 -5.88 33.93 -3.35
N PRO B 114 -7.10 34.46 -3.47
CA PRO B 114 -7.61 34.85 -4.79
C PRO B 114 -6.86 36.03 -5.37
N VAL B 115 -6.83 36.08 -6.70
CA VAL B 115 -6.23 37.18 -7.44
C VAL B 115 -7.28 37.78 -8.34
N TYR B 116 -7.48 39.09 -8.23
CA TYR B 116 -8.49 39.80 -9.00
C TYR B 116 -7.82 40.73 -10.00
N LEU B 117 -8.34 40.77 -11.21
CA LEU B 117 -7.80 41.60 -12.29
C LEU B 117 -8.89 42.50 -12.84
N ASP B 118 -8.54 43.75 -13.12
CA ASP B 118 -9.47 44.69 -13.74
C ASP B 118 -9.37 44.56 -15.25
N MET B 119 -10.48 44.25 -15.90
CA MET B 119 -10.55 44.17 -17.35
C MET B 119 -11.46 45.27 -17.86
N GLU B 120 -10.96 46.08 -18.78
CA GLU B 120 -11.73 47.16 -19.38
C GLU B 120 -11.97 46.85 -20.85
N LYS B 121 -13.24 46.84 -21.25
CA LYS B 121 -13.63 46.46 -22.60
C LYS B 121 -13.99 47.73 -23.39
N SER B 122 -13.45 47.82 -24.60
CA SER B 122 -13.68 48.97 -25.47
C SER B 122 -14.24 48.49 -26.80
N MET B 123 -15.18 49.26 -27.34
CA MET B 123 -15.85 48.95 -28.61
C MET B 123 -15.52 50.06 -29.59
N PHE B 124 -14.39 49.93 -30.29
CA PHE B 124 -14.03 50.90 -31.32
C PHE B 124 -14.84 50.66 -32.58
N THR B 125 -15.40 51.73 -33.13
CA THR B 125 -16.25 51.64 -34.32
C THR B 125 -15.88 52.76 -35.27
N SER B 126 -15.47 52.39 -36.48
CA SER B 126 -15.22 53.35 -37.55
C SER B 126 -15.86 52.83 -38.82
N ILE B 127 -16.67 53.67 -39.46
CA ILE B 127 -17.34 53.30 -40.71
C ILE B 127 -16.46 53.78 -41.86
N ASP B 128 -15.76 52.85 -42.48
CA ASP B 128 -14.82 53.17 -43.55
C ASP B 128 -14.40 51.94 -44.35
N GLY B 153 -17.00 45.96 -16.65
CA GLY B 153 -15.62 45.58 -16.42
C GLY B 153 -15.12 45.98 -15.04
N ASN B 154 -14.88 44.98 -14.20
CA ASN B 154 -14.46 45.22 -12.82
C ASN B 154 -13.56 44.07 -12.41
N LYS B 155 -13.41 43.87 -11.10
CA LYS B 155 -12.46 42.91 -10.56
C LYS B 155 -12.93 41.50 -10.90
N VAL B 156 -12.39 40.94 -11.97
CA VAL B 156 -12.71 39.57 -12.37
C VAL B 156 -11.68 38.64 -11.73
N HIS B 157 -12.15 37.49 -11.27
CA HIS B 157 -11.31 36.54 -10.54
C HIS B 157 -10.62 35.60 -11.51
N ILE B 158 -9.30 35.61 -11.51
CA ILE B 158 -8.51 34.85 -12.49
C ILE B 158 -7.86 33.62 -11.90
N GLY B 159 -7.78 33.49 -10.59
CA GLY B 159 -7.20 32.30 -10.00
C GLY B 159 -6.80 32.54 -8.56
N LYS B 160 -6.23 31.49 -7.97
CA LYS B 160 -5.78 31.51 -6.59
C LYS B 160 -4.30 31.13 -6.53
N VAL B 161 -3.50 32.01 -5.95
CA VAL B 161 -2.06 31.82 -5.86
C VAL B 161 -1.71 31.31 -4.47
N PRO B 162 -1.01 30.19 -4.33
CA PRO B 162 -0.60 29.73 -3.01
C PRO B 162 0.29 30.76 -2.33
N ILE B 163 0.17 30.83 -1.01
CA ILE B 163 0.86 31.83 -0.21
C ILE B 163 1.95 31.15 0.61
N MET B 164 3.16 31.69 0.53
CA MET B 164 4.27 31.21 1.34
C MET B 164 4.08 31.64 2.78
N LEU B 165 4.31 30.73 3.71
CA LEU B 165 4.06 31.01 5.12
C LEU B 165 5.05 32.02 5.66
N ARG B 166 4.56 32.87 6.56
CA ARG B 166 5.31 33.95 7.20
C ARG B 166 5.75 35.03 6.23
N SER B 167 5.26 35.01 5.00
CA SER B 167 5.57 36.06 4.05
C SER B 167 4.64 37.26 4.30
N LYS B 168 4.72 38.28 3.46
CA LYS B 168 3.97 39.50 3.72
C LYS B 168 2.47 39.29 3.60
N PHE B 169 2.04 38.32 2.81
CA PHE B 169 0.62 38.08 2.58
C PHE B 169 0.08 36.91 3.40
N CYS B 170 0.87 36.40 4.33
CA CYS B 170 0.41 35.33 5.21
C CYS B 170 -0.31 35.92 6.41
N SER B 171 -1.24 35.15 6.96
CA SER B 171 -2.00 35.60 8.11
C SER B 171 -1.17 35.60 9.38
N LEU B 172 -0.03 34.93 9.39
CA LEU B 172 0.82 34.83 10.57
C LEU B 172 1.90 35.91 10.62
N ARG B 173 1.96 36.80 9.62
CA ARG B 173 2.94 37.87 9.67
C ARG B 173 2.68 38.79 10.86
N THR B 174 1.41 39.08 11.11
CA THR B 174 0.96 39.73 12.33
C THR B 174 0.78 38.67 13.42
N LEU B 175 0.01 38.98 14.46
CA LEU B 175 -0.45 38.11 15.53
C LEU B 175 0.52 37.98 16.70
N ASP B 176 1.71 38.58 16.64
CA ASP B 176 2.58 38.62 17.82
C ASP B 176 2.91 37.22 18.33
N GLU B 177 3.37 37.14 19.58
CA GLU B 177 3.77 35.84 20.13
C GLU B 177 2.62 35.11 20.77
N VAL B 178 1.75 35.82 21.49
CA VAL B 178 0.69 35.17 22.26
C VAL B 178 -0.32 34.51 21.34
N ASP B 179 -0.80 35.25 20.34
CA ASP B 179 -1.80 34.70 19.44
C ASP B 179 -1.26 33.58 18.58
N LEU B 180 0.06 33.50 18.42
CA LEU B 180 0.65 32.41 17.67
C LEU B 180 0.43 31.08 18.37
N TYR B 181 0.29 31.10 19.70
CA TYR B 181 0.01 29.89 20.44
C TYR B 181 -1.47 29.49 20.34
N LYS B 182 -2.35 30.50 20.29
CA LYS B 182 -3.80 30.29 20.14
C LYS B 182 -4.18 29.80 18.73
N MET B 183 -3.40 30.16 17.71
CA MET B 183 -3.43 29.54 16.37
C MET B 183 -2.80 28.14 16.31
N LYS B 184 -2.25 27.62 17.42
CA LYS B 184 -1.58 26.32 17.51
C LYS B 184 -0.34 26.21 16.61
N GLU B 185 0.29 27.34 16.33
CA GLU B 185 1.48 27.50 15.50
C GLU B 185 2.70 27.57 16.40
N CYS B 186 3.75 26.85 16.02
CA CYS B 186 4.98 26.88 16.79
C CYS B 186 5.70 28.20 16.56
N PRO B 187 6.07 28.93 17.60
CA PRO B 187 6.85 30.16 17.40
C PRO B 187 8.22 29.91 16.79
N TYR B 188 8.75 28.68 16.91
CA TYR B 188 10.02 28.34 16.31
C TYR B 188 9.92 28.08 14.81
N ASP B 189 8.72 27.86 14.29
CA ASP B 189 8.55 27.66 12.87
C ASP B 189 8.96 28.93 12.12
N MET B 190 9.69 28.74 11.02
CA MET B 190 10.31 29.84 10.31
C MET B 190 9.60 30.21 9.01
N GLY B 191 8.63 29.41 8.57
CA GLY B 191 7.97 29.72 7.32
C GLY B 191 8.82 29.33 6.13
N GLY B 192 8.56 30.00 5.01
CA GLY B 192 9.32 29.74 3.80
C GLY B 192 8.85 28.55 2.98
N TYR B 193 7.69 27.99 3.27
CA TYR B 193 7.17 26.85 2.52
C TYR B 193 5.69 27.07 2.24
N PHE B 194 5.20 26.34 1.25
CA PHE B 194 3.79 26.38 0.89
C PHE B 194 3.06 25.18 1.49
N VAL B 195 1.74 25.29 1.54
CA VAL B 195 0.88 24.19 2.00
C VAL B 195 -0.08 23.87 0.86
N ILE B 196 0.21 22.80 0.12
CA ILE B 196 -0.65 22.34 -0.96
C ILE B 196 -1.26 21.01 -0.55
N ASN B 197 -2.59 20.97 -0.49
CA ASN B 197 -3.32 19.77 -0.09
C ASN B 197 -2.88 19.26 1.28
N GLY B 198 -2.62 20.18 2.20
CA GLY B 198 -2.23 19.81 3.54
C GLY B 198 -0.80 19.37 3.70
N SER B 199 -0.03 19.34 2.62
CA SER B 199 1.35 18.92 2.66
C SER B 199 2.25 20.13 2.46
N GLU B 200 3.35 20.18 3.21
CA GLU B 200 4.27 21.31 3.17
C GLU B 200 5.30 21.10 2.07
N LYS B 201 5.30 21.98 1.08
CA LYS B 201 6.19 21.89 -0.05
C LYS B 201 7.20 23.03 0.00
N VAL B 202 8.45 22.75 -0.35
CA VAL B 202 9.51 23.74 -0.36
C VAL B 202 10.05 23.85 -1.79
N LEU B 203 10.30 25.07 -2.23
CA LEU B 203 10.84 25.33 -3.56
C LEU B 203 12.37 25.31 -3.50
N ILE B 204 12.99 24.37 -4.20
CA ILE B 204 14.43 24.27 -4.22
C ILE B 204 14.98 25.24 -5.26
N ALA B 205 15.91 26.09 -4.84
CA ALA B 205 16.51 27.06 -5.75
C ALA B 205 17.27 26.35 -6.85
N GLN B 206 17.11 26.85 -8.08
CA GLN B 206 17.68 26.24 -9.26
C GLN B 206 18.81 27.11 -9.80
N GLU B 207 19.97 26.51 -10.01
CA GLU B 207 21.15 27.23 -10.46
C GLU B 207 21.23 27.18 -11.98
N ARG B 208 21.52 28.33 -12.58
CA ARG B 208 21.61 28.45 -14.03
C ARG B 208 22.75 29.39 -14.38
N SER B 209 23.20 29.30 -15.63
CA SER B 209 24.24 30.20 -16.09
C SER B 209 23.70 31.61 -16.28
N ALA B 210 24.53 32.60 -15.96
CA ALA B 210 24.11 33.99 -16.11
C ALA B 210 23.89 34.33 -17.57
N ALA B 211 23.00 35.28 -17.81
CA ALA B 211 22.70 35.75 -19.15
C ALA B 211 23.41 37.06 -19.43
N ASN B 212 23.40 37.46 -20.70
CA ASN B 212 23.97 38.72 -21.16
C ASN B 212 25.48 38.79 -20.93
N ILE B 213 26.16 37.65 -20.94
CA ILE B 213 27.61 37.60 -20.81
C ILE B 213 28.17 36.74 -21.93
N VAL B 214 29.31 37.17 -22.46
CA VAL B 214 29.95 36.47 -23.58
C VAL B 214 30.82 35.35 -23.03
N GLN B 215 30.59 34.14 -23.49
CA GLN B 215 31.37 32.97 -23.09
C GLN B 215 32.10 32.43 -24.30
N VAL B 216 33.42 32.30 -24.19
CA VAL B 216 34.25 31.81 -25.28
C VAL B 216 34.76 30.42 -24.91
N PHE B 217 34.52 29.45 -25.78
CA PHE B 217 34.85 28.06 -25.52
C PHE B 217 35.69 27.50 -26.66
N LYS B 218 36.53 26.53 -26.33
CA LYS B 218 37.35 25.84 -27.32
C LYS B 218 36.68 24.50 -27.64
N LYS B 219 36.31 24.32 -28.91
CA LYS B 219 35.71 23.07 -29.33
C LYS B 219 36.78 22.01 -29.52
N ALA B 220 36.36 20.75 -29.43
CA ALA B 220 37.28 19.62 -29.56
C ALA B 220 37.75 19.48 -31.01
N ALA B 221 38.81 18.70 -31.18
CA ALA B 221 39.45 18.56 -32.49
C ALA B 221 38.51 18.00 -33.56
N PRO B 222 37.75 16.91 -33.34
CA PRO B 222 36.94 16.37 -34.44
C PRO B 222 35.78 17.27 -34.82
N SER B 223 36.10 18.48 -35.29
CA SER B 223 35.09 19.45 -35.69
C SER B 223 35.75 20.58 -36.48
N PRO B 224 35.08 21.11 -37.51
CA PRO B 224 35.64 22.27 -38.21
C PRO B 224 35.72 23.51 -37.35
N ILE B 225 34.99 23.56 -36.24
CA ILE B 225 34.99 24.72 -35.36
C ILE B 225 36.06 24.55 -34.30
N SER B 226 36.89 25.58 -34.11
CA SER B 226 37.94 25.57 -33.09
C SER B 226 37.55 26.35 -31.85
N HIS B 227 36.97 27.54 -32.03
CA HIS B 227 36.53 28.37 -30.92
C HIS B 227 35.10 28.84 -31.18
N VAL B 228 34.35 28.99 -30.10
CA VAL B 228 32.96 29.43 -30.16
C VAL B 228 32.76 30.58 -29.18
N ALA B 229 32.09 31.63 -29.63
CA ALA B 229 31.65 32.71 -28.76
C ALA B 229 30.14 32.62 -28.59
N GLU B 230 29.69 32.52 -27.34
CA GLU B 230 28.31 32.25 -27.04
C GLU B 230 27.74 33.39 -26.22
N ILE B 231 26.47 33.72 -26.44
CA ILE B 231 25.77 34.69 -25.61
C ILE B 231 24.28 34.36 -25.64
N ARG B 232 23.65 34.40 -24.47
CA ARG B 232 22.21 34.24 -24.34
C ARG B 232 21.64 35.54 -23.82
N SER B 233 20.58 36.03 -24.48
CA SER B 233 20.02 37.33 -24.19
C SER B 233 18.78 37.20 -23.31
N ALA B 234 18.55 38.23 -22.50
CA ALA B 234 17.39 38.24 -21.61
C ALA B 234 17.03 39.67 -21.29
N LEU B 235 15.76 40.02 -21.52
CA LEU B 235 15.29 41.36 -21.21
C LEU B 235 15.35 41.63 -19.71
N GLU B 236 15.67 42.89 -19.36
CA GLU B 236 15.75 43.25 -17.96
C GLU B 236 14.40 43.10 -17.27
N LYS B 237 13.32 43.53 -17.93
CA LYS B 237 11.98 43.43 -17.37
C LYS B 237 11.50 41.99 -17.52
N GLY B 238 11.46 41.26 -16.41
CA GLY B 238 11.04 39.87 -16.39
C GLY B 238 12.19 38.87 -16.33
N SER B 239 13.37 39.27 -16.80
CA SER B 239 14.57 38.42 -16.76
C SER B 239 14.31 37.06 -17.40
N ARG B 240 13.64 37.07 -18.54
CA ARG B 240 13.28 35.86 -19.25
C ARG B 240 14.21 35.65 -20.45
N LEU B 241 14.60 34.40 -20.68
CA LEU B 241 15.43 34.07 -21.82
C LEU B 241 14.67 34.33 -23.11
N ILE B 242 15.32 35.00 -24.06
CA ILE B 242 14.71 35.37 -25.33
C ILE B 242 15.34 34.61 -26.49
N SER B 243 16.65 34.79 -26.71
CA SER B 243 17.30 34.17 -27.85
C SER B 243 18.77 33.95 -27.52
N THR B 244 19.39 33.04 -28.28
CA THR B 244 20.80 32.73 -28.14
C THR B 244 21.50 32.97 -29.47
N MET B 245 22.76 33.39 -29.38
CA MET B 245 23.53 33.71 -30.57
C MET B 245 24.92 33.12 -30.44
N GLN B 246 25.48 32.68 -31.57
CA GLN B 246 26.81 32.10 -31.60
C GLN B 246 27.63 32.74 -32.71
N ILE B 247 28.95 32.74 -32.51
CA ILE B 247 29.89 33.20 -33.52
C ILE B 247 30.99 32.15 -33.57
N LYS B 248 30.90 31.23 -34.52
CA LYS B 248 31.85 30.13 -34.63
C LYS B 248 33.04 30.53 -35.49
N LEU B 249 34.21 30.01 -35.12
CA LEU B 249 35.44 30.24 -35.89
C LEU B 249 35.81 28.92 -36.55
N TYR B 250 35.59 28.85 -37.86
CA TYR B 250 35.88 27.63 -38.60
C TYR B 250 37.35 27.55 -38.96
N GLY B 251 37.80 26.34 -39.27
CA GLY B 251 39.17 26.13 -39.67
C GLY B 251 40.07 25.75 -38.52
N ARG B 252 40.61 24.53 -38.58
CA ARG B 252 41.53 24.05 -37.55
C ARG B 252 42.92 24.62 -37.81
N GLU B 253 43.85 24.30 -36.91
CA GLU B 253 45.24 24.73 -37.08
C GLU B 253 45.84 24.10 -38.33
N ASP B 254 46.22 24.94 -39.29
CA ASP B 254 46.77 24.52 -40.57
C ASP B 254 45.81 23.58 -41.31
N LYS B 255 44.52 23.86 -41.22
CA LYS B 255 43.52 23.04 -41.88
C LYS B 255 42.29 23.91 -42.17
N GLY B 256 41.57 23.54 -43.22
CA GLY B 256 40.40 24.29 -43.64
C GLY B 256 40.69 25.55 -44.41
N THR B 257 41.88 25.65 -45.02
CA THR B 257 42.31 26.83 -45.77
C THR B 257 42.21 28.08 -44.90
N GLY B 258 41.36 29.02 -45.30
CA GLY B 258 41.17 30.22 -44.52
C GLY B 258 40.42 29.95 -43.23
N ARG B 259 40.67 30.79 -42.23
CA ARG B 259 39.99 30.69 -40.94
C ARG B 259 38.82 31.67 -40.91
N THR B 260 37.78 31.30 -41.64
CA THR B 260 36.60 32.14 -41.75
C THR B 260 35.79 32.13 -40.45
N ILE B 261 35.04 33.21 -40.23
CA ILE B 261 34.19 33.37 -39.06
C ILE B 261 32.76 33.49 -39.52
N LYS B 262 31.93 32.54 -39.11
CA LYS B 262 30.52 32.51 -39.48
C LYS B 262 29.67 32.72 -38.24
N ALA B 263 28.75 33.68 -38.30
CA ALA B 263 27.85 33.98 -37.19
C ALA B 263 26.54 33.23 -37.38
N THR B 264 25.91 32.88 -36.26
CA THR B 264 24.64 32.17 -36.26
C THR B 264 23.56 33.10 -35.71
N LEU B 265 22.51 33.30 -36.48
CA LEU B 265 21.45 34.20 -36.07
C LEU B 265 20.16 33.42 -35.80
N PRO B 266 19.28 33.93 -34.94
CA PRO B 266 18.01 33.24 -34.69
C PRO B 266 17.13 33.27 -35.93
N TYR B 267 16.33 32.21 -36.08
CA TYR B 267 15.41 32.06 -37.21
C TYR B 267 16.14 32.19 -38.54
N VAL B 268 17.36 31.64 -38.61
CA VAL B 268 18.13 31.57 -39.84
C VAL B 268 18.70 30.17 -39.97
N LYS B 269 18.50 29.55 -41.12
CA LYS B 269 18.82 28.14 -41.26
C LYS B 269 20.33 27.90 -41.31
N GLN B 270 21.08 28.79 -41.95
CA GLN B 270 22.49 28.54 -42.21
C GLN B 270 23.36 29.65 -41.62
N ASP B 271 24.61 29.29 -41.35
CA ASP B 271 25.57 30.25 -40.81
C ASP B 271 25.90 31.32 -41.85
N ILE B 272 26.28 32.49 -41.36
CA ILE B 272 26.54 33.64 -42.22
C ILE B 272 27.87 34.26 -41.85
N PRO B 273 28.74 34.58 -42.82
CA PRO B 273 30.01 35.22 -42.49
C PRO B 273 29.81 36.58 -41.84
N ILE B 274 30.76 36.95 -40.98
CA ILE B 274 30.58 38.12 -40.12
C ILE B 274 30.58 39.41 -40.92
N VAL B 275 31.32 39.46 -42.02
CA VAL B 275 31.38 40.69 -42.82
C VAL B 275 30.00 41.01 -43.39
N ILE B 276 29.27 39.96 -43.79
CA ILE B 276 27.95 40.16 -44.37
C ILE B 276 26.99 40.73 -43.34
N VAL B 277 27.00 40.20 -42.11
CA VAL B 277 26.10 40.72 -41.09
C VAL B 277 26.50 42.14 -40.69
N PHE B 278 27.81 42.43 -40.67
CA PHE B 278 28.24 43.78 -40.37
C PHE B 278 27.70 44.75 -41.41
N ARG B 279 27.81 44.40 -42.69
CA ARG B 279 27.26 45.27 -43.72
C ARG B 279 25.74 45.34 -43.64
N ALA B 280 25.10 44.25 -43.20
CA ALA B 280 23.66 44.25 -43.03
C ALA B 280 23.23 45.27 -41.97
N LEU B 281 23.97 45.36 -40.87
CA LEU B 281 23.66 46.39 -39.88
C LEU B 281 23.86 47.79 -40.41
N GLY B 282 24.65 47.97 -41.46
CA GLY B 282 24.79 49.27 -42.08
C GLY B 282 26.17 49.89 -42.02
N VAL B 283 27.21 49.06 -41.98
CA VAL B 283 28.59 49.53 -42.03
C VAL B 283 29.27 48.81 -43.21
N VAL B 284 29.26 49.44 -44.37
CA VAL B 284 29.73 48.80 -45.60
C VAL B 284 31.25 48.88 -45.82
N PRO B 285 31.95 49.99 -45.54
CA PRO B 285 33.38 50.00 -45.83
C PRO B 285 34.15 49.08 -44.90
N ASP B 286 35.27 48.55 -45.41
CA ASP B 286 36.05 47.60 -44.62
C ASP B 286 36.85 48.31 -43.53
N GLY B 287 37.32 49.53 -43.79
CA GLY B 287 38.04 50.26 -42.77
C GLY B 287 37.22 50.51 -41.53
N GLU B 288 35.95 50.89 -41.72
CA GLU B 288 35.06 51.09 -40.58
C GLU B 288 34.84 49.79 -39.81
N ILE B 289 34.71 48.67 -40.53
CA ILE B 289 34.53 47.38 -39.87
C ILE B 289 35.76 47.04 -39.02
N LEU B 290 36.95 47.25 -39.57
CA LEU B 290 38.17 47.00 -38.81
C LEU B 290 38.26 47.91 -37.60
N GLN B 291 37.84 49.16 -37.74
CA GLN B 291 37.78 50.05 -36.58
C GLN B 291 36.83 49.51 -35.53
N HIS B 292 35.69 48.98 -35.95
CA HIS B 292 34.73 48.42 -35.00
C HIS B 292 35.29 47.20 -34.28
N ILE B 293 36.02 46.35 -34.99
CA ILE B 293 36.48 45.10 -34.39
C ILE B 293 37.74 45.33 -33.56
N CYS B 294 38.81 45.79 -34.18
CA CYS B 294 40.09 45.90 -33.52
C CYS B 294 40.26 47.26 -32.84
N TYR B 295 41.27 47.35 -31.98
CA TYR B 295 41.59 48.59 -31.28
C TYR B 295 43.09 48.87 -31.25
N ASP B 296 43.87 48.18 -32.08
CA ASP B 296 45.31 48.42 -32.16
C ASP B 296 45.78 47.95 -33.53
N GLU B 297 46.04 48.92 -34.42
CA GLU B 297 46.45 48.58 -35.78
C GLU B 297 47.78 47.84 -35.84
N ASN B 298 48.62 47.99 -34.81
CA ASN B 298 49.89 47.27 -34.79
C ASN B 298 49.70 45.78 -34.57
N ASP B 299 48.53 45.35 -34.10
CA ASP B 299 48.25 43.94 -33.85
C ASP B 299 47.99 43.26 -35.19
N TRP B 300 49.09 42.98 -35.92
CA TRP B 300 48.96 42.40 -37.25
C TRP B 300 48.45 40.97 -37.21
N GLN B 301 48.54 40.28 -36.06
CA GLN B 301 48.07 38.90 -35.99
C GLN B 301 46.56 38.82 -36.14
N MET B 302 45.83 39.64 -35.39
CA MET B 302 44.37 39.64 -35.54
C MET B 302 43.96 40.16 -36.91
N LEU B 303 44.74 41.06 -37.50
CA LEU B 303 44.44 41.53 -38.84
C LEU B 303 44.58 40.42 -39.87
N GLU B 304 45.64 39.63 -39.77
CA GLU B 304 45.79 38.52 -40.71
C GLU B 304 44.78 37.42 -40.43
N MET B 305 44.31 37.30 -39.19
CA MET B 305 43.19 36.41 -38.92
C MET B 305 41.91 36.89 -39.57
N LEU B 306 41.71 38.22 -39.60
CA LEU B 306 40.50 38.80 -40.19
C LEU B 306 40.53 38.82 -41.71
N LYS B 307 41.72 38.78 -42.32
CA LYS B 307 41.84 38.83 -43.78
C LYS B 307 40.97 37.80 -44.49
N PRO B 308 40.95 36.52 -44.13
CA PRO B 308 40.08 35.58 -44.85
C PRO B 308 38.61 35.94 -44.80
N CYS B 309 38.15 36.50 -43.67
CA CYS B 309 36.75 36.89 -43.57
C CYS B 309 36.41 37.99 -44.56
N ILE B 310 37.28 39.00 -44.66
CA ILE B 310 37.06 40.07 -45.63
C ILE B 310 37.09 39.54 -47.05
N GLU B 311 38.05 38.65 -47.33
CA GLU B 311 38.15 38.08 -48.68
C GLU B 311 36.89 37.30 -49.03
N GLU B 312 36.35 36.53 -48.08
CA GLU B 312 35.13 35.78 -48.34
C GLU B 312 33.94 36.71 -48.53
N GLY B 313 33.82 37.74 -47.69
CA GLY B 313 32.68 38.63 -47.77
C GLY B 313 32.77 39.72 -48.80
N PHE B 314 33.88 39.78 -49.56
CA PHE B 314 34.04 40.82 -50.58
C PHE B 314 32.94 40.79 -51.64
N VAL B 315 32.25 39.66 -51.81
CA VAL B 315 31.24 39.58 -52.87
C VAL B 315 30.10 40.56 -52.62
N ILE B 316 29.72 40.74 -51.36
CA ILE B 316 28.64 41.66 -51.00
C ILE B 316 29.25 43.02 -50.69
N GLN B 317 28.72 44.08 -51.32
CA GLN B 317 29.31 45.41 -51.20
C GLN B 317 28.26 46.48 -50.95
N ASP B 318 27.06 46.11 -50.50
CA ASP B 318 26.02 47.10 -50.27
C ASP B 318 25.11 46.63 -49.14
N LYS B 319 24.41 47.59 -48.54
CA LYS B 319 23.53 47.28 -47.43
C LYS B 319 22.34 46.45 -47.89
N GLU B 320 21.65 46.89 -48.95
CA GLU B 320 20.41 46.24 -49.34
C GLU B 320 20.65 44.81 -49.81
N VAL B 321 21.72 44.57 -50.55
CA VAL B 321 22.01 43.22 -51.01
C VAL B 321 22.35 42.31 -49.83
N ALA B 322 23.03 42.85 -48.82
CA ALA B 322 23.33 42.07 -47.63
C ALA B 322 22.04 41.71 -46.88
N LEU B 323 21.13 42.68 -46.73
CA LEU B 323 19.84 42.39 -46.11
C LEU B 323 19.08 41.34 -46.89
N ASP B 324 19.11 41.41 -48.22
CA ASP B 324 18.42 40.42 -49.03
C ASP B 324 19.03 39.03 -48.82
N PHE B 325 20.37 38.95 -48.75
CA PHE B 325 21.01 37.67 -48.50
C PHE B 325 20.61 37.11 -47.15
N ILE B 326 20.56 37.96 -46.12
CA ILE B 326 20.12 37.50 -44.80
C ILE B 326 18.69 37.01 -44.86
N GLY B 327 17.82 37.76 -45.54
CA GLY B 327 16.42 37.39 -45.60
C GLY B 327 16.17 36.11 -46.37
N ARG B 328 16.98 35.83 -47.40
CA ARG B 328 16.77 34.64 -48.20
C ARG B 328 16.87 33.37 -47.36
N ARG B 329 17.83 33.33 -46.45
CA ARG B 329 18.01 32.19 -45.56
C ARG B 329 17.22 32.33 -44.26
N GLY B 330 16.32 33.31 -44.18
CA GLY B 330 15.63 33.61 -42.94
C GLY B 330 14.58 32.61 -42.52
N SER B 331 14.55 31.44 -43.15
CA SER B 331 13.64 30.35 -42.81
C SER B 331 12.18 30.79 -42.83
N ALA B 332 11.85 31.83 -43.59
CA ALA B 332 10.49 32.29 -43.71
C ALA B 332 9.79 31.53 -44.83
N ALA B 333 8.63 32.02 -45.26
CA ALA B 333 7.92 31.40 -46.37
C ALA B 333 8.74 31.49 -47.64
N LEU B 334 8.61 30.47 -48.48
CA LEU B 334 9.36 30.43 -49.73
C LEU B 334 8.70 31.32 -50.77
N GLY B 335 9.52 31.90 -51.64
CA GLY B 335 9.02 32.77 -52.70
C GLY B 335 8.71 34.18 -52.28
N ILE B 336 9.18 34.63 -51.13
CA ILE B 336 8.92 35.99 -50.67
C ILE B 336 9.61 36.99 -51.59
N ARG B 337 8.89 38.05 -51.94
CA ARG B 337 9.41 39.08 -52.82
C ARG B 337 10.61 39.79 -52.19
N ARG B 338 11.40 40.46 -53.04
CA ARG B 338 12.64 41.08 -52.57
C ARG B 338 12.38 42.16 -51.54
N GLU B 339 11.37 43.02 -51.79
CA GLU B 339 11.05 44.06 -50.82
C GLU B 339 10.60 43.47 -49.50
N LYS B 340 9.71 42.47 -49.55
CA LYS B 340 9.27 41.82 -48.32
C LYS B 340 10.40 41.04 -47.67
N ARG B 341 11.31 40.48 -48.47
CA ARG B 341 12.49 39.82 -47.90
C ARG B 341 13.35 40.81 -47.13
N ILE B 342 13.57 42.00 -47.69
CA ILE B 342 14.36 43.01 -47.00
C ILE B 342 13.66 43.47 -45.73
N GLN B 343 12.35 43.66 -45.78
CA GLN B 343 11.63 44.04 -44.57
C GLN B 343 11.70 42.96 -43.50
N TYR B 344 11.59 41.69 -43.92
CA TYR B 344 11.73 40.59 -42.97
C TYR B 344 13.12 40.56 -42.35
N ALA B 345 14.15 40.83 -43.17
CA ALA B 345 15.50 40.90 -42.64
C ALA B 345 15.65 42.04 -41.63
N LYS B 346 15.05 43.20 -41.94
CA LYS B 346 15.10 44.32 -41.00
C LYS B 346 14.40 43.96 -39.69
N ASP B 347 13.28 43.25 -39.78
CA ASP B 347 12.58 42.81 -38.58
C ASP B 347 13.46 41.86 -37.76
N ILE B 348 14.03 40.85 -38.42
CA ILE B 348 14.84 39.86 -37.71
C ILE B 348 16.19 40.42 -37.28
N LEU B 349 16.57 41.60 -37.77
CA LEU B 349 17.85 42.18 -37.41
C LEU B 349 17.68 43.19 -36.28
N GLN B 350 16.67 44.06 -36.37
CA GLN B 350 16.35 44.95 -35.27
C GLN B 350 15.93 44.16 -34.03
N LYS B 351 14.97 43.26 -34.17
CA LYS B 351 14.50 42.42 -33.08
C LYS B 351 15.16 41.05 -33.16
N GLU B 352 15.20 40.38 -32.02
CA GLU B 352 15.64 38.99 -31.91
C GLU B 352 17.15 38.84 -32.08
N LEU B 353 17.85 39.91 -32.46
CA LEU B 353 19.31 39.90 -32.53
C LEU B 353 19.83 40.78 -31.40
N LEU B 354 20.43 40.13 -30.41
CA LEU B 354 20.84 40.80 -29.16
C LEU B 354 19.71 41.66 -28.61
N PRO B 355 18.56 41.05 -28.29
CA PRO B 355 17.44 41.86 -27.79
C PRO B 355 17.75 42.59 -26.50
N HIS B 356 18.67 42.07 -25.69
CA HIS B 356 18.97 42.71 -24.42
C HIS B 356 19.62 44.07 -24.59
N ILE B 357 20.10 44.40 -25.78
CA ILE B 357 20.74 45.69 -26.00
C ILE B 357 19.69 46.77 -26.24
N THR B 358 18.85 46.58 -27.26
CA THR B 358 17.82 47.56 -27.58
C THR B 358 16.79 46.91 -28.49
N GLN B 359 15.67 47.62 -28.68
CA GLN B 359 14.61 47.19 -29.58
C GLN B 359 14.12 48.28 -30.51
N GLU B 360 14.41 49.54 -30.25
CA GLU B 360 13.87 50.65 -31.04
C GLU B 360 14.66 50.84 -32.34
N GLU B 361 14.05 51.59 -33.26
CA GLU B 361 14.63 51.83 -34.57
C GLU B 361 15.74 52.88 -34.50
N GLY B 362 16.61 52.86 -35.50
CA GLY B 362 17.69 53.83 -35.58
C GLY B 362 18.61 53.78 -34.38
N PHE B 363 18.82 52.60 -33.81
CA PHE B 363 19.59 52.43 -32.60
C PHE B 363 20.47 51.20 -32.72
N GLU B 364 21.06 51.01 -33.90
CA GLU B 364 21.79 49.80 -34.24
C GLU B 364 23.31 49.96 -34.17
N THR B 365 23.80 51.17 -33.92
CA THR B 365 25.24 51.36 -33.77
C THR B 365 25.76 50.57 -32.58
N ARG B 366 24.99 50.53 -31.49
CA ARG B 366 25.39 49.78 -30.33
C ARG B 366 25.48 48.28 -30.63
N LYS B 367 24.58 47.77 -31.47
CA LYS B 367 24.67 46.38 -31.85
C LYS B 367 25.94 46.11 -32.66
N THR B 368 26.31 47.03 -33.55
CA THR B 368 27.56 46.87 -34.29
C THR B 368 28.75 46.87 -33.36
N PHE B 369 28.76 47.77 -32.38
CA PHE B 369 29.87 47.81 -31.43
C PHE B 369 29.93 46.54 -30.61
N PHE B 370 28.79 45.98 -30.23
CA PHE B 370 28.80 44.74 -29.46
C PHE B 370 29.26 43.57 -30.31
N LEU B 371 28.89 43.53 -31.59
CA LEU B 371 29.46 42.53 -32.48
C LEU B 371 30.96 42.67 -32.57
N GLY B 372 31.46 43.90 -32.66
CA GLY B 372 32.90 44.12 -32.63
C GLY B 372 33.53 43.58 -31.36
N TYR B 373 32.88 43.82 -30.21
CA TYR B 373 33.41 43.31 -28.95
C TYR B 373 33.43 41.79 -28.93
N MET B 374 32.36 41.15 -29.40
CA MET B 374 32.33 39.69 -29.41
C MET B 374 33.41 39.12 -30.32
N VAL B 375 33.59 39.70 -31.50
CA VAL B 375 34.62 39.22 -32.42
C VAL B 375 36.00 39.44 -31.82
N ASN B 376 36.19 40.57 -31.16
CA ASN B 376 37.47 40.84 -30.51
C ASN B 376 37.77 39.79 -29.45
N ARG B 377 36.78 39.45 -28.62
CA ARG B 377 36.98 38.43 -27.61
C ARG B 377 37.27 37.08 -28.22
N LEU B 378 36.55 36.72 -29.29
CA LEU B 378 36.76 35.44 -29.94
C LEU B 378 38.16 35.32 -30.49
N LEU B 379 38.62 36.35 -31.20
CA LEU B 379 39.98 36.32 -31.74
C LEU B 379 41.02 36.33 -30.62
N LEU B 380 40.76 37.09 -29.56
CA LEU B 380 41.72 37.18 -28.47
C LEU B 380 41.92 35.83 -27.79
N CYS B 381 40.83 35.08 -27.62
CA CYS B 381 40.97 33.74 -27.05
C CYS B 381 41.55 32.76 -28.07
N ALA B 382 41.23 32.94 -29.36
CA ALA B 382 41.78 32.05 -30.38
C ALA B 382 43.30 32.20 -30.47
N LEU B 383 43.79 33.42 -30.31
CA LEU B 383 45.23 33.70 -30.34
C LEU B 383 45.94 33.27 -29.07
N GLU B 384 45.26 32.54 -28.18
CA GLU B 384 45.80 32.04 -26.92
C GLU B 384 46.27 33.14 -25.98
N ARG B 385 45.96 34.41 -26.28
CA ARG B 385 46.38 35.50 -25.42
C ARG B 385 45.67 35.50 -24.09
N LYS B 386 44.48 34.89 -24.01
CA LYS B 386 43.73 34.81 -22.77
C LYS B 386 43.20 33.40 -22.59
N ASP B 387 43.06 33.00 -21.34
CA ASP B 387 42.46 31.70 -21.04
C ASP B 387 40.97 31.72 -21.35
N GLN B 388 40.46 30.59 -21.84
CA GLN B 388 39.04 30.49 -22.12
C GLN B 388 38.24 30.65 -20.84
N ASP B 389 37.06 31.26 -20.97
CA ASP B 389 36.25 31.59 -19.82
C ASP B 389 35.92 30.34 -19.02
N ASP B 390 36.10 30.42 -17.71
CA ASP B 390 35.85 29.28 -16.85
C ASP B 390 34.35 29.04 -16.71
N ARG B 391 33.92 27.82 -17.01
CA ARG B 391 32.51 27.49 -16.93
C ARG B 391 32.06 27.29 -15.49
N ASP B 392 32.97 26.85 -14.62
CA ASP B 392 32.65 26.56 -13.23
C ASP B 392 32.77 27.78 -12.32
N HIS B 393 33.21 28.90 -12.85
CA HIS B 393 33.34 30.13 -12.07
C HIS B 393 32.00 30.51 -11.47
N PHE B 394 31.88 30.43 -10.14
CA PHE B 394 30.60 30.62 -9.47
C PHE B 394 30.11 32.06 -9.53
N GLY B 395 30.95 33.01 -9.92
CA GLY B 395 30.46 34.37 -10.10
C GLY B 395 29.63 34.56 -11.35
N LYS B 396 29.64 33.58 -12.25
CA LYS B 396 28.87 33.64 -13.48
C LYS B 396 27.60 32.81 -13.41
N LYS B 397 27.19 32.37 -12.23
CA LYS B 397 25.97 31.61 -12.05
C LYS B 397 24.91 32.46 -11.38
N ARG B 398 23.66 32.04 -11.54
CA ARG B 398 22.54 32.70 -10.89
C ARG B 398 21.64 31.64 -10.26
N LEU B 399 20.95 32.03 -9.19
CA LEU B 399 20.06 31.13 -8.47
C LEU B 399 18.63 31.64 -8.62
N ASP B 400 17.72 30.74 -9.01
CA ASP B 400 16.32 31.08 -9.16
C ASP B 400 15.56 30.65 -7.91
N LEU B 401 15.10 31.63 -7.15
CA LEU B 401 14.35 31.38 -5.93
C LEU B 401 12.86 31.27 -6.28
N ALA B 402 11.99 31.35 -5.27
CA ALA B 402 10.56 31.22 -5.52
C ALA B 402 10.05 32.28 -6.48
N GLY B 403 10.63 33.47 -6.44
CA GLY B 403 10.20 34.56 -7.28
C GLY B 403 10.27 34.25 -8.76
N PRO B 404 11.48 34.08 -9.29
CA PRO B 404 11.60 33.78 -10.73
C PRO B 404 10.88 32.53 -11.18
N LEU B 405 10.89 31.47 -10.38
CA LEU B 405 10.22 30.24 -10.79
C LEU B 405 8.71 30.45 -10.89
N LEU B 406 8.13 31.06 -9.87
CA LEU B 406 6.70 31.35 -9.93
C LEU B 406 6.38 32.33 -11.04
N ALA B 407 7.29 33.25 -11.34
CA ALA B 407 7.05 34.20 -12.43
C ALA B 407 6.98 33.48 -13.77
N ASN B 408 7.91 32.56 -14.01
CA ASN B 408 7.89 31.81 -15.27
C ASN B 408 6.60 31.01 -15.39
N LEU B 409 6.27 30.26 -14.33
CA LEU B 409 5.07 29.44 -14.36
C LEU B 409 3.82 30.28 -14.56
N PHE B 410 3.73 31.42 -13.87
CA PHE B 410 2.56 32.26 -13.99
C PHE B 410 2.48 32.89 -15.37
N ARG B 411 3.61 33.23 -15.97
CA ARG B 411 3.58 33.75 -17.33
C ARG B 411 3.00 32.73 -18.29
N ILE B 412 3.43 31.48 -18.16
CA ILE B 412 2.89 30.42 -19.02
C ILE B 412 1.38 30.29 -18.82
N LEU B 413 0.95 30.20 -17.56
CA LEU B 413 -0.46 29.97 -17.27
C LEU B 413 -1.31 31.16 -17.71
N PHE B 414 -0.80 32.38 -17.54
CA PHE B 414 -1.56 33.55 -17.94
C PHE B 414 -1.67 33.67 -19.45
N ARG B 415 -0.62 33.28 -20.18
CA ARG B 415 -0.75 33.23 -21.63
C ARG B 415 -1.79 32.22 -22.05
N LYS B 416 -1.84 31.07 -21.37
CA LYS B 416 -2.87 30.09 -21.66
C LYS B 416 -4.27 30.65 -21.40
N LEU B 417 -4.43 31.37 -20.28
CA LEU B 417 -5.73 31.97 -19.96
C LEU B 417 -6.11 33.02 -21.00
N THR B 418 -5.14 33.82 -21.43
CA THR B 418 -5.42 34.84 -22.44
C THR B 418 -5.86 34.21 -23.75
N ARG B 419 -5.19 33.13 -24.16
CA ARG B 419 -5.61 32.42 -25.37
C ARG B 419 -7.01 31.85 -25.23
N GLU B 420 -7.34 31.31 -24.05
CA GLU B 420 -8.69 30.80 -23.84
C GLU B 420 -9.72 31.92 -23.93
N ILE B 421 -9.43 33.09 -23.36
CA ILE B 421 -10.34 34.21 -23.45
C ILE B 421 -10.52 34.64 -24.91
N TYR B 422 -9.41 34.68 -25.66
CA TYR B 422 -9.47 35.05 -27.06
C TYR B 422 -10.35 34.10 -27.84
N ARG B 423 -10.17 32.79 -27.63
CA ARG B 423 -10.97 31.80 -28.34
C ARG B 423 -12.44 31.92 -27.97
N TYR B 424 -12.74 32.10 -26.68
CA TYR B 424 -14.13 32.25 -26.28
C TYR B 424 -14.75 33.50 -26.88
N MET B 425 -13.99 34.59 -26.94
CA MET B 425 -14.50 35.81 -27.56
C MET B 425 -14.82 35.60 -29.03
N GLN B 426 -13.92 34.94 -29.75
CA GLN B 426 -14.19 34.66 -31.16
C GLN B 426 -15.43 33.80 -31.32
N ARG B 427 -15.58 32.77 -30.47
CA ARG B 427 -16.76 31.88 -30.48
C ARG B 427 -18.04 32.66 -30.19
N CYS B 428 -18.01 33.61 -29.27
CA CYS B 428 -19.22 34.24 -28.77
C CYS B 428 -19.61 35.52 -29.49
N ILE B 429 -18.70 36.13 -30.27
CA ILE B 429 -19.09 37.30 -31.03
C ILE B 429 -20.09 36.95 -32.12
N GLU B 430 -20.07 35.69 -32.60
CA GLU B 430 -21.01 35.28 -33.64
C GLU B 430 -22.45 35.53 -33.23
N THR B 431 -22.77 35.36 -31.95
CA THR B 431 -24.10 35.69 -31.45
C THR B 431 -24.31 37.19 -31.28
N ASP B 432 -23.24 37.99 -31.33
CA ASP B 432 -23.31 39.44 -31.13
C ASP B 432 -24.00 39.79 -29.81
N ARG B 433 -23.73 39.01 -28.75
CA ARG B 433 -24.26 39.24 -27.41
C ARG B 433 -23.27 40.01 -26.54
N ASP B 434 -23.80 40.79 -25.60
CA ASP B 434 -22.98 41.48 -24.61
C ASP B 434 -22.48 40.49 -23.57
N PHE B 435 -21.37 39.82 -23.87
CA PHE B 435 -20.77 38.88 -22.94
C PHE B 435 -20.39 39.58 -21.63
N ASN B 436 -20.63 38.89 -20.51
CA ASN B 436 -20.37 39.46 -19.20
C ASN B 436 -18.88 39.67 -18.94
N LEU B 437 -18.02 38.97 -19.68
CA LEU B 437 -16.57 38.98 -19.50
C LEU B 437 -16.19 38.32 -18.17
N ASN B 438 -17.19 38.04 -17.35
CA ASN B 438 -17.01 37.21 -16.17
C ASN B 438 -17.22 35.73 -16.47
N LEU B 439 -17.66 35.43 -17.68
CA LEU B 439 -17.81 34.05 -18.15
C LEU B 439 -16.69 33.63 -19.08
N ALA B 440 -16.06 34.58 -19.75
CA ALA B 440 -14.95 34.25 -20.63
C ALA B 440 -13.77 33.67 -19.86
N VAL B 441 -13.48 34.24 -18.68
CA VAL B 441 -12.36 33.77 -17.89
C VAL B 441 -12.66 32.39 -17.32
N LYS B 442 -11.61 31.61 -17.11
CA LYS B 442 -11.69 30.34 -16.40
C LYS B 442 -10.70 30.43 -15.24
N SER B 443 -11.22 30.69 -14.04
CA SER B 443 -10.36 30.78 -12.88
C SER B 443 -9.68 29.46 -12.56
N THR B 444 -10.16 28.36 -13.14
CA THR B 444 -9.57 27.05 -12.85
C THR B 444 -8.21 26.88 -13.51
N THR B 445 -7.94 27.60 -14.60
CA THR B 445 -6.68 27.39 -15.34
C THR B 445 -5.47 27.67 -14.47
N ILE B 446 -5.34 28.91 -13.99
CA ILE B 446 -4.18 29.29 -13.19
C ILE B 446 -4.15 28.50 -11.89
N THR B 447 -5.30 28.35 -11.24
CA THR B 447 -5.35 27.65 -9.97
C THR B 447 -4.83 26.22 -10.11
N SER B 448 -5.37 25.46 -11.07
CA SER B 448 -4.95 24.08 -11.24
C SER B 448 -3.50 24.00 -11.70
N GLY B 449 -3.07 24.90 -12.57
CA GLY B 449 -1.68 24.84 -13.02
C GLY B 449 -0.70 25.05 -11.88
N LEU B 450 -0.93 26.10 -11.09
CA LEU B 450 -0.03 26.38 -9.96
C LEU B 450 -0.07 25.24 -8.96
N LYS B 451 -1.27 24.75 -8.62
CA LYS B 451 -1.38 23.70 -7.63
C LYS B 451 -0.70 22.42 -8.10
N TYR B 452 -0.88 22.07 -9.37
CA TYR B 452 -0.24 20.86 -9.89
C TYR B 452 1.27 20.98 -9.87
N SER B 453 1.80 22.11 -10.34
CA SER B 453 3.25 22.26 -10.38
C SER B 453 3.86 22.25 -8.99
N LEU B 454 3.17 22.85 -8.02
CA LEU B 454 3.71 22.86 -6.67
C LEU B 454 3.54 21.50 -5.99
N ALA B 455 2.47 20.77 -6.32
CA ALA B 455 2.22 19.50 -5.67
C ALA B 455 3.16 18.41 -6.19
N THR B 456 3.37 18.36 -7.50
CA THR B 456 4.15 17.27 -8.06
C THR B 456 5.61 17.61 -8.30
N GLY B 457 5.96 18.88 -8.39
CA GLY B 457 7.32 19.29 -8.64
C GLY B 457 7.69 19.45 -10.08
N ASN B 458 6.84 19.00 -11.00
CA ASN B 458 7.08 19.19 -12.43
C ASN B 458 6.79 20.63 -12.79
N TRP B 459 7.82 21.37 -13.19
CA TRP B 459 7.67 22.81 -13.42
C TRP B 459 7.28 23.04 -14.87
N GLY B 460 5.97 23.01 -15.11
CA GLY B 460 5.46 23.21 -16.45
C GLY B 460 3.97 22.90 -16.50
N GLU B 461 3.45 22.85 -17.72
CA GLU B 461 2.06 22.49 -17.90
C GLU B 461 1.85 21.01 -17.62
N GLN B 462 0.62 20.65 -17.22
CA GLN B 462 0.28 19.28 -16.83
C GLN B 462 0.37 18.31 -18.02
N LYS B 463 0.02 18.76 -19.24
CA LYS B 463 0.06 17.89 -20.41
C LYS B 463 1.44 17.83 -21.05
N LYS B 464 2.39 18.63 -20.56
CA LYS B 464 3.78 18.57 -21.00
C LYS B 464 4.68 18.13 -19.85
N ALA B 465 4.24 17.11 -19.10
CA ALA B 465 5.01 16.64 -17.96
C ALA B 465 6.38 16.15 -18.38
N MET B 466 6.44 15.39 -19.47
CA MET B 466 7.73 15.04 -20.05
C MET B 466 8.44 16.29 -20.53
N SER B 467 9.77 16.27 -20.47
CA SER B 467 10.66 17.37 -20.87
C SER B 467 10.58 18.56 -19.92
N SER B 468 9.78 18.49 -18.87
CA SER B 468 9.72 19.56 -17.88
C SER B 468 10.71 19.29 -16.76
N ARG B 469 11.18 20.36 -16.13
CA ARG B 469 12.15 20.23 -15.06
C ARG B 469 11.46 19.69 -13.81
N ALA B 470 11.85 18.51 -13.37
CA ALA B 470 11.22 17.84 -12.25
C ALA B 470 12.04 17.99 -10.98
N GLY B 471 11.37 17.82 -9.84
CA GLY B 471 12.02 17.93 -8.56
C GLY B 471 12.18 19.33 -8.02
N VAL B 472 11.55 20.32 -8.65
CA VAL B 472 11.67 21.69 -8.17
C VAL B 472 11.02 21.84 -6.80
N SER B 473 9.86 21.23 -6.61
CA SER B 473 9.12 21.30 -5.36
C SER B 473 9.22 19.95 -4.65
N GLN B 474 9.58 19.99 -3.36
CA GLN B 474 9.78 18.78 -2.60
C GLN B 474 9.06 18.88 -1.27
N VAL B 475 8.78 17.73 -0.67
CA VAL B 475 8.13 17.68 0.64
C VAL B 475 9.12 18.11 1.70
N LEU B 476 8.71 19.05 2.53
CA LEU B 476 9.59 19.59 3.55
C LEU B 476 10.00 18.50 4.53
N ASN B 477 11.29 18.43 4.83
CA ASN B 477 11.83 17.43 5.74
C ASN B 477 11.68 17.92 7.16
N ARG B 478 10.84 17.24 7.94
CA ARG B 478 10.54 17.65 9.30
C ARG B 478 11.02 16.62 10.31
N TYR B 479 12.09 15.90 10.00
CA TYR B 479 12.57 14.91 10.97
C TYR B 479 13.15 15.58 12.20
N THR B 480 13.87 16.67 12.03
CA THR B 480 14.38 17.45 13.15
C THR B 480 14.55 18.88 12.67
N TYR B 481 14.75 19.79 13.64
CA TYR B 481 14.78 21.21 13.31
C TYR B 481 15.91 21.54 12.35
N SER B 482 17.09 20.97 12.59
CA SER B 482 18.23 21.24 11.73
C SER B 482 17.98 20.75 10.31
N SER B 483 17.29 19.62 10.16
CA SER B 483 17.01 19.11 8.83
C SER B 483 16.07 20.04 8.08
N THR B 484 15.06 20.60 8.75
CA THR B 484 14.19 21.58 8.12
C THR B 484 14.98 22.82 7.70
N LEU B 485 15.83 23.32 8.59
CA LEU B 485 16.61 24.51 8.25
C LEU B 485 17.53 24.25 7.06
N SER B 486 18.14 23.06 7.01
CA SER B 486 18.99 22.72 5.88
C SER B 486 18.18 22.61 4.59
N HIS B 487 16.99 22.02 4.66
CA HIS B 487 16.19 21.86 3.46
C HIS B 487 15.72 23.20 2.92
N LEU B 488 15.45 24.17 3.80
CA LEU B 488 14.98 25.45 3.31
C LEU B 488 16.07 26.29 2.67
N ARG B 489 17.34 25.86 2.74
CA ARG B 489 18.43 26.62 2.16
C ARG B 489 19.24 25.77 1.19
N ARG B 490 18.57 25.02 0.33
CA ARG B 490 19.20 24.06 -0.56
C ARG B 490 19.09 24.53 -2.00
N THR B 491 20.14 24.29 -2.78
CA THR B 491 20.19 24.67 -4.18
C THR B 491 20.48 23.43 -5.02
N ASN B 492 20.03 23.45 -6.26
CA ASN B 492 20.16 22.30 -7.15
C ASN B 492 20.74 22.73 -8.50
N THR B 493 21.60 21.90 -9.05
CA THR B 493 22.16 22.13 -10.37
C THR B 493 21.53 21.16 -11.36
N PRO B 494 20.69 21.61 -12.27
CA PRO B 494 19.93 20.70 -13.15
C PRO B 494 20.73 20.20 -14.35
N ILE B 495 21.91 19.63 -14.08
CA ILE B 495 22.69 19.02 -15.14
C ILE B 495 22.30 17.57 -15.37
N GLY B 496 21.62 16.95 -14.40
CA GLY B 496 21.14 15.60 -14.57
C GLY B 496 22.26 14.56 -14.47
N ARG B 497 21.90 13.35 -14.90
CA ARG B 497 22.80 12.19 -14.89
C ARG B 497 23.40 11.87 -16.24
N ASP B 498 22.62 12.00 -17.32
CA ASP B 498 23.12 11.76 -18.65
C ASP B 498 24.22 12.77 -18.99
N GLY B 499 25.30 12.28 -19.59
CA GLY B 499 26.41 13.14 -19.93
C GLY B 499 27.08 13.76 -18.73
N LYS B 500 27.27 12.99 -17.67
CA LYS B 500 27.88 13.50 -16.45
C LYS B 500 29.37 13.77 -16.67
N LEU B 501 29.91 14.65 -15.83
CA LEU B 501 31.34 14.95 -15.84
C LEU B 501 31.75 15.36 -14.43
N ALA B 502 33.04 15.21 -14.13
CA ALA B 502 33.50 15.47 -12.77
C ALA B 502 33.58 16.97 -12.49
N LYS B 503 33.86 17.78 -13.49
CA LYS B 503 34.07 19.21 -13.26
C LYS B 503 32.87 19.92 -12.62
N PRO B 504 31.63 19.72 -13.08
CA PRO B 504 30.51 20.38 -12.38
C PRO B 504 30.36 19.95 -10.94
N ARG B 505 30.73 18.71 -10.61
CA ARG B 505 30.55 18.20 -9.25
C ARG B 505 31.64 18.67 -8.29
N GLN B 506 32.74 19.20 -8.81
CA GLN B 506 33.86 19.55 -7.95
C GLN B 506 33.54 20.76 -7.08
N LEU B 507 34.33 20.93 -6.03
CA LEU B 507 34.26 22.11 -5.18
C LEU B 507 35.28 23.13 -5.70
N HIS B 508 34.79 24.23 -6.24
CA HIS B 508 35.64 25.20 -6.91
C HIS B 508 36.16 26.23 -5.92
N ASN B 509 37.22 26.92 -6.32
CA ASN B 509 37.80 27.96 -5.48
C ASN B 509 36.79 29.06 -5.20
N THR B 510 36.00 29.43 -6.20
CA THR B 510 35.06 30.54 -6.07
C THR B 510 33.87 30.21 -5.18
N HIS B 511 33.70 28.95 -4.77
CA HIS B 511 32.65 28.59 -3.84
C HIS B 511 32.92 29.08 -2.42
N TRP B 512 34.12 29.60 -2.15
CA TRP B 512 34.47 29.98 -0.79
C TRP B 512 33.51 31.04 -0.26
N GLY B 513 32.93 30.77 0.90
CA GLY B 513 32.09 31.72 1.57
C GLY B 513 30.66 31.80 1.10
N LEU B 514 30.33 31.17 -0.01
CA LEU B 514 28.99 31.22 -0.57
C LEU B 514 28.23 29.90 -0.46
N VAL B 515 28.91 28.77 -0.52
CA VAL B 515 28.27 27.48 -0.29
C VAL B 515 29.12 26.66 0.67
N CYS B 516 28.47 25.70 1.33
CA CYS B 516 29.14 24.91 2.34
C CYS B 516 30.14 23.95 1.70
N PRO B 517 31.39 23.94 2.14
CA PRO B 517 32.35 22.99 1.57
C PRO B 517 32.11 21.55 2.00
N ALA B 518 31.40 21.33 3.10
CA ALA B 518 31.29 20.00 3.68
C ALA B 518 29.97 19.31 3.37
N GLU B 519 28.88 20.04 3.21
CA GLU B 519 27.56 19.44 3.11
C GLU B 519 27.21 19.18 1.65
N THR B 520 27.07 17.91 1.29
CA THR B 520 26.61 17.50 -0.03
C THR B 520 26.10 16.07 0.08
N PRO B 521 25.13 15.68 -0.75
CA PRO B 521 24.60 14.32 -0.67
C PRO B 521 25.60 13.29 -1.16
N GLU B 522 25.20 12.03 -1.05
CA GLU B 522 25.97 10.91 -1.53
C GLU B 522 25.33 10.30 -2.77
N GLY B 523 26.16 9.68 -3.59
CA GLY B 523 25.67 8.95 -4.75
C GLY B 523 25.52 9.85 -5.96
N GLN B 524 24.36 9.77 -6.61
CA GLN B 524 24.18 10.42 -7.90
C GLN B 524 24.28 11.93 -7.79
N ALA B 525 23.71 12.52 -6.75
CA ALA B 525 23.59 13.97 -6.64
C ALA B 525 24.77 14.61 -5.91
N CYS B 526 25.86 13.87 -5.69
CA CYS B 526 27.00 14.43 -4.98
C CYS B 526 27.58 15.61 -5.76
N GLY B 527 27.74 16.74 -5.09
CA GLY B 527 28.32 17.92 -5.71
C GLY B 527 27.34 18.77 -6.48
N LEU B 528 26.29 18.16 -7.03
CA LEU B 528 25.30 18.92 -7.77
C LEU B 528 24.35 19.67 -6.84
N VAL B 529 24.10 19.13 -5.65
CA VAL B 529 23.23 19.76 -4.67
C VAL B 529 24.08 20.52 -3.68
N LYS B 530 23.82 21.81 -3.53
CA LYS B 530 24.63 22.69 -2.70
C LYS B 530 23.77 23.34 -1.63
N ASN B 531 24.43 23.74 -0.55
CA ASN B 531 23.78 24.42 0.56
C ASN B 531 24.44 25.78 0.77
N LEU B 532 23.62 26.81 0.92
CA LEU B 532 24.15 28.15 1.13
C LEU B 532 24.94 28.21 2.43
N SER B 533 26.01 29.02 2.43
CA SER B 533 26.73 29.26 3.65
C SER B 533 25.86 30.04 4.63
N LEU B 534 26.36 30.18 5.85
CA LEU B 534 25.50 30.65 6.92
C LEU B 534 25.32 32.16 6.90
N LEU B 535 26.10 32.89 6.10
CA LEU B 535 25.94 34.32 5.95
C LEU B 535 25.62 34.74 4.52
N SER B 536 25.30 33.79 3.65
CA SER B 536 25.07 34.10 2.24
C SER B 536 23.71 34.74 2.03
N GLY B 537 23.56 35.41 0.90
CA GLY B 537 22.29 35.94 0.48
C GLY B 537 22.18 35.85 -1.03
N ILE B 538 20.97 36.11 -1.53
CA ILE B 538 20.69 36.13 -2.95
C ILE B 538 20.18 37.51 -3.31
N SER B 539 20.74 38.11 -4.36
CA SER B 539 20.31 39.44 -4.76
C SER B 539 18.86 39.41 -5.24
N ILE B 540 18.15 40.50 -4.98
CA ILE B 540 16.72 40.56 -5.28
C ILE B 540 16.43 41.24 -6.61
N GLY B 541 17.40 41.97 -7.18
CA GLY B 541 17.18 42.66 -8.43
C GLY B 541 16.85 44.12 -8.23
N SER B 542 17.48 44.99 -9.01
CA SER B 542 17.29 46.42 -8.89
C SER B 542 17.22 47.04 -10.28
N PRO B 543 16.47 48.13 -10.45
CA PRO B 543 16.46 48.82 -11.74
C PRO B 543 17.81 49.46 -12.02
N SER B 544 18.20 49.44 -13.30
CA SER B 544 19.49 49.97 -13.72
C SER B 544 19.45 51.42 -14.15
N GLU B 545 18.28 52.03 -14.21
CA GLU B 545 18.20 53.42 -14.65
C GLU B 545 18.96 54.39 -13.74
N PRO B 546 18.86 54.31 -12.41
CA PRO B 546 19.69 55.20 -11.59
C PRO B 546 21.18 55.04 -11.83
N ILE B 547 21.63 53.81 -12.10
CA ILE B 547 23.05 53.59 -12.37
C ILE B 547 23.47 54.33 -13.63
N ILE B 548 22.66 54.23 -14.68
CA ILE B 548 22.96 54.93 -15.93
C ILE B 548 22.96 56.43 -15.71
N ASN B 549 22.00 56.93 -14.94
CA ASN B 549 21.94 58.36 -14.66
C ASN B 549 23.19 58.83 -13.93
N PHE B 550 23.61 58.09 -12.92
CA PHE B 550 24.82 58.47 -12.18
C PHE B 550 26.05 58.42 -13.09
N LEU B 551 26.14 57.38 -13.92
CA LEU B 551 27.29 57.26 -14.82
C LEU B 551 27.35 58.42 -15.80
N GLU B 552 26.21 58.79 -16.39
CA GLU B 552 26.18 59.92 -17.31
C GLU B 552 26.50 61.22 -16.58
N GLU B 553 26.02 61.37 -15.36
CA GLU B 553 26.29 62.57 -14.60
C GLU B 553 27.77 62.73 -14.29
N TRP B 554 28.46 61.62 -14.03
CA TRP B 554 29.86 61.67 -13.63
C TRP B 554 30.82 61.47 -14.78
N GLY B 555 30.45 61.93 -15.98
CA GLY B 555 31.41 62.09 -17.05
C GLY B 555 31.49 60.97 -18.07
N MET B 556 30.72 59.91 -17.93
CA MET B 556 30.74 58.84 -18.92
C MET B 556 30.17 59.35 -20.23
N GLU B 557 30.83 59.01 -21.33
CA GLU B 557 30.39 59.49 -22.62
C GLU B 557 29.88 58.34 -23.49
N PRO B 558 28.72 58.51 -24.12
CA PRO B 558 28.08 57.40 -24.82
C PRO B 558 28.84 56.92 -26.05
N LEU B 559 28.33 55.85 -26.67
CA LEU B 559 29.07 55.17 -27.72
C LEU B 559 29.16 55.98 -29.01
N GLU B 560 28.13 56.76 -29.33
CA GLU B 560 28.15 57.51 -30.59
C GLU B 560 29.26 58.56 -30.61
N ASP B 561 29.75 58.97 -29.44
CA ASP B 561 30.88 59.88 -29.36
C ASP B 561 32.21 59.17 -29.22
N TYR B 562 32.28 57.91 -29.66
CA TYR B 562 33.46 57.08 -29.48
C TYR B 562 34.08 56.73 -30.82
N ASP B 563 35.40 56.89 -30.91
CA ASP B 563 36.18 56.45 -32.06
C ASP B 563 37.33 55.61 -31.55
N PRO B 564 37.51 54.39 -32.06
CA PRO B 564 38.59 53.53 -31.54
C PRO B 564 39.98 54.14 -31.70
N ALA B 565 40.22 54.84 -32.81
CA ALA B 565 41.53 55.47 -33.01
C ALA B 565 41.77 56.57 -31.97
N GLN B 566 40.75 57.36 -31.66
CA GLN B 566 40.92 58.45 -30.71
C GLN B 566 41.07 57.93 -29.28
N HIS B 567 40.04 57.25 -28.77
CA HIS B 567 40.07 56.73 -27.41
C HIS B 567 40.77 55.36 -27.39
N THR B 568 42.07 55.40 -27.62
CA THR B 568 42.87 54.18 -27.58
C THR B 568 43.23 53.76 -26.17
N LYS B 569 42.90 54.57 -25.17
CA LYS B 569 43.22 54.26 -23.78
C LYS B 569 42.02 54.35 -22.85
N SER B 570 40.83 54.68 -23.36
CA SER B 570 39.66 54.78 -22.51
C SER B 570 39.22 53.40 -22.05
N THR B 571 38.40 53.40 -21.00
CA THR B 571 37.91 52.18 -20.38
C THR B 571 36.45 51.97 -20.73
N ARG B 572 36.11 50.76 -21.19
CA ARG B 572 34.73 50.44 -21.48
C ARG B 572 33.93 50.31 -20.19
N ILE B 573 32.62 50.51 -20.31
CA ILE B 573 31.70 50.44 -19.18
C ILE B 573 30.53 49.56 -19.55
N PHE B 574 30.32 48.50 -18.78
CA PHE B 574 29.22 47.56 -18.99
C PHE B 574 28.24 47.70 -17.84
N VAL B 575 26.95 47.70 -18.14
CA VAL B 575 25.90 47.70 -17.14
C VAL B 575 24.97 46.55 -17.46
N ASN B 576 24.93 45.56 -16.56
CA ASN B 576 24.11 44.36 -16.75
C ASN B 576 24.44 43.64 -18.05
N GLY B 577 25.70 43.69 -18.47
CA GLY B 577 26.15 42.94 -19.62
C GLY B 577 26.08 43.67 -20.95
N VAL B 578 25.55 44.88 -21.00
CA VAL B 578 25.50 45.65 -22.24
C VAL B 578 26.54 46.74 -22.18
N TRP B 579 27.29 46.90 -23.27
CA TRP B 579 28.26 47.98 -23.37
C TRP B 579 27.51 49.29 -23.59
N THR B 580 27.61 50.20 -22.61
CA THR B 580 26.83 51.42 -22.65
C THR B 580 27.63 52.67 -22.95
N GLY B 581 28.95 52.64 -22.77
CA GLY B 581 29.73 53.83 -23.00
C GLY B 581 31.19 53.58 -22.70
N ILE B 582 31.95 54.68 -22.65
CA ILE B 582 33.37 54.64 -22.34
C ILE B 582 33.67 55.76 -21.35
N HIS B 583 34.79 55.60 -20.64
CA HIS B 583 35.25 56.59 -19.68
C HIS B 583 36.77 56.66 -19.73
N ARG B 584 37.30 57.85 -19.50
CA ARG B 584 38.73 58.08 -19.62
C ARG B 584 39.46 58.11 -18.29
N ASP B 585 38.74 58.26 -17.17
CA ASP B 585 39.33 58.27 -15.83
C ASP B 585 38.54 57.30 -14.96
N PRO B 586 38.73 55.99 -15.17
CA PRO B 586 37.91 55.01 -14.45
C PRO B 586 38.16 55.00 -12.94
N SER B 587 39.32 55.48 -12.47
CA SER B 587 39.62 55.39 -11.04
C SER B 587 38.66 56.23 -10.22
N MET B 588 38.51 57.50 -10.59
CA MET B 588 37.59 58.36 -9.85
C MET B 588 36.16 57.89 -9.99
N LEU B 589 35.80 57.31 -11.13
CA LEU B 589 34.44 56.82 -11.32
C LEU B 589 34.15 55.64 -10.41
N VAL B 590 35.08 54.69 -10.32
CA VAL B 590 34.84 53.54 -9.46
C VAL B 590 34.85 53.96 -8.00
N SER B 591 35.71 54.93 -7.63
CA SER B 591 35.68 55.44 -6.27
C SER B 591 34.34 56.08 -5.95
N THR B 592 33.81 56.89 -6.87
CA THR B 592 32.52 57.54 -6.65
C THR B 592 31.39 56.53 -6.54
N MET B 593 31.35 55.55 -7.44
CA MET B 593 30.29 54.56 -7.40
C MET B 593 30.35 53.75 -6.11
N ARG B 594 31.54 53.36 -5.69
CA ARG B 594 31.69 52.59 -4.46
C ARG B 594 31.27 53.42 -3.25
N ASP B 595 31.66 54.69 -3.20
CA ASP B 595 31.25 55.53 -2.09
C ASP B 595 29.74 55.74 -2.07
N LEU B 596 29.12 55.89 -3.24
CA LEU B 596 27.67 56.01 -3.31
C LEU B 596 27.00 54.76 -2.80
N ARG B 597 27.50 53.58 -3.17
CA ARG B 597 26.92 52.34 -2.69
C ARG B 597 27.08 52.22 -1.19
N ARG B 598 28.23 52.62 -0.65
CA ARG B 598 28.44 52.53 0.79
C ARG B 598 27.57 53.53 1.55
N SER B 599 27.24 54.66 0.94
CA SER B 599 26.39 55.64 1.60
C SER B 599 24.91 55.29 1.50
N GLY B 600 24.55 54.24 0.76
CA GLY B 600 23.17 53.83 0.63
C GLY B 600 22.43 54.42 -0.55
N ALA B 601 23.04 55.33 -1.30
CA ALA B 601 22.36 55.91 -2.45
C ALA B 601 22.06 54.86 -3.51
N ILE B 602 23.00 53.96 -3.75
CA ILE B 602 22.80 52.82 -4.63
C ILE B 602 22.48 51.60 -3.76
N SER B 603 21.69 50.70 -4.29
CA SER B 603 21.29 49.53 -3.52
C SER B 603 22.54 48.72 -3.16
N PRO B 604 22.68 48.28 -1.91
CA PRO B 604 23.92 47.63 -1.49
C PRO B 604 24.23 46.34 -2.21
N GLU B 605 23.24 45.70 -2.83
CA GLU B 605 23.48 44.47 -3.56
C GLU B 605 23.95 44.69 -4.99
N VAL B 606 24.12 45.94 -5.41
CA VAL B 606 24.65 46.22 -6.74
C VAL B 606 26.14 45.90 -6.77
N SER B 607 26.56 45.13 -7.77
CA SER B 607 27.93 44.68 -7.89
C SER B 607 28.72 45.64 -8.76
N ILE B 608 29.83 46.13 -8.22
CA ILE B 608 30.70 47.08 -8.92
C ILE B 608 32.07 46.44 -9.07
N ILE B 609 32.46 46.18 -10.31
CA ILE B 609 33.69 45.46 -10.62
C ILE B 609 34.54 46.29 -11.55
N ARG B 610 35.83 46.40 -11.25
CA ARG B 610 36.78 47.05 -12.15
C ARG B 610 37.86 46.06 -12.53
N ASP B 611 37.98 45.79 -13.82
CA ASP B 611 39.01 44.88 -14.34
C ASP B 611 40.12 45.74 -14.95
N ILE B 612 41.15 46.02 -14.16
CA ILE B 612 42.22 46.91 -14.61
C ILE B 612 43.00 46.29 -15.76
N ARG B 613 43.21 44.97 -15.71
CA ARG B 613 43.99 44.32 -16.75
C ARG B 613 43.32 44.43 -18.11
N GLU B 614 42.01 44.22 -18.17
CA GLU B 614 41.28 44.24 -19.43
C GLU B 614 40.67 45.60 -19.75
N ARG B 615 40.90 46.61 -18.91
CA ARG B 615 40.36 47.95 -19.13
C ARG B 615 38.84 47.93 -19.25
N GLU B 616 38.19 47.30 -18.27
CA GLU B 616 36.74 47.20 -18.23
C GLU B 616 36.26 47.64 -16.86
N PHE B 617 35.01 48.10 -16.81
CA PHE B 617 34.38 48.55 -15.57
C PHE B 617 32.92 48.09 -15.61
N LYS B 618 32.66 46.92 -15.03
CA LYS B 618 31.37 46.27 -15.13
C LYS B 618 30.51 46.56 -13.91
N ILE B 619 29.20 46.65 -14.12
CA ILE B 619 28.23 46.88 -13.05
C ILE B 619 27.09 45.90 -13.24
N PHE B 620 26.66 45.27 -12.15
CA PHE B 620 25.60 44.29 -12.18
C PHE B 620 24.51 44.69 -11.19
N THR B 621 23.27 44.78 -11.67
CA THR B 621 22.11 44.91 -10.81
C THR B 621 21.15 43.73 -11.01
N ASP B 622 21.68 42.61 -11.49
CA ASP B 622 20.87 41.45 -11.85
C ASP B 622 20.28 40.80 -10.60
N VAL B 623 19.33 39.91 -10.83
CA VAL B 623 18.66 39.15 -9.77
C VAL B 623 19.22 37.73 -9.77
N GLY B 624 19.52 37.23 -8.59
CA GLY B 624 20.02 35.87 -8.45
C GLY B 624 21.50 35.74 -8.19
N ARG B 625 22.17 36.82 -7.78
CA ARG B 625 23.60 36.78 -7.51
C ARG B 625 23.84 36.52 -6.03
N VAL B 626 24.66 35.53 -5.74
CA VAL B 626 24.95 35.16 -4.36
C VAL B 626 26.05 36.07 -3.83
N TYR B 627 25.78 36.75 -2.71
CA TYR B 627 26.76 37.64 -2.10
C TYR B 627 26.95 37.27 -0.63
N ARG B 628 27.86 37.97 0.03
CA ARG B 628 28.14 37.77 1.44
C ARG B 628 28.74 39.03 2.01
N PRO B 629 28.55 39.31 3.29
CA PRO B 629 29.07 40.55 3.87
C PRO B 629 30.52 40.44 4.28
N LEU B 630 31.18 41.58 4.32
CA LEU B 630 32.58 41.66 4.74
C LEU B 630 32.82 42.98 5.44
N PHE B 631 33.80 43.00 6.34
CA PHE B 631 34.23 44.25 6.94
C PHE B 631 34.96 45.09 5.89
N ILE B 632 35.01 46.39 6.12
CA ILE B 632 35.67 47.32 5.21
C ILE B 632 36.89 47.88 5.91
N VAL B 633 38.04 47.80 5.24
CA VAL B 633 39.29 48.33 5.76
C VAL B 633 39.57 49.67 5.10
N GLU B 634 39.88 50.67 5.89
CA GLU B 634 40.13 52.01 5.38
C GLU B 634 41.44 52.01 4.59
N ASP B 635 41.33 52.07 3.26
CA ASP B 635 42.49 51.94 2.38
C ASP B 635 42.91 53.26 1.74
N ASP B 636 42.33 54.38 2.17
CA ASP B 636 42.73 55.67 1.63
C ASP B 636 44.09 56.07 2.19
N GLU B 637 45.04 56.36 1.30
CA GLU B 637 46.37 56.76 1.74
C GLU B 637 46.33 58.09 2.49
N SER B 638 45.49 59.02 2.04
CA SER B 638 45.42 60.34 2.65
C SER B 638 44.82 60.31 4.06
N LYS B 639 44.24 59.19 4.46
CA LYS B 639 43.55 59.12 5.75
C LYS B 639 44.51 58.62 6.83
N ASP B 640 44.35 59.18 8.03
CA ASP B 640 45.15 58.73 9.17
C ASP B 640 44.80 57.30 9.57
N ASN B 641 43.57 56.88 9.30
CA ASN B 641 43.09 55.55 9.66
C ASN B 641 43.44 54.50 8.62
N LYS B 642 44.44 54.75 7.78
CA LYS B 642 44.78 53.83 6.70
C LYS B 642 45.15 52.46 7.24
N GLY B 643 44.61 51.42 6.60
CA GLY B 643 44.93 50.06 6.97
C GLY B 643 44.27 49.54 8.23
N GLU B 644 43.16 50.15 8.64
CA GLU B 644 42.46 49.75 9.85
C GLU B 644 41.00 49.50 9.53
N LEU B 645 40.37 48.65 10.33
CA LEU B 645 38.94 48.42 10.20
C LEU B 645 38.18 49.72 10.45
N ARG B 646 37.15 49.95 9.64
CA ARG B 646 36.31 51.13 9.85
C ARG B 646 35.44 50.98 11.09
N ILE B 647 34.97 49.77 11.38
CA ILE B 647 34.10 49.56 12.52
C ILE B 647 34.89 49.71 13.81
N THR B 648 34.33 50.44 14.76
CA THR B 648 34.98 50.71 16.03
C THR B 648 34.06 50.25 17.16
N LYS B 649 34.55 50.36 18.39
CA LYS B 649 33.75 49.94 19.54
C LYS B 649 32.49 50.79 19.69
N GLU B 650 32.49 52.00 19.14
CA GLU B 650 31.27 52.81 19.20
C GLU B 650 30.13 52.15 18.45
N HIS B 651 30.42 51.59 17.27
CA HIS B 651 29.38 50.87 16.53
C HIS B 651 28.92 49.64 17.31
N ILE B 652 29.85 48.95 17.97
CA ILE B 652 29.48 47.76 18.74
C ILE B 652 28.56 48.14 19.89
N ARG B 653 28.87 49.23 20.60
CA ARG B 653 28.00 49.62 21.70
C ARG B 653 26.66 50.14 21.21
N LYS B 654 26.64 50.80 20.04
CA LYS B 654 25.36 51.19 19.45
C LYS B 654 24.52 49.98 19.10
N ILE B 655 25.14 48.94 18.55
CA ILE B 655 24.41 47.72 18.22
C ILE B 655 23.86 47.07 19.48
N GLN B 656 24.68 47.00 20.54
CA GLN B 656 24.22 46.40 21.78
C GLN B 656 23.07 47.18 22.40
N GLN B 657 23.16 48.51 22.39
CA GLN B 657 22.07 49.32 22.93
C GLN B 657 20.80 49.14 22.11
N GLY B 658 20.93 49.16 20.79
CA GLY B 658 19.78 49.08 19.90
C GLY B 658 19.32 50.39 19.31
N TYR B 659 20.00 51.49 19.63
CA TYR B 659 19.63 52.79 19.10
C TYR B 659 20.87 53.66 19.01
N ASP B 660 20.78 54.69 18.18
CA ASP B 660 21.88 55.63 18.02
C ASP B 660 21.72 56.80 18.98
N ASP B 661 22.84 57.47 19.25
CA ASP B 661 22.84 58.65 20.12
C ASP B 661 22.84 59.91 19.26
N ASP B 662 21.66 60.19 18.72
CA ASP B 662 21.43 61.37 17.87
C ASP B 662 22.40 61.43 16.70
N VAL B 675 15.99 52.76 15.45
CA VAL B 675 16.62 51.46 15.65
C VAL B 675 17.93 51.39 14.88
N TYR B 676 18.98 50.90 15.55
CA TYR B 676 20.30 50.78 14.96
C TYR B 676 20.64 49.30 14.88
N GLY B 677 20.52 48.73 13.69
CA GLY B 677 20.75 47.32 13.51
C GLY B 677 21.77 46.99 12.45
N TRP B 678 21.58 45.87 11.76
CA TRP B 678 22.52 45.45 10.72
C TRP B 678 22.47 46.38 9.51
N SER B 679 21.26 46.78 9.10
CA SER B 679 21.13 47.65 7.95
C SER B 679 21.81 48.99 8.20
N SER B 680 21.76 49.47 9.44
CA SER B 680 22.46 50.71 9.77
C SER B 680 23.97 50.54 9.60
N LEU B 681 24.51 49.37 9.98
CA LEU B 681 25.92 49.11 9.74
C LEU B 681 26.23 49.10 8.25
N VAL B 682 25.37 48.48 7.45
CA VAL B 682 25.63 48.39 6.02
C VAL B 682 25.60 49.77 5.38
N THR B 683 24.62 50.61 5.74
CA THR B 683 24.49 51.91 5.11
C THR B 683 25.42 52.97 5.70
N SER B 684 26.06 52.69 6.83
CA SER B 684 27.00 53.63 7.41
C SER B 684 28.42 53.43 6.89
N GLY B 685 28.62 52.49 5.97
CA GLY B 685 29.90 52.34 5.33
C GLY B 685 30.94 51.56 6.11
N VAL B 686 30.51 50.64 6.98
CA VAL B 686 31.45 49.80 7.69
C VAL B 686 31.37 48.34 7.27
N ILE B 687 30.31 47.92 6.58
CA ILE B 687 30.15 46.56 6.08
C ILE B 687 29.55 46.67 4.69
N GLU B 688 29.99 45.80 3.77
CA GLU B 688 29.43 45.79 2.43
C GLU B 688 29.36 44.36 1.91
N TYR B 689 28.44 44.14 0.96
CA TYR B 689 28.27 42.85 0.34
C TYR B 689 29.10 42.74 -0.93
N VAL B 690 29.72 41.58 -1.13
CA VAL B 690 30.47 41.29 -2.34
C VAL B 690 30.03 39.93 -2.87
N ASP B 691 29.95 39.80 -4.18
CA ASP B 691 29.55 38.56 -4.81
C ASP B 691 30.78 37.83 -5.36
N GLY B 692 30.54 36.74 -6.09
CA GLY B 692 31.65 35.92 -6.56
C GLY B 692 32.49 36.58 -7.64
N GLU B 693 31.95 37.59 -8.31
CA GLU B 693 32.69 38.28 -9.36
C GLU B 693 33.46 39.49 -8.85
N GLU B 694 32.93 40.17 -7.84
CA GLU B 694 33.66 41.29 -7.25
C GLU B 694 34.81 40.80 -6.39
N GLU B 695 34.73 39.57 -5.88
CA GLU B 695 35.81 39.03 -5.06
C GLU B 695 37.10 38.85 -5.85
N GLU B 696 37.03 38.82 -7.17
CA GLU B 696 38.24 38.68 -7.98
C GLU B 696 39.18 39.86 -7.80
N THR B 697 38.66 41.03 -7.39
CA THR B 697 39.42 42.26 -7.44
C THR B 697 39.67 42.85 -6.06
N ILE B 698 39.55 42.05 -5.00
CA ILE B 698 39.71 42.56 -3.65
C ILE B 698 40.74 41.70 -2.93
N MET B 699 41.35 42.28 -1.90
CA MET B 699 42.31 41.62 -1.05
C MET B 699 41.73 41.55 0.35
N ILE B 700 41.46 40.34 0.83
CA ILE B 700 40.75 40.11 2.08
C ILE B 700 41.73 39.62 3.12
N ALA B 701 41.56 40.09 4.35
CA ALA B 701 42.29 39.58 5.50
C ALA B 701 41.44 38.53 6.19
N MET B 702 42.07 37.48 6.70
CA MET B 702 41.30 36.41 7.32
C MET B 702 40.75 36.81 8.68
N THR B 703 41.54 37.54 9.46
CA THR B 703 41.16 37.96 10.80
C THR B 703 41.65 39.38 11.02
N PRO B 704 41.03 40.13 11.93
CA PRO B 704 41.53 41.47 12.23
C PRO B 704 42.97 41.47 12.71
N GLU B 705 43.45 40.36 13.25
CA GLU B 705 44.85 40.26 13.63
C GLU B 705 45.79 40.27 12.43
N ASP B 706 45.30 39.90 11.25
CA ASP B 706 46.13 39.92 10.05
C ASP B 706 46.38 41.33 9.55
N LEU B 707 45.69 42.33 10.08
CA LEU B 707 45.82 43.70 9.59
C LEU B 707 47.11 44.37 10.06
N GLN B 708 47.85 43.74 10.96
CA GLN B 708 49.13 44.27 11.42
C GLN B 708 50.19 43.19 11.37
N THR B 709 51.44 43.63 11.20
CA THR B 709 52.57 42.71 11.11
C THR B 709 52.87 42.04 12.45
N ASN B 720 57.05 29.54 19.90
CA ASN B 720 57.64 28.21 19.86
C ASN B 720 56.82 27.23 20.69
N ASP B 721 55.53 27.13 20.37
CA ASP B 721 54.61 26.24 21.07
C ASP B 721 54.26 25.06 20.17
N THR B 722 54.26 23.86 20.75
CA THR B 722 54.02 22.64 19.99
C THR B 722 52.54 22.33 19.81
N ALA B 723 51.65 23.09 20.44
CA ALA B 723 50.21 22.84 20.36
C ALA B 723 49.46 23.82 19.47
N LYS B 724 49.82 25.09 19.49
CA LYS B 724 49.10 26.08 18.70
C LYS B 724 49.46 25.96 17.22
N ARG B 725 48.52 26.36 16.36
CA ARG B 725 48.70 26.19 14.93
C ARG B 725 49.59 27.31 14.36
N ILE B 726 49.97 27.13 13.10
CA ILE B 726 50.94 28.00 12.44
C ILE B 726 50.22 28.80 11.37
N LYS B 727 50.36 30.13 11.43
CA LYS B 727 49.78 31.03 10.44
C LYS B 727 50.68 31.10 9.20
N PRO B 728 50.10 31.41 8.04
CA PRO B 728 50.93 31.55 6.83
C PRO B 728 51.94 32.68 6.98
N GLU B 729 53.14 32.46 6.45
CA GLU B 729 54.21 33.45 6.55
C GLU B 729 53.94 34.64 5.63
N MET B 730 53.56 34.37 4.38
CA MET B 730 53.23 35.38 3.39
C MET B 730 54.39 36.36 3.18
N SER B 731 55.56 35.79 2.87
CA SER B 731 56.77 36.57 2.68
C SER B 731 57.01 36.97 1.23
N THR B 732 56.13 36.56 0.31
CA THR B 732 56.32 36.91 -1.09
C THR B 732 56.08 38.40 -1.34
N SER B 733 55.23 39.03 -0.54
CA SER B 733 54.90 40.45 -0.69
C SER B 733 55.61 41.24 0.40
N SER B 734 56.33 42.28 0.00
CA SER B 734 57.00 43.14 0.97
C SER B 734 55.99 43.84 1.87
N HIS B 735 54.84 44.23 1.31
CA HIS B 735 53.81 44.90 2.07
C HIS B 735 52.45 44.54 1.47
N HIS B 736 51.41 44.67 2.29
CA HIS B 736 50.06 44.36 1.88
C HIS B 736 49.16 45.57 2.11
N THR B 737 48.17 45.72 1.23
CA THR B 737 47.13 46.73 1.35
C THR B 737 45.80 45.99 1.26
N PHE B 738 45.31 45.54 2.41
CA PHE B 738 44.03 44.86 2.45
C PHE B 738 42.90 45.85 2.23
N THR B 739 41.83 45.36 1.63
CA THR B 739 40.64 46.16 1.40
C THR B 739 39.43 45.70 2.18
N HIS B 740 39.40 44.43 2.63
CA HIS B 740 38.28 43.90 3.39
C HIS B 740 38.82 42.92 4.41
N CYS B 741 37.98 42.60 5.38
CA CYS B 741 38.32 41.61 6.41
C CYS B 741 37.13 40.69 6.63
N GLU B 742 37.41 39.41 6.81
CA GLU B 742 36.34 38.45 7.07
C GLU B 742 35.73 38.68 8.44
N ILE B 743 34.40 38.60 8.52
CA ILE B 743 33.74 38.81 9.79
C ILE B 743 34.10 37.70 10.76
N HIS B 744 33.95 36.44 10.34
CA HIS B 744 34.52 35.31 11.06
C HIS B 744 34.63 34.13 10.10
N PRO B 745 35.80 33.51 10.02
CA PRO B 745 36.00 32.45 9.01
C PRO B 745 35.08 31.26 9.17
N SER B 746 34.54 31.01 10.36
CA SER B 746 33.70 29.84 10.59
C SER B 746 32.33 30.02 9.98
N MET B 747 32.07 31.17 9.35
CA MET B 747 30.80 31.41 8.69
C MET B 747 30.76 30.88 7.27
N ILE B 748 31.82 30.21 6.80
CA ILE B 748 31.80 29.57 5.50
C ILE B 748 31.08 28.24 5.52
N LEU B 749 30.59 27.81 6.67
CA LEU B 749 29.92 26.54 6.83
C LEU B 749 28.40 26.72 6.75
N GLY B 750 27.71 25.64 6.39
CA GLY B 750 26.27 25.66 6.27
C GLY B 750 25.58 25.37 7.59
N VAL B 751 24.28 25.08 7.49
CA VAL B 751 23.50 24.80 8.68
C VAL B 751 23.88 23.47 9.29
N ALA B 752 24.03 22.43 8.46
CA ALA B 752 24.29 21.11 9.00
C ALA B 752 25.73 20.97 9.47
N ALA B 753 26.66 21.66 8.80
CA ALA B 753 28.06 21.59 9.19
C ALA B 753 28.41 22.51 10.34
N SER B 754 27.47 23.35 10.80
CA SER B 754 27.71 24.20 11.95
C SER B 754 27.46 23.47 13.26
N ILE B 755 27.04 22.20 13.21
CA ILE B 755 26.84 21.43 14.42
C ILE B 755 28.12 20.72 14.85
N ILE B 756 28.98 20.38 13.92
CA ILE B 756 30.21 19.62 14.23
C ILE B 756 31.09 20.47 15.15
N PRO B 757 31.56 19.93 16.27
CA PRO B 757 32.55 20.64 17.09
C PRO B 757 33.96 20.36 16.56
N PHE B 758 34.77 21.40 16.48
CA PHE B 758 36.12 21.31 15.94
C PHE B 758 36.13 20.63 14.57
N PRO B 759 35.42 21.18 13.58
CA PRO B 759 35.45 20.56 12.25
C PRO B 759 36.80 20.64 11.59
N ASP B 760 37.70 21.52 12.05
CA ASP B 760 39.03 21.66 11.49
C ASP B 760 40.03 20.65 12.04
N HIS B 761 39.62 19.80 12.98
CA HIS B 761 40.46 18.71 13.46
C HIS B 761 40.06 17.37 12.85
N ASN B 762 39.24 17.37 11.82
CA ASN B 762 38.65 16.17 11.26
C ASN B 762 39.07 15.97 9.82
N GLN B 763 39.13 14.71 9.39
CA GLN B 763 39.23 14.43 7.97
C GLN B 763 37.92 14.83 7.29
N SER B 764 38.04 15.55 6.17
CA SER B 764 36.86 16.18 5.57
C SER B 764 35.74 15.20 5.19
N PRO B 765 36.01 14.00 4.65
CA PRO B 765 34.88 13.08 4.40
C PRO B 765 34.07 12.79 5.63
N ARG B 766 34.69 12.78 6.81
CA ARG B 766 33.93 12.58 8.03
C ARG B 766 33.01 13.77 8.30
N ASN B 767 33.44 14.98 7.97
CA ASN B 767 32.56 16.14 8.08
C ASN B 767 31.38 16.00 7.15
N THR B 768 31.62 15.52 5.92
CA THR B 768 30.50 15.33 4.99
C THR B 768 29.54 14.26 5.49
N TYR B 769 30.06 13.16 6.02
CA TYR B 769 29.20 12.10 6.54
C TYR B 769 28.37 12.60 7.71
N GLN B 770 28.96 13.41 8.59
CA GLN B 770 28.19 13.96 9.70
C GLN B 770 27.12 14.93 9.19
N SER B 771 27.45 15.74 8.19
CA SER B 771 26.43 16.61 7.62
C SER B 771 25.26 15.79 7.11
N ALA B 772 25.54 14.65 6.52
CA ALA B 772 24.46 13.77 6.05
C ALA B 772 23.68 13.17 7.22
N MET B 773 24.36 12.68 8.24
CA MET B 773 23.70 11.96 9.33
C MET B 773 23.02 12.86 10.34
N GLY B 774 23.34 14.15 10.36
CA GLY B 774 22.69 15.04 11.30
C GLY B 774 21.26 15.35 10.94
N LYS B 775 20.87 15.09 9.70
CA LYS B 775 19.50 15.26 9.25
C LYS B 775 18.65 14.03 9.52
N GLN B 776 19.22 12.99 10.13
CA GLN B 776 18.49 11.79 10.50
C GLN B 776 18.46 11.58 12.00
N ALA B 777 18.91 12.55 12.79
CA ALA B 777 18.94 12.42 14.24
C ALA B 777 17.57 12.81 14.80
N MET B 778 17.03 11.95 15.65
CA MET B 778 15.75 12.24 16.28
C MET B 778 15.91 13.30 17.37
N GLY B 779 15.05 14.29 17.35
CA GLY B 779 15.06 15.33 18.36
C GLY B 779 13.66 15.82 18.66
N VAL B 780 13.47 17.13 18.65
CA VAL B 780 12.16 17.74 18.78
C VAL B 780 12.02 18.70 17.61
N PHE B 781 11.33 18.28 16.56
CA PHE B 781 11.27 19.11 15.35
C PHE B 781 10.45 20.37 15.58
N LEU B 782 9.40 20.29 16.37
CA LEU B 782 8.58 21.45 16.67
C LEU B 782 8.00 21.28 18.06
N THR B 783 7.58 22.40 18.66
CA THR B 783 6.98 22.36 19.97
C THR B 783 5.49 22.01 19.94
N ASN B 784 4.85 22.08 18.78
CA ASN B 784 3.43 21.78 18.66
C ASN B 784 3.19 20.42 18.03
N TYR B 785 4.04 19.45 18.33
CA TYR B 785 3.91 18.14 17.71
C TYR B 785 2.65 17.42 18.14
N ASN B 786 2.01 17.84 19.24
CA ASN B 786 0.79 17.19 19.67
C ASN B 786 -0.38 17.50 18.75
N VAL B 787 -0.46 18.74 18.24
CA VAL B 787 -1.59 19.16 17.43
C VAL B 787 -1.38 18.92 15.96
N ARG B 788 -0.25 18.35 15.57
CA ARG B 788 0.06 18.07 14.17
C ARG B 788 -0.22 16.62 13.85
N MET B 789 -0.66 16.37 12.63
CA MET B 789 -0.93 15.02 12.14
C MET B 789 0.02 14.76 10.97
N ASP B 790 1.25 14.37 11.29
CA ASP B 790 2.24 14.03 10.29
C ASP B 790 2.21 12.53 10.03
N THR B 791 2.68 12.13 8.85
CA THR B 791 2.72 10.71 8.53
C THR B 791 3.63 9.95 9.48
N MET B 792 4.79 10.54 9.81
CA MET B 792 5.68 10.01 10.82
C MET B 792 6.15 11.14 11.70
N ALA B 793 6.51 10.79 12.93
CA ALA B 793 7.08 11.75 13.86
C ALA B 793 7.86 10.99 14.92
N ASN B 794 9.08 11.44 15.19
CA ASN B 794 9.92 10.86 16.23
C ASN B 794 10.31 11.95 17.20
N ILE B 795 10.06 11.72 18.49
CA ILE B 795 10.37 12.67 19.54
C ILE B 795 11.19 11.95 20.59
N LEU B 796 12.32 12.55 20.97
CA LEU B 796 13.18 11.95 21.99
C LEU B 796 12.66 12.35 23.37
N TYR B 797 12.65 11.41 24.31
CA TYR B 797 12.09 11.69 25.62
C TYR B 797 12.82 12.84 26.31
N TYR B 798 14.14 12.74 26.41
CA TYR B 798 14.94 13.62 27.25
C TYR B 798 16.07 14.22 26.42
N PRO B 799 15.77 15.20 25.58
CA PRO B 799 16.84 15.88 24.85
C PRO B 799 17.76 16.62 25.81
N GLN B 800 19.04 16.68 25.44
CA GLN B 800 20.02 17.43 26.20
C GLN B 800 20.83 18.28 25.24
N LYS B 801 21.23 19.45 25.69
CA LYS B 801 22.08 20.26 24.84
C LYS B 801 23.53 19.79 24.95
N PRO B 802 24.31 19.94 23.89
CA PRO B 802 25.70 19.46 23.92
C PRO B 802 26.54 20.25 24.91
N LEU B 803 27.51 19.55 25.51
CA LEU B 803 28.43 20.21 26.41
C LEU B 803 29.50 20.99 25.64
N ALA B 804 29.93 20.45 24.51
CA ALA B 804 30.88 21.13 23.63
C ALA B 804 30.08 21.65 22.43
N LYS B 805 29.75 22.93 22.47
CA LYS B 805 28.93 23.58 21.46
C LYS B 805 29.78 24.53 20.63
N THR B 806 29.18 25.03 19.56
CA THR B 806 29.79 26.04 18.72
C THR B 806 28.97 27.32 18.77
N GLN B 807 29.62 28.43 18.41
CA GLN B 807 28.94 29.72 18.46
C GLN B 807 27.82 29.81 17.44
N ALA B 808 27.92 29.07 16.33
CA ALA B 808 26.89 29.11 15.31
C ALA B 808 25.63 28.37 15.73
N MET B 809 25.70 27.55 16.78
CA MET B 809 24.50 26.86 17.27
C MET B 809 23.51 27.80 17.91
N GLU B 810 23.93 29.04 18.23
CA GLU B 810 23.02 29.97 18.88
C GLU B 810 21.90 30.39 17.93
N TYR B 811 22.23 30.57 16.67
CA TYR B 811 21.27 31.05 15.68
C TYR B 811 20.55 29.92 14.97
N LEU B 812 20.92 28.67 15.23
CA LEU B 812 20.20 27.51 14.72
C LEU B 812 19.23 26.95 15.75
N LYS B 813 19.09 27.60 16.90
CA LYS B 813 18.21 27.18 17.98
C LYS B 813 18.51 25.77 18.47
N PHE B 814 19.74 25.29 18.27
CA PHE B 814 20.07 23.93 18.68
C PHE B 814 20.05 23.78 20.18
N ARG B 815 20.18 24.89 20.92
CA ARG B 815 20.11 24.83 22.37
C ARG B 815 18.68 24.59 22.86
N GLU B 816 17.69 25.04 22.10
CA GLU B 816 16.30 24.96 22.50
C GLU B 816 15.57 23.74 21.96
N LEU B 817 16.02 23.18 20.84
CA LEU B 817 15.44 21.97 20.26
C LEU B 817 16.56 21.01 19.91
N PRO B 818 17.27 20.47 20.90
CA PRO B 818 18.42 19.62 20.62
C PRO B 818 18.00 18.24 20.18
N ALA B 819 18.93 17.53 19.57
CA ALA B 819 18.66 16.25 18.91
C ALA B 819 19.69 15.20 19.31
N GLY B 820 19.90 15.04 20.61
CA GLY B 820 20.86 14.05 21.07
C GLY B 820 20.93 14.05 22.57
N GLN B 821 21.85 13.25 23.08
CA GLN B 821 22.09 13.16 24.53
C GLN B 821 23.57 13.00 24.79
N ASN B 822 23.99 13.41 25.98
CA ASN B 822 25.38 13.29 26.42
C ASN B 822 25.55 11.94 27.10
N ALA B 823 26.21 11.01 26.43
CA ALA B 823 26.48 9.69 26.98
C ALA B 823 27.90 9.65 27.50
N ILE B 824 28.12 8.90 28.57
CA ILE B 824 29.46 8.67 29.09
C ILE B 824 30.08 7.56 28.24
N VAL B 825 31.02 7.93 27.39
CA VAL B 825 31.60 7.02 26.41
C VAL B 825 32.97 6.57 26.90
N ALA B 826 33.24 5.27 26.81
CA ALA B 826 34.55 4.71 27.10
C ALA B 826 35.07 4.01 25.86
N ILE B 827 36.29 4.32 25.47
CA ILE B 827 36.92 3.72 24.30
C ILE B 827 37.75 2.54 24.78
N ALA B 828 37.30 1.33 24.49
CA ALA B 828 37.99 0.14 24.98
C ALA B 828 37.55 -1.07 24.19
N CYS B 829 38.46 -2.05 24.10
CA CYS B 829 38.13 -3.39 23.62
C CYS B 829 37.71 -4.18 24.85
N TYR B 830 36.42 -4.14 25.18
CA TYR B 830 36.02 -4.81 26.40
C TYR B 830 35.83 -6.31 26.18
N SER B 831 34.82 -6.71 25.43
CA SER B 831 34.52 -8.13 25.31
C SER B 831 34.51 -8.61 23.87
N GLY B 832 34.90 -7.76 22.91
CA GLY B 832 34.87 -8.12 21.53
C GLY B 832 33.54 -7.92 20.85
N TYR B 833 32.55 -7.38 21.54
CA TYR B 833 31.23 -7.17 20.96
C TYR B 833 31.08 -5.81 20.31
N ASN B 834 32.12 -4.97 20.32
CA ASN B 834 32.06 -3.65 19.74
C ASN B 834 33.01 -3.48 18.57
N GLN B 835 33.46 -4.58 17.98
CA GLN B 835 34.35 -4.50 16.83
C GLN B 835 33.55 -4.20 15.56
N GLU B 836 34.26 -3.71 14.55
CA GLU B 836 33.68 -3.44 13.24
C GLU B 836 32.49 -2.50 13.33
N ASP B 837 32.70 -1.38 14.02
CA ASP B 837 31.75 -0.28 14.17
C ASP B 837 30.56 -0.61 15.07
N SER B 838 30.58 -1.74 15.77
CA SER B 838 29.54 -1.99 16.76
C SER B 838 29.80 -1.14 18.01
N MET B 839 28.93 -1.28 18.99
CA MET B 839 29.14 -0.64 20.28
C MET B 839 28.36 -1.41 21.33
N ILE B 840 28.79 -1.25 22.58
CA ILE B 840 28.16 -1.88 23.73
C ILE B 840 27.44 -0.79 24.50
N MET B 841 26.16 -1.02 24.80
CA MET B 841 25.38 -0.06 25.55
C MET B 841 25.02 -0.63 26.91
N ASN B 842 24.92 0.27 27.90
CA ASN B 842 24.57 -0.12 29.25
C ASN B 842 23.07 -0.39 29.32
N GLN B 843 22.70 -1.59 29.75
CA GLN B 843 21.29 -1.94 29.83
C GLN B 843 20.58 -1.14 30.90
N SER B 844 21.27 -0.87 32.01
CA SER B 844 20.65 -0.12 33.09
C SER B 844 20.37 1.32 32.68
N SER B 845 21.26 1.90 31.87
CA SER B 845 21.00 3.25 31.35
C SER B 845 19.81 3.26 30.42
N ILE B 846 19.66 2.22 29.61
CA ILE B 846 18.47 2.10 28.75
C ILE B 846 17.22 1.98 29.60
N ASP B 847 17.29 1.22 30.69
CA ASP B 847 16.15 1.09 31.58
C ASP B 847 15.77 2.42 32.21
N ARG B 848 16.73 3.30 32.44
CA ARG B 848 16.48 4.58 33.07
C ARG B 848 16.07 5.65 32.08
N GLY B 849 15.94 5.33 30.80
CA GLY B 849 15.43 6.24 29.81
C GLY B 849 16.42 6.81 28.81
N LEU B 850 17.62 6.25 28.72
CA LEU B 850 18.59 6.78 27.78
C LEU B 850 18.18 6.46 26.35
N PHE B 851 18.13 7.48 25.51
CA PHE B 851 17.87 7.37 24.08
C PHE B 851 16.49 6.77 23.78
N ARG B 852 15.62 6.73 24.76
CA ARG B 852 14.25 6.30 24.52
C ARG B 852 13.50 7.36 23.74
N SER B 853 12.60 6.94 22.86
CA SER B 853 11.92 7.90 22.00
C SER B 853 10.47 7.52 21.80
N LEU B 854 9.75 8.42 21.14
CA LEU B 854 8.32 8.34 20.94
C LEU B 854 8.05 8.35 19.44
N PHE B 855 7.11 7.51 18.99
CA PHE B 855 6.85 7.34 17.57
C PHE B 855 5.37 7.59 17.29
N PHE B 856 5.08 8.42 16.30
CA PHE B 856 3.71 8.72 15.89
C PHE B 856 3.55 8.39 14.42
N ARG B 857 2.42 7.77 14.08
CA ARG B 857 2.05 7.55 12.68
C ARG B 857 0.59 7.89 12.50
N SER B 858 0.27 8.58 11.41
CA SER B 858 -1.09 9.02 11.12
C SER B 858 -1.62 8.29 9.90
N TYR B 859 -2.91 7.99 9.93
CA TYR B 859 -3.62 7.39 8.80
C TYR B 859 -4.73 8.33 8.37
N MET B 860 -4.95 8.41 7.06
CA MET B 860 -5.98 9.27 6.50
C MET B 860 -6.97 8.45 5.71
N ASP B 861 -8.23 8.87 5.72
CA ASP B 861 -9.25 8.27 4.86
C ASP B 861 -10.39 9.27 4.71
N GLN B 862 -11.11 9.15 3.60
CA GLN B 862 -12.20 10.05 3.31
C GLN B 862 -13.25 9.34 2.49
N GLU B 863 -14.47 9.86 2.53
CA GLU B 863 -15.59 9.30 1.79
C GLU B 863 -15.58 9.85 0.38
N LYS B 864 -15.45 8.97 -0.61
CA LYS B 864 -15.45 9.38 -1.99
C LYS B 864 -16.88 9.40 -2.55
N ARG B 865 -17.09 10.26 -3.54
CA ARG B 865 -18.36 10.38 -4.23
C ARG B 865 -18.20 9.87 -5.65
N PHE B 866 -18.93 8.82 -6.00
CA PHE B 866 -18.83 8.23 -7.32
C PHE B 866 -19.96 8.64 -8.26
N GLY B 867 -21.05 9.19 -7.74
CA GLY B 867 -22.15 9.57 -8.58
C GLY B 867 -23.14 10.43 -7.84
N ILE B 868 -24.37 10.46 -8.37
CA ILE B 868 -25.48 11.27 -7.83
C ILE B 868 -25.89 10.79 -6.43
N SER B 869 -25.83 9.47 -6.17
CA SER B 869 -26.20 8.92 -4.87
C SER B 869 -25.37 7.69 -4.52
N ILE B 870 -24.18 7.56 -5.08
CA ILE B 870 -23.25 6.48 -4.75
C ILE B 870 -22.15 7.11 -3.91
N VAL B 871 -22.23 6.92 -2.59
CA VAL B 871 -21.29 7.48 -1.65
C VAL B 871 -20.73 6.37 -0.78
N GLU B 872 -19.52 6.57 -0.28
CA GLU B 872 -18.97 5.68 0.73
C GLU B 872 -19.41 6.14 2.11
N GLU B 873 -19.44 5.19 3.04
CA GLU B 873 -19.96 5.44 4.38
C GLU B 873 -18.98 4.93 5.42
N PHE B 874 -18.76 5.71 6.47
CA PHE B 874 -17.99 5.26 7.63
C PHE B 874 -18.92 4.50 8.56
N GLU B 875 -18.70 3.20 8.68
CA GLU B 875 -19.57 2.37 9.50
C GLU B 875 -18.81 1.12 9.91
N LYS B 876 -19.33 0.43 10.91
CA LYS B 876 -18.78 -0.85 11.31
C LYS B 876 -19.43 -1.94 10.46
N PRO B 877 -18.75 -2.46 9.45
CA PRO B 877 -19.37 -3.44 8.57
C PRO B 877 -19.67 -4.74 9.31
N THR B 878 -20.76 -5.38 8.91
CA THR B 878 -21.19 -6.64 9.48
C THR B 878 -20.89 -7.79 8.53
N ARG B 879 -20.69 -8.98 9.10
CA ARG B 879 -20.37 -10.15 8.29
C ARG B 879 -21.50 -10.51 7.34
N ALA B 880 -22.71 -10.06 7.62
CA ALA B 880 -23.89 -10.42 6.82
C ALA B 880 -24.10 -9.49 5.64
N THR B 881 -24.12 -8.17 5.86
CA THR B 881 -24.49 -7.22 4.83
C THR B 881 -23.34 -6.81 3.94
N THR B 882 -22.11 -7.21 4.25
CA THR B 882 -20.95 -6.86 3.45
C THR B 882 -20.19 -8.12 3.07
N LEU B 883 -19.43 -8.03 1.98
CA LEU B 883 -18.69 -9.18 1.47
C LEU B 883 -17.23 -8.81 1.26
N ARG B 884 -16.38 -9.83 1.32
CA ARG B 884 -14.92 -9.68 1.19
C ARG B 884 -14.37 -8.76 2.27
N LEU B 885 -14.55 -9.19 3.52
CA LEU B 885 -14.02 -8.45 4.65
C LEU B 885 -12.55 -8.78 4.87
N LYS B 886 -11.84 -7.84 5.50
CA LYS B 886 -10.46 -8.06 5.87
C LYS B 886 -10.37 -9.14 6.94
N HIS B 887 -9.23 -9.82 6.99
CA HIS B 887 -9.06 -10.91 7.95
C HIS B 887 -8.82 -10.42 9.37
N GLY B 888 -8.61 -9.12 9.56
CA GLY B 888 -8.42 -8.57 10.89
C GLY B 888 -9.69 -8.62 11.72
N THR B 889 -9.66 -7.87 12.82
CA THR B 889 -10.79 -7.82 13.72
C THR B 889 -11.45 -6.45 13.66
N TYR B 890 -12.78 -6.43 13.63
CA TYR B 890 -13.55 -5.20 13.60
C TYR B 890 -14.13 -4.85 14.97
N GLU B 891 -13.76 -5.57 16.02
CA GLU B 891 -14.42 -5.40 17.30
C GLU B 891 -13.96 -4.15 18.04
N LYS B 892 -12.92 -3.48 17.58
CA LYS B 892 -12.43 -2.27 18.23
C LYS B 892 -13.06 -1.01 17.67
N LEU B 893 -13.89 -1.12 16.64
CA LEU B 893 -14.52 0.04 16.05
C LEU B 893 -15.73 0.48 16.85
N ASP B 894 -16.00 1.77 16.85
CA ASP B 894 -17.16 2.32 17.52
C ASP B 894 -18.37 2.25 16.59
N GLU B 895 -19.47 2.90 16.99
CA GLU B 895 -20.69 2.86 16.18
C GLU B 895 -20.50 3.60 14.86
N ASP B 896 -19.67 4.63 14.83
CA ASP B 896 -19.46 5.42 13.63
C ASP B 896 -18.35 4.89 12.75
N GLY B 897 -17.79 3.72 13.05
CA GLY B 897 -16.76 3.16 12.23
C GLY B 897 -15.37 3.70 12.46
N LEU B 898 -15.15 4.41 13.57
CA LEU B 898 -13.86 4.96 13.91
C LEU B 898 -13.43 4.46 15.27
N ILE B 899 -12.17 4.06 15.39
CA ILE B 899 -11.65 3.63 16.69
C ILE B 899 -11.52 4.82 17.62
N ALA B 900 -11.51 4.53 18.92
CA ALA B 900 -11.44 5.64 19.86
C ALA B 900 -10.04 5.74 20.47
N PRO B 901 -9.59 6.95 20.81
CA PRO B 901 -8.26 7.10 21.40
C PRO B 901 -8.14 6.38 22.73
N GLY B 902 -6.93 5.92 23.01
CA GLY B 902 -6.66 5.15 24.21
C GLY B 902 -6.77 3.66 24.06
N VAL B 903 -7.12 3.17 22.86
CA VAL B 903 -7.29 1.74 22.62
C VAL B 903 -6.01 1.19 22.04
N ARG B 904 -5.50 0.11 22.64
CA ARG B 904 -4.32 -0.56 22.12
C ARG B 904 -4.67 -1.33 20.85
N VAL B 905 -3.86 -1.15 19.82
CA VAL B 905 -4.08 -1.80 18.54
C VAL B 905 -2.85 -2.62 18.17
N SER B 906 -3.07 -3.67 17.37
CA SER B 906 -2.01 -4.54 16.90
C SER B 906 -2.04 -4.54 15.37
N GLY B 907 -1.10 -5.27 14.77
CA GLY B 907 -1.05 -5.34 13.33
C GLY B 907 -2.31 -5.96 12.76
N ASP B 908 -2.71 -5.46 11.59
CA ASP B 908 -3.85 -5.92 10.80
C ASP B 908 -5.19 -5.60 11.43
N ASP B 909 -5.23 -4.95 12.59
CA ASP B 909 -6.50 -4.51 13.15
C ASP B 909 -7.10 -3.41 12.29
N ILE B 910 -8.42 -3.30 12.33
CA ILE B 910 -9.13 -2.31 11.53
C ILE B 910 -9.34 -1.07 12.39
N ILE B 911 -8.77 0.05 11.95
CA ILE B 911 -8.91 1.30 12.67
C ILE B 911 -9.93 2.24 12.02
N ILE B 912 -10.24 2.06 10.74
CA ILE B 912 -11.26 2.84 10.06
C ILE B 912 -12.18 1.86 9.32
N GLY B 913 -13.47 1.93 9.58
CA GLY B 913 -14.44 1.08 8.94
C GLY B 913 -15.20 1.83 7.87
N LYS B 914 -15.03 1.40 6.63
CA LYS B 914 -15.64 2.04 5.48
C LYS B 914 -16.21 1.00 4.55
N THR B 915 -17.38 1.28 3.98
CA THR B 915 -18.04 0.39 3.03
C THR B 915 -18.46 1.19 1.81
N THR B 916 -18.41 0.53 0.65
CA THR B 916 -18.87 1.12 -0.58
C THR B 916 -20.05 0.33 -1.15
N PRO B 917 -21.08 1.01 -1.64
CA PRO B 917 -22.28 0.31 -2.11
C PRO B 917 -22.01 -0.53 -3.35
N ILE B 918 -22.76 -1.62 -3.47
CA ILE B 918 -22.66 -2.53 -4.60
C ILE B 918 -24.07 -2.87 -5.07
N PRO B 919 -24.34 -2.91 -6.37
CA PRO B 919 -25.67 -3.31 -6.85
C PRO B 919 -26.02 -4.70 -6.36
N PRO B 920 -27.19 -4.86 -5.74
CA PRO B 920 -27.54 -6.15 -5.15
C PRO B 920 -27.77 -7.22 -6.21
N ASP B 921 -27.54 -8.46 -5.81
CA ASP B 921 -27.69 -9.61 -6.69
C ASP B 921 -29.11 -10.14 -6.59
N THR B 922 -29.36 -11.32 -7.15
CA THR B 922 -30.66 -11.97 -7.06
C THR B 922 -30.87 -12.67 -5.72
N GLU B 923 -30.04 -12.36 -4.72
CA GLU B 923 -30.16 -12.98 -3.41
C GLU B 923 -31.48 -12.63 -2.73
N GLU B 924 -32.18 -11.60 -3.21
CA GLU B 924 -33.49 -11.22 -2.68
C GLU B 924 -34.52 -12.32 -2.91
N LEU B 925 -34.11 -13.38 -3.61
CA LEU B 925 -34.96 -14.55 -3.81
C LEU B 925 -35.52 -15.07 -2.49
N GLY B 926 -34.64 -15.48 -1.59
CA GLY B 926 -35.07 -16.08 -0.34
C GLY B 926 -34.24 -15.70 0.86
N GLN B 927 -33.38 -14.70 0.72
CA GLN B 927 -32.59 -14.20 1.84
C GLN B 927 -33.44 -13.27 2.69
N ARG B 928 -33.42 -13.49 4.01
CA ARG B 928 -34.18 -12.67 4.95
C ARG B 928 -33.38 -11.41 5.28
N THR B 929 -33.27 -10.53 4.27
CA THR B 929 -32.60 -9.24 4.35
C THR B 929 -31.09 -9.42 4.51
N LYS B 930 -30.64 -10.66 4.64
CA LYS B 930 -29.22 -10.95 4.83
C LYS B 930 -28.51 -11.18 3.50
N TYR B 931 -28.56 -10.18 2.63
CA TYR B 931 -27.91 -10.23 1.33
C TYR B 931 -26.92 -9.07 1.21
N HIS B 932 -25.79 -9.34 0.57
CA HIS B 932 -24.68 -8.39 0.53
C HIS B 932 -24.98 -7.26 -0.43
N THR B 933 -25.08 -6.04 0.10
CA THR B 933 -25.29 -4.85 -0.71
C THR B 933 -24.09 -3.91 -0.73
N LYS B 934 -23.13 -4.10 0.17
CA LYS B 934 -21.99 -3.21 0.31
C LYS B 934 -20.71 -4.01 0.28
N ARG B 935 -19.63 -3.38 -0.16
CA ARG B 935 -18.31 -4.00 -0.18
C ARG B 935 -17.38 -3.28 0.78
N ASP B 936 -16.56 -4.05 1.49
CA ASP B 936 -15.67 -3.47 2.49
C ASP B 936 -14.51 -2.73 1.85
N ALA B 937 -14.22 -1.55 2.40
CA ALA B 937 -13.05 -0.76 2.01
C ALA B 937 -12.32 -0.24 3.24
N SER B 938 -12.23 -1.07 4.28
CA SER B 938 -11.69 -0.65 5.55
C SER B 938 -10.18 -0.46 5.48
N THR B 939 -9.67 0.33 6.43
CA THR B 939 -8.24 0.61 6.53
C THR B 939 -7.65 -0.17 7.69
N PRO B 940 -6.79 -1.16 7.44
CA PRO B 940 -6.16 -1.89 8.54
C PRO B 940 -4.86 -1.23 8.98
N LEU B 941 -4.51 -1.47 10.25
CA LEU B 941 -3.22 -1.05 10.73
C LEU B 941 -2.12 -1.84 10.03
N ARG B 942 -0.95 -1.23 9.89
CA ARG B 942 0.15 -1.88 9.20
C ARG B 942 0.54 -3.16 9.94
N SER B 943 0.94 -4.17 9.18
CA SER B 943 1.10 -5.52 9.74
C SER B 943 2.21 -5.56 10.79
N THR B 944 3.28 -4.79 10.58
CA THR B 944 4.44 -4.87 11.46
C THR B 944 4.40 -3.85 12.60
N GLU B 945 3.34 -3.06 12.71
CA GLU B 945 3.28 -1.98 13.67
C GLU B 945 2.16 -2.21 14.67
N ASN B 946 2.36 -1.69 15.88
CA ASN B 946 1.32 -1.73 16.91
C ASN B 946 1.60 -0.60 17.89
N GLY B 947 0.54 -0.21 18.63
CA GLY B 947 0.67 0.88 19.56
C GLY B 947 -0.67 1.24 20.16
N ILE B 948 -0.77 2.48 20.62
CA ILE B 948 -1.97 3.01 21.25
C ILE B 948 -2.56 4.06 20.33
N VAL B 949 -3.87 4.05 20.15
CA VAL B 949 -4.52 5.10 19.39
C VAL B 949 -4.44 6.39 20.18
N ASP B 950 -3.80 7.39 19.61
CA ASP B 950 -3.47 8.60 20.35
C ASP B 950 -4.51 9.69 20.18
N GLN B 951 -5.01 9.88 18.97
CA GLN B 951 -5.90 11.00 18.69
C GLN B 951 -6.62 10.74 17.36
N VAL B 952 -7.93 10.91 17.36
CA VAL B 952 -8.76 10.68 16.19
C VAL B 952 -9.39 12.01 15.79
N LEU B 953 -9.24 12.37 14.52
CA LEU B 953 -9.72 13.64 14.01
C LEU B 953 -10.80 13.39 12.98
N LEU B 954 -11.92 14.08 13.11
CA LEU B 954 -13.05 13.92 12.19
C LEU B 954 -13.46 15.30 11.70
N THR B 955 -13.54 15.46 10.38
CA THR B 955 -13.87 16.74 9.78
C THR B 955 -14.38 16.51 8.37
N THR B 956 -14.59 17.60 7.64
CA THR B 956 -15.08 17.55 6.27
C THR B 956 -14.03 18.09 5.32
N ASN B 957 -13.90 17.46 4.16
CA ASN B 957 -12.93 17.88 3.16
C ASN B 957 -13.46 19.10 2.42
N GLN B 958 -12.77 19.51 1.37
CA GLN B 958 -13.21 20.65 0.58
C GLN B 958 -14.55 20.38 -0.09
N GLU B 959 -14.85 19.12 -0.39
CA GLU B 959 -16.05 18.76 -1.13
C GLU B 959 -17.25 18.54 -0.22
N GLY B 960 -17.09 18.68 1.10
CA GLY B 960 -18.20 18.49 2.01
C GLY B 960 -18.43 17.06 2.46
N LEU B 961 -17.55 16.14 2.12
CA LEU B 961 -17.66 14.76 2.57
C LEU B 961 -16.87 14.56 3.85
N LYS B 962 -17.17 13.46 4.55
CA LYS B 962 -16.46 13.16 5.78
C LYS B 962 -15.00 12.84 5.50
N PHE B 963 -14.17 13.04 6.52
CA PHE B 963 -12.71 12.97 6.35
C PHE B 963 -12.11 12.76 7.73
N VAL B 964 -11.37 11.66 7.91
CA VAL B 964 -10.87 11.30 9.23
C VAL B 964 -9.36 11.14 9.17
N LYS B 965 -8.72 11.37 10.31
CA LYS B 965 -7.30 11.13 10.49
C LYS B 965 -7.11 10.46 11.85
N VAL B 966 -6.36 9.36 11.87
CA VAL B 966 -6.11 8.60 13.09
C VAL B 966 -4.61 8.59 13.34
N ARG B 967 -4.20 9.00 14.53
CA ARG B 967 -2.79 9.03 14.91
C ARG B 967 -2.52 7.95 15.94
N MET B 968 -1.50 7.14 15.69
CA MET B 968 -1.11 6.04 16.57
C MET B 968 0.22 6.37 17.22
N ARG B 969 0.38 6.01 18.48
CA ARG B 969 1.57 6.33 19.25
C ARG B 969 2.18 5.06 19.84
N THR B 970 3.50 4.97 19.81
CA THR B 970 4.23 3.88 20.45
C THR B 970 5.59 4.39 20.90
N THR B 971 6.22 3.66 21.81
CA THR B 971 7.53 3.99 22.33
C THR B 971 8.55 2.98 21.84
N LYS B 972 9.69 3.47 21.36
CA LYS B 972 10.75 2.64 20.82
C LYS B 972 11.97 2.73 21.73
N VAL B 973 12.32 1.62 22.35
CA VAL B 973 13.43 1.53 23.29
C VAL B 973 14.65 1.01 22.53
N PRO B 974 15.85 1.55 22.79
CA PRO B 974 17.03 1.05 22.08
C PRO B 974 17.26 -0.43 22.31
N GLN B 975 17.75 -1.11 21.29
CA GLN B 975 18.00 -2.54 21.36
C GLN B 975 19.10 -2.88 20.37
N ILE B 976 19.50 -4.15 20.38
CA ILE B 976 20.56 -4.61 19.49
C ILE B 976 20.17 -4.35 18.04
N GLY B 977 21.00 -3.59 17.34
CA GLY B 977 20.81 -3.28 15.94
C GLY B 977 20.43 -1.85 15.65
N ASP B 978 20.07 -1.07 16.66
CA ASP B 978 19.74 0.33 16.44
C ASP B 978 20.99 1.13 16.16
N LYS B 979 20.85 2.12 15.27
CA LYS B 979 21.97 2.88 14.74
C LYS B 979 22.15 4.17 15.54
N PHE B 980 23.39 4.43 15.96
CA PHE B 980 23.73 5.63 16.69
C PHE B 980 24.95 6.26 16.03
N ALA B 981 25.18 7.54 16.33
CA ALA B 981 26.28 8.25 15.70
C ALA B 981 26.67 9.43 16.55
N SER B 982 27.96 9.77 16.53
CA SER B 982 28.43 10.99 17.14
C SER B 982 28.46 12.09 16.07
N ARG B 983 28.92 13.28 16.43
CA ARG B 983 28.92 14.40 15.51
C ARG B 983 30.14 14.44 14.62
N HIS B 984 30.81 13.29 14.41
CA HIS B 984 32.03 13.23 13.62
C HIS B 984 32.01 12.05 12.67
N GLY B 985 30.85 11.65 12.19
CA GLY B 985 30.78 10.56 11.23
C GLY B 985 31.08 9.19 11.78
N GLN B 986 30.94 9.01 13.09
CA GLN B 986 31.25 7.74 13.73
C GLN B 986 29.97 6.95 14.00
N LYS B 987 29.35 6.47 12.92
CA LYS B 987 28.10 5.74 13.06
C LYS B 987 28.37 4.30 13.45
N GLY B 988 27.39 3.68 14.09
CA GLY B 988 27.50 2.30 14.50
C GLY B 988 26.18 1.80 15.03
N THR B 989 26.13 0.51 15.29
CA THR B 989 24.93 -0.14 15.81
C THR B 989 25.26 -0.85 17.11
N ILE B 990 24.23 -1.04 17.95
CA ILE B 990 24.42 -1.70 19.23
C ILE B 990 24.70 -3.17 19.00
N GLY B 991 25.76 -3.67 19.63
CA GLY B 991 26.14 -5.06 19.46
C GLY B 991 25.62 -5.95 20.56
N VAL B 992 25.60 -5.43 21.79
CA VAL B 992 25.08 -6.17 22.93
C VAL B 992 24.86 -5.16 24.04
N THR B 993 24.02 -5.51 25.01
CA THR B 993 23.76 -4.68 26.17
C THR B 993 24.17 -5.40 27.43
N TYR B 994 25.01 -4.75 28.23
CA TYR B 994 25.42 -5.28 29.53
C TYR B 994 24.71 -4.50 30.63
N ARG B 995 24.48 -5.17 31.76
CA ARG B 995 23.82 -4.52 32.88
C ARG B 995 24.82 -3.65 33.63
N HIS B 996 24.35 -3.02 34.70
CA HIS B 996 25.19 -2.07 35.44
C HIS B 996 26.39 -2.78 36.05
N GLU B 997 26.20 -3.98 36.57
CA GLU B 997 27.26 -4.65 37.30
C GLU B 997 28.24 -5.38 36.41
N ASP B 998 27.98 -5.48 35.10
CA ASP B 998 28.92 -6.13 34.19
C ASP B 998 29.83 -5.15 33.48
N MET B 999 29.53 -3.85 33.53
CA MET B 999 30.35 -2.88 32.86
C MET B 999 31.62 -2.61 33.67
N PRO B 1000 32.70 -2.20 33.01
CA PRO B 1000 33.86 -1.71 33.76
C PRO B 1000 33.52 -0.41 34.47
N PHE B 1001 34.16 -0.20 35.61
CA PHE B 1001 33.86 0.95 36.44
C PHE B 1001 35.16 1.60 36.89
N SER B 1002 35.10 2.89 37.18
CA SER B 1002 36.27 3.61 37.67
C SER B 1002 36.30 3.52 39.19
N ALA B 1003 37.31 4.13 39.80
CA ALA B 1003 37.46 4.04 41.25
C ALA B 1003 36.30 4.70 41.98
N GLU B 1004 35.64 5.66 41.35
CA GLU B 1004 34.54 6.38 41.97
C GLU B 1004 33.18 5.88 41.50
N GLY B 1005 33.12 4.71 40.87
CA GLY B 1005 31.87 4.04 40.62
C GLY B 1005 31.15 4.41 39.35
N ILE B 1006 31.79 5.16 38.45
CA ILE B 1006 31.14 5.59 37.22
C ILE B 1006 31.27 4.48 36.19
N VAL B 1007 30.14 4.04 35.65
CA VAL B 1007 30.13 3.07 34.56
C VAL B 1007 29.77 3.80 33.28
N PRO B 1008 30.32 3.41 32.13
CA PRO B 1008 29.96 4.09 30.89
C PRO B 1008 28.56 3.71 30.43
N ASP B 1009 27.95 4.62 29.69
CA ASP B 1009 26.70 4.29 29.02
C ASP B 1009 26.95 3.58 27.69
N LEU B 1010 28.18 3.57 27.21
CA LEU B 1010 28.44 3.22 25.83
C LEU B 1010 29.94 2.99 25.63
N ILE B 1011 30.31 1.87 25.02
CA ILE B 1011 31.71 1.54 24.79
C ILE B 1011 31.94 1.37 23.30
N ILE B 1012 32.92 2.10 22.76
CA ILE B 1012 33.25 2.01 21.34
C ILE B 1012 34.68 1.51 21.20
N ASN B 1013 34.93 0.86 20.08
CA ASN B 1013 36.23 0.23 19.83
C ASN B 1013 37.28 1.29 19.55
N PRO B 1014 38.52 1.07 20.02
CA PRO B 1014 39.61 1.97 19.64
C PRO B 1014 39.91 1.99 18.16
N HIS B 1015 39.57 0.93 17.44
CA HIS B 1015 39.94 0.83 16.03
C HIS B 1015 39.16 1.79 15.16
N ALA B 1016 38.13 2.43 15.69
CA ALA B 1016 37.39 3.42 14.92
C ALA B 1016 38.19 4.68 14.66
N ILE B 1017 39.17 4.98 15.51
CA ILE B 1017 39.87 6.26 15.47
C ILE B 1017 41.01 6.30 14.46
N PRO B 1018 42.03 5.42 14.53
CA PRO B 1018 43.26 5.68 13.77
C PRO B 1018 43.08 5.74 12.26
N SER B 1019 42.24 4.89 11.68
CA SER B 1019 42.11 4.88 10.23
C SER B 1019 41.31 6.08 9.74
N ARG B 1020 40.33 6.53 10.53
CA ARG B 1020 39.47 7.63 10.13
C ARG B 1020 39.96 8.98 10.61
N MET B 1021 40.86 9.02 11.59
CA MET B 1021 41.52 10.24 12.03
C MET B 1021 40.51 11.31 12.45
N THR B 1022 39.57 10.90 13.31
CA THR B 1022 38.62 11.84 13.89
C THR B 1022 39.12 12.28 15.26
N VAL B 1023 40.17 13.11 15.22
CA VAL B 1023 40.74 13.64 16.45
C VAL B 1023 39.75 14.54 17.16
N ALA B 1024 38.84 15.16 16.40
CA ALA B 1024 37.85 16.04 17.01
C ALA B 1024 36.97 15.28 17.99
N HIS B 1025 36.76 13.99 17.76
CA HIS B 1025 36.03 13.17 18.72
C HIS B 1025 36.71 13.18 20.08
N LEU B 1026 38.02 12.93 20.09
CA LEU B 1026 38.76 12.88 21.34
C LEU B 1026 38.84 14.24 22.00
N ILE B 1027 39.04 15.29 21.20
CA ILE B 1027 39.10 16.63 21.76
C ILE B 1027 37.77 17.03 22.37
N GLU B 1028 36.66 16.69 21.69
CA GLU B 1028 35.34 16.98 22.23
C GLU B 1028 35.10 16.23 23.52
N CYS B 1029 35.51 14.97 23.59
CA CYS B 1029 35.34 14.21 24.82
C CYS B 1029 36.10 14.86 25.97
N LEU B 1030 37.34 15.28 25.73
CA LEU B 1030 38.13 15.92 26.77
C LEU B 1030 37.49 17.24 27.23
N LEU B 1031 37.10 18.07 26.26
CA LEU B 1031 36.52 19.36 26.59
C LEU B 1031 35.21 19.20 27.34
N SER B 1032 34.39 18.22 26.94
CA SER B 1032 33.13 17.98 27.63
C SER B 1032 33.37 17.49 29.05
N LYS B 1033 34.39 16.65 29.25
CA LYS B 1033 34.72 16.22 30.59
C LYS B 1033 35.05 17.42 31.47
N VAL B 1034 35.90 18.32 30.97
CA VAL B 1034 36.27 19.50 31.76
C VAL B 1034 35.05 20.36 32.03
N GLY B 1035 34.20 20.56 31.01
CA GLY B 1035 33.04 21.41 31.19
C GLY B 1035 32.05 20.87 32.19
N SER B 1036 31.80 19.56 32.16
CA SER B 1036 30.86 18.97 33.10
C SER B 1036 31.44 18.96 34.51
N ILE B 1037 32.76 18.83 34.64
CA ILE B 1037 33.37 18.91 35.96
C ILE B 1037 33.22 20.31 36.53
N ARG B 1038 33.48 21.34 35.71
CA ARG B 1038 33.48 22.71 36.21
C ARG B 1038 32.14 23.42 36.06
N GLY B 1039 31.15 22.81 35.42
CA GLY B 1039 29.88 23.46 35.26
C GLY B 1039 29.83 24.52 34.18
N TYR B 1040 30.61 24.37 33.12
CA TYR B 1040 30.61 25.30 31.99
C TYR B 1040 30.20 24.56 30.73
N GLU B 1041 30.08 25.31 29.64
CA GLU B 1041 29.86 24.76 28.32
C GLU B 1041 31.07 25.07 27.45
N GLY B 1042 31.69 24.04 26.90
CA GLY B 1042 32.87 24.25 26.08
C GLY B 1042 32.54 24.98 24.80
N ASP B 1043 33.50 25.75 24.32
CA ASP B 1043 33.36 26.52 23.08
C ASP B 1043 34.19 25.83 22.01
N ALA B 1044 33.53 25.04 21.16
CA ALA B 1044 34.19 24.27 20.13
C ALA B 1044 34.08 24.92 18.75
N THR B 1045 34.05 26.25 18.71
CA THR B 1045 34.03 26.94 17.43
C THR B 1045 35.34 26.69 16.69
N PRO B 1046 35.29 26.41 15.39
CA PRO B 1046 36.53 26.21 14.64
C PRO B 1046 37.32 27.49 14.48
N PHE B 1047 38.60 27.32 14.18
CA PHE B 1047 39.51 28.43 13.87
C PHE B 1047 39.61 29.41 15.03
N THR B 1048 39.66 28.88 16.24
CA THR B 1048 39.90 29.67 17.43
C THR B 1048 41.27 29.36 18.00
N ASP B 1049 41.58 29.96 19.14
CA ASP B 1049 42.89 29.79 19.77
C ASP B 1049 42.91 28.67 20.80
N LEU B 1050 41.84 27.89 20.91
CA LEU B 1050 41.82 26.78 21.85
C LEU B 1050 42.87 25.76 21.45
N THR B 1051 43.63 25.28 22.44
CA THR B 1051 44.62 24.25 22.24
C THR B 1051 44.36 23.11 23.21
N VAL B 1052 44.86 21.93 22.85
CA VAL B 1052 44.66 20.77 23.71
C VAL B 1052 45.37 20.95 25.04
N ASP B 1053 46.49 21.67 25.06
CA ASP B 1053 47.26 21.80 26.29
C ASP B 1053 46.52 22.63 27.33
N ALA B 1054 45.76 23.64 26.90
CA ALA B 1054 44.98 24.41 27.86
C ALA B 1054 43.90 23.55 28.50
N VAL B 1055 43.21 22.76 27.70
CA VAL B 1055 42.19 21.85 28.24
C VAL B 1055 42.83 20.84 29.16
N SER B 1056 44.03 20.37 28.81
CA SER B 1056 44.70 19.38 29.66
C SER B 1056 45.11 20.00 31.00
N ASN B 1057 45.59 21.24 30.98
CA ASN B 1057 45.92 21.90 32.24
C ASN B 1057 44.69 22.07 33.10
N LEU B 1058 43.57 22.48 32.49
CA LEU B 1058 42.34 22.60 33.27
C LEU B 1058 41.91 21.27 33.85
N LEU B 1059 42.02 20.20 33.08
CA LEU B 1059 41.62 18.89 33.57
C LEU B 1059 42.53 18.42 34.70
N ARG B 1060 43.84 18.70 34.59
CA ARG B 1060 44.76 18.30 35.64
C ARG B 1060 44.49 19.05 36.93
N ASP B 1061 44.12 20.34 36.83
CA ASP B 1061 43.86 21.13 38.02
C ASP B 1061 42.67 20.61 38.81
N ASN B 1062 41.79 19.82 38.19
CA ASN B 1062 40.61 19.30 38.86
C ASN B 1062 40.82 17.92 39.45
N GLY B 1063 42.03 17.39 39.42
CA GLY B 1063 42.31 16.11 40.03
C GLY B 1063 42.19 14.90 39.13
N TYR B 1064 42.12 15.10 37.82
CA TYR B 1064 42.06 14.00 36.86
C TYR B 1064 43.33 13.97 36.03
N GLN B 1065 43.56 12.83 35.38
CA GLN B 1065 44.70 12.73 34.47
C GLN B 1065 44.50 13.70 33.31
N SER B 1066 45.57 14.42 32.96
CA SER B 1066 45.43 15.55 32.06
C SER B 1066 45.03 15.12 30.65
N ARG B 1067 45.30 13.87 30.28
CA ARG B 1067 44.96 13.38 28.95
C ARG B 1067 43.64 12.65 28.90
N GLY B 1068 42.94 12.54 30.01
CA GLY B 1068 41.63 11.92 30.04
C GLY B 1068 41.60 10.45 30.39
N PHE B 1069 42.75 9.81 30.59
CA PHE B 1069 42.74 8.41 30.94
C PHE B 1069 42.26 8.21 32.38
N GLU B 1070 41.80 7.00 32.67
CA GLU B 1070 41.29 6.66 33.99
C GLU B 1070 41.60 5.21 34.30
N VAL B 1071 42.04 4.94 35.53
CA VAL B 1071 42.23 3.56 35.96
C VAL B 1071 40.86 2.93 36.15
N MET B 1072 40.63 1.81 35.46
CA MET B 1072 39.31 1.22 35.39
C MET B 1072 39.38 -0.24 35.78
N TYR B 1073 38.35 -0.72 36.45
CA TYR B 1073 38.30 -2.06 36.98
C TYR B 1073 37.39 -2.94 36.12
N ASN B 1074 37.63 -4.24 36.18
CA ASN B 1074 36.85 -5.19 35.40
C ASN B 1074 35.55 -5.53 36.12
N GLY B 1075 34.45 -5.52 35.37
CA GLY B 1075 33.16 -5.79 35.97
C GLY B 1075 33.01 -7.22 36.45
N HIS B 1076 33.54 -8.18 35.69
CA HIS B 1076 33.31 -9.59 35.99
C HIS B 1076 34.05 -10.02 37.25
N THR B 1077 35.33 -9.67 37.35
CA THR B 1077 36.17 -10.17 38.43
C THR B 1077 36.59 -9.09 39.42
N GLY B 1078 36.48 -7.82 39.07
CA GLY B 1078 36.87 -6.75 39.95
C GLY B 1078 38.32 -6.36 39.87
N LYS B 1079 39.14 -7.12 39.14
CA LYS B 1079 40.55 -6.82 39.02
C LYS B 1079 40.77 -5.60 38.15
N LYS B 1080 41.84 -4.87 38.43
CA LYS B 1080 42.19 -3.70 37.62
C LYS B 1080 42.49 -4.14 36.20
N LEU B 1081 42.13 -3.28 35.25
CA LEU B 1081 42.57 -3.47 33.88
C LEU B 1081 44.00 -2.99 33.73
N MET B 1082 44.80 -3.75 32.99
CA MET B 1082 46.20 -3.40 32.81
C MET B 1082 46.36 -2.12 32.01
N ALA B 1083 45.41 -1.80 31.14
CA ALA B 1083 45.46 -0.61 30.32
C ALA B 1083 44.42 0.38 30.81
N GLN B 1084 44.82 1.64 30.97
CA GLN B 1084 43.89 2.68 31.36
C GLN B 1084 42.99 3.04 30.19
N VAL B 1085 41.82 3.56 30.51
CA VAL B 1085 40.73 3.71 29.55
C VAL B 1085 40.42 5.19 29.35
N PHE B 1086 40.38 5.62 28.11
CA PHE B 1086 39.89 6.95 27.78
C PHE B 1086 38.42 7.03 28.10
N PHE B 1087 38.01 8.09 28.80
CA PHE B 1087 36.74 8.07 29.50
C PHE B 1087 36.21 9.49 29.64
N GLY B 1088 34.98 9.71 29.20
CA GLY B 1088 34.36 11.00 29.32
C GLY B 1088 33.06 11.10 28.56
N PRO B 1089 32.32 12.19 28.74
CA PRO B 1089 31.03 12.35 28.07
C PRO B 1089 31.18 12.88 26.65
N THR B 1090 30.32 12.37 25.78
CA THR B 1090 30.30 12.79 24.38
C THR B 1090 28.85 12.84 23.92
N TYR B 1091 28.57 13.74 22.99
CA TYR B 1091 27.21 13.95 22.50
C TYR B 1091 26.92 12.96 21.39
N TYR B 1092 25.97 12.06 21.63
CA TYR B 1092 25.54 11.08 20.67
C TYR B 1092 24.10 11.35 20.24
N GLN B 1093 23.76 10.91 19.05
CA GLN B 1093 22.42 11.13 18.51
C GLN B 1093 21.90 9.82 17.93
N ARG B 1094 20.60 9.59 18.10
CA ARG B 1094 19.97 8.35 17.66
C ARG B 1094 19.39 8.54 16.27
N LEU B 1095 19.79 7.69 15.33
CA LEU B 1095 19.37 7.85 13.95
C LEU B 1095 18.07 7.08 13.71
N ARG B 1096 17.39 7.43 12.62
CA ARG B 1096 16.07 6.91 12.32
C ARG B 1096 16.07 5.43 11.94
N HIS B 1097 17.23 4.87 11.63
CA HIS B 1097 17.29 3.50 11.11
C HIS B 1097 17.34 2.52 12.27
N MET B 1098 16.24 1.84 12.53
CA MET B 1098 16.14 0.86 13.59
C MET B 1098 15.88 -0.50 12.97
N VAL B 1099 16.38 -1.55 13.63
CA VAL B 1099 16.35 -2.88 13.04
C VAL B 1099 14.91 -3.37 12.88
N ASP B 1100 14.04 -3.00 13.82
CA ASP B 1100 12.66 -3.49 13.76
C ASP B 1100 11.88 -2.88 12.60
N ASP B 1101 12.40 -1.83 11.98
CA ASP B 1101 11.83 -1.29 10.76
C ASP B 1101 12.48 -1.84 9.51
N LYS B 1102 13.43 -2.75 9.64
CA LYS B 1102 14.12 -3.33 8.51
C LYS B 1102 14.04 -4.85 8.44
N ILE B 1103 13.76 -5.53 9.55
CA ILE B 1103 13.71 -6.98 9.52
C ILE B 1103 12.51 -7.44 8.69
N HIS B 1104 12.73 -8.44 7.85
CA HIS B 1104 11.69 -8.91 6.95
C HIS B 1104 11.98 -10.34 6.56
N ALA B 1105 10.94 -11.16 6.51
CA ALA B 1105 11.05 -12.55 6.08
C ALA B 1105 9.81 -12.91 5.29
N ARG B 1106 9.96 -13.88 4.40
CA ARG B 1106 8.84 -14.30 3.56
C ARG B 1106 8.98 -15.76 3.21
N ALA B 1107 7.93 -16.54 3.46
CA ALA B 1107 7.85 -17.92 2.99
C ALA B 1107 7.03 -18.01 1.71
N ARG B 1108 5.77 -17.57 1.77
CA ARG B 1108 4.93 -17.45 0.59
C ARG B 1108 3.94 -16.32 0.84
N GLY B 1109 3.41 -15.77 -0.25
CA GLY B 1109 2.53 -14.64 -0.12
C GLY B 1109 2.03 -14.12 -1.45
N PRO B 1110 1.65 -12.84 -1.49
CA PRO B 1110 1.10 -12.27 -2.72
C PRO B 1110 2.12 -12.25 -3.84
N VAL B 1111 1.61 -12.38 -5.06
CA VAL B 1111 2.43 -12.34 -6.27
C VAL B 1111 1.83 -11.34 -7.25
N GLN B 1112 2.66 -10.87 -8.16
CA GLN B 1112 2.18 -9.95 -9.17
C GLN B 1112 1.23 -10.63 -10.13
N VAL B 1113 0.28 -9.87 -10.67
CA VAL B 1113 -0.70 -10.46 -11.58
C VAL B 1113 -0.09 -10.75 -12.93
N LEU B 1114 0.79 -9.88 -13.43
CA LEU B 1114 1.34 -10.06 -14.76
C LEU B 1114 2.34 -11.21 -14.81
N THR B 1115 3.28 -11.26 -13.86
CA THR B 1115 4.38 -12.20 -13.92
C THR B 1115 4.28 -13.34 -12.91
N ARG B 1116 3.37 -13.26 -11.95
CA ARG B 1116 3.19 -14.30 -10.93
C ARG B 1116 4.47 -14.55 -10.15
N GLN B 1117 5.24 -13.51 -9.89
CA GLN B 1117 6.41 -13.52 -9.04
C GLN B 1117 6.14 -12.72 -7.79
N PRO B 1118 6.89 -12.94 -6.72
CA PRO B 1118 6.62 -12.23 -5.47
C PRO B 1118 6.67 -10.72 -5.67
N VAL B 1119 5.78 -10.03 -4.95
CA VAL B 1119 5.67 -8.59 -5.06
C VAL B 1119 6.90 -7.93 -4.46
N GLU B 1120 7.05 -6.63 -4.66
CA GLU B 1120 8.20 -5.88 -4.18
C GLU B 1120 7.81 -5.06 -2.97
N GLY B 1121 8.61 -5.14 -1.91
CA GLY B 1121 8.39 -4.30 -0.75
C GLY B 1121 8.25 -5.07 0.54
N ARG B 1122 8.85 -4.54 1.60
CA ARG B 1122 8.67 -5.14 2.92
C ARG B 1122 7.27 -4.88 3.45
N SER B 1123 6.69 -3.73 3.13
CA SER B 1123 5.36 -3.39 3.60
C SER B 1123 4.29 -4.25 2.96
N ARG B 1124 4.56 -4.78 1.76
CA ARG B 1124 3.60 -5.58 1.03
C ARG B 1124 3.88 -7.07 1.16
N ASP B 1125 4.71 -7.47 2.11
CA ASP B 1125 5.13 -8.86 2.28
C ASP B 1125 5.78 -9.39 1.01
N GLY B 1126 6.65 -8.59 0.41
CA GLY B 1126 7.27 -8.95 -0.83
C GLY B 1126 8.44 -9.88 -0.67
N GLY B 1127 9.04 -10.25 -1.80
CA GLY B 1127 10.19 -11.13 -1.80
C GLY B 1127 11.48 -10.37 -2.08
N LEU B 1128 12.58 -11.10 -1.97
CA LEU B 1128 13.90 -10.55 -2.20
C LEU B 1128 14.40 -10.92 -3.58
N ARG B 1129 15.16 -10.03 -4.19
CA ARG B 1129 15.58 -10.20 -5.57
C ARG B 1129 16.86 -11.04 -5.64
N PHE B 1130 16.80 -12.12 -6.43
CA PHE B 1130 17.95 -12.97 -6.70
C PHE B 1130 18.51 -12.55 -8.05
N GLY B 1131 19.24 -11.44 -8.05
CA GLY B 1131 19.63 -10.78 -9.28
C GLY B 1131 20.63 -11.58 -10.09
N GLU B 1132 21.22 -10.88 -11.08
CA GLU B 1132 22.11 -11.54 -12.02
C GLU B 1132 23.46 -11.84 -11.38
N MET B 1133 23.95 -10.95 -10.52
CA MET B 1133 25.25 -11.19 -9.89
C MET B 1133 25.19 -12.38 -8.94
N GLU B 1134 24.08 -12.54 -8.22
CA GLU B 1134 23.90 -13.73 -7.39
C GLU B 1134 23.83 -14.98 -8.25
N ARG B 1135 23.21 -14.88 -9.42
CA ARG B 1135 23.17 -16.00 -10.34
C ARG B 1135 24.57 -16.37 -10.80
N ASP B 1136 25.41 -15.37 -11.07
CA ASP B 1136 26.79 -15.64 -11.47
C ASP B 1136 27.59 -16.27 -10.33
N CYS B 1137 27.37 -15.81 -9.10
CA CYS B 1137 28.04 -16.43 -7.96
C CYS B 1137 27.62 -17.89 -7.81
N MET B 1138 26.33 -18.18 -8.00
CA MET B 1138 25.87 -19.56 -7.89
C MET B 1138 26.42 -20.41 -9.03
N ILE B 1139 26.62 -19.83 -10.21
CA ILE B 1139 27.28 -20.55 -11.29
C ILE B 1139 28.72 -20.84 -10.93
N ALA B 1140 29.42 -19.87 -10.35
CA ALA B 1140 30.80 -20.07 -9.96
C ALA B 1140 30.93 -21.17 -8.92
N HIS B 1141 29.99 -21.24 -7.97
CA HIS B 1141 30.02 -22.33 -7.00
C HIS B 1141 29.76 -23.68 -7.66
N GLY B 1142 29.06 -23.69 -8.79
CA GLY B 1142 28.76 -24.92 -9.48
C GLY B 1142 27.49 -25.60 -9.02
N ALA B 1143 26.67 -24.95 -8.20
CA ALA B 1143 25.45 -25.54 -7.68
C ALA B 1143 24.31 -25.28 -8.66
N ALA B 1144 24.10 -26.23 -9.57
CA ALA B 1144 23.03 -26.08 -10.55
C ALA B 1144 21.66 -26.37 -9.95
N GLY B 1145 21.59 -27.32 -9.02
CA GLY B 1145 20.32 -27.66 -8.41
C GLY B 1145 19.75 -26.53 -7.59
N PHE B 1146 20.60 -25.86 -6.80
CA PHE B 1146 20.13 -24.73 -6.01
C PHE B 1146 19.65 -23.61 -6.91
N LEU B 1147 20.36 -23.35 -8.01
CA LEU B 1147 19.95 -22.29 -8.93
C LEU B 1147 18.60 -22.61 -9.56
N LYS B 1148 18.43 -23.85 -10.01
CA LYS B 1148 17.14 -24.24 -10.60
C LYS B 1148 16.01 -24.12 -9.58
N GLU B 1149 16.26 -24.55 -8.35
CA GLU B 1149 15.23 -24.47 -7.33
C GLU B 1149 14.89 -23.02 -6.99
N ARG B 1150 15.90 -22.16 -6.88
CA ARG B 1150 15.63 -20.76 -6.60
C ARG B 1150 14.79 -20.13 -7.69
N LEU B 1151 15.13 -20.40 -8.94
CA LEU B 1151 14.45 -19.71 -10.03
C LEU B 1151 13.16 -20.38 -10.47
N MET B 1152 12.86 -21.59 -9.99
CA MET B 1152 11.60 -22.23 -10.36
C MET B 1152 10.70 -22.51 -9.16
N GLU B 1153 11.15 -23.29 -8.18
CA GLU B 1153 10.25 -23.68 -7.10
C GLU B 1153 9.99 -22.53 -6.14
N ALA B 1154 11.01 -21.75 -5.81
CA ALA B 1154 10.87 -20.60 -4.93
C ALA B 1154 10.39 -19.36 -5.66
N SER B 1155 9.81 -19.53 -6.85
CA SER B 1155 9.40 -18.41 -7.68
C SER B 1155 8.35 -18.93 -8.65
N ASP B 1156 8.16 -18.22 -9.77
CA ASP B 1156 7.08 -18.50 -10.73
C ASP B 1156 7.36 -19.78 -11.48
N ALA B 1157 6.87 -20.90 -10.94
CA ALA B 1157 6.89 -22.14 -11.69
C ALA B 1157 5.53 -22.35 -12.36
N PHE B 1158 5.56 -22.94 -13.55
CA PHE B 1158 4.35 -23.09 -14.35
C PHE B 1158 4.46 -24.34 -15.20
N ARG B 1159 3.32 -24.88 -15.59
CA ARG B 1159 3.23 -26.07 -16.42
C ARG B 1159 2.46 -25.74 -17.70
N VAL B 1160 3.06 -26.07 -18.84
CA VAL B 1160 2.42 -25.84 -20.14
C VAL B 1160 2.50 -27.13 -20.94
N HIS B 1161 1.68 -27.18 -21.99
CA HIS B 1161 1.67 -28.30 -22.93
C HIS B 1161 2.09 -27.79 -24.29
N VAL B 1162 2.96 -28.54 -24.96
CA VAL B 1162 3.46 -28.17 -26.28
C VAL B 1162 3.14 -29.30 -27.25
N CYS B 1163 2.76 -28.92 -28.48
CA CYS B 1163 2.54 -29.91 -29.52
C CYS B 1163 3.86 -30.53 -29.94
N GLY B 1164 3.85 -31.84 -30.15
CA GLY B 1164 5.07 -32.50 -30.57
C GLY B 1164 5.45 -32.27 -32.02
N ILE B 1165 4.59 -31.60 -32.78
CA ILE B 1165 4.82 -31.35 -34.20
C ILE B 1165 5.10 -29.86 -34.43
N CYS B 1166 4.11 -29.01 -34.17
CA CYS B 1166 4.31 -27.59 -34.42
C CYS B 1166 5.26 -26.96 -33.40
N GLY B 1167 5.38 -27.55 -32.22
CA GLY B 1167 6.29 -27.04 -31.22
C GLY B 1167 5.81 -25.79 -30.51
N LEU B 1168 4.57 -25.38 -30.74
CA LEU B 1168 4.01 -24.18 -30.12
C LEU B 1168 3.19 -24.55 -28.90
N MET B 1169 2.96 -23.55 -28.05
CA MET B 1169 2.14 -23.75 -26.85
C MET B 1169 0.67 -23.50 -27.15
N SER B 1170 0.17 -24.14 -28.20
CA SER B 1170 -1.20 -23.96 -28.65
C SER B 1170 -2.09 -25.14 -28.29
N VAL B 1171 -1.60 -26.09 -27.49
CA VAL B 1171 -2.40 -27.23 -27.11
C VAL B 1171 -3.52 -26.79 -26.20
N ILE B 1172 -4.75 -27.17 -26.55
CA ILE B 1172 -5.92 -26.87 -25.73
C ILE B 1172 -6.12 -28.07 -24.82
N ALA B 1173 -5.56 -28.00 -23.64
CA ALA B 1173 -5.53 -29.12 -22.70
C ALA B 1173 -6.67 -28.97 -21.70
N ASN B 1174 -7.44 -30.03 -21.53
CA ASN B 1174 -8.50 -30.09 -20.53
C ASN B 1174 -8.20 -31.27 -19.61
N LEU B 1175 -7.66 -30.97 -18.44
CA LEU B 1175 -7.12 -32.01 -17.57
C LEU B 1175 -8.23 -32.88 -17.00
N LYS B 1176 -9.37 -32.29 -16.63
CA LYS B 1176 -10.44 -33.07 -16.01
C LYS B 1176 -11.05 -34.06 -16.99
N LYS B 1177 -11.25 -33.66 -18.24
CA LYS B 1177 -11.77 -34.57 -19.25
C LYS B 1177 -10.71 -35.46 -19.86
N ASN B 1178 -9.43 -35.20 -19.58
CA ASN B 1178 -8.31 -35.99 -20.08
C ASN B 1178 -8.31 -36.05 -21.61
N GLN B 1179 -8.31 -34.88 -22.24
CA GLN B 1179 -8.18 -34.80 -23.68
C GLN B 1179 -7.32 -33.59 -24.05
N PHE B 1180 -6.33 -33.82 -24.89
CA PHE B 1180 -5.44 -32.79 -25.39
C PHE B 1180 -5.55 -32.73 -26.90
N GLU B 1181 -5.40 -31.54 -27.47
CA GLU B 1181 -5.68 -31.37 -28.89
C GLU B 1181 -5.05 -30.09 -29.40
N CYS B 1182 -4.25 -30.21 -30.47
CA CYS B 1182 -3.67 -29.08 -31.16
C CYS B 1182 -4.40 -28.89 -32.48
N ARG B 1183 -5.17 -27.81 -32.59
CA ARG B 1183 -6.03 -27.64 -33.75
C ARG B 1183 -5.22 -27.42 -35.03
N SER B 1184 -4.13 -26.68 -34.95
CA SER B 1184 -3.35 -26.37 -36.15
C SER B 1184 -2.80 -27.63 -36.79
N CYS B 1185 -2.26 -28.54 -35.98
CA CYS B 1185 -1.68 -29.78 -36.50
C CYS B 1185 -2.67 -30.93 -36.52
N LYS B 1186 -3.83 -30.78 -35.89
CA LYS B 1186 -4.88 -31.80 -35.89
C LYS B 1186 -4.37 -33.13 -35.33
N ASN B 1187 -3.69 -33.07 -34.19
CA ASN B 1187 -3.21 -34.26 -33.53
C ASN B 1187 -3.68 -34.29 -32.08
N LYS B 1188 -3.77 -35.51 -31.54
CA LYS B 1188 -4.23 -35.74 -30.18
C LYS B 1188 -3.25 -36.51 -29.34
N THR B 1189 -2.14 -36.98 -29.92
CA THR B 1189 -1.24 -37.90 -29.25
C THR B 1189 0.12 -37.31 -28.95
N ASN B 1190 0.81 -36.77 -29.96
CA ASN B 1190 2.17 -36.28 -29.81
C ASN B 1190 2.15 -34.95 -29.07
N ILE B 1191 1.92 -35.03 -27.75
CA ILE B 1191 1.81 -33.86 -26.91
C ILE B 1191 2.57 -34.09 -25.63
N TYR B 1192 3.40 -33.12 -25.23
CA TYR B 1192 4.20 -33.20 -24.02
C TYR B 1192 3.89 -32.00 -23.13
N GLN B 1193 4.27 -32.13 -21.85
CA GLN B 1193 4.14 -31.05 -20.90
C GLN B 1193 5.52 -30.64 -20.38
N LEU B 1194 5.65 -29.36 -20.07
CA LEU B 1194 6.91 -28.80 -19.62
C LEU B 1194 6.70 -28.04 -18.32
N HIS B 1195 7.78 -27.87 -17.58
CA HIS B 1195 7.81 -27.00 -16.41
C HIS B 1195 8.75 -25.84 -16.72
N ILE B 1196 8.17 -24.67 -16.95
CA ILE B 1196 8.96 -23.48 -17.30
C ILE B 1196 8.52 -22.33 -16.41
N PRO B 1197 9.38 -21.35 -16.20
CA PRO B 1197 8.98 -20.17 -15.44
C PRO B 1197 7.84 -19.46 -16.13
N TYR B 1198 6.93 -18.89 -15.34
CA TYR B 1198 5.82 -18.16 -15.93
C TYR B 1198 6.30 -16.98 -16.76
N ALA B 1199 7.41 -16.38 -16.37
CA ALA B 1199 7.95 -15.28 -17.16
C ALA B 1199 8.40 -15.76 -18.53
N ALA B 1200 8.88 -16.99 -18.63
CA ALA B 1200 9.26 -17.53 -19.94
C ALA B 1200 8.03 -17.73 -20.82
N LYS B 1201 6.94 -18.23 -20.24
CA LYS B 1201 5.70 -18.36 -20.98
C LYS B 1201 5.21 -17.00 -21.46
N LEU B 1202 5.27 -16.00 -20.58
CA LEU B 1202 4.86 -14.66 -20.96
C LEU B 1202 5.74 -14.10 -22.08
N LEU B 1203 7.05 -14.35 -22.01
CA LEU B 1203 7.96 -13.87 -23.05
C LEU B 1203 7.66 -14.52 -24.39
N PHE B 1204 7.40 -15.83 -24.39
CA PHE B 1204 7.08 -16.50 -25.65
C PHE B 1204 5.76 -16.02 -26.22
N GLN B 1205 4.78 -15.77 -25.35
CA GLN B 1205 3.50 -15.25 -25.85
C GLN B 1205 3.66 -13.83 -26.41
N GLU B 1206 4.47 -13.00 -25.76
CA GLU B 1206 4.71 -11.67 -26.29
C GLU B 1206 5.47 -11.72 -27.61
N LEU B 1207 6.37 -12.69 -27.76
CA LEU B 1207 7.04 -12.89 -29.04
C LEU B 1207 6.05 -13.30 -30.11
N MET B 1208 5.13 -14.20 -29.78
CA MET B 1208 4.11 -14.59 -30.74
C MET B 1208 3.20 -13.42 -31.10
N ALA B 1209 2.99 -12.50 -30.16
CA ALA B 1209 2.22 -11.30 -30.45
C ALA B 1209 2.88 -10.44 -31.52
N MET B 1210 4.19 -10.59 -31.71
CA MET B 1210 4.95 -9.83 -32.70
C MET B 1210 5.34 -10.67 -33.91
N ASN B 1211 4.54 -11.70 -34.22
CA ASN B 1211 4.71 -12.54 -35.40
C ASN B 1211 5.99 -13.36 -35.38
N ILE B 1212 6.66 -13.45 -34.24
CA ILE B 1212 7.82 -14.32 -34.08
C ILE B 1212 7.37 -15.61 -33.43
N ALA B 1213 7.80 -16.74 -33.97
CA ALA B 1213 7.33 -18.03 -33.49
C ALA B 1213 8.47 -18.80 -32.85
N PRO B 1214 8.59 -18.79 -31.52
CA PRO B 1214 9.59 -19.64 -30.85
C PRO B 1214 9.00 -21.03 -30.61
N ARG B 1215 9.59 -22.03 -31.26
CA ARG B 1215 9.11 -23.40 -31.18
C ARG B 1215 10.01 -24.21 -30.26
N LEU B 1216 9.41 -24.83 -29.25
CA LEU B 1216 10.14 -25.60 -28.26
C LEU B 1216 10.02 -27.08 -28.60
N TYR B 1217 11.17 -27.74 -28.75
CA TYR B 1217 11.21 -29.15 -29.11
C TYR B 1217 11.97 -29.91 -28.04
N THR B 1218 11.49 -31.10 -27.71
CA THR B 1218 12.06 -31.91 -26.64
C THR B 1218 13.07 -32.93 -27.15
N GLU B 1219 13.41 -32.90 -28.44
CA GLU B 1219 14.41 -33.79 -28.99
C GLU B 1219 15.31 -33.00 -29.93
N ARG B 1220 16.58 -33.38 -29.98
CA ARG B 1220 17.51 -32.76 -30.89
C ARG B 1220 17.43 -33.42 -32.26
N SER B 1221 17.92 -32.70 -33.27
CA SER B 1221 17.91 -33.19 -34.64
C SER B 1221 19.27 -33.17 -35.32
N GLY B 1222 20.21 -32.33 -34.88
CA GLY B 1222 21.51 -32.26 -35.50
C GLY B 1222 21.63 -31.16 -36.54
N GLU C 4 38.39 -14.31 60.72
CA GLU C 4 39.50 -13.86 59.89
C GLU C 4 39.18 -12.58 59.08
N PRO C 5 38.02 -12.51 58.41
CA PRO C 5 37.66 -11.26 57.74
C PRO C 5 37.45 -10.14 58.74
N LYS C 6 37.74 -8.92 58.31
CA LYS C 6 37.59 -7.74 59.15
C LYS C 6 36.88 -6.64 58.39
N VAL C 7 36.14 -5.81 59.11
CA VAL C 7 35.45 -4.66 58.55
C VAL C 7 35.80 -3.44 59.39
N ASN C 8 36.08 -2.33 58.72
CA ASN C 8 36.40 -1.06 59.38
C ASN C 8 35.65 0.04 58.68
N ILE C 9 34.79 0.74 59.41
CA ILE C 9 33.93 1.77 58.83
C ILE C 9 34.63 3.12 58.95
N ILE C 10 34.66 3.86 57.84
CA ILE C 10 35.29 5.17 57.83
C ILE C 10 34.27 6.27 58.06
N ASN C 11 33.24 6.34 57.22
CA ASN C 11 32.14 7.28 57.39
C ASN C 11 30.83 6.51 57.36
N ALA C 12 29.85 6.97 58.13
CA ALA C 12 28.55 6.34 58.18
C ALA C 12 27.47 7.40 58.06
N GLN C 13 26.47 7.11 57.23
CA GLN C 13 25.31 7.98 57.08
C GLN C 13 24.10 7.11 56.79
N ASP C 14 22.92 7.74 56.75
CA ASP C 14 21.72 7.00 56.41
C ASP C 14 21.74 6.56 54.95
N ASP C 15 22.38 7.34 54.08
CA ASP C 15 22.34 7.08 52.66
C ASP C 15 23.64 6.52 52.08
N GLU C 16 24.77 6.70 52.75
CA GLU C 16 26.02 6.14 52.26
C GLU C 16 26.94 5.77 53.41
N VAL C 17 27.63 4.65 53.24
CA VAL C 17 28.63 4.18 54.20
C VAL C 17 29.93 3.93 53.44
N GLU C 18 31.03 4.40 54.01
CA GLU C 18 32.35 4.20 53.43
C GLU C 18 33.15 3.31 54.35
N LEU C 19 33.49 2.11 53.88
CA LEU C 19 34.06 1.10 54.74
C LEU C 19 35.25 0.45 54.04
N MET C 20 36.08 -0.22 54.83
CA MET C 20 37.25 -0.93 54.32
C MET C 20 37.17 -2.39 54.72
N LEU C 21 37.18 -3.27 53.73
CA LEU C 21 37.23 -4.70 53.95
C LEU C 21 38.67 -5.19 53.90
N SER C 22 38.98 -6.19 54.71
CA SER C 22 40.32 -6.74 54.71
C SER C 22 40.26 -8.22 55.02
N ASP C 23 41.33 -8.92 54.66
CA ASP C 23 41.45 -10.37 54.88
C ASP C 23 40.36 -11.14 54.15
N VAL C 24 39.93 -10.64 53.00
CA VAL C 24 39.00 -11.35 52.13
C VAL C 24 39.60 -11.38 50.73
N ASN C 25 39.15 -12.34 49.93
CA ASN C 25 39.60 -12.41 48.56
C ASN C 25 38.97 -11.30 47.73
N LEU C 26 39.63 -10.95 46.63
CA LEU C 26 39.07 -9.94 45.72
C LEU C 26 37.75 -10.41 45.14
N SER C 27 37.63 -11.72 44.89
CA SER C 27 36.41 -12.26 44.32
C SER C 27 35.23 -12.07 45.26
N LEU C 28 35.44 -12.27 46.56
CA LEU C 28 34.34 -12.11 47.51
C LEU C 28 33.87 -10.66 47.56
N ALA C 29 34.80 -9.71 47.58
CA ALA C 29 34.42 -8.31 47.58
C ALA C 29 33.68 -7.92 46.31
N ASN C 30 34.15 -8.41 45.15
CA ASN C 30 33.47 -8.09 43.91
C ASN C 30 32.09 -8.72 43.83
N SER C 31 31.96 -9.96 44.32
CA SER C 31 30.64 -10.60 44.34
C SER C 31 29.70 -9.84 45.27
N LEU C 32 30.21 -9.35 46.39
CA LEU C 32 29.38 -8.54 47.28
C LEU C 32 28.94 -7.26 46.59
N ARG C 33 29.85 -6.60 45.86
CA ARG C 33 29.49 -5.39 45.14
C ARG C 33 28.43 -5.66 44.08
N ARG C 34 28.60 -6.75 43.33
CA ARG C 34 27.62 -7.10 42.30
C ARG C 34 26.27 -7.44 42.91
N THR C 35 26.27 -8.15 44.04
CA THR C 35 25.01 -8.49 44.69
C THR C 35 24.29 -7.25 45.19
N MET C 36 25.02 -6.32 45.80
CA MET C 36 24.39 -5.08 46.22
C MET C 36 23.86 -4.30 45.04
N LEU C 37 24.55 -4.34 43.90
CA LEU C 37 24.10 -3.57 42.76
C LEU C 37 22.84 -4.16 42.13
N ALA C 38 22.75 -5.48 42.02
CA ALA C 38 21.71 -6.02 41.16
C ALA C 38 20.95 -7.23 41.71
N GLU C 39 21.03 -7.52 43.01
CA GLU C 39 20.33 -8.70 43.50
C GLU C 39 19.67 -8.51 44.86
N VAL C 40 19.60 -7.30 45.39
CA VAL C 40 18.93 -7.02 46.65
C VAL C 40 17.49 -6.60 46.33
N PRO C 41 16.48 -7.29 46.85
CA PRO C 41 15.10 -6.95 46.48
C PRO C 41 14.64 -5.64 47.09
N THR C 42 13.93 -4.86 46.30
CA THR C 42 13.31 -3.63 46.76
C THR C 42 11.87 -3.61 46.25
N LEU C 43 11.21 -2.48 46.46
CA LEU C 43 9.81 -2.30 46.08
C LEU C 43 9.70 -1.13 45.12
N ALA C 44 9.04 -1.34 43.98
CA ALA C 44 8.91 -0.30 42.98
C ALA C 44 7.59 -0.45 42.26
N ILE C 45 7.08 0.66 41.71
CA ILE C 45 5.82 0.64 41.00
C ILE C 45 5.99 -0.16 39.70
N ASP C 46 5.09 -1.11 39.47
CA ASP C 46 5.21 -1.99 38.33
C ASP C 46 3.99 -2.02 37.42
N LEU C 47 2.84 -1.52 37.88
CA LEU C 47 1.67 -1.41 37.03
C LEU C 47 1.02 -0.06 37.27
N VAL C 48 0.62 0.61 36.19
CA VAL C 48 -0.05 1.90 36.27
C VAL C 48 -1.37 1.77 35.53
N GLU C 49 -2.47 2.06 36.21
CA GLU C 49 -3.80 2.09 35.60
C GLU C 49 -4.22 3.55 35.50
N ILE C 50 -4.30 4.06 34.29
CA ILE C 50 -4.50 5.48 34.05
C ILE C 50 -5.98 5.72 33.82
N LYS C 51 -6.64 6.27 34.85
CA LYS C 51 -8.06 6.55 34.75
C LYS C 51 -8.34 7.85 34.01
N MET C 52 -7.43 8.81 34.10
CA MET C 52 -7.54 10.04 33.31
C MET C 52 -6.18 10.71 33.26
N ASN C 53 -5.79 11.15 32.07
CA ASN C 53 -4.51 11.84 31.89
C ASN C 53 -4.70 12.84 30.75
N THR C 54 -4.94 14.10 31.10
CA THR C 54 -5.07 15.17 30.12
C THR C 54 -3.86 16.08 30.10
N SER C 55 -2.75 15.66 30.72
CA SER C 55 -1.54 16.45 30.69
C SER C 55 -0.85 16.32 29.33
N VAL C 56 0.16 17.16 29.13
CA VAL C 56 0.87 17.17 27.85
C VAL C 56 1.83 16.00 27.70
N LEU C 57 2.07 15.24 28.76
CA LEU C 57 2.96 14.09 28.69
C LEU C 57 2.18 12.85 28.29
N ALA C 58 2.85 11.97 27.56
CA ALA C 58 2.24 10.72 27.14
C ALA C 58 1.99 9.83 28.35
N ASP C 59 1.03 8.92 28.21
CA ASP C 59 0.67 8.03 29.31
C ASP C 59 1.84 7.15 29.71
N GLU C 60 2.52 6.58 28.73
CA GLU C 60 3.65 5.71 29.01
C GLU C 60 4.89 6.49 29.44
N PHE C 61 4.99 7.76 29.03
CA PHE C 61 6.00 8.65 29.59
C PHE C 61 5.84 8.76 31.11
N ILE C 62 4.63 9.07 31.57
CA ILE C 62 4.38 9.20 32.99
C ILE C 62 4.52 7.85 33.69
N SER C 63 4.14 6.76 33.03
CA SER C 63 4.30 5.44 33.63
C SER C 63 5.77 5.13 33.88
N HIS C 64 6.62 5.39 32.87
CA HIS C 64 8.05 5.19 33.04
C HIS C 64 8.61 6.06 34.16
N ARG C 65 8.16 7.32 34.24
CA ARG C 65 8.62 8.19 35.31
C ARG C 65 8.20 7.65 36.67
N LEU C 66 6.98 7.15 36.78
CA LEU C 66 6.50 6.61 38.05
C LEU C 66 7.29 5.40 38.48
N GLY C 67 7.60 4.51 37.55
CA GLY C 67 8.32 3.30 37.90
C GLY C 67 9.67 3.59 38.54
N LEU C 68 10.27 4.72 38.23
CA LEU C 68 11.59 5.08 38.71
C LEU C 68 11.57 5.75 40.08
N ILE C 69 10.40 6.04 40.63
CA ILE C 69 10.33 6.70 41.93
C ILE C 69 10.65 5.70 43.03
N PRO C 70 11.64 5.96 43.89
CA PRO C 70 11.96 5.02 44.96
C PRO C 70 10.93 5.01 46.07
N LEU C 71 10.59 3.81 46.52
CA LEU C 71 9.63 3.61 47.60
C LEU C 71 10.33 2.92 48.77
N VAL C 72 9.88 3.23 49.98
CA VAL C 72 10.47 2.64 51.17
C VAL C 72 10.29 1.13 51.13
N SER C 73 11.39 0.39 51.26
CA SER C 73 11.39 -1.06 51.13
C SER C 73 12.03 -1.70 52.34
N GLU C 74 11.75 -1.19 53.54
CA GLU C 74 12.41 -1.69 54.73
C GLU C 74 12.01 -3.13 55.04
N ASP C 75 10.70 -3.40 55.03
CA ASP C 75 10.18 -4.71 55.41
C ASP C 75 9.83 -5.56 54.19
N VAL C 76 10.60 -5.45 53.11
CA VAL C 76 10.27 -6.17 51.89
C VAL C 76 10.56 -7.65 52.02
N GLU C 77 11.33 -8.07 53.04
CA GLU C 77 11.57 -9.50 53.23
C GLU C 77 10.29 -10.25 53.54
N GLU C 78 9.44 -9.68 54.39
CA GLU C 78 8.17 -10.33 54.72
C GLU C 78 7.28 -10.44 53.51
N MET C 79 7.42 -9.53 52.55
CA MET C 79 6.59 -9.52 51.36
C MET C 79 6.96 -10.68 50.44
N LYS C 80 6.00 -11.09 49.62
CA LYS C 80 6.19 -12.21 48.71
C LYS C 80 6.28 -11.72 47.27
N TYR C 81 6.88 -12.54 46.42
CA TYR C 81 6.93 -12.24 45.00
C TYR C 81 5.56 -12.44 44.37
N SER C 82 5.28 -11.63 43.34
CA SER C 82 3.97 -11.67 42.70
C SER C 82 3.71 -13.02 42.07
N ARG C 83 4.72 -13.61 41.43
CA ARG C 83 4.54 -14.90 40.77
C ARG C 83 4.46 -16.05 41.75
N ASP C 84 4.86 -15.86 43.00
CA ASP C 84 4.85 -16.91 44.00
C ASP C 84 3.66 -16.82 44.95
N CYS C 85 2.72 -15.91 44.68
CA CYS C 85 1.54 -15.75 45.52
C CYS C 85 0.37 -16.46 44.86
N THR C 86 -0.23 -17.42 45.57
CA THR C 86 -1.31 -18.22 45.04
C THR C 86 -2.62 -17.46 44.91
N CYS C 87 -2.71 -16.25 45.47
CA CYS C 87 -3.95 -15.49 45.43
C CYS C 87 -4.32 -15.13 44.00
N GLU C 88 -5.61 -15.21 43.70
CA GLU C 88 -6.11 -14.69 42.43
C GLU C 88 -6.01 -13.18 42.43
N ASP C 89 -5.58 -12.63 41.30
CA ASP C 89 -5.29 -11.19 41.18
C ASP C 89 -4.22 -10.85 42.23
N TYR C 90 -4.19 -9.61 42.70
CA TYR C 90 -3.22 -9.18 43.69
C TYR C 90 -3.88 -8.99 45.05
N CYS C 91 -3.24 -9.51 46.10
CA CYS C 91 -3.71 -9.35 47.46
C CYS C 91 -2.88 -8.27 48.16
N ASP C 92 -3.11 -8.13 49.46
CA ASP C 92 -2.34 -7.19 50.25
C ASP C 92 -0.97 -7.74 50.64
N GLU C 93 -0.70 -9.02 50.42
CA GLU C 93 0.55 -9.64 50.83
C GLU C 93 1.57 -9.73 49.71
N CYS C 94 1.23 -9.28 48.50
CA CYS C 94 2.16 -9.32 47.38
C CYS C 94 2.15 -8.06 46.55
N SER C 95 1.47 -7.00 46.99
CA SER C 95 1.41 -5.77 46.23
C SER C 95 1.04 -4.63 47.17
N VAL C 96 1.43 -3.42 46.79
CA VAL C 96 1.08 -2.20 47.49
C VAL C 96 0.42 -1.27 46.49
N VAL C 97 -0.74 -0.74 46.84
CA VAL C 97 -1.52 0.10 45.94
C VAL C 97 -1.35 1.55 46.36
N LEU C 98 -0.85 2.37 45.45
CA LEU C 98 -0.75 3.81 45.64
C LEU C 98 -1.66 4.50 44.64
N GLU C 99 -2.15 5.67 45.02
CA GLU C 99 -3.06 6.43 44.16
C GLU C 99 -2.61 7.87 44.09
N LEU C 100 -2.70 8.46 42.90
CA LEU C 100 -2.32 9.84 42.67
C LEU C 100 -3.47 10.56 42.01
N SER C 101 -3.76 11.78 42.46
CA SER C 101 -4.83 12.59 41.89
C SER C 101 -4.37 14.03 41.94
N ALA C 102 -4.19 14.64 40.78
CA ALA C 102 -3.69 16.01 40.69
C ALA C 102 -4.56 16.81 39.75
N ARG C 103 -4.76 18.08 40.09
CA ARG C 103 -5.62 18.95 39.30
C ARG C 103 -5.21 20.38 39.55
N HIS C 104 -5.41 21.22 38.54
CA HIS C 104 -5.10 22.64 38.65
C HIS C 104 -6.40 23.43 38.63
N GLU C 105 -6.58 24.30 39.62
CA GLU C 105 -7.76 25.12 39.76
C GLU C 105 -7.43 26.57 39.45
N GLY C 106 -8.39 27.26 38.84
CA GLY C 106 -8.11 28.60 38.36
C GLY C 106 -7.66 28.60 36.91
N GLU C 107 -7.78 29.76 36.28
CA GLU C 107 -7.46 29.90 34.87
C GLU C 107 -6.07 30.48 34.63
N GLU C 108 -5.24 30.57 35.65
CA GLU C 108 -3.88 31.07 35.49
C GLU C 108 -2.95 30.28 36.39
N GLY C 109 -1.68 30.25 35.99
CA GLY C 109 -0.66 29.56 36.76
C GLY C 109 -0.44 28.13 36.30
N THR C 110 0.59 27.52 36.86
CA THR C 110 0.98 26.15 36.56
C THR C 110 1.13 25.39 37.87
N THR C 111 0.60 24.17 37.91
CA THR C 111 0.67 23.32 39.09
C THR C 111 1.70 22.22 38.87
N ASP C 112 2.57 22.02 39.86
CA ASP C 112 3.56 20.97 39.81
C ASP C 112 3.06 19.74 40.56
N VAL C 113 3.21 18.58 39.96
CA VAL C 113 2.80 17.31 40.55
C VAL C 113 4.06 16.65 41.09
N TYR C 114 4.13 16.48 42.40
CA TYR C 114 5.29 15.89 43.05
C TYR C 114 4.97 14.49 43.54
N SER C 115 6.03 13.75 43.90
CA SER C 115 5.84 12.40 44.40
C SER C 115 5.25 12.37 45.79
N SER C 116 5.21 13.51 46.49
CA SER C 116 4.52 13.56 47.77
C SER C 116 3.02 13.33 47.63
N SER C 117 2.47 13.58 46.44
CA SER C 117 1.05 13.39 46.21
C SER C 117 0.67 11.92 46.09
N LEU C 118 1.63 11.01 46.00
CA LEU C 118 1.32 9.59 45.95
C LEU C 118 0.88 9.13 47.33
N ILE C 119 -0.35 8.64 47.43
CA ILE C 119 -0.97 8.28 48.69
C ILE C 119 -1.12 6.77 48.75
N LYS C 120 -0.59 6.16 49.81
CA LYS C 120 -0.70 4.72 49.98
C LYS C 120 -2.11 4.35 50.40
N VAL C 121 -2.76 3.49 49.61
CA VAL C 121 -4.14 3.10 49.85
C VAL C 121 -4.24 1.75 50.54
N SER C 122 -3.52 0.76 50.06
CA SER C 122 -3.56 -0.57 50.66
C SER C 122 -2.19 -1.20 50.58
N GLY C 123 -1.94 -2.13 51.49
CA GLY C 123 -0.68 -2.82 51.55
C GLY C 123 -0.67 -3.84 52.67
N PRO C 124 0.46 -4.52 52.86
CA PRO C 124 0.55 -5.51 53.93
C PRO C 124 0.36 -4.87 55.30
N GLY C 125 -0.27 -5.62 56.20
CA GLY C 125 -0.57 -5.12 57.53
C GLY C 125 0.66 -4.87 58.37
N ASN C 126 0.81 -3.64 58.86
CA ASN C 126 1.84 -3.23 59.81
C ASN C 126 3.25 -3.33 59.25
N LEU C 127 3.40 -3.55 57.94
CA LEU C 127 4.71 -3.57 57.32
C LEU C 127 5.06 -2.16 56.84
N ASN C 128 6.27 -1.72 57.16
CA ASN C 128 6.74 -0.39 56.77
C ASN C 128 7.29 -0.44 55.34
N VAL C 129 6.36 -0.54 54.39
CA VAL C 129 6.70 -0.56 52.97
C VAL C 129 5.70 0.31 52.22
N GLY C 130 6.11 0.77 51.04
CA GLY C 130 5.22 1.38 50.09
C GLY C 130 5.28 2.90 50.02
N GLU C 131 5.53 3.55 51.13
CA GLU C 131 5.53 5.02 51.13
C GLU C 131 6.69 5.53 50.28
N PRO C 132 6.45 6.50 49.40
CA PRO C 132 7.57 7.08 48.63
C PRO C 132 8.57 7.73 49.56
N VAL C 133 9.86 7.61 49.20
CA VAL C 133 10.93 8.10 50.05
C VAL C 133 10.94 9.61 50.03
N ARG C 134 11.05 10.22 51.21
CA ARG C 134 11.16 11.65 51.34
C ARG C 134 12.41 11.99 52.14
N ARG C 135 13.16 12.99 51.65
CA ARG C 135 14.38 13.41 52.34
C ARG C 135 14.06 13.95 53.73
N ASP C 136 13.07 14.84 53.82
CA ASP C 136 12.62 15.39 55.09
C ASP C 136 11.11 15.35 55.17
N ASP C 137 10.55 15.96 56.21
CA ASP C 137 9.10 16.10 56.29
C ASP C 137 8.56 17.19 55.38
N TYR C 138 9.40 18.13 54.97
CA TYR C 138 9.00 19.23 54.10
C TYR C 138 9.57 19.09 52.69
N ASP C 139 10.15 17.95 52.36
CA ASP C 139 10.66 17.72 51.01
C ASP C 139 9.50 17.34 50.11
N GLN C 140 9.32 18.09 49.02
CA GLN C 140 8.21 17.81 48.12
C GLN C 140 8.45 16.55 47.30
N GLY C 141 9.69 16.21 47.03
CA GLY C 141 10.02 14.97 46.35
C GLY C 141 10.32 15.16 44.87
N ILE C 142 10.18 14.06 44.14
CA ILE C 142 10.51 14.04 42.72
C ILE C 142 9.41 14.72 41.92
N LEU C 143 9.80 15.61 41.01
CA LEU C 143 8.84 16.25 40.13
C LEU C 143 8.33 15.25 39.10
N LEU C 144 7.02 15.03 39.07
CA LEU C 144 6.41 14.05 38.19
C LEU C 144 5.84 14.64 36.93
N CYS C 145 5.20 15.79 37.01
CA CYS C 145 4.49 16.37 35.87
C CYS C 145 4.19 17.83 36.18
N LYS C 146 3.64 18.52 35.19
CA LYS C 146 3.16 19.88 35.36
C LYS C 146 1.79 20.00 34.69
N LEU C 147 0.94 20.83 35.27
CA LEU C 147 -0.42 20.98 34.80
C LEU C 147 -0.77 22.45 34.70
N ARG C 148 -1.64 22.76 33.74
CA ARG C 148 -2.25 24.07 33.64
C ARG C 148 -3.76 23.89 33.80
N ASN C 149 -4.51 24.96 33.58
CA ASN C 149 -5.94 24.95 33.85
C ASN C 149 -6.64 23.84 33.08
N HIS C 150 -7.55 23.14 33.76
CA HIS C 150 -8.42 22.11 33.20
C HIS C 150 -7.64 20.87 32.75
N GLN C 151 -6.43 20.68 33.25
CA GLN C 151 -5.68 19.46 33.02
C GLN C 151 -5.62 18.66 34.31
N GLU C 152 -5.95 17.38 34.24
CA GLU C 152 -6.05 16.54 35.42
C GLU C 152 -5.33 15.23 35.19
N LEU C 153 -4.73 14.72 36.25
CA LEU C 153 -4.03 13.44 36.25
C LEU C 153 -4.58 12.59 37.37
N ASN C 154 -5.12 11.41 37.03
CA ASN C 154 -5.77 10.54 38.00
C ASN C 154 -5.39 9.11 37.66
N ILE C 155 -4.53 8.52 38.49
CA ILE C 155 -3.93 7.22 38.21
C ILE C 155 -3.95 6.38 39.49
N ARG C 156 -3.82 5.07 39.30
CA ARG C 156 -3.70 4.13 40.41
C ARG C 156 -2.56 3.19 40.11
N CYS C 157 -1.56 3.18 40.97
CA CYS C 157 -0.32 2.45 40.75
C CYS C 157 -0.18 1.30 41.73
N ILE C 158 0.43 0.21 41.26
CA ILE C 158 0.63 -1.00 42.06
C ILE C 158 2.12 -1.28 42.13
N ALA C 159 2.63 -1.45 43.33
CA ALA C 159 4.05 -1.66 43.56
C ALA C 159 4.31 -3.13 43.90
N LYS C 160 5.33 -3.71 43.29
CA LYS C 160 5.67 -5.10 43.50
C LYS C 160 7.13 -5.23 43.90
N LYS C 161 7.50 -6.42 44.35
CA LYS C 161 8.85 -6.69 44.80
C LYS C 161 9.66 -7.33 43.67
N GLY C 162 10.89 -6.85 43.47
CA GLY C 162 11.72 -7.38 42.42
C GLY C 162 13.18 -7.01 42.64
N ILE C 163 14.02 -7.43 41.71
CA ILE C 163 15.45 -7.19 41.78
C ILE C 163 15.89 -6.42 40.55
N ALA C 164 17.08 -5.84 40.64
CA ALA C 164 17.58 -4.98 39.57
C ALA C 164 18.01 -5.74 38.32
N LYS C 165 18.09 -7.07 38.41
CA LYS C 165 18.34 -7.85 37.21
C LYS C 165 17.19 -7.70 36.22
N GLU C 166 15.95 -7.68 36.73
CA GLU C 166 14.79 -7.60 35.87
C GLU C 166 14.63 -6.20 35.28
N HIS C 167 14.84 -5.16 36.09
CA HIS C 167 14.75 -3.80 35.63
C HIS C 167 15.51 -2.92 36.61
N ALA C 168 16.13 -1.87 36.09
CA ALA C 168 17.00 -1.02 36.89
C ALA C 168 16.25 -0.23 37.95
N LYS C 169 14.92 -0.18 37.88
CA LYS C 169 14.16 0.59 38.86
C LYS C 169 14.13 -0.06 40.22
N TRP C 170 14.49 -1.33 40.32
CA TRP C 170 14.52 -2.03 41.61
C TRP C 170 15.89 -2.02 42.25
N SER C 171 16.83 -1.26 41.72
CA SER C 171 18.18 -1.23 42.28
C SER C 171 18.20 -0.32 43.49
N PRO C 172 18.67 -0.79 44.65
CA PRO C 172 18.70 0.07 45.83
C PRO C 172 19.89 1.02 45.84
N CYS C 173 20.98 0.62 45.22
CA CYS C 173 22.20 1.40 45.18
C CYS C 173 22.24 2.28 43.94
N SER C 174 22.95 3.41 44.06
CA SER C 174 23.20 4.24 42.89
C SER C 174 24.55 3.90 42.25
N ALA C 175 25.64 4.13 42.97
CA ALA C 175 26.96 3.83 42.44
C ALA C 175 27.84 3.36 43.58
N ILE C 176 28.48 2.21 43.41
CA ILE C 176 29.33 1.63 44.44
C ILE C 176 30.77 1.87 44.02
N ALA C 177 31.41 2.86 44.65
CA ALA C 177 32.83 3.07 44.44
C ALA C 177 33.59 1.88 45.01
N PHE C 178 34.58 1.40 44.27
CA PHE C 178 35.33 0.21 44.65
C PHE C 178 36.78 0.44 44.27
N GLU C 179 37.70 0.06 45.15
CA GLU C 179 39.09 0.46 44.97
C GLU C 179 39.97 -0.40 45.86
N TYR C 180 41.15 -0.73 45.35
CA TYR C 180 42.15 -1.43 46.16
C TYR C 180 43.53 -1.10 45.63
N ASP C 181 44.52 -1.30 46.49
CA ASP C 181 45.94 -1.10 46.17
C ASP C 181 46.20 0.28 45.58
N PRO C 182 46.07 1.35 46.38
CA PRO C 182 46.27 2.70 45.83
C PRO C 182 47.65 2.95 45.26
N HIS C 183 48.69 2.32 45.80
CA HIS C 183 50.06 2.62 45.40
C HIS C 183 50.61 1.65 44.35
N ASN C 184 49.79 0.72 43.86
CA ASN C 184 50.17 -0.17 42.77
C ASN C 184 51.40 -1.01 43.13
N LYS C 185 51.40 -1.58 44.34
CA LYS C 185 52.50 -2.46 44.71
C LYS C 185 52.37 -3.82 44.04
N LEU C 186 51.15 -4.22 43.69
CA LEU C 186 50.93 -5.50 43.04
C LEU C 186 51.19 -5.45 41.55
N LYS C 187 51.40 -4.25 41.00
CA LYS C 187 51.60 -4.07 39.57
C LYS C 187 50.44 -4.66 38.76
N HIS C 188 49.22 -4.43 39.23
CA HIS C 188 48.06 -4.92 38.50
C HIS C 188 47.70 -4.01 37.33
N THR C 189 48.24 -2.79 37.30
CA THR C 189 48.03 -1.89 36.19
C THR C 189 49.37 -1.29 35.77
N ASP C 190 49.48 -0.97 34.50
CA ASP C 190 50.68 -0.38 33.93
C ASP C 190 50.34 1.03 33.45
N PHE C 191 51.09 2.02 33.94
CA PHE C 191 50.67 3.40 33.84
C PHE C 191 51.17 4.04 32.56
N TRP C 192 50.25 4.47 31.71
CA TRP C 192 50.56 5.23 30.53
C TRP C 192 51.15 6.58 30.93
N PHE C 193 52.15 7.04 30.18
CA PHE C 193 52.80 8.29 30.51
C PHE C 193 53.46 8.87 29.28
N GLU C 194 53.82 10.16 29.38
CA GLU C 194 54.58 10.85 28.35
C GLU C 194 56.02 11.11 28.77
N VAL C 195 56.23 11.61 29.98
CA VAL C 195 57.56 11.92 30.47
C VAL C 195 57.86 11.08 31.71
N ASP C 196 57.06 11.27 32.77
CA ASP C 196 57.22 10.53 34.00
C ASP C 196 55.85 10.07 34.48
N ALA C 197 55.73 8.78 34.79
CA ALA C 197 54.43 8.24 35.16
C ALA C 197 54.04 8.60 36.58
N LYS C 198 55.01 8.97 37.42
CA LYS C 198 54.71 9.23 38.83
C LYS C 198 54.00 10.58 39.00
N LYS C 199 54.47 11.60 38.31
CA LYS C 199 53.94 12.95 38.49
C LYS C 199 52.83 13.29 37.50
N GLU C 200 52.50 12.39 36.58
CA GLU C 200 51.44 12.63 35.63
C GLU C 200 50.11 12.01 36.04
N TRP C 201 50.10 11.22 37.12
CA TRP C 201 48.90 10.52 37.54
C TRP C 201 48.47 11.02 38.91
N PRO C 202 47.21 11.41 39.10
CA PRO C 202 46.77 11.91 40.40
C PRO C 202 46.81 10.81 41.44
N ASP C 203 47.08 11.21 42.68
CA ASP C 203 47.09 10.26 43.78
C ASP C 203 45.68 9.80 44.10
N SER C 204 45.55 8.54 44.51
CA SER C 204 44.26 8.02 44.93
C SER C 204 43.83 8.67 46.23
N LYS C 205 42.52 8.73 46.45
CA LYS C 205 42.01 9.36 47.66
C LYS C 205 42.33 8.56 48.92
N TYR C 206 42.76 7.31 48.79
CA TYR C 206 43.17 6.49 49.92
C TYR C 206 44.68 6.27 49.94
N ALA C 207 45.44 7.13 49.25
CA ALA C 207 46.88 6.92 49.16
C ALA C 207 47.56 7.07 50.52
N THR C 208 46.98 7.87 51.41
CA THR C 208 47.56 8.06 52.73
C THR C 208 47.28 6.90 53.67
N TRP C 209 46.39 5.98 53.30
CA TRP C 209 46.07 4.85 54.15
C TRP C 209 47.06 3.71 54.02
N GLU C 210 47.98 3.77 53.08
CA GLU C 210 48.97 2.71 52.87
C GLU C 210 50.34 3.34 52.68
N GLU C 211 51.36 2.69 53.21
CA GLU C 211 52.71 3.22 53.13
C GLU C 211 53.23 3.11 51.70
N PRO C 212 53.74 4.19 51.12
CA PRO C 212 54.27 4.09 49.77
C PRO C 212 55.48 3.18 49.73
N PRO C 213 55.73 2.51 48.61
CA PRO C 213 56.86 1.58 48.54
C PRO C 213 58.19 2.29 48.67
N LYS C 214 59.13 1.62 49.31
CA LYS C 214 60.46 2.19 49.52
C LYS C 214 61.21 2.24 48.18
N PRO C 215 62.10 3.23 48.01
CA PRO C 215 62.86 3.32 46.75
C PRO C 215 63.69 2.07 46.44
N GLY C 216 64.28 1.45 47.46
CA GLY C 216 65.08 0.26 47.26
C GLY C 216 64.32 -1.04 47.34
N GLU C 217 63.00 -0.99 47.50
CA GLU C 217 62.21 -2.21 47.63
C GLU C 217 62.16 -2.97 46.32
N VAL C 218 62.24 -4.30 46.41
CA VAL C 218 62.08 -5.16 45.25
C VAL C 218 60.62 -5.54 45.11
N PHE C 219 60.26 -6.02 43.92
CA PHE C 219 58.90 -6.47 43.69
C PHE C 219 58.61 -7.72 44.51
N ASP C 220 57.40 -7.77 45.08
CA ASP C 220 56.95 -8.89 45.91
C ASP C 220 55.97 -9.71 45.09
N TYR C 221 56.39 -10.89 44.64
CA TYR C 221 55.54 -11.75 43.84
C TYR C 221 54.60 -12.61 44.67
N LYS C 222 54.76 -12.61 45.99
CA LYS C 222 53.92 -13.42 46.86
C LYS C 222 52.71 -12.67 47.39
N ALA C 223 52.56 -11.40 47.02
CA ALA C 223 51.49 -10.58 47.58
C ALA C 223 50.19 -10.72 46.79
N LYS C 224 49.07 -10.54 47.49
CA LYS C 224 47.75 -10.55 46.92
C LYS C 224 46.98 -9.34 47.43
N PRO C 225 45.98 -8.87 46.69
CA PRO C 225 45.16 -7.76 47.20
C PRO C 225 44.46 -8.17 48.49
N ASN C 226 44.56 -7.31 49.50
CA ASN C 226 44.13 -7.70 50.83
C ASN C 226 43.16 -6.71 51.45
N ARG C 227 43.28 -5.44 51.11
CA ARG C 227 42.43 -4.39 51.67
C ARG C 227 41.65 -3.73 50.54
N PHE C 228 40.33 -3.65 50.70
CA PHE C 228 39.45 -3.09 49.70
C PHE C 228 38.66 -1.93 50.30
N TYR C 229 38.62 -0.82 49.59
CA TYR C 229 37.89 0.38 50.01
C TYR C 229 36.67 0.52 49.12
N MET C 230 35.49 0.53 49.72
CA MET C 230 34.28 0.64 48.92
C MET C 230 33.25 1.53 49.61
N THR C 231 32.56 2.34 48.81
CA THR C 231 31.53 3.25 49.28
C THR C 231 30.19 2.83 48.67
N VAL C 232 29.19 2.65 49.50
CA VAL C 232 27.87 2.22 49.07
C VAL C 232 26.91 3.38 49.21
N GLU C 233 26.39 3.87 48.08
CA GLU C 233 25.39 4.92 48.07
C GLU C 233 24.04 4.31 47.70
N THR C 234 22.99 4.75 48.40
CA THR C 234 21.66 4.24 48.17
C THR C 234 20.75 5.35 47.68
N THR C 235 19.60 4.96 47.16
CA THR C 235 18.61 5.90 46.65
C THR C 235 17.62 6.36 47.72
N GLY C 236 17.75 5.84 48.94
CA GLY C 236 16.85 6.18 50.02
C GLY C 236 15.82 5.13 50.33
N SER C 237 15.56 4.21 49.40
CA SER C 237 14.63 3.12 49.69
C SER C 237 15.15 2.24 50.83
N LEU C 238 16.45 1.99 50.86
CA LEU C 238 17.08 1.22 51.90
C LEU C 238 18.25 2.00 52.48
N LYS C 239 18.46 1.87 53.78
CA LYS C 239 19.64 2.47 54.40
C LYS C 239 20.89 1.72 53.96
N ALA C 240 22.04 2.37 54.13
CA ALA C 240 23.30 1.78 53.68
C ALA C 240 23.61 0.48 54.41
N ASN C 241 23.44 0.46 55.73
CA ASN C 241 23.69 -0.75 56.49
C ASN C 241 22.72 -1.86 56.08
N GLN C 242 21.47 -1.50 55.83
CA GLN C 242 20.50 -2.49 55.37
C GLN C 242 20.92 -3.06 54.01
N VAL C 243 21.41 -2.21 53.12
CA VAL C 243 21.85 -2.70 51.81
C VAL C 243 23.01 -3.67 51.98
N PHE C 244 24.00 -3.31 52.79
CA PHE C 244 25.15 -4.19 52.98
C PHE C 244 24.74 -5.52 53.58
N SER C 245 23.95 -5.48 54.66
CA SER C 245 23.55 -6.71 55.34
C SER C 245 22.69 -7.58 54.44
N ARG C 246 21.79 -6.97 53.67
CA ARG C 246 20.93 -7.77 52.80
C ARG C 246 21.67 -8.32 51.61
N GLY C 247 22.70 -7.61 51.12
CA GLY C 247 23.55 -8.20 50.11
C GLY C 247 24.28 -9.42 50.61
N ILE C 248 24.81 -9.34 51.84
CA ILE C 248 25.47 -10.50 52.44
C ILE C 248 24.47 -11.65 52.58
N LYS C 249 23.27 -11.35 53.06
CA LYS C 249 22.27 -12.40 53.25
C LYS C 249 21.85 -13.03 51.92
N THR C 250 21.72 -12.22 50.87
CA THR C 250 21.36 -12.76 49.56
C THR C 250 22.44 -13.67 49.03
N LEU C 251 23.71 -13.28 49.19
CA LEU C 251 24.81 -14.15 48.77
C LEU C 251 24.79 -15.46 49.55
N GLN C 252 24.54 -15.39 50.86
CA GLN C 252 24.45 -16.60 51.67
C GLN C 252 23.31 -17.49 51.19
N GLU C 253 22.16 -16.90 50.88
CA GLU C 253 21.02 -17.70 50.41
C GLU C 253 21.34 -18.38 49.09
N LYS C 254 22.00 -17.68 48.18
CA LYS C 254 22.38 -18.28 46.91
C LYS C 254 23.30 -19.47 47.11
N LEU C 255 24.33 -19.31 47.95
CA LEU C 255 25.25 -20.41 48.20
C LEU C 255 24.55 -21.57 48.89
N ALA C 256 23.65 -21.28 49.82
CA ALA C 256 22.91 -22.33 50.51
C ALA C 256 22.01 -23.10 49.54
N ASN C 257 21.42 -22.39 48.58
CA ASN C 257 20.61 -23.06 47.56
C ASN C 257 21.47 -23.99 46.72
N VAL C 258 22.67 -23.54 46.34
CA VAL C 258 23.57 -24.42 45.58
C VAL C 258 23.93 -25.66 46.40
N LEU C 259 24.22 -25.46 47.69
CA LEU C 259 24.58 -26.57 48.56
C LEU C 259 23.44 -27.56 48.69
N PHE C 260 22.21 -27.06 48.84
CA PHE C 260 21.04 -27.93 48.93
C PHE C 260 20.85 -28.72 47.64
N GLU C 261 21.04 -28.07 46.49
CA GLU C 261 20.92 -28.77 45.22
C GLU C 261 21.95 -29.89 45.12
N LEU C 262 23.19 -29.62 45.52
CA LEU C 262 24.21 -30.66 45.49
C LEU C 262 23.84 -31.82 46.39
N GLU C 263 23.39 -31.53 47.62
CA GLU C 263 23.10 -32.60 48.57
C GLU C 263 21.88 -33.40 48.16
N ASN C 264 20.90 -32.77 47.52
CA ASN C 264 19.72 -33.48 47.05
C ASN C 264 19.94 -34.17 45.70
N SER C 265 21.02 -33.84 44.99
CA SER C 265 21.26 -34.47 43.70
C SER C 265 21.48 -35.97 43.83
N ARG C 266 22.24 -36.39 44.84
CA ARG C 266 22.53 -37.81 45.04
C ARG C 266 21.25 -38.59 45.37
N VAL D 3 0.28 -43.30 -25.44
CA VAL D 3 1.18 -43.73 -24.38
C VAL D 3 2.45 -44.31 -24.97
N SER D 4 2.33 -45.51 -25.55
CA SER D 4 3.45 -46.14 -26.20
C SER D 4 3.85 -45.36 -27.46
N THR D 5 5.16 -45.23 -27.68
CA THR D 5 5.70 -44.45 -28.78
C THR D 5 6.34 -45.37 -29.80
N SER D 6 6.08 -45.11 -31.08
CA SER D 6 6.67 -45.90 -32.14
C SER D 6 8.14 -45.54 -32.34
N THR D 7 8.85 -46.43 -33.03
CA THR D 7 10.26 -46.17 -33.35
C THR D 7 10.43 -45.03 -34.33
N VAL D 8 9.37 -44.60 -34.99
CA VAL D 8 9.43 -43.48 -35.95
C VAL D 8 9.17 -42.19 -35.19
N GLY D 9 10.10 -41.24 -35.32
CA GLY D 9 9.98 -39.98 -34.60
C GLY D 9 9.97 -38.77 -35.52
N ALA D 10 10.51 -37.65 -35.01
CA ALA D 10 10.59 -36.41 -35.76
C ALA D 10 9.23 -35.96 -36.26
N ARG D 11 9.08 -35.88 -37.58
CA ARG D 11 7.84 -35.44 -38.23
C ARG D 11 7.45 -34.04 -37.74
N ARG D 12 8.30 -33.08 -38.07
CA ARG D 12 8.07 -31.70 -37.65
C ARG D 12 7.24 -30.97 -38.70
N ARG D 13 7.06 -29.67 -38.49
CA ARG D 13 6.15 -28.88 -39.32
C ARG D 13 6.73 -28.66 -40.72
N ARG D 14 5.84 -28.64 -41.70
CA ARG D 14 6.19 -28.30 -43.07
C ARG D 14 5.05 -27.47 -43.66
N ALA D 15 5.09 -27.25 -44.96
CA ALA D 15 4.05 -26.50 -45.66
C ALA D 15 3.27 -27.31 -46.67
N LYS D 16 3.91 -28.29 -47.32
CA LYS D 16 3.20 -29.13 -48.28
C LYS D 16 2.23 -30.08 -47.58
N GLN D 17 1.11 -30.33 -48.23
CA GLN D 17 0.13 -31.31 -47.78
C GLN D 17 -0.06 -32.36 -48.86
N GLN D 18 -0.11 -33.62 -48.45
CA GLN D 18 -0.17 -34.75 -49.36
C GLN D 18 -1.50 -35.48 -49.22
N VAL D 19 -1.89 -36.18 -50.28
CA VAL D 19 -3.13 -36.95 -50.26
C VAL D 19 -2.91 -38.36 -49.73
N ASP D 20 -1.67 -38.85 -49.72
CA ASP D 20 -1.36 -40.17 -49.16
C ASP D 20 -1.09 -40.08 -47.66
N ASP D 21 -2.03 -39.50 -46.92
CA ASP D 21 -1.91 -39.37 -45.48
C ASP D 21 -3.10 -40.00 -44.79
N GLU D 22 -4.24 -40.03 -45.48
CA GLU D 22 -5.46 -40.58 -44.90
C GLU D 22 -5.47 -42.10 -45.00
N GLU D 23 -5.96 -42.75 -43.94
CA GLU D 23 -6.05 -44.20 -43.92
C GLU D 23 -7.06 -44.68 -44.95
N ASN D 24 -6.68 -45.70 -45.72
CA ASN D 24 -7.59 -46.29 -46.70
C ASN D 24 -7.07 -47.66 -47.07
N ALA D 25 -7.84 -48.70 -46.75
CA ALA D 25 -7.42 -50.07 -47.07
C ALA D 25 -7.42 -50.31 -48.57
N THR D 26 -8.42 -49.78 -49.27
CA THR D 26 -8.53 -50.00 -50.71
C THR D 26 -7.33 -49.41 -51.46
N LEU D 27 -6.92 -48.21 -51.06
CA LEU D 27 -5.79 -47.54 -51.70
C LEU D 27 -4.45 -48.01 -51.16
N LEU D 28 -4.45 -48.90 -50.16
CA LEU D 28 -3.22 -49.39 -49.54
C LEU D 28 -2.39 -48.24 -48.97
N ARG D 29 -3.07 -47.28 -48.35
CA ARG D 29 -2.43 -46.16 -47.65
C ARG D 29 -2.66 -46.36 -46.16
N LEU D 30 -1.68 -46.93 -45.48
CA LEU D 30 -1.81 -47.31 -44.09
C LEU D 30 -1.19 -46.31 -43.13
N GLY D 31 -0.73 -45.17 -43.64
CA GLY D 31 -0.17 -44.14 -42.79
C GLY D 31 1.30 -44.36 -42.50
N PRO D 32 1.94 -43.39 -41.83
CA PRO D 32 3.38 -43.48 -41.59
C PRO D 32 3.77 -44.60 -40.65
N GLU D 33 3.01 -44.78 -39.56
CA GLU D 33 3.33 -45.79 -38.57
C GLU D 33 3.13 -47.21 -39.08
N PHE D 34 2.43 -47.39 -40.20
CA PHE D 34 2.23 -48.69 -40.82
C PHE D 34 2.78 -48.71 -42.24
N ALA D 35 3.85 -47.95 -42.47
CA ALA D 35 4.44 -47.88 -43.80
C ALA D 35 5.12 -49.20 -44.15
N LEU D 36 5.43 -49.36 -45.45
CA LEU D 36 6.02 -50.60 -45.92
C LEU D 36 7.41 -50.82 -45.36
N LYS D 37 8.12 -49.75 -45.04
CA LYS D 37 9.48 -49.82 -44.51
C LYS D 37 9.48 -49.41 -43.05
N GLN D 38 10.02 -50.26 -42.18
CA GLN D 38 10.10 -50.01 -40.75
C GLN D 38 11.54 -50.18 -40.30
N TYR D 39 11.81 -49.79 -39.05
CA TYR D 39 13.13 -49.92 -38.46
C TYR D 39 13.01 -50.62 -37.11
N ASP D 40 13.94 -51.52 -36.84
CA ASP D 40 13.95 -52.27 -35.59
C ASP D 40 14.68 -51.46 -34.52
N HIS D 41 14.96 -52.10 -33.38
CA HIS D 41 15.69 -51.43 -32.31
C HIS D 41 17.12 -51.08 -32.71
N ASP D 42 17.68 -51.78 -33.70
CA ASP D 42 19.01 -51.49 -34.20
C ASP D 42 19.01 -50.51 -35.36
N GLY D 43 17.83 -50.06 -35.80
CA GLY D 43 17.72 -49.12 -36.90
C GLY D 43 17.87 -49.72 -38.28
N ASN D 44 18.01 -51.05 -38.39
CA ASN D 44 18.17 -51.68 -39.68
C ASN D 44 16.85 -51.72 -40.43
N GLU D 45 16.94 -51.99 -41.73
CA GLU D 45 15.74 -52.05 -42.56
C GLU D 45 14.83 -53.18 -42.11
N HIS D 46 13.52 -52.93 -42.17
CA HIS D 46 12.53 -53.90 -41.73
C HIS D 46 11.26 -53.70 -42.54
N ASP D 47 10.60 -54.80 -42.86
CA ASP D 47 9.36 -54.76 -43.63
C ASP D 47 8.16 -54.81 -42.71
N LEU D 48 7.06 -54.21 -43.17
CA LEU D 48 5.81 -54.26 -42.39
C LEU D 48 5.37 -55.70 -42.23
N ILE D 49 5.03 -56.08 -41.00
CA ILE D 49 4.70 -57.45 -40.67
C ILE D 49 3.20 -57.53 -40.44
N ALA D 50 2.48 -57.97 -41.47
CA ALA D 50 1.07 -58.29 -41.32
C ALA D 50 0.92 -59.69 -40.77
N LEU D 51 -0.28 -59.99 -40.25
CA LEU D 51 -0.56 -61.28 -39.67
C LEU D 51 -1.97 -61.72 -40.03
N SER D 52 -2.08 -62.89 -40.65
CA SER D 52 -3.37 -63.51 -40.88
C SER D 52 -3.90 -64.10 -39.57
N LEU D 53 -5.20 -64.42 -39.56
CA LEU D 53 -5.81 -64.95 -38.35
C LEU D 53 -5.14 -66.26 -37.92
N SER D 54 -4.69 -67.06 -38.88
CA SER D 54 -3.97 -68.29 -38.52
C SER D 54 -2.65 -67.96 -37.84
N GLU D 55 -1.85 -67.08 -38.45
CA GLU D 55 -0.57 -66.70 -37.85
C GLU D 55 -0.77 -66.00 -36.53
N SER D 56 -1.75 -65.09 -36.45
CA SER D 56 -2.01 -64.38 -35.20
C SER D 56 -2.43 -65.36 -34.11
N ARG D 57 -3.30 -66.31 -34.43
CA ARG D 57 -3.73 -67.29 -33.44
C ARG D 57 -2.55 -68.13 -32.96
N LEU D 58 -1.70 -68.58 -33.91
CA LEU D 58 -0.54 -69.37 -33.53
C LEU D 58 0.37 -68.59 -32.58
N LEU D 59 0.65 -67.33 -32.94
CA LEU D 59 1.57 -66.53 -32.13
C LEU D 59 0.98 -66.25 -30.74
N ILE D 60 -0.30 -65.89 -30.68
CA ILE D 60 -0.90 -65.57 -29.38
C ILE D 60 -0.96 -66.81 -28.51
N ARG D 61 -1.33 -67.97 -29.08
CA ARG D 61 -1.37 -69.19 -28.30
C ARG D 61 0.01 -69.57 -27.79
N GLU D 62 1.03 -69.47 -28.66
CA GLU D 62 2.37 -69.82 -28.24
C GLU D 62 2.86 -68.92 -27.12
N ALA D 63 2.68 -67.60 -27.29
CA ALA D 63 3.15 -66.66 -26.27
C ALA D 63 2.40 -66.85 -24.95
N LEU D 64 1.08 -67.02 -25.02
CA LEU D 64 0.29 -67.18 -23.80
C LEU D 64 0.66 -68.47 -23.07
N LYS D 65 0.82 -69.58 -23.79
CA LYS D 65 1.20 -70.82 -23.13
C LYS D 65 2.61 -70.76 -22.59
N ALA D 66 3.52 -70.06 -23.29
CA ALA D 66 4.87 -69.88 -22.75
C ALA D 66 4.84 -69.09 -21.45
N ARG D 67 4.06 -68.02 -21.40
CA ARG D 67 3.95 -67.24 -20.17
C ARG D 67 3.31 -68.04 -19.06
N SER D 68 2.29 -68.83 -19.37
CA SER D 68 1.65 -69.67 -18.37
C SER D 68 2.61 -70.71 -17.82
N ARG D 69 3.41 -71.33 -18.69
CA ARG D 69 4.41 -72.29 -18.23
C ARG D 69 5.47 -71.62 -17.38
N ALA D 70 5.91 -70.43 -17.78
CA ALA D 70 6.94 -69.72 -17.01
C ALA D 70 6.43 -69.33 -15.63
N ARG D 71 5.18 -68.85 -15.54
CA ARG D 71 4.64 -68.43 -14.25
C ARG D 71 4.43 -69.58 -13.29
N ASN D 72 4.38 -70.82 -13.79
CA ASN D 72 4.21 -71.99 -12.95
C ASN D 72 5.52 -72.72 -12.70
N GLY D 73 6.65 -72.09 -13.02
CA GLY D 73 7.93 -72.73 -12.81
C GLY D 73 8.33 -73.73 -13.86
N GLY D 74 7.83 -73.60 -15.09
CA GLY D 74 8.20 -74.51 -16.16
C GLY D 74 7.72 -75.93 -15.95
N VAL D 75 6.51 -76.11 -15.42
CA VAL D 75 5.96 -77.44 -15.19
C VAL D 75 5.60 -78.08 -16.51
N ILE D 84 -3.74 -75.29 -22.23
CA ILE D 84 -4.33 -75.69 -23.50
C ILE D 84 -5.72 -75.08 -23.64
N ASP D 85 -6.46 -75.05 -22.53
CA ASP D 85 -7.80 -74.48 -22.54
C ASP D 85 -7.73 -72.98 -22.76
N ASP D 86 -8.56 -72.48 -23.69
CA ASP D 86 -8.54 -71.06 -24.00
C ASP D 86 -9.03 -70.22 -22.83
N ASP D 87 -10.03 -70.71 -22.09
CA ASP D 87 -10.52 -69.97 -20.93
C ASP D 87 -9.45 -69.85 -19.85
N GLU D 88 -8.78 -70.97 -19.52
CA GLU D 88 -7.70 -70.92 -18.55
C GLU D 88 -6.55 -70.04 -19.04
N LEU D 89 -6.23 -70.16 -20.34
CA LEU D 89 -5.14 -69.38 -20.91
C LEU D 89 -5.43 -67.89 -20.81
N ALA D 90 -6.68 -67.49 -21.07
CA ALA D 90 -7.07 -66.09 -20.88
C ALA D 90 -7.01 -65.70 -19.42
N LYS D 91 -7.46 -66.59 -18.52
CA LYS D 91 -7.39 -66.29 -17.10
C LYS D 91 -5.95 -66.16 -16.59
N VAL D 92 -4.97 -66.68 -17.33
CA VAL D 92 -3.58 -66.54 -16.92
C VAL D 92 -3.18 -65.07 -16.84
N THR D 93 -3.60 -64.27 -17.82
CA THR D 93 -3.21 -62.87 -17.87
C THR D 93 -3.80 -62.10 -16.69
N SER D 94 -3.20 -60.94 -16.41
CA SER D 94 -3.62 -60.08 -15.32
C SER D 94 -4.38 -58.88 -15.86
N GLY D 95 -5.36 -58.42 -15.10
CA GLY D 95 -6.19 -57.30 -15.52
C GLY D 95 -7.54 -57.74 -16.04
N ALA D 96 -8.60 -57.32 -15.35
CA ALA D 96 -9.94 -57.73 -15.74
C ALA D 96 -10.28 -57.27 -17.15
N VAL D 97 -9.95 -56.01 -17.48
CA VAL D 97 -10.20 -55.51 -18.82
C VAL D 97 -9.28 -56.22 -19.82
N ALA D 98 -8.02 -56.46 -19.44
CA ALA D 98 -7.13 -57.22 -20.30
C ALA D 98 -7.63 -58.65 -20.48
N ASN D 99 -8.14 -59.25 -19.41
CA ASN D 99 -8.70 -60.59 -19.51
C ASN D 99 -9.86 -60.62 -20.48
N GLY D 100 -10.76 -59.64 -20.40
CA GLY D 100 -11.88 -59.59 -21.32
C GLY D 100 -11.44 -59.38 -22.76
N VAL D 101 -10.46 -58.50 -22.97
CA VAL D 101 -9.99 -58.23 -24.33
C VAL D 101 -9.36 -59.47 -24.93
N VAL D 102 -8.50 -60.16 -24.17
CA VAL D 102 -7.88 -61.36 -24.69
C VAL D 102 -8.92 -62.46 -24.90
N LYS D 103 -9.94 -62.51 -24.04
CA LYS D 103 -11.02 -63.48 -24.24
C LYS D 103 -11.74 -63.22 -25.56
N LYS D 104 -12.06 -61.95 -25.83
CA LYS D 104 -12.75 -61.61 -27.08
C LYS D 104 -11.89 -61.93 -28.29
N THR D 105 -10.60 -61.59 -28.23
CA THR D 105 -9.71 -61.89 -29.36
C THR D 105 -9.59 -63.39 -29.58
N LEU D 106 -9.47 -64.16 -28.49
CA LEU D 106 -9.37 -65.61 -28.62
C LEU D 106 -10.66 -66.19 -29.19
N ASP D 107 -11.82 -65.68 -28.75
CA ASP D 107 -13.08 -66.16 -29.29
C ASP D 107 -13.19 -65.87 -30.78
N TYR D 108 -12.82 -64.65 -31.20
CA TYR D 108 -12.84 -64.31 -32.62
C TYR D 108 -11.93 -65.23 -33.41
N LEU D 109 -10.69 -65.41 -32.94
CA LEU D 109 -9.74 -66.24 -33.67
C LEU D 109 -10.21 -67.68 -33.75
N ASN D 110 -10.74 -68.22 -32.66
CA ASN D 110 -11.20 -69.61 -32.65
C ASN D 110 -12.41 -69.80 -33.56
N THR D 111 -13.37 -68.88 -33.51
CA THR D 111 -14.59 -69.02 -34.32
C THR D 111 -14.37 -68.63 -35.77
N PHE D 112 -13.19 -68.09 -36.11
CA PHE D 112 -12.91 -67.86 -37.53
C PHE D 112 -11.55 -68.38 -37.94
N ALA D 113 -11.02 -69.40 -37.26
CA ALA D 113 -9.71 -69.93 -37.58
C ALA D 113 -9.78 -70.78 -38.84
N ARG D 114 -9.23 -70.27 -39.93
CA ARG D 114 -9.15 -71.05 -41.16
C ARG D 114 -8.14 -72.18 -41.06
N PHE D 115 -7.07 -71.98 -40.28
CA PHE D 115 -5.99 -72.96 -40.18
C PHE D 115 -5.59 -73.05 -38.71
N LYS D 116 -5.97 -74.13 -38.05
CA LYS D 116 -5.63 -74.35 -36.65
C LYS D 116 -4.39 -75.21 -36.47
N ASP D 117 -3.72 -75.58 -37.56
CA ASP D 117 -2.53 -76.41 -37.51
C ASP D 117 -1.30 -75.61 -37.91
N GLU D 118 -0.19 -75.86 -37.23
CA GLU D 118 1.04 -75.13 -37.51
C GLU D 118 1.55 -75.43 -38.92
N GLU D 119 1.50 -76.69 -39.34
CA GLU D 119 2.04 -77.05 -40.65
C GLU D 119 1.19 -76.52 -41.78
N THR D 120 -0.14 -76.51 -41.62
CA THR D 120 -1.00 -75.91 -42.64
C THR D 120 -0.70 -74.43 -42.81
N CYS D 121 -0.56 -73.71 -41.70
CA CYS D 121 -0.23 -72.29 -41.78
C CYS D 121 1.16 -72.09 -42.39
N THR D 122 2.11 -72.97 -42.06
CA THR D 122 3.44 -72.86 -42.63
C THR D 122 3.40 -73.05 -44.14
N ALA D 123 2.66 -74.05 -44.61
CA ALA D 123 2.53 -74.27 -46.04
C ALA D 123 1.83 -73.10 -46.72
N VAL D 124 0.79 -72.55 -46.09
CA VAL D 124 0.08 -71.41 -46.66
C VAL D 124 1.00 -70.20 -46.78
N ASP D 125 1.79 -69.94 -45.73
CA ASP D 125 2.72 -68.82 -45.78
C ASP D 125 3.80 -69.03 -46.84
N GLN D 126 4.30 -70.26 -46.95
CA GLN D 126 5.30 -70.56 -47.99
C GLN D 126 4.71 -70.33 -49.38
N LEU D 127 3.47 -70.77 -49.60
CA LEU D 127 2.84 -70.56 -50.89
C LEU D 127 2.63 -69.09 -51.18
N LEU D 128 2.19 -68.32 -50.18
CA LEU D 128 1.90 -66.91 -50.37
C LEU D 128 3.14 -66.02 -50.38
N HIS D 129 4.30 -66.55 -49.99
CA HIS D 129 5.53 -65.77 -49.98
C HIS D 129 6.49 -66.15 -51.10
N ASN D 130 6.80 -67.44 -51.23
CA ASN D 130 7.79 -67.90 -52.20
C ASN D 130 7.27 -67.88 -53.64
N SER D 131 5.98 -67.66 -53.86
CA SER D 131 5.45 -67.64 -55.21
C SER D 131 6.01 -66.46 -55.99
N SER D 132 6.30 -66.70 -57.27
CA SER D 132 6.81 -65.65 -58.13
C SER D 132 5.80 -64.52 -58.30
N ASP D 133 4.53 -64.87 -58.48
CA ASP D 133 3.49 -63.86 -58.56
C ASP D 133 3.33 -63.10 -57.26
N CYS D 134 3.46 -63.79 -56.12
CA CYS D 134 3.27 -63.19 -54.81
C CYS D 134 4.49 -62.41 -54.33
N SER D 135 5.61 -62.44 -55.07
CA SER D 135 6.78 -61.66 -54.69
C SER D 135 6.52 -60.17 -54.76
N VAL D 136 5.46 -59.74 -55.46
CA VAL D 136 5.08 -58.34 -55.50
C VAL D 136 3.88 -58.04 -54.60
N LEU D 137 3.12 -59.07 -54.21
CA LEU D 137 1.92 -58.86 -53.42
C LEU D 137 2.24 -58.17 -52.10
N HIS D 138 1.44 -57.17 -51.75
CA HIS D 138 1.62 -56.47 -50.49
C HIS D 138 1.29 -57.41 -49.33
N PRO D 139 2.01 -57.32 -48.21
CA PRO D 139 1.69 -58.19 -47.07
C PRO D 139 0.27 -58.02 -46.56
N PHE D 140 -0.30 -56.82 -46.65
CA PHE D 140 -1.70 -56.64 -46.28
C PHE D 140 -2.61 -57.44 -47.20
N GLU D 141 -2.31 -57.45 -48.50
CA GLU D 141 -3.09 -58.26 -49.43
C GLU D 141 -2.98 -59.73 -49.10
N ILE D 142 -1.78 -60.19 -48.76
CA ILE D 142 -1.57 -61.58 -48.40
C ILE D 142 -2.38 -61.96 -47.16
N ALA D 143 -2.34 -61.09 -46.15
CA ALA D 143 -3.10 -61.34 -44.93
C ALA D 143 -4.60 -61.36 -45.22
N GLN D 144 -5.09 -60.44 -46.03
CA GLN D 144 -6.51 -60.43 -46.37
C GLN D 144 -6.90 -61.69 -47.12
N LEU D 145 -6.06 -62.14 -48.06
CA LEU D 145 -6.36 -63.35 -48.80
C LEU D 145 -6.41 -64.57 -47.89
N SER D 146 -5.44 -64.69 -46.98
CA SER D 146 -5.42 -65.84 -46.08
C SER D 146 -6.50 -65.74 -45.00
N SER D 147 -7.04 -64.55 -44.76
CA SER D 147 -8.00 -64.36 -43.68
C SER D 147 -9.45 -64.50 -44.14
N LEU D 148 -9.84 -63.72 -45.16
CA LEU D 148 -11.23 -63.71 -45.59
C LEU D 148 -11.69 -65.03 -46.18
N GLY D 149 -10.76 -65.87 -46.65
CA GLY D 149 -11.12 -67.16 -47.21
C GLY D 149 -11.99 -67.06 -48.43
N CYS D 150 -11.67 -66.13 -49.33
CA CYS D 150 -12.45 -65.95 -50.54
C CYS D 150 -12.34 -67.18 -51.44
N GLU D 151 -13.35 -67.36 -52.30
CA GLU D 151 -13.43 -68.52 -53.17
C GLU D 151 -13.32 -68.20 -54.65
N ASP D 152 -13.58 -66.96 -55.06
CA ASP D 152 -13.66 -66.60 -56.47
C ASP D 152 -12.75 -65.42 -56.76
N VAL D 153 -12.26 -65.38 -58.00
CA VAL D 153 -11.44 -64.24 -58.44
C VAL D 153 -12.25 -62.95 -58.40
N ASP D 154 -13.48 -62.99 -58.92
CA ASP D 154 -14.34 -61.82 -58.88
C ASP D 154 -14.66 -61.42 -57.45
N GLU D 155 -14.98 -62.40 -56.61
CA GLU D 155 -15.27 -62.11 -55.21
C GLU D 155 -14.05 -61.51 -54.51
N ALA D 156 -12.86 -62.07 -54.74
CA ALA D 156 -11.65 -61.55 -54.12
C ALA D 156 -11.37 -60.13 -54.60
N ILE D 157 -11.55 -59.87 -55.90
CA ILE D 157 -11.29 -58.54 -56.43
C ILE D 157 -12.29 -57.53 -55.84
N THR D 158 -13.56 -57.93 -55.73
CA THR D 158 -14.54 -57.03 -55.13
C THR D 158 -14.22 -56.74 -53.67
N LEU D 159 -13.84 -57.79 -52.91
CA LEU D 159 -13.49 -57.59 -51.51
C LEU D 159 -12.15 -56.87 -51.37
N ILE D 160 -11.20 -57.15 -52.26
CA ILE D 160 -9.88 -56.54 -52.20
C ILE D 160 -9.65 -55.76 -53.50
N PRO D 161 -9.95 -54.46 -53.51
CA PRO D 161 -9.76 -53.68 -54.75
C PRO D 161 -8.32 -53.60 -55.21
N SER D 162 -7.36 -53.80 -54.31
CA SER D 162 -5.96 -53.69 -54.69
C SER D 162 -5.56 -54.79 -55.68
N LEU D 163 -6.08 -56.00 -55.51
CA LEU D 163 -5.74 -57.10 -56.40
C LEU D 163 -6.28 -56.91 -57.81
N ALA D 164 -7.21 -55.98 -58.01
CA ALA D 164 -7.72 -55.72 -59.36
C ALA D 164 -6.62 -55.19 -60.27
N ALA D 165 -5.76 -54.31 -59.76
CA ALA D 165 -4.68 -53.76 -60.57
C ALA D 165 -3.51 -54.72 -60.73
N LYS D 166 -3.47 -55.80 -59.92
CA LYS D 166 -2.44 -56.83 -60.05
C LYS D 166 -3.04 -58.02 -60.78
N LYS D 167 -3.02 -57.94 -62.11
CA LYS D 167 -3.54 -59.00 -62.95
C LYS D 167 -2.49 -60.03 -63.34
N GLU D 168 -1.25 -59.88 -62.85
CA GLU D 168 -0.19 -60.85 -63.08
C GLU D 168 -0.14 -61.92 -62.00
N VAL D 169 -1.27 -62.21 -61.36
CA VAL D 169 -1.35 -63.14 -60.24
C VAL D 169 -2.22 -64.31 -60.65
N ASN D 170 -1.74 -65.53 -60.39
CA ASN D 170 -2.52 -66.74 -60.62
C ASN D 170 -3.59 -66.89 -59.53
N LEU D 171 -4.53 -65.95 -59.55
CA LEU D 171 -5.46 -65.79 -58.42
C LEU D 171 -6.34 -67.01 -58.23
N GLN D 172 -6.89 -67.56 -59.32
CA GLN D 172 -7.87 -68.64 -59.18
C GLN D 172 -7.21 -69.92 -58.66
N ARG D 173 -6.07 -70.30 -59.23
CA ARG D 173 -5.41 -71.51 -58.77
C ARG D 173 -4.86 -71.36 -57.35
N ILE D 174 -4.41 -70.15 -57.00
CA ILE D 174 -3.99 -69.92 -55.61
C ILE D 174 -5.18 -70.04 -54.66
N LEU D 175 -6.34 -69.52 -55.07
CA LEU D 175 -7.54 -69.67 -54.25
C LEU D 175 -7.91 -71.14 -54.08
N ASP D 176 -7.81 -71.91 -55.16
CA ASP D 176 -8.11 -73.34 -55.07
C ASP D 176 -7.11 -74.06 -54.18
N GLU D 177 -5.83 -73.66 -54.24
CA GLU D 177 -4.82 -74.24 -53.36
C GLU D 177 -5.14 -73.92 -51.90
N LEU D 178 -5.56 -72.69 -51.62
CA LEU D 178 -5.94 -72.33 -50.25
C LEU D 178 -7.15 -73.13 -49.79
N ASN D 179 -8.14 -73.31 -50.68
CA ASN D 179 -9.32 -74.09 -50.32
C ASN D 179 -8.95 -75.54 -50.05
N ARG D 180 -8.03 -76.10 -50.84
CA ARG D 180 -7.52 -77.44 -50.58
C ARG D 180 -6.84 -77.51 -49.21
N LEU D 181 -5.95 -76.55 -48.94
CA LEU D 181 -5.26 -76.52 -47.66
C LEU D 181 -6.21 -76.28 -46.50
N GLU D 182 -7.29 -75.53 -46.75
CA GLU D 182 -8.32 -75.34 -45.73
C GLU D 182 -8.92 -76.68 -45.34
N ASP D 183 -8.95 -76.93 -44.04
CA ASP D 183 -9.49 -78.19 -43.54
C ASP D 183 -11.01 -78.17 -43.62
N PRO D 184 -11.65 -79.11 -44.34
CA PRO D 184 -13.11 -79.15 -44.50
C PRO D 184 -13.82 -79.64 -43.25
N GLU E 2 76.02 6.25 -48.80
CA GLU E 2 74.91 7.17 -48.96
C GLU E 2 73.58 6.41 -49.04
N ASP E 3 72.58 7.05 -49.65
CA ASP E 3 71.28 6.40 -49.80
C ASP E 3 71.38 5.13 -50.63
N ASN E 4 72.32 5.09 -51.58
CA ASN E 4 72.55 3.86 -52.32
C ASN E 4 72.97 2.72 -51.40
N ASN E 5 73.85 3.03 -50.43
CA ASN E 5 74.29 2.01 -49.49
C ASN E 5 73.13 1.48 -48.65
N ARG E 6 72.26 2.37 -48.17
CA ARG E 6 71.14 1.92 -47.35
C ARG E 6 70.13 1.13 -48.18
N ILE E 7 69.92 1.53 -49.44
CA ILE E 7 69.02 0.77 -50.31
C ILE E 7 69.57 -0.63 -50.53
N ILE E 8 70.88 -0.72 -50.81
CA ILE E 8 71.50 -2.03 -51.00
C ILE E 8 71.40 -2.87 -49.74
N SER E 9 71.60 -2.25 -48.58
CA SER E 9 71.53 -2.99 -47.32
C SER E 9 70.13 -3.53 -47.09
N ARG E 10 69.11 -2.71 -47.32
CA ARG E 10 67.74 -3.17 -47.14
C ARG E 10 67.41 -4.29 -48.12
N LEU E 11 67.87 -4.17 -49.36
CA LEU E 11 67.64 -5.23 -50.34
C LEU E 11 68.32 -6.52 -49.92
N TRP E 12 69.54 -6.42 -49.39
CA TRP E 12 70.24 -7.61 -48.92
C TRP E 12 69.49 -8.26 -47.76
N ARG E 13 68.98 -7.45 -46.83
CA ARG E 13 68.23 -8.00 -45.72
C ARG E 13 66.97 -8.70 -46.20
N SER E 14 66.28 -8.11 -47.16
CA SER E 14 65.09 -8.76 -47.72
C SER E 14 65.44 -10.07 -48.40
N PHE E 15 66.56 -10.10 -49.13
CA PHE E 15 67.00 -11.34 -49.76
C PHE E 15 67.28 -12.42 -48.71
N ARG E 16 67.96 -12.05 -47.63
CA ARG E 16 68.24 -13.00 -46.57
C ARG E 16 66.96 -13.52 -45.94
N THR E 17 65.99 -12.62 -45.72
CA THR E 17 64.73 -13.04 -45.13
C THR E 17 63.98 -14.00 -46.05
N VAL E 18 64.00 -13.72 -47.36
CA VAL E 18 63.32 -14.61 -48.31
C VAL E 18 63.98 -15.99 -48.30
N LYS E 19 65.31 -16.02 -48.26
CA LYS E 19 66.00 -17.30 -48.22
C LYS E 19 65.67 -18.07 -46.94
N GLU E 20 65.62 -17.38 -45.81
CA GLU E 20 65.24 -18.04 -44.56
C GLU E 20 63.82 -18.57 -44.62
N MET E 21 62.90 -17.78 -45.21
CA MET E 21 61.51 -18.23 -45.34
C MET E 21 61.42 -19.47 -46.22
N ALA E 22 62.16 -19.49 -47.32
CA ALA E 22 62.15 -20.67 -48.18
C ALA E 22 62.72 -21.87 -47.46
N ALA E 23 63.75 -21.67 -46.64
CA ALA E 23 64.29 -22.78 -45.86
C ALA E 23 63.28 -23.30 -44.86
N ASP E 24 62.53 -22.40 -44.22
CA ASP E 24 61.57 -22.83 -43.20
C ASP E 24 60.42 -23.62 -43.82
N ARG E 25 59.99 -23.25 -45.02
CA ARG E 25 58.86 -23.91 -45.66
C ARG E 25 59.20 -25.30 -46.18
N GLY E 26 60.45 -25.73 -46.10
CA GLY E 26 60.85 -27.07 -46.45
C GLY E 26 61.83 -27.18 -47.59
N TYR E 27 62.04 -26.12 -48.37
CA TYR E 27 62.93 -26.20 -49.51
C TYR E 27 64.39 -26.17 -49.04
N PHE E 28 65.28 -26.57 -49.93
CA PHE E 28 66.70 -26.68 -49.61
C PHE E 28 67.44 -25.45 -50.10
N ILE E 29 68.14 -24.78 -49.18
CA ILE E 29 68.99 -23.65 -49.49
C ILE E 29 70.38 -23.97 -49.01
N SER E 30 71.38 -23.83 -49.88
CA SER E 30 72.74 -24.20 -49.54
C SER E 30 73.26 -23.33 -48.40
N GLN E 31 74.06 -23.93 -47.53
CA GLN E 31 74.55 -23.23 -46.35
C GLN E 31 75.41 -22.04 -46.74
N GLU E 32 76.21 -22.17 -47.80
CA GLU E 32 77.01 -21.04 -48.26
C GLU E 32 76.13 -19.91 -48.75
N GLU E 33 75.01 -20.24 -49.40
CA GLU E 33 74.09 -19.21 -49.86
C GLU E 33 73.34 -18.57 -48.69
N MET E 34 73.13 -19.32 -47.61
CA MET E 34 72.45 -18.77 -46.44
C MET E 34 73.26 -17.65 -45.80
N ASP E 35 74.57 -17.86 -45.67
CA ASP E 35 75.48 -16.88 -45.06
C ASP E 35 76.08 -15.93 -46.08
N GLN E 36 75.44 -15.77 -47.22
CA GLN E 36 75.96 -14.92 -48.29
C GLN E 36 75.96 -13.47 -47.85
N SER E 37 77.16 -12.92 -47.56
CA SER E 37 77.29 -11.68 -46.84
C SER E 37 76.94 -10.47 -47.71
N LEU E 38 77.03 -9.27 -47.12
CA LEU E 38 76.60 -8.06 -47.80
C LEU E 38 77.59 -7.64 -48.88
N GLU E 39 78.89 -7.76 -48.60
CA GLU E 39 79.88 -7.38 -49.59
C GLU E 39 79.78 -8.26 -50.83
N GLU E 40 79.56 -9.57 -50.63
CA GLU E 40 79.33 -10.46 -51.75
C GLU E 40 78.08 -10.06 -52.53
N PHE E 41 77.04 -9.64 -51.81
CA PHE E 41 75.82 -9.20 -52.47
C PHE E 41 76.08 -7.99 -53.36
N ARG E 42 76.82 -7.01 -52.84
CA ARG E 42 77.16 -5.84 -53.63
C ARG E 42 78.02 -6.23 -54.83
N SER E 43 78.94 -7.17 -54.64
CA SER E 43 79.78 -7.61 -55.75
C SER E 43 78.95 -8.26 -56.85
N LYS E 44 77.95 -9.07 -56.46
CA LYS E 44 77.22 -9.86 -57.45
C LYS E 44 76.09 -9.07 -58.10
N ILE E 45 75.48 -8.12 -57.40
CA ILE E 45 74.29 -7.43 -57.88
C ILE E 45 74.61 -6.03 -58.37
N CYS E 46 75.34 -5.25 -57.59
CA CYS E 46 75.60 -3.86 -57.94
C CYS E 46 76.46 -3.77 -59.19
N ASP E 47 76.16 -2.77 -60.02
CA ASP E 47 76.90 -2.53 -61.25
C ASP E 47 78.07 -1.58 -60.97
N SER E 48 78.67 -1.06 -62.04
CA SER E 48 79.76 -0.10 -61.89
C SER E 48 79.31 1.14 -61.13
N MET E 49 78.09 1.60 -61.39
CA MET E 49 77.54 2.71 -60.64
C MET E 49 76.88 2.28 -59.34
N GLY E 50 76.87 0.98 -59.04
CA GLY E 50 76.31 0.47 -57.80
C GLY E 50 74.83 0.18 -57.84
N ASN E 51 74.15 0.45 -58.95
CA ASN E 51 72.73 0.15 -59.04
C ASN E 51 72.52 -1.36 -59.07
N PRO E 52 71.48 -1.86 -58.40
CA PRO E 52 71.22 -3.29 -58.38
C PRO E 52 70.25 -3.73 -59.47
N GLN E 53 70.35 -4.99 -59.85
CA GLN E 53 69.40 -5.64 -60.74
C GLN E 53 68.62 -6.68 -59.95
N ARG E 54 67.31 -6.47 -59.84
CA ARG E 54 66.46 -7.47 -59.19
C ARG E 54 66.38 -8.76 -60.00
N LYS E 55 66.63 -8.69 -61.30
CA LYS E 55 66.51 -9.88 -62.14
C LYS E 55 67.61 -10.89 -61.86
N LEU E 56 68.72 -10.46 -61.27
CA LEU E 56 69.81 -11.39 -60.97
C LEU E 56 69.63 -12.10 -59.63
N MET E 57 68.60 -11.77 -58.87
CA MET E 57 68.39 -12.37 -57.56
C MET E 57 67.42 -13.54 -57.58
N SER E 58 66.69 -13.75 -58.67
CA SER E 58 65.76 -14.86 -58.74
C SER E 58 66.50 -16.18 -58.61
N PHE E 59 65.90 -17.12 -57.88
CA PHE E 59 66.53 -18.41 -57.66
C PHE E 59 65.46 -19.50 -57.69
N LEU E 60 65.92 -20.74 -57.59
CA LEU E 60 65.06 -21.91 -57.58
C LEU E 60 65.46 -22.81 -56.42
N ALA E 61 64.49 -23.59 -55.94
CA ALA E 61 64.76 -24.49 -54.83
C ALA E 61 63.88 -25.73 -54.97
N ASN E 62 64.38 -26.83 -54.43
CA ASN E 62 63.64 -28.08 -54.40
C ASN E 62 63.51 -28.57 -52.97
N PRO E 63 62.41 -29.26 -52.65
CA PRO E 63 62.23 -29.72 -51.27
C PRO E 63 63.31 -30.71 -50.86
N THR E 64 63.69 -30.64 -49.60
CA THR E 64 64.59 -31.62 -49.03
C THR E 64 63.88 -32.96 -48.93
N PRO E 65 64.62 -34.06 -48.88
CA PRO E 65 63.97 -35.37 -48.73
C PRO E 65 63.07 -35.47 -47.51
N GLU E 66 63.47 -34.83 -46.40
CA GLU E 66 62.64 -34.85 -45.20
C GLU E 66 61.32 -34.12 -45.43
N ALA E 67 61.39 -32.91 -45.98
CA ALA E 67 60.17 -32.16 -46.25
C ALA E 67 59.31 -32.84 -47.28
N LEU E 68 59.93 -33.43 -48.31
CA LEU E 68 59.17 -34.14 -49.32
C LEU E 68 58.47 -35.35 -48.74
N GLU E 69 59.15 -36.08 -47.87
CA GLU E 69 58.52 -37.23 -47.22
C GLU E 69 57.37 -36.80 -46.31
N LYS E 70 57.59 -35.75 -45.51
CA LYS E 70 56.56 -35.31 -44.58
C LYS E 70 55.38 -34.70 -45.31
N TYR E 71 55.64 -33.77 -46.23
CA TYR E 71 54.60 -33.11 -47.01
C TYR E 71 54.72 -33.59 -48.45
N SER E 72 53.70 -34.33 -48.90
CA SER E 72 53.73 -34.89 -50.25
C SER E 72 53.33 -33.90 -51.32
N ASP E 73 52.85 -32.72 -50.96
CA ASP E 73 52.39 -31.73 -51.91
C ASP E 73 53.44 -30.68 -52.23
N LEU E 74 54.68 -30.89 -51.81
CA LEU E 74 55.72 -29.88 -51.92
C LEU E 74 56.45 -30.05 -53.24
N GLY E 75 56.31 -29.08 -54.14
CA GLY E 75 56.94 -29.10 -55.44
C GLY E 75 58.15 -28.19 -55.50
N THR E 76 58.40 -27.62 -56.68
CA THR E 76 59.50 -26.70 -56.87
C THR E 76 59.04 -25.27 -56.64
N LEU E 77 59.95 -24.44 -56.13
CA LEU E 77 59.63 -23.06 -55.76
C LEU E 77 60.44 -22.11 -56.62
N TRP E 78 59.77 -21.08 -57.14
CA TRP E 78 60.41 -20.05 -57.95
C TRP E 78 60.19 -18.71 -57.28
N VAL E 79 61.28 -18.02 -56.96
CA VAL E 79 61.23 -16.72 -56.30
C VAL E 79 61.83 -15.69 -57.24
N GLU E 80 61.08 -14.63 -57.53
CA GLU E 80 61.50 -13.61 -58.46
C GLU E 80 61.24 -12.23 -57.87
N PHE E 81 62.24 -11.36 -57.97
CA PHE E 81 62.08 -9.96 -57.61
C PHE E 81 61.76 -9.15 -58.86
N CYS E 82 60.89 -8.16 -58.71
CA CYS E 82 60.39 -7.38 -59.83
C CYS E 82 61.12 -6.04 -59.91
N ASP E 83 61.65 -5.72 -61.09
CA ASP E 83 62.30 -4.43 -61.29
C ASP E 83 61.29 -3.29 -61.27
N GLU E 84 60.10 -3.51 -61.78
CA GLU E 84 59.11 -2.43 -61.88
C GLU E 84 58.66 -2.00 -60.49
N PRO E 85 58.78 -0.71 -60.15
CA PRO E 85 58.30 -0.27 -58.83
C PRO E 85 56.82 -0.52 -58.62
N SER E 86 56.01 -0.36 -59.66
CA SER E 86 54.59 -0.65 -59.61
C SER E 86 54.27 -1.76 -60.61
N VAL E 87 53.53 -2.77 -60.15
CA VAL E 87 53.21 -3.94 -60.95
C VAL E 87 51.74 -3.84 -61.40
N GLY E 88 51.49 -4.16 -62.65
CA GLY E 88 50.16 -4.10 -63.20
C GLY E 88 49.68 -5.43 -63.73
N ILE E 89 48.67 -5.40 -64.61
CA ILE E 89 48.11 -6.64 -65.14
C ILE E 89 49.08 -7.31 -66.09
N LYS E 90 49.83 -6.52 -66.86
CA LYS E 90 50.77 -7.10 -67.83
C LYS E 90 51.87 -7.90 -67.13
N THR E 91 52.48 -7.32 -66.10
CA THR E 91 53.58 -8.00 -65.41
C THR E 91 53.10 -9.26 -64.71
N MET E 92 51.93 -9.19 -64.05
CA MET E 92 51.41 -10.38 -63.40
C MET E 92 51.05 -11.45 -64.43
N ARG E 93 50.52 -11.04 -65.58
CA ARG E 93 50.21 -12.01 -66.63
C ARG E 93 51.46 -12.70 -67.14
N ASN E 94 52.54 -11.95 -67.37
CA ASN E 94 53.75 -12.59 -67.88
C ASN E 94 54.41 -13.45 -66.81
N PHE E 95 54.32 -13.06 -65.53
CA PHE E 95 54.80 -13.93 -64.46
C PHE E 95 54.01 -15.23 -64.41
N CYS E 96 52.69 -15.14 -64.56
CA CYS E 96 51.86 -16.34 -64.62
C CYS E 96 52.25 -17.22 -65.80
N LEU E 97 52.52 -16.61 -66.96
CA LEU E 97 52.96 -17.36 -68.12
C LEU E 97 54.28 -18.07 -67.84
N ARG E 98 55.23 -17.37 -67.20
CA ARG E 98 56.51 -17.98 -66.88
C ARG E 98 56.34 -19.16 -65.94
N ILE E 99 55.47 -19.01 -64.93
CA ILE E 99 55.23 -20.12 -64.01
C ILE E 99 54.60 -21.30 -64.72
N GLN E 100 53.60 -21.04 -65.57
CA GLN E 100 52.90 -22.13 -66.24
C GLN E 100 53.82 -22.86 -67.21
N GLU E 101 54.65 -22.13 -67.96
CA GLU E 101 55.50 -22.78 -68.96
C GLU E 101 56.59 -23.63 -68.32
N LYS E 102 57.00 -23.29 -67.09
CA LYS E 102 58.04 -24.02 -66.39
C LYS E 102 57.48 -24.83 -65.22
N ASN E 103 56.17 -25.09 -65.23
CA ASN E 103 55.46 -25.99 -64.30
C ASN E 103 56.03 -25.97 -62.89
N PHE E 104 56.18 -24.75 -62.35
CA PHE E 104 56.55 -24.60 -60.96
C PHE E 104 55.33 -24.75 -60.07
N SER E 105 55.51 -25.45 -58.94
CA SER E 105 54.40 -25.66 -58.03
C SER E 105 54.02 -24.36 -57.31
N THR E 106 55.02 -23.60 -56.85
CA THR E 106 54.78 -22.40 -56.08
C THR E 106 55.67 -21.28 -56.60
N GLY E 107 55.09 -20.09 -56.74
CA GLY E 107 55.86 -18.94 -57.15
C GLY E 107 55.69 -17.76 -56.22
N ILE E 108 56.79 -17.18 -55.76
CA ILE E 108 56.76 -16.03 -54.86
C ILE E 108 57.23 -14.82 -55.65
N PHE E 109 56.43 -13.77 -55.66
CA PHE E 109 56.67 -12.58 -56.46
C PHE E 109 56.76 -11.38 -55.53
N ILE E 110 57.97 -10.85 -55.36
CA ILE E 110 58.22 -9.74 -54.46
C ILE E 110 58.27 -8.46 -55.28
N TYR E 111 57.36 -7.53 -54.99
CA TYR E 111 57.33 -6.23 -55.65
C TYR E 111 57.87 -5.16 -54.71
N GLN E 112 57.92 -3.93 -55.20
CA GLN E 112 58.57 -2.85 -54.47
C GLN E 112 57.59 -1.93 -53.75
N ASN E 113 56.68 -1.31 -54.49
CA ASN E 113 55.82 -0.27 -53.91
C ASN E 113 54.40 -0.75 -53.67
N ASN E 114 53.70 -1.21 -54.71
CA ASN E 114 52.30 -1.58 -54.57
C ASN E 114 51.90 -2.44 -55.75
N ILE E 115 50.74 -3.08 -55.62
CA ILE E 115 50.19 -3.94 -56.66
C ILE E 115 48.79 -3.46 -56.99
N THR E 116 48.51 -3.30 -58.28
CA THR E 116 47.21 -2.82 -58.71
C THR E 116 46.14 -3.87 -58.41
N PRO E 117 44.91 -3.43 -58.14
CA PRO E 117 43.83 -4.41 -57.87
C PRO E 117 43.59 -5.37 -59.01
N SER E 118 43.75 -4.93 -60.26
CA SER E 118 43.58 -5.83 -61.40
C SER E 118 44.57 -6.98 -61.33
N ALA E 119 45.82 -6.67 -60.96
CA ALA E 119 46.81 -7.73 -60.78
C ALA E 119 46.43 -8.66 -59.63
N ASN E 120 45.82 -8.11 -58.57
CA ASN E 120 45.34 -8.94 -57.48
C ASN E 120 44.24 -9.87 -57.93
N LYS E 121 43.44 -9.44 -58.92
CA LYS E 121 42.29 -10.24 -59.35
C LYS E 121 42.72 -11.55 -60.00
N MET E 122 43.84 -11.57 -60.71
CA MET E 122 44.25 -12.76 -61.45
C MET E 122 45.11 -13.71 -60.63
N ILE E 123 45.40 -13.39 -59.37
CA ILE E 123 46.14 -14.33 -58.52
C ILE E 123 45.37 -15.62 -58.27
N PRO E 124 44.08 -15.61 -57.90
CA PRO E 124 43.40 -16.89 -57.61
C PRO E 124 43.19 -17.78 -58.83
N THR E 125 43.32 -17.26 -60.05
CA THR E 125 43.06 -18.04 -61.26
C THR E 125 44.34 -18.60 -61.88
N VAL E 126 45.40 -18.76 -61.09
CA VAL E 126 46.66 -19.28 -61.58
C VAL E 126 46.80 -20.78 -61.29
N SER E 127 45.69 -21.46 -61.03
CA SER E 127 45.73 -22.87 -60.66
C SER E 127 46.34 -23.69 -61.79
N PRO E 128 47.00 -24.81 -61.45
CA PRO E 128 47.17 -25.37 -60.11
C PRO E 128 48.35 -24.77 -59.34
N ALA E 129 49.20 -24.02 -60.03
CA ALA E 129 50.31 -23.36 -59.36
C ALA E 129 49.81 -22.28 -58.41
N ILE E 130 50.61 -21.99 -57.39
CA ILE E 130 50.25 -21.02 -56.36
C ILE E 130 51.17 -19.82 -56.49
N ILE E 131 50.59 -18.63 -56.51
CA ILE E 131 51.34 -17.39 -56.61
C ILE E 131 51.10 -16.58 -55.35
N GLU E 132 52.18 -16.28 -54.63
CA GLU E 132 52.12 -15.47 -53.43
C GLU E 132 52.97 -14.23 -53.64
N THR E 133 52.45 -13.08 -53.22
CA THR E 133 53.11 -11.80 -53.42
C THR E 133 53.48 -11.20 -52.08
N PHE E 134 54.71 -10.69 -51.98
CA PHE E 134 55.19 -10.00 -50.80
C PHE E 134 55.72 -8.63 -51.20
N GLN E 135 55.58 -7.67 -50.29
CA GLN E 135 56.18 -6.37 -50.48
C GLN E 135 57.61 -6.39 -49.99
N GLU E 136 58.43 -5.51 -50.56
CA GLU E 136 59.83 -5.44 -50.12
C GLU E 136 59.95 -4.85 -48.73
N SER E 137 59.08 -3.92 -48.37
CA SER E 137 59.23 -3.21 -47.09
C SER E 137 59.04 -4.15 -45.90
N ASP E 138 58.05 -5.05 -45.97
CA ASP E 138 57.75 -5.87 -44.81
C ASP E 138 58.64 -7.09 -44.68
N LEU E 139 59.54 -7.33 -45.63
CA LEU E 139 60.47 -8.45 -45.55
C LEU E 139 61.83 -8.07 -45.02
N VAL E 140 62.03 -6.80 -44.64
CA VAL E 140 63.34 -6.37 -44.15
C VAL E 140 63.67 -7.08 -42.85
N VAL E 141 62.68 -7.25 -41.98
CA VAL E 141 62.84 -7.92 -40.70
C VAL E 141 62.11 -9.24 -40.74
N ASN E 142 62.77 -10.30 -40.27
CA ASN E 142 62.16 -11.62 -40.19
C ASN E 142 61.35 -11.69 -38.90
N ILE E 143 60.03 -11.66 -39.02
CA ILE E 143 59.19 -11.58 -37.82
C ILE E 143 59.30 -12.86 -37.00
N THR E 144 59.56 -14.00 -37.64
CA THR E 144 59.62 -15.25 -36.89
C THR E 144 60.82 -15.30 -35.96
N HIS E 145 61.75 -14.37 -36.08
CA HIS E 145 62.86 -14.26 -35.14
C HIS E 145 62.55 -13.34 -33.98
N HIS E 146 61.34 -12.80 -33.91
CA HIS E 146 60.96 -11.94 -32.80
C HIS E 146 60.81 -12.76 -31.52
N GLU E 147 60.98 -12.08 -30.39
CA GLU E 147 60.81 -12.75 -29.10
C GLU E 147 59.36 -13.19 -28.89
N LEU E 148 58.40 -12.33 -29.26
CA LEU E 148 57.01 -12.62 -28.99
C LEU E 148 56.41 -13.66 -29.92
N VAL E 149 57.09 -14.02 -31.00
CA VAL E 149 56.56 -14.93 -31.99
C VAL E 149 57.11 -16.33 -31.70
N PRO E 150 56.29 -17.27 -31.23
CA PRO E 150 56.78 -18.63 -31.02
C PRO E 150 56.99 -19.37 -32.34
N LYS E 151 57.39 -20.62 -32.27
CA LYS E 151 57.69 -21.40 -33.47
C LYS E 151 56.42 -22.07 -33.99
N HIS E 152 56.10 -21.81 -35.26
CA HIS E 152 54.95 -22.41 -35.92
C HIS E 152 55.43 -23.51 -36.84
N ILE E 153 54.81 -24.68 -36.75
CA ILE E 153 55.15 -25.83 -37.57
C ILE E 153 53.88 -26.34 -38.23
N ARG E 154 53.88 -26.39 -39.56
CA ARG E 154 52.70 -26.85 -40.28
C ARG E 154 52.54 -28.34 -40.13
N LEU E 155 51.33 -28.78 -39.79
CA LEU E 155 51.06 -30.19 -39.59
C LEU E 155 50.74 -30.88 -40.90
N SER E 156 51.25 -32.10 -41.06
CA SER E 156 50.90 -32.91 -42.21
C SER E 156 49.47 -33.42 -42.07
N ASP E 157 48.94 -33.99 -43.16
CA ASP E 157 47.55 -34.42 -43.17
C ASP E 157 47.31 -35.53 -42.16
N GLY E 158 48.24 -36.49 -42.07
CA GLY E 158 48.09 -37.56 -41.10
C GLY E 158 48.09 -37.05 -39.67
N GLU E 159 48.97 -36.09 -39.38
CA GLU E 159 49.01 -35.51 -38.03
C GLU E 159 47.73 -34.76 -37.73
N LYS E 160 47.18 -34.03 -38.70
CA LYS E 160 45.93 -33.33 -38.49
C LYS E 160 44.79 -34.31 -38.21
N SER E 161 44.75 -35.42 -38.95
CA SER E 161 43.74 -36.43 -38.70
C SER E 161 43.89 -37.03 -37.30
N GLN E 162 45.13 -37.32 -36.90
CA GLN E 162 45.36 -37.86 -35.56
C GLN E 162 44.93 -36.88 -34.49
N LEU E 163 45.20 -35.59 -34.69
CA LEU E 163 44.77 -34.57 -33.74
C LEU E 163 43.25 -34.55 -33.60
N LEU E 164 42.55 -34.47 -34.73
CA LEU E 164 41.09 -34.40 -34.69
C LEU E 164 40.50 -35.65 -34.07
N GLN E 165 41.13 -36.81 -34.30
CA GLN E 165 40.63 -38.03 -33.67
C GLN E 165 40.90 -38.04 -32.17
N ARG E 166 42.06 -37.53 -31.75
CA ARG E 166 42.39 -37.52 -30.33
C ARG E 166 41.45 -36.63 -29.55
N TYR E 167 41.15 -35.44 -30.07
CA TYR E 167 40.26 -34.54 -29.34
C TYR E 167 38.79 -34.74 -29.69
N LYS E 168 38.48 -35.61 -30.64
CA LYS E 168 37.12 -35.83 -31.12
C LYS E 168 36.48 -34.50 -31.52
N LEU E 169 37.13 -33.84 -32.47
CA LEU E 169 36.81 -32.48 -32.86
C LEU E 169 36.21 -32.43 -34.26
N LYS E 170 35.72 -31.25 -34.59
CA LYS E 170 35.42 -30.85 -35.96
C LYS E 170 36.31 -29.66 -36.29
N GLU E 171 36.64 -29.51 -37.57
CA GLU E 171 37.60 -28.48 -37.97
C GLU E 171 37.17 -27.09 -37.53
N SER E 172 35.87 -26.83 -37.40
CA SER E 172 35.40 -25.53 -36.97
C SER E 172 35.57 -25.29 -35.48
N GLN E 173 35.97 -26.30 -34.72
CA GLN E 173 36.08 -26.19 -33.27
C GLN E 173 37.51 -25.95 -32.81
N LEU E 174 38.47 -25.86 -33.71
CA LEU E 174 39.83 -25.49 -33.35
C LEU E 174 39.98 -23.98 -33.32
N PRO E 175 40.93 -23.46 -32.54
CA PRO E 175 41.26 -22.04 -32.64
C PRO E 175 41.73 -21.72 -34.05
N ARG E 176 41.42 -20.52 -34.52
CA ARG E 176 41.64 -20.15 -35.90
C ARG E 176 42.82 -19.18 -36.03
N ILE E 177 43.43 -19.20 -37.20
CA ILE E 177 44.44 -18.22 -37.58
C ILE E 177 44.08 -17.71 -38.98
N GLN E 178 44.14 -16.40 -39.17
CA GLN E 178 43.70 -15.82 -40.43
C GLN E 178 44.67 -16.17 -41.56
N ARG E 179 44.14 -16.16 -42.78
CA ARG E 179 44.98 -16.46 -43.94
C ARG E 179 45.94 -15.32 -44.24
N GLU E 180 45.57 -14.09 -43.91
CA GLU E 180 46.43 -12.93 -44.10
C GLU E 180 47.29 -12.64 -42.88
N ASP E 181 47.28 -13.52 -41.89
CA ASP E 181 48.14 -13.35 -40.72
C ASP E 181 49.60 -13.39 -41.17
N PRO E 182 50.45 -12.50 -40.65
CA PRO E 182 51.82 -12.42 -41.16
C PRO E 182 52.59 -13.73 -41.08
N VAL E 183 52.43 -14.49 -39.99
CA VAL E 183 53.10 -15.78 -39.89
C VAL E 183 52.46 -16.78 -40.84
N ALA E 184 51.15 -16.68 -41.06
CA ALA E 184 50.50 -17.57 -42.01
C ALA E 184 51.01 -17.34 -43.42
N ARG E 185 51.19 -16.08 -43.82
CA ARG E 185 51.76 -15.79 -45.13
C ARG E 185 53.23 -16.17 -45.19
N TYR E 186 53.95 -16.05 -44.07
CA TYR E 186 55.33 -16.50 -44.02
C TYR E 186 55.43 -18.00 -44.29
N LEU E 187 54.52 -18.78 -43.71
CA LEU E 187 54.57 -20.23 -43.89
C LEU E 187 53.82 -20.68 -45.14
N GLY E 188 53.16 -19.78 -45.85
CA GLY E 188 52.39 -20.18 -47.01
C GLY E 188 51.25 -21.11 -46.65
N LEU E 189 50.51 -20.77 -45.61
CA LEU E 189 49.40 -21.60 -45.18
C LEU E 189 48.23 -21.49 -46.14
N LYS E 190 47.66 -22.64 -46.49
CA LYS E 190 46.45 -22.71 -47.30
C LYS E 190 45.28 -23.08 -46.41
N ARG E 191 44.08 -22.68 -46.84
CA ARG E 191 42.90 -22.86 -46.01
C ARG E 191 42.70 -24.33 -45.67
N GLY E 192 42.45 -24.59 -44.38
CA GLY E 192 42.26 -25.95 -43.91
C GLY E 192 43.48 -26.62 -43.34
N GLN E 193 44.62 -25.92 -43.27
CA GLN E 193 45.85 -26.48 -42.75
C GLN E 193 46.05 -26.04 -41.31
N VAL E 194 46.68 -26.90 -40.52
CA VAL E 194 46.83 -26.71 -39.08
C VAL E 194 48.31 -26.51 -38.76
N VAL E 195 48.60 -25.50 -37.96
CA VAL E 195 49.95 -25.25 -37.46
C VAL E 195 49.99 -25.59 -35.98
N LYS E 196 51.07 -26.24 -35.56
CA LYS E 196 51.31 -26.54 -34.16
C LYS E 196 52.27 -25.51 -33.60
N ILE E 197 51.87 -24.86 -32.51
CA ILE E 197 52.66 -23.79 -31.91
C ILE E 197 53.10 -24.24 -30.53
N ILE E 198 54.40 -24.43 -30.35
CA ILE E 198 54.97 -24.79 -29.05
C ILE E 198 55.43 -23.49 -28.38
N ARG E 199 54.92 -23.27 -27.17
CA ARG E 199 54.94 -21.94 -26.57
C ARG E 199 55.48 -22.01 -25.16
N ARG E 200 56.17 -20.95 -24.76
CA ARG E 200 56.62 -20.82 -23.37
C ARG E 200 55.43 -20.62 -22.45
N SER E 201 55.45 -21.33 -21.31
CA SER E 201 54.40 -21.22 -20.32
C SER E 201 55.03 -21.11 -18.94
N GLU E 202 54.54 -20.17 -18.14
CA GLU E 202 55.09 -19.97 -16.81
C GLU E 202 54.45 -20.85 -15.76
N THR E 203 53.46 -21.66 -16.13
CA THR E 203 52.85 -22.62 -15.22
C THR E 203 53.30 -24.05 -15.47
N SER E 204 53.70 -24.38 -16.69
CA SER E 204 54.14 -25.73 -17.01
C SER E 204 55.41 -25.78 -17.83
N GLY E 205 56.03 -24.64 -18.14
CA GLY E 205 57.25 -24.66 -18.91
C GLY E 205 57.00 -24.62 -20.41
N ARG E 206 56.34 -25.64 -20.93
CA ARG E 206 56.11 -25.80 -22.35
C ARG E 206 54.65 -26.14 -22.58
N TYR E 207 54.03 -25.49 -23.57
CA TYR E 207 52.62 -25.70 -23.87
C TYR E 207 52.44 -25.68 -25.38
N ALA E 208 51.83 -26.72 -25.92
CA ALA E 208 51.65 -26.86 -27.36
C ALA E 208 50.21 -26.53 -27.73
N SER E 209 50.03 -25.55 -28.60
CA SER E 209 48.73 -25.11 -29.06
C SER E 209 48.61 -25.34 -30.56
N TYR E 210 47.38 -25.44 -31.03
CA TYR E 210 47.11 -25.69 -32.44
C TYR E 210 46.13 -24.64 -32.96
N ARG E 211 46.32 -24.26 -34.21
CA ARG E 211 45.43 -23.32 -34.88
C ARG E 211 45.19 -23.78 -36.30
N ILE E 212 44.03 -23.44 -36.84
CA ILE E 212 43.63 -23.85 -38.18
C ILE E 212 43.47 -22.61 -39.03
N CYS E 213 43.92 -22.70 -40.29
CA CYS E 213 43.85 -21.55 -41.17
C CYS E 213 42.43 -21.38 -41.72
N LEU E 214 42.18 -20.23 -42.32
CA LEU E 214 40.87 -19.90 -42.84
C LEU E 214 40.93 -19.51 -44.32
N GLU F 71 27.23 -47.63 -29.50
CA GLU F 71 27.71 -46.58 -30.38
C GLU F 71 28.29 -45.41 -29.59
N LEU F 72 27.43 -44.70 -28.88
CA LEU F 72 27.88 -43.56 -28.08
C LEU F 72 28.57 -44.02 -26.80
N ALA F 73 28.15 -45.15 -26.24
CA ALA F 73 28.77 -45.65 -25.03
C ALA F 73 30.23 -46.02 -25.28
N ILE F 74 31.07 -45.79 -24.27
CA ILE F 74 32.49 -46.08 -24.35
C ILE F 74 32.78 -47.32 -23.51
N LEU F 75 33.52 -48.26 -24.08
CA LEU F 75 33.77 -49.52 -23.42
C LEU F 75 34.58 -49.32 -22.14
N LYS F 76 34.41 -50.24 -21.18
CA LYS F 76 35.09 -50.12 -19.90
C LYS F 76 36.60 -50.17 -20.05
N GLU F 77 37.11 -50.85 -21.06
CA GLU F 77 38.55 -50.98 -21.22
C GLU F 77 39.18 -49.69 -21.71
N GLU F 78 38.43 -48.86 -22.43
CA GLU F 78 38.97 -47.65 -23.05
C GLU F 78 38.49 -46.38 -22.35
N ARG F 79 38.15 -46.48 -21.06
CA ARG F 79 37.72 -45.29 -20.32
C ARG F 79 38.93 -44.45 -19.94
N THR F 80 38.91 -43.18 -20.33
CA THR F 80 40.06 -42.30 -20.16
C THR F 80 39.80 -41.13 -19.22
N THR F 81 38.63 -41.04 -18.61
CA THR F 81 38.39 -39.96 -17.66
C THR F 81 39.08 -40.26 -16.34
N THR F 82 39.05 -39.29 -15.44
CA THR F 82 39.72 -39.44 -14.16
C THR F 82 39.05 -40.55 -13.35
N PRO F 83 39.82 -41.36 -12.62
CA PRO F 83 39.25 -42.41 -11.77
C PRO F 83 38.80 -41.95 -10.39
N TYR F 84 38.67 -40.65 -10.16
CA TYR F 84 38.31 -40.10 -8.87
C TYR F 84 36.95 -39.45 -8.93
N LEU F 85 36.28 -39.39 -7.77
CA LEU F 85 34.98 -38.76 -7.67
C LEU F 85 35.18 -37.26 -7.50
N THR F 86 34.78 -36.47 -8.50
CA THR F 86 34.92 -35.03 -8.40
C THR F 86 33.94 -34.49 -7.36
N LYS F 87 34.19 -33.27 -6.90
CA LYS F 87 33.39 -32.72 -5.82
C LYS F 87 31.96 -32.50 -6.26
N TYR F 88 31.75 -32.12 -7.52
CA TYR F 88 30.39 -31.98 -8.04
C TYR F 88 29.67 -33.31 -8.08
N GLU F 89 30.35 -34.36 -8.53
CA GLU F 89 29.75 -35.69 -8.54
C GLU F 89 29.46 -36.16 -7.13
N ARG F 90 30.36 -35.89 -6.19
CA ARG F 90 30.15 -36.29 -4.81
C ARG F 90 28.93 -35.60 -4.24
N ALA F 91 28.81 -34.28 -4.46
CA ALA F 91 27.68 -33.54 -3.94
C ALA F 91 26.36 -34.02 -4.54
N ARG F 92 26.35 -34.22 -5.86
CA ARG F 92 25.12 -34.67 -6.50
C ARG F 92 24.73 -36.07 -6.05
N ILE F 93 25.72 -36.96 -5.92
CA ILE F 93 25.43 -38.33 -5.47
C ILE F 93 24.88 -38.32 -4.05
N LEU F 94 25.50 -37.54 -3.16
CA LEU F 94 25.00 -37.46 -1.80
C LEU F 94 23.59 -36.91 -1.75
N GLY F 95 23.32 -35.86 -2.53
CA GLY F 95 21.97 -35.29 -2.54
C GLY F 95 20.93 -36.27 -3.05
N THR F 96 21.23 -36.94 -4.16
CA THR F 96 20.29 -37.91 -4.72
C THR F 96 20.06 -39.06 -3.76
N ARG F 97 21.12 -39.59 -3.16
CA ARG F 97 20.96 -40.70 -2.23
C ARG F 97 20.18 -40.29 -0.99
N ALA F 98 20.44 -39.08 -0.48
CA ALA F 98 19.69 -38.60 0.68
C ALA F 98 18.21 -38.46 0.35
N LEU F 99 17.90 -37.91 -0.83
CA LEU F 99 16.50 -37.80 -1.23
C LEU F 99 15.84 -39.16 -1.36
N GLN F 100 16.55 -40.12 -1.97
CA GLN F 100 15.97 -41.45 -2.13
C GLN F 100 15.73 -42.12 -0.79
N ILE F 101 16.68 -41.98 0.15
CA ILE F 101 16.48 -42.54 1.48
C ILE F 101 15.29 -41.89 2.17
N SER F 102 15.18 -40.56 2.04
CA SER F 102 14.03 -39.87 2.60
C SER F 102 12.73 -40.30 1.95
N MET F 103 12.79 -40.88 0.75
CA MET F 103 11.61 -41.46 0.12
C MET F 103 11.54 -42.97 0.31
N ASN F 104 12.07 -43.46 1.43
CA ASN F 104 11.89 -44.85 1.86
C ASN F 104 12.53 -45.85 0.90
N ALA F 105 13.73 -45.52 0.43
CA ALA F 105 14.47 -46.52 -0.32
C ALA F 105 15.21 -47.44 0.64
N PRO F 106 15.48 -48.68 0.24
CA PRO F 106 16.26 -49.57 1.10
C PRO F 106 17.65 -49.03 1.35
N VAL F 107 18.14 -49.23 2.57
CA VAL F 107 19.48 -48.78 2.97
C VAL F 107 20.40 -49.99 2.94
N LEU F 108 21.56 -49.83 2.30
CA LEU F 108 22.47 -50.93 2.05
C LEU F 108 23.55 -51.06 3.12
N VAL F 109 23.53 -50.23 4.15
CA VAL F 109 24.48 -50.33 5.24
C VAL F 109 23.72 -50.36 6.55
N ASP F 110 24.36 -50.93 7.57
CA ASP F 110 23.74 -50.97 8.89
C ASP F 110 23.83 -49.59 9.54
N ILE F 111 22.72 -49.16 10.12
CA ILE F 111 22.62 -47.86 10.78
C ILE F 111 22.69 -48.08 12.27
N GLU F 112 23.68 -47.49 12.92
CA GLU F 112 23.81 -47.64 14.37
C GLU F 112 22.75 -46.81 15.08
N GLY F 113 22.86 -45.49 15.01
CA GLY F 113 21.91 -44.62 15.67
C GLY F 113 21.60 -43.40 14.82
N GLU F 114 22.04 -43.43 13.57
CA GLU F 114 21.87 -42.29 12.69
C GLU F 114 20.43 -42.18 12.23
N THR F 115 19.99 -40.93 12.04
CA THR F 115 18.65 -40.64 11.57
C THR F 115 18.58 -39.66 10.41
N ASP F 116 19.63 -38.88 10.17
CA ASP F 116 19.61 -37.89 9.10
C ASP F 116 19.87 -38.58 7.77
N PRO F 117 19.01 -38.38 6.76
CA PRO F 117 19.26 -39.01 5.46
C PRO F 117 20.61 -38.67 4.87
N LEU F 118 21.06 -37.42 5.03
CA LEU F 118 22.36 -37.04 4.49
C LEU F 118 23.48 -37.80 5.17
N GLN F 119 23.38 -38.00 6.49
CA GLN F 119 24.41 -38.74 7.21
C GLN F 119 24.42 -40.21 6.79
N ILE F 120 23.25 -40.79 6.58
CA ILE F 120 23.18 -42.17 6.10
C ILE F 120 23.79 -42.26 4.71
N ALA F 121 23.53 -41.28 3.86
CA ALA F 121 24.11 -41.28 2.52
C ALA F 121 25.64 -41.18 2.58
N MET F 122 26.16 -40.33 3.46
CA MET F 122 27.61 -40.22 3.61
C MET F 122 28.20 -41.53 4.11
N LYS F 123 27.52 -42.18 5.06
CA LYS F 123 27.99 -43.47 5.56
C LYS F 123 27.99 -44.51 4.45
N GLU F 124 26.96 -44.52 3.60
CA GLU F 124 26.93 -45.42 2.47
C GLU F 124 28.07 -45.14 1.51
N LEU F 125 28.33 -43.87 1.23
CA LEU F 125 29.37 -43.51 0.29
C LEU F 125 30.75 -43.93 0.79
N SER F 126 31.00 -43.74 2.09
CA SER F 126 32.31 -44.09 2.64
C SER F 126 32.60 -45.57 2.50
N GLN F 127 31.57 -46.42 2.53
CA GLN F 127 31.72 -47.85 2.42
C GLN F 127 31.57 -48.37 0.99
N ARG F 128 31.41 -47.47 0.01
CA ARG F 128 31.26 -47.85 -1.39
C ARG F 128 30.05 -48.76 -1.59
N LYS F 129 28.91 -48.32 -1.05
CA LYS F 129 27.69 -49.10 -1.11
C LYS F 129 26.55 -48.37 -1.81
N ILE F 130 26.81 -47.22 -2.43
CA ILE F 130 25.76 -46.46 -3.10
C ILE F 130 25.46 -47.11 -4.45
N PRO F 131 24.20 -47.47 -4.71
CA PRO F 131 23.86 -48.18 -5.96
C PRO F 131 23.50 -47.21 -7.09
N LEU F 132 24.41 -46.30 -7.39
CA LEU F 132 24.20 -45.32 -8.45
C LEU F 132 25.36 -45.36 -9.43
N VAL F 133 25.11 -44.91 -10.65
CA VAL F 133 26.08 -44.89 -11.72
C VAL F 133 26.22 -43.48 -12.23
N ILE F 134 27.46 -43.01 -12.37
CA ILE F 134 27.75 -41.71 -12.95
C ILE F 134 27.94 -41.89 -14.44
N ARG F 135 27.29 -41.05 -15.23
CA ARG F 135 27.43 -41.06 -16.68
C ARG F 135 28.07 -39.73 -17.08
N ARG F 136 29.34 -39.78 -17.46
CA ARG F 136 30.11 -38.58 -17.75
C ARG F 136 30.04 -38.27 -19.25
N TYR F 137 29.52 -37.09 -19.58
CA TYR F 137 29.27 -36.74 -20.96
C TYR F 137 30.48 -36.03 -21.56
N LEU F 138 31.06 -36.64 -22.58
CA LEU F 138 32.14 -36.02 -23.33
C LEU F 138 31.58 -34.96 -24.26
N PRO F 139 32.41 -34.00 -24.70
CA PRO F 139 31.88 -32.89 -25.51
C PRO F 139 31.23 -33.33 -26.81
N ASP F 140 31.68 -34.43 -27.42
CA ASP F 140 31.13 -34.85 -28.70
C ASP F 140 29.80 -35.58 -28.56
N GLY F 141 29.38 -35.90 -27.34
CA GLY F 141 28.15 -36.61 -27.10
C GLY F 141 28.32 -38.02 -26.57
N SER F 142 29.48 -38.62 -26.77
CA SER F 142 29.74 -39.92 -26.18
C SER F 142 29.88 -39.79 -24.68
N TYR F 143 29.75 -40.91 -23.98
CA TYR F 143 29.73 -40.89 -22.53
C TYR F 143 30.43 -42.12 -21.97
N GLU F 144 30.84 -42.01 -20.71
CA GLU F 144 31.41 -43.11 -19.94
C GLU F 144 30.55 -43.35 -18.70
N ASP F 145 30.25 -44.62 -18.44
CA ASP F 145 29.47 -45.00 -17.27
C ASP F 145 30.40 -45.52 -16.20
N TRP F 146 30.46 -44.83 -15.07
CA TRP F 146 31.27 -45.23 -13.94
C TRP F 146 30.37 -45.56 -12.76
N GLY F 147 30.59 -46.71 -12.15
CA GLY F 147 29.88 -47.03 -10.93
C GLY F 147 30.48 -46.30 -9.74
N CYS F 148 29.62 -45.87 -8.82
CA CYS F 148 30.12 -45.19 -7.64
C CYS F 148 30.92 -46.11 -6.72
N ASP F 149 30.84 -47.41 -6.94
CA ASP F 149 31.65 -48.35 -6.18
C ASP F 149 33.05 -48.53 -6.75
N GLU F 150 33.32 -48.02 -7.94
CA GLU F 150 34.63 -48.13 -8.54
C GLU F 150 35.33 -46.78 -8.72
N LEU F 151 34.70 -45.69 -8.30
CA LEU F 151 35.33 -44.39 -8.29
C LEU F 151 35.96 -44.12 -6.94
N ILE F 152 37.20 -43.66 -6.95
CA ILE F 152 37.93 -43.43 -5.71
C ILE F 152 37.43 -42.14 -5.08
N VAL F 153 37.12 -42.18 -3.79
CA VAL F 153 36.63 -41.04 -3.05
C VAL F 153 37.63 -40.68 -1.96
N ASP F 154 37.88 -39.38 -1.80
CA ASP F 154 38.81 -38.91 -0.79
C ASP F 154 38.14 -38.81 0.57
N MET G 1 -6.98 -55.55 -38.67
CA MET G 1 -5.92 -56.43 -39.14
C MET G 1 -4.78 -56.50 -38.14
N PHE G 2 -4.26 -57.70 -37.91
CA PHE G 2 -3.22 -57.92 -36.93
C PHE G 2 -1.84 -57.61 -37.52
N PHE G 3 -0.95 -57.13 -36.65
CA PHE G 3 0.39 -56.76 -37.07
C PHE G 3 1.38 -57.03 -35.95
N LEU G 4 2.65 -57.07 -36.32
CA LEU G 4 3.75 -57.05 -35.36
C LEU G 4 4.43 -55.69 -35.42
N LYS G 5 4.56 -55.05 -34.26
CA LYS G 5 5.15 -53.72 -34.16
C LYS G 5 6.17 -53.69 -33.04
N ASP G 6 7.20 -52.88 -33.22
CA ASP G 6 8.20 -52.63 -32.19
C ASP G 6 7.83 -51.34 -31.49
N LEU G 7 7.35 -51.45 -30.25
CA LEU G 7 6.89 -50.31 -29.48
C LEU G 7 7.83 -50.05 -28.32
N SER G 8 7.72 -48.84 -27.77
CA SER G 8 8.53 -48.43 -26.63
C SER G 8 7.66 -47.76 -25.59
N LEU G 9 8.03 -47.94 -24.33
CA LEU G 9 7.26 -47.39 -23.21
C LEU G 9 8.21 -46.73 -22.22
N ILE G 10 7.77 -45.61 -21.66
CA ILE G 10 8.50 -44.91 -20.61
C ILE G 10 7.89 -45.30 -19.28
N LEU G 11 8.70 -45.90 -18.41
CA LEU G 11 8.24 -46.41 -17.12
C LEU G 11 8.98 -45.70 -16.01
N THR G 12 8.23 -45.14 -15.06
CA THR G 12 8.79 -44.43 -13.92
C THR G 12 8.61 -45.29 -12.68
N LEU G 13 9.69 -45.46 -11.91
CA LEU G 13 9.71 -46.33 -10.75
C LEU G 13 9.99 -45.52 -9.49
N HIS G 14 9.20 -45.76 -8.45
CA HIS G 14 9.40 -45.07 -7.19
C HIS G 14 10.61 -45.65 -6.46
N PRO G 15 11.35 -44.83 -5.71
CA PRO G 15 12.54 -45.34 -5.02
C PRO G 15 12.28 -46.45 -4.04
N SER G 16 11.04 -46.61 -3.56
CA SER G 16 10.76 -47.66 -2.60
C SER G 16 10.89 -49.05 -3.21
N TYR G 17 10.96 -49.16 -4.53
CA TYR G 17 11.09 -50.44 -5.22
C TYR G 17 12.51 -50.70 -5.69
N PHE G 18 13.49 -49.93 -5.23
CA PHE G 18 14.87 -50.10 -5.65
C PHE G 18 15.48 -51.30 -4.94
N GLY G 19 15.09 -52.48 -5.40
CA GLY G 19 15.57 -53.71 -4.83
C GLY G 19 16.12 -54.65 -5.87
N PRO G 20 16.57 -55.83 -5.44
CA PRO G 20 17.07 -56.82 -6.41
C PRO G 20 16.02 -57.27 -7.42
N GLN G 21 14.74 -57.30 -7.04
CA GLN G 21 13.67 -57.70 -7.93
C GLN G 21 13.14 -56.57 -8.79
N MET G 22 13.96 -55.54 -9.03
CA MET G 22 13.49 -54.38 -9.78
C MET G 22 13.11 -54.75 -11.21
N ASN G 23 13.93 -55.55 -11.88
CA ASN G 23 13.70 -55.85 -13.29
C ASN G 23 12.42 -56.64 -13.50
N GLN G 24 12.22 -57.69 -12.72
CA GLN G 24 11.01 -58.48 -12.88
C GLN G 24 9.78 -57.66 -12.57
N TYR G 25 9.84 -56.82 -11.55
CA TYR G 25 8.72 -55.96 -11.21
C TYR G 25 8.40 -55.01 -12.35
N LEU G 26 9.42 -54.43 -12.98
CA LEU G 26 9.19 -53.62 -14.16
C LEU G 26 8.52 -54.42 -15.26
N ARG G 27 8.92 -55.67 -15.42
CA ARG G 27 8.30 -56.50 -16.45
C ARG G 27 6.82 -56.70 -16.21
N GLU G 28 6.43 -57.07 -14.98
CA GLU G 28 5.01 -57.26 -14.73
C GLU G 28 4.25 -55.95 -14.80
N LYS G 29 4.87 -54.84 -14.38
CA LYS G 29 4.19 -53.55 -14.50
C LYS G 29 3.93 -53.21 -15.96
N LEU G 30 4.91 -53.45 -16.83
CA LEU G 30 4.72 -53.24 -18.26
C LEU G 30 3.59 -54.11 -18.80
N LEU G 31 3.58 -55.39 -18.41
CA LEU G 31 2.55 -56.29 -18.90
C LEU G 31 1.17 -55.85 -18.47
N THR G 32 1.03 -55.45 -17.20
CA THR G 32 -0.26 -55.01 -16.72
C THR G 32 -0.70 -53.70 -17.38
N ASP G 33 0.25 -52.83 -17.71
CA ASP G 33 -0.11 -51.52 -18.25
C ASP G 33 -0.20 -51.48 -19.77
N VAL G 34 0.16 -52.54 -20.47
CA VAL G 34 0.12 -52.57 -21.93
C VAL G 34 -0.88 -53.61 -22.45
N GLU G 35 -0.90 -54.79 -21.84
CA GLU G 35 -1.81 -55.84 -22.29
C GLU G 35 -3.26 -55.38 -22.19
N GLY G 36 -3.97 -55.39 -23.32
CA GLY G 36 -5.38 -55.07 -23.34
C GLY G 36 -5.72 -53.62 -23.50
N THR G 37 -4.74 -52.71 -23.48
CA THR G 37 -5.04 -51.30 -23.63
C THR G 37 -5.41 -50.99 -25.09
N CYS G 38 -6.01 -49.81 -25.28
CA CYS G 38 -6.49 -49.39 -26.59
C CYS G 38 -6.00 -47.97 -26.86
N THR G 39 -5.09 -47.83 -27.83
CA THR G 39 -4.57 -46.53 -28.24
C THR G 39 -5.06 -46.25 -29.66
N GLY G 40 -5.59 -45.03 -29.86
CA GLY G 40 -6.12 -44.68 -31.16
C GLY G 40 -5.07 -44.71 -32.26
N GLN G 41 -3.84 -44.34 -31.94
CA GLN G 41 -2.77 -44.35 -32.93
C GLN G 41 -2.49 -45.75 -33.44
N PHE G 42 -2.47 -46.73 -32.54
CA PHE G 42 -2.09 -48.09 -32.90
C PHE G 42 -3.26 -49.06 -32.95
N GLY G 43 -4.30 -48.82 -32.16
CA GLY G 43 -5.41 -49.76 -32.11
C GLY G 43 -5.50 -50.46 -30.78
N TYR G 44 -5.42 -51.79 -30.80
CA TYR G 44 -5.48 -52.60 -29.59
C TYR G 44 -4.23 -53.46 -29.50
N ILE G 45 -3.56 -53.40 -28.35
CA ILE G 45 -2.43 -54.27 -28.07
C ILE G 45 -2.96 -55.48 -27.34
N VAL G 46 -2.79 -56.65 -27.94
CA VAL G 46 -3.39 -57.88 -27.43
C VAL G 46 -2.40 -58.69 -26.60
N THR G 47 -1.16 -58.87 -27.09
CA THR G 47 -0.14 -59.61 -26.38
C THR G 47 1.22 -58.98 -26.64
N VAL G 48 2.14 -59.27 -25.73
CA VAL G 48 3.54 -58.85 -25.86
C VAL G 48 4.39 -60.11 -26.00
N LEU G 49 5.13 -60.19 -27.10
CA LEU G 49 5.97 -61.36 -27.34
C LEU G 49 7.21 -61.32 -26.45
N ASP G 50 7.65 -62.50 -26.02
CA ASP G 50 8.83 -62.64 -25.16
C ASP G 50 8.70 -61.79 -23.91
N GLY G 51 7.56 -61.91 -23.23
CA GLY G 51 7.23 -61.03 -22.13
C GLY G 51 8.12 -61.15 -20.92
N MET G 52 8.86 -62.25 -20.80
CA MET G 52 9.72 -62.47 -19.64
C MET G 52 11.19 -62.21 -19.93
N ASN G 53 11.53 -61.79 -21.15
CA ASN G 53 12.91 -61.51 -21.53
C ASN G 53 13.01 -60.16 -22.24
N ILE G 54 12.34 -59.15 -21.72
CA ILE G 54 12.37 -57.82 -22.31
C ILE G 54 13.50 -57.02 -21.68
N ASP G 55 14.33 -56.41 -22.52
CA ASP G 55 15.41 -55.56 -22.02
C ASP G 55 14.83 -54.23 -21.53
N VAL G 56 15.30 -53.79 -20.38
CA VAL G 56 14.87 -52.53 -19.80
C VAL G 56 15.97 -51.47 -19.76
N GLY G 57 17.23 -51.87 -19.91
CA GLY G 57 18.28 -50.88 -19.91
C GLY G 57 18.56 -50.34 -18.52
N LYS G 58 19.18 -49.16 -18.50
CA LYS G 58 19.53 -48.48 -17.26
C LYS G 58 18.59 -47.30 -17.05
N GLY G 59 17.99 -47.23 -15.87
CA GLY G 59 17.08 -46.15 -15.57
C GLY G 59 17.83 -44.89 -15.15
N ARG G 60 17.27 -43.75 -15.54
CA ARG G 60 17.85 -42.46 -15.26
C ARG G 60 17.12 -41.80 -14.10
N ILE G 61 17.87 -41.30 -13.13
CA ILE G 61 17.28 -40.67 -11.96
C ILE G 61 16.79 -39.29 -12.35
N ILE G 62 15.52 -39.03 -12.13
CA ILE G 62 14.97 -37.70 -12.44
C ILE G 62 15.49 -36.69 -11.44
N PRO G 63 16.17 -35.63 -11.87
CA PRO G 63 16.69 -34.66 -10.90
C PRO G 63 15.57 -33.95 -10.17
N GLY G 64 15.67 -33.96 -8.84
CA GLY G 64 14.71 -33.28 -8.00
C GLY G 64 13.52 -34.12 -7.57
N SER G 65 13.37 -35.33 -8.08
CA SER G 65 12.25 -36.19 -7.66
C SER G 65 12.66 -37.62 -7.32
N GLY G 66 13.90 -38.02 -7.55
CA GLY G 66 14.38 -39.29 -7.05
C GLY G 66 13.97 -40.50 -7.86
N SER G 67 12.78 -40.46 -8.44
CA SER G 67 12.26 -41.59 -9.19
C SER G 67 13.12 -41.84 -10.42
N ALA G 68 13.28 -43.11 -10.77
CA ALA G 68 14.04 -43.51 -11.95
C ALA G 68 13.10 -43.68 -13.14
N GLU G 69 13.59 -43.30 -14.31
CA GLU G 69 12.83 -43.38 -15.55
C GLU G 69 13.47 -44.42 -16.46
N PHE G 70 12.67 -45.40 -16.88
CA PHE G 70 13.15 -46.51 -17.70
C PHE G 70 12.53 -46.44 -19.08
N GLU G 71 13.34 -46.75 -20.10
CA GLU G 71 12.89 -46.83 -21.48
C GLU G 71 12.84 -48.28 -21.90
N VAL G 72 11.63 -48.81 -22.08
CA VAL G 72 11.42 -50.24 -22.35
C VAL G 72 10.97 -50.39 -23.78
N LYS G 73 11.72 -51.18 -24.55
CA LYS G 73 11.40 -51.47 -25.94
C LYS G 73 10.96 -52.92 -26.05
N TYR G 74 9.86 -53.16 -26.77
CA TYR G 74 9.29 -54.49 -26.84
C TYR G 74 8.54 -54.66 -28.16
N ARG G 75 8.30 -55.92 -28.51
CA ARG G 75 7.55 -56.29 -29.71
C ARG G 75 6.20 -56.86 -29.28
N ALA G 76 5.12 -56.35 -29.87
CA ALA G 76 3.78 -56.73 -29.47
C ALA G 76 2.90 -56.94 -30.70
N VAL G 77 1.86 -57.73 -30.51
CA VAL G 77 0.85 -57.96 -31.53
C VAL G 77 -0.22 -56.89 -31.41
N VAL G 78 -0.50 -56.20 -32.51
CA VAL G 78 -1.45 -55.11 -32.49
C VAL G 78 -2.48 -55.31 -33.59
N TRP G 79 -3.74 -55.03 -33.27
CA TRP G 79 -4.85 -55.11 -34.20
C TRP G 79 -5.46 -53.74 -34.39
N LYS G 80 -5.64 -53.33 -35.64
CA LYS G 80 -6.26 -52.05 -35.93
C LYS G 80 -7.10 -52.13 -37.20
N PRO G 81 -8.37 -51.74 -37.14
CA PRO G 81 -9.19 -51.68 -38.35
C PRO G 81 -8.79 -50.51 -39.24
N PHE G 82 -9.08 -50.66 -40.53
CA PHE G 82 -8.79 -49.64 -41.52
C PHE G 82 -10.04 -49.30 -42.31
N LYS G 83 -10.11 -48.05 -42.76
CA LYS G 83 -11.24 -47.61 -43.58
C LYS G 83 -11.30 -48.40 -44.87
N GLY G 84 -12.50 -48.87 -45.22
CA GLY G 84 -12.68 -49.62 -46.45
C GLY G 84 -12.20 -51.05 -46.41
N GLU G 85 -12.24 -51.68 -45.24
CA GLU G 85 -11.81 -53.06 -45.09
C GLU G 85 -12.98 -53.97 -44.75
N VAL G 86 -13.02 -55.14 -45.36
CA VAL G 86 -14.09 -56.11 -45.17
C VAL G 86 -13.57 -57.21 -44.26
N VAL G 87 -14.26 -57.43 -43.14
CA VAL G 87 -13.86 -58.41 -42.15
C VAL G 87 -15.08 -59.18 -41.66
N ASP G 88 -14.81 -60.33 -41.03
CA ASP G 88 -15.87 -61.14 -40.44
C ASP G 88 -16.28 -60.56 -39.09
N ALA G 89 -17.47 -60.94 -38.64
CA ALA G 89 -18.01 -60.39 -37.41
C ALA G 89 -19.07 -61.35 -36.85
N ILE G 90 -19.47 -61.09 -35.61
CA ILE G 90 -20.54 -61.81 -34.94
C ILE G 90 -21.49 -60.78 -34.35
N VAL G 91 -22.78 -60.86 -34.68
CA VAL G 91 -23.74 -59.88 -34.22
C VAL G 91 -23.95 -60.05 -32.73
N SER G 92 -23.87 -58.92 -31.99
CA SER G 92 -24.03 -58.94 -30.55
C SER G 92 -25.37 -58.41 -30.09
N ASN G 93 -26.03 -57.56 -30.88
CA ASN G 93 -27.30 -56.98 -30.47
C ASN G 93 -28.07 -56.56 -31.72
N VAL G 94 -29.40 -56.59 -31.60
CA VAL G 94 -30.30 -56.17 -32.67
C VAL G 94 -31.20 -55.07 -32.11
N SER G 95 -31.32 -53.97 -32.85
CA SER G 95 -32.08 -52.82 -32.40
C SER G 95 -32.70 -52.15 -33.62
N PRO G 96 -33.80 -51.42 -33.44
CA PRO G 96 -34.43 -50.75 -34.59
C PRO G 96 -33.52 -49.76 -35.31
N ILE G 97 -32.64 -49.07 -34.57
CA ILE G 97 -31.71 -48.14 -35.21
C ILE G 97 -30.59 -48.85 -35.95
N GLY G 98 -30.40 -50.14 -35.72
CA GLY G 98 -29.36 -50.90 -36.35
C GLY G 98 -28.91 -52.02 -35.44
N PHE G 99 -27.87 -52.74 -35.86
CA PHE G 99 -27.37 -53.88 -35.11
C PHE G 99 -25.89 -53.68 -34.81
N PHE G 100 -25.47 -54.22 -33.67
CA PHE G 100 -24.10 -54.10 -33.19
C PHE G 100 -23.40 -55.44 -33.33
N ALA G 101 -22.25 -55.44 -33.99
CA ALA G 101 -21.43 -56.63 -34.17
C ALA G 101 -20.11 -56.45 -33.43
N ASP G 102 -19.39 -57.57 -33.29
CA ASP G 102 -18.11 -57.58 -32.59
C ASP G 102 -17.05 -58.16 -33.50
N VAL G 103 -15.96 -57.41 -33.69
CA VAL G 103 -14.80 -57.86 -34.46
C VAL G 103 -13.63 -57.86 -33.48
N GLY G 104 -13.40 -59.01 -32.85
CA GLY G 104 -12.45 -59.10 -31.77
C GLY G 104 -12.86 -58.20 -30.62
N PRO G 105 -11.93 -57.37 -30.14
CA PRO G 105 -12.27 -56.42 -29.07
C PRO G 105 -13.10 -55.24 -29.55
N LEU G 106 -13.11 -54.97 -30.85
CA LEU G 106 -13.85 -53.83 -31.37
C LEU G 106 -15.33 -54.16 -31.55
N ASN G 107 -16.19 -53.24 -31.12
CA ASN G 107 -17.62 -53.36 -31.31
C ASN G 107 -18.05 -52.37 -32.40
N VAL G 108 -18.71 -52.89 -33.44
CA VAL G 108 -19.05 -52.12 -34.63
C VAL G 108 -20.55 -51.96 -34.69
N PHE G 109 -21.00 -50.72 -34.93
CA PHE G 109 -22.42 -50.41 -35.05
C PHE G 109 -22.74 -50.12 -36.52
N VAL G 110 -23.76 -50.79 -37.03
CA VAL G 110 -24.21 -50.62 -38.41
C VAL G 110 -25.63 -50.06 -38.37
N SER G 111 -25.81 -48.89 -38.98
CA SER G 111 -27.12 -48.26 -39.00
C SER G 111 -27.99 -48.86 -40.12
N THR G 112 -29.30 -48.62 -39.99
CA THR G 112 -30.24 -49.14 -40.99
C THR G 112 -29.97 -48.54 -42.37
N ARG G 113 -29.49 -47.30 -42.40
CA ARG G 113 -29.19 -46.64 -43.66
C ARG G 113 -28.02 -47.27 -44.40
N LEU G 114 -27.27 -48.15 -43.75
CA LEU G 114 -26.20 -48.91 -44.38
C LEU G 114 -26.54 -50.38 -44.53
N ILE G 115 -27.81 -50.74 -44.38
CA ILE G 115 -28.28 -52.12 -44.49
C ILE G 115 -29.17 -52.23 -45.72
N PRO G 116 -29.09 -53.33 -46.47
CA PRO G 116 -30.00 -53.48 -47.62
C PRO G 116 -31.46 -53.45 -47.18
N ASP G 117 -32.30 -52.87 -48.05
CA ASP G 117 -33.68 -52.60 -47.68
C ASP G 117 -34.50 -53.86 -47.48
N ASN G 118 -34.20 -54.93 -48.22
CA ASN G 118 -34.96 -56.17 -48.10
C ASN G 118 -34.80 -56.81 -46.72
N LEU G 119 -33.75 -56.47 -45.98
CA LEU G 119 -33.53 -57.01 -44.64
C LEU G 119 -34.30 -56.15 -43.63
N VAL G 120 -35.63 -56.25 -43.71
CA VAL G 120 -36.50 -55.47 -42.84
C VAL G 120 -36.38 -55.99 -41.41
N TYR G 121 -36.25 -55.07 -40.45
CA TYR G 121 -36.14 -55.44 -39.05
C TYR G 121 -37.45 -56.06 -38.58
N ASN G 122 -37.36 -57.25 -37.99
CA ASN G 122 -38.53 -57.95 -37.48
C ASN G 122 -38.47 -57.97 -35.96
N PRO G 123 -39.24 -57.12 -35.27
CA PRO G 123 -39.25 -57.17 -33.80
C PRO G 123 -40.08 -58.30 -33.23
N SER G 124 -41.01 -58.86 -34.00
CA SER G 124 -41.83 -59.96 -33.51
C SER G 124 -41.05 -61.25 -33.45
N ASN G 125 -40.02 -61.40 -34.28
CA ASN G 125 -39.24 -62.63 -34.30
C ASN G 125 -38.51 -62.82 -32.97
N SER G 126 -38.26 -64.08 -32.63
CA SER G 126 -37.62 -64.45 -31.37
C SER G 126 -36.31 -65.17 -31.65
N PRO G 127 -35.15 -64.50 -31.48
CA PRO G 127 -35.03 -63.09 -31.08
C PRO G 127 -35.22 -62.13 -32.24
N PRO G 128 -35.52 -60.86 -31.95
CA PRO G 128 -35.74 -59.89 -33.03
C PRO G 128 -34.51 -59.79 -33.93
N ALA G 129 -34.76 -59.62 -35.23
CA ALA G 129 -33.71 -59.71 -36.22
C ALA G 129 -34.03 -58.81 -37.41
N TYR G 130 -33.03 -58.60 -38.25
CA TYR G 130 -33.18 -57.95 -39.55
C TYR G 130 -33.18 -59.05 -40.59
N MET G 131 -34.36 -59.37 -41.12
CA MET G 131 -34.51 -60.56 -41.95
C MET G 131 -35.06 -60.19 -43.32
N SER G 132 -34.72 -61.03 -44.30
CA SER G 132 -35.28 -60.96 -45.64
C SER G 132 -35.89 -62.31 -45.98
N ASN G 133 -36.24 -62.51 -47.26
CA ASN G 133 -36.82 -63.79 -47.65
C ASN G 133 -35.82 -64.93 -47.47
N ASP G 134 -34.59 -64.74 -47.93
CA ASP G 134 -33.56 -65.76 -47.85
C ASP G 134 -32.48 -65.45 -46.81
N GLU G 135 -32.56 -64.31 -46.14
CA GLU G 135 -31.55 -63.92 -45.17
C GLU G 135 -32.20 -63.59 -43.83
N LEU G 136 -31.52 -63.99 -42.75
CA LEU G 136 -31.99 -63.73 -41.40
C LEU G 136 -30.77 -63.52 -40.53
N ILE G 137 -30.55 -62.29 -40.07
CA ILE G 137 -29.39 -61.94 -39.26
C ILE G 137 -29.88 -61.54 -37.88
N THR G 138 -29.48 -62.31 -36.87
CA THR G 138 -29.90 -62.07 -35.49
C THR G 138 -28.67 -62.14 -34.60
N LYS G 139 -28.91 -62.12 -33.28
CA LYS G 139 -27.82 -62.24 -32.32
C LYS G 139 -27.09 -63.55 -32.51
N GLY G 140 -25.75 -63.48 -32.54
CA GLY G 140 -24.92 -64.66 -32.73
C GLY G 140 -24.74 -65.10 -34.16
N SER G 141 -25.28 -64.38 -35.13
CA SER G 141 -25.17 -64.76 -36.53
C SER G 141 -23.89 -64.21 -37.16
N LYS G 142 -23.20 -65.05 -37.92
CA LYS G 142 -22.01 -64.60 -38.63
C LYS G 142 -22.40 -63.61 -39.73
N VAL G 143 -21.70 -62.49 -39.78
CA VAL G 143 -21.92 -61.46 -40.79
C VAL G 143 -20.59 -61.00 -41.35
N ARG G 144 -20.56 -60.73 -42.64
CA ARG G 144 -19.38 -60.18 -43.31
C ARG G 144 -19.69 -58.72 -43.65
N LEU G 145 -18.96 -57.80 -43.04
CA LEU G 145 -19.22 -56.37 -43.19
C LEU G 145 -17.94 -55.63 -43.55
N LYS G 146 -18.12 -54.46 -44.16
CA LYS G 146 -17.01 -53.60 -44.55
C LYS G 146 -16.99 -52.36 -43.66
N VAL G 147 -15.85 -52.12 -43.02
CA VAL G 147 -15.71 -50.96 -42.14
C VAL G 147 -15.57 -49.71 -42.98
N VAL G 148 -16.44 -48.74 -42.75
CA VAL G 148 -16.44 -47.49 -43.50
C VAL G 148 -15.73 -46.38 -42.74
N GLY G 149 -16.07 -46.18 -41.47
CA GLY G 149 -15.48 -45.11 -40.69
C GLY G 149 -15.06 -45.60 -39.33
N THR G 150 -14.02 -44.97 -38.79
CA THR G 150 -13.51 -45.27 -37.46
C THR G 150 -13.45 -43.98 -36.66
N ARG G 151 -13.95 -44.03 -35.43
CA ARG G 151 -13.97 -42.88 -34.54
C ARG G 151 -12.95 -43.09 -33.43
N THR G 152 -12.11 -42.08 -33.20
CA THR G 152 -11.06 -42.15 -32.20
C THR G 152 -11.53 -41.51 -30.90
N ASP G 153 -11.39 -42.22 -29.79
CA ASP G 153 -11.74 -41.73 -28.47
C ASP G 153 -10.48 -41.69 -27.61
N VAL G 154 -10.66 -41.39 -26.32
CA VAL G 154 -9.52 -41.29 -25.41
C VAL G 154 -8.76 -42.61 -25.37
N ASN G 155 -9.43 -43.68 -24.97
CA ASN G 155 -8.84 -45.01 -24.99
C ASN G 155 -9.79 -46.03 -25.61
N GLU G 156 -10.56 -45.62 -26.60
CA GLU G 156 -11.53 -46.48 -27.24
C GLU G 156 -11.59 -46.14 -28.73
N ILE G 157 -12.04 -47.10 -29.52
CA ILE G 157 -12.19 -46.93 -30.96
C ILE G 157 -13.61 -47.35 -31.34
N TYR G 158 -14.30 -46.49 -32.07
CA TYR G 158 -15.65 -46.76 -32.55
C TYR G 158 -15.63 -46.86 -34.06
N ALA G 159 -16.09 -47.99 -34.59
CA ALA G 159 -16.10 -48.24 -36.02
C ALA G 159 -17.53 -48.38 -36.52
N ILE G 160 -17.74 -48.04 -37.79
CA ILE G 160 -19.04 -48.15 -38.45
C ILE G 160 -18.90 -49.09 -39.63
N GLY G 161 -19.77 -50.09 -39.69
CA GLY G 161 -19.76 -51.07 -40.75
C GLY G 161 -20.93 -50.91 -41.71
N SER G 162 -20.86 -51.66 -42.80
CA SER G 162 -21.92 -51.65 -43.80
C SER G 162 -21.97 -53.01 -44.49
N ILE G 163 -23.18 -53.37 -44.92
CA ILE G 163 -23.41 -54.65 -45.58
C ILE G 163 -24.20 -54.41 -46.87
N LYS G 164 -24.24 -53.17 -47.31
CA LYS G 164 -25.06 -52.78 -48.45
C LYS G 164 -24.44 -53.16 -49.80
N GLU G 165 -23.18 -53.58 -49.86
CA GLU G 165 -22.56 -53.96 -51.12
C GLU G 165 -22.55 -55.48 -51.25
N ASP G 166 -22.02 -55.95 -52.38
CA ASP G 166 -22.05 -57.37 -52.69
C ASP G 166 -21.09 -58.15 -51.81
N PHE G 167 -21.37 -59.46 -51.69
CA PHE G 167 -20.56 -60.38 -50.90
C PHE G 167 -20.55 -59.98 -49.42
N LEU G 168 -21.57 -59.27 -48.98
CA LEU G 168 -21.70 -58.82 -47.60
C LEU G 168 -22.96 -59.42 -46.99
N GLY G 169 -23.30 -58.97 -45.78
CA GLY G 169 -24.48 -59.48 -45.12
C GLY G 169 -24.21 -60.79 -44.40
N ALA G 170 -25.23 -61.64 -44.37
CA ALA G 170 -25.12 -62.92 -43.68
C ALA G 170 -24.10 -63.82 -44.37
N ILE G 171 -23.37 -64.59 -43.56
CA ILE G 171 -22.43 -65.59 -44.07
C ILE G 171 -22.56 -66.85 -43.24
N SER H 3 71.73 -37.40 36.40
CA SER H 3 70.67 -36.48 36.80
C SER H 3 70.79 -35.15 36.06
N ALA H 4 71.90 -34.44 36.31
CA ALA H 4 72.16 -33.16 35.68
C ALA H 4 73.02 -33.37 34.44
N LEU H 5 72.66 -32.71 33.35
CA LEU H 5 73.32 -32.92 32.06
C LEU H 5 74.42 -31.90 31.80
N PHE H 6 74.44 -30.81 32.54
CA PHE H 6 75.46 -29.78 32.35
C PHE H 6 75.51 -28.94 33.62
N ASP H 7 76.72 -28.49 33.97
CA ASP H 7 76.91 -27.70 35.16
C ASP H 7 78.13 -26.81 34.98
N ASP H 8 78.01 -25.56 35.41
CA ASP H 8 79.10 -24.60 35.26
C ASP H 8 78.74 -23.36 36.08
N ILE H 9 79.69 -22.42 36.14
CA ILE H 9 79.51 -21.15 36.83
C ILE H 9 79.85 -20.04 35.86
N PHE H 10 78.95 -19.07 35.72
CA PHE H 10 79.07 -18.02 34.73
C PHE H 10 79.16 -16.67 35.40
N THR H 11 79.91 -15.77 34.78
CA THR H 11 79.98 -14.38 35.20
C THR H 11 79.31 -13.51 34.15
N VAL H 12 78.35 -12.69 34.60
CA VAL H 12 77.55 -11.90 33.67
C VAL H 12 78.38 -10.75 33.14
N GLN H 13 78.53 -10.68 31.82
CA GLN H 13 79.24 -9.58 31.19
C GLN H 13 78.33 -8.39 30.92
N THR H 14 77.21 -8.64 30.26
CA THR H 14 76.30 -7.58 29.85
C THR H 14 74.88 -7.96 30.24
N VAL H 15 74.10 -6.95 30.63
CA VAL H 15 72.68 -7.10 30.89
C VAL H 15 71.95 -6.07 30.05
N ASP H 16 71.09 -6.55 29.15
CA ASP H 16 70.39 -5.68 28.20
C ASP H 16 68.90 -5.75 28.49
N ASN H 17 68.32 -4.64 28.94
CA ASN H 17 66.88 -4.56 29.09
C ASN H 17 66.22 -4.27 27.75
N GLY H 18 66.65 -3.21 27.09
CA GLY H 18 66.16 -2.88 25.76
C GLY H 18 64.69 -2.54 25.70
N ARG H 19 63.98 -3.20 24.78
CA ARG H 19 62.58 -2.83 24.54
C ARG H 19 61.70 -3.14 25.75
N TYR H 20 61.97 -4.26 26.42
CA TYR H 20 61.05 -4.81 27.41
C TYR H 20 61.32 -4.26 28.80
N ASN H 21 60.39 -4.53 29.71
CA ASN H 21 60.50 -4.15 31.10
C ASN H 21 60.73 -5.31 32.03
N LYS H 22 60.16 -6.48 31.73
CA LYS H 22 60.24 -7.63 32.61
C LYS H 22 61.23 -8.68 32.11
N VAL H 23 61.94 -8.42 31.02
CA VAL H 23 62.81 -9.42 30.41
C VAL H 23 64.17 -8.78 30.16
N SER H 24 65.23 -9.51 30.51
CA SER H 24 66.60 -9.05 30.32
C SER H 24 67.41 -10.11 29.60
N ARG H 25 68.25 -9.68 28.67
CA ARG H 25 69.27 -10.53 28.06
C ARG H 25 70.55 -10.43 28.86
N ILE H 26 71.07 -11.58 29.29
CA ILE H 26 72.35 -11.62 29.98
C ILE H 26 73.31 -12.49 29.18
N ILE H 27 74.57 -12.07 29.13
CA ILE H 27 75.63 -12.78 28.44
C ILE H 27 76.69 -13.16 29.46
N GLY H 28 77.06 -14.43 29.50
CA GLY H 28 78.03 -14.90 30.46
C GLY H 28 79.00 -15.86 29.84
N ILE H 29 80.21 -15.90 30.41
CA ILE H 29 81.25 -16.83 30.01
C ILE H 29 81.65 -17.64 31.23
N SER H 30 81.91 -18.93 31.00
CA SER H 30 82.25 -19.81 32.11
C SER H 30 83.59 -19.43 32.70
N THR H 31 83.67 -19.47 34.04
CA THR H 31 84.92 -19.14 34.71
C THR H 31 85.95 -20.25 34.55
N THR H 32 85.51 -21.51 34.65
CA THR H 32 86.44 -22.63 34.57
C THR H 32 86.89 -22.91 33.13
N ASN H 33 86.18 -22.39 32.14
CA ASN H 33 86.48 -22.73 30.74
C ASN H 33 85.95 -21.61 29.86
N SER H 34 86.85 -20.86 29.25
CA SER H 34 86.43 -19.88 28.26
C SER H 34 85.89 -20.59 27.03
N ALA H 35 85.49 -19.81 26.03
CA ALA H 35 84.86 -20.29 24.81
C ALA H 35 83.54 -20.98 25.06
N ILE H 36 83.00 -20.89 26.28
CA ILE H 36 81.64 -21.31 26.59
C ILE H 36 80.84 -20.06 26.87
N LYS H 37 79.84 -19.78 26.05
CA LYS H 37 79.03 -18.59 26.16
C LYS H 37 77.61 -18.97 26.52
N LEU H 38 76.91 -18.06 27.20
CA LEU H 38 75.51 -18.26 27.55
C LEU H 38 74.77 -16.95 27.30
N THR H 39 73.87 -16.96 26.31
CA THR H 39 72.91 -15.87 26.12
C THR H 39 71.56 -16.36 26.60
N LEU H 40 70.89 -15.56 27.42
CA LEU H 40 69.69 -16.04 28.09
C LEU H 40 68.71 -14.90 28.31
N ASP H 41 67.42 -15.23 28.20
CA ASP H 41 66.34 -14.36 28.67
C ASP H 41 65.91 -14.77 30.07
N ILE H 42 65.77 -13.78 30.95
CA ILE H 42 65.30 -14.02 32.32
C ILE H 42 64.21 -13.02 32.65
N ASN H 43 63.45 -13.35 33.68
CA ASN H 43 62.41 -12.46 34.19
C ASN H 43 63.01 -11.56 35.26
N ASN H 44 63.02 -10.26 35.02
CA ASN H 44 63.67 -9.32 35.94
C ASN H 44 63.00 -9.34 37.30
N GLU H 45 61.67 -9.34 37.32
CA GLU H 45 60.93 -9.17 38.57
C GLU H 45 61.09 -10.35 39.51
N MET H 46 61.42 -11.53 39.00
CA MET H 46 61.55 -12.71 39.84
C MET H 46 63.00 -13.06 40.15
N PHE H 47 63.89 -12.93 39.18
CA PHE H 47 65.31 -13.20 39.37
C PHE H 47 66.12 -12.04 38.82
N PRO H 48 66.14 -10.91 39.52
CA PRO H 48 66.93 -9.77 39.05
C PRO H 48 68.42 -10.07 39.16
N VAL H 49 69.17 -9.64 38.15
CA VAL H 49 70.61 -9.83 38.11
C VAL H 49 71.28 -8.51 37.80
N SER H 50 72.56 -8.43 38.13
CA SER H 50 73.37 -7.26 37.88
C SER H 50 74.64 -7.69 37.17
N GLN H 51 75.35 -6.70 36.61
CA GLN H 51 76.58 -6.98 35.89
C GLN H 51 77.63 -7.56 36.84
N ASP H 52 78.47 -8.44 36.30
CA ASP H 52 79.57 -9.09 37.01
C ASP H 52 79.08 -10.01 38.13
N ASP H 53 77.83 -10.42 38.08
CA ASP H 53 77.34 -11.41 39.03
C ASP H 53 77.86 -12.80 38.67
N SER H 54 77.84 -13.70 39.66
CA SER H 54 78.24 -15.08 39.45
C SER H 54 77.00 -15.95 39.57
N LEU H 55 76.72 -16.73 38.53
CA LEU H 55 75.54 -17.58 38.47
C LEU H 55 75.96 -19.02 38.31
N THR H 56 75.33 -19.91 39.08
CA THR H 56 75.52 -21.35 38.93
C THR H 56 74.40 -21.87 38.04
N VAL H 57 74.75 -22.27 36.82
CA VAL H 57 73.77 -22.71 35.82
C VAL H 57 73.88 -24.22 35.70
N THR H 58 72.73 -24.89 35.77
CA THR H 58 72.65 -26.33 35.64
C THR H 58 71.55 -26.67 34.65
N LEU H 59 71.79 -27.64 33.78
CA LEU H 59 70.81 -28.09 32.81
C LEU H 59 70.50 -29.55 33.09
N ALA H 60 69.21 -29.87 33.23
CA ALA H 60 68.79 -31.23 33.52
C ALA H 60 67.65 -31.60 32.58
N ASN H 61 67.53 -32.90 32.33
CA ASN H 61 66.42 -33.42 31.54
C ASN H 61 65.24 -33.85 32.39
N SER H 62 65.37 -33.80 33.72
CA SER H 62 64.29 -34.14 34.61
C SER H 62 64.61 -33.59 35.99
N LEU H 63 63.55 -33.25 36.73
CA LEU H 63 63.73 -32.71 38.08
C LEU H 63 63.63 -33.78 39.16
N SER H 64 63.41 -35.03 38.80
CA SER H 64 63.26 -36.09 39.79
C SER H 64 64.59 -36.40 40.46
N LEU H 65 64.50 -37.09 41.58
CA LEU H 65 65.69 -37.47 42.34
C LEU H 65 65.80 -38.98 42.49
N LYS H 76 50.71 -36.58 32.88
CA LYS H 76 51.52 -35.57 32.21
C LYS H 76 51.02 -34.17 32.54
N SER H 77 49.77 -34.07 32.98
CA SER H 77 49.20 -32.78 33.31
C SER H 77 49.94 -32.17 34.50
N TRP H 78 50.33 -30.92 34.38
CA TRP H 78 51.00 -30.23 35.46
C TRP H 78 50.05 -29.99 36.63
N ARG H 79 50.60 -30.07 37.84
CA ARG H 79 49.84 -29.83 39.06
C ARG H 79 50.69 -28.96 39.96
N PRO H 80 50.06 -28.12 40.78
CA PRO H 80 50.81 -27.36 41.78
C PRO H 80 51.57 -28.30 42.69
N PRO H 81 52.84 -28.01 42.97
CA PRO H 81 53.65 -28.96 43.74
C PRO H 81 53.20 -29.02 45.19
N LYS H 82 53.04 -30.24 45.69
CA LYS H 82 52.74 -30.43 47.09
C LYS H 82 53.93 -30.01 47.94
N PRO H 83 53.70 -29.41 49.11
CA PRO H 83 54.84 -29.06 49.98
C PRO H 83 55.62 -30.26 50.48
N THR H 84 55.00 -31.44 50.50
CA THR H 84 55.67 -32.62 51.04
C THR H 84 56.71 -33.20 50.09
N ASP H 85 56.47 -33.16 48.79
CA ASP H 85 57.41 -33.76 47.85
C ASP H 85 58.64 -32.89 47.68
N LYS H 86 59.74 -33.53 47.31
CA LYS H 86 61.02 -32.86 47.10
C LYS H 86 61.54 -33.20 45.71
N SER H 87 62.14 -32.21 45.06
CA SER H 87 62.65 -32.38 43.70
C SER H 87 63.96 -31.63 43.59
N LEU H 88 64.59 -31.74 42.41
CA LEU H 88 65.88 -31.11 42.19
C LEU H 88 65.80 -29.60 42.31
N ALA H 89 64.62 -29.02 42.07
CA ALA H 89 64.47 -27.57 42.06
C ALA H 89 64.57 -26.96 43.44
N ASP H 90 64.60 -27.77 44.51
CA ASP H 90 64.64 -27.22 45.86
C ASP H 90 65.96 -26.54 46.18
N ASP H 91 66.99 -26.73 45.37
CA ASP H 91 68.31 -26.19 45.66
C ASP H 91 68.62 -24.91 44.88
N TYR H 92 67.70 -24.43 44.06
CA TYR H 92 67.98 -23.34 43.14
C TYR H 92 66.95 -22.24 43.30
N ASP H 93 67.27 -21.07 42.74
CA ASP H 93 66.45 -19.88 42.90
C ASP H 93 65.59 -19.56 41.68
N TYR H 94 65.82 -20.23 40.56
CA TYR H 94 65.14 -19.87 39.31
C TYR H 94 65.19 -21.07 38.39
N VAL H 95 64.03 -21.68 38.13
CA VAL H 95 63.93 -22.87 37.30
C VAL H 95 63.01 -22.56 36.13
N MET H 96 63.45 -22.93 34.93
CA MET H 96 62.65 -22.77 33.72
C MET H 96 62.63 -24.10 32.96
N PHE H 97 61.63 -24.26 32.11
CA PHE H 97 61.46 -25.46 31.33
C PHE H 97 61.22 -25.06 29.88
N GLY H 98 61.99 -25.65 28.96
CA GLY H 98 61.88 -25.26 27.57
C GLY H 98 62.17 -26.42 26.64
N THR H 99 62.02 -26.15 25.35
CA THR H 99 62.23 -27.15 24.31
C THR H 99 63.44 -26.77 23.47
N VAL H 100 64.25 -27.76 23.13
CA VAL H 100 65.43 -27.54 22.29
C VAL H 100 64.99 -27.58 20.84
N TYR H 101 65.15 -26.45 20.14
CA TYR H 101 64.70 -26.37 18.76
C TYR H 101 65.83 -26.28 17.76
N LYS H 102 67.08 -26.41 18.19
CA LYS H 102 68.21 -26.41 17.27
C LYS H 102 69.44 -26.92 17.99
N PHE H 103 70.14 -27.87 17.37
CA PHE H 103 71.38 -28.42 17.89
C PHE H 103 72.40 -28.34 16.76
N GLU H 104 73.09 -27.21 16.67
CA GLU H 104 73.98 -26.94 15.54
C GLU H 104 75.29 -27.68 15.74
N GLU H 105 75.44 -28.83 15.07
CA GLU H 105 76.71 -29.54 15.00
C GLU H 105 77.60 -28.78 14.03
N GLY H 106 78.25 -27.75 14.54
CA GLY H 106 78.97 -26.80 13.70
C GLY H 106 80.37 -27.25 13.33
N ASP H 107 81.35 -26.41 13.62
CA ASP H 107 82.73 -26.66 13.21
C ASP H 107 83.33 -27.74 14.11
N GLU H 108 84.66 -27.86 14.06
CA GLU H 108 85.37 -28.94 14.73
C GLU H 108 84.93 -29.11 16.18
N ASP H 109 84.89 -28.01 16.93
CA ASP H 109 84.44 -28.08 18.32
C ASP H 109 83.51 -26.93 18.69
N LYS H 110 82.78 -26.39 17.74
CA LYS H 110 81.84 -25.29 18.00
C LYS H 110 80.43 -25.85 17.91
N ILE H 111 79.77 -26.01 19.05
CA ILE H 111 78.43 -26.54 19.14
C ILE H 111 77.52 -25.48 19.75
N LYS H 112 76.39 -25.22 19.09
CA LYS H 112 75.41 -24.28 19.58
C LYS H 112 74.11 -25.01 19.87
N VAL H 113 73.53 -24.74 21.04
CA VAL H 113 72.25 -25.31 21.44
C VAL H 113 71.28 -24.16 21.66
N TYR H 114 70.17 -24.16 20.92
CA TYR H 114 69.14 -23.16 21.07
C TYR H 114 67.97 -23.76 21.82
N VAL H 115 67.55 -23.11 22.89
CA VAL H 115 66.45 -23.56 23.73
C VAL H 115 65.49 -22.40 23.93
N SER H 116 64.20 -22.68 23.84
CA SER H 116 63.16 -21.67 23.97
C SER H 116 62.28 -22.03 25.15
N PHE H 117 62.31 -21.19 26.20
CA PHE H 117 61.47 -21.41 27.37
C PHE H 117 60.19 -20.59 27.20
N GLY H 118 59.31 -21.11 26.34
CA GLY H 118 58.05 -20.44 26.06
C GLY H 118 58.21 -19.06 25.47
N GLY H 119 59.18 -18.89 24.58
CA GLY H 119 59.44 -17.61 23.97
C GLY H 119 60.64 -16.88 24.52
N LEU H 120 61.15 -17.30 25.67
CA LEU H 120 62.36 -16.73 26.25
C LEU H 120 63.53 -17.59 25.82
N LEU H 121 64.44 -17.00 25.05
CA LEU H 121 65.41 -17.78 24.28
C LEU H 121 66.74 -17.89 25.00
N MET H 122 67.41 -19.02 24.78
CA MET H 122 68.74 -19.27 25.31
C MET H 122 69.60 -19.91 24.24
N CYS H 123 70.84 -19.46 24.12
CA CYS H 123 71.83 -20.04 23.23
C CYS H 123 73.08 -20.38 24.03
N LEU H 124 73.58 -21.60 23.86
CA LEU H 124 74.72 -22.09 24.61
C LEU H 124 75.80 -22.54 23.64
N GLU H 125 76.89 -21.79 23.58
CA GLU H 125 78.04 -22.11 22.76
C GLU H 125 79.07 -22.84 23.59
N GLY H 126 79.67 -23.88 23.02
CA GLY H 126 80.69 -24.62 23.75
C GLY H 126 81.25 -25.74 22.92
N GLY H 127 82.20 -26.46 23.51
CA GLY H 127 82.81 -27.58 22.84
C GLY H 127 81.90 -28.79 22.79
N TYR H 128 82.23 -29.73 21.91
CA TYR H 128 81.40 -30.91 21.74
C TYR H 128 81.38 -31.76 23.00
N LYS H 129 82.52 -31.89 23.67
CA LYS H 129 82.59 -32.78 24.83
C LYS H 129 81.67 -32.32 25.95
N SER H 130 81.60 -31.00 26.16
CA SER H 130 80.76 -30.47 27.24
C SER H 130 79.27 -30.62 26.92
N LEU H 131 78.88 -30.32 25.68
CA LEU H 131 77.49 -30.24 25.31
C LEU H 131 76.99 -31.45 24.53
N ALA H 132 77.72 -32.57 24.57
CA ALA H 132 77.29 -33.75 23.84
C ALA H 132 75.97 -34.28 24.38
N SER H 133 75.80 -34.29 25.71
CA SER H 133 74.62 -34.86 26.32
C SER H 133 73.39 -33.99 26.19
N LEU H 134 73.52 -32.76 25.69
CA LEU H 134 72.41 -31.83 25.61
C LEU H 134 71.55 -32.03 24.38
N LYS H 135 71.58 -33.23 23.78
CA LYS H 135 70.76 -33.51 22.60
C LYS H 135 69.45 -34.16 23.05
N GLN H 136 68.63 -33.35 23.73
CA GLN H 136 67.35 -33.79 24.26
C GLN H 136 66.24 -32.93 23.68
N ASP H 137 65.01 -33.44 23.77
CA ASP H 137 63.87 -32.68 23.30
C ASP H 137 63.58 -31.49 24.22
N ASN H 138 63.55 -31.72 25.53
CA ASN H 138 63.22 -30.69 26.50
C ASN H 138 64.29 -30.65 27.58
N LEU H 139 64.54 -29.44 28.09
CA LEU H 139 65.56 -29.22 29.09
C LEU H 139 65.04 -28.30 30.18
N TYR H 140 65.42 -28.59 31.42
CA TYR H 140 65.26 -27.65 32.53
C TYR H 140 66.56 -26.90 32.71
N ILE H 141 66.46 -25.60 32.99
CA ILE H 141 67.62 -24.80 33.35
C ILE H 141 67.42 -24.33 34.79
N LEU H 142 68.43 -24.54 35.63
CA LEU H 142 68.34 -24.24 37.03
C LEU H 142 69.44 -23.25 37.38
N ILE H 143 69.05 -22.08 37.86
CA ILE H 143 69.98 -20.98 38.11
C ILE H 143 70.00 -20.68 39.59
N ARG H 144 71.19 -20.59 40.16
CA ARG H 144 71.38 -20.31 41.58
C ARG H 144 72.27 -19.09 41.75
N ARG H 145 71.92 -18.25 42.71
CA ARG H 145 72.76 -17.11 43.06
C ARG H 145 72.48 -16.67 44.49
N SER I 3 50.39 46.04 -40.05
CA SER I 3 49.58 47.19 -40.40
C SER I 3 49.46 47.34 -41.92
N PHE I 4 48.24 47.27 -42.43
CA PHE I 4 47.96 47.39 -43.85
C PHE I 4 47.09 48.61 -44.10
N ARG I 5 47.25 49.20 -45.28
CA ARG I 5 46.55 50.43 -45.63
C ARG I 5 45.26 50.13 -46.38
N PHE I 6 44.45 51.19 -46.53
CA PHE I 6 43.17 51.11 -47.21
C PHE I 6 43.06 52.25 -48.22
N CYS I 7 42.12 52.11 -49.15
CA CYS I 7 41.89 53.15 -50.15
C CYS I 7 41.48 54.44 -49.47
N LEU I 8 42.04 55.56 -49.96
CA LEU I 8 41.77 56.86 -49.34
C LEU I 8 40.43 57.44 -49.77
N GLU I 9 39.80 56.89 -50.80
CA GLU I 9 38.50 57.37 -51.26
C GLU I 9 37.41 56.31 -51.22
N CYS I 10 37.76 55.03 -51.18
CA CYS I 10 36.77 53.96 -51.09
C CYS I 10 36.79 53.26 -49.73
N ASN I 11 37.83 53.47 -48.92
CA ASN I 11 38.05 52.88 -47.61
C ASN I 11 38.19 51.37 -47.65
N ASN I 12 38.11 50.74 -48.81
CA ASN I 12 38.28 49.30 -48.90
C ASN I 12 39.76 48.94 -48.82
N MET I 13 40.02 47.66 -48.62
CA MET I 13 41.38 47.19 -48.47
C MET I 13 42.12 47.20 -49.80
N LEU I 14 43.36 47.69 -49.77
CA LEU I 14 44.20 47.73 -50.95
C LEU I 14 45.02 46.45 -51.04
N TYR I 15 44.96 45.79 -52.20
CA TYR I 15 45.67 44.54 -52.40
C TYR I 15 46.94 44.77 -53.21
N PRO I 16 48.02 44.05 -52.91
CA PRO I 16 49.25 44.22 -53.68
C PRO I 16 49.07 43.78 -55.12
N LYS I 17 49.79 44.47 -56.01
CA LYS I 17 49.75 44.14 -57.43
C LYS I 17 51.10 44.49 -58.04
N GLU I 18 51.40 43.85 -59.16
CA GLU I 18 52.65 44.03 -59.89
C GLU I 18 52.35 44.53 -61.30
N ASP I 19 53.06 45.57 -61.72
CA ASP I 19 52.93 46.09 -63.07
C ASP I 19 53.93 45.36 -63.96
N LYS I 20 53.42 44.64 -64.96
CA LYS I 20 54.29 43.89 -65.85
C LYS I 20 55.22 44.79 -66.63
N GLU I 21 54.70 45.91 -67.15
CA GLU I 21 55.51 46.80 -67.97
C GLU I 21 56.50 47.60 -67.14
N ASN I 22 56.16 47.90 -65.89
CA ASN I 22 57.00 48.75 -65.05
C ASN I 22 57.84 47.97 -64.05
N GLN I 23 57.49 46.71 -63.79
CA GLN I 23 58.20 45.87 -62.82
C GLN I 23 58.27 46.56 -61.45
N ARG I 24 57.11 47.04 -61.00
CA ARG I 24 56.98 47.71 -59.72
C ARG I 24 55.80 47.14 -58.94
N LEU I 25 55.92 47.19 -57.62
CA LEU I 25 54.86 46.71 -56.74
C LEU I 25 53.90 47.84 -56.41
N LEU I 26 52.61 47.56 -56.54
CA LEU I 26 51.58 48.56 -56.30
C LEU I 26 50.47 47.95 -55.45
N TYR I 27 49.77 48.82 -54.73
CA TYR I 27 48.59 48.44 -53.95
C TYR I 27 47.37 49.01 -54.63
N SER I 28 46.47 48.14 -55.09
CA SER I 28 45.32 48.53 -55.87
C SER I 28 44.03 48.06 -55.20
N CYS I 29 43.07 48.97 -55.10
CA CYS I 29 41.74 48.60 -54.66
C CYS I 29 41.04 47.78 -55.74
N ARG I 30 40.01 47.03 -55.33
CA ARG I 30 39.28 46.19 -56.25
C ARG I 30 37.94 46.77 -56.68
N ASN I 31 37.33 47.61 -55.85
CA ASN I 31 36.08 48.28 -56.20
C ASN I 31 36.32 49.65 -56.84
N CYS I 32 37.58 50.03 -57.04
CA CYS I 32 37.90 51.34 -57.57
C CYS I 32 39.25 51.27 -58.27
N ASP I 33 39.51 52.26 -59.11
CA ASP I 33 40.74 52.30 -59.90
C ASP I 33 41.90 52.90 -59.14
N TYR I 34 41.72 53.27 -57.88
CA TYR I 34 42.80 53.86 -57.11
C TYR I 34 43.97 52.89 -56.98
N THR I 35 45.18 53.41 -57.14
CA THR I 35 46.39 52.62 -57.02
C THR I 35 47.49 53.51 -56.46
N GLU I 36 48.24 52.98 -55.50
CA GLU I 36 49.30 53.72 -54.84
C GLU I 36 50.58 52.90 -54.84
N LEU I 37 51.71 53.58 -54.92
CA LEU I 37 53.00 52.91 -55.00
C LEU I 37 53.35 52.25 -53.68
N ALA I 38 53.93 51.05 -53.77
CA ALA I 38 54.35 50.33 -52.58
C ALA I 38 55.75 50.77 -52.16
N GLU I 39 55.93 51.02 -50.87
CA GLU I 39 57.22 51.45 -50.36
C GLU I 39 58.11 50.28 -49.95
N ASP I 40 57.53 49.28 -49.29
CA ASP I 40 58.31 48.17 -48.76
C ASP I 40 58.08 46.91 -49.59
N PRO I 41 59.11 46.07 -49.76
CA PRO I 41 58.94 44.82 -50.51
C PRO I 41 58.35 43.68 -49.70
N LYS I 42 58.21 43.82 -48.38
CA LYS I 42 57.70 42.75 -47.53
C LYS I 42 56.18 42.67 -47.72
N VAL I 43 55.77 41.87 -48.71
CA VAL I 43 54.36 41.74 -49.01
C VAL I 43 53.63 40.99 -47.89
N TYR I 44 54.24 39.91 -47.39
CA TYR I 44 53.59 39.06 -46.41
C TYR I 44 54.64 38.49 -45.47
N ARG I 45 54.28 38.38 -44.20
CA ARG I 45 55.17 37.82 -43.19
C ARG I 45 54.37 36.95 -42.23
N HIS I 46 54.88 35.76 -41.94
CA HIS I 46 54.25 34.84 -41.00
C HIS I 46 55.30 34.37 -40.01
N GLU I 47 55.01 34.50 -38.72
CA GLU I 47 55.94 34.13 -37.67
C GLU I 47 55.53 32.77 -37.11
N LEU I 48 56.44 31.79 -37.24
CA LEU I 48 56.17 30.47 -36.67
C LEU I 48 56.28 30.50 -35.15
N ILE I 49 57.28 31.20 -34.63
CA ILE I 49 57.45 31.39 -33.18
C ILE I 49 57.41 32.89 -32.92
N THR I 50 56.51 33.32 -32.06
CA THR I 50 56.26 34.73 -31.81
C THR I 50 56.40 35.06 -30.33
N ASN I 51 56.71 36.32 -30.05
CA ASN I 51 56.87 36.81 -28.69
C ASN I 51 55.94 37.96 -28.35
N ILE I 52 55.13 38.44 -29.30
CA ILE I 52 54.22 39.53 -29.02
C ILE I 52 53.12 39.05 -28.07
N GLY I 53 52.60 39.97 -27.26
CA GLY I 53 51.67 39.63 -26.22
C GLY I 53 52.32 39.25 -24.90
N GLU I 54 53.65 39.27 -24.83
CA GLU I 54 54.36 38.93 -23.60
C GLU I 54 54.52 40.14 -22.69
N THR I 55 55.08 41.23 -23.23
CA THR I 55 55.26 42.47 -22.49
C THR I 55 54.32 43.57 -22.93
N ALA I 56 53.55 43.37 -24.01
CA ALA I 56 52.63 44.39 -24.50
C ALA I 56 51.46 44.61 -23.54
N GLY I 57 51.16 43.65 -22.68
CA GLY I 57 50.07 43.79 -21.73
C GLY I 57 50.40 44.72 -20.59
N ILE I 58 50.52 46.02 -20.88
CA ILE I 58 50.86 47.03 -19.89
C ILE I 58 49.80 48.12 -19.93
N VAL I 59 49.40 48.59 -18.74
CA VAL I 59 48.50 49.71 -18.60
C VAL I 59 49.12 50.68 -17.60
N ASP I 60 48.73 51.96 -17.73
CA ASP I 60 49.33 52.99 -16.90
C ASP I 60 48.87 52.88 -15.45
N ASP I 61 47.66 52.39 -15.20
CA ASP I 61 47.10 52.32 -13.86
C ASP I 61 47.18 50.92 -13.26
N ILE I 62 48.19 50.13 -13.66
CA ILE I 62 48.38 48.81 -13.07
C ILE I 62 48.85 48.91 -11.63
N GLY I 63 49.32 50.08 -11.19
CA GLY I 63 49.74 50.25 -9.81
C GLY I 63 48.61 50.46 -8.84
N GLN I 64 47.38 50.54 -9.33
CA GLN I 64 46.20 50.71 -8.48
C GLN I 64 45.54 49.39 -8.11
N ASP I 65 46.08 48.27 -8.58
CA ASP I 65 45.52 46.97 -8.24
C ASP I 65 45.99 46.55 -6.87
N PRO I 66 45.10 46.31 -5.90
CA PRO I 66 45.55 45.89 -4.57
C PRO I 66 45.94 44.42 -4.49
N THR I 67 45.50 43.59 -5.43
CA THR I 67 45.78 42.16 -5.37
C THR I 67 47.16 41.80 -5.90
N LEU I 68 47.90 42.77 -6.43
CA LEU I 68 49.22 42.53 -7.01
C LEU I 68 50.31 42.65 -5.95
N PRO I 69 51.26 41.71 -5.94
CA PRO I 69 52.34 41.79 -4.95
C PRO I 69 53.23 42.99 -5.17
N ARG I 70 53.78 43.52 -4.08
CA ARG I 70 54.64 44.68 -4.11
C ARG I 70 56.03 44.29 -3.64
N SER I 71 57.04 44.63 -4.45
CA SER I 71 58.43 44.26 -4.18
C SER I 71 59.26 45.52 -3.98
N ASP I 72 60.56 45.32 -3.78
CA ASP I 72 61.50 46.41 -3.56
C ASP I 72 62.64 46.42 -4.58
N LYS I 73 62.41 45.89 -5.78
CA LYS I 73 63.42 45.94 -6.82
C LYS I 73 63.68 47.37 -7.26
N GLU I 74 64.92 47.63 -7.65
CA GLU I 74 65.33 48.99 -8.01
C GLU I 74 64.95 49.30 -9.44
N CYS I 75 64.27 50.43 -9.63
CA CYS I 75 63.85 50.85 -10.96
C CYS I 75 65.04 51.45 -11.72
N PRO I 76 65.33 50.99 -12.93
CA PRO I 76 66.41 51.61 -13.72
C PRO I 76 66.17 53.08 -14.01
N GLU I 77 64.92 53.50 -14.18
CA GLU I 77 64.62 54.88 -14.55
C GLU I 77 64.43 55.78 -13.32
N CYS I 78 63.47 55.43 -12.46
CA CYS I 78 63.14 56.29 -11.33
C CYS I 78 63.94 55.96 -10.07
N HIS I 79 64.47 54.73 -9.97
CA HIS I 79 65.20 54.28 -8.78
C HIS I 79 64.32 54.38 -7.53
N SER I 80 63.04 54.06 -7.68
CA SER I 80 62.12 54.07 -6.56
C SER I 80 62.29 52.81 -5.71
N ARG I 81 61.86 52.91 -4.45
CA ARG I 81 61.93 51.79 -3.52
C ARG I 81 60.71 50.88 -3.59
N ASP I 82 59.66 51.28 -4.29
CA ASP I 82 58.42 50.53 -4.36
C ASP I 82 58.15 50.13 -5.82
N CYS I 83 57.84 48.86 -6.04
CA CYS I 83 57.56 48.37 -7.37
C CYS I 83 56.54 47.24 -7.30
N VAL I 84 55.88 47.00 -8.43
CA VAL I 84 54.89 45.94 -8.56
C VAL I 84 55.32 45.03 -9.69
N PHE I 85 55.31 43.72 -9.44
CA PHE I 85 55.79 42.75 -10.42
C PHE I 85 54.69 41.73 -10.73
N PHE I 86 54.77 41.17 -11.94
CA PHE I 86 53.84 40.14 -12.38
C PHE I 86 54.53 39.31 -13.45
N GLN I 87 54.01 38.09 -13.65
CA GLN I 87 54.56 37.22 -14.67
C GLN I 87 53.93 37.53 -16.03
N SER I 88 54.33 36.77 -17.04
CA SER I 88 53.92 37.06 -18.41
C SER I 88 52.41 36.95 -18.58
N GLN I 89 51.83 37.94 -19.28
CA GLN I 89 50.40 37.90 -19.56
C GLN I 89 50.07 36.83 -20.58
N GLN I 90 50.94 36.62 -21.56
CA GLN I 90 50.78 35.51 -22.49
C GLN I 90 50.80 34.20 -21.70
N ARG I 91 49.81 33.35 -21.95
CA ARG I 91 49.60 32.14 -21.15
C ARG I 91 49.50 30.91 -22.03
N ARG I 92 50.45 30.77 -22.94
CA ARG I 92 50.59 29.50 -23.63
C ARG I 92 51.16 28.44 -22.68
N LYS I 93 50.99 27.17 -23.08
CA LYS I 93 51.40 26.06 -22.23
C LYS I 93 52.90 26.02 -22.00
N ASP I 94 53.69 26.58 -22.91
CA ASP I 94 55.15 26.58 -22.81
C ASP I 94 55.70 27.96 -22.45
N THR I 95 54.90 28.78 -21.77
CA THR I 95 55.32 30.13 -21.43
C THR I 95 56.35 30.11 -20.30
N ASN I 96 57.35 30.98 -20.42
CA ASN I 96 58.33 31.15 -19.36
C ASN I 96 57.69 31.85 -18.16
N MET I 97 58.31 31.69 -17.00
CA MET I 97 57.80 32.23 -15.75
C MET I 97 58.52 33.51 -15.34
N THR I 98 59.18 34.20 -16.28
CA THR I 98 59.92 35.40 -15.94
C THR I 98 58.98 36.51 -15.46
N LEU I 99 59.48 37.33 -14.55
CA LEU I 99 58.71 38.40 -13.94
C LEU I 99 58.96 39.73 -14.64
N PHE I 100 57.92 40.55 -14.69
CA PHE I 100 58.01 41.90 -15.25
C PHE I 100 57.71 42.90 -14.14
N TYR I 101 58.65 43.79 -13.88
CA TYR I 101 58.56 44.73 -12.77
C TYR I 101 58.18 46.10 -13.28
N VAL I 102 57.18 46.70 -12.64
CA VAL I 102 56.65 48.01 -13.03
C VAL I 102 56.77 48.95 -11.84
N CYS I 103 57.43 50.09 -12.06
CA CYS I 103 57.53 51.11 -11.04
C CYS I 103 56.28 51.99 -11.05
N LEU I 104 56.10 52.74 -9.97
CA LEU I 104 54.91 53.57 -9.80
C LEU I 104 55.05 54.95 -10.42
N ASN I 105 56.24 55.36 -10.84
CA ASN I 105 56.45 56.67 -11.45
C ASN I 105 56.61 56.56 -12.96
N CYS I 106 57.59 55.78 -13.43
CA CYS I 106 57.87 55.68 -14.86
C CYS I 106 57.18 54.52 -15.53
N LYS I 107 56.78 53.49 -14.77
CA LYS I 107 56.01 52.35 -15.28
C LYS I 107 56.79 51.56 -16.32
N LYS I 108 58.12 51.66 -16.31
CA LYS I 108 58.93 50.90 -17.24
C LYS I 108 58.94 49.43 -16.87
N THR I 109 58.77 48.58 -17.88
CA THR I 109 58.76 47.13 -17.70
C THR I 109 60.18 46.60 -17.91
N PHE I 110 60.68 45.85 -16.93
CA PHE I 110 62.02 45.29 -17.00
C PHE I 110 62.02 43.96 -16.28
N ARG I 111 63.14 43.25 -16.37
CA ARG I 111 63.29 41.93 -15.77
C ARG I 111 64.55 41.90 -14.91
N ASP I 112 64.67 40.82 -14.13
CA ASP I 112 65.84 40.60 -13.28
C ASP I 112 66.93 39.80 -13.98
N GLU I 113 66.73 39.43 -15.24
CA GLU I 113 67.71 38.64 -15.98
C GLU I 113 69.01 39.41 -16.18
N MET J 1 12.68 17.14 28.04
CA MET J 1 11.28 17.51 28.15
C MET J 1 10.96 17.90 29.58
N ILE J 2 11.40 17.07 30.51
CA ILE J 2 11.26 17.33 31.94
C ILE J 2 12.39 16.57 32.63
N ILE J 3 12.82 17.08 33.78
CA ILE J 3 14.07 16.60 34.38
C ILE J 3 13.96 15.10 34.66
N PRO J 4 14.93 14.29 34.23
CA PRO J 4 14.82 12.84 34.46
C PRO J 4 14.87 12.50 35.93
N VAL J 5 14.18 11.42 36.29
CA VAL J 5 14.11 11.02 37.69
C VAL J 5 15.46 10.54 38.19
N ARG J 6 16.12 9.68 37.43
CA ARG J 6 17.39 9.08 37.82
C ARG J 6 18.47 9.48 36.82
N CYS J 7 19.69 9.61 37.32
CA CYS J 7 20.84 9.77 36.44
C CYS J 7 21.02 8.52 35.59
N PHE J 8 21.27 8.72 34.30
CA PHE J 8 21.34 7.58 33.38
C PHE J 8 22.48 6.64 33.75
N SER J 9 23.65 7.20 34.07
CA SER J 9 24.84 6.37 34.20
C SER J 9 24.82 5.55 35.49
N CYS J 10 24.70 6.20 36.64
CA CYS J 10 24.79 5.51 37.91
C CYS J 10 23.43 5.20 38.51
N GLY J 11 22.50 6.14 38.48
CA GLY J 11 21.19 5.92 39.03
C GLY J 11 20.82 6.80 40.20
N LYS J 12 21.63 7.79 40.52
CA LYS J 12 21.27 8.73 41.57
C LYS J 12 20.01 9.48 41.19
N VAL J 13 19.17 9.77 42.18
CA VAL J 13 17.92 10.48 41.95
C VAL J 13 18.24 11.97 41.83
N VAL J 14 18.09 12.52 40.63
CA VAL J 14 18.30 13.94 40.38
C VAL J 14 17.02 14.67 40.06
N GLY J 15 15.88 13.97 40.05
CA GLY J 15 14.63 14.60 39.67
C GLY J 15 14.05 15.54 40.70
N ASP J 16 14.55 15.52 41.93
CA ASP J 16 14.05 16.38 43.00
C ASP J 16 14.93 17.60 43.22
N LYS J 17 15.90 17.84 42.35
CA LYS J 17 16.85 18.92 42.52
C LYS J 17 16.74 20.00 41.46
N TRP J 18 15.75 19.92 40.57
CA TRP J 18 15.63 20.93 39.52
C TRP J 18 15.20 22.28 40.10
N ASP J 19 14.19 22.27 40.96
CA ASP J 19 13.71 23.52 41.55
C ASP J 19 14.78 24.15 42.43
N ALA J 20 15.48 23.34 43.24
CA ALA J 20 16.54 23.88 44.06
C ALA J 20 17.67 24.44 43.21
N TYR J 21 17.99 23.77 42.11
CA TYR J 21 19.02 24.26 41.21
C TYR J 21 18.64 25.61 40.62
N LEU J 22 17.39 25.76 40.18
CA LEU J 22 16.96 27.03 39.64
C LEU J 22 16.96 28.12 40.71
N ARG J 23 16.54 27.78 41.93
CA ARG J 23 16.59 28.75 43.02
C ARG J 23 18.01 29.21 43.29
N LEU J 24 18.96 28.28 43.30
CA LEU J 24 20.35 28.65 43.54
C LEU J 24 20.88 29.53 42.42
N LEU J 25 20.59 29.18 41.17
CA LEU J 25 21.04 30.02 40.06
C LEU J 25 20.41 31.41 40.13
N GLU J 26 19.19 31.50 40.65
CA GLU J 26 18.53 32.81 40.77
C GLU J 26 19.31 33.74 41.70
N GLU J 27 19.86 33.21 42.77
CA GLU J 27 20.61 33.99 43.75
C GLU J 27 21.98 34.40 43.27
N GLY J 28 22.39 34.12 42.04
CA GLY J 28 23.68 34.55 41.56
C GLY J 28 24.80 33.54 41.69
N LYS J 29 24.54 32.37 42.27
CA LYS J 29 25.58 31.35 42.35
C LYS J 29 25.95 30.85 40.96
N GLN J 30 27.21 30.49 40.79
CA GLN J 30 27.67 29.93 39.54
C GLN J 30 27.16 28.49 39.40
N GLU J 31 27.15 28.00 38.16
CA GLU J 31 26.59 26.67 37.90
C GLU J 31 27.38 25.59 38.62
N GLY J 32 28.72 25.68 38.61
CA GLY J 32 29.50 24.70 39.34
C GLY J 32 29.25 24.74 40.82
N ASP J 33 29.17 25.94 41.40
CA ASP J 33 28.89 26.06 42.82
C ASP J 33 27.50 25.57 43.15
N ALA J 34 26.52 25.85 42.28
CA ALA J 34 25.17 25.36 42.51
C ALA J 34 25.12 23.84 42.49
N LEU J 35 25.82 23.22 41.54
CA LEU J 35 25.84 21.77 41.47
C LEU J 35 26.58 21.16 42.67
N ASP J 36 27.62 21.85 43.14
CA ASP J 36 28.33 21.36 44.31
C ASP J 36 27.47 21.47 45.57
N GLU J 37 26.67 22.52 45.67
CA GLU J 37 25.84 22.71 46.85
C GLU J 37 24.74 21.67 46.94
N LEU J 38 24.34 21.09 45.82
CA LEU J 38 23.34 20.03 45.79
C LEU J 38 23.94 18.65 46.03
N LYS J 39 25.25 18.58 46.26
CA LYS J 39 25.96 17.32 46.51
C LYS J 39 25.89 16.40 45.29
N LEU J 40 26.24 16.96 44.13
CA LEU J 40 26.40 16.19 42.90
C LEU J 40 27.89 16.15 42.60
N LYS J 41 28.54 15.06 43.02
CA LYS J 41 29.99 14.95 42.90
C LYS J 41 30.42 14.40 41.53
N ARG J 42 29.89 13.23 41.18
CA ARG J 42 30.26 12.59 39.93
C ARG J 42 29.79 13.42 38.74
N TYR J 43 30.64 13.54 37.72
CA TYR J 43 30.27 14.36 36.58
C TYR J 43 29.17 13.72 35.75
N CYS J 44 28.98 12.40 35.88
CA CYS J 44 27.85 11.76 35.23
C CYS J 44 26.53 12.32 35.72
N CYS J 45 26.44 12.62 37.03
CA CYS J 45 25.26 13.27 37.56
C CYS J 45 25.21 14.74 37.19
N ARG J 46 26.36 15.40 37.16
CA ARG J 46 26.38 16.83 36.90
C ARG J 46 25.91 17.13 35.48
N ARG J 47 26.22 16.27 34.52
CA ARG J 47 25.75 16.52 33.16
C ARG J 47 24.24 16.41 33.05
N MET J 48 23.58 15.67 33.95
CA MET J 48 22.14 15.52 33.86
C MET J 48 21.44 16.84 34.15
N VAL J 49 21.88 17.54 35.18
CA VAL J 49 21.26 18.81 35.53
C VAL J 49 21.81 19.94 34.68
N LEU J 50 23.09 19.85 34.31
CA LEU J 50 23.74 20.93 33.60
C LEU J 50 23.21 21.07 32.17
N THR J 51 22.97 19.94 31.51
CA THR J 51 22.61 19.94 30.10
C THR J 51 21.13 19.67 29.85
N HIS J 52 20.30 19.73 30.88
CA HIS J 52 18.88 19.51 30.69
C HIS J 52 18.23 20.75 30.08
N VAL J 53 17.41 20.53 29.07
CA VAL J 53 16.61 21.58 28.45
C VAL J 53 15.15 21.33 28.80
N ASP J 54 14.48 22.36 29.32
CA ASP J 54 13.14 22.22 29.87
C ASP J 54 12.14 22.61 28.79
N LEU J 55 11.62 21.61 28.09
CA LEU J 55 10.70 21.84 27.00
C LEU J 55 9.25 21.84 27.41
N ILE J 56 8.92 21.30 28.59
CA ILE J 56 7.53 21.26 29.01
C ILE J 56 6.96 22.65 29.20
N GLU J 57 7.82 23.63 29.53
CA GLU J 57 7.36 25.00 29.63
C GLU J 57 6.90 25.56 28.29
N LYS J 58 7.33 24.94 27.19
CA LYS J 58 6.85 25.32 25.86
C LYS J 58 5.61 24.54 25.46
N PHE J 59 5.49 23.28 25.88
CA PHE J 59 4.29 22.51 25.59
C PHE J 59 3.10 23.01 26.38
N LEU J 60 3.34 23.54 27.57
CA LEU J 60 2.24 24.00 28.41
C LEU J 60 1.62 25.29 27.89
N ARG J 61 2.30 26.01 27.00
CA ARG J 61 1.75 27.26 26.50
C ARG J 61 0.63 27.05 25.49
N TYR J 62 0.41 25.82 25.04
CA TYR J 62 -0.70 25.54 24.14
C TYR J 62 -1.97 25.29 24.92
N ASN J 63 -3.07 25.81 24.38
CA ASN J 63 -4.36 25.74 25.07
C ASN J 63 -4.77 24.28 25.23
N PRO J 64 -5.17 23.85 26.43
CA PRO J 64 -5.54 22.45 26.63
C PRO J 64 -6.68 22.02 25.74
N LEU J 65 -6.63 20.77 25.29
CA LEU J 65 -7.56 20.24 24.32
C LEU J 65 -8.93 19.91 24.91
N GLU J 66 -9.07 19.90 26.23
CA GLU J 66 -10.32 19.59 26.89
C GLU J 66 -10.58 20.58 28.01
N LYS J 67 -11.81 20.55 28.51
CA LYS J 67 -12.19 21.39 29.65
C LYS J 67 -13.44 20.86 30.32
N MET K 1 10.61 -6.96 19.90
CA MET K 1 9.94 -7.97 19.10
C MET K 1 10.48 -9.36 19.41
N ASN K 2 11.79 -9.53 19.28
CA ASN K 2 12.46 -10.78 19.61
C ASN K 2 13.17 -10.72 20.95
N ALA K 3 13.00 -9.64 21.69
CA ALA K 3 13.68 -9.49 22.98
C ALA K 3 13.10 -10.47 23.99
N PRO K 4 13.93 -11.26 24.67
CA PRO K 4 13.39 -12.19 25.66
C PRO K 4 12.95 -11.47 26.92
N ASP K 5 12.14 -12.17 27.71
CA ASP K 5 11.67 -11.62 28.97
C ASP K 5 12.83 -11.50 29.96
N ARG K 6 12.82 -10.42 30.74
CA ARG K 6 13.94 -10.15 31.63
C ARG K 6 13.96 -11.13 32.80
N PHE K 7 12.81 -11.66 33.20
CA PHE K 7 12.80 -12.59 34.33
C PHE K 7 13.44 -13.93 33.98
N GLU K 8 13.67 -14.20 32.70
CA GLU K 8 14.34 -15.43 32.31
C GLU K 8 15.81 -15.46 32.73
N LEU K 9 16.35 -14.34 33.19
CA LEU K 9 17.72 -14.33 33.66
C LEU K 9 17.88 -15.08 34.98
N PHE K 10 16.84 -15.09 35.82
CA PHE K 10 16.92 -15.68 37.14
C PHE K 10 15.80 -16.64 37.50
N ILE K 11 14.71 -16.67 36.75
CA ILE K 11 13.59 -17.57 37.05
C ILE K 11 13.82 -18.88 36.32
N LEU K 12 13.85 -19.96 37.06
CA LEU K 12 14.21 -21.27 36.56
C LEU K 12 12.95 -22.01 36.08
N PRO K 13 12.94 -22.51 34.84
CA PRO K 13 11.82 -23.35 34.40
C PRO K 13 11.76 -24.65 35.18
N ASP K 14 10.57 -25.22 35.26
CA ASP K 14 10.37 -26.43 36.06
C ASP K 14 11.15 -27.61 35.50
N ASP K 15 11.19 -27.76 34.18
CA ASP K 15 11.85 -28.89 33.56
C ASP K 15 13.36 -28.76 33.48
N VAL K 16 13.90 -27.59 33.78
CA VAL K 16 15.35 -27.34 33.69
C VAL K 16 15.93 -27.52 35.09
N PRO K 17 16.87 -28.44 35.29
CA PRO K 17 17.50 -28.57 36.61
C PRO K 17 18.45 -27.42 36.88
N LYS K 18 18.51 -27.00 38.14
CA LYS K 18 19.39 -25.92 38.53
C LYS K 18 20.86 -26.29 38.38
N LEU K 19 21.18 -27.58 38.43
CA LEU K 19 22.57 -27.98 38.61
C LEU K 19 22.74 -29.37 38.03
N LYS K 20 23.43 -29.47 36.89
CA LYS K 20 23.64 -30.74 36.20
C LYS K 20 25.12 -31.08 36.23
N ILE K 21 25.45 -32.28 36.67
CA ILE K 21 26.83 -32.71 36.84
C ILE K 21 27.08 -33.90 35.92
N THR K 22 28.13 -33.81 35.11
CA THR K 22 28.55 -34.88 34.23
C THR K 22 30.05 -35.10 34.36
N PRO K 23 30.50 -36.35 34.46
CA PRO K 23 31.94 -36.60 34.62
C PRO K 23 32.70 -36.27 33.34
N ASP K 24 33.96 -35.92 33.54
CA ASP K 24 34.90 -35.66 32.44
C ASP K 24 35.92 -36.80 32.46
N SER K 25 35.78 -37.73 31.50
CA SER K 25 36.57 -38.95 31.52
C SER K 25 37.96 -38.79 30.92
N ARG K 26 38.26 -37.65 30.29
CA ARG K 26 39.57 -37.46 29.69
C ARG K 26 40.67 -37.46 30.74
N VAL K 27 40.39 -36.96 31.94
CA VAL K 27 41.36 -36.93 33.02
C VAL K 27 40.72 -37.54 34.25
N PRO K 28 41.50 -38.13 35.17
CA PRO K 28 40.89 -38.84 36.29
C PRO K 28 40.32 -37.89 37.33
N ASN K 29 39.17 -38.27 37.88
CA ASN K 29 38.57 -37.60 39.03
C ASN K 29 38.22 -36.15 38.70
N CYS K 30 37.51 -35.97 37.59
CA CYS K 30 37.12 -34.65 37.10
C CYS K 30 35.65 -34.66 36.76
N ILE K 31 34.96 -33.55 37.04
CA ILE K 31 33.55 -33.42 36.74
C ILE K 31 33.30 -32.07 36.08
N ILE K 32 32.22 -32.00 35.31
CA ILE K 32 31.79 -30.78 34.64
C ILE K 32 30.42 -30.42 35.19
N ILE K 33 30.29 -29.21 35.73
CA ILE K 33 29.07 -28.79 36.39
C ILE K 33 28.46 -27.66 35.59
N LYS K 34 27.17 -27.77 35.31
CA LYS K 34 26.44 -26.78 34.52
C LYS K 34 25.43 -26.08 35.43
N PHE K 35 25.68 -24.80 35.71
CA PHE K 35 24.80 -23.99 36.54
C PHE K 35 23.82 -23.23 35.65
N GLU K 36 22.54 -23.29 35.98
CA GLU K 36 21.51 -22.61 35.21
C GLU K 36 21.02 -21.38 35.97
N ARG K 37 20.77 -20.31 35.23
CA ARG K 37 20.32 -19.04 35.80
C ARG K 37 21.30 -18.49 36.82
N GLU K 38 22.58 -18.52 36.46
CA GLU K 38 23.65 -17.97 37.29
C GLU K 38 24.64 -17.26 36.38
N ASP K 39 25.53 -16.47 36.99
CA ASP K 39 26.47 -15.65 36.24
C ASP K 39 27.76 -15.53 37.05
N HIS K 40 28.57 -14.52 36.72
CA HIS K 40 29.88 -14.36 37.32
C HIS K 40 29.82 -14.19 38.83
N THR K 41 28.69 -13.74 39.38
CA THR K 41 28.62 -13.46 40.81
C THR K 41 28.89 -14.71 41.63
N LEU K 42 28.23 -15.82 41.31
CA LEU K 42 28.47 -17.06 42.03
C LEU K 42 29.71 -17.76 41.51
N ALA K 43 29.93 -17.69 40.20
CA ALA K 43 30.99 -18.47 39.57
C ALA K 43 32.36 -18.02 40.04
N ASN K 44 32.63 -16.71 40.01
CA ASN K 44 33.95 -16.22 40.41
C ASN K 44 34.20 -16.48 41.88
N LEU K 45 33.18 -16.30 42.71
CA LEU K 45 33.29 -16.59 44.14
C LEU K 45 33.70 -18.04 44.36
N LEU K 46 32.98 -18.98 43.74
CA LEU K 46 33.30 -20.39 43.91
C LEU K 46 34.69 -20.71 43.37
N ARG K 47 35.03 -20.17 42.21
CA ARG K 47 36.31 -20.49 41.59
C ARG K 47 37.47 -20.04 42.45
N GLU K 48 37.43 -18.79 42.93
CA GLU K 48 38.55 -18.30 43.71
C GLU K 48 38.58 -18.92 45.10
N GLU K 49 37.45 -19.38 45.61
CA GLU K 49 37.50 -20.13 46.86
C GLU K 49 38.14 -21.49 46.66
N LEU K 50 37.76 -22.20 45.59
CA LEU K 50 38.26 -23.54 45.38
C LEU K 50 39.73 -23.54 44.95
N ALA K 51 40.20 -22.46 44.32
CA ALA K 51 41.58 -22.43 43.87
C ALA K 51 42.59 -22.50 45.00
N LEU K 52 42.17 -22.19 46.22
CA LEU K 52 43.08 -22.19 47.36
C LEU K 52 43.16 -23.52 48.08
N TYR K 53 42.32 -24.48 47.74
CA TYR K 53 42.32 -25.76 48.42
C TYR K 53 43.47 -26.63 47.92
N PRO K 54 44.29 -27.18 48.82
CA PRO K 54 45.44 -27.99 48.36
C PRO K 54 45.04 -29.24 47.59
N ASP K 55 43.82 -29.75 47.77
CA ASP K 55 43.41 -30.97 47.11
C ASP K 55 42.68 -30.73 45.79
N VAL K 56 42.56 -29.49 45.36
CA VAL K 56 41.94 -29.16 44.08
C VAL K 56 43.04 -28.78 43.11
N THR K 57 43.19 -29.55 42.03
CA THR K 57 44.28 -29.36 41.10
C THR K 57 43.88 -28.58 39.86
N PHE K 58 42.59 -28.49 39.55
CA PHE K 58 42.14 -27.69 38.42
C PHE K 58 40.73 -27.21 38.68
N VAL K 59 40.50 -25.91 38.56
CA VAL K 59 39.16 -25.34 38.65
C VAL K 59 39.08 -24.19 37.66
N ALA K 60 38.00 -24.14 36.90
CA ALA K 60 37.81 -23.08 35.92
C ALA K 60 36.32 -22.98 35.61
N TYR K 61 35.95 -21.88 34.98
CA TYR K 61 34.57 -21.69 34.57
C TYR K 61 34.53 -20.79 33.36
N LYS K 62 33.42 -20.84 32.63
CA LYS K 62 33.25 -19.96 31.49
C LYS K 62 31.77 -19.71 31.27
N VAL K 63 31.46 -18.52 30.80
CA VAL K 63 30.11 -18.17 30.36
C VAL K 63 30.11 -18.21 28.85
N GLU K 64 29.39 -19.18 28.27
CA GLU K 64 29.46 -19.43 26.85
C GLU K 64 29.02 -18.21 26.04
N HIS K 65 27.94 -17.57 26.47
CA HIS K 65 27.36 -16.47 25.72
C HIS K 65 26.72 -15.50 26.70
N PRO K 66 26.97 -14.20 26.56
CA PRO K 66 26.33 -13.24 27.48
C PRO K 66 24.82 -13.19 27.37
N LEU K 67 24.25 -13.62 26.26
CA LEU K 67 22.80 -13.55 26.08
C LEU K 67 22.07 -14.72 26.72
N PHE K 68 22.78 -15.69 27.27
CA PHE K 68 22.17 -16.82 27.97
C PHE K 68 22.72 -16.84 29.40
N ALA K 69 21.82 -16.98 30.37
CA ALA K 69 22.19 -16.89 31.78
C ALA K 69 22.50 -18.28 32.31
N ASN K 70 23.74 -18.72 32.10
CA ASN K 70 24.24 -19.97 32.66
C ASN K 70 25.75 -19.96 32.52
N PHE K 71 26.40 -20.82 33.28
CA PHE K 71 27.84 -20.99 33.16
C PHE K 71 28.18 -22.44 33.45
N VAL K 72 29.34 -22.86 32.99
CA VAL K 72 29.79 -24.24 33.13
C VAL K 72 31.15 -24.23 33.81
N MET K 73 31.32 -25.11 34.80
CA MET K 73 32.50 -25.12 35.64
C MET K 73 33.16 -26.48 35.57
N ARG K 74 34.49 -26.49 35.47
CA ARG K 74 35.29 -27.70 35.44
C ARG K 74 36.09 -27.80 36.72
N LEU K 75 35.97 -28.93 37.40
CA LEU K 75 36.64 -29.16 38.68
C LEU K 75 37.33 -30.50 38.66
N GLN K 76 38.50 -30.58 39.27
CA GLN K 76 39.32 -31.79 39.18
C GLN K 76 40.23 -31.82 40.41
N THR K 77 40.02 -32.80 41.27
CA THR K 77 40.68 -32.88 42.56
C THR K 77 41.73 -34.00 42.56
N GLU K 78 42.35 -34.18 43.72
CA GLU K 78 43.32 -35.25 43.91
C GLU K 78 42.62 -36.60 43.93
N GLU K 79 43.42 -37.66 44.11
CA GLU K 79 42.87 -39.01 44.09
C GLU K 79 42.01 -39.28 45.32
N GLY K 80 42.42 -38.78 46.48
CA GLY K 80 41.68 -39.06 47.70
C GLY K 80 40.31 -38.42 47.74
N THR K 81 40.18 -37.23 47.18
CA THR K 81 38.99 -36.40 47.36
C THR K 81 38.06 -36.49 46.15
N ARG K 82 36.79 -36.74 46.43
CA ARG K 82 35.77 -36.63 45.39
C ARG K 82 35.46 -35.16 45.14
N PRO K 83 35.34 -34.74 43.88
CA PRO K 83 35.18 -33.30 43.60
C PRO K 83 33.93 -32.68 44.22
N LYS K 84 32.84 -33.43 44.30
CA LYS K 84 31.60 -32.86 44.84
C LYS K 84 31.75 -32.49 46.30
N GLN K 85 32.52 -33.29 47.04
CA GLN K 85 32.81 -32.94 48.44
C GLN K 85 33.59 -31.64 48.51
N ALA K 86 34.54 -31.43 47.60
CA ALA K 86 35.28 -30.18 47.57
C ALA K 86 34.36 -29.00 47.28
N LEU K 87 33.43 -29.18 46.35
CA LEU K 87 32.48 -28.11 46.06
C LEU K 87 31.63 -27.78 47.28
N GLU K 88 31.16 -28.80 48.00
CA GLU K 88 30.38 -28.56 49.20
C GLU K 88 31.20 -27.84 50.27
N ARG K 89 32.47 -28.24 50.44
CA ARG K 89 33.33 -27.57 51.40
C ARG K 89 33.53 -26.11 51.04
N ALA K 90 33.70 -25.82 49.74
CA ALA K 90 33.84 -24.44 49.32
C ALA K 90 32.59 -23.63 49.64
N CYS K 91 31.41 -24.18 49.36
CA CYS K 91 30.17 -23.46 49.65
C CYS K 91 30.04 -23.18 51.13
N ALA K 92 30.29 -24.18 51.97
CA ALA K 92 30.17 -23.98 53.41
C ALA K 92 31.19 -22.97 53.93
N SER K 93 32.41 -23.02 53.42
CA SER K 93 33.44 -22.09 53.88
C SER K 93 33.08 -20.66 53.51
N ILE K 94 32.60 -20.43 52.30
CA ILE K 94 32.22 -19.08 51.93
C ILE K 94 31.03 -18.61 52.77
N ILE K 95 30.12 -19.52 53.10
CA ILE K 95 28.98 -19.14 53.95
C ILE K 95 29.48 -18.69 55.31
N ASN K 96 30.41 -19.42 55.90
CA ASN K 96 30.95 -19.02 57.20
C ASN K 96 31.68 -17.67 57.11
N LYS K 97 32.44 -17.46 56.04
CA LYS K 97 33.11 -16.18 55.87
C LYS K 97 32.11 -15.04 55.81
N LEU K 98 31.04 -15.21 55.04
CA LEU K 98 30.03 -14.17 54.95
C LEU K 98 29.35 -13.94 56.28
N LYS K 99 29.11 -15.01 57.04
CA LYS K 99 28.46 -14.87 58.34
C LYS K 99 29.31 -14.05 59.30
N THR K 100 30.59 -14.37 59.40
CA THR K 100 31.45 -13.58 60.29
C THR K 100 31.61 -12.16 59.79
N LEU K 101 31.62 -11.95 58.47
CA LEU K 101 31.68 -10.59 57.94
C LEU K 101 30.45 -9.79 58.35
N ASP K 102 29.27 -10.39 58.25
CA ASP K 102 28.05 -9.71 58.67
C ASP K 102 28.08 -9.37 60.15
N HIS K 103 28.52 -10.31 60.98
CA HIS K 103 28.58 -10.05 62.41
C HIS K 103 29.51 -8.88 62.72
N LYS K 104 30.69 -8.87 62.10
CA LYS K 104 31.64 -7.79 62.36
C LYS K 104 31.12 -6.45 61.87
N PHE K 105 30.46 -6.43 60.71
CA PHE K 105 29.91 -5.18 60.23
C PHE K 105 28.83 -4.66 61.16
N ASN K 106 27.99 -5.55 61.68
CA ASN K 106 26.95 -5.10 62.61
C ASN K 106 27.58 -4.53 63.87
N GLU K 107 28.62 -5.18 64.40
CA GLU K 107 29.29 -4.64 65.58
C GLU K 107 29.86 -3.25 65.30
N GLU K 108 30.56 -3.09 64.18
CA GLU K 108 31.17 -1.81 63.86
C GLU K 108 30.13 -0.73 63.67
N TRP K 109 29.02 -1.06 63.00
CA TRP K 109 27.97 -0.09 62.76
C TRP K 109 27.33 0.36 64.07
N ASN K 110 27.10 -0.59 64.98
CA ASN K 110 26.55 -0.21 66.28
C ASN K 110 27.53 0.67 67.05
N ILE K 111 28.82 0.38 66.97
CA ILE K 111 29.81 1.20 67.66
C ILE K 111 29.82 2.61 67.11
N LYS K 112 29.79 2.74 65.79
CA LYS K 112 29.89 4.04 65.14
C LYS K 112 28.54 4.71 64.89
N ASN K 113 27.46 4.13 65.39
CA ASN K 113 26.13 4.71 65.18
C ASN K 113 25.96 5.98 66.00
N GLY L 28 -24.58 9.33 20.14
CA GLY L 28 -24.21 8.06 20.74
C GLY L 28 -22.77 8.00 21.21
N VAL L 29 -21.90 8.73 20.50
CA VAL L 29 -20.48 8.81 20.81
C VAL L 29 -20.11 10.27 20.99
N LYS L 30 -19.34 10.55 22.03
CA LYS L 30 -18.99 11.93 22.35
C LYS L 30 -17.96 12.48 21.36
N TYR L 31 -17.88 13.81 21.32
CA TYR L 31 -16.90 14.50 20.49
C TYR L 31 -16.48 15.77 21.21
N THR L 32 -15.34 16.31 20.81
CA THR L 32 -14.79 17.52 21.41
C THR L 32 -14.39 18.48 20.30
N CYS L 33 -14.78 19.75 20.45
CA CYS L 33 -14.42 20.74 19.46
C CYS L 33 -12.92 21.03 19.50
N GLY L 34 -12.38 21.45 18.36
CA GLY L 34 -10.96 21.73 18.25
C GLY L 34 -10.53 23.12 18.69
N ALA L 35 -11.44 24.07 18.88
CA ALA L 35 -11.13 25.45 19.27
C ALA L 35 -11.60 25.77 20.70
N CYS L 36 -12.89 25.59 20.98
CA CYS L 36 -13.50 25.89 22.29
C CYS L 36 -13.54 24.70 23.27
N ALA L 37 -13.17 23.48 22.85
CA ALA L 37 -13.15 22.29 23.70
C ALA L 37 -14.50 22.02 24.35
N HIS L 38 -15.56 22.06 23.54
CA HIS L 38 -16.93 21.83 24.01
C HIS L 38 -17.35 20.41 23.67
N ASN L 39 -17.79 19.67 24.67
CA ASN L 39 -18.26 18.30 24.48
C ASN L 39 -19.66 18.29 23.90
N PHE L 40 -19.91 17.35 22.99
CA PHE L 40 -21.25 17.13 22.45
C PHE L 40 -21.31 15.73 21.88
N SER L 41 -22.35 15.45 21.10
CA SER L 41 -22.53 14.14 20.50
C SER L 41 -23.18 14.30 19.14
N LEU L 42 -23.01 13.29 18.30
CA LEU L 42 -23.54 13.27 16.95
C LEU L 42 -24.28 11.96 16.72
N ASN L 43 -25.20 11.99 15.75
CA ASN L 43 -26.06 10.85 15.45
C ASN L 43 -25.83 10.29 14.05
N LYS L 44 -24.61 10.42 13.53
CA LYS L 44 -24.22 9.95 12.21
C LYS L 44 -25.00 10.59 11.07
N SER L 45 -25.75 11.65 11.36
CA SER L 45 -26.49 12.38 10.34
C SER L 45 -26.34 13.89 10.44
N ASP L 46 -25.93 14.43 11.58
CA ASP L 46 -25.70 15.85 11.71
C ASP L 46 -24.46 16.25 10.91
N PRO L 47 -24.39 17.50 10.45
CA PRO L 47 -23.15 17.98 9.83
C PRO L 47 -22.02 18.00 10.85
N VAL L 48 -20.81 17.74 10.36
CA VAL L 48 -19.63 17.70 11.22
C VAL L 48 -19.30 19.14 11.59
N ARG L 49 -19.71 19.56 12.79
CA ARG L 49 -19.58 20.96 13.18
C ARG L 49 -19.78 21.06 14.69
N CYS L 50 -19.05 21.96 15.31
CA CYS L 50 -19.29 22.28 16.70
C CYS L 50 -20.58 23.07 16.83
N LYS L 51 -21.45 22.65 17.76
CA LYS L 51 -22.83 23.13 17.89
C LYS L 51 -22.93 24.56 18.43
N GLU L 52 -21.94 25.02 19.20
CA GLU L 52 -21.89 26.42 19.68
C GLU L 52 -21.06 27.36 18.79
N CYS L 53 -19.83 27.01 18.41
CA CYS L 53 -18.88 27.94 17.76
C CYS L 53 -18.69 27.73 16.25
N GLY L 54 -19.15 26.61 15.71
CA GLY L 54 -19.14 26.33 14.28
C GLY L 54 -17.80 25.94 13.72
N HIS L 55 -16.87 25.45 14.54
CA HIS L 55 -15.59 24.92 14.04
C HIS L 55 -15.82 23.65 13.23
N ARG L 56 -15.03 23.44 12.18
CA ARG L 56 -15.15 22.33 11.26
C ARG L 56 -14.31 21.12 11.66
N VAL L 57 -13.53 21.21 12.72
CA VAL L 57 -12.64 20.14 13.15
C VAL L 57 -13.03 19.70 14.55
N ILE L 58 -13.36 18.43 14.71
CA ILE L 58 -13.73 17.88 16.01
C ILE L 58 -12.94 16.60 16.24
N TYR L 59 -12.82 16.24 17.52
CA TYR L 59 -12.03 15.08 17.93
C TYR L 59 -12.90 14.13 18.74
N LYS L 60 -12.63 12.84 18.60
CA LYS L 60 -13.31 11.85 19.43
C LYS L 60 -12.79 11.92 20.86
N ALA L 61 -13.62 11.44 21.79
CA ALA L 61 -13.24 11.39 23.18
C ALA L 61 -12.58 10.07 23.51
N ARG L 62 -11.86 10.06 24.63
CA ARG L 62 -11.13 8.87 25.04
C ARG L 62 -12.07 7.72 25.37
N THR L 63 -11.58 6.50 25.14
CA THR L 63 -12.37 5.32 25.43
C THR L 63 -12.58 5.17 26.93
N LYS L 64 -13.65 4.46 27.29
CA LYS L 64 -13.95 4.18 28.69
C LYS L 64 -13.31 2.90 29.20
N ARG L 65 -12.60 2.15 28.33
CA ARG L 65 -11.97 0.93 28.77
C ARG L 65 -10.83 1.24 29.76
N MET L 66 -10.33 0.19 30.39
CA MET L 66 -9.20 0.33 31.29
C MET L 66 -7.90 0.35 30.50
N ILE L 67 -7.02 1.28 30.86
CA ILE L 67 -5.72 1.42 30.23
C ILE L 67 -4.66 1.13 31.29
N GLN L 68 -3.81 0.16 31.02
CA GLN L 68 -2.80 -0.27 31.97
C GLN L 68 -1.43 -0.29 31.29
N PHE L 69 -0.42 0.14 32.03
CA PHE L 69 0.94 0.21 31.52
C PHE L 69 1.89 -0.50 32.47
N ASP L 70 3.00 -0.98 31.93
CA ASP L 70 3.92 -1.81 32.70
C ASP L 70 4.92 -1.00 33.52
N ALA L 71 4.94 0.31 33.38
CA ALA L 71 5.84 1.17 34.15
C ALA L 71 7.30 0.73 33.97
N ARG L 72 7.69 0.46 32.73
CA ARG L 72 9.05 0.07 32.43
C ARG L 72 9.59 0.84 31.24
N ILE M 18 32.06 22.43 -62.10
CA ILE M 18 31.22 21.24 -62.04
C ILE M 18 29.76 21.62 -61.93
N LYS M 19 28.97 21.24 -62.93
CA LYS M 19 27.53 21.48 -62.88
C LYS M 19 26.90 20.64 -61.78
N GLN M 20 25.98 21.24 -61.05
CA GLN M 20 25.26 20.58 -59.96
C GLN M 20 23.77 20.63 -60.22
N LYS M 21 23.14 19.45 -60.27
CA LYS M 21 21.72 19.32 -60.55
C LYS M 21 21.00 18.93 -59.27
N LEU M 22 20.03 19.74 -58.87
CA LEU M 22 19.30 19.53 -57.62
C LEU M 22 17.81 19.68 -57.87
N GLU M 23 17.02 18.80 -57.25
CA GLU M 23 15.57 18.90 -57.30
C GLU M 23 15.08 19.83 -56.20
N THR M 24 14.29 20.84 -56.59
CA THR M 24 13.80 21.84 -55.66
C THR M 24 12.28 21.81 -55.63
N GLN M 25 11.71 22.31 -54.51
CA GLN M 25 10.28 22.30 -54.29
C GLN M 25 9.62 23.63 -54.65
N PHE M 26 10.21 24.38 -55.59
CA PHE M 26 9.65 25.66 -55.99
C PHE M 26 8.48 25.45 -56.95
N THR M 27 7.73 26.53 -57.16
CA THR M 27 6.50 26.50 -57.96
C THR M 27 6.71 27.26 -59.25
N CYS M 28 6.42 26.61 -60.38
CA CYS M 28 6.49 27.28 -61.67
C CYS M 28 5.34 28.27 -61.81
N LEU M 29 5.65 29.46 -62.33
CA LEU M 29 4.65 30.52 -62.47
C LEU M 29 3.94 30.50 -63.81
N PHE M 30 4.29 29.57 -64.70
CA PHE M 30 3.61 29.41 -65.98
C PHE M 30 2.69 28.20 -66.02
N CYS M 31 3.12 27.07 -65.46
CA CYS M 31 2.32 25.85 -65.44
C CYS M 31 1.58 25.64 -64.12
N ASN M 32 2.02 26.28 -63.05
CA ASN M 32 1.45 26.20 -61.71
C ASN M 32 1.63 24.84 -61.06
N HIS M 33 2.29 23.89 -61.72
CA HIS M 33 2.62 22.63 -61.07
C HIS M 33 3.73 22.85 -60.04
N ASP M 34 3.56 22.23 -58.88
CA ASP M 34 4.54 22.35 -57.81
C ASP M 34 5.42 21.11 -57.76
N ASN M 35 6.60 21.28 -57.16
CA ASN M 35 7.60 20.21 -57.04
C ASN M 35 8.02 19.69 -58.42
N SER M 36 8.09 20.59 -59.39
CA SER M 36 8.52 20.26 -60.75
C SER M 36 9.59 21.25 -61.21
N VAL M 37 10.45 21.68 -60.28
CA VAL M 37 11.51 22.64 -60.56
C VAL M 37 12.84 22.01 -60.18
N VAL M 38 13.80 22.07 -61.11
CA VAL M 38 15.14 21.53 -60.89
C VAL M 38 16.14 22.66 -61.15
N CYS M 39 17.06 22.86 -60.20
CA CYS M 39 18.04 23.93 -60.29
C CYS M 39 19.38 23.34 -60.75
N THR M 40 19.93 23.91 -61.82
CA THR M 40 21.22 23.50 -62.35
C THR M 40 22.16 24.70 -62.30
N LEU M 41 23.16 24.64 -61.42
CA LEU M 41 24.16 25.69 -61.28
C LEU M 41 25.53 25.15 -61.65
N ASP M 42 26.27 25.92 -62.45
CA ASP M 42 27.61 25.57 -62.87
C ASP M 42 28.58 26.59 -62.28
N LYS M 43 29.32 26.17 -61.25
CA LYS M 43 30.24 27.07 -60.58
C LYS M 43 31.44 27.42 -61.47
N LYS M 44 31.82 26.52 -62.38
CA LYS M 44 32.96 26.78 -63.23
C LYS M 44 32.71 27.97 -64.15
N ASN M 45 31.52 28.05 -64.75
CA ASN M 45 31.16 29.16 -65.62
C ASN M 45 30.32 30.20 -64.91
N SER M 46 30.03 30.02 -63.62
CA SER M 46 29.29 30.98 -62.82
C SER M 46 27.91 31.26 -63.42
N ILE M 47 27.14 30.19 -63.58
CA ILE M 47 25.78 30.28 -64.12
C ILE M 47 24.88 29.31 -63.36
N GLY M 48 23.59 29.63 -63.36
CA GLY M 48 22.59 28.79 -62.73
C GLY M 48 21.32 28.71 -63.55
N LEU M 49 20.86 27.49 -63.82
CA LEU M 49 19.72 27.27 -64.71
C LEU M 49 18.56 26.67 -63.92
N LEU M 50 17.40 27.31 -64.00
CA LEU M 50 16.16 26.77 -63.45
C LEU M 50 15.31 26.25 -64.61
N GLU M 51 14.98 24.97 -64.57
CA GLU M 51 14.19 24.33 -65.61
C GLU M 51 12.95 23.69 -65.00
N CYS M 52 11.82 23.87 -65.66
CA CYS M 52 10.56 23.28 -65.24
C CYS M 52 10.43 21.90 -65.89
N LYS M 53 10.29 20.87 -65.07
CA LYS M 53 10.22 19.50 -65.59
C LYS M 53 9.00 19.28 -66.48
N LYS M 54 7.98 20.14 -66.36
CA LYS M 54 6.77 20.03 -67.17
C LYS M 54 6.71 21.10 -68.25
N CYS M 55 6.98 22.36 -67.89
CA CYS M 55 6.90 23.45 -68.85
C CYS M 55 8.09 23.50 -69.79
N ASN M 56 9.21 22.87 -69.42
CA ASN M 56 10.45 22.88 -70.19
C ASN M 56 11.03 24.29 -70.35
N LEU M 57 10.56 25.25 -69.56
CA LEU M 57 11.13 26.60 -69.60
C LEU M 57 12.46 26.64 -68.87
N SER M 58 13.36 27.49 -69.36
CA SER M 58 14.70 27.60 -68.81
C SER M 58 14.97 29.05 -68.40
N PHE M 59 15.44 29.23 -67.17
CA PHE M 59 15.82 30.53 -66.66
C PHE M 59 17.31 30.53 -66.33
N GLN M 60 18.03 31.51 -66.85
CA GLN M 60 19.46 31.63 -66.63
C GLN M 60 19.76 32.91 -65.87
N ALA M 61 20.66 32.81 -64.89
CA ALA M 61 21.07 33.95 -64.10
C ALA M 61 22.50 33.76 -63.63
N PRO M 62 23.29 34.84 -63.51
CA PRO M 62 24.64 34.71 -62.97
C PRO M 62 24.60 34.33 -61.49
N ILE M 63 25.66 33.64 -61.05
CA ILE M 63 25.81 33.23 -59.67
C ILE M 63 27.18 33.65 -59.17
N ASN M 64 27.29 33.77 -57.85
CA ASN M 64 28.52 34.12 -57.18
C ASN M 64 29.06 32.89 -56.44
N SER M 65 30.13 33.10 -55.67
CA SER M 65 30.73 32.00 -54.92
C SER M 65 29.85 31.50 -53.79
N LEU M 66 29.01 32.36 -53.22
CA LEU M 66 28.13 32.00 -52.12
C LEU M 66 26.71 31.72 -52.59
N SER M 67 26.48 31.62 -53.89
CA SER M 67 25.13 31.44 -54.40
C SER M 67 24.56 30.09 -53.98
N GLN M 68 23.25 30.07 -53.77
CA GLN M 68 22.49 28.90 -53.40
C GLN M 68 21.22 28.87 -54.22
N PRO M 69 20.57 27.70 -54.35
CA PRO M 69 19.34 27.64 -55.14
C PRO M 69 18.28 28.66 -54.75
N ILE M 70 18.26 29.09 -53.49
CA ILE M 70 17.34 30.14 -53.08
C ILE M 70 17.69 31.46 -53.78
N ASP M 71 18.98 31.71 -54.01
CA ASP M 71 19.38 32.92 -54.71
C ASP M 71 18.86 32.94 -56.14
N ILE M 72 19.04 31.83 -56.86
CA ILE M 72 18.56 31.76 -58.23
C ILE M 72 17.04 31.81 -58.27
N TYR M 73 16.39 31.17 -57.29
CA TYR M 73 14.93 31.22 -57.21
C TYR M 73 14.44 32.65 -57.02
N SER M 74 15.09 33.40 -56.13
CA SER M 74 14.71 34.79 -55.90
C SER M 74 14.97 35.64 -57.14
N ASP M 75 16.08 35.37 -57.84
CA ASP M 75 16.35 36.09 -59.09
C ASP M 75 15.27 35.81 -60.12
N TRP M 76 14.85 34.56 -60.23
CA TRP M 76 13.77 34.20 -61.14
C TRP M 76 12.47 34.89 -60.76
N ILE M 77 12.18 34.97 -59.46
CA ILE M 77 10.97 35.64 -59.00
C ILE M 77 11.01 37.11 -59.37
N ASP M 78 12.15 37.76 -59.15
CA ASP M 78 12.28 39.17 -59.50
C ASP M 78 12.16 39.38 -61.00
N ALA M 79 12.78 38.51 -61.79
CA ALA M 79 12.67 38.62 -63.24
C ALA M 79 11.22 38.45 -63.70
N CYS M 80 10.49 37.53 -63.07
CA CYS M 80 9.10 37.31 -63.43
C CYS M 80 8.23 38.53 -63.17
N GLU M 81 8.61 39.39 -62.23
CA GLU M 81 7.83 40.57 -61.91
C GLU M 81 8.69 41.83 -62.01
N ARG Q 2 -34.26 24.39 -39.59
CA ARG Q 2 -35.05 23.51 -40.44
C ARG Q 2 -34.84 23.86 -41.91
N GLU Q 3 -34.30 22.91 -42.68
CA GLU Q 3 -34.07 23.11 -44.10
C GLU Q 3 -34.48 21.85 -44.87
N ARG Q 4 -35.01 22.06 -46.07
CA ARG Q 4 -35.46 20.97 -46.94
C ARG Q 4 -34.85 21.14 -48.33
N ALA Q 5 -34.69 20.03 -49.02
CA ALA Q 5 -34.08 20.01 -50.35
C ALA Q 5 -35.16 19.76 -51.39
N CYS Q 6 -35.35 20.70 -52.31
CA CYS Q 6 -36.32 20.53 -53.37
C CYS Q 6 -35.89 19.39 -54.29
N MET Q 7 -36.76 18.40 -54.44
CA MET Q 7 -36.36 17.17 -55.13
C MET Q 7 -36.01 17.42 -56.59
N LEU Q 8 -36.79 18.27 -57.26
CA LEU Q 8 -36.63 18.42 -58.71
C LEU Q 8 -35.33 19.14 -59.06
N CYS Q 9 -35.18 20.39 -58.60
CA CYS Q 9 -33.99 21.15 -58.95
C CYS Q 9 -32.79 20.82 -58.06
N GLY Q 10 -33.03 20.29 -56.87
CA GLY Q 10 -31.95 19.98 -55.94
C GLY Q 10 -31.59 21.09 -54.98
N ILE Q 11 -32.25 22.25 -55.05
CA ILE Q 11 -31.93 23.34 -54.14
C ILE Q 11 -32.38 22.99 -52.73
N VAL Q 12 -31.70 23.59 -51.75
CA VAL Q 12 -32.00 23.37 -50.33
C VAL Q 12 -32.37 24.71 -49.71
N LEU Q 13 -33.57 24.79 -49.16
CA LEU Q 13 -34.04 26.00 -48.48
C LEU Q 13 -34.92 25.57 -47.32
N PRO Q 14 -35.13 26.44 -46.33
CA PRO Q 14 -36.01 26.08 -45.22
C PRO Q 14 -37.40 25.71 -45.71
N GLY Q 15 -37.99 24.71 -45.04
CA GLY Q 15 -39.30 24.23 -45.45
C GLY Q 15 -40.36 25.30 -45.40
N ARG Q 16 -40.30 26.17 -44.37
CA ARG Q 16 -41.25 27.28 -44.30
C ARG Q 16 -41.02 28.26 -45.45
N VAL Q 17 -39.77 28.41 -45.89
CA VAL Q 17 -39.49 29.24 -47.07
C VAL Q 17 -40.13 28.64 -48.31
N PHE Q 18 -40.00 27.31 -48.46
CA PHE Q 18 -40.64 26.63 -49.59
C PHE Q 18 -42.16 26.79 -49.56
N MET Q 19 -42.75 26.69 -48.37
CA MET Q 19 -44.20 26.83 -48.27
C MET Q 19 -44.64 28.27 -48.58
N GLN Q 20 -43.93 29.26 -48.04
CA GLN Q 20 -44.37 30.64 -48.19
C GLN Q 20 -44.09 31.21 -49.57
N ASN Q 21 -42.94 30.90 -50.15
CA ASN Q 21 -42.53 31.50 -51.42
C ASN Q 21 -42.37 30.51 -52.56
N GLY Q 22 -42.16 29.22 -52.29
CA GLY Q 22 -41.98 28.24 -53.33
C GLY Q 22 -40.56 28.21 -53.86
N CYS Q 23 -40.31 27.25 -54.73
CA CYS Q 23 -38.99 27.08 -55.32
C CYS Q 23 -38.75 28.15 -56.39
N PRO Q 24 -37.70 28.96 -56.28
CA PRO Q 24 -37.48 30.00 -57.30
C PRO Q 24 -37.19 29.47 -58.68
N ASN Q 25 -36.76 28.21 -58.81
CA ASN Q 25 -36.44 27.61 -60.10
C ASN Q 25 -37.53 26.70 -60.61
N CYS Q 26 -38.09 25.85 -59.74
CA CYS Q 26 -39.06 24.84 -60.15
C CYS Q 26 -40.49 25.37 -60.19
N ASP Q 27 -40.72 26.65 -59.85
CA ASP Q 27 -42.08 27.18 -59.85
C ASP Q 27 -42.70 27.22 -61.23
N SER Q 28 -41.88 27.13 -62.29
CA SER Q 28 -42.42 27.09 -63.65
C SER Q 28 -43.04 25.74 -63.98
N VAL Q 29 -42.69 24.69 -63.25
CA VAL Q 29 -43.26 23.37 -63.49
C VAL Q 29 -43.83 22.72 -62.24
N LEU Q 30 -43.46 23.14 -61.02
CA LEU Q 30 -43.93 22.51 -59.80
C LEU Q 30 -45.01 23.31 -59.09
N ASN Q 31 -44.97 24.64 -59.16
CA ASN Q 31 -45.90 25.50 -58.43
C ASN Q 31 -45.88 25.17 -56.94
N LEU Q 32 -44.67 25.10 -56.38
CA LEU Q 32 -44.50 24.67 -54.99
C LEU Q 32 -45.17 25.62 -54.02
N ARG Q 33 -45.08 26.92 -54.27
CA ARG Q 33 -45.78 27.89 -53.44
C ARG Q 33 -47.30 27.69 -53.55
N ASP Q 34 -47.79 27.41 -54.76
CA ASP Q 34 -49.20 27.14 -54.98
C ASP Q 34 -49.57 25.69 -54.64
N SER Q 35 -48.72 24.97 -53.91
CA SER Q 35 -48.95 23.59 -53.56
C SER Q 35 -49.04 23.44 -52.04
N ASP Q 36 -49.82 22.45 -51.63
CA ASP Q 36 -50.06 22.20 -50.21
C ASP Q 36 -48.83 21.54 -49.58
N GLN Q 37 -48.89 21.35 -48.26
CA GLN Q 37 -47.74 20.81 -47.53
C GLN Q 37 -47.37 19.42 -48.01
N ALA Q 38 -48.37 18.62 -48.39
CA ALA Q 38 -48.09 17.28 -48.90
C ALA Q 38 -47.27 17.35 -50.19
N THR Q 39 -47.66 18.23 -51.11
CA THR Q 39 -46.91 18.39 -52.35
C THR Q 39 -45.54 19.00 -52.10
N VAL Q 40 -45.44 19.91 -51.14
CA VAL Q 40 -44.15 20.48 -50.79
C VAL Q 40 -43.20 19.40 -50.29
N ASN Q 41 -43.70 18.52 -49.41
CA ASN Q 41 -42.89 17.40 -48.95
C ASN Q 41 -42.54 16.46 -50.09
N GLU Q 42 -43.49 16.19 -50.98
CA GLU Q 42 -43.25 15.30 -52.10
C GLU Q 42 -42.29 15.88 -53.12
N CYS Q 43 -42.05 17.19 -53.10
CA CYS Q 43 -41.07 17.82 -53.96
C CYS Q 43 -39.91 18.46 -53.23
N THR Q 44 -40.03 18.70 -51.92
CA THR Q 44 -38.92 19.16 -51.10
C THR Q 44 -38.79 18.23 -49.91
N SER Q 45 -37.59 17.67 -49.73
CA SER Q 45 -37.33 16.72 -48.66
C SER Q 45 -36.29 17.28 -47.69
N SER Q 46 -36.58 17.19 -46.40
CA SER Q 46 -35.64 17.62 -45.38
C SER Q 46 -34.54 16.61 -45.12
N SER Q 47 -34.70 15.38 -45.60
CA SER Q 47 -33.68 14.35 -45.47
C SER Q 47 -32.86 14.31 -46.74
N PHE Q 48 -31.59 14.68 -46.64
CA PHE Q 48 -30.72 14.77 -47.81
C PHE Q 48 -29.27 14.60 -47.34
N GLU Q 49 -28.33 14.80 -48.26
CA GLU Q 49 -26.91 14.64 -47.95
C GLU Q 49 -26.11 15.41 -48.99
N GLY Q 50 -24.94 15.89 -48.57
CA GLY Q 50 -24.04 16.55 -49.48
C GLY Q 50 -24.41 17.99 -49.81
N LEU Q 51 -24.35 18.87 -48.82
CA LEU Q 51 -24.59 20.29 -49.06
C LEU Q 51 -23.61 20.82 -50.11
N VAL Q 52 -24.15 21.53 -51.10
CA VAL Q 52 -23.38 22.06 -52.21
C VAL Q 52 -23.69 23.54 -52.36
N ALA Q 53 -22.63 24.36 -52.40
CA ALA Q 53 -22.76 25.78 -52.67
C ALA Q 53 -22.16 26.08 -54.04
N VAL Q 54 -22.96 26.69 -54.91
CA VAL Q 54 -22.56 26.98 -56.28
C VAL Q 54 -22.54 28.49 -56.46
N GLY Q 55 -21.43 29.00 -57.00
CA GLY Q 55 -21.29 30.43 -57.23
C GLY Q 55 -21.61 30.85 -58.65
N ASP Q 56 -21.09 30.11 -59.62
CA ASP Q 56 -21.27 30.44 -61.04
C ASP Q 56 -21.76 29.19 -61.76
N ASN Q 57 -23.06 29.14 -62.05
CA ASN Q 57 -23.65 27.97 -62.68
C ASN Q 57 -23.06 27.73 -64.07
N GLU Q 58 -22.79 28.81 -64.81
CA GLU Q 58 -22.42 28.68 -66.21
C GLU Q 58 -21.11 27.94 -66.38
N HIS Q 59 -20.11 28.24 -65.55
CA HIS Q 59 -18.77 27.71 -65.73
C HIS Q 59 -18.40 26.60 -64.74
N SER Q 60 -19.23 26.35 -63.74
CA SER Q 60 -18.92 25.30 -62.78
C SER Q 60 -19.20 23.93 -63.40
N TRP Q 61 -18.15 23.12 -63.52
CA TRP Q 61 -18.34 21.77 -64.02
C TRP Q 61 -19.20 20.94 -63.08
N VAL Q 62 -19.13 21.23 -61.77
CA VAL Q 62 -19.97 20.52 -60.81
C VAL Q 62 -21.44 20.75 -61.11
N ALA Q 63 -21.82 22.00 -61.40
CA ALA Q 63 -23.21 22.31 -61.68
C ALA Q 63 -23.71 21.54 -62.90
N LYS Q 64 -22.89 21.47 -63.95
CA LYS Q 64 -23.24 20.66 -65.11
C LYS Q 64 -23.35 19.19 -64.74
N TRP Q 65 -22.44 18.70 -63.89
CA TRP Q 65 -22.47 17.31 -63.46
C TRP Q 65 -23.71 17.03 -62.63
N LEU Q 66 -24.17 18.01 -61.85
CA LEU Q 66 -25.38 17.88 -61.04
C LEU Q 66 -26.61 18.42 -61.75
N ARG Q 67 -26.45 18.89 -63.00
CA ARG Q 67 -27.56 19.42 -63.79
C ARG Q 67 -28.27 20.57 -63.08
N VAL Q 68 -27.49 21.46 -62.48
CA VAL Q 68 -28.05 22.62 -61.78
C VAL Q 68 -27.44 23.89 -62.34
N ASP Q 69 -26.80 23.79 -63.51
CA ASP Q 69 -26.21 24.96 -64.14
C ASP Q 69 -27.24 25.91 -64.75
N ARG Q 70 -28.51 25.50 -64.82
CA ARG Q 70 -29.58 26.36 -65.29
C ARG Q 70 -30.47 26.86 -64.17
N PHE Q 71 -30.02 26.80 -62.93
CA PHE Q 71 -30.81 27.15 -61.76
C PHE Q 71 -30.15 28.28 -60.96
N GLN Q 72 -30.86 28.72 -59.94
CA GLN Q 72 -30.36 29.79 -59.08
C GLN Q 72 -29.22 29.27 -58.21
N PRO Q 73 -28.11 30.00 -58.12
CA PRO Q 73 -27.05 29.59 -57.19
C PRO Q 73 -27.52 29.61 -55.75
N GLY Q 74 -27.00 28.67 -54.97
CA GLY Q 74 -27.40 28.57 -53.57
C GLY Q 74 -27.05 27.20 -53.01
N LEU Q 75 -27.80 26.82 -51.99
CA LEU Q 75 -27.58 25.55 -51.30
C LEU Q 75 -28.23 24.41 -52.07
N TYR Q 76 -27.44 23.39 -52.39
CA TYR Q 76 -27.91 22.22 -53.11
C TYR Q 76 -27.39 20.96 -52.43
N ALA Q 77 -28.09 19.85 -52.67
CA ALA Q 77 -27.79 18.58 -52.03
C ALA Q 77 -27.37 17.56 -53.08
N VAL Q 78 -26.29 16.84 -52.80
CA VAL Q 78 -25.84 15.78 -53.72
C VAL Q 78 -26.89 14.70 -53.83
N ARG Q 79 -27.40 14.23 -52.70
CA ARG Q 79 -28.38 13.15 -52.66
C ARG Q 79 -29.57 13.59 -51.81
N VAL Q 80 -30.77 13.29 -52.31
CA VAL Q 80 -32.02 13.66 -51.64
C VAL Q 80 -32.82 12.40 -51.41
N ASP Q 81 -33.26 12.18 -50.17
CA ASP Q 81 -34.08 11.03 -49.84
C ASP Q 81 -35.50 11.24 -50.33
N GLY Q 82 -36.05 10.25 -51.01
CA GLY Q 82 -37.40 10.33 -51.53
C GLY Q 82 -37.41 10.72 -53.00
N ARG Q 83 -38.44 10.26 -53.71
CA ARG Q 83 -38.60 10.53 -55.13
C ARG Q 83 -39.95 11.21 -55.37
N LEU Q 84 -40.10 11.76 -56.56
CA LEU Q 84 -41.34 12.42 -56.94
C LEU Q 84 -42.45 11.38 -57.08
N PRO Q 85 -43.68 11.74 -56.73
CA PRO Q 85 -44.79 10.78 -56.84
C PRO Q 85 -45.16 10.51 -58.28
N SER Q 86 -45.87 9.39 -58.48
CA SER Q 86 -46.25 8.97 -59.82
C SER Q 86 -47.13 10.01 -60.50
N ASP Q 87 -48.09 10.58 -59.75
CA ASP Q 87 -48.96 11.59 -60.35
C ASP Q 87 -48.18 12.85 -60.73
N ILE Q 88 -47.25 13.28 -59.88
CA ILE Q 88 -46.43 14.44 -60.22
C ILE Q 88 -45.48 14.11 -61.36
N VAL Q 89 -44.99 12.87 -61.42
CA VAL Q 89 -44.15 12.45 -62.55
C VAL Q 89 -44.94 12.53 -63.84
N ALA Q 90 -46.19 12.05 -63.85
CA ALA Q 90 -47.02 12.14 -65.04
C ALA Q 90 -47.32 13.59 -65.40
N ALA Q 91 -47.57 14.43 -64.40
CA ALA Q 91 -47.84 15.84 -64.66
C ALA Q 91 -46.63 16.52 -65.31
N LEU Q 92 -45.43 16.22 -64.82
CA LEU Q 92 -44.22 16.78 -65.43
C LEU Q 92 -44.01 16.24 -66.83
N GLU Q 93 -44.27 14.94 -67.04
CA GLU Q 93 -44.15 14.37 -68.38
C GLU Q 93 -45.15 14.99 -69.34
N GLN Q 94 -46.30 15.45 -68.83
CA GLN Q 94 -47.24 16.20 -69.66
C GLN Q 94 -46.61 17.48 -70.19
N TYR Q 95 -45.85 18.17 -69.34
CA TYR Q 95 -45.18 19.41 -69.72
C TYR Q 95 -44.01 19.18 -70.67
N GLY Q 96 -43.63 17.93 -70.91
CA GLY Q 96 -42.50 17.63 -71.77
C GLY Q 96 -41.15 17.60 -71.09
N VAL Q 97 -41.11 17.78 -69.77
CA VAL Q 97 -39.86 17.81 -69.02
C VAL Q 97 -39.60 16.42 -68.45
N TYR Q 98 -38.40 15.89 -68.68
CA TYR Q 98 -38.00 14.60 -68.14
C TYR Q 98 -37.37 14.79 -66.77
N TYR Q 99 -37.79 13.94 -65.82
CA TYR Q 99 -37.33 14.02 -64.45
C TYR Q 99 -36.28 12.94 -64.21
N ARG Q 100 -35.08 13.36 -63.82
CA ARG Q 100 -34.02 12.44 -63.45
C ARG Q 100 -33.85 12.46 -61.94
N PRO Q 101 -34.11 11.36 -61.24
CA PRO Q 101 -34.01 11.37 -59.77
C PRO Q 101 -32.61 11.68 -59.29
N ARG Q 102 -32.52 12.44 -58.21
CA ARG Q 102 -31.26 12.72 -57.54
C ARG Q 102 -31.05 11.84 -56.31
N ASP Q 103 -31.89 10.81 -56.13
CA ASP Q 103 -31.79 9.93 -54.98
C ASP Q 103 -30.57 9.03 -55.01
N GLY Q 104 -29.86 8.97 -56.14
CA GLY Q 104 -28.70 8.12 -56.28
C GLY Q 104 -29.00 6.67 -56.61
N SER Q 105 -30.17 6.17 -56.24
CA SER Q 105 -30.55 4.81 -56.60
C SER Q 105 -30.75 4.64 -58.10
N VAL Q 106 -30.97 5.74 -58.82
CA VAL Q 106 -31.10 5.71 -60.28
C VAL Q 106 -29.88 6.41 -60.86
N ILE Q 107 -29.15 5.72 -61.72
CA ILE Q 107 -27.96 6.27 -62.35
C ILE Q 107 -27.70 5.61 -63.70
N PRO R 216 -27.44 14.29 -70.97
CA PRO R 216 -26.73 13.03 -70.74
C PRO R 216 -25.98 13.01 -69.41
N GLN R 217 -25.32 11.90 -69.12
CA GLN R 217 -24.53 11.75 -67.90
C GLN R 217 -23.08 11.38 -68.18
N ARG R 218 -22.83 10.56 -69.20
CA ARG R 218 -21.47 10.14 -69.51
C ARG R 218 -20.64 11.28 -70.08
N LEU R 219 -21.25 12.16 -70.89
CA LEU R 219 -20.50 13.19 -71.58
C LEU R 219 -19.99 14.26 -70.62
N LEU R 220 -20.59 14.38 -69.44
CA LEU R 220 -20.26 15.44 -68.50
C LEU R 220 -19.01 15.16 -67.68
N ILE R 221 -18.28 14.07 -67.96
CA ILE R 221 -17.07 13.73 -67.22
C ILE R 221 -16.02 14.80 -67.46
N PRO R 222 -15.16 15.10 -66.49
CA PRO R 222 -14.31 16.29 -66.58
C PRO R 222 -13.22 16.14 -67.63
N THR R 223 -12.73 17.29 -68.08
CA THR R 223 -11.63 17.40 -69.03
C THR R 223 -10.47 18.14 -68.38
N VAL R 224 -9.38 18.30 -69.15
CA VAL R 224 -8.20 18.97 -68.62
C VAL R 224 -8.46 20.46 -68.40
N ASP R 225 -9.25 21.07 -69.29
CA ASP R 225 -9.52 22.51 -69.20
C ASP R 225 -10.63 22.85 -68.22
N ASP R 226 -11.28 21.84 -67.62
CA ASP R 226 -12.31 22.10 -66.64
C ASP R 226 -11.70 22.71 -65.36
N PRO R 227 -12.48 23.46 -64.59
CA PRO R 227 -11.93 24.08 -63.38
C PRO R 227 -11.45 23.04 -62.39
N GLY R 228 -10.33 23.37 -61.72
CA GLY R 228 -9.77 22.46 -60.74
C GLY R 228 -10.57 22.40 -59.47
N ILE R 229 -10.26 21.39 -58.65
CA ILE R 229 -10.94 21.17 -57.37
C ILE R 229 -9.87 21.06 -56.30
N TRP R 230 -10.02 21.83 -55.22
CA TRP R 230 -9.13 21.78 -54.08
C TRP R 230 -9.87 21.31 -52.84
N GLY R 231 -9.17 20.55 -52.01
CA GLY R 231 -9.69 20.12 -50.71
C GLY R 231 -8.88 20.73 -49.59
N VAL R 232 -9.57 21.18 -48.56
CA VAL R 232 -8.95 21.86 -47.43
C VAL R 232 -9.43 21.22 -46.14
N LYS R 233 -8.50 20.91 -45.24
CA LYS R 233 -8.86 20.41 -43.92
C LYS R 233 -9.42 21.53 -43.07
N VAL R 234 -10.50 21.23 -42.35
CA VAL R 234 -11.14 22.18 -41.44
C VAL R 234 -11.43 21.45 -40.13
N ARG R 235 -11.86 22.22 -39.13
CA ARG R 235 -12.24 21.65 -37.86
C ARG R 235 -13.48 20.77 -38.03
N LEU R 236 -13.54 19.71 -37.23
CA LEU R 236 -14.62 18.74 -37.35
C LEU R 236 -15.95 19.36 -36.95
N GLY R 237 -17.00 19.06 -37.73
CA GLY R 237 -18.33 19.53 -37.45
C GLY R 237 -18.65 20.92 -37.98
N LYS R 238 -17.68 21.61 -38.57
CA LYS R 238 -17.90 22.97 -39.08
C LYS R 238 -17.92 23.03 -40.59
N GLU R 239 -17.96 21.88 -41.27
CA GLU R 239 -17.85 21.83 -42.73
C GLU R 239 -19.02 22.56 -43.38
N LYS R 240 -20.25 22.22 -42.98
CA LYS R 240 -21.41 22.90 -43.52
C LYS R 240 -21.40 24.39 -43.18
N ASP R 241 -20.91 24.74 -41.99
CA ASP R 241 -20.79 26.14 -41.63
C ASP R 241 -19.84 26.88 -42.55
N VAL R 242 -18.70 26.25 -42.88
CA VAL R 242 -17.76 26.86 -43.81
C VAL R 242 -18.39 26.99 -45.19
N VAL R 243 -19.17 25.99 -45.60
CA VAL R 243 -19.84 26.05 -46.91
C VAL R 243 -20.81 27.24 -46.95
N ARG R 244 -21.61 27.40 -45.90
CA ARG R 244 -22.56 28.51 -45.86
C ARG R 244 -21.85 29.84 -45.82
N GLN R 245 -20.76 29.94 -45.05
CA GLN R 245 -19.98 31.17 -45.01
C GLN R 245 -19.41 31.51 -46.38
N ILE R 246 -18.89 30.51 -47.08
CA ILE R 246 -18.33 30.75 -48.41
C ILE R 246 -19.42 31.23 -49.37
N LEU R 247 -20.59 30.59 -49.32
CA LEU R 247 -21.68 31.03 -50.19
C LEU R 247 -22.11 32.46 -49.89
N LYS R 248 -22.22 32.80 -48.60
CA LYS R 248 -22.59 34.15 -48.22
C LYS R 248 -21.55 35.17 -48.68
N LYS R 249 -20.27 34.84 -48.51
CA LYS R 249 -19.21 35.76 -48.97
C LYS R 249 -19.25 35.94 -50.47
N LYS R 250 -19.48 34.85 -51.22
CA LYS R 250 -19.57 34.95 -52.67
C LYS R 250 -20.75 35.82 -53.09
N LEU R 251 -21.91 35.64 -52.44
CA LEU R 251 -23.07 36.46 -52.77
C LEU R 251 -22.82 37.92 -52.42
N ALA R 252 -22.23 38.20 -51.27
CA ALA R 252 -21.99 39.58 -50.85
C ALA R 252 -21.01 40.27 -51.78
N ARG R 253 -19.94 39.58 -52.17
CA ARG R 253 -18.94 40.17 -53.05
C ARG R 253 -19.32 40.05 -54.52
N GLU R 254 -20.40 39.35 -54.85
CA GLU R 254 -20.87 39.31 -56.22
C GLU R 254 -21.37 40.69 -56.65
N GLY R 255 -20.99 41.08 -57.87
CA GLY R 255 -21.34 42.40 -58.36
C GLY R 255 -20.45 43.51 -57.87
N THR R 256 -19.33 43.19 -57.25
CA THR R 256 -18.39 44.17 -56.74
C THR R 256 -17.14 44.25 -57.61
N LYS R 257 -16.22 45.13 -57.22
CA LYS R 257 -14.97 45.29 -57.97
C LYS R 257 -14.09 44.07 -57.86
N ASN R 258 -14.15 43.36 -56.73
CA ASN R 258 -13.31 42.18 -56.48
C ASN R 258 -14.19 41.04 -56.02
N PRO R 259 -14.97 40.45 -56.92
CA PRO R 259 -15.81 39.31 -56.55
C PRO R 259 -14.98 38.06 -56.27
N LEU R 260 -15.54 37.17 -55.47
CA LEU R 260 -14.88 35.91 -55.15
C LEU R 260 -14.84 35.04 -56.39
N GLU R 261 -13.66 34.93 -57.00
CA GLU R 261 -13.54 34.24 -58.28
C GLU R 261 -13.48 32.72 -58.09
N ILE R 262 -14.57 32.14 -57.61
CA ILE R 262 -14.71 30.69 -57.50
C ILE R 262 -15.95 30.27 -58.28
N TYR R 263 -16.22 28.96 -58.32
CA TYR R 263 -17.36 28.44 -59.06
C TYR R 263 -18.32 27.65 -58.20
N SER R 264 -17.82 26.80 -57.32
CA SER R 264 -18.67 26.00 -56.44
C SER R 264 -17.85 25.49 -55.26
N ALA R 265 -18.54 25.13 -54.20
CA ALA R 265 -17.92 24.55 -53.02
C ALA R 265 -18.93 23.65 -52.33
N PHE R 266 -18.44 22.58 -51.73
CA PHE R 266 -19.31 21.56 -51.17
C PHE R 266 -18.52 20.72 -50.17
N GLN R 267 -19.19 19.71 -49.62
CA GLN R 267 -18.58 18.75 -48.72
C GLN R 267 -19.42 17.49 -48.71
N ARG R 268 -18.82 16.41 -48.22
CA ARG R 268 -19.51 15.13 -48.09
C ARG R 268 -19.44 14.66 -46.65
N ASP R 269 -20.53 14.04 -46.18
CA ASP R 269 -20.60 13.61 -44.80
C ASP R 269 -19.56 12.54 -44.49
N SER R 270 -19.36 11.59 -45.41
CA SER R 270 -18.40 10.51 -45.18
C SER R 270 -16.97 11.06 -45.07
N PHE R 271 -16.61 12.01 -45.94
CA PHE R 271 -15.26 12.56 -45.96
C PHE R 271 -15.17 13.67 -44.92
N LYS R 272 -15.04 13.23 -43.65
CA LYS R 272 -15.07 14.15 -42.53
C LYS R 272 -13.86 15.09 -42.57
N GLY R 273 -14.09 16.33 -42.15
CA GLY R 273 -13.02 17.30 -42.04
C GLY R 273 -12.53 17.87 -43.35
N HIS R 274 -13.20 17.61 -44.46
CA HIS R 274 -12.78 18.08 -45.77
C HIS R 274 -13.88 18.90 -46.42
N VAL R 275 -13.48 20.02 -47.01
CA VAL R 275 -14.39 20.87 -47.78
C VAL R 275 -13.76 21.06 -49.16
N TYR R 276 -14.53 20.77 -50.20
CA TYR R 276 -14.02 20.78 -51.57
C TYR R 276 -14.58 21.98 -52.32
N ILE R 277 -13.69 22.76 -52.92
CA ILE R 277 -14.04 23.97 -53.65
C ILE R 277 -13.60 23.80 -55.09
N GLU R 278 -14.49 24.11 -56.03
CA GLU R 278 -14.17 24.10 -57.45
C GLU R 278 -13.82 25.53 -57.87
N ALA R 279 -12.58 25.73 -58.31
CA ALA R 279 -12.10 27.04 -58.72
C ALA R 279 -11.03 26.84 -59.78
N ARG R 280 -10.25 27.90 -60.04
CA ARG R 280 -9.17 27.82 -61.01
C ARG R 280 -7.83 28.33 -60.48
N LYS R 281 -7.81 29.03 -59.36
CA LYS R 281 -6.59 29.65 -58.85
C LYS R 281 -6.48 29.43 -57.35
N ALA R 282 -5.23 29.25 -56.89
CA ALA R 282 -4.99 29.12 -55.46
C ALA R 282 -5.28 30.42 -54.72
N GLU R 283 -5.04 31.56 -55.36
CA GLU R 283 -5.38 32.85 -54.75
C GLU R 283 -6.88 32.96 -54.51
N ALA R 284 -7.69 32.40 -55.41
CA ALA R 284 -9.14 32.39 -55.19
C ALA R 284 -9.48 31.58 -53.94
N ILE R 285 -8.82 30.44 -53.75
CA ILE R 285 -9.06 29.64 -52.56
C ILE R 285 -8.65 30.41 -51.31
N ASN R 286 -7.50 31.07 -51.34
CA ASN R 286 -7.06 31.85 -50.19
C ASN R 286 -8.05 32.97 -49.89
N ASP R 287 -8.54 33.65 -50.92
CA ASP R 287 -9.50 34.72 -50.73
C ASP R 287 -10.80 34.19 -50.13
N ALA R 288 -11.26 33.03 -50.60
CA ALA R 288 -12.47 32.43 -50.05
C ALA R 288 -12.27 32.05 -48.59
N LEU R 289 -11.11 31.48 -48.25
CA LEU R 289 -10.84 31.07 -46.88
C LEU R 289 -10.41 32.23 -45.98
N LYS R 290 -10.04 33.37 -46.54
CA LYS R 290 -9.66 34.51 -45.73
C LYS R 290 -10.85 35.01 -44.92
N GLY R 291 -10.60 35.29 -43.64
CA GLY R 291 -11.64 35.74 -42.75
C GLY R 291 -12.46 34.66 -42.10
N ASN R 292 -12.03 33.40 -42.18
CA ASN R 292 -12.72 32.29 -41.54
C ASN R 292 -11.88 31.74 -40.41
N VAL R 293 -12.55 31.28 -39.34
CA VAL R 293 -11.86 30.78 -38.16
C VAL R 293 -11.79 29.26 -38.12
N ASN R 294 -12.66 28.56 -38.87
CA ASN R 294 -12.62 27.10 -38.88
C ASN R 294 -11.44 26.54 -39.65
N VAL R 295 -10.85 27.33 -40.55
CA VAL R 295 -9.67 26.89 -41.30
C VAL R 295 -8.48 26.84 -40.35
N PHE R 296 -7.74 25.75 -40.40
CA PHE R 296 -6.58 25.60 -39.53
C PHE R 296 -5.47 26.56 -39.95
N SER R 297 -4.50 26.73 -39.05
CA SER R 297 -3.44 27.73 -39.26
C SER R 297 -2.66 27.43 -40.53
N ASN R 298 -2.28 26.18 -40.75
CA ASN R 298 -1.54 25.81 -41.94
C ASN R 298 -2.48 25.69 -43.13
N ASN R 299 -1.96 26.04 -44.31
CA ASN R 299 -2.72 25.96 -45.56
C ASN R 299 -2.72 24.50 -46.04
N SER R 300 -3.58 23.72 -45.41
CA SER R 300 -3.73 22.30 -45.73
C SER R 300 -4.61 22.11 -46.95
N LYS R 301 -4.15 22.58 -48.11
CA LYS R 301 -4.89 22.46 -49.36
C LYS R 301 -4.14 21.52 -50.30
N PHE R 302 -4.90 20.74 -51.07
CA PHE R 302 -4.31 19.81 -52.03
C PHE R 302 -5.12 19.85 -53.32
N LEU R 303 -4.46 19.51 -54.42
CA LEU R 303 -5.10 19.47 -55.73
C LEU R 303 -5.74 18.10 -55.93
N VAL R 304 -7.05 18.08 -56.13
CA VAL R 304 -7.76 16.83 -56.35
C VAL R 304 -7.46 16.32 -57.75
N GLY R 305 -7.11 15.04 -57.85
CA GLY R 305 -6.89 14.44 -59.16
C GLY R 305 -8.17 14.42 -59.97
N ILE R 306 -8.02 14.59 -61.29
CA ILE R 306 -9.17 14.73 -62.17
C ILE R 306 -10.03 13.47 -62.14
N VAL R 307 -9.39 12.30 -62.00
CA VAL R 307 -10.14 11.05 -61.92
C VAL R 307 -11.03 11.05 -60.68
N GLU R 308 -10.57 11.66 -59.59
CA GLU R 308 -11.35 11.70 -58.35
C GLU R 308 -12.57 12.59 -58.47
N TYR R 309 -12.68 13.38 -59.55
CA TYR R 309 -13.78 14.34 -59.65
C TYR R 309 -15.13 13.63 -59.68
N LYS R 310 -15.22 12.52 -60.41
CA LYS R 310 -16.46 11.75 -60.45
C LYS R 310 -16.73 11.09 -59.09
N ASP R 311 -15.68 10.60 -58.42
CA ASP R 311 -15.88 9.88 -57.18
C ASP R 311 -16.30 10.79 -56.04
N LEU R 312 -15.83 12.04 -56.05
CA LEU R 312 -16.18 12.97 -54.97
C LEU R 312 -17.67 13.26 -54.93
N LEU R 313 -18.36 13.13 -56.06
CA LEU R 313 -19.77 13.45 -56.15
C LEU R 313 -20.64 12.23 -56.49
N ARG R 314 -20.05 11.04 -56.53
CA ARG R 314 -20.86 9.84 -56.75
C ARG R 314 -21.78 9.62 -55.55
N PRO R 315 -22.98 9.09 -55.78
CA PRO R 315 -23.93 8.89 -54.68
C PRO R 315 -23.53 7.73 -53.79
N VAL R 316 -24.23 7.62 -52.66
CA VAL R 316 -23.98 6.59 -51.67
C VAL R 316 -25.30 5.94 -51.29
N LYS R 317 -25.20 4.86 -50.52
CA LYS R 317 -26.35 4.12 -49.99
C LYS R 317 -27.29 3.66 -51.10
N SER R 318 -26.75 3.27 -52.25
CA SER R 318 -27.55 2.78 -53.36
C SER R 318 -27.72 1.26 -53.35
N SER R 319 -27.46 0.61 -52.21
CA SER R 319 -27.56 -0.85 -52.16
C SER R 319 -28.99 -1.32 -52.41
N ASP R 320 -29.97 -0.65 -51.83
CA ASP R 320 -31.37 -1.03 -51.97
C ASP R 320 -32.17 0.16 -52.45
N VAL R 321 -33.16 -0.10 -53.31
CA VAL R 321 -33.97 0.99 -53.87
C VAL R 321 -34.80 1.64 -52.78
N LYS R 322 -35.52 0.84 -51.99
CA LYS R 322 -36.40 1.36 -50.96
C LYS R 322 -36.83 0.23 -50.04
N LEU R 323 -37.43 0.61 -48.92
CA LEU R 323 -38.09 -0.36 -48.06
C LEU R 323 -39.41 -0.77 -48.68
N THR R 324 -39.62 -2.08 -48.81
CA THR R 324 -40.78 -2.62 -49.52
C THR R 324 -41.89 -2.95 -48.53
N ARG R 325 -43.09 -2.45 -48.81
CA ARG R 325 -44.24 -2.76 -47.96
C ARG R 325 -44.57 -4.25 -48.04
N GLY R 326 -44.88 -4.83 -46.88
CA GLY R 326 -45.12 -6.25 -46.77
C GLY R 326 -43.90 -7.07 -46.42
N SER R 327 -42.70 -6.50 -46.49
CA SER R 327 -41.51 -7.22 -46.12
C SER R 327 -41.44 -7.41 -44.61
N TYR R 328 -40.71 -8.45 -44.20
CA TYR R 328 -40.51 -8.75 -42.79
C TYR R 328 -39.15 -8.22 -42.35
N VAL R 329 -39.14 -7.44 -41.26
CA VAL R 329 -37.93 -6.78 -40.79
C VAL R 329 -37.82 -6.98 -39.27
N ARG R 330 -36.63 -6.71 -38.75
CA ARG R 330 -36.34 -6.77 -37.33
C ARG R 330 -36.25 -5.36 -36.78
N VAL R 331 -36.59 -5.21 -35.50
CA VAL R 331 -36.66 -3.91 -34.85
C VAL R 331 -35.40 -3.67 -34.03
N LYS R 332 -34.79 -2.50 -34.20
CA LYS R 332 -33.52 -2.21 -33.55
C LYS R 332 -33.68 -1.97 -32.04
N ASN R 333 -34.69 -1.22 -31.64
CA ASN R 333 -34.86 -0.87 -30.23
C ASN R 333 -36.35 -0.73 -29.95
N GLY R 334 -36.67 -0.24 -28.76
CA GLY R 334 -38.06 -0.13 -28.32
C GLY R 334 -38.51 -1.34 -27.54
N LYS R 335 -39.80 -1.32 -27.18
CA LYS R 335 -40.38 -2.41 -26.40
C LYS R 335 -40.37 -3.73 -27.18
N PHE R 336 -40.38 -3.68 -28.50
CA PHE R 336 -40.32 -4.88 -29.34
C PHE R 336 -38.92 -5.03 -29.97
N LYS R 337 -37.89 -4.69 -29.19
CA LYS R 337 -36.51 -4.79 -29.65
C LYS R 337 -36.18 -6.21 -30.08
N GLY R 338 -35.95 -6.40 -31.38
CA GLY R 338 -35.62 -7.69 -31.93
C GLY R 338 -36.78 -8.50 -32.46
N ASP R 339 -38.02 -8.09 -32.20
CA ASP R 339 -39.17 -8.82 -32.71
C ASP R 339 -39.30 -8.61 -34.21
N LEU R 340 -39.60 -9.69 -34.93
CA LEU R 340 -39.84 -9.61 -36.36
C LEU R 340 -41.14 -8.86 -36.62
N ALA R 341 -41.09 -7.94 -37.58
CA ALA R 341 -42.23 -7.09 -37.87
C ALA R 341 -42.41 -6.98 -39.38
N GLN R 342 -43.67 -7.00 -39.81
CA GLN R 342 -44.00 -6.84 -41.22
C GLN R 342 -44.21 -5.35 -41.52
N VAL R 343 -43.69 -4.91 -42.65
CA VAL R 343 -43.80 -3.51 -43.05
C VAL R 343 -45.14 -3.30 -43.76
N ASP R 344 -46.18 -3.03 -43.00
CA ASP R 344 -47.49 -2.76 -43.60
C ASP R 344 -47.47 -1.47 -44.41
N GLU R 345 -46.83 -0.43 -43.89
CA GLU R 345 -46.82 0.87 -44.54
C GLU R 345 -45.42 1.46 -44.49
N VAL R 346 -45.01 2.08 -45.60
CA VAL R 346 -43.77 2.84 -45.67
C VAL R 346 -44.14 4.30 -45.83
N LEU R 347 -43.74 5.13 -44.87
CA LEU R 347 -43.99 6.56 -44.95
C LEU R 347 -43.15 7.17 -46.06
N GLU R 348 -43.75 8.08 -46.83
CA GLU R 348 -43.05 8.71 -47.94
C GLU R 348 -41.85 9.53 -47.48
N ASN R 349 -41.83 9.97 -46.23
CA ASN R 349 -40.67 10.69 -45.71
C ASN R 349 -39.44 9.79 -45.64
N GLY R 350 -39.63 8.51 -45.37
CA GLY R 350 -38.54 7.57 -45.29
C GLY R 350 -37.84 7.49 -43.96
N LEU R 351 -38.16 8.38 -43.03
CA LEU R 351 -37.58 8.33 -41.69
C LEU R 351 -38.34 7.42 -40.75
N GLU R 352 -39.63 7.18 -41.02
CA GLU R 352 -40.47 6.32 -40.21
C GLU R 352 -41.29 5.42 -41.12
N ALA R 353 -41.98 4.45 -40.52
CA ALA R 353 -42.81 3.52 -41.28
C ALA R 353 -43.73 2.79 -40.32
N ARG R 354 -44.98 2.61 -40.74
CA ARG R 354 -45.95 1.87 -39.94
C ARG R 354 -45.72 0.38 -40.11
N LEU R 355 -45.70 -0.35 -39.00
CA LEU R 355 -45.32 -1.75 -39.01
C LEU R 355 -46.37 -2.60 -38.30
N LYS R 356 -46.42 -3.88 -38.69
CA LYS R 356 -47.32 -4.85 -38.11
C LYS R 356 -46.53 -5.71 -37.12
N LEU R 357 -46.93 -5.68 -35.84
CA LEU R 357 -46.17 -6.34 -34.79
C LEU R 357 -47.09 -7.18 -33.94
N VAL R 358 -46.49 -8.04 -33.13
CA VAL R 358 -47.21 -8.83 -32.13
C VAL R 358 -47.20 -8.07 -30.81
N PRO R 359 -48.36 -7.77 -30.24
CA PRO R 359 -48.40 -6.93 -29.03
C PRO R 359 -47.68 -7.57 -27.85
N ARG R 360 -47.15 -6.72 -26.98
CA ARG R 360 -46.50 -7.13 -25.73
C ARG R 360 -47.19 -6.37 -24.60
N LEU R 361 -48.23 -6.97 -24.03
CA LEU R 361 -49.03 -6.31 -23.02
C LEU R 361 -49.27 -7.24 -21.84
N ASP R 362 -49.50 -6.63 -20.68
CA ASP R 362 -49.95 -7.34 -19.49
C ASP R 362 -51.39 -6.99 -19.10
N TYR R 363 -51.97 -5.96 -19.72
CA TYR R 363 -53.33 -5.49 -19.48
C TYR R 363 -53.54 -4.99 -18.04
N GLY R 364 -52.47 -4.84 -17.27
CA GLY R 364 -52.58 -4.38 -15.90
C GLY R 364 -52.94 -5.48 -14.93
N PHE R 390 -37.39 -5.81 -18.83
CA PHE R 390 -38.60 -6.38 -18.25
C PHE R 390 -39.82 -6.01 -19.10
N ARG R 391 -40.23 -6.93 -19.98
CA ARG R 391 -41.37 -6.71 -20.84
C ARG R 391 -42.15 -8.00 -20.96
N PRO R 392 -43.47 -7.94 -21.12
CA PRO R 392 -44.25 -9.16 -21.31
C PRO R 392 -43.95 -9.82 -22.64
N ALA R 393 -44.12 -11.14 -22.69
CA ALA R 393 -43.90 -11.89 -23.92
C ALA R 393 -44.90 -11.46 -24.99
N GLN R 394 -44.44 -11.52 -26.24
CA GLN R 394 -45.29 -11.11 -27.34
C GLN R 394 -46.49 -12.05 -27.46
N ARG R 395 -47.66 -11.46 -27.71
CA ARG R 395 -48.89 -12.22 -27.79
C ARG R 395 -49.94 -11.38 -28.52
N LEU R 396 -50.77 -12.04 -29.32
CA LEU R 396 -51.82 -11.34 -30.04
C LEU R 396 -52.75 -10.64 -29.06
N PHE R 397 -53.12 -9.41 -29.38
CA PHE R 397 -53.94 -8.61 -28.49
C PHE R 397 -55.31 -9.26 -28.34
N SER R 398 -55.64 -9.67 -27.12
CA SER R 398 -56.88 -10.39 -26.84
C SER R 398 -57.89 -9.40 -26.27
N GLU R 399 -58.96 -9.16 -27.01
CA GLU R 399 -59.92 -8.12 -26.64
C GLU R 399 -60.68 -8.48 -25.37
N ALA R 400 -61.03 -9.75 -25.19
CA ALA R 400 -61.78 -10.16 -24.01
C ALA R 400 -60.96 -9.99 -22.74
N GLU R 401 -59.72 -10.49 -22.74
CA GLU R 401 -58.86 -10.32 -21.58
C GLU R 401 -58.57 -8.84 -21.33
N ALA R 402 -58.37 -8.08 -22.40
CA ALA R 402 -58.12 -6.64 -22.25
C ALA R 402 -59.31 -5.95 -21.59
N ARG R 403 -60.54 -6.28 -22.00
CA ARG R 403 -61.70 -5.67 -21.37
C ARG R 403 -61.84 -6.12 -19.92
N VAL R 404 -61.57 -7.39 -19.64
CA VAL R 404 -61.71 -7.88 -18.27
C VAL R 404 -60.72 -7.17 -17.35
N HIS R 405 -59.47 -7.04 -17.79
CA HIS R 405 -58.46 -6.34 -17.02
C HIS R 405 -58.51 -4.83 -17.20
N GLU R 406 -59.18 -4.33 -18.23
CA GLU R 406 -59.27 -2.90 -18.47
C GLU R 406 -60.48 -2.59 -19.37
N PRO R 407 -61.62 -2.22 -18.78
CA PRO R 407 -62.84 -2.03 -19.58
C PRO R 407 -62.89 -0.74 -20.37
N THR R 408 -61.77 -0.02 -20.51
CA THR R 408 -61.74 1.25 -21.22
C THR R 408 -61.28 1.11 -22.68
N ILE R 409 -61.59 -0.02 -23.32
CA ILE R 409 -61.19 -0.22 -24.71
C ILE R 409 -62.01 0.70 -25.62
N ARG R 410 -61.37 1.21 -26.66
CA ARG R 410 -62.05 2.01 -27.68
C ARG R 410 -62.25 1.19 -28.95
N ARG R 411 -63.24 1.61 -29.74
CA ARG R 411 -63.55 1.01 -31.03
C ARG R 411 -63.70 2.10 -32.07
N ASP R 412 -63.12 1.89 -33.25
CA ASP R 412 -63.21 2.85 -34.35
C ASP R 412 -63.77 2.25 -35.63
N ARG R 413 -63.54 0.96 -35.87
CA ARG R 413 -64.04 0.28 -37.08
C ARG R 413 -64.36 -1.16 -36.71
N ASP R 414 -64.51 -1.99 -37.74
CA ASP R 414 -64.68 -3.43 -37.56
C ASP R 414 -63.34 -4.11 -37.79
N GLY R 415 -62.84 -4.80 -36.76
CA GLY R 415 -61.54 -5.43 -36.80
C GLY R 415 -60.39 -4.53 -36.42
N PHE R 416 -60.61 -3.23 -36.34
CA PHE R 416 -59.59 -2.26 -35.93
C PHE R 416 -59.95 -1.75 -34.54
N VAL R 417 -59.14 -2.11 -33.55
CA VAL R 417 -59.41 -1.79 -32.15
C VAL R 417 -58.25 -0.98 -31.59
N THR R 418 -58.60 0.04 -30.82
CA THR R 418 -57.62 0.89 -30.14
C THR R 418 -57.76 0.67 -28.64
N TYR R 419 -56.72 0.12 -28.03
CA TYR R 419 -56.70 -0.16 -26.60
C TYR R 419 -55.51 0.52 -25.97
N GLY R 420 -55.76 1.35 -24.96
CA GLY R 420 -54.69 2.04 -24.27
C GLY R 420 -53.89 2.98 -25.16
N GLY R 421 -54.54 3.57 -26.16
CA GLY R 421 -53.85 4.42 -27.10
C GLY R 421 -53.09 3.70 -28.19
N GLU R 422 -53.14 2.37 -28.20
CA GLU R 422 -52.44 1.56 -29.20
C GLU R 422 -53.44 0.90 -30.13
N GLU R 423 -53.19 1.00 -31.42
CA GLU R 423 -54.12 0.53 -32.45
C GLU R 423 -53.77 -0.90 -32.82
N TYR R 424 -54.69 -1.83 -32.53
CA TYR R 424 -54.52 -3.24 -32.86
C TYR R 424 -55.54 -3.61 -33.92
N TYR R 425 -55.06 -4.17 -35.04
CA TYR R 425 -55.89 -4.52 -36.18
C TYR R 425 -55.96 -6.03 -36.28
N GLU R 426 -57.14 -6.59 -35.97
CA GLU R 426 -57.38 -8.03 -36.05
C GLU R 426 -56.38 -8.82 -35.24
N GLY R 427 -56.05 -8.32 -34.05
CA GLY R 427 -55.15 -8.99 -33.14
C GLY R 427 -53.68 -8.66 -33.31
N PHE R 428 -53.32 -7.86 -34.31
CA PHE R 428 -51.94 -7.48 -34.55
C PHE R 428 -51.78 -5.98 -34.33
N LEU R 429 -50.74 -5.59 -33.61
CA LEU R 429 -50.46 -4.18 -33.39
C LEU R 429 -49.96 -3.54 -34.67
N TYR R 430 -50.45 -2.33 -34.95
CA TYR R 430 -49.98 -1.51 -36.06
C TYR R 430 -49.45 -0.21 -35.48
N LYS R 431 -48.13 -0.03 -35.49
CA LYS R 431 -47.48 1.12 -34.90
C LYS R 431 -46.36 1.60 -35.80
N THR R 432 -46.28 2.91 -35.99
CA THR R 432 -45.21 3.51 -36.78
C THR R 432 -43.89 3.46 -36.01
N PHE R 433 -42.82 3.11 -36.71
CA PHE R 433 -41.50 3.05 -36.12
C PHE R 433 -40.51 3.78 -37.03
N ARG R 434 -39.52 4.41 -36.42
CA ARG R 434 -38.54 5.17 -37.17
C ARG R 434 -37.61 4.24 -37.95
N LEU R 435 -37.02 4.79 -39.02
CA LEU R 435 -36.05 4.02 -39.81
C LEU R 435 -34.85 3.59 -38.98
N GLN R 436 -34.45 4.46 -38.04
CA GLN R 436 -33.38 4.18 -37.09
C GLN R 436 -33.77 3.11 -36.05
N ASN R 437 -34.95 2.46 -36.18
CA ASN R 437 -35.40 1.40 -35.28
C ASN R 437 -35.53 0.06 -35.99
N LEU R 438 -35.00 -0.07 -37.20
CA LEU R 438 -35.22 -1.26 -38.01
C LEU R 438 -33.92 -1.77 -38.62
N ILE R 439 -33.84 -3.09 -38.78
CA ILE R 439 -32.78 -3.75 -39.54
C ILE R 439 -33.43 -4.35 -40.78
N VAL R 440 -33.03 -3.85 -41.95
CA VAL R 440 -33.61 -4.28 -43.21
C VAL R 440 -32.73 -5.27 -43.96
N ASN R 441 -31.65 -5.74 -43.34
CA ASN R 441 -30.75 -6.69 -43.98
C ASN R 441 -30.26 -7.69 -42.94
N SER R 442 -29.80 -8.85 -43.41
CA SER R 442 -29.36 -9.94 -42.54
C SER R 442 -30.43 -10.33 -41.54
N ILE R 443 -31.67 -10.39 -42.03
CA ILE R 443 -32.81 -10.67 -41.16
C ILE R 443 -32.93 -12.18 -40.97
N ASN R 444 -33.03 -12.61 -39.71
CA ASN R 444 -33.08 -14.02 -39.38
C ASN R 444 -34.48 -14.40 -38.95
N PRO R 445 -35.25 -15.10 -39.78
CA PRO R 445 -36.62 -15.47 -39.42
C PRO R 445 -36.71 -16.81 -38.70
N THR R 446 -37.74 -16.92 -37.87
CA THR R 446 -38.05 -18.15 -37.15
C THR R 446 -39.42 -18.66 -37.60
N LEU R 447 -39.55 -19.98 -37.71
CA LEU R 447 -40.81 -20.55 -38.16
C LEU R 447 -41.94 -20.32 -37.16
N ASN R 448 -41.61 -20.16 -35.87
CA ASN R 448 -42.65 -19.86 -34.89
C ASN R 448 -43.29 -18.50 -35.17
N GLU R 449 -42.46 -17.47 -35.30
CA GLU R 449 -42.97 -16.14 -35.61
C GLU R 449 -43.62 -16.10 -37.00
N LEU R 450 -43.04 -16.83 -37.95
CA LEU R 450 -43.62 -16.90 -39.29
C LEU R 450 -45.02 -17.48 -39.26
N SER R 451 -45.22 -18.57 -38.51
CA SER R 451 -46.54 -19.15 -38.37
C SER R 451 -47.49 -18.21 -37.63
N LEU R 452 -47.01 -17.57 -36.56
CA LEU R 452 -47.86 -16.65 -35.81
C LEU R 452 -48.29 -15.46 -36.67
N PHE R 453 -47.46 -15.05 -37.62
CA PHE R 453 -47.80 -13.96 -38.52
C PHE R 453 -48.69 -14.39 -39.67
N GLN R 454 -48.47 -15.58 -40.22
CA GLN R 454 -49.17 -16.03 -41.42
C GLN R 454 -50.43 -16.84 -41.12
N SER R 455 -50.71 -17.12 -39.85
CA SER R 455 -51.91 -17.88 -39.52
C SER R 455 -53.18 -17.13 -39.94
N ASN R 456 -53.19 -15.81 -39.77
CA ASN R 456 -54.34 -15.01 -40.15
C ASN R 456 -54.51 -14.90 -41.66
N GLU R 457 -53.53 -15.33 -42.45
CA GLU R 457 -53.60 -15.31 -43.90
C GLU R 457 -54.21 -16.59 -44.47
N GLU R 458 -54.84 -17.41 -43.64
CA GLU R 458 -55.50 -18.66 -44.02
C GLU R 458 -54.55 -19.66 -44.66
N SER R 459 -53.24 -19.48 -44.50
CA SER R 459 -52.27 -20.42 -45.04
C SER R 459 -50.94 -20.22 -44.32
N THR R 460 -50.28 -21.33 -44.02
CA THR R 460 -49.03 -21.30 -43.26
C THR R 460 -47.88 -20.89 -44.19
N THR R 461 -47.36 -19.68 -43.98
CA THR R 461 -46.19 -19.17 -44.71
C THR R 461 -46.40 -19.23 -46.23
N ILE R 462 -47.47 -18.57 -46.68
CA ILE R 462 -47.74 -18.51 -48.12
C ILE R 462 -46.69 -17.67 -48.83
N ASP R 463 -46.25 -16.58 -48.20
CA ASP R 463 -45.23 -15.71 -48.80
C ASP R 463 -43.85 -16.27 -48.48
N LEU R 464 -43.07 -16.57 -49.52
CA LEU R 464 -41.76 -17.17 -49.33
C LEU R 464 -40.69 -16.59 -50.25
N SER R 465 -40.91 -15.43 -50.88
CA SER R 465 -39.90 -14.86 -51.75
C SER R 465 -38.79 -14.19 -50.95
N THR R 466 -39.18 -13.27 -50.05
CA THR R 466 -38.19 -12.66 -49.16
C THR R 466 -37.53 -13.69 -48.27
N ILE R 467 -38.30 -14.70 -47.84
CA ILE R 467 -37.73 -15.79 -47.06
C ILE R 467 -36.69 -16.55 -47.88
N ALA R 468 -36.98 -16.81 -49.16
CA ALA R 468 -36.01 -17.50 -50.02
C ALA R 468 -34.75 -16.65 -50.20
N ASP R 469 -34.91 -15.34 -50.35
CA ASP R 469 -33.74 -14.47 -50.46
C ASP R 469 -32.91 -14.51 -49.18
N SER R 470 -33.57 -14.50 -48.02
CA SER R 470 -32.86 -14.62 -46.76
C SER R 470 -32.14 -15.95 -46.65
N LEU R 471 -32.77 -17.02 -47.14
CA LEU R 471 -32.12 -18.34 -47.15
C LEU R 471 -30.86 -18.31 -48.00
N LYS R 472 -30.94 -17.67 -49.17
CA LYS R 472 -29.77 -17.57 -50.03
C LYS R 472 -28.66 -16.78 -49.34
N GLU R 473 -29.01 -15.68 -48.67
CA GLU R 473 -28.02 -14.89 -47.96
C GLU R 473 -27.36 -15.71 -46.84
N THR R 474 -28.17 -16.44 -46.07
CA THR R 474 -27.62 -17.24 -44.99
C THR R 474 -26.72 -18.35 -45.52
N ALA R 475 -27.11 -18.98 -46.62
CA ALA R 475 -26.26 -20.02 -47.22
C ALA R 475 -24.95 -19.44 -47.72
N LYS R 476 -25.00 -18.26 -48.35
CA LYS R 476 -23.79 -17.68 -48.93
C LYS R 476 -22.83 -17.19 -47.86
N ASN R 477 -23.34 -16.49 -46.85
CA ASN R 477 -22.46 -15.89 -45.85
C ASN R 477 -21.88 -16.91 -44.88
N LEU R 478 -22.61 -18.00 -44.61
CA LEU R 478 -22.15 -18.96 -43.61
C LEU R 478 -20.99 -19.83 -44.10
N VAL R 479 -20.68 -19.83 -45.39
CA VAL R 479 -19.62 -20.68 -45.90
C VAL R 479 -18.26 -20.09 -45.54
N SER R 480 -17.44 -20.88 -44.87
CA SER R 480 -16.06 -20.52 -44.55
C SER R 480 -15.16 -21.69 -44.92
N PHE R 481 -14.02 -21.39 -45.53
CA PHE R 481 -13.14 -22.41 -46.07
C PHE R 481 -11.83 -22.46 -45.29
N GLN R 482 -11.19 -23.62 -45.38
CA GLN R 482 -9.90 -23.87 -44.74
C GLN R 482 -9.04 -24.65 -45.73
N PRO R 483 -7.72 -24.60 -45.59
CA PRO R 483 -6.85 -25.39 -46.47
C PRO R 483 -7.16 -26.87 -46.33
N GLY R 484 -7.09 -27.58 -47.47
CA GLY R 484 -7.34 -29.00 -47.50
C GLY R 484 -8.78 -29.41 -47.71
N ASP R 485 -9.71 -28.45 -47.79
CA ASP R 485 -11.11 -28.79 -48.01
C ASP R 485 -11.33 -29.22 -49.45
N ASN R 486 -12.08 -30.32 -49.61
CA ASN R 486 -12.47 -30.81 -50.93
C ASN R 486 -13.69 -30.02 -51.40
N VAL R 487 -13.55 -29.32 -52.52
CA VAL R 487 -14.58 -28.42 -53.01
C VAL R 487 -14.88 -28.74 -54.47
N GLU R 488 -16.06 -28.29 -54.91
CA GLU R 488 -16.48 -28.43 -56.30
C GLU R 488 -16.90 -27.07 -56.84
N ILE R 489 -16.72 -26.89 -58.14
CA ILE R 489 -16.90 -25.61 -58.80
C ILE R 489 -18.25 -25.59 -59.49
N ILE R 490 -19.01 -24.51 -59.28
CA ILE R 490 -20.38 -24.42 -59.79
C ILE R 490 -20.44 -23.68 -61.11
N ASN R 491 -19.63 -22.65 -61.30
CA ASN R 491 -19.69 -21.81 -62.48
C ASN R 491 -18.33 -21.79 -63.18
N GLY R 492 -18.20 -20.90 -64.16
CA GLY R 492 -16.94 -20.72 -64.87
C GLY R 492 -16.65 -21.82 -65.86
N GLU R 493 -15.55 -21.64 -66.58
CA GLU R 493 -15.12 -22.67 -67.53
C GLU R 493 -14.71 -23.95 -66.82
N LEU R 494 -14.28 -23.84 -65.56
CA LEU R 494 -13.87 -24.99 -64.77
C LEU R 494 -15.02 -25.58 -63.95
N ASN R 495 -16.26 -25.41 -64.41
CA ASN R 495 -17.42 -25.90 -63.70
C ASN R 495 -17.39 -27.42 -63.61
N HIS R 496 -17.93 -27.94 -62.50
CA HIS R 496 -17.97 -29.39 -62.23
C HIS R 496 -16.56 -29.98 -62.19
N LEU R 497 -15.68 -29.33 -61.45
CA LEU R 497 -14.33 -29.84 -61.22
C LEU R 497 -14.07 -29.90 -59.71
N THR R 498 -13.34 -30.94 -59.31
CA THR R 498 -12.99 -31.14 -57.91
C THR R 498 -11.58 -30.66 -57.63
N GLY R 499 -11.35 -30.23 -56.40
CA GLY R 499 -10.05 -29.73 -56.01
C GLY R 499 -9.96 -29.57 -54.52
N THR R 500 -8.73 -29.40 -54.05
CA THR R 500 -8.43 -29.26 -52.63
C THR R 500 -7.88 -27.86 -52.38
N VAL R 501 -8.39 -27.20 -51.35
CA VAL R 501 -7.96 -25.85 -51.02
C VAL R 501 -6.52 -25.90 -50.52
N SER R 502 -5.63 -25.19 -51.19
CA SER R 502 -4.23 -25.15 -50.80
C SER R 502 -3.94 -24.04 -49.80
N SER R 503 -4.31 -22.80 -50.14
CA SER R 503 -4.09 -21.67 -49.26
C SER R 503 -5.27 -20.72 -49.37
N VAL R 504 -5.48 -19.94 -48.32
CA VAL R 504 -6.57 -18.98 -48.24
C VAL R 504 -5.99 -17.58 -48.11
N ASN R 505 -6.44 -16.68 -48.98
CA ASN R 505 -6.03 -15.28 -48.95
C ASN R 505 -7.28 -14.42 -48.85
N GLN R 506 -7.28 -13.50 -47.88
CA GLN R 506 -8.45 -12.67 -47.55
C GLN R 506 -9.63 -13.61 -47.30
N SER R 507 -10.81 -13.34 -47.86
CA SER R 507 -11.96 -14.21 -47.71
C SER R 507 -12.69 -14.43 -49.03
N THR R 508 -12.12 -13.98 -50.15
CA THR R 508 -12.75 -14.11 -51.45
C THR R 508 -11.88 -14.78 -52.50
N ILE R 509 -10.59 -14.94 -52.26
CA ILE R 509 -9.68 -15.59 -53.21
C ILE R 509 -9.10 -16.82 -52.52
N VAL R 510 -9.29 -17.98 -53.14
CA VAL R 510 -8.84 -19.25 -52.58
C VAL R 510 -8.00 -19.97 -53.63
N SER R 511 -6.76 -20.29 -53.29
CA SER R 511 -5.90 -21.06 -54.17
C SER R 511 -6.25 -22.54 -54.06
N VAL R 512 -6.57 -23.16 -55.18
CA VAL R 512 -7.02 -24.55 -55.23
C VAL R 512 -6.15 -25.33 -56.20
N ARG R 513 -5.75 -26.52 -55.77
CA ARG R 513 -5.07 -27.48 -56.64
C ARG R 513 -6.11 -28.51 -57.11
N LEU R 514 -6.31 -28.59 -58.41
CA LEU R 514 -7.35 -29.46 -58.96
C LEU R 514 -6.87 -30.90 -59.08
N HIS R 515 -7.83 -31.82 -59.02
CA HIS R 515 -7.57 -33.25 -59.16
C HIS R 515 -8.24 -33.76 -60.42
N SER R 516 -7.47 -34.48 -61.24
CA SER R 516 -7.97 -35.03 -62.50
C SER R 516 -7.10 -36.21 -62.89
N ASP R 517 -7.58 -36.97 -63.87
CA ASP R 517 -6.84 -38.15 -64.33
C ASP R 517 -5.52 -37.78 -64.99
N ASP R 518 -5.37 -36.53 -65.44
CA ASP R 518 -4.12 -36.09 -66.04
C ASP R 518 -3.16 -35.58 -64.97
N ASP R 519 -1.94 -36.14 -64.96
CA ASP R 519 -0.97 -35.78 -63.93
C ASP R 519 -0.52 -34.33 -64.08
N THR R 520 -0.33 -33.86 -65.32
CA THR R 520 0.13 -32.49 -65.53
C THR R 520 -0.88 -31.45 -65.05
N ILE R 521 -2.16 -31.79 -65.02
CA ILE R 521 -3.17 -30.87 -64.53
C ILE R 521 -3.20 -30.84 -63.00
N ASN R 522 -2.92 -31.98 -62.36
CA ASN R 522 -2.97 -32.07 -60.90
C ASN R 522 -1.83 -31.31 -60.23
N SER R 523 -0.83 -30.87 -60.99
CA SER R 523 0.31 -30.14 -60.44
C SER R 523 0.17 -28.63 -60.59
N GLU R 524 -1.04 -28.15 -60.86
CA GLU R 524 -1.31 -26.73 -61.06
C GLU R 524 -2.19 -26.21 -59.94
N THR R 525 -1.92 -25.00 -59.48
CA THR R 525 -2.71 -24.33 -58.46
C THR R 525 -3.47 -23.17 -59.09
N VAL R 526 -4.78 -23.11 -58.82
CA VAL R 526 -5.66 -22.11 -59.41
C VAL R 526 -6.33 -21.34 -58.28
N GLU R 527 -6.31 -20.01 -58.39
CA GLU R 527 -7.01 -19.15 -57.44
C GLU R 527 -8.43 -18.93 -57.93
N ILE R 528 -9.41 -19.30 -57.11
CA ILE R 528 -10.80 -19.29 -57.54
C ILE R 528 -11.65 -18.52 -56.54
N PRO R 529 -12.57 -17.67 -56.98
CA PRO R 529 -13.46 -16.97 -56.04
C PRO R 529 -14.30 -17.96 -55.25
N THR R 530 -14.55 -17.60 -53.98
CA THR R 530 -15.30 -18.47 -53.08
C THR R 530 -16.78 -18.56 -53.44
N SER R 531 -17.31 -17.60 -54.21
CA SER R 531 -18.73 -17.61 -54.55
C SER R 531 -19.10 -18.75 -55.49
N ASP R 532 -18.12 -19.43 -56.09
CA ASP R 532 -18.36 -20.53 -57.01
C ASP R 532 -17.70 -21.81 -56.52
N LEU R 533 -17.75 -22.05 -55.21
CA LEU R 533 -17.20 -23.26 -54.61
C LEU R 533 -18.24 -23.91 -53.73
N ARG R 534 -18.35 -25.24 -53.82
CA ARG R 534 -19.25 -26.01 -52.96
C ARG R 534 -18.45 -27.13 -52.31
N LYS R 535 -18.60 -27.28 -50.99
CA LYS R 535 -17.84 -28.28 -50.27
C LYS R 535 -18.25 -29.69 -50.68
N ILE R 536 -17.27 -30.58 -50.73
CA ILE R 536 -17.48 -31.98 -51.07
C ILE R 536 -17.33 -32.81 -49.81
N PHE R 537 -18.38 -33.53 -49.43
CA PHE R 537 -18.42 -34.31 -48.21
C PHE R 537 -18.51 -35.79 -48.57
N ASN R 538 -17.46 -36.54 -48.24
CA ASN R 538 -17.41 -37.97 -48.51
C ASN R 538 -17.92 -38.76 -47.32
N VAL R 539 -18.45 -39.95 -47.61
CA VAL R 539 -19.07 -40.78 -46.57
C VAL R 539 -17.99 -41.33 -45.66
N GLY R 540 -18.19 -41.18 -44.35
CA GLY R 540 -17.27 -41.72 -43.38
C GLY R 540 -16.21 -40.74 -42.92
N ASP R 541 -16.61 -39.47 -42.77
CA ASP R 541 -15.70 -38.41 -42.35
C ASP R 541 -16.26 -37.71 -41.11
N HIS R 542 -15.38 -37.39 -40.18
CA HIS R 542 -15.79 -36.64 -38.99
C HIS R 542 -16.15 -35.21 -39.39
N VAL R 543 -17.38 -34.80 -39.09
CA VAL R 543 -17.88 -33.48 -39.45
C VAL R 543 -18.56 -32.87 -38.24
N ARG R 544 -18.35 -31.57 -38.04
CA ARG R 544 -18.92 -30.84 -36.92
C ARG R 544 -19.91 -29.80 -37.45
N VAL R 545 -21.07 -29.71 -36.80
CA VAL R 545 -22.08 -28.76 -37.22
C VAL R 545 -21.63 -27.34 -36.89
N ILE R 546 -21.73 -26.45 -37.87
CA ILE R 546 -21.31 -25.07 -37.66
C ILE R 546 -22.36 -24.28 -36.92
N HIS R 547 -23.59 -24.29 -37.42
CA HIS R 547 -24.64 -23.43 -36.91
C HIS R 547 -25.99 -24.14 -37.04
N GLY R 548 -26.91 -23.83 -36.12
CA GLY R 548 -28.23 -24.37 -36.10
C GLY R 548 -28.58 -24.87 -34.73
N LYS R 549 -29.68 -25.63 -34.65
CA LYS R 549 -30.08 -26.22 -33.38
C LYS R 549 -29.07 -27.26 -32.91
N HIS R 550 -28.43 -27.97 -33.85
CA HIS R 550 -27.42 -28.97 -33.52
C HIS R 550 -26.02 -28.41 -33.51
N THR R 551 -25.85 -27.14 -33.14
CA THR R 551 -24.53 -26.53 -33.11
C THR R 551 -23.60 -27.30 -32.17
N ASP R 552 -22.34 -27.44 -32.60
CA ASP R 552 -21.29 -28.16 -31.90
C ASP R 552 -21.52 -29.66 -31.82
N ASP R 553 -22.40 -30.20 -32.67
CA ASP R 553 -22.59 -31.64 -32.75
C ASP R 553 -21.71 -32.20 -33.85
N THR R 554 -21.06 -33.33 -33.56
CA THR R 554 -20.14 -33.98 -34.48
C THR R 554 -20.63 -35.38 -34.82
N GLY R 555 -20.02 -35.97 -35.83
CA GLY R 555 -20.39 -37.31 -36.22
C GLY R 555 -19.67 -37.74 -37.48
N LEU R 556 -20.10 -38.88 -38.02
CA LEU R 556 -19.53 -39.46 -39.22
C LEU R 556 -20.57 -39.45 -40.33
N ILE R 557 -20.16 -39.00 -41.52
CA ILE R 557 -21.08 -38.90 -42.65
C ILE R 557 -21.54 -40.30 -43.05
N VAL R 558 -22.85 -40.44 -43.25
CA VAL R 558 -23.45 -41.71 -43.62
C VAL R 558 -24.11 -41.66 -44.99
N GLU R 559 -24.94 -40.65 -45.23
CA GLU R 559 -25.67 -40.50 -46.49
C GLU R 559 -25.53 -39.07 -46.99
N VAL R 560 -25.25 -38.92 -48.29
CA VAL R 560 -25.04 -37.62 -48.91
C VAL R 560 -26.15 -37.42 -49.93
N ASN R 561 -27.21 -36.76 -49.54
CA ASN R 561 -28.33 -36.46 -50.43
C ASN R 561 -28.20 -35.07 -51.06
N GLY R 562 -27.09 -34.84 -51.74
CA GLY R 562 -26.86 -33.57 -52.40
C GLY R 562 -26.68 -32.41 -51.44
N ASP R 563 -27.65 -31.49 -51.43
CA ASP R 563 -27.57 -30.33 -50.53
C ASP R 563 -27.63 -30.76 -49.07
N LYS R 564 -28.48 -31.73 -48.75
CA LYS R 564 -28.66 -32.19 -47.38
C LYS R 564 -27.82 -33.43 -47.15
N VAL R 565 -27.06 -33.43 -46.06
CA VAL R 565 -26.16 -34.53 -45.73
C VAL R 565 -26.60 -35.13 -44.40
N GLU R 566 -26.54 -36.46 -44.32
CA GLU R 566 -26.93 -37.20 -43.14
C GLU R 566 -25.70 -37.79 -42.46
N PHE R 567 -25.67 -37.72 -41.14
CA PHE R 567 -24.54 -38.21 -40.37
C PHE R 567 -25.01 -38.74 -39.02
N ILE R 568 -24.36 -39.80 -38.55
CA ILE R 568 -24.66 -40.37 -37.24
C ILE R 568 -23.98 -39.53 -36.17
N SER R 569 -24.75 -39.06 -35.20
CA SER R 569 -24.20 -38.19 -34.16
C SER R 569 -23.32 -38.99 -33.21
N ASN R 570 -22.47 -38.26 -32.48
CA ASN R 570 -21.57 -38.83 -31.49
C ASN R 570 -22.15 -38.80 -30.08
N GLN R 571 -22.74 -37.67 -29.69
CA GLN R 571 -23.31 -37.55 -28.35
C GLN R 571 -24.65 -38.27 -28.25
N THR R 572 -25.62 -37.89 -29.09
CA THR R 572 -26.92 -38.54 -29.08
C THR R 572 -26.87 -39.92 -29.73
N LYS R 573 -25.84 -40.21 -30.51
CA LYS R 573 -25.67 -41.51 -31.19
C LYS R 573 -26.88 -41.83 -32.07
N ARG R 574 -27.43 -40.81 -32.73
CA ARG R 574 -28.56 -40.98 -33.62
C ARG R 574 -28.32 -40.17 -34.89
N THR R 575 -28.95 -40.61 -35.97
CA THR R 575 -28.79 -39.93 -37.25
C THR R 575 -29.46 -38.57 -37.24
N VAL R 576 -28.77 -37.57 -37.77
CA VAL R 576 -29.28 -36.21 -37.88
C VAL R 576 -29.05 -35.74 -39.31
N ILE R 577 -30.08 -35.13 -39.90
CA ILE R 577 -30.04 -34.63 -41.27
C ILE R 577 -29.96 -33.11 -41.21
N VAL R 578 -28.82 -32.57 -41.65
CA VAL R 578 -28.59 -31.13 -41.69
C VAL R 578 -27.99 -30.80 -43.04
N PHE R 579 -28.24 -29.57 -43.50
CA PHE R 579 -27.72 -29.14 -44.79
C PHE R 579 -26.20 -29.15 -44.79
N SER R 580 -25.62 -29.41 -45.97
CA SER R 580 -24.17 -29.42 -46.12
C SER R 580 -23.55 -28.05 -45.83
N ASN R 581 -24.36 -26.99 -45.87
CA ASN R 581 -23.88 -25.65 -45.57
C ASN R 581 -23.51 -25.48 -44.09
N TYR R 582 -23.99 -26.36 -43.21
CA TYR R 582 -23.80 -26.23 -41.78
C TYR R 582 -22.80 -27.24 -41.23
N LEU R 583 -21.97 -27.83 -42.09
CA LEU R 583 -21.03 -28.87 -41.69
C LEU R 583 -19.61 -28.49 -42.08
N ILE R 584 -18.68 -28.78 -41.20
CA ILE R 584 -17.25 -28.61 -41.45
C ILE R 584 -16.54 -29.92 -41.13
N LYS R 585 -15.66 -30.34 -42.03
CA LYS R 585 -14.90 -31.57 -41.82
C LYS R 585 -13.88 -31.35 -40.71
N SER R 586 -14.25 -31.70 -39.49
CA SER R 586 -13.37 -31.57 -38.32
C SER R 586 -13.08 -32.97 -37.78
N THR R 587 -11.85 -33.43 -38.00
CA THR R 587 -11.49 -34.79 -37.65
C THR R 587 -11.51 -35.05 -36.15
N ASP R 588 -11.51 -34.00 -35.33
CA ASP R 588 -11.53 -34.15 -33.88
C ASP R 588 -12.64 -33.28 -33.31
N SER R 589 -13.39 -33.84 -32.34
CA SER R 589 -14.49 -33.10 -31.73
C SER R 589 -13.98 -32.19 -30.61
N THR R 590 -13.46 -32.79 -29.54
CA THR R 590 -13.00 -32.08 -28.34
C THR R 590 -13.99 -31.00 -27.92
N VAL R 591 -15.23 -31.42 -27.71
CA VAL R 591 -16.32 -30.50 -27.38
C VAL R 591 -16.24 -30.13 -25.91
N SER R 592 -16.31 -28.84 -25.62
CA SER R 592 -16.36 -28.34 -24.26
C SER R 592 -17.80 -28.04 -23.90
N ILE R 593 -18.25 -28.53 -22.75
CA ILE R 593 -19.63 -28.42 -22.32
C ILE R 593 -19.84 -27.27 -21.33
N ASN R 594 -18.80 -26.50 -21.04
CA ASN R 594 -18.92 -25.38 -20.11
C ASN R 594 -19.90 -24.35 -20.64
N GLU R 595 -20.49 -23.60 -19.70
CA GLU R 595 -21.51 -22.60 -20.01
C GLU R 595 -22.71 -23.24 -20.71
N SER R 596 -23.27 -24.26 -20.05
CA SER R 596 -24.42 -24.97 -20.60
C SER R 596 -25.07 -25.76 -19.48
N GLY R 597 -26.37 -25.58 -19.31
CA GLY R 597 -27.10 -26.30 -18.27
C GLY R 597 -26.78 -25.80 -16.87
N ARG R 598 -27.00 -26.68 -15.90
CA ARG R 598 -26.77 -26.36 -14.50
C ARG R 598 -25.67 -27.18 -13.86
N PHE R 599 -25.33 -28.35 -14.41
CA PHE R 599 -24.41 -29.27 -13.77
C PHE R 599 -23.14 -29.43 -14.58
N GLU R 600 -22.04 -29.63 -13.89
CA GLU R 600 -20.74 -29.91 -14.47
C GLU R 600 -20.38 -31.37 -14.24
N LEU R 601 -19.16 -31.72 -14.64
CA LEU R 601 -18.67 -33.08 -14.44
C LEU R 601 -18.51 -33.36 -12.94
N HIS R 602 -18.68 -34.64 -12.59
CA HIS R 602 -18.50 -35.11 -11.20
C HIS R 602 -19.46 -34.39 -10.24
N ASP R 603 -20.70 -34.22 -10.67
CA ASP R 603 -21.74 -33.60 -9.84
C ASP R 603 -22.70 -34.67 -9.36
N LEU R 604 -22.88 -34.75 -8.03
CA LEU R 604 -23.81 -35.70 -7.44
C LEU R 604 -25.21 -35.11 -7.50
N VAL R 605 -26.03 -35.61 -8.42
CA VAL R 605 -27.36 -35.08 -8.64
C VAL R 605 -28.38 -36.17 -8.37
N GLN R 606 -29.64 -35.74 -8.18
CA GLN R 606 -30.75 -36.63 -7.87
C GLN R 606 -31.55 -36.85 -9.14
N VAL R 607 -31.56 -38.11 -9.61
CA VAL R 607 -32.25 -38.43 -10.86
C VAL R 607 -33.75 -38.23 -10.71
N ASN R 608 -34.32 -38.80 -9.66
CA ASN R 608 -35.75 -38.72 -9.41
C ASN R 608 -35.99 -38.78 -7.90
N SER R 609 -37.21 -39.12 -7.51
CA SER R 609 -37.55 -39.25 -6.11
C SER R 609 -36.84 -40.43 -5.43
N ASP R 610 -36.22 -41.33 -6.19
CA ASP R 610 -35.65 -42.54 -5.62
C ASP R 610 -34.18 -42.72 -6.00
N LEU R 611 -33.81 -42.32 -7.21
CA LEU R 611 -32.50 -42.61 -7.76
C LEU R 611 -31.61 -41.38 -7.67
N VAL R 612 -30.38 -41.57 -7.18
CA VAL R 612 -29.39 -40.53 -7.04
C VAL R 612 -28.12 -40.98 -7.75
N GLY R 613 -27.55 -40.10 -8.57
CA GLY R 613 -26.36 -40.47 -9.32
C GLY R 613 -25.31 -39.37 -9.44
N ILE R 614 -24.26 -39.64 -10.21
CA ILE R 614 -23.18 -38.69 -10.43
C ILE R 614 -22.93 -38.59 -11.93
N VAL R 615 -22.42 -37.43 -12.34
CA VAL R 615 -22.21 -37.14 -13.76
C VAL R 615 -20.88 -37.71 -14.21
N ILE R 616 -20.90 -38.48 -15.29
CA ILE R 616 -19.68 -39.07 -15.86
C ILE R 616 -19.26 -38.35 -17.14
N ARG R 617 -20.24 -37.94 -17.95
CA ARG R 617 -19.92 -37.24 -19.19
C ARG R 617 -21.08 -36.31 -19.53
N ALA R 618 -20.75 -35.08 -19.90
CA ALA R 618 -21.73 -34.06 -20.21
C ALA R 618 -21.84 -33.86 -21.72
N GLN R 619 -23.04 -33.54 -22.18
CA GLN R 619 -23.31 -33.30 -23.59
C GLN R 619 -23.96 -31.94 -23.75
N LYS R 620 -23.95 -31.45 -25.00
CA LYS R 620 -24.63 -30.19 -25.30
C LYS R 620 -26.14 -30.33 -25.14
N ASP R 621 -26.67 -31.54 -25.24
CA ASP R 621 -28.10 -31.76 -25.18
C ASP R 621 -28.56 -32.57 -23.98
N SER R 622 -27.68 -33.33 -23.34
CA SER R 622 -28.06 -34.18 -22.22
C SER R 622 -26.84 -34.41 -21.34
N PHE R 623 -26.99 -35.31 -20.37
CA PHE R 623 -25.92 -35.70 -19.46
C PHE R 623 -25.92 -37.20 -19.29
N ASP R 624 -24.74 -37.74 -18.96
CA ASP R 624 -24.59 -39.16 -18.66
C ASP R 624 -24.33 -39.31 -17.18
N VAL R 625 -25.13 -40.13 -16.51
CA VAL R 625 -25.12 -40.24 -15.05
C VAL R 625 -24.91 -41.69 -14.66
N LEU R 626 -23.91 -41.93 -13.81
CA LEU R 626 -23.74 -43.20 -13.13
C LEU R 626 -24.44 -43.14 -11.78
N CYS R 627 -25.38 -44.05 -11.56
CA CYS R 627 -26.17 -44.05 -10.33
C CYS R 627 -25.51 -44.93 -9.27
N SER R 628 -26.11 -44.91 -8.07
CA SER R 628 -25.57 -45.71 -6.97
C SER R 628 -25.67 -47.21 -7.26
N ASP R 629 -26.60 -47.61 -8.13
CA ASP R 629 -26.76 -49.02 -8.46
C ASP R 629 -25.59 -49.56 -9.28
N GLY R 630 -24.95 -48.72 -10.09
CA GLY R 630 -23.90 -49.15 -10.99
C GLY R 630 -24.26 -49.12 -12.46
N LYS R 631 -25.39 -48.54 -12.82
CA LYS R 631 -25.83 -48.47 -14.21
C LYS R 631 -25.65 -47.05 -14.75
N LEU R 632 -25.79 -46.92 -16.06
CA LEU R 632 -25.63 -45.64 -16.76
C LEU R 632 -26.97 -45.21 -17.36
N LEU R 633 -27.26 -43.92 -17.27
CA LEU R 633 -28.50 -43.35 -17.79
C LEU R 633 -28.18 -42.09 -18.59
N SER R 634 -29.07 -41.76 -19.51
CA SER R 634 -29.00 -40.52 -20.28
C SER R 634 -30.30 -39.77 -20.12
N LEU R 635 -30.21 -38.53 -19.64
CA LEU R 635 -31.39 -37.72 -19.36
C LEU R 635 -31.12 -36.28 -19.77
N PRO R 636 -32.17 -35.55 -20.16
CA PRO R 636 -32.00 -34.12 -20.44
C PRO R 636 -31.71 -33.34 -19.16
N PRO R 637 -31.05 -32.19 -19.28
CA PRO R 637 -30.76 -31.40 -18.07
C PRO R 637 -31.99 -30.97 -17.31
N VAL R 638 -33.12 -30.77 -18.00
CA VAL R 638 -34.34 -30.35 -17.34
C VAL R 638 -34.87 -31.45 -16.42
N SER R 639 -34.80 -32.71 -16.87
CA SER R 639 -35.40 -33.80 -16.12
C SER R 639 -34.76 -33.99 -14.76
N ILE R 640 -33.47 -33.66 -14.62
CA ILE R 640 -32.78 -33.86 -13.36
C ILE R 640 -33.37 -32.95 -12.30
N TYR R 641 -33.56 -33.48 -11.09
CA TYR R 641 -34.18 -32.72 -10.00
C TYR R 641 -33.34 -31.51 -9.62
N SER R 642 -32.16 -31.75 -9.04
CA SER R 642 -31.26 -30.68 -8.62
C SER R 642 -30.00 -31.31 -8.07
N LYS R 643 -28.95 -30.49 -7.96
CA LYS R 643 -27.72 -30.93 -7.34
C LYS R 643 -27.91 -31.13 -5.84
N LEU R 644 -27.31 -32.20 -5.31
CA LEU R 644 -27.43 -32.53 -3.89
C LEU R 644 -26.30 -31.83 -3.13
N ASN R 645 -26.52 -30.55 -2.83
CA ASN R 645 -25.55 -29.78 -2.06
C ASN R 645 -25.50 -30.30 -0.63
N LEU R 646 -24.37 -30.87 -0.25
CA LEU R 646 -24.20 -31.46 1.08
C LEU R 646 -23.00 -30.85 1.76
N ASN R 647 -23.21 -30.39 2.99
CA ASN R 647 -22.13 -29.84 3.79
C ASN R 647 -21.24 -30.98 4.31
N PRO R 648 -20.02 -30.66 4.75
CA PRO R 648 -19.18 -31.70 5.37
C PRO R 648 -19.84 -32.35 6.58
N ASN R 649 -20.74 -31.64 7.25
CA ASN R 649 -21.53 -32.26 8.33
C ASN R 649 -22.55 -33.26 7.81
N GLN R 650 -22.79 -33.30 6.50
CA GLN R 650 -23.69 -34.28 5.90
C GLN R 650 -22.96 -35.35 5.11
N GLN R 651 -21.90 -34.99 4.39
CA GLN R 651 -21.14 -35.91 3.57
C GLN R 651 -20.04 -36.53 4.42
N ILE R 652 -20.41 -37.61 5.12
CA ILE R 652 -19.53 -38.28 6.08
C ILE R 652 -19.42 -39.75 5.69
N ALA R 653 -18.20 -40.28 5.73
CA ALA R 653 -17.93 -41.67 5.39
C ALA R 653 -17.19 -42.35 6.54
N ILE R 654 -17.59 -43.58 6.86
CA ILE R 654 -16.95 -44.40 7.88
C ILE R 654 -16.52 -45.70 7.23
N ASP R 655 -15.27 -46.09 7.44
CA ASP R 655 -14.73 -47.30 6.83
C ASP R 655 -15.19 -48.53 7.60
N SER R 656 -14.65 -49.69 7.24
CA SER R 656 -15.02 -50.93 7.91
C SER R 656 -14.59 -50.92 9.37
N ASN R 657 -13.39 -50.42 9.66
CA ASN R 657 -12.88 -50.41 11.02
C ASN R 657 -13.50 -49.32 11.89
N GLY R 658 -14.28 -48.42 11.31
CA GLY R 658 -14.92 -47.36 12.07
C GLY R 658 -14.18 -46.04 12.06
N VAL R 659 -13.00 -45.97 11.43
CA VAL R 659 -12.27 -44.72 11.33
C VAL R 659 -12.93 -43.82 10.29
N GLU R 660 -13.15 -42.56 10.66
CA GLU R 660 -13.76 -41.61 9.73
C GLU R 660 -12.85 -41.37 8.54
N VAL R 661 -13.44 -41.34 7.35
CA VAL R 661 -12.73 -41.05 6.11
C VAL R 661 -13.46 -39.90 5.42
N LYS R 662 -12.72 -38.86 5.04
CA LYS R 662 -13.31 -37.65 4.48
C LYS R 662 -13.16 -37.63 2.97
N VAL R 663 -13.57 -36.52 2.36
CA VAL R 663 -13.59 -36.39 0.91
C VAL R 663 -12.16 -36.27 0.39
N GLY R 664 -11.87 -36.98 -0.71
CA GLY R 664 -10.57 -36.93 -1.33
C GLY R 664 -9.56 -37.92 -0.80
N ASP R 665 -9.88 -38.65 0.27
CA ASP R 665 -8.95 -39.61 0.82
C ASP R 665 -8.88 -40.85 -0.07
N THR R 666 -7.77 -41.58 0.05
CA THR R 666 -7.55 -42.80 -0.71
C THR R 666 -7.83 -44.01 0.17
N VAL R 667 -8.72 -44.89 -0.29
CA VAL R 667 -9.04 -46.12 0.40
C VAL R 667 -8.95 -47.26 -0.60
N ARG R 668 -8.75 -48.47 -0.07
CA ARG R 668 -8.63 -49.67 -0.88
C ARG R 668 -9.73 -50.65 -0.52
N GLU R 669 -10.34 -51.25 -1.54
CA GLU R 669 -11.40 -52.23 -1.32
C GLU R 669 -10.86 -53.40 -0.50
N PHE R 670 -11.63 -53.80 0.53
CA PHE R 670 -11.18 -54.86 1.41
C PHE R 670 -11.19 -56.21 0.71
N THR R 671 -12.18 -56.45 -0.15
CA THR R 671 -12.31 -57.72 -0.85
C THR R 671 -12.64 -57.42 -2.31
N GLY R 672 -13.01 -58.47 -3.05
CA GLY R 672 -13.33 -58.29 -4.46
C GLY R 672 -12.09 -58.01 -5.26
N GLU R 673 -12.19 -57.01 -6.16
CA GLU R 673 -11.04 -56.61 -6.96
C GLU R 673 -9.97 -55.93 -6.13
N ARG R 674 -10.29 -55.53 -4.90
CA ARG R 674 -9.34 -54.87 -3.99
C ARG R 674 -8.76 -53.61 -4.62
N ARG R 675 -9.57 -52.89 -5.39
CA ARG R 675 -9.10 -51.68 -6.04
C ARG R 675 -8.95 -50.55 -5.01
N GLN R 676 -8.38 -49.44 -5.47
CA GLN R 676 -8.21 -48.26 -4.63
C GLN R 676 -8.43 -47.01 -5.47
N GLY R 677 -8.74 -45.92 -4.80
CA GLY R 677 -8.94 -44.65 -5.48
C GLY R 677 -9.26 -43.57 -4.49
N THR R 678 -9.41 -42.36 -5.02
CA THR R 678 -9.74 -41.19 -4.22
C THR R 678 -11.25 -41.01 -4.18
N ILE R 679 -11.76 -40.67 -3.00
CA ILE R 679 -13.20 -40.49 -2.83
C ILE R 679 -13.63 -39.20 -3.52
N LEU R 680 -14.65 -39.30 -4.36
CA LEU R 680 -15.23 -38.14 -5.03
C LEU R 680 -16.45 -37.61 -4.31
N HIS R 681 -17.40 -38.48 -3.95
CA HIS R 681 -18.58 -38.08 -3.20
C HIS R 681 -19.04 -39.23 -2.33
N VAL R 682 -19.65 -38.89 -1.20
CA VAL R 682 -20.15 -39.86 -0.24
C VAL R 682 -21.65 -39.68 -0.11
N TYR R 683 -22.39 -40.78 -0.24
CA TYR R 683 -23.84 -40.75 -0.15
C TYR R 683 -24.31 -42.04 0.51
N ARG R 684 -24.97 -41.90 1.66
CA ARG R 684 -25.44 -43.05 2.45
C ARG R 684 -24.22 -43.93 2.73
N ASN R 685 -24.25 -45.22 2.40
CA ASN R 685 -23.11 -46.10 2.53
C ASN R 685 -22.33 -46.24 1.23
N PHE R 686 -22.66 -45.45 0.22
CA PHE R 686 -22.03 -45.53 -1.09
C PHE R 686 -20.91 -44.52 -1.19
N LEU R 687 -19.77 -44.95 -1.73
CA LEU R 687 -18.63 -44.08 -1.98
C LEU R 687 -18.32 -44.09 -3.47
N PHE R 688 -17.97 -42.92 -4.01
CA PHE R 688 -17.66 -42.78 -5.43
C PHE R 688 -16.14 -42.66 -5.56
N LEU R 689 -15.49 -43.79 -5.81
CA LEU R 689 -14.04 -43.83 -5.97
C LEU R 689 -13.68 -43.57 -7.43
N ARG R 690 -12.65 -42.76 -7.64
CA ARG R 690 -12.08 -42.55 -8.97
C ARG R 690 -10.59 -42.87 -8.94
N SER R 691 -10.14 -43.62 -9.94
CA SER R 691 -8.73 -43.97 -10.06
C SER R 691 -8.29 -43.73 -11.50
N ARG R 692 -7.05 -43.26 -11.64
CA ARG R 692 -6.52 -42.98 -12.97
C ARG R 692 -6.19 -44.27 -13.73
N GLU R 693 -5.91 -45.36 -13.01
CA GLU R 693 -5.64 -46.63 -13.68
C GLU R 693 -6.88 -47.14 -14.41
N ILE R 694 -8.04 -47.02 -13.79
CA ILE R 694 -9.28 -47.54 -14.37
C ILE R 694 -9.71 -46.62 -15.51
N VAL R 695 -10.07 -47.21 -16.64
CA VAL R 695 -10.44 -46.45 -17.84
C VAL R 695 -11.96 -46.39 -17.94
N GLU R 696 -12.64 -47.41 -17.44
CA GLU R 696 -14.10 -47.48 -17.57
C GLU R 696 -14.76 -46.34 -16.80
N ASN R 697 -15.64 -45.61 -17.49
CA ASN R 697 -16.34 -44.46 -16.92
C ASN R 697 -15.35 -43.45 -16.33
N GLN R 698 -14.22 -43.27 -17.02
CA GLN R 698 -13.16 -42.35 -16.59
C GLN R 698 -12.70 -42.66 -15.17
N GLY R 699 -12.63 -43.95 -14.84
CA GLY R 699 -12.14 -44.38 -13.55
C GLY R 699 -13.13 -44.33 -12.41
N VAL R 700 -14.36 -43.88 -12.65
CA VAL R 700 -15.36 -43.73 -11.60
C VAL R 700 -16.07 -45.06 -11.40
N PHE R 701 -16.12 -45.52 -10.17
CA PHE R 701 -16.83 -46.74 -9.82
C PHE R 701 -17.36 -46.61 -8.40
N VAL R 702 -18.56 -47.13 -8.18
CA VAL R 702 -19.24 -47.02 -6.89
C VAL R 702 -18.93 -48.25 -6.06
N THR R 703 -18.53 -48.03 -4.81
CA THR R 703 -18.20 -49.11 -3.89
C THR R 703 -18.70 -48.75 -2.51
N SER R 704 -19.30 -49.71 -1.82
CA SER R 704 -19.86 -49.48 -0.50
C SER R 704 -18.77 -49.19 0.51
N SER R 705 -19.08 -48.31 1.48
CA SER R 705 -18.10 -47.93 2.49
C SER R 705 -17.71 -49.10 3.39
N ASN R 706 -18.56 -50.11 3.50
CA ASN R 706 -18.28 -51.25 4.37
C ASN R 706 -17.25 -52.21 3.77
N ARG R 707 -16.88 -52.04 2.49
CA ARG R 707 -15.98 -52.96 1.82
C ARG R 707 -14.63 -52.35 1.51
N VAL R 708 -14.29 -51.23 2.14
CA VAL R 708 -13.02 -50.55 1.89
C VAL R 708 -12.32 -50.28 3.20
N LYS R 709 -11.00 -50.15 3.14
CA LYS R 709 -10.18 -49.82 4.30
C LYS R 709 -9.31 -48.62 4.00
N THR R 710 -9.04 -47.84 5.05
CA THR R 710 -8.23 -46.63 4.90
C THR R 710 -6.79 -46.98 4.56
N ILE R 711 -6.24 -46.23 3.61
CA ILE R 711 -4.84 -46.40 3.23
C ILE R 711 -3.96 -45.41 3.99
N ARG R 751 -19.30 -20.92 20.06
CA ARG R 751 -18.36 -20.43 19.07
C ARG R 751 -17.34 -19.52 19.75
N ASP R 752 -16.68 -20.06 20.77
CA ASP R 752 -15.66 -19.36 21.55
C ASP R 752 -16.19 -18.03 22.04
N PRO R 753 -17.08 -18.02 23.04
CA PRO R 753 -17.70 -16.76 23.47
C PRO R 753 -16.73 -15.77 24.10
N THR R 754 -15.55 -16.21 24.51
CA THR R 754 -14.58 -15.33 25.15
C THR R 754 -13.66 -14.64 24.15
N LEU R 755 -13.83 -14.87 22.86
CA LEU R 755 -13.02 -14.19 21.86
C LEU R 755 -13.33 -12.70 21.85
N ASN R 756 -12.27 -11.89 21.65
CA ASN R 756 -12.40 -10.44 21.58
C ASN R 756 -13.01 -9.85 22.85
N LYS R 757 -12.64 -10.42 23.99
CA LYS R 757 -13.12 -9.95 25.29
C LYS R 757 -11.93 -9.60 26.17
N THR R 758 -12.09 -8.52 26.95
CA THR R 758 -11.04 -8.11 27.87
C THR R 758 -10.89 -9.15 28.97
N VAL R 759 -9.63 -9.51 29.26
CA VAL R 759 -9.31 -10.54 30.22
C VAL R 759 -8.18 -10.06 31.12
N LYS R 760 -8.10 -10.66 32.31
CA LYS R 760 -7.05 -10.37 33.26
C LYS R 760 -6.39 -11.67 33.69
N ILE R 761 -5.07 -11.63 33.86
CA ILE R 761 -4.28 -12.80 34.21
C ILE R 761 -4.10 -12.84 35.73
N ARG R 762 -4.34 -14.01 36.33
CA ARG R 762 -4.33 -14.15 37.76
C ARG R 762 -3.15 -14.96 38.30
N GLN R 763 -2.43 -15.68 37.45
CA GLN R 763 -1.31 -16.50 37.89
C GLN R 763 -0.17 -16.40 36.89
N GLY R 764 0.97 -16.94 37.28
CA GLY R 764 2.13 -16.95 36.41
C GLY R 764 2.93 -15.66 36.50
N GLY R 765 3.77 -15.45 35.48
CA GLY R 765 4.63 -14.30 35.40
C GLY R 765 3.99 -13.03 34.91
N TYR R 766 2.70 -13.06 34.59
CA TYR R 766 1.98 -11.89 34.11
C TYR R 766 0.75 -11.60 34.97
N LYS R 767 0.86 -11.81 36.28
CA LYS R 767 -0.29 -11.62 37.15
C LYS R 767 -0.79 -10.19 37.12
N GLY R 768 -2.09 -10.03 36.94
CA GLY R 768 -2.70 -8.71 37.00
C GLY R 768 -2.52 -7.83 35.78
N LYS R 769 -2.29 -8.42 34.60
CA LYS R 769 -2.14 -7.67 33.38
C LYS R 769 -3.38 -7.81 32.51
N ILE R 770 -3.87 -6.69 32.01
CA ILE R 770 -5.08 -6.66 31.18
C ILE R 770 -4.71 -7.00 29.74
N GLY R 771 -5.54 -7.83 29.10
CA GLY R 771 -5.31 -8.20 27.72
C GLY R 771 -6.63 -8.46 27.01
N ILE R 772 -6.51 -8.83 25.73
CA ILE R 772 -7.65 -9.19 24.90
C ILE R 772 -7.36 -10.52 24.23
N VAL R 773 -8.32 -11.44 24.31
CA VAL R 773 -8.15 -12.77 23.75
C VAL R 773 -8.25 -12.70 22.23
N LYS R 774 -7.27 -13.30 21.55
CA LYS R 774 -7.19 -13.26 20.10
C LYS R 774 -7.44 -14.61 19.45
N GLU R 775 -6.87 -15.68 20.00
CA GLU R 775 -7.06 -17.02 19.47
C GLU R 775 -7.62 -17.92 20.57
N ALA R 776 -8.60 -18.73 20.21
CA ALA R 776 -9.32 -19.58 21.15
C ALA R 776 -9.49 -20.99 20.59
N ASN R 777 -8.38 -21.56 20.11
CA ASN R 777 -8.43 -22.94 19.62
C ASN R 777 -8.90 -23.88 20.73
N GLY R 778 -8.10 -24.02 21.78
CA GLY R 778 -8.53 -24.76 22.95
C GLY R 778 -7.44 -24.97 23.98
N ASP R 779 -7.77 -24.69 25.25
CA ASP R 779 -6.89 -24.90 26.39
C ASP R 779 -5.59 -24.10 26.30
N ARG R 780 -5.43 -23.32 25.23
CA ARG R 780 -4.25 -22.47 25.05
C ARG R 780 -4.74 -21.20 24.35
N PHE R 781 -4.96 -20.15 25.12
CA PHE R 781 -5.51 -18.90 24.61
C PHE R 781 -4.39 -17.92 24.30
N ARG R 782 -4.48 -17.29 23.12
CA ARG R 782 -3.53 -16.25 22.75
C ARG R 782 -4.08 -14.89 23.15
N VAL R 783 -3.40 -14.22 24.08
CA VAL R 783 -3.86 -12.96 24.63
C VAL R 783 -2.81 -11.90 24.33
N GLU R 784 -3.22 -10.83 23.66
CA GLU R 784 -2.33 -9.69 23.46
C GLU R 784 -2.35 -8.84 24.72
N LEU R 785 -1.19 -8.35 25.12
CA LEU R 785 -1.06 -7.56 26.33
C LEU R 785 -1.13 -6.09 26.00
N HIS R 786 -1.85 -5.34 26.83
CA HIS R 786 -1.89 -3.89 26.68
C HIS R 786 -0.61 -3.23 27.16
N ASN R 787 0.12 -3.89 28.09
CA ASN R 787 1.24 -3.23 28.74
C ASN R 787 2.46 -3.16 27.82
N PRO R 788 3.07 -4.29 27.38
CA PRO R 788 4.01 -4.21 26.26
C PRO R 788 3.30 -4.46 24.94
N ASN R 789 4.02 -4.39 23.82
CA ASN R 789 3.43 -4.67 22.51
C ASN R 789 3.81 -6.09 22.11
N LYS R 790 3.10 -7.06 22.66
CA LYS R 790 3.36 -8.47 22.37
C LYS R 790 2.12 -9.28 22.69
N THR R 791 2.09 -10.50 22.14
CA THR R 791 1.01 -11.44 22.35
C THR R 791 1.59 -12.74 22.89
N ILE R 792 0.94 -13.31 23.90
CA ILE R 792 1.49 -14.48 24.59
C ILE R 792 0.45 -15.59 24.67
N PRO R 793 0.85 -16.86 24.63
CA PRO R 793 -0.08 -17.94 24.95
C PRO R 793 -0.30 -18.05 26.44
N ILE R 794 -1.45 -18.59 26.81
CA ILE R 794 -1.79 -18.76 28.23
C ILE R 794 -2.89 -19.81 28.37
N PRO R 795 -2.80 -20.69 29.36
CA PRO R 795 -3.88 -21.66 29.59
C PRO R 795 -5.15 -20.99 30.05
N CYS R 796 -6.28 -21.67 29.81
CA CYS R 796 -7.57 -21.12 30.16
C CYS R 796 -7.71 -20.92 31.66
N SER R 797 -7.09 -21.79 32.46
CA SER R 797 -7.21 -21.70 33.91
C SER R 797 -6.60 -20.44 34.48
N PHE R 798 -5.77 -19.73 33.71
CA PHE R 798 -5.03 -18.58 34.20
C PHE R 798 -5.73 -17.26 33.89
N LEU R 799 -6.97 -17.30 33.43
CA LEU R 799 -7.65 -16.12 32.92
C LEU R 799 -8.82 -15.72 33.81
N LEU R 800 -9.14 -14.43 33.79
CA LEU R 800 -10.31 -13.87 34.47
C LEU R 800 -11.04 -13.00 33.46
N ILE R 801 -12.15 -13.51 32.93
CA ILE R 801 -12.87 -12.84 31.87
C ILE R 801 -13.77 -11.76 32.47
N GLU R 802 -13.66 -10.54 31.94
CA GLU R 802 -14.47 -9.43 32.43
C GLU R 802 -15.94 -9.66 32.07
N SER R 803 -16.82 -9.25 32.99
CA SER R 803 -18.25 -9.33 32.77
C SER R 803 -18.89 -8.04 33.25
N THR R 804 -20.23 -8.02 33.29
CA THR R 804 -20.96 -6.84 33.73
C THR R 804 -20.83 -6.61 35.24
N HIS R 805 -20.39 -7.62 35.99
CA HIS R 805 -20.26 -7.52 37.45
C HIS R 805 -18.87 -8.02 37.84
N GLY R 806 -17.88 -7.12 37.78
CA GLY R 806 -16.55 -7.47 38.22
C GLY R 806 -15.89 -8.53 37.33
N TRP R 807 -14.92 -9.22 37.92
CA TRP R 807 -14.14 -10.24 37.23
C TRP R 807 -14.68 -11.62 37.55
N VAL R 808 -14.78 -12.45 36.52
CA VAL R 808 -15.31 -13.80 36.67
C VAL R 808 -14.26 -14.80 36.18
N PRO R 809 -14.03 -15.90 36.90
CA PRO R 809 -13.08 -16.91 36.42
C PRO R 809 -13.58 -17.60 35.15
N TYR R 810 -12.87 -18.64 34.70
CA TYR R 810 -13.21 -19.27 33.43
C TYR R 810 -14.49 -20.08 33.56
N GLU R 811 -15.60 -19.39 33.80
CA GLU R 811 -16.93 -19.97 33.69
C GLU R 811 -17.86 -19.11 32.84
N ASP R 812 -17.32 -18.14 32.10
CA ASP R 812 -18.12 -17.25 31.26
C ASP R 812 -18.81 -18.03 30.14
N LEU S 232 -20.41 16.30 -76.47
CA LEU S 232 -19.16 16.31 -77.22
C LEU S 232 -19.41 16.62 -78.69
N GLN S 233 -18.52 16.16 -79.54
CA GLN S 233 -18.64 16.38 -80.97
C GLN S 233 -18.98 15.05 -81.66
N GLY S 234 -19.77 15.15 -82.74
CA GLY S 234 -20.42 13.97 -83.29
C GLY S 234 -19.46 12.92 -83.83
N GLU S 235 -18.43 13.36 -84.55
CA GLU S 235 -17.56 12.39 -85.21
C GLU S 235 -16.74 11.60 -84.19
N GLN S 236 -16.17 12.29 -83.20
CA GLN S 236 -15.48 11.59 -82.12
C GLN S 236 -16.46 10.85 -81.20
N TYR S 237 -17.72 11.28 -81.15
CA TYR S 237 -18.71 10.44 -80.49
C TYR S 237 -18.89 9.11 -81.22
N GLN S 238 -18.90 9.15 -82.56
CA GLN S 238 -18.92 7.93 -83.35
C GLN S 238 -17.65 7.11 -83.13
N GLU S 239 -16.50 7.78 -83.03
CA GLU S 239 -15.25 7.07 -82.76
C GLU S 239 -15.30 6.37 -81.40
N ILE S 240 -15.86 7.05 -80.39
CA ILE S 240 -16.01 6.46 -79.06
C ILE S 240 -16.93 5.25 -79.12
N ILE S 241 -18.01 5.37 -79.89
CA ILE S 241 -18.90 4.23 -80.08
C ILE S 241 -18.16 3.07 -80.73
N GLU S 242 -17.34 3.36 -81.74
CA GLU S 242 -16.58 2.33 -82.42
C GLU S 242 -15.61 1.64 -81.46
N ILE S 243 -14.92 2.42 -80.63
CA ILE S 243 -13.94 1.86 -79.71
C ILE S 243 -14.62 1.04 -78.62
N PHE S 244 -15.67 1.59 -78.01
CA PHE S 244 -16.28 1.00 -76.83
C PHE S 244 -17.57 0.24 -77.12
N GLY S 245 -18.17 0.41 -78.30
CA GLY S 245 -19.38 -0.30 -78.62
C GLY S 245 -20.61 0.23 -77.90
N ASP S 246 -21.79 -0.06 -78.43
CA ASP S 246 -23.03 0.28 -77.75
C ASP S 246 -23.40 -0.74 -76.68
N GLY S 247 -22.64 -1.84 -76.56
CA GLY S 247 -22.94 -2.90 -75.63
C GLY S 247 -23.68 -4.07 -76.24
N THR S 248 -24.29 -3.89 -77.40
CA THR S 248 -25.08 -4.95 -78.02
C THR S 248 -24.24 -6.18 -78.37
N ASP S 249 -22.92 -6.00 -78.54
CA ASP S 249 -22.05 -7.15 -78.73
C ASP S 249 -22.07 -8.07 -77.53
N TYR S 250 -22.42 -7.55 -76.35
CA TYR S 250 -22.54 -8.34 -75.14
C TYR S 250 -23.79 -8.00 -74.34
N GLN S 251 -24.73 -7.25 -74.92
CA GLN S 251 -26.00 -7.02 -74.25
C GLN S 251 -26.76 -8.32 -74.04
N TRP S 252 -26.71 -9.22 -75.03
CA TRP S 252 -27.36 -10.51 -74.86
C TRP S 252 -26.67 -11.34 -73.78
N THR S 253 -25.34 -11.24 -73.68
CA THR S 253 -24.63 -11.90 -72.59
C THR S 253 -25.08 -11.36 -71.24
N LEU S 254 -25.21 -10.03 -71.14
CA LEU S 254 -25.69 -9.44 -69.90
C LEU S 254 -27.11 -9.88 -69.57
N ASP S 255 -27.97 -9.96 -70.59
CA ASP S 255 -29.34 -10.42 -70.38
C ASP S 255 -29.37 -11.85 -69.88
N ALA S 256 -28.54 -12.72 -70.47
CA ALA S 256 -28.46 -14.11 -70.00
C ALA S 256 -27.94 -14.18 -68.57
N GLU S 257 -26.94 -13.34 -68.25
CA GLU S 257 -26.41 -13.32 -66.89
C GLU S 257 -27.50 -12.92 -65.89
N GLU S 258 -28.27 -11.88 -66.22
CA GLU S 258 -29.32 -11.44 -65.32
C GLU S 258 -30.45 -12.47 -65.24
N GLU S 259 -30.72 -13.17 -66.34
CA GLU S 259 -31.71 -14.25 -66.31
C GLU S 259 -31.28 -15.37 -65.39
N MET S 260 -30.01 -15.76 -65.47
CA MET S 260 -29.50 -16.82 -64.61
C MET S 260 -29.35 -16.37 -63.15
N GLU S 261 -29.20 -15.07 -62.92
CA GLU S 261 -29.11 -14.58 -61.55
C GLU S 261 -30.41 -14.81 -60.79
N GLN S 262 -31.55 -14.56 -61.45
CA GLN S 262 -32.83 -14.81 -60.82
C GLN S 262 -33.12 -16.32 -60.77
N PRO S 263 -33.83 -16.79 -59.75
CA PRO S 263 -34.21 -18.21 -59.61
C PRO S 263 -34.98 -18.73 -60.82
N THR S 281 -39.25 -22.06 -51.75
CA THR S 281 -40.64 -22.35 -51.49
C THR S 281 -40.78 -23.69 -50.77
N SER S 282 -39.96 -24.64 -51.14
CA SER S 282 -39.94 -25.95 -50.48
C SER S 282 -39.48 -25.77 -49.04
N LEU S 283 -40.36 -26.09 -48.09
CA LEU S 283 -40.05 -25.90 -46.68
C LEU S 283 -38.88 -26.76 -46.22
N ALA S 284 -38.53 -27.80 -46.96
CA ALA S 284 -37.38 -28.62 -46.61
C ALA S 284 -36.08 -27.81 -46.67
N ASP S 285 -35.93 -26.98 -47.70
CA ASP S 285 -34.74 -26.14 -47.82
C ASP S 285 -34.78 -24.96 -46.86
N VAL S 286 -35.96 -24.51 -46.45
CA VAL S 286 -36.06 -23.30 -45.63
C VAL S 286 -35.48 -23.55 -44.25
N PHE S 287 -35.86 -24.64 -43.60
CA PHE S 287 -35.41 -24.92 -42.24
C PHE S 287 -34.95 -26.37 -42.14
N GLU S 288 -34.20 -26.65 -41.07
CA GLU S 288 -33.61 -27.96 -40.89
C GLU S 288 -34.72 -29.00 -40.73
N PRO S 289 -34.55 -30.20 -41.29
CA PRO S 289 -35.61 -31.23 -41.18
C PRO S 289 -35.96 -31.58 -39.75
N SER S 290 -34.99 -31.54 -38.83
CA SER S 290 -35.30 -31.79 -37.42
C SER S 290 -36.26 -30.74 -36.88
N GLU S 291 -36.01 -29.46 -37.19
CA GLU S 291 -36.91 -28.40 -36.75
C GLU S 291 -38.29 -28.54 -37.39
N LEU S 292 -38.33 -28.91 -38.67
CA LEU S 292 -39.62 -29.10 -39.34
C LEU S 292 -40.41 -30.24 -38.70
N LYS S 293 -39.74 -31.35 -38.38
CA LYS S 293 -40.41 -32.45 -37.72
C LYS S 293 -40.86 -32.06 -36.32
N GLU S 294 -40.07 -31.24 -35.63
CA GLU S 294 -40.48 -30.76 -34.32
C GLU S 294 -41.72 -29.87 -34.40
N LYS S 295 -41.79 -29.02 -35.43
CA LYS S 295 -42.90 -28.11 -35.60
C LYS S 295 -44.06 -28.74 -36.37
N MET S 296 -43.94 -30.00 -36.78
CA MET S 296 -45.00 -30.73 -37.47
C MET S 296 -45.37 -30.07 -38.80
N LEU S 297 -44.42 -30.04 -39.73
CA LEU S 297 -44.61 -29.47 -41.06
C LEU S 297 -44.05 -30.37 -42.14
N THR S 298 -44.32 -31.68 -42.08
CA THR S 298 -43.79 -32.64 -43.03
C THR S 298 -44.92 -33.38 -43.72
N ASP S 299 -44.55 -34.27 -44.66
CA ASP S 299 -45.55 -35.01 -45.43
C ASP S 299 -46.26 -36.05 -44.58
N GLU S 300 -45.53 -36.70 -43.66
CA GLU S 300 -46.17 -37.59 -42.70
C GLU S 300 -47.23 -36.85 -41.90
N ASP S 301 -46.97 -35.58 -41.57
CA ASP S 301 -47.91 -34.79 -40.79
C ASP S 301 -49.22 -34.58 -41.55
N ASN S 302 -49.12 -34.19 -42.82
CA ASN S 302 -50.30 -33.97 -43.63
C ASN S 302 -51.06 -35.27 -43.86
N VAL S 303 -50.34 -36.38 -44.07
CA VAL S 303 -51.01 -37.67 -44.25
C VAL S 303 -51.77 -38.05 -42.98
N ILE S 304 -51.16 -37.85 -41.81
CA ILE S 304 -51.82 -38.18 -40.56
C ILE S 304 -53.06 -37.31 -40.35
N ARG S 305 -52.93 -36.00 -40.60
CA ARG S 305 -54.06 -35.10 -40.41
C ARG S 305 -55.20 -35.42 -41.37
N VAL S 306 -54.88 -35.75 -42.62
CA VAL S 306 -55.91 -36.10 -43.59
C VAL S 306 -56.54 -37.46 -43.27
N THR S 307 -55.73 -38.42 -42.82
CA THR S 307 -56.21 -39.77 -42.61
C THR S 307 -57.32 -39.81 -41.58
N ASP S 308 -58.35 -40.61 -41.86
CA ASP S 308 -59.50 -40.78 -40.98
C ASP S 308 -59.28 -41.99 -40.07
N LEU S 309 -58.37 -41.80 -39.11
CA LEU S 309 -58.02 -42.84 -38.15
C LEU S 309 -57.43 -42.18 -36.92
N PRO S 310 -57.64 -42.75 -35.73
CA PRO S 310 -56.94 -42.25 -34.54
C PRO S 310 -55.43 -42.35 -34.72
N GLU S 311 -54.71 -41.35 -34.21
CA GLU S 311 -53.27 -41.31 -34.41
C GLU S 311 -52.57 -42.45 -33.69
N ARG S 312 -53.13 -42.91 -32.57
CA ARG S 312 -52.56 -44.05 -31.87
C ARG S 312 -52.64 -45.31 -32.72
N PHE S 313 -53.78 -45.55 -33.36
CA PHE S 313 -53.92 -46.72 -34.23
C PHE S 313 -52.99 -46.59 -35.43
N GLN S 314 -52.85 -45.39 -35.98
CA GLN S 314 -51.92 -45.19 -37.09
C GLN S 314 -50.49 -45.49 -36.68
N ALA S 315 -50.09 -45.05 -35.49
CA ALA S 315 -48.75 -45.35 -34.99
C ALA S 315 -48.56 -46.85 -34.80
N TYR S 316 -49.59 -47.53 -34.26
CA TYR S 316 -49.50 -48.98 -34.09
C TYR S 316 -49.36 -49.69 -35.43
N ARG S 317 -50.09 -49.23 -36.44
CA ARG S 317 -50.15 -49.88 -37.74
C ARG S 317 -49.13 -49.35 -38.75
N LYS S 318 -48.24 -48.44 -38.33
CA LYS S 318 -47.27 -47.88 -39.26
C LYS S 318 -46.36 -48.97 -39.84
N SER S 319 -45.90 -49.89 -39.00
CA SER S 319 -45.06 -50.98 -39.48
C SER S 319 -45.85 -52.04 -40.23
N ILE S 320 -47.17 -52.11 -40.01
CA ILE S 320 -48.01 -53.12 -40.64
C ILE S 320 -48.33 -52.66 -42.05
N LYS S 321 -47.70 -53.29 -43.04
CA LYS S 321 -47.96 -52.91 -44.44
C LYS S 321 -49.33 -53.39 -44.89
N ASN S 322 -49.68 -54.63 -44.59
CA ASN S 322 -50.96 -55.23 -44.98
C ASN S 322 -51.80 -55.43 -43.72
N TYR S 323 -52.90 -54.69 -43.61
CA TYR S 323 -53.75 -54.73 -42.44
C TYR S 323 -55.11 -55.37 -42.68
N LYS S 324 -55.79 -55.01 -43.77
CA LYS S 324 -57.13 -55.53 -44.02
C LYS S 324 -57.04 -57.00 -44.39
N LEU S 325 -57.32 -57.87 -43.42
CA LEU S 325 -57.27 -59.30 -43.65
C LEU S 325 -58.56 -59.77 -44.34
N SER S 326 -58.52 -61.01 -44.84
CA SER S 326 -59.70 -61.61 -45.42
C SER S 326 -60.63 -62.11 -44.32
N ASP S 327 -61.84 -62.50 -44.70
CA ASP S 327 -62.81 -62.97 -43.72
C ASP S 327 -62.34 -64.24 -43.03
N VAL S 328 -61.74 -65.17 -43.78
CA VAL S 328 -61.17 -66.36 -43.17
C VAL S 328 -60.03 -65.99 -42.23
N ASP S 329 -59.14 -65.11 -42.68
CA ASP S 329 -58.07 -64.63 -41.82
C ASP S 329 -58.63 -63.87 -40.62
N TYR S 330 -59.72 -63.13 -40.82
CA TYR S 330 -60.34 -62.40 -39.72
C TYR S 330 -60.86 -63.34 -38.65
N SER S 331 -61.56 -64.40 -39.07
CA SER S 331 -62.07 -65.38 -38.11
C SER S 331 -60.93 -66.11 -37.43
N ASN S 332 -59.87 -66.42 -38.16
CA ASN S 332 -58.70 -67.06 -37.55
C ASN S 332 -58.06 -66.16 -36.52
N GLU S 333 -58.00 -64.85 -36.81
CA GLU S 333 -57.47 -63.89 -35.85
C GLU S 333 -58.33 -63.85 -34.60
N ARG S 334 -59.66 -63.85 -34.77
CA ARG S 334 -60.55 -63.84 -33.61
C ARG S 334 -60.35 -65.09 -32.76
N ASP S 335 -60.25 -66.25 -33.40
CA ASP S 335 -60.04 -67.50 -32.66
C ASP S 335 -58.71 -67.49 -31.92
N TRP S 336 -57.65 -67.02 -32.59
CA TRP S 336 -56.34 -66.98 -31.95
C TRP S 336 -56.33 -66.01 -30.77
N ILE S 337 -57.01 -64.86 -30.91
CA ILE S 337 -57.09 -63.90 -29.83
C ILE S 337 -57.85 -64.49 -28.64
N VAL S 338 -58.96 -65.17 -28.92
CA VAL S 338 -59.73 -65.80 -27.85
C VAL S 338 -58.88 -66.84 -27.13
N GLU S 339 -58.15 -67.67 -27.89
CA GLU S 339 -57.30 -68.69 -27.28
C GLU S 339 -56.19 -68.06 -26.45
N GLN S 340 -55.58 -66.98 -26.95
CA GLN S 340 -54.53 -66.30 -26.22
C GLN S 340 -55.06 -65.74 -24.90
N LEU S 341 -56.24 -65.11 -24.93
CA LEU S 341 -56.82 -64.59 -23.69
C LEU S 341 -57.15 -65.72 -22.72
N LYS S 342 -57.69 -66.83 -23.24
CA LYS S 342 -58.02 -67.96 -22.38
C LYS S 342 -56.77 -68.52 -21.71
N LEU S 343 -55.66 -68.59 -22.46
CA LEU S 343 -54.40 -69.01 -21.86
C LEU S 343 -53.92 -68.02 -20.82
N GLU S 344 -54.01 -66.71 -21.11
CA GLU S 344 -53.50 -65.71 -20.18
C GLU S 344 -54.42 -65.52 -18.99
N LYS S 345 -55.72 -65.39 -19.23
CA LYS S 345 -56.69 -65.15 -18.17
C LYS S 345 -57.30 -66.44 -17.64
N ARG S 346 -56.55 -67.54 -17.68
CA ARG S 346 -57.05 -68.82 -17.20
C ARG S 346 -57.44 -68.76 -15.73
N ASP S 347 -56.64 -68.07 -14.91
CA ASP S 347 -56.98 -67.93 -13.49
C ASP S 347 -58.26 -67.14 -13.31
N PHE S 348 -58.43 -66.04 -14.04
CA PHE S 348 -59.64 -65.25 -13.92
C PHE S 348 -60.87 -66.02 -14.37
N LEU S 349 -60.75 -66.72 -15.51
CA LEU S 349 -61.88 -67.53 -15.99
C LEU S 349 -62.20 -68.64 -15.01
N GLN S 350 -61.18 -69.28 -14.43
CA GLN S 350 -61.42 -70.34 -13.47
C GLN S 350 -62.13 -69.83 -12.22
N HIS S 351 -61.68 -68.67 -11.70
CA HIS S 351 -62.33 -68.10 -10.53
C HIS S 351 -63.77 -67.70 -10.84
N LEU S 352 -64.00 -67.11 -12.02
CA LEU S 352 -65.36 -66.74 -12.41
C LEU S 352 -66.26 -67.95 -12.52
N THR S 353 -65.76 -69.03 -13.14
CA THR S 353 -66.56 -70.24 -13.29
C THR S 353 -66.85 -70.89 -11.94
N GLN S 354 -65.85 -70.92 -11.06
CA GLN S 354 -66.03 -71.56 -9.76
C GLN S 354 -67.02 -70.77 -8.90
N ALA S 355 -66.84 -69.45 -8.81
CA ALA S 355 -67.74 -68.63 -8.01
C ALA S 355 -69.15 -68.61 -8.61
N HIS S 356 -69.24 -68.29 -9.89
CA HIS S 356 -70.53 -68.26 -10.59
C HIS S 356 -70.73 -69.55 -11.39
N SER S 357 -70.83 -70.66 -10.65
CA SER S 357 -71.05 -71.96 -11.27
C SER S 357 -72.47 -72.15 -11.75
N SER S 358 -73.43 -71.38 -11.22
CA SER S 358 -74.82 -71.56 -11.59
C SER S 358 -75.05 -71.21 -13.06
N VAL S 359 -74.41 -70.16 -13.55
CA VAL S 359 -74.63 -69.72 -14.93
C VAL S 359 -73.87 -70.64 -15.87
N ALA S 360 -74.56 -71.14 -16.90
CA ALA S 360 -73.95 -72.03 -17.88
C ALA S 360 -73.33 -71.21 -19.00
N HIS S 361 -72.14 -71.65 -19.43
CA HIS S 361 -71.43 -71.06 -20.57
C HIS S 361 -71.16 -69.57 -20.37
N LEU S 362 -70.66 -69.21 -19.18
CA LEU S 362 -70.16 -67.85 -18.98
C LEU S 362 -68.96 -67.59 -19.88
N GLU S 363 -68.08 -68.59 -20.03
CA GLU S 363 -66.92 -68.42 -20.90
C GLU S 363 -67.31 -68.34 -22.36
N GLU S 364 -68.43 -68.96 -22.76
CA GLU S 364 -68.91 -68.79 -24.13
C GLU S 364 -69.33 -67.34 -24.38
N LYS S 365 -70.04 -66.74 -23.43
CA LYS S 365 -70.37 -65.32 -23.54
C LYS S 365 -69.11 -64.47 -23.51
N PHE S 366 -68.10 -64.89 -22.75
CA PHE S 366 -66.82 -64.20 -22.75
C PHE S 366 -66.18 -64.22 -24.15
N GLU S 367 -66.20 -65.39 -24.79
CA GLU S 367 -65.66 -65.51 -26.14
C GLU S 367 -66.45 -64.64 -27.12
N ALA S 368 -67.78 -64.62 -26.98
CA ALA S 368 -68.60 -63.77 -27.84
C ALA S 368 -68.26 -62.30 -27.64
N SER S 369 -68.09 -61.88 -26.38
CA SER S 369 -67.74 -60.49 -26.10
C SER S 369 -66.36 -60.14 -26.65
N VAL S 370 -65.40 -61.06 -26.53
CA VAL S 370 -64.06 -60.82 -27.08
C VAL S 370 -64.12 -60.69 -28.59
N LYS S 371 -64.90 -61.56 -29.24
CA LYS S 371 -65.08 -61.46 -30.69
C LYS S 371 -65.71 -60.14 -31.08
N LYS S 372 -66.71 -59.69 -30.32
CA LYS S 372 -67.36 -58.41 -30.61
C LYS S 372 -66.40 -57.25 -30.43
N ILE S 373 -65.58 -57.29 -29.37
CA ILE S 373 -64.61 -56.21 -29.14
C ILE S 373 -63.57 -56.17 -30.25
N VAL S 374 -63.10 -57.35 -30.69
CA VAL S 374 -62.15 -57.38 -31.80
C VAL S 374 -62.80 -56.84 -33.07
N ASP S 375 -64.07 -57.19 -33.30
CA ASP S 375 -64.80 -56.64 -34.43
C ASP S 375 -64.84 -55.12 -34.38
N PHE S 376 -65.21 -54.57 -33.22
CA PHE S 376 -65.25 -53.12 -33.05
C PHE S 376 -63.90 -52.50 -33.38
N ILE S 377 -62.85 -52.99 -32.72
CA ILE S 377 -61.53 -52.37 -32.84
C ILE S 377 -61.02 -52.44 -34.27
N ALA S 378 -61.17 -53.59 -34.92
CA ALA S 378 -60.63 -53.76 -36.26
C ALA S 378 -61.49 -53.08 -37.31
N ILE S 379 -62.75 -53.49 -37.45
CA ILE S 379 -63.59 -52.99 -38.52
C ILE S 379 -63.96 -51.52 -38.28
N GLU S 380 -64.48 -51.21 -37.09
CA GLU S 380 -65.03 -49.89 -36.85
C GLU S 380 -64.02 -48.90 -36.27
N SER S 381 -62.81 -49.37 -35.97
CA SER S 381 -61.70 -48.51 -35.52
C SER S 381 -62.12 -47.64 -34.33
N PHE S 382 -62.50 -48.31 -33.25
CA PHE S 382 -62.95 -47.66 -32.04
C PHE S 382 -61.85 -47.70 -30.99
N GLU S 383 -61.51 -46.55 -30.43
CA GLU S 383 -60.50 -46.47 -29.40
C GLU S 383 -61.06 -47.05 -28.10
N VAL S 384 -60.14 -47.47 -27.22
CA VAL S 384 -60.56 -48.20 -26.01
C VAL S 384 -61.48 -47.38 -25.10
N PRO S 385 -61.17 -46.12 -24.75
CA PRO S 385 -62.09 -45.38 -23.87
C PRO S 385 -63.48 -45.21 -24.44
N PHE S 386 -63.62 -45.02 -25.76
CA PHE S 386 -64.95 -44.92 -26.34
C PHE S 386 -65.73 -46.21 -26.13
N ILE S 387 -65.09 -47.35 -26.35
CA ILE S 387 -65.74 -48.64 -26.14
C ILE S 387 -66.12 -48.80 -24.68
N TRP S 388 -65.24 -48.41 -23.77
CA TRP S 388 -65.52 -48.62 -22.36
C TRP S 388 -66.63 -47.69 -21.86
N ASN S 389 -66.76 -46.50 -22.45
CA ASN S 389 -67.78 -45.55 -22.02
C ASN S 389 -69.10 -45.70 -22.75
N HIS S 390 -69.12 -46.36 -23.91
CA HIS S 390 -70.36 -46.46 -24.68
C HIS S 390 -70.66 -47.85 -25.18
N ARG S 391 -69.78 -48.84 -24.96
CA ARG S 391 -70.05 -50.21 -25.38
C ARG S 391 -69.75 -51.21 -24.28
N ARG S 392 -69.69 -50.77 -23.02
CA ARG S 392 -69.40 -51.69 -21.92
C ARG S 392 -70.54 -52.65 -21.63
N ASP S 393 -71.72 -52.45 -22.23
CA ASP S 393 -72.78 -53.43 -22.12
C ASP S 393 -72.35 -54.78 -22.68
N TYR S 394 -71.58 -54.79 -23.76
CA TYR S 394 -71.05 -56.03 -24.31
C TYR S 394 -70.03 -56.65 -23.38
N ALA S 395 -69.27 -55.82 -22.66
CA ALA S 395 -68.18 -56.29 -21.80
C ALA S 395 -68.65 -56.85 -20.47
N LEU S 396 -69.94 -56.73 -20.15
CA LEU S 396 -70.48 -57.26 -18.90
C LEU S 396 -71.77 -57.99 -19.17
N HIS S 397 -71.95 -59.13 -18.52
CA HIS S 397 -73.11 -60.00 -18.72
C HIS S 397 -73.99 -59.93 -17.49
N THR S 398 -75.20 -59.41 -17.66
CA THR S 398 -76.13 -59.23 -16.54
C THR S 398 -77.01 -60.47 -16.45
N TYR S 399 -76.71 -61.33 -15.48
CA TYR S 399 -77.51 -62.52 -15.21
C TYR S 399 -78.32 -62.34 -13.93
N ASN S 400 -79.42 -63.06 -13.85
CA ASN S 400 -80.28 -63.06 -12.66
C ASN S 400 -80.12 -64.37 -11.90
N ASP S 401 -80.02 -64.27 -10.58
CA ASP S 401 -79.84 -65.43 -9.72
C ASP S 401 -81.18 -66.11 -9.49
N ASP S 402 -81.20 -67.07 -8.55
CA ASP S 402 -82.43 -67.77 -8.22
C ASP S 402 -83.49 -66.82 -7.67
N SER S 403 -83.06 -65.70 -7.09
CA SER S 403 -83.97 -64.67 -6.62
C SER S 403 -84.34 -63.65 -7.69
N ASN S 404 -83.85 -63.82 -8.91
CA ASN S 404 -84.07 -62.91 -10.03
C ASN S 404 -83.47 -61.53 -9.78
N ASN S 405 -82.49 -61.43 -8.88
CA ASN S 405 -81.77 -60.17 -8.69
C ASN S 405 -80.76 -59.98 -9.82
N THR S 406 -80.78 -58.78 -10.42
CA THR S 406 -79.88 -58.47 -11.53
C THR S 406 -78.45 -58.39 -11.01
N ILE S 407 -77.60 -59.30 -11.45
CA ILE S 407 -76.21 -59.36 -11.03
C ILE S 407 -75.35 -59.03 -12.24
N ILE S 408 -74.49 -58.03 -12.10
CA ILE S 408 -73.55 -57.67 -13.15
C ILE S 408 -72.30 -58.51 -13.01
N VAL S 409 -71.75 -58.91 -14.15
CA VAL S 409 -70.53 -59.72 -14.21
C VAL S 409 -69.54 -59.01 -15.10
N LYS S 410 -68.54 -58.36 -14.50
CA LYS S 410 -67.53 -57.65 -15.27
C LYS S 410 -66.61 -58.65 -15.98
N LEU S 411 -66.94 -58.98 -17.22
CA LEU S 411 -66.15 -59.97 -17.96
C LEU S 411 -64.78 -59.43 -18.35
N LEU S 412 -64.65 -58.12 -18.60
CA LEU S 412 -63.40 -57.54 -19.06
C LEU S 412 -63.18 -56.19 -18.39
N ASN S 413 -61.95 -55.71 -18.47
CA ASN S 413 -61.59 -54.37 -18.02
C ASN S 413 -60.80 -53.69 -19.12
N GLU S 414 -60.47 -52.42 -18.89
CA GLU S 414 -59.75 -51.64 -19.89
C GLU S 414 -58.40 -52.25 -20.22
N ASP S 415 -57.72 -52.80 -19.21
CA ASP S 415 -56.45 -53.47 -19.44
C ASP S 415 -56.63 -54.64 -20.41
N ASP S 416 -57.78 -55.33 -20.33
CA ASP S 416 -58.06 -56.40 -21.27
C ASP S 416 -58.25 -55.85 -22.69
N LEU S 417 -58.80 -54.64 -22.82
CA LEU S 417 -58.92 -54.04 -24.15
C LEU S 417 -57.55 -53.67 -24.71
N TRP S 418 -56.65 -53.17 -23.87
CA TRP S 418 -55.27 -52.95 -24.31
C TRP S 418 -54.62 -54.27 -24.72
N ARG S 419 -54.91 -55.34 -23.98
CA ARG S 419 -54.41 -56.66 -24.35
C ARG S 419 -54.99 -57.10 -25.69
N ILE S 420 -56.26 -56.77 -25.94
CA ILE S 420 -56.88 -57.05 -27.24
C ILE S 420 -56.11 -56.35 -28.35
N VAL S 421 -55.79 -55.07 -28.15
CA VAL S 421 -55.06 -54.32 -29.18
C VAL S 421 -53.69 -54.95 -29.43
N GLN S 422 -52.98 -55.29 -28.34
CA GLN S 422 -51.65 -55.90 -28.50
C GLN S 422 -51.76 -57.24 -29.22
N LEU S 423 -52.76 -58.05 -28.87
CA LEU S 423 -52.90 -59.37 -29.46
C LEU S 423 -53.28 -59.28 -30.93
N ASP S 424 -54.12 -58.31 -31.30
CA ASP S 424 -54.48 -58.15 -32.70
C ASP S 424 -53.27 -57.70 -33.51
N LEU S 425 -52.45 -56.81 -32.94
CA LEU S 425 -51.20 -56.46 -33.61
C LEU S 425 -50.29 -57.67 -33.78
N ASP S 426 -50.18 -58.50 -32.74
CA ASP S 426 -49.33 -59.68 -32.81
C ASP S 426 -49.81 -60.64 -33.90
N TYR S 427 -51.13 -60.87 -33.98
CA TYR S 427 -51.63 -61.78 -34.99
C TYR S 427 -51.51 -61.18 -36.39
N HIS S 428 -51.70 -59.87 -36.53
CA HIS S 428 -51.44 -59.23 -37.82
C HIS S 428 -49.99 -59.42 -38.24
N SER S 429 -49.06 -59.40 -37.29
CA SER S 429 -47.67 -59.65 -37.61
C SER S 429 -47.46 -61.10 -38.06
N ILE S 430 -47.99 -62.06 -37.30
CA ILE S 430 -47.74 -63.46 -37.61
C ILE S 430 -48.52 -63.94 -38.83
N HIS S 431 -49.55 -63.19 -39.25
CA HIS S 431 -50.30 -63.55 -40.44
C HIS S 431 -49.43 -63.52 -41.69
N ASP S 432 -48.56 -62.52 -41.80
CA ASP S 432 -47.66 -62.46 -42.93
C ASP S 432 -46.71 -63.65 -42.95
N LYS S 433 -46.21 -64.06 -41.78
CA LYS S 433 -45.33 -65.21 -41.70
C LYS S 433 -46.06 -66.49 -42.09
N LYS S 434 -47.29 -66.68 -41.61
CA LYS S 434 -48.03 -67.87 -41.99
C LYS S 434 -48.36 -67.89 -43.47
N ALA S 435 -48.65 -66.72 -44.06
CA ALA S 435 -48.87 -66.65 -45.50
C ALA S 435 -47.59 -66.99 -46.26
N ALA S 436 -46.43 -66.54 -45.75
CA ALA S 436 -45.17 -66.85 -46.40
C ALA S 436 -44.91 -68.36 -46.37
N LEU S 437 -45.17 -69.00 -45.23
CA LEU S 437 -45.00 -70.45 -45.16
C LEU S 437 -45.97 -71.17 -46.10
N SER S 438 -47.22 -70.70 -46.18
CA SER S 438 -48.17 -71.30 -47.12
C SER S 438 -47.69 -71.17 -48.56
N SER S 439 -47.18 -69.98 -48.93
CA SER S 439 -46.67 -69.79 -50.28
C SER S 439 -45.47 -70.67 -50.56
N ILE S 440 -44.57 -70.81 -49.58
CA ILE S 440 -43.41 -71.69 -49.74
C ILE S 440 -43.87 -73.12 -49.98
N TYR S 441 -44.82 -73.60 -49.16
CA TYR S 441 -45.32 -74.96 -49.34
C TYR S 441 -45.97 -75.14 -50.70
N LYS S 442 -46.74 -74.14 -51.15
CA LYS S 442 -47.36 -74.23 -52.46
C LYS S 442 -46.32 -74.29 -53.57
N GLN S 443 -45.22 -73.53 -53.41
CA GLN S 443 -44.14 -73.61 -54.39
C GLN S 443 -43.45 -74.97 -54.37
N LEU S 444 -43.35 -75.60 -53.20
CA LEU S 444 -42.84 -76.97 -53.16
C LEU S 444 -43.68 -77.90 -54.02
N ASP S 445 -45.01 -77.78 -53.94
CA ASP S 445 -45.94 -78.53 -54.78
C ASP S 445 -45.68 -80.04 -54.68
N LEU S 446 -45.84 -80.54 -53.47
CA LEU S 446 -45.59 -81.96 -53.21
C LEU S 446 -46.62 -82.83 -53.93
N ASP S 447 -46.15 -83.94 -54.48
CA ASP S 447 -47.05 -84.87 -55.16
C ASP S 447 -48.06 -85.45 -54.16
N VAL S 448 -47.59 -85.81 -52.97
CA VAL S 448 -48.45 -86.27 -51.89
C VAL S 448 -48.35 -85.26 -50.75
N VAL S 449 -49.50 -84.77 -50.29
CA VAL S 449 -49.52 -83.79 -49.21
C VAL S 449 -48.95 -84.44 -47.95
N ASP S 450 -47.96 -83.78 -47.36
CA ASP S 450 -47.29 -84.33 -46.18
C ASP S 450 -48.24 -84.28 -44.99
N PRO S 451 -48.59 -85.42 -44.38
CA PRO S 451 -49.50 -85.39 -43.22
C PRO S 451 -48.98 -84.60 -42.05
N THR S 452 -47.67 -84.66 -41.80
CA THR S 452 -47.09 -83.89 -40.71
C THR S 452 -47.25 -82.39 -40.96
N TYR S 453 -47.03 -81.96 -42.20
CA TYR S 453 -47.19 -80.55 -42.54
C TYR S 453 -48.61 -80.07 -42.22
N GLU S 454 -49.62 -80.81 -42.71
CA GLU S 454 -51.00 -80.41 -42.45
C GLU S 454 -51.33 -80.43 -40.97
N GLU S 455 -50.90 -81.49 -40.27
CA GLU S 455 -51.25 -81.65 -38.86
C GLU S 455 -50.66 -80.52 -38.02
N PHE S 456 -49.42 -80.13 -38.30
CA PHE S 456 -48.78 -79.09 -37.50
C PHE S 456 -49.12 -77.69 -37.98
N PHE S 457 -49.52 -77.53 -39.25
CA PHE S 457 -49.95 -76.23 -39.74
C PHE S 457 -51.35 -75.89 -39.25
N GLY S 458 -52.23 -76.89 -39.15
CA GLY S 458 -53.56 -76.63 -38.63
C GLY S 458 -53.54 -76.18 -37.17
N SER S 459 -52.60 -76.72 -36.39
CA SER S 459 -52.48 -76.39 -34.98
C SER S 459 -51.39 -75.36 -34.72
N ALA S 460 -50.89 -74.71 -35.77
CA ALA S 460 -49.84 -73.71 -35.60
C ALA S 460 -50.42 -72.42 -35.03
N ARG S 461 -49.93 -72.01 -33.87
CA ARG S 461 -50.37 -70.78 -33.21
C ARG S 461 -49.24 -69.79 -33.00
N THR S 462 -48.06 -70.25 -32.61
CA THR S 462 -46.93 -69.38 -32.32
C THR S 462 -45.99 -69.34 -33.52
N LEU S 463 -45.23 -68.25 -33.61
CA LEU S 463 -44.21 -68.15 -34.67
C LEU S 463 -43.09 -69.16 -34.48
N SER S 464 -42.88 -69.65 -33.26
CA SER S 464 -41.91 -70.72 -33.05
C SER S 464 -42.33 -71.99 -33.78
N GLU S 465 -43.61 -72.32 -33.74
CA GLU S 465 -44.10 -73.48 -34.48
C GLU S 465 -44.00 -73.27 -35.99
N LEU S 466 -44.24 -72.05 -36.46
CA LEU S 466 -44.03 -71.75 -37.87
C LEU S 466 -42.58 -71.92 -38.26
N GLN S 467 -41.66 -71.48 -37.41
CA GLN S 467 -40.24 -71.68 -37.67
C GLN S 467 -39.88 -73.16 -37.68
N ASP S 468 -40.50 -73.94 -36.79
CA ASP S 468 -40.29 -75.38 -36.79
C ASP S 468 -40.78 -76.00 -38.09
N ILE S 469 -41.94 -75.55 -38.57
CA ILE S 469 -42.46 -76.02 -39.86
C ILE S 469 -41.49 -75.68 -40.98
N ASP S 470 -40.96 -74.46 -40.97
CA ASP S 470 -40.00 -74.05 -42.00
C ASP S 470 -38.76 -74.91 -41.96
N ASP S 471 -38.23 -75.18 -40.75
CA ASP S 471 -37.04 -76.00 -40.64
C ASP S 471 -37.29 -77.41 -41.13
N TYR S 472 -38.44 -77.99 -40.76
CA TYR S 472 -38.76 -79.34 -41.21
C TYR S 472 -38.88 -79.41 -42.73
N LEU S 473 -39.58 -78.44 -43.31
CA LEU S 473 -39.77 -78.42 -44.76
C LEU S 473 -38.44 -78.24 -45.50
N THR S 474 -37.59 -77.32 -45.01
CA THR S 474 -36.31 -77.11 -45.66
C THR S 474 -35.39 -78.31 -45.51
N PHE S 475 -35.41 -78.97 -44.36
CA PHE S 475 -34.53 -80.12 -44.16
C PHE S 475 -34.96 -81.30 -45.04
N ASN S 476 -36.25 -81.64 -45.02
CA ASN S 476 -36.70 -82.82 -45.76
C ASN S 476 -36.88 -82.55 -47.25
N TYR S 477 -36.77 -81.31 -47.69
CA TYR S 477 -36.80 -80.96 -49.11
C TYR S 477 -35.69 -79.99 -49.44
N SER S 478 -34.48 -80.28 -48.96
CA SER S 478 -33.35 -79.37 -49.16
C SER S 478 -33.03 -79.22 -50.65
N SER S 479 -33.01 -80.33 -51.38
CA SER S 479 -32.78 -80.25 -52.82
C SER S 479 -33.91 -79.47 -53.50
N GLN S 480 -35.16 -79.77 -53.14
CA GLN S 480 -36.30 -79.09 -53.75
C GLN S 480 -36.31 -77.61 -53.41
N VAL S 481 -36.01 -77.26 -52.15
CA VAL S 481 -35.97 -75.85 -51.76
C VAL S 481 -34.85 -75.12 -52.48
N LYS S 482 -33.68 -75.76 -52.60
CA LYS S 482 -32.56 -75.14 -53.32
C LYS S 482 -32.91 -74.93 -54.78
N ASN S 483 -33.57 -75.92 -55.41
CA ASN S 483 -34.00 -75.76 -56.79
C ASN S 483 -35.00 -74.62 -56.93
N LEU S 484 -35.98 -74.54 -56.02
CA LEU S 484 -36.96 -73.48 -56.07
C LEU S 484 -36.32 -72.11 -55.91
N THR S 485 -35.29 -72.03 -55.05
CA THR S 485 -34.49 -70.80 -54.99
C THR S 485 -33.82 -70.52 -56.33
N ALA S 486 -33.30 -71.57 -56.97
CA ALA S 486 -32.70 -71.40 -58.29
C ALA S 486 -33.76 -71.12 -59.35
N VAL S 487 -34.94 -71.73 -59.25
CA VAL S 487 -36.02 -71.46 -60.19
C VAL S 487 -36.50 -70.03 -60.08
N MET S 514 -24.19 -65.69 -58.99
CA MET S 514 -24.90 -66.21 -57.84
C MET S 514 -23.98 -66.25 -56.62
N LYS S 515 -24.39 -65.57 -55.54
CA LYS S 515 -23.61 -65.51 -54.32
C LYS S 515 -23.38 -66.91 -53.76
N ARG S 516 -22.11 -67.34 -53.73
CA ARG S 516 -21.76 -68.70 -53.35
C ARG S 516 -21.86 -68.91 -51.84
N LYS S 517 -23.08 -68.72 -51.33
CA LYS S 517 -23.37 -69.09 -49.96
C LYS S 517 -23.38 -70.61 -49.84
N TYR S 518 -22.69 -71.13 -48.83
CA TYR S 518 -22.61 -72.58 -48.64
C TYR S 518 -23.87 -73.08 -47.97
N SER S 519 -24.59 -73.98 -48.65
CA SER S 519 -25.77 -74.59 -48.08
C SER S 519 -25.36 -75.50 -46.93
N LYS S 520 -25.89 -75.25 -45.74
CA LYS S 520 -25.59 -76.08 -44.59
C LYS S 520 -26.09 -77.50 -44.76
N TYR S 521 -27.01 -77.72 -45.69
CA TYR S 521 -27.56 -79.04 -45.97
C TYR S 521 -26.89 -79.73 -47.15
N ALA S 522 -25.77 -79.20 -47.65
CA ALA S 522 -25.11 -79.78 -48.79
C ALA S 522 -24.59 -81.18 -48.48
N ILE S 523 -24.06 -81.37 -47.28
CA ILE S 523 -23.57 -82.70 -46.87
C ILE S 523 -24.72 -83.70 -46.84
N TYR S 524 -25.86 -83.27 -46.31
CA TYR S 524 -27.03 -84.15 -46.25
C TYR S 524 -27.57 -84.44 -47.64
N ASP S 525 -27.51 -83.46 -48.54
CA ASP S 525 -27.88 -83.72 -49.93
C ASP S 525 -26.95 -84.73 -50.57
N ARG S 526 -25.64 -84.62 -50.31
CA ARG S 526 -24.70 -85.62 -50.80
C ARG S 526 -25.01 -87.00 -50.26
N ILE S 527 -25.38 -87.08 -48.97
CA ILE S 527 -25.78 -88.35 -48.39
C ILE S 527 -27.01 -88.90 -49.10
N ARG S 528 -27.98 -88.04 -49.40
CA ARG S 528 -29.16 -88.45 -50.15
C ARG S 528 -28.78 -88.99 -51.52
N GLN S 529 -27.82 -88.34 -52.19
CA GLN S 529 -27.36 -88.80 -53.49
C GLN S 529 -26.47 -90.03 -53.41
N ASP S 530 -25.79 -90.23 -52.28
CA ASP S 530 -24.85 -91.33 -52.15
C ASP S 530 -25.59 -92.66 -51.95
N ALA S 531 -24.84 -93.76 -52.14
CA ALA S 531 -25.41 -95.09 -52.03
C ALA S 531 -25.71 -95.51 -50.59
N ILE S 532 -25.29 -94.72 -49.60
CA ILE S 532 -25.53 -95.07 -48.21
C ILE S 532 -26.91 -94.64 -47.73
N TYR S 533 -27.58 -93.77 -48.49
CA TYR S 533 -28.93 -93.33 -48.15
C TYR S 533 -29.91 -94.49 -48.01
N PRO S 534 -29.88 -95.55 -48.85
CA PRO S 534 -30.73 -96.72 -48.56
C PRO S 534 -30.52 -97.32 -47.18
N VAL S 535 -29.29 -97.33 -46.67
CA VAL S 535 -29.06 -97.81 -45.31
C VAL S 535 -29.79 -96.93 -44.30
N VAL S 536 -29.73 -95.61 -44.51
CA VAL S 536 -30.44 -94.68 -43.63
C VAL S 536 -31.93 -94.96 -43.66
N GLN S 537 -32.47 -95.28 -44.84
CA GLN S 537 -33.87 -95.71 -44.91
C GLN S 537 -34.09 -96.98 -44.10
N SER S 538 -33.18 -97.96 -44.26
CA SER S 538 -33.35 -99.26 -43.63
C SER S 538 -33.21 -99.20 -42.12
N ILE S 539 -32.65 -98.13 -41.57
CA ILE S 539 -32.60 -97.99 -40.11
C ILE S 539 -34.02 -97.96 -39.55
N ALA S 540 -34.88 -97.12 -40.13
CA ALA S 540 -36.27 -97.00 -39.71
C ALA S 540 -37.03 -96.21 -40.77
N ASN S 541 -38.29 -96.57 -40.98
CA ASN S 541 -39.13 -95.91 -41.96
C ASN S 541 -39.58 -94.56 -41.43
N ILE S 542 -39.41 -93.51 -42.24
CA ILE S 542 -39.73 -92.15 -41.79
C ILE S 542 -41.22 -92.02 -41.51
N SER S 543 -42.05 -92.52 -42.42
CA SER S 543 -43.51 -92.45 -42.23
C SER S 543 -43.94 -93.27 -41.03
N GLN S 544 -43.36 -94.47 -40.87
CA GLN S 544 -43.68 -95.29 -39.71
C GLN S 544 -43.23 -94.62 -38.42
N MET S 545 -42.04 -94.01 -38.44
CA MET S 545 -41.56 -93.28 -37.25
C MET S 545 -42.50 -92.15 -36.89
N ARG S 546 -42.95 -91.38 -37.90
CA ARG S 546 -43.85 -90.28 -37.63
C ARG S 546 -45.19 -90.77 -37.09
N GLU S 547 -45.72 -91.86 -37.66
CA GLU S 547 -46.98 -92.41 -37.16
C GLU S 547 -46.84 -92.88 -35.72
N ASN S 548 -45.76 -93.59 -35.42
CA ASN S 548 -45.54 -94.08 -34.06
C ASN S 548 -45.40 -92.94 -33.08
N LEU S 549 -44.65 -91.89 -33.46
CA LEU S 549 -44.44 -90.76 -32.55
C LEU S 549 -45.74 -90.00 -32.32
N ALA S 550 -46.51 -89.76 -33.40
CA ALA S 550 -47.78 -89.05 -33.26
C ALA S 550 -48.77 -89.84 -32.41
N GLN S 551 -48.84 -91.16 -32.63
CA GLN S 551 -49.74 -91.97 -31.83
C GLN S 551 -49.28 -92.10 -30.38
N SER S 552 -48.00 -91.86 -30.10
CA SER S 552 -47.37 -92.03 -28.80
C SER S 552 -47.33 -93.48 -28.34
N LYS S 553 -47.76 -94.42 -29.18
CA LYS S 553 -47.68 -95.84 -28.88
C LYS S 553 -47.29 -96.58 -30.14
N ARG S 554 -46.86 -97.83 -29.96
CA ARG S 554 -46.35 -98.60 -31.08
C ARG S 554 -47.47 -99.01 -32.02
N LEU S 555 -47.44 -98.48 -33.24
CA LEU S 555 -48.30 -98.94 -34.34
C LEU S 555 -47.58 -99.90 -35.27
N HIS S 556 -46.27 -99.72 -35.44
CA HIS S 556 -45.44 -100.63 -36.21
C HIS S 556 -44.17 -100.93 -35.42
N GLN S 557 -43.58 -102.08 -35.68
CA GLN S 557 -42.32 -102.47 -35.05
C GLN S 557 -41.16 -102.10 -35.96
N VAL S 558 -40.15 -101.43 -35.40
CA VAL S 558 -38.97 -101.07 -36.18
C VAL S 558 -38.23 -102.36 -36.54
N GLU S 559 -38.27 -102.72 -37.81
CA GLU S 559 -37.66 -103.96 -38.27
C GLU S 559 -36.14 -103.77 -38.37
N ASP S 560 -35.40 -104.65 -37.71
CA ASP S 560 -33.94 -104.58 -37.74
C ASP S 560 -33.43 -105.23 -39.02
N PRO S 561 -32.61 -104.55 -39.81
CA PRO S 561 -32.07 -105.16 -41.03
C PRO S 561 -31.27 -106.42 -40.73
N ILE S 562 -31.26 -107.33 -41.70
CA ILE S 562 -30.65 -108.65 -41.52
C ILE S 562 -29.16 -108.59 -41.28
N GLU S 563 -28.50 -107.49 -41.63
CA GLU S 563 -27.07 -107.33 -41.44
C GLU S 563 -26.79 -106.11 -40.58
N SER S 564 -25.65 -106.15 -39.89
CA SER S 564 -25.28 -105.09 -38.97
C SER S 564 -24.99 -103.80 -39.74
N PRO S 565 -25.10 -102.64 -39.07
CA PRO S 565 -24.79 -101.37 -39.76
C PRO S 565 -23.40 -101.35 -40.35
N MET S 566 -22.39 -101.84 -39.62
CA MET S 566 -21.04 -101.89 -40.16
C MET S 566 -20.97 -102.86 -41.34
N ASP S 567 -21.64 -104.00 -41.23
CA ASP S 567 -21.64 -104.97 -42.33
C ASP S 567 -22.20 -104.36 -43.61
N MET S 568 -23.39 -103.76 -43.52
CA MET S 568 -24.02 -103.18 -44.70
C MET S 568 -23.20 -102.01 -45.24
N ILE S 569 -22.68 -101.16 -44.36
CA ILE S 569 -21.90 -100.00 -44.79
C ILE S 569 -20.67 -100.46 -45.55
N ALA S 570 -19.92 -101.42 -44.97
CA ALA S 570 -18.70 -101.90 -45.62
C ALA S 570 -19.02 -102.62 -46.93
N ASP S 571 -20.09 -103.41 -46.95
CA ASP S 571 -20.45 -104.13 -48.17
C ASP S 571 -20.80 -103.17 -49.30
N ILE S 572 -21.60 -102.14 -49.00
CA ILE S 572 -21.98 -101.18 -50.02
C ILE S 572 -20.77 -100.35 -50.46
N MET S 573 -19.89 -100.01 -49.51
CA MET S 573 -18.67 -99.28 -49.86
C MET S 573 -17.79 -100.10 -50.80
N SER S 574 -17.63 -101.39 -50.52
CA SER S 574 -16.82 -102.24 -51.38
C SER S 574 -17.46 -102.45 -52.75
N THR S 575 -18.79 -102.64 -52.79
CA THR S 575 -19.47 -102.87 -54.05
C THR S 575 -19.77 -101.59 -54.82
N GLU S 576 -19.60 -100.42 -54.20
CA GLU S 576 -19.84 -99.14 -54.85
C GLU S 576 -18.71 -98.17 -54.55
N LYS S 577 -17.46 -98.64 -54.69
CA LYS S 577 -16.32 -97.77 -54.49
C LYS S 577 -16.33 -96.58 -55.44
N ASP S 578 -16.97 -96.74 -56.59
CA ASP S 578 -17.04 -95.65 -57.57
C ASP S 578 -17.89 -94.49 -57.06
N LYS S 579 -18.99 -94.80 -56.37
CA LYS S 579 -19.95 -93.77 -55.95
C LYS S 579 -19.84 -93.42 -54.47
N THR S 580 -19.38 -94.33 -53.62
CA THR S 580 -19.28 -94.05 -52.20
C THR S 580 -18.21 -93.00 -51.96
N THR S 581 -18.64 -91.76 -51.68
CA THR S 581 -17.72 -90.66 -51.46
C THR S 581 -16.96 -90.76 -50.15
N PHE S 582 -17.36 -91.68 -49.25
CA PHE S 582 -16.66 -91.84 -47.99
C PHE S 582 -15.32 -92.53 -48.21
N ILE S 583 -14.40 -92.29 -47.29
CA ILE S 583 -13.06 -92.87 -47.36
C ILE S 583 -13.03 -94.19 -46.58
N SER S 584 -13.44 -94.15 -45.32
CA SER S 584 -13.45 -95.33 -44.47
C SER S 584 -14.88 -95.67 -44.06
N SER S 585 -15.10 -96.92 -43.69
CA SER S 585 -16.42 -97.34 -43.24
C SER S 585 -16.84 -96.63 -41.97
N GLU S 586 -15.88 -96.30 -41.10
CA GLU S 586 -16.19 -95.55 -39.88
C GLU S 586 -16.70 -94.16 -40.21
N LYS S 587 -16.12 -93.53 -41.24
CA LYS S 587 -16.59 -92.21 -41.66
C LYS S 587 -18.03 -92.27 -42.17
N ALA S 588 -18.35 -93.30 -42.96
CA ALA S 588 -19.72 -93.47 -43.42
C ALA S 588 -20.66 -93.74 -42.25
N TYR S 589 -20.21 -94.52 -41.27
CA TYR S 589 -21.01 -94.79 -40.08
C TYR S 589 -21.32 -93.50 -39.34
N GLN S 590 -20.31 -92.64 -39.16
CA GLN S 590 -20.52 -91.37 -38.48
C GLN S 590 -21.45 -90.47 -39.27
N ALA S 591 -21.31 -90.45 -40.60
CA ALA S 591 -22.20 -89.64 -41.42
C ALA S 591 -23.63 -90.12 -41.33
N VAL S 592 -23.84 -91.45 -41.33
CA VAL S 592 -25.19 -91.99 -41.18
C VAL S 592 -25.76 -91.61 -39.81
N LYS S 593 -24.95 -91.73 -38.77
CA LYS S 593 -25.43 -91.38 -37.43
C LYS S 593 -25.81 -89.90 -37.35
N GLN S 594 -24.99 -89.02 -37.92
CA GLN S 594 -25.30 -87.60 -37.86
C GLN S 594 -26.51 -87.26 -38.72
N PHE S 595 -26.68 -87.95 -39.84
CA PHE S 595 -27.87 -87.73 -40.66
C PHE S 595 -29.14 -88.18 -39.93
N PHE S 596 -29.07 -89.31 -39.24
CA PHE S 596 -30.21 -89.76 -38.44
C PHE S 596 -30.49 -88.79 -37.29
N SER S 597 -29.43 -88.26 -36.67
CA SER S 597 -29.61 -87.25 -35.62
C SER S 597 -30.27 -86.00 -36.16
N GLU S 598 -29.87 -85.56 -37.36
CA GLU S 598 -30.49 -84.39 -37.97
C GLU S 598 -31.95 -84.67 -38.31
N GLN S 599 -32.25 -85.87 -38.80
CA GLN S 599 -33.63 -86.23 -39.09
C GLN S 599 -34.49 -86.19 -37.83
N LEU S 600 -33.98 -86.75 -36.74
CA LEU S 600 -34.71 -86.75 -35.48
C LEU S 600 -34.88 -85.33 -34.94
N SER S 601 -33.83 -84.50 -35.07
CA SER S 601 -33.88 -83.15 -34.54
C SER S 601 -34.92 -82.30 -35.26
N TYR S 602 -35.01 -82.45 -36.59
CA TYR S 602 -35.92 -81.63 -37.38
C TYR S 602 -37.37 -82.11 -37.34
N GLU S 603 -37.66 -83.13 -36.55
CA GLU S 603 -39.03 -83.61 -36.42
C GLU S 603 -39.84 -82.61 -35.59
N PRO S 604 -40.91 -82.03 -36.13
CA PRO S 604 -41.67 -81.03 -35.35
C PRO S 604 -42.26 -81.57 -34.07
N PHE S 605 -42.66 -82.85 -34.04
CA PHE S 605 -43.33 -83.39 -32.87
C PHE S 605 -42.41 -83.45 -31.65
N ILE S 606 -41.16 -83.86 -31.86
CA ILE S 606 -40.22 -83.91 -30.74
C ILE S 606 -40.00 -82.51 -30.17
N ARG S 607 -39.80 -81.52 -31.04
CA ARG S 607 -39.61 -80.16 -30.59
C ARG S 607 -40.83 -79.66 -29.84
N LYS S 608 -42.03 -79.93 -30.37
CA LYS S 608 -43.25 -79.48 -29.71
C LYS S 608 -43.43 -80.11 -28.34
N THR S 609 -43.16 -81.42 -28.24
CA THR S 609 -43.28 -82.10 -26.95
C THR S 609 -42.28 -81.56 -25.94
N ILE S 610 -41.02 -81.36 -26.37
CA ILE S 610 -40.01 -80.83 -25.47
C ILE S 610 -40.38 -79.42 -25.01
N ARG S 611 -40.88 -78.59 -25.94
CA ARG S 611 -41.26 -77.24 -25.59
C ARG S 611 -42.43 -77.22 -24.60
N THR S 612 -43.42 -78.08 -24.82
CA THR S 612 -44.54 -78.17 -23.89
C THR S 612 -44.08 -78.63 -22.52
N ALA S 613 -43.20 -79.65 -22.49
CA ALA S 613 -42.71 -80.15 -21.21
C ALA S 613 -41.92 -79.09 -20.46
N PHE S 614 -41.07 -78.35 -21.16
CA PHE S 614 -40.28 -77.30 -20.51
C PHE S 614 -41.19 -76.17 -20.02
N GLN S 615 -42.17 -75.78 -20.83
CA GLN S 615 -43.07 -74.70 -20.44
C GLN S 615 -43.95 -75.11 -19.28
N SER S 616 -44.21 -76.41 -19.11
CA SER S 616 -45.10 -76.85 -18.04
C SER S 616 -44.35 -77.14 -16.74
N PHE S 617 -43.29 -77.95 -16.80
CA PHE S 617 -42.65 -78.47 -15.61
C PHE S 617 -41.18 -78.07 -15.46
N GLY S 618 -40.68 -77.18 -16.30
CA GLY S 618 -39.29 -76.78 -16.19
C GLY S 618 -39.03 -75.92 -14.97
N VAL S 619 -37.75 -75.84 -14.60
CA VAL S 619 -37.30 -75.02 -13.48
C VAL S 619 -36.22 -74.07 -13.97
N ILE S 620 -35.86 -73.12 -13.12
CA ILE S 620 -34.87 -72.09 -13.43
C ILE S 620 -33.68 -72.26 -12.51
N ASN S 621 -32.50 -72.37 -13.10
CA ASN S 621 -31.25 -72.44 -12.37
C ASN S 621 -30.31 -71.36 -12.88
N ILE S 622 -29.50 -70.82 -11.98
CA ILE S 622 -28.60 -69.71 -12.28
C ILE S 622 -27.17 -70.13 -11.97
N GLU S 623 -26.29 -69.95 -12.94
CA GLU S 623 -24.85 -70.16 -12.74
C GLU S 623 -24.14 -68.82 -12.69
N LEU S 624 -22.97 -68.82 -12.04
CA LEU S 624 -22.19 -67.62 -11.84
C LEU S 624 -20.86 -67.71 -12.57
N THR S 625 -20.54 -66.69 -13.37
CA THR S 625 -19.22 -66.56 -13.93
C THR S 625 -18.27 -65.97 -12.88
N GLU S 626 -16.98 -65.89 -13.26
CA GLU S 626 -16.00 -65.26 -12.37
C GLU S 626 -16.38 -63.81 -12.10
N ARG S 627 -16.84 -63.09 -13.13
CA ARG S 627 -17.40 -61.77 -12.92
C ARG S 627 -18.59 -61.84 -11.97
N GLY S 628 -19.45 -62.83 -12.13
CA GLY S 628 -20.52 -63.03 -11.16
C GLY S 628 -20.01 -63.46 -9.81
N LYS S 629 -18.94 -64.27 -9.79
CA LYS S 629 -18.38 -64.71 -8.52
C LYS S 629 -17.80 -63.57 -7.71
N LEU S 630 -17.37 -62.48 -8.37
CA LEU S 630 -16.71 -61.38 -7.68
C LEU S 630 -17.61 -60.16 -7.50
N GLN S 631 -18.54 -59.92 -8.42
CA GLN S 631 -19.26 -58.65 -8.45
C GLN S 631 -20.60 -58.68 -7.72
N ILE S 632 -21.15 -59.86 -7.45
CA ILE S 632 -22.44 -59.96 -6.77
C ILE S 632 -22.17 -59.84 -5.27
N GLU S 633 -22.34 -58.63 -4.75
CA GLU S 633 -22.08 -58.29 -3.36
C GLU S 633 -23.35 -58.36 -2.54
N PRO S 634 -23.23 -58.49 -1.21
CA PRO S 634 -24.44 -58.59 -0.38
C PRO S 634 -25.35 -57.37 -0.47
N GLU S 635 -24.84 -56.22 -0.90
CA GLU S 635 -25.66 -55.02 -1.06
C GLU S 635 -26.20 -54.84 -2.47
N SER S 636 -25.60 -55.50 -3.45
CA SER S 636 -26.05 -55.35 -4.83
C SER S 636 -27.44 -55.96 -5.00
N PRO S 637 -28.29 -55.38 -5.86
CA PRO S 637 -29.62 -55.97 -6.07
C PRO S 637 -29.58 -57.37 -6.67
N TYR S 638 -28.47 -57.76 -7.30
CA TYR S 638 -28.35 -59.09 -7.88
C TYR S 638 -28.10 -60.17 -6.84
N PHE S 639 -27.87 -59.79 -5.58
CA PHE S 639 -27.59 -60.76 -4.54
C PHE S 639 -28.81 -61.62 -4.20
N ASP S 640 -30.01 -61.21 -4.61
CA ASP S 640 -31.20 -61.97 -4.30
C ASP S 640 -31.23 -63.34 -4.96
N PHE S 641 -30.53 -63.50 -6.08
CA PHE S 641 -30.53 -64.77 -6.82
C PHE S 641 -29.10 -65.23 -7.12
N LYS S 642 -28.18 -64.97 -6.20
CA LYS S 642 -26.79 -65.38 -6.41
C LYS S 642 -26.66 -66.89 -6.47
N TYR S 643 -27.53 -67.62 -5.78
CA TYR S 643 -27.45 -69.06 -5.71
C TYR S 643 -28.83 -69.71 -5.80
N ALA S 644 -29.75 -69.11 -6.54
CA ALA S 644 -31.07 -69.68 -6.71
C ALA S 644 -31.01 -70.99 -7.50
N LYS S 645 -31.97 -71.87 -7.25
CA LYS S 645 -31.93 -73.20 -7.83
C LYS S 645 -33.34 -73.78 -7.88
N ASN S 646 -33.68 -74.41 -9.01
CA ASN S 646 -34.95 -75.10 -9.19
C ASN S 646 -36.14 -74.20 -8.92
N ARG S 647 -36.04 -72.96 -9.39
CA ARG S 647 -37.15 -72.01 -9.24
C ARG S 647 -38.24 -72.35 -10.23
N PRO S 648 -39.49 -72.53 -9.77
CA PRO S 648 -40.57 -72.87 -10.70
C PRO S 648 -40.82 -71.76 -11.71
N ILE S 649 -41.09 -72.17 -12.95
CA ILE S 649 -41.38 -71.19 -13.99
C ILE S 649 -42.76 -70.55 -13.78
N SER S 650 -43.74 -71.36 -13.38
CA SER S 650 -45.11 -70.85 -13.28
C SER S 650 -45.22 -69.73 -12.25
N ALA S 651 -44.39 -69.77 -11.21
CA ALA S 651 -44.41 -68.72 -10.20
C ALA S 651 -43.67 -67.46 -10.64
N LEU S 652 -42.90 -67.52 -11.74
CA LEU S 652 -42.13 -66.35 -12.17
C LEU S 652 -43.04 -65.22 -12.62
N THR S 653 -44.14 -65.54 -13.30
CA THR S 653 -45.02 -64.51 -13.83
C THR S 653 -45.62 -63.65 -12.72
N ALA S 654 -45.76 -64.19 -11.50
CA ALA S 654 -46.27 -63.39 -10.40
C ALA S 654 -45.22 -62.42 -9.88
N THR S 655 -43.95 -62.67 -10.17
CA THR S 655 -42.84 -61.82 -9.71
C THR S 655 -41.97 -61.50 -10.92
N PRO S 656 -42.46 -60.65 -11.82
CA PRO S 656 -41.69 -60.39 -13.06
C PRO S 656 -40.34 -59.73 -12.83
N ASP S 657 -40.24 -58.89 -11.80
CA ASP S 657 -39.02 -58.13 -11.58
C ASP S 657 -37.83 -59.04 -11.27
N LEU S 658 -38.07 -60.16 -10.60
CA LEU S 658 -36.98 -61.09 -10.31
C LEU S 658 -36.38 -61.65 -11.60
N TYR S 659 -37.24 -62.09 -12.52
CA TYR S 659 -36.75 -62.62 -13.79
C TYR S 659 -36.10 -61.53 -14.63
N LEU S 660 -36.68 -60.33 -14.63
CA LEU S 660 -36.08 -59.21 -15.37
C LEU S 660 -34.68 -58.90 -14.83
N ARG S 661 -34.53 -58.90 -13.51
CA ARG S 661 -33.23 -58.63 -12.91
C ARG S 661 -32.23 -59.75 -13.18
N MET S 662 -32.70 -61.01 -13.20
CA MET S 662 -31.83 -62.11 -13.60
C MET S 662 -31.34 -61.92 -15.03
N ILE S 663 -32.24 -61.54 -15.94
CA ILE S 663 -31.86 -61.31 -17.33
C ILE S 663 -30.86 -60.16 -17.43
N GLN S 664 -31.12 -59.09 -16.68
CA GLN S 664 -30.21 -57.95 -16.69
C GLN S 664 -28.82 -58.34 -16.20
N ALA S 665 -28.75 -59.14 -15.13
CA ALA S 665 -27.46 -59.62 -14.65
C ALA S 665 -26.79 -60.52 -15.67
N GLU S 666 -27.57 -61.36 -16.36
CA GLU S 666 -27.01 -62.20 -17.42
C GLU S 666 -26.41 -61.36 -18.53
N ASN S 667 -27.10 -60.29 -18.93
CA ASN S 667 -26.61 -59.43 -19.99
C ASN S 667 -25.33 -58.69 -19.59
N ASP S 668 -25.06 -58.57 -18.30
CA ASP S 668 -23.85 -57.93 -17.81
C ASP S 668 -22.65 -58.87 -17.80
N GLY S 669 -22.82 -60.12 -18.22
CA GLY S 669 -21.72 -61.06 -18.20
C GLY S 669 -21.39 -61.60 -16.82
N LEU S 670 -22.33 -61.52 -15.87
CA LEU S 670 -22.10 -61.99 -14.52
C LEU S 670 -22.66 -63.39 -14.26
N VAL S 671 -23.90 -63.65 -14.69
CA VAL S 671 -24.59 -64.89 -14.35
C VAL S 671 -25.05 -65.57 -15.62
N ASN S 672 -25.40 -66.85 -15.49
CA ASN S 672 -25.93 -67.64 -16.60
C ASN S 672 -27.20 -68.33 -16.14
N ILE S 673 -28.29 -68.12 -16.87
CA ILE S 673 -29.59 -68.70 -16.53
C ILE S 673 -29.75 -70.01 -17.27
N LYS S 674 -30.08 -71.07 -16.54
CA LYS S 674 -30.24 -72.41 -17.10
C LYS S 674 -31.63 -72.93 -16.79
N VAL S 675 -32.29 -73.50 -17.80
CA VAL S 675 -33.61 -74.11 -17.66
C VAL S 675 -33.45 -75.62 -17.83
N GLU S 676 -33.88 -76.39 -16.83
CA GLU S 676 -33.74 -77.83 -16.87
C GLU S 676 -35.01 -78.49 -16.36
N LEU S 677 -35.25 -79.72 -16.82
CA LEU S 677 -36.41 -80.51 -16.45
C LEU S 677 -36.00 -81.66 -15.55
N PRO S 678 -36.66 -81.84 -14.40
CA PRO S 678 -36.35 -83.01 -13.55
C PRO S 678 -36.56 -84.33 -14.25
N MET S 679 -37.56 -84.43 -15.13
CA MET S 679 -37.91 -85.68 -15.81
C MET S 679 -37.46 -85.68 -17.26
N LEU S 680 -36.32 -85.05 -17.57
CA LEU S 680 -35.79 -85.10 -18.94
C LEU S 680 -35.44 -86.52 -19.34
N SER S 681 -34.84 -87.27 -18.43
CA SER S 681 -34.52 -88.67 -18.70
C SER S 681 -35.77 -89.47 -19.01
N THR S 682 -36.89 -89.14 -18.37
CA THR S 682 -38.14 -89.85 -18.64
C THR S 682 -38.58 -89.66 -20.08
N VAL S 683 -38.54 -88.41 -20.57
CA VAL S 683 -38.91 -88.13 -21.95
C VAL S 683 -37.94 -88.80 -22.92
N VAL S 684 -36.64 -88.74 -22.61
CA VAL S 684 -35.65 -89.37 -23.49
C VAL S 684 -35.90 -90.87 -23.58
N ASP S 685 -36.14 -91.51 -22.44
CA ASP S 685 -36.39 -92.95 -22.44
C ASP S 685 -37.68 -93.30 -23.16
N HIS S 686 -38.73 -92.50 -22.98
CA HIS S 686 -40.00 -92.78 -23.64
C HIS S 686 -39.87 -92.67 -25.15
N PHE S 687 -39.20 -91.61 -25.62
CA PHE S 687 -39.02 -91.46 -27.06
C PHE S 687 -38.09 -92.53 -27.63
N TYR S 688 -37.09 -92.96 -26.85
CA TYR S 688 -36.26 -94.09 -27.27
C TYR S 688 -37.08 -95.36 -27.39
N ASN S 689 -37.92 -95.64 -26.39
CA ASN S 689 -38.76 -96.84 -26.42
C ASN S 689 -39.69 -96.82 -27.63
N ILE S 690 -40.22 -95.64 -27.96
CA ILE S 690 -41.01 -95.51 -29.19
C ILE S 690 -40.14 -95.80 -30.41
N LEU S 691 -38.91 -95.26 -30.43
CA LEU S 691 -38.04 -95.36 -31.59
C LEU S 691 -37.28 -96.69 -31.65
N LYS S 692 -36.90 -97.24 -30.50
CA LYS S 692 -36.03 -98.41 -30.49
C LYS S 692 -36.72 -99.62 -31.11
N SER S 693 -35.92 -100.51 -31.67
CA SER S 693 -36.42 -101.77 -32.20
C SER S 693 -36.50 -102.82 -31.09
N ASP S 694 -37.28 -103.86 -31.35
CA ASP S 694 -37.50 -104.92 -30.37
C ASP S 694 -36.60 -106.13 -30.61
N GLY S 695 -35.69 -106.06 -31.58
CA GLY S 695 -34.81 -107.17 -31.84
C GLY S 695 -33.80 -107.39 -30.72
N THR S 696 -33.37 -108.64 -30.58
CA THR S 696 -32.42 -109.02 -29.54
C THR S 696 -31.09 -109.52 -30.07
N SER S 697 -30.97 -109.74 -31.38
CA SER S 697 -29.71 -110.20 -31.95
C SER S 697 -28.66 -109.09 -31.87
N GLU S 698 -27.39 -109.51 -31.94
CA GLU S 698 -26.30 -108.54 -31.88
C GLU S 698 -26.39 -107.51 -33.00
N ILE S 699 -26.89 -107.91 -34.17
CA ILE S 699 -27.16 -106.94 -35.23
C ILE S 699 -28.24 -105.96 -34.78
N SER S 700 -29.31 -106.46 -34.17
CA SER S 700 -30.33 -105.58 -33.63
C SER S 700 -29.78 -104.72 -32.50
N GLU S 701 -28.84 -105.26 -31.71
CA GLU S 701 -28.21 -104.47 -30.66
C GLU S 701 -27.42 -103.31 -31.27
N LYS S 702 -26.68 -103.57 -32.35
CA LYS S 702 -25.94 -102.52 -33.02
C LYS S 702 -26.87 -101.47 -33.61
N TRP S 703 -27.98 -101.92 -34.22
CA TRP S 703 -28.94 -100.98 -34.78
C TRP S 703 -29.54 -100.10 -33.68
N ASN S 704 -29.90 -100.70 -32.55
CA ASN S 704 -30.45 -99.94 -31.44
C ASN S 704 -29.43 -98.97 -30.87
N ALA S 705 -28.17 -99.38 -30.80
CA ALA S 705 -27.12 -98.48 -30.33
C ALA S 705 -26.95 -97.29 -31.25
N LEU S 706 -26.95 -97.53 -32.56
CA LEU S 706 -26.85 -96.44 -33.52
C LEU S 706 -28.03 -95.49 -33.39
N ARG S 707 -29.25 -96.05 -33.28
CA ARG S 707 -30.43 -95.22 -33.13
C ARG S 707 -30.37 -94.39 -31.86
N ASN S 708 -29.96 -95.00 -30.75
CA ASN S 708 -29.88 -94.28 -29.48
C ASN S 708 -28.83 -93.18 -29.52
N ASP S 709 -27.67 -93.44 -30.13
CA ASP S 709 -26.64 -92.42 -30.22
C ASP S 709 -27.08 -91.25 -31.08
N ALA S 710 -27.72 -91.55 -32.22
CA ALA S 710 -28.25 -90.47 -33.06
C ALA S 710 -29.32 -89.68 -32.32
N TRP S 711 -30.15 -90.38 -31.53
CA TRP S 711 -31.19 -89.71 -30.75
C TRP S 711 -30.59 -88.79 -29.70
N LYS S 712 -29.51 -89.23 -29.05
CA LYS S 712 -28.82 -88.38 -28.08
C LYS S 712 -28.21 -87.16 -28.75
N GLN S 713 -27.62 -87.34 -29.94
CA GLN S 713 -27.09 -86.18 -30.66
C GLN S 713 -28.21 -85.22 -31.04
N SER S 714 -29.35 -85.74 -31.46
CA SER S 714 -30.49 -84.89 -31.79
C SER S 714 -30.97 -84.12 -30.57
N LEU S 715 -31.02 -84.77 -29.41
CA LEU S 715 -31.37 -84.08 -28.17
C LEU S 715 -30.37 -82.98 -27.85
N ASP S 716 -29.09 -83.27 -28.02
CA ASP S 716 -28.06 -82.26 -27.76
C ASP S 716 -28.25 -81.04 -28.65
N LYS S 717 -28.56 -81.27 -29.92
CA LYS S 717 -28.82 -80.14 -30.82
C LYS S 717 -30.10 -79.40 -30.45
N LEU S 718 -31.14 -80.14 -30.03
CA LEU S 718 -32.46 -79.54 -29.86
C LEU S 718 -32.58 -78.74 -28.57
N ILE S 719 -31.87 -79.15 -27.52
CA ILE S 719 -32.07 -78.52 -26.20
C ILE S 719 -31.89 -77.01 -26.22
N PRO S 720 -30.79 -76.46 -26.77
CA PRO S 720 -30.61 -74.99 -26.68
C PRO S 720 -31.72 -74.18 -27.32
N LEU S 721 -32.26 -74.64 -28.45
CA LEU S 721 -33.32 -73.90 -29.13
C LEU S 721 -34.57 -73.84 -28.28
N VAL S 722 -34.94 -74.97 -27.67
CA VAL S 722 -36.13 -75.01 -26.81
C VAL S 722 -35.91 -74.15 -25.57
N GLN S 723 -34.70 -74.20 -25.00
CA GLN S 723 -34.40 -73.35 -23.86
C GLN S 723 -34.56 -71.87 -24.22
N LEU S 724 -34.04 -71.48 -25.39
CA LEU S 724 -34.15 -70.08 -25.82
C LEU S 724 -35.61 -69.69 -26.05
N ASN S 725 -36.40 -70.58 -26.66
CA ASN S 725 -37.80 -70.28 -26.89
C ASN S 725 -38.55 -70.09 -25.57
N VAL S 726 -38.31 -70.98 -24.61
CA VAL S 726 -38.97 -70.86 -23.31
C VAL S 726 -38.52 -69.58 -22.61
N LYS S 727 -37.23 -69.26 -22.69
CA LYS S 727 -36.73 -68.03 -22.09
C LYS S 727 -37.40 -66.80 -22.67
N GLU S 728 -37.53 -66.77 -24.00
CA GLU S 728 -38.19 -65.64 -24.65
C GLU S 728 -39.65 -65.55 -24.25
N SER S 729 -40.34 -66.69 -24.15
CA SER S 729 -41.73 -66.67 -23.74
C SER S 729 -41.89 -66.10 -22.34
N ILE S 730 -41.06 -66.57 -21.39
CA ILE S 730 -41.16 -66.07 -20.02
C ILE S 730 -40.78 -64.60 -19.96
N ARG S 731 -39.80 -64.18 -20.78
CA ARG S 731 -39.42 -62.78 -20.83
C ARG S 731 -40.59 -61.92 -21.27
N ARG S 732 -41.28 -62.34 -22.33
CA ARG S 732 -42.41 -61.57 -22.82
C ARG S 732 -43.53 -61.52 -21.78
N ASP S 733 -43.80 -62.65 -21.12
CA ASP S 733 -44.85 -62.67 -20.10
C ASP S 733 -44.52 -61.73 -18.95
N CYS S 734 -43.29 -61.79 -18.43
CA CYS S 734 -42.91 -60.93 -17.32
C CYS S 734 -42.90 -59.47 -17.74
N GLU S 735 -42.45 -59.17 -18.96
CA GLU S 735 -42.46 -57.80 -19.44
C GLU S 735 -43.88 -57.26 -19.54
N ARG S 736 -44.81 -58.06 -20.04
CA ARG S 736 -46.20 -57.62 -20.13
C ARG S 736 -46.80 -57.41 -18.74
N VAL S 737 -46.49 -58.30 -17.79
CA VAL S 737 -47.00 -58.14 -16.44
C VAL S 737 -46.47 -56.84 -15.82
N LEU S 738 -45.18 -56.58 -15.97
CA LEU S 738 -44.61 -55.36 -15.40
C LEU S 738 -45.13 -54.13 -16.11
N TYR S 739 -45.39 -54.22 -17.42
CA TYR S 739 -46.00 -53.11 -18.15
C TYR S 739 -47.37 -52.77 -17.59
N PHE S 740 -48.19 -53.79 -17.36
CA PHE S 740 -49.51 -53.55 -16.78
C PHE S 740 -49.40 -52.98 -15.37
N GLN S 741 -48.43 -53.48 -14.59
CA GLN S 741 -48.23 -52.98 -13.24
C GLN S 741 -47.84 -51.51 -13.24
N VAL S 742 -46.93 -51.12 -14.14
CA VAL S 742 -46.51 -49.72 -14.25
C VAL S 742 -47.68 -48.86 -14.71
N LYS S 743 -48.49 -49.38 -15.65
CA LYS S 743 -49.67 -48.66 -16.08
C LYS S 743 -50.61 -48.37 -14.91
N ASN S 744 -50.87 -49.39 -14.09
CA ASN S 744 -51.75 -49.21 -12.94
C ASN S 744 -51.15 -48.23 -11.94
N SER S 745 -49.84 -48.32 -11.70
CA SER S 745 -49.19 -47.41 -10.77
C SER S 745 -49.30 -45.96 -11.24
N PHE S 746 -49.04 -45.72 -12.53
CA PHE S 746 -49.16 -44.38 -13.08
C PHE S 746 -50.59 -43.86 -13.00
N THR S 747 -51.56 -44.72 -13.32
CA THR S 747 -52.96 -44.32 -13.24
C THR S 747 -53.33 -43.94 -11.81
N LYS S 748 -52.88 -44.73 -10.84
CA LYS S 748 -53.12 -44.39 -9.44
C LYS S 748 -52.45 -43.07 -9.07
N LYS S 749 -51.26 -42.82 -9.62
CA LYS S 749 -50.54 -41.59 -9.33
C LYS S 749 -51.29 -40.37 -9.83
N ILE S 750 -51.86 -40.45 -11.04
CA ILE S 750 -52.44 -39.27 -11.69
C ILE S 750 -53.96 -39.19 -11.50
N ASP S 751 -54.54 -40.07 -10.69
CA ASP S 751 -55.98 -40.09 -10.48
C ASP S 751 -56.29 -39.40 -9.16
N GLN S 752 -56.54 -38.10 -9.23
CA GLN S 752 -56.93 -37.32 -8.05
C GLN S 752 -57.60 -36.03 -8.51
N ALA S 753 -58.84 -35.83 -8.07
CA ALA S 753 -59.55 -34.60 -8.37
C ALA S 753 -58.98 -33.46 -7.55
N PRO S 754 -59.17 -32.22 -8.00
CA PRO S 754 -58.71 -31.07 -7.22
C PRO S 754 -59.33 -31.05 -5.83
N TYR S 755 -58.62 -30.43 -4.89
CA TYR S 755 -59.10 -30.33 -3.52
C TYR S 755 -60.45 -29.63 -3.47
N GLN S 756 -61.39 -30.23 -2.74
CA GLN S 756 -62.74 -29.70 -2.66
C GLN S 756 -62.89 -28.88 -1.39
N PRO S 757 -63.06 -27.56 -1.46
CA PRO S 757 -63.32 -26.79 -0.25
C PRO S 757 -64.68 -27.13 0.32
N PRO S 758 -64.86 -26.98 1.64
CA PRO S 758 -66.16 -27.33 2.23
C PRO S 758 -67.25 -26.37 1.76
N THR S 759 -68.49 -26.87 1.84
CA THR S 759 -69.68 -26.16 1.36
C THR S 759 -69.59 -25.86 -0.13
N TYR S 760 -68.96 -26.74 -0.90
CA TYR S 760 -68.89 -26.61 -2.35
C TYR S 760 -68.96 -27.98 -2.98
N ALA S 761 -69.46 -28.04 -4.21
CA ALA S 761 -69.56 -29.29 -4.93
C ALA S 761 -68.19 -29.75 -5.42
N LYS S 762 -68.07 -31.05 -5.66
CA LYS S 762 -66.82 -31.60 -6.16
C LYS S 762 -66.50 -31.06 -7.54
N GLY S 763 -65.22 -30.83 -7.80
CA GLY S 763 -64.77 -30.28 -9.06
C GLY S 763 -64.59 -28.78 -9.08
N THR S 764 -64.97 -28.09 -8.01
CA THR S 764 -64.80 -26.64 -7.95
C THR S 764 -63.33 -26.31 -7.69
N ILE S 765 -62.80 -25.37 -8.47
CA ILE S 765 -61.41 -24.95 -8.33
C ILE S 765 -61.29 -24.00 -7.13
N PRO S 766 -60.48 -24.32 -6.14
CA PRO S 766 -60.35 -23.45 -4.97
C PRO S 766 -59.22 -22.44 -5.10
N ARG S 767 -59.41 -21.31 -4.44
CA ARG S 767 -58.34 -20.31 -4.32
C ARG S 767 -57.30 -20.80 -3.33
N VAL S 768 -56.03 -20.74 -3.72
CA VAL S 768 -54.97 -21.38 -2.97
C VAL S 768 -53.86 -20.38 -2.66
N LEU S 769 -53.18 -20.62 -1.55
CA LEU S 769 -52.04 -19.81 -1.13
C LEU S 769 -50.90 -20.75 -0.76
N THR S 770 -49.72 -20.52 -1.32
CA THR S 770 -48.56 -21.36 -1.08
C THR S 770 -47.50 -20.55 -0.35
N LEU S 771 -46.95 -21.13 0.72
CA LEU S 771 -45.89 -20.53 1.50
C LEU S 771 -44.72 -21.50 1.59
N SER S 772 -43.52 -21.01 1.29
CA SER S 772 -42.35 -21.87 1.25
C SER S 772 -41.10 -21.02 1.47
N PHE S 773 -40.06 -21.66 2.01
CA PHE S 773 -38.77 -21.03 2.20
C PHE S 773 -37.62 -21.90 1.69
N GLY S 774 -37.90 -23.13 1.30
CA GLY S 774 -36.90 -24.01 0.71
C GLY S 774 -36.09 -24.83 1.69
N GLU S 775 -35.17 -24.21 2.42
CA GLU S 775 -34.17 -24.96 3.18
C GLU S 775 -34.18 -24.68 4.67
N GLY S 776 -34.29 -23.41 5.08
CA GLY S 776 -34.33 -23.08 6.49
C GLY S 776 -32.99 -22.76 7.12
N ASN S 777 -31.93 -22.61 6.33
CA ASN S 777 -30.67 -22.16 6.87
C ASN S 777 -30.79 -20.70 7.33
N ARG S 778 -29.82 -20.27 8.14
CA ARG S 778 -29.81 -18.88 8.59
C ARG S 778 -29.66 -17.97 7.37
N GLY S 779 -30.74 -17.26 7.03
CA GLY S 779 -30.77 -16.47 5.82
C GLY S 779 -31.78 -17.01 4.81
N ASP S 780 -32.82 -17.67 5.29
CA ASP S 780 -33.84 -18.28 4.44
C ASP S 780 -35.18 -17.60 4.71
N ALA S 781 -35.52 -16.60 3.90
CA ALA S 781 -36.81 -15.93 4.02
C ALA S 781 -37.92 -16.81 3.47
N VAL S 782 -39.13 -16.57 3.95
CA VAL S 782 -40.31 -17.33 3.56
C VAL S 782 -41.02 -16.57 2.45
N LEU S 783 -41.28 -17.25 1.34
CA LEU S 783 -41.96 -16.67 0.19
C LEU S 783 -43.41 -17.11 0.17
N GLY S 784 -44.29 -16.18 -0.18
CA GLY S 784 -45.71 -16.48 -0.30
C GLY S 784 -46.25 -16.09 -1.65
N VAL S 785 -46.99 -17.02 -2.25
CA VAL S 785 -47.61 -16.82 -3.56
C VAL S 785 -49.06 -17.23 -3.47
N PHE S 786 -49.96 -16.34 -3.89
CA PHE S 786 -51.40 -16.60 -3.85
C PHE S 786 -51.93 -16.64 -5.28
N MET S 787 -52.76 -17.64 -5.57
CA MET S 787 -53.44 -17.76 -6.84
C MET S 787 -54.92 -17.96 -6.62
N ASP S 788 -55.74 -17.33 -7.45
CA ASP S 788 -57.19 -17.41 -7.32
C ASP S 788 -57.69 -18.66 -8.05
N ASP S 789 -59.02 -18.81 -8.11
CA ASP S 789 -59.59 -19.93 -8.84
C ASP S 789 -59.38 -19.80 -10.34
N SER S 790 -59.13 -18.59 -10.83
CA SER S 790 -58.90 -18.38 -12.25
C SER S 790 -57.58 -18.97 -12.72
N GLY S 791 -56.67 -19.31 -11.79
CA GLY S 791 -55.38 -19.84 -12.17
C GLY S 791 -54.35 -18.79 -12.54
N ASP S 792 -54.61 -17.51 -12.25
CA ASP S 792 -53.69 -16.44 -12.53
C ASP S 792 -53.13 -15.88 -11.22
N VAL S 793 -51.83 -15.59 -11.21
CA VAL S 793 -51.18 -15.09 -10.01
C VAL S 793 -51.77 -13.74 -9.66
N LYS S 794 -52.12 -13.56 -8.38
CA LYS S 794 -52.72 -12.33 -7.91
C LYS S 794 -51.74 -11.44 -7.14
N SER S 795 -50.92 -12.01 -6.26
CA SER S 795 -49.98 -11.22 -5.48
C SER S 795 -48.94 -12.15 -4.86
N GLN S 796 -47.69 -11.69 -4.83
CA GLN S 796 -46.60 -12.40 -4.19
C GLN S 796 -45.98 -11.50 -3.12
N ILE S 797 -45.67 -12.09 -1.96
CA ILE S 797 -45.19 -11.32 -0.81
C ILE S 797 -43.93 -11.99 -0.26
N LYS S 798 -43.07 -11.18 0.33
CA LYS S 798 -41.87 -11.65 1.01
C LYS S 798 -41.97 -11.40 2.50
N PHE S 799 -41.60 -12.41 3.29
CA PHE S 799 -41.48 -12.28 4.73
C PHE S 799 -40.00 -12.33 5.08
N ASP S 800 -39.42 -11.18 5.40
CA ASP S 800 -37.99 -11.08 5.62
C ASP S 800 -37.59 -11.18 7.08
N GLU S 801 -38.54 -11.33 7.99
CA GLU S 801 -38.23 -11.55 9.40
C GLU S 801 -38.15 -13.04 9.69
N ASP S 802 -37.66 -13.37 10.90
CA ASP S 802 -37.60 -14.76 11.32
C ASP S 802 -38.99 -15.33 11.49
N PHE S 803 -39.19 -16.57 11.03
CA PHE S 803 -40.48 -17.21 11.06
C PHE S 803 -40.96 -17.54 12.47
N GLN S 804 -40.07 -17.51 13.46
CA GLN S 804 -40.44 -17.75 14.85
C GLN S 804 -40.76 -16.48 15.61
N SER S 805 -40.58 -15.31 15.00
CA SER S 805 -40.85 -14.04 15.65
C SER S 805 -42.34 -13.72 15.61
N ARG S 806 -42.75 -12.87 16.55
CA ARG S 806 -44.13 -12.37 16.55
C ARG S 806 -44.40 -11.54 15.30
N ASP S 807 -43.37 -10.87 14.77
CA ASP S 807 -43.54 -10.04 13.59
C ASP S 807 -43.97 -10.87 12.38
N PHE S 808 -43.39 -12.07 12.23
CA PHE S 808 -43.76 -12.95 11.13
C PHE S 808 -45.24 -13.32 11.20
N SER S 809 -45.69 -13.72 12.39
CA SER S 809 -47.10 -14.11 12.55
C SER S 809 -48.02 -12.93 12.31
N ASP S 810 -47.66 -11.76 12.82
CA ASP S 810 -48.51 -10.58 12.64
C ASP S 810 -48.59 -10.18 11.17
N SER S 811 -47.45 -10.21 10.46
CA SER S 811 -47.45 -9.87 9.05
C SER S 811 -48.26 -10.88 8.24
N LEU S 812 -48.13 -12.17 8.56
CA LEU S 812 -48.91 -13.19 7.86
C LEU S 812 -50.40 -13.01 8.10
N THR S 813 -50.79 -12.70 9.35
CA THR S 813 -52.19 -12.47 9.65
C THR S 813 -52.71 -11.25 8.90
N ARG S 814 -51.92 -10.18 8.84
CA ARG S 814 -52.34 -8.99 8.10
C ARG S 814 -52.51 -9.29 6.62
N TYR S 815 -51.57 -10.03 6.05
CA TYR S 815 -51.67 -10.42 4.64
C TYR S 815 -52.90 -11.27 4.39
N ILE S 816 -53.19 -12.20 5.31
CA ILE S 816 -54.33 -13.10 5.13
C ILE S 816 -55.64 -12.34 5.21
N LYS S 817 -55.78 -11.46 6.20
CA LYS S 817 -57.07 -10.85 6.48
C LYS S 817 -57.29 -9.54 5.73
N SER S 818 -56.38 -8.58 5.89
CA SER S 818 -56.65 -7.21 5.45
C SER S 818 -56.84 -7.13 3.93
N ASN S 819 -56.02 -7.85 3.17
CA ASN S 819 -56.01 -7.74 1.72
C ASN S 819 -57.16 -8.52 1.06
N ASN S 820 -58.10 -9.04 1.85
CA ASN S 820 -59.25 -9.77 1.32
C ASN S 820 -58.85 -10.96 0.46
N ILE S 821 -57.66 -11.52 0.70
CA ILE S 821 -57.19 -12.63 -0.11
C ILE S 821 -58.08 -13.85 0.07
N ASN S 822 -58.33 -14.23 1.32
CA ASN S 822 -59.20 -15.34 1.67
C ASN S 822 -58.91 -16.62 0.88
N PRO S 823 -57.73 -17.20 1.04
CA PRO S 823 -57.43 -18.45 0.33
C PRO S 823 -58.19 -19.63 0.92
N ASP S 824 -58.63 -20.54 0.06
CA ASP S 824 -59.43 -21.66 0.51
C ASP S 824 -58.58 -22.74 1.17
N ILE S 825 -57.34 -22.93 0.72
CA ILE S 825 -56.42 -23.90 1.32
C ILE S 825 -55.01 -23.36 1.21
N ILE S 826 -54.20 -23.66 2.22
CA ILE S 826 -52.82 -23.20 2.29
C ILE S 826 -51.90 -24.41 2.18
N GLY S 827 -50.95 -24.35 1.26
CA GLY S 827 -50.02 -25.43 1.01
C GLY S 827 -48.63 -25.06 1.49
N ILE S 828 -47.96 -26.01 2.13
CA ILE S 828 -46.61 -25.83 2.66
C ILE S 828 -45.75 -26.99 2.19
N SER S 829 -44.57 -26.67 1.67
CA SER S 829 -43.64 -27.68 1.19
C SER S 829 -42.22 -27.14 1.27
N GLY S 830 -41.25 -28.03 1.21
CA GLY S 830 -39.86 -27.66 1.30
C GLY S 830 -38.96 -28.79 0.84
N PHE S 831 -37.68 -28.64 1.14
CA PHE S 831 -36.68 -29.63 0.74
C PHE S 831 -36.14 -30.45 1.90
N ASN S 832 -36.41 -30.07 3.14
CA ASN S 832 -35.86 -30.77 4.30
C ASN S 832 -36.84 -30.71 5.45
N ILE S 833 -36.41 -31.19 6.61
CA ILE S 833 -37.27 -31.27 7.78
C ILE S 833 -37.53 -29.90 8.41
N HIS S 834 -36.76 -28.88 8.03
CA HIS S 834 -36.99 -27.55 8.58
C HIS S 834 -38.38 -27.04 8.23
N THR S 835 -38.95 -27.54 7.13
CA THR S 835 -40.28 -27.11 6.72
C THR S 835 -41.35 -27.59 7.70
N LYS S 836 -41.05 -28.65 8.44
CA LYS S 836 -42.01 -29.17 9.41
C LYS S 836 -42.30 -28.15 10.49
N LYS S 837 -41.27 -27.45 10.97
CA LYS S 837 -41.47 -26.42 11.98
C LYS S 837 -42.33 -25.29 11.44
N LEU S 838 -42.10 -24.89 10.18
CA LEU S 838 -42.95 -23.87 9.58
C LEU S 838 -44.40 -24.34 9.50
N PHE S 839 -44.60 -25.61 9.13
CA PHE S 839 -45.94 -26.16 9.05
C PHE S 839 -46.63 -26.12 10.41
N ASP S 840 -45.90 -26.52 11.46
CA ASP S 840 -46.46 -26.50 12.80
C ASP S 840 -46.79 -25.07 13.25
N LYS S 841 -45.88 -24.14 12.95
CA LYS S 841 -46.11 -22.74 13.33
C LYS S 841 -47.33 -22.17 12.61
N VAL S 842 -47.48 -22.50 11.33
CA VAL S 842 -48.62 -22.02 10.54
C VAL S 842 -49.90 -22.62 11.08
N ASN S 843 -49.88 -23.92 11.42
CA ASN S 843 -51.07 -24.56 11.97
C ASN S 843 -51.46 -23.94 13.30
N GLU S 844 -50.47 -23.65 14.15
CA GLU S 844 -50.76 -22.98 15.41
C GLU S 844 -51.34 -21.59 15.18
N LEU S 845 -50.80 -20.86 14.22
CA LEU S 845 -51.33 -19.54 13.91
C LEU S 845 -52.77 -19.61 13.44
N VAL S 846 -53.08 -20.59 12.59
CA VAL S 846 -54.45 -20.76 12.10
C VAL S 846 -55.38 -21.11 13.25
N ASN S 847 -54.95 -22.03 14.12
CA ASN S 847 -55.76 -22.40 15.28
C ASN S 847 -55.93 -21.26 16.26
N GLU S 848 -54.99 -20.31 16.30
CA GLU S 848 -55.04 -19.20 17.25
C GLU S 848 -55.89 -18.04 16.75
N GLU S 849 -55.73 -17.64 15.49
CA GLU S 849 -56.43 -16.48 14.96
C GLU S 849 -57.78 -16.81 14.35
N ARG S 850 -58.18 -18.08 14.33
CA ARG S 850 -59.50 -18.49 13.84
C ARG S 850 -59.75 -17.98 12.42
N LEU S 851 -58.76 -18.13 11.55
CA LEU S 851 -58.82 -17.61 10.19
C LEU S 851 -59.76 -18.49 9.37
N THR S 852 -61.06 -18.27 9.56
CA THR S 852 -62.06 -19.02 8.83
C THR S 852 -62.18 -18.53 7.39
N ILE S 853 -62.56 -19.45 6.50
CA ILE S 853 -62.71 -19.11 5.09
C ILE S 853 -63.91 -18.21 4.89
N GLU S 854 -63.76 -17.21 4.03
CA GLU S 854 -64.88 -16.35 3.66
C GLU S 854 -65.81 -17.10 2.72
N TYR S 855 -67.10 -17.13 3.07
CA TYR S 855 -68.11 -17.82 2.28
C TYR S 855 -69.09 -16.79 1.72
N ASP S 856 -69.26 -16.79 0.41
CA ASP S 856 -70.12 -15.82 -0.24
C ASP S 856 -71.58 -16.05 0.14
N ASN S 857 -72.30 -14.96 0.39
CA ASN S 857 -73.70 -15.04 0.79
C ASN S 857 -74.63 -15.09 -0.41
N SER S 869 -74.25 -20.69 11.70
CA SER S 869 -73.21 -20.53 10.70
C SER S 869 -71.84 -20.85 11.28
N ASP S 870 -71.48 -22.13 11.28
CA ASP S 870 -70.18 -22.60 11.77
C ASP S 870 -69.16 -22.45 10.65
N LYS S 871 -68.49 -21.30 10.62
CA LYS S 871 -67.47 -21.06 9.61
C LYS S 871 -66.30 -22.02 9.82
N HIS S 872 -65.81 -22.60 8.73
CA HIS S 872 -64.76 -23.60 8.79
C HIS S 872 -63.39 -22.95 8.60
N LEU S 873 -62.39 -23.55 9.25
CA LEU S 873 -61.03 -23.01 9.18
C LEU S 873 -60.38 -23.35 7.86
N ILE S 874 -59.40 -22.55 7.48
CA ILE S 874 -58.66 -22.77 6.23
C ILE S 874 -57.64 -23.88 6.44
N ARG S 875 -57.71 -24.91 5.60
CA ARG S 875 -56.88 -26.08 5.78
C ARG S 875 -55.42 -25.82 5.41
N VAL S 876 -54.51 -26.44 6.15
CA VAL S 876 -53.08 -26.35 5.90
C VAL S 876 -52.53 -27.76 5.80
N ILE S 877 -51.97 -28.11 4.64
CA ILE S 877 -51.47 -29.46 4.38
C ILE S 877 -50.14 -29.38 3.66
N TYR S 878 -49.42 -30.51 3.66
CA TYR S 878 -48.25 -30.67 2.82
C TYR S 878 -48.67 -30.93 1.38
N VAL S 879 -47.75 -30.64 0.45
CA VAL S 879 -48.02 -30.76 -0.97
C VAL S 879 -46.89 -31.55 -1.62
N ASN S 880 -47.24 -32.55 -2.41
CA ASN S 880 -46.26 -33.25 -3.22
C ASN S 880 -45.72 -32.32 -4.30
N ASP S 881 -44.41 -32.39 -4.55
CA ASP S 881 -43.76 -31.32 -5.30
C ASP S 881 -42.78 -31.82 -6.36
N GLU S 882 -43.01 -33.01 -6.93
CA GLU S 882 -42.19 -33.42 -8.07
C GLU S 882 -42.41 -32.48 -9.25
N THR S 883 -43.68 -32.21 -9.57
CA THR S 883 -43.99 -31.30 -10.65
C THR S 883 -43.51 -29.88 -10.34
N ALA S 884 -43.61 -29.46 -9.08
CA ALA S 884 -43.12 -28.14 -8.70
C ALA S 884 -41.60 -28.05 -8.86
N ARG S 885 -40.88 -29.09 -8.42
CA ARG S 885 -39.43 -29.09 -8.57
C ARG S 885 -39.04 -29.04 -10.03
N LEU S 886 -39.73 -29.79 -10.89
CA LEU S 886 -39.41 -29.76 -12.31
C LEU S 886 -39.83 -28.45 -12.95
N TYR S 887 -40.87 -27.80 -12.42
CA TYR S 887 -41.35 -26.55 -13.00
C TYR S 887 -40.43 -25.38 -12.65
N GLN S 888 -39.81 -25.42 -11.46
CA GLN S 888 -38.91 -24.36 -11.07
C GLN S 888 -37.66 -24.32 -11.94
N HIS S 889 -37.36 -25.41 -12.65
CA HIS S 889 -36.22 -25.46 -13.55
C HIS S 889 -36.61 -25.37 -15.02
N SER S 890 -37.90 -25.51 -15.35
CA SER S 890 -38.32 -25.47 -16.74
C SER S 890 -38.27 -24.05 -17.28
N SER S 891 -37.85 -23.92 -18.54
CA SER S 891 -37.81 -22.60 -19.18
C SER S 891 -39.21 -22.08 -19.49
N LYS S 892 -40.23 -22.95 -19.43
CA LYS S 892 -41.61 -22.50 -19.61
C LYS S 892 -41.99 -21.49 -18.53
N SER S 893 -41.61 -21.77 -17.29
CA SER S 893 -41.85 -20.80 -16.21
C SER S 893 -41.08 -19.51 -16.45
N SER S 894 -39.84 -19.62 -16.91
CA SER S 894 -39.02 -18.43 -17.15
C SER S 894 -39.66 -17.54 -18.22
N ALA S 895 -40.14 -18.14 -19.30
CA ALA S 895 -40.86 -17.37 -20.31
C ALA S 895 -42.16 -16.80 -19.74
N GLU S 896 -42.88 -17.60 -18.95
CA GLU S 896 -44.11 -17.12 -18.34
C GLU S 896 -43.85 -16.03 -17.31
N TYR S 897 -42.81 -16.19 -16.49
CA TYR S 897 -42.47 -15.25 -15.43
C TYR S 897 -41.00 -14.88 -15.56
N PRO S 898 -40.68 -13.87 -16.36
CA PRO S 898 -39.28 -13.49 -16.57
C PRO S 898 -38.67 -12.70 -15.42
N ASN S 899 -39.47 -12.11 -14.54
CA ASN S 899 -38.98 -11.28 -13.46
C ASN S 899 -39.39 -11.84 -12.10
N ARG S 900 -39.26 -13.15 -11.93
CA ARG S 900 -39.65 -13.77 -10.67
C ARG S 900 -38.57 -14.72 -10.19
N PRO S 901 -38.43 -14.88 -8.88
CA PRO S 901 -37.42 -15.79 -8.34
C PRO S 901 -37.80 -17.24 -8.56
N GLN S 902 -36.81 -18.12 -8.37
CA GLN S 902 -37.06 -19.55 -8.53
C GLN S 902 -38.03 -20.08 -7.48
N LEU S 903 -37.93 -19.59 -6.25
CA LEU S 903 -38.87 -20.01 -5.21
C LEU S 903 -40.29 -19.58 -5.53
N ALA S 904 -40.46 -18.41 -6.18
CA ALA S 904 -41.77 -18.01 -6.63
C ALA S 904 -42.32 -18.99 -7.66
N LYS S 905 -41.46 -19.44 -8.59
CA LYS S 905 -41.87 -20.43 -9.57
C LYS S 905 -42.25 -21.74 -8.89
N TYR S 906 -41.50 -22.15 -7.87
CA TYR S 906 -41.81 -23.36 -7.13
C TYR S 906 -43.16 -23.26 -6.44
N CYS S 907 -43.43 -22.11 -5.79
CA CYS S 907 -44.72 -21.92 -5.15
C CYS S 907 -45.86 -21.89 -6.17
N ILE S 908 -45.63 -21.27 -7.33
CA ILE S 908 -46.63 -21.26 -8.38
C ILE S 908 -46.91 -22.67 -8.86
N GLY S 909 -45.86 -23.48 -9.01
CA GLY S 909 -46.07 -24.87 -9.40
C GLY S 909 -46.86 -25.65 -8.36
N LEU S 910 -46.56 -25.43 -7.08
CA LEU S 910 -47.34 -26.09 -6.03
C LEU S 910 -48.81 -25.68 -6.10
N ALA S 911 -49.08 -24.38 -6.26
CA ALA S 911 -50.44 -23.90 -6.32
C ALA S 911 -51.18 -24.46 -7.53
N LYS S 912 -50.50 -24.53 -8.68
CA LYS S 912 -51.15 -25.09 -9.87
C LYS S 912 -51.39 -26.59 -9.71
N TYR S 913 -50.48 -27.30 -9.04
CA TYR S 913 -50.70 -28.71 -8.77
C TYR S 913 -51.92 -28.90 -7.87
N ILE S 914 -52.07 -28.07 -6.86
CA ILE S 914 -53.26 -28.16 -6.00
C ILE S 914 -54.51 -27.86 -6.81
N GLN S 915 -54.46 -26.83 -7.66
CA GLN S 915 -55.63 -26.48 -8.47
C GLN S 915 -55.98 -27.60 -9.44
N SER S 916 -54.98 -28.18 -10.11
CA SER S 916 -55.22 -29.19 -11.12
C SER S 916 -54.02 -30.10 -11.28
N PRO S 917 -53.97 -31.23 -10.58
CA PRO S 917 -52.80 -32.13 -10.72
C PRO S 917 -52.63 -32.66 -12.14
N LEU S 918 -53.72 -32.91 -12.85
CA LEU S 918 -53.63 -33.51 -14.19
C LEU S 918 -52.90 -32.59 -15.15
N LEU S 919 -53.24 -31.30 -15.16
CA LEU S 919 -52.61 -30.37 -16.08
C LEU S 919 -51.13 -30.20 -15.75
N GLU S 920 -50.78 -30.19 -14.46
CA GLU S 920 -49.37 -30.10 -14.08
C GLU S 920 -48.61 -31.34 -14.53
N TYR S 921 -49.20 -32.52 -14.36
CA TYR S 921 -48.55 -33.73 -14.85
C TYR S 921 -48.40 -33.71 -16.36
N LEU S 922 -49.35 -33.09 -17.07
CA LEU S 922 -49.24 -32.93 -18.51
C LEU S 922 -48.10 -31.97 -18.86
N ALA S 923 -47.91 -30.93 -18.06
CA ALA S 923 -46.90 -29.91 -18.35
C ALA S 923 -45.48 -30.49 -18.34
N LEU S 924 -45.29 -31.65 -17.72
CA LEU S 924 -43.97 -32.26 -17.69
C LEU S 924 -43.47 -32.65 -19.07
N ASP S 925 -44.37 -32.89 -20.02
CA ASP S 925 -44.02 -33.27 -21.37
C ASP S 925 -43.15 -34.52 -21.39
N GLU S 926 -41.84 -34.33 -21.55
CA GLU S 926 -40.92 -35.46 -21.58
C GLU S 926 -40.38 -35.83 -20.21
N SER S 927 -40.27 -34.85 -19.30
CA SER S 927 -39.72 -35.13 -17.98
C SER S 927 -40.66 -35.96 -17.12
N MET S 928 -41.91 -36.14 -17.54
CA MET S 928 -42.82 -37.01 -16.78
C MET S 928 -42.33 -38.44 -16.78
N TYR S 929 -41.60 -38.86 -17.81
CA TYR S 929 -41.08 -40.22 -17.88
C TYR S 929 -39.98 -40.48 -16.86
N SER S 930 -39.37 -39.43 -16.32
CA SER S 930 -38.32 -39.57 -15.31
C SER S 930 -38.87 -39.58 -13.89
N LEU S 931 -40.18 -39.42 -13.72
CA LEU S 931 -40.77 -39.51 -12.40
C LEU S 931 -40.66 -40.93 -11.85
N HIS S 932 -40.55 -41.03 -10.53
CA HIS S 932 -40.52 -42.35 -9.89
C HIS S 932 -41.95 -42.90 -9.87
N ILE S 933 -42.27 -43.73 -10.86
CA ILE S 933 -43.60 -44.29 -11.00
C ILE S 933 -43.71 -45.65 -10.35
N HIS S 934 -42.78 -46.55 -10.66
CA HIS S 934 -42.77 -47.89 -10.12
C HIS S 934 -41.36 -48.23 -9.65
N LYS S 935 -41.28 -49.18 -8.71
CA LYS S 935 -40.00 -49.56 -8.14
C LYS S 935 -39.06 -50.10 -9.22
N HIS S 936 -39.58 -50.90 -10.14
CA HIS S 936 -38.80 -51.47 -11.23
C HIS S 936 -39.18 -50.84 -12.57
N GLN S 937 -39.46 -49.53 -12.54
CA GLN S 937 -39.85 -48.84 -13.76
C GLN S 937 -38.75 -48.86 -14.81
N ASN S 938 -37.49 -48.91 -14.37
CA ASN S 938 -36.36 -48.90 -15.30
C ASN S 938 -36.10 -50.26 -15.94
N LEU S 939 -36.70 -51.34 -15.42
CA LEU S 939 -36.51 -52.65 -16.01
C LEU S 939 -37.19 -52.75 -17.37
N LEU S 940 -38.33 -52.10 -17.54
CA LEU S 940 -39.02 -52.11 -18.82
C LEU S 940 -38.24 -51.30 -19.85
N PRO S 941 -38.36 -51.66 -21.12
CA PRO S 941 -37.75 -50.83 -22.17
C PRO S 941 -38.43 -49.47 -22.23
N ARG S 942 -37.70 -48.48 -22.74
CA ARG S 942 -38.20 -47.12 -22.77
C ARG S 942 -39.48 -47.01 -23.59
N GLU S 943 -39.55 -47.72 -24.72
CA GLU S 943 -40.75 -47.67 -25.54
C GLU S 943 -41.96 -48.23 -24.80
N LYS S 944 -41.78 -49.34 -24.07
CA LYS S 944 -42.89 -49.92 -23.34
C LYS S 944 -43.36 -49.00 -22.21
N LEU S 945 -42.43 -48.41 -21.47
CA LEU S 945 -42.81 -47.48 -20.40
C LEU S 945 -43.52 -46.26 -20.97
N ILE S 946 -43.02 -45.73 -22.09
CA ILE S 946 -43.65 -44.59 -22.73
C ILE S 946 -45.07 -44.94 -23.17
N ASP S 947 -45.24 -46.13 -23.76
CA ASP S 947 -46.56 -46.55 -24.19
C ASP S 947 -47.51 -46.71 -23.00
N ALA S 948 -47.01 -47.28 -21.90
CA ALA S 948 -47.85 -47.42 -20.71
C ALA S 948 -48.28 -46.06 -20.17
N VAL S 949 -47.35 -45.09 -20.13
CA VAL S 949 -47.70 -43.76 -19.67
C VAL S 949 -48.73 -43.13 -20.59
N GLN S 950 -48.55 -43.30 -21.90
CA GLN S 950 -49.49 -42.74 -22.86
C GLN S 950 -50.88 -43.33 -22.67
N THR S 951 -50.95 -44.65 -22.50
CA THR S 951 -52.24 -45.31 -22.30
C THR S 951 -52.91 -44.83 -21.02
N SER S 952 -52.15 -44.73 -19.92
CA SER S 952 -52.73 -44.29 -18.66
C SER S 952 -53.27 -42.86 -18.77
N ILE S 953 -52.48 -41.97 -19.38
CA ILE S 953 -52.89 -40.57 -19.44
C ILE S 953 -54.07 -40.40 -20.39
N VAL S 954 -54.10 -41.16 -21.49
CA VAL S 954 -55.24 -41.10 -22.39
C VAL S 954 -56.50 -41.58 -21.69
N ASP S 955 -56.39 -42.69 -20.94
CA ASP S 955 -57.54 -43.19 -20.19
C ASP S 955 -58.05 -42.15 -19.20
N ILE S 956 -57.14 -41.54 -18.45
CA ILE S 956 -57.55 -40.60 -17.42
C ILE S 956 -58.18 -39.35 -18.05
N VAL S 957 -57.55 -38.80 -19.08
CA VAL S 957 -58.06 -37.57 -19.69
C VAL S 957 -59.40 -37.83 -20.38
N ASN S 958 -59.60 -39.03 -20.94
CA ASN S 958 -60.89 -39.33 -21.54
C ASN S 958 -61.96 -39.56 -20.47
N LEU S 959 -61.56 -40.11 -19.32
CA LEU S 959 -62.49 -40.18 -18.20
C LEU S 959 -62.85 -38.79 -17.69
N VAL S 960 -61.96 -37.82 -17.86
CA VAL S 960 -62.21 -36.47 -17.36
C VAL S 960 -63.03 -35.67 -18.36
N GLY S 961 -62.52 -35.50 -19.56
CA GLY S 961 -63.17 -34.66 -20.56
C GLY S 961 -62.50 -33.31 -20.69
N VAL S 962 -62.48 -32.78 -21.91
CA VAL S 962 -61.76 -31.55 -22.24
C VAL S 962 -62.71 -30.56 -22.88
N ASP S 963 -62.68 -29.31 -22.41
CA ASP S 963 -63.48 -28.24 -22.98
C ASP S 963 -62.73 -27.66 -24.18
N ILE S 964 -63.36 -27.70 -25.35
CA ILE S 964 -62.72 -27.20 -26.56
C ILE S 964 -62.55 -25.69 -26.51
N ASN S 965 -63.57 -24.97 -26.02
CA ASN S 965 -63.51 -23.51 -26.01
C ASN S 965 -62.41 -23.02 -25.08
N GLU S 966 -62.31 -23.60 -23.89
CA GLU S 966 -61.24 -23.21 -22.97
C GLU S 966 -59.88 -23.61 -23.50
N ALA S 967 -59.79 -24.76 -24.17
CA ALA S 967 -58.54 -25.18 -24.78
C ALA S 967 -58.07 -24.17 -25.82
N VAL S 968 -59.01 -23.68 -26.65
CA VAL S 968 -58.66 -22.65 -27.61
C VAL S 968 -58.27 -21.36 -26.88
N ARG S 969 -58.99 -21.01 -25.82
CA ARG S 969 -58.72 -19.78 -25.10
C ARG S 969 -57.34 -19.80 -24.45
N ALA S 970 -56.95 -20.93 -23.87
CA ALA S 970 -55.69 -21.05 -23.17
C ALA S 970 -54.97 -22.32 -23.57
N PRO S 971 -53.72 -22.22 -24.04
CA PRO S 971 -52.95 -23.43 -24.37
C PRO S 971 -52.73 -24.35 -23.17
N TYR S 972 -52.64 -23.79 -21.96
CA TYR S 972 -52.43 -24.60 -20.77
C TYR S 972 -53.54 -25.64 -20.63
N HIS S 973 -54.79 -25.23 -20.83
CA HIS S 973 -55.89 -26.19 -20.85
C HIS S 973 -55.90 -27.00 -22.14
N ALA S 974 -55.20 -26.54 -23.18
CA ALA S 974 -55.12 -27.26 -24.44
C ALA S 974 -54.07 -28.36 -24.44
N LEU S 975 -53.23 -28.44 -23.40
CA LEU S 975 -52.30 -29.56 -23.29
C LEU S 975 -53.01 -30.91 -23.32
N ALA S 976 -54.25 -30.96 -22.83
CA ALA S 976 -54.98 -32.22 -22.76
C ALA S 976 -55.63 -32.62 -24.07
N LEU S 977 -55.65 -31.72 -25.06
CA LEU S 977 -56.32 -32.02 -26.33
C LEU S 977 -55.70 -33.21 -27.07
N PRO S 978 -54.39 -33.32 -27.23
CA PRO S 978 -53.84 -34.46 -28.00
C PRO S 978 -54.12 -35.83 -27.40
N TYR S 979 -54.38 -35.93 -26.10
CA TYR S 979 -54.54 -37.22 -25.46
C TYR S 979 -55.96 -37.76 -25.53
N VAL S 980 -56.89 -37.01 -26.13
CA VAL S 980 -58.24 -37.52 -26.32
C VAL S 980 -58.23 -38.66 -27.34
N CYS S 981 -59.14 -39.60 -27.17
CA CYS S 981 -59.22 -40.72 -28.10
C CYS S 981 -59.58 -40.25 -29.50
N GLY S 982 -59.01 -40.91 -30.50
CA GLY S 982 -59.23 -40.50 -31.88
C GLY S 982 -58.32 -39.36 -32.28
N LEU S 983 -58.08 -38.44 -31.36
CA LEU S 983 -57.22 -37.28 -31.63
C LEU S 983 -55.75 -37.68 -31.50
N GLY S 984 -54.88 -36.67 -31.53
CA GLY S 984 -53.45 -36.85 -31.40
C GLY S 984 -52.78 -35.50 -31.50
N PRO S 985 -51.46 -35.45 -31.24
CA PRO S 985 -50.75 -34.16 -31.27
C PRO S 985 -50.95 -33.41 -32.58
N ARG S 986 -50.65 -34.06 -33.70
CA ARG S 986 -50.86 -33.42 -34.99
C ARG S 986 -52.33 -33.12 -35.21
N LYS S 987 -53.19 -34.10 -34.91
CA LYS S 987 -54.63 -33.91 -35.12
C LYS S 987 -55.18 -32.82 -34.21
N ALA S 988 -54.77 -32.80 -32.94
CA ALA S 988 -55.24 -31.75 -32.04
C ALA S 988 -54.76 -30.38 -32.49
N ALA S 989 -53.51 -30.27 -32.94
CA ALA S 989 -53.01 -29.00 -33.43
C ALA S 989 -53.81 -28.51 -34.62
N GLY S 990 -54.05 -29.39 -35.60
CA GLY S 990 -54.86 -29.01 -36.75
C GLY S 990 -56.27 -28.62 -36.37
N LEU S 991 -56.87 -29.37 -35.45
CA LEU S 991 -58.23 -29.07 -35.01
C LEU S 991 -58.30 -27.71 -34.33
N ILE S 992 -57.37 -27.41 -33.43
CA ILE S 992 -57.39 -26.13 -32.74
C ILE S 992 -57.10 -24.99 -33.71
N GLN S 993 -56.22 -25.21 -34.69
CA GLN S 993 -55.96 -24.19 -35.69
C GLN S 993 -57.19 -23.91 -36.53
N SER S 994 -57.90 -24.97 -36.94
CA SER S 994 -59.13 -24.79 -37.71
C SER S 994 -60.19 -24.07 -36.90
N ILE S 995 -60.34 -24.43 -35.62
CA ILE S 995 -61.32 -23.76 -34.76
C ILE S 995 -60.98 -22.28 -34.62
N GLN S 996 -59.70 -21.97 -34.40
CA GLN S 996 -59.29 -20.58 -34.27
C GLN S 996 -59.55 -19.80 -35.55
N ARG S 997 -59.26 -20.41 -36.71
CA ARG S 997 -59.52 -19.73 -37.97
C ARG S 997 -61.00 -19.49 -38.19
N ILE S 998 -61.85 -20.47 -37.84
CA ILE S 998 -63.28 -20.32 -38.04
C ILE S 998 -63.85 -19.22 -37.14
N GLY S 999 -63.46 -19.21 -35.87
CA GLY S 999 -63.99 -18.22 -34.96
C GLY S 999 -63.41 -18.38 -33.58
N SER S 1000 -64.02 -17.67 -32.62
CA SER S 1000 -63.57 -17.70 -31.23
C SER S 1000 -63.96 -18.97 -30.50
N ASN S 1001 -65.05 -19.62 -30.89
CA ASN S 1001 -65.53 -20.80 -30.19
C ASN S 1001 -66.36 -21.65 -31.13
N LEU S 1002 -66.58 -22.91 -30.72
CA LEU S 1002 -67.44 -23.82 -31.45
C LEU S 1002 -68.87 -23.72 -30.94
N VAL S 1003 -69.82 -23.75 -31.86
CA VAL S 1003 -71.23 -23.58 -31.50
C VAL S 1003 -71.80 -24.87 -30.92
N ASN S 1004 -71.67 -25.98 -31.64
CA ASN S 1004 -72.20 -27.25 -31.18
C ASN S 1004 -71.41 -28.39 -31.80
N ARG S 1005 -71.63 -29.59 -31.26
CA ARG S 1005 -70.84 -30.76 -31.67
C ARG S 1005 -71.07 -31.10 -33.13
N ALA S 1006 -72.29 -30.87 -33.65
CA ALA S 1006 -72.57 -31.16 -35.04
C ALA S 1006 -71.69 -30.34 -35.98
N HIS S 1007 -71.29 -29.14 -35.54
CA HIS S 1007 -70.44 -28.31 -36.38
C HIS S 1007 -69.06 -28.92 -36.59
N LEU S 1008 -68.63 -29.84 -35.72
CA LEU S 1008 -67.39 -30.56 -35.96
C LEU S 1008 -67.46 -31.36 -37.26
N ILE S 1009 -68.67 -31.74 -37.67
CA ILE S 1009 -68.85 -32.43 -38.94
C ILE S 1009 -69.26 -31.45 -40.05
N THR S 1010 -70.19 -30.54 -39.76
CA THR S 1010 -70.68 -29.63 -40.80
C THR S 1010 -69.58 -28.68 -41.28
N GLU S 1011 -68.77 -28.16 -40.36
CA GLU S 1011 -67.71 -27.22 -40.73
C GLU S 1011 -66.47 -27.90 -41.28
N GLN S 1012 -66.55 -29.18 -41.63
CA GLN S 1012 -65.43 -29.94 -42.20
C GLN S 1012 -64.23 -29.95 -41.25
N LEU S 1013 -64.51 -29.93 -39.95
CA LEU S 1013 -63.45 -29.86 -38.95
C LEU S 1013 -62.77 -31.21 -38.73
N THR S 1014 -63.43 -32.31 -39.11
CA THR S 1014 -62.87 -33.64 -38.90
C THR S 1014 -63.56 -34.63 -39.84
N SER S 1015 -63.15 -35.88 -39.74
CA SER S 1015 -63.76 -36.97 -40.48
C SER S 1015 -64.85 -37.63 -39.63
N LYS S 1016 -65.35 -38.79 -40.07
CA LYS S 1016 -66.50 -39.40 -39.42
C LYS S 1016 -66.10 -40.26 -38.21
N THR S 1017 -65.16 -41.19 -38.41
CA THR S 1017 -64.79 -42.09 -37.32
C THR S 1017 -64.11 -41.34 -36.19
N VAL S 1018 -63.26 -40.37 -36.52
CA VAL S 1018 -62.61 -39.57 -35.50
C VAL S 1018 -63.65 -38.81 -34.68
N PHE S 1019 -64.63 -38.21 -35.36
CA PHE S 1019 -65.70 -37.51 -34.66
C PHE S 1019 -66.48 -38.45 -33.76
N LEU S 1020 -66.82 -39.64 -34.28
CA LEU S 1020 -67.58 -40.59 -33.48
C LEU S 1020 -66.82 -41.02 -32.23
N ASN S 1021 -65.51 -41.20 -32.36
CA ASN S 1021 -64.70 -41.58 -31.21
C ASN S 1021 -64.60 -40.44 -30.19
N MET S 1022 -64.35 -39.22 -30.66
CA MET S 1022 -64.10 -38.08 -29.79
C MET S 1022 -65.36 -37.31 -29.42
N ALA S 1023 -66.54 -37.75 -29.87
CA ALA S 1023 -67.74 -36.94 -29.75
C ALA S 1023 -68.10 -36.66 -28.29
N SER S 1024 -68.19 -37.72 -27.47
CA SER S 1024 -68.68 -37.55 -26.11
C SER S 1024 -67.62 -36.97 -25.17
N PHE S 1025 -66.35 -37.06 -25.53
CA PHE S 1025 -65.27 -36.62 -24.66
C PHE S 1025 -64.95 -35.14 -24.81
N VAL S 1026 -65.56 -34.44 -25.76
CA VAL S 1026 -65.39 -33.00 -25.94
C VAL S 1026 -66.76 -32.34 -25.80
N TYR S 1027 -66.79 -31.18 -25.14
CA TYR S 1027 -68.05 -30.57 -24.77
C TYR S 1027 -67.96 -29.06 -24.90
N ILE S 1028 -69.14 -28.42 -24.90
CA ILE S 1028 -69.27 -26.98 -24.85
C ILE S 1028 -70.14 -26.63 -23.66
N VAL S 1029 -69.71 -25.67 -22.85
CA VAL S 1029 -70.41 -25.31 -21.62
C VAL S 1029 -71.72 -24.61 -21.99
N PHE S 1030 -72.84 -25.22 -21.63
CA PHE S 1030 -74.15 -24.61 -21.86
C PHE S 1030 -74.40 -23.50 -20.85
N ASP S 1031 -75.17 -22.50 -21.28
CA ASP S 1031 -75.49 -21.37 -20.42
C ASP S 1031 -76.98 -21.04 -20.52
N PRO S 1032 -77.71 -21.09 -19.41
CA PRO S 1032 -79.14 -20.74 -19.47
C PRO S 1032 -79.41 -19.30 -19.89
N ASP S 1033 -78.43 -18.40 -19.76
CA ASP S 1033 -78.62 -17.03 -20.22
C ASP S 1033 -78.82 -16.97 -21.73
N VAL S 1034 -78.06 -17.79 -22.48
CA VAL S 1034 -78.20 -17.84 -23.93
C VAL S 1034 -79.32 -18.79 -24.34
N GLU S 1035 -79.88 -19.56 -23.41
CA GLU S 1035 -80.95 -20.52 -23.68
C GLU S 1035 -82.26 -19.85 -24.08
N ARG S 1036 -82.37 -18.53 -23.91
CA ARG S 1036 -83.66 -17.85 -24.06
C ARG S 1036 -84.33 -18.15 -25.39
N ASN S 1037 -83.56 -18.18 -26.47
CA ASN S 1037 -84.11 -18.50 -27.78
C ASN S 1037 -84.21 -20.01 -27.96
N PRO S 1038 -85.39 -20.56 -28.27
CA PRO S 1038 -85.47 -22.00 -28.55
C PRO S 1038 -84.62 -22.43 -29.73
N GLN S 1039 -84.43 -21.55 -30.73
CA GLN S 1039 -83.62 -21.87 -31.90
C GLN S 1039 -82.14 -22.00 -31.61
N GLY S 1040 -81.73 -21.97 -30.34
CA GLY S 1040 -80.33 -22.07 -29.97
C GLY S 1040 -79.64 -23.30 -30.50
N GLU S 1041 -78.66 -23.10 -31.39
CA GLU S 1041 -77.92 -24.22 -31.95
C GLU S 1041 -77.08 -24.95 -30.90
N MET S 1042 -76.72 -24.27 -29.81
CA MET S 1042 -75.91 -24.88 -28.76
C MET S 1042 -76.76 -25.86 -27.96
N ASP S 1043 -76.70 -27.14 -28.34
CA ASP S 1043 -77.51 -28.14 -27.68
C ASP S 1043 -77.07 -28.32 -26.23
N LEU S 1044 -78.06 -28.51 -25.35
CA LEU S 1044 -77.76 -28.74 -23.95
C LEU S 1044 -77.06 -30.10 -23.75
N LEU S 1045 -77.44 -31.10 -24.55
CA LEU S 1045 -76.81 -32.41 -24.45
C LEU S 1045 -75.34 -32.37 -24.84
N ASP S 1046 -74.88 -31.30 -25.47
CA ASP S 1046 -73.46 -31.16 -25.78
C ASP S 1046 -72.59 -30.95 -24.55
N SER S 1047 -73.19 -30.67 -23.39
CA SER S 1047 -72.46 -30.49 -22.14
C SER S 1047 -72.61 -31.72 -21.24
N THR S 1048 -72.78 -32.89 -21.85
CA THR S 1048 -72.97 -34.13 -21.12
C THR S 1048 -72.12 -35.23 -21.75
N ARG S 1049 -71.95 -36.32 -21.03
CA ARG S 1049 -71.26 -37.49 -21.55
C ARG S 1049 -72.09 -38.27 -22.56
N ILE S 1050 -73.34 -37.89 -22.76
CA ILE S 1050 -74.21 -38.59 -23.71
C ILE S 1050 -73.67 -38.40 -25.11
N HIS S 1051 -73.53 -39.51 -25.83
CA HIS S 1051 -73.01 -39.45 -27.19
C HIS S 1051 -74.02 -38.75 -28.10
N PRO S 1052 -73.55 -38.01 -29.11
CA PRO S 1052 -74.49 -37.39 -30.06
C PRO S 1052 -75.38 -38.40 -30.75
N GLU S 1053 -74.90 -39.63 -30.95
CA GLU S 1053 -75.73 -40.68 -31.53
C GLU S 1053 -76.87 -41.10 -30.62
N ASP S 1054 -76.85 -40.71 -29.35
CA ASP S 1054 -77.91 -41.05 -28.40
C ASP S 1054 -78.70 -39.84 -27.95
N TYR S 1055 -78.61 -38.72 -28.68
CA TYR S 1055 -79.37 -37.53 -28.31
C TYR S 1055 -80.87 -37.77 -28.43
N SER S 1056 -81.27 -38.51 -29.47
CA SER S 1056 -82.69 -38.86 -29.63
C SER S 1056 -83.17 -39.74 -28.47
N LEU S 1057 -82.34 -40.69 -28.05
CA LEU S 1057 -82.69 -41.55 -26.92
C LEU S 1057 -82.81 -40.74 -25.64
N ALA S 1058 -81.89 -39.79 -25.43
CA ALA S 1058 -81.98 -38.92 -24.26
C ALA S 1058 -83.25 -38.09 -24.29
N ARG S 1059 -83.61 -37.56 -25.46
CA ARG S 1059 -84.85 -36.81 -25.61
C ARG S 1059 -86.06 -37.69 -25.28
N LYS S 1060 -86.04 -38.94 -25.76
CA LYS S 1060 -87.14 -39.85 -25.48
C LYS S 1060 -87.26 -40.13 -24.00
N MET S 1061 -86.13 -40.33 -23.32
CA MET S 1061 -86.16 -40.54 -21.87
C MET S 1061 -86.70 -39.31 -21.15
N ALA S 1062 -86.28 -38.12 -21.58
CA ALA S 1062 -86.79 -36.89 -20.97
C ALA S 1062 -88.30 -36.77 -21.15
N ALA S 1063 -88.80 -37.11 -22.34
CA ALA S 1063 -90.23 -37.11 -22.57
C ALA S 1063 -90.94 -38.15 -21.71
N ASP S 1064 -90.29 -39.30 -21.49
CA ASP S 1064 -90.87 -40.33 -20.62
C ASP S 1064 -91.00 -39.83 -19.19
N ALA S 1065 -89.99 -39.11 -18.70
CA ALA S 1065 -90.03 -38.62 -17.33
C ALA S 1065 -91.10 -37.54 -17.15
N LEU S 1066 -91.31 -36.70 -18.16
CA LEU S 1066 -92.32 -35.66 -18.08
C LEU S 1066 -93.74 -36.21 -18.13
N ASP S 1067 -93.90 -37.47 -18.57
CA ASP S 1067 -95.21 -38.13 -18.65
C ASP S 1067 -96.18 -37.40 -19.57
N ILE S 1068 -95.67 -36.71 -20.58
CA ILE S 1068 -96.50 -35.97 -21.53
C ILE S 1068 -96.63 -36.84 -22.79
N GLU S 1069 -97.82 -37.40 -22.98
CA GLU S 1069 -98.07 -38.30 -24.10
C GLU S 1069 -98.50 -37.58 -25.37
N ASP S 1070 -98.71 -36.25 -25.32
CA ASP S 1070 -99.08 -35.52 -26.52
C ASP S 1070 -97.97 -35.56 -27.57
N ILE S 1071 -96.72 -35.47 -27.12
CA ILE S 1071 -95.58 -35.49 -28.03
C ILE S 1071 -95.33 -36.93 -28.50
N ASP S 1072 -95.22 -37.11 -29.80
CA ASP S 1072 -94.87 -38.40 -30.38
C ASP S 1072 -93.36 -38.57 -30.38
N ASP S 1073 -92.89 -39.65 -31.01
CA ASP S 1073 -91.48 -39.99 -31.00
C ASP S 1073 -90.69 -39.30 -32.10
N ASP S 1074 -91.33 -38.47 -32.94
CA ASP S 1074 -90.65 -37.83 -34.06
C ASP S 1074 -90.66 -36.31 -34.00
N ASP S 1075 -91.30 -35.70 -33.00
CA ASP S 1075 -91.36 -34.25 -32.89
C ASP S 1075 -90.14 -33.77 -32.10
N GLU S 1076 -89.03 -33.62 -32.83
CA GLU S 1076 -87.76 -33.31 -32.19
C GLU S 1076 -87.75 -31.91 -31.59
N SER S 1077 -88.49 -30.96 -32.17
CA SER S 1077 -88.59 -29.64 -31.57
C SER S 1077 -89.30 -29.71 -30.21
N ALA S 1078 -90.36 -30.52 -30.13
CA ALA S 1078 -91.01 -30.73 -28.84
C ALA S 1078 -90.10 -31.42 -27.84
N MET S 1079 -89.26 -32.34 -28.31
CA MET S 1079 -88.28 -32.97 -27.42
C MET S 1079 -87.26 -31.95 -26.90
N ARG S 1080 -86.81 -31.05 -27.78
CA ARG S 1080 -85.89 -30.00 -27.35
C ARG S 1080 -86.53 -29.08 -26.32
N ASN S 1081 -87.80 -28.72 -26.54
CA ASN S 1081 -88.51 -27.90 -25.56
C ASN S 1081 -88.73 -28.66 -24.25
N ALA S 1082 -88.95 -29.97 -24.35
CA ALA S 1082 -89.12 -30.79 -23.15
C ALA S 1082 -87.84 -30.82 -22.33
N ILE S 1083 -86.68 -30.95 -22.99
CA ILE S 1083 -85.42 -30.87 -22.27
C ILE S 1083 -85.21 -29.49 -21.68
N TYR S 1084 -85.53 -28.45 -22.45
CA TYR S 1084 -85.47 -27.08 -21.93
C TYR S 1084 -86.24 -26.95 -20.62
N GLU S 1085 -87.47 -27.46 -20.60
CA GLU S 1085 -88.27 -27.38 -19.39
C GLU S 1085 -87.70 -28.25 -18.28
N MET S 1086 -87.23 -29.46 -18.62
CA MET S 1086 -86.79 -30.39 -17.60
C MET S 1086 -85.55 -29.89 -16.87
N VAL S 1087 -84.55 -29.42 -17.60
CA VAL S 1087 -83.28 -29.05 -16.96
C VAL S 1087 -83.29 -27.60 -16.51
N PHE S 1088 -83.86 -26.70 -17.30
CA PHE S 1088 -83.94 -25.27 -16.96
C PHE S 1088 -85.38 -24.80 -17.10
N PRO S 1089 -86.26 -25.19 -16.17
CA PRO S 1089 -87.66 -24.73 -16.25
C PRO S 1089 -87.75 -23.23 -16.09
N ARG S 1090 -88.68 -22.62 -16.83
CA ARG S 1090 -88.92 -21.19 -16.69
C ARG S 1090 -89.46 -20.87 -15.29
N SER S 1091 -90.39 -21.67 -14.80
CA SER S 1091 -90.89 -21.55 -13.44
C SER S 1091 -90.18 -22.54 -12.54
N PRO S 1092 -89.50 -22.09 -11.49
CA PRO S 1092 -88.83 -23.04 -10.60
C PRO S 1092 -89.84 -23.95 -9.94
N PRO S 1093 -89.48 -25.22 -9.72
CA PRO S 1093 -90.43 -26.16 -9.11
C PRO S 1093 -90.82 -25.71 -7.72
N LYS S 1094 -92.10 -25.94 -7.39
CA LYS S 1094 -92.61 -25.56 -6.08
C LYS S 1094 -91.89 -26.33 -4.97
N ASP S 1095 -91.70 -27.63 -5.17
CA ASP S 1095 -90.95 -28.45 -4.22
C ASP S 1095 -89.46 -28.39 -4.59
N GLU S 1096 -88.63 -29.07 -3.83
CA GLU S 1096 -87.19 -29.07 -4.04
C GLU S 1096 -86.74 -30.20 -4.98
N ASP S 1097 -87.68 -30.97 -5.51
CA ASP S 1097 -87.37 -32.06 -6.44
C ASP S 1097 -87.46 -31.52 -7.86
N ASP S 1098 -86.30 -31.37 -8.51
CA ASP S 1098 -86.26 -30.86 -9.87
C ASP S 1098 -86.86 -31.88 -10.83
N LEU S 1099 -87.17 -31.40 -12.04
CA LEU S 1099 -87.75 -32.29 -13.06
C LEU S 1099 -86.77 -33.39 -13.46
N THR S 1100 -85.47 -33.14 -13.30
CA THR S 1100 -84.49 -34.19 -13.56
C THR S 1100 -84.58 -35.31 -12.54
N PHE S 1101 -85.07 -35.02 -11.34
CA PHE S 1101 -85.20 -36.06 -10.32
C PHE S 1101 -86.26 -37.09 -10.72
N LYS S 1102 -87.28 -36.66 -11.46
CA LYS S 1102 -88.36 -37.57 -11.85
C LYS S 1102 -87.88 -38.67 -12.78
N LEU S 1103 -86.68 -38.54 -13.35
CA LEU S 1103 -86.11 -39.60 -14.18
C LEU S 1103 -85.87 -40.87 -13.38
N ASP S 1104 -85.77 -40.77 -12.05
CA ASP S 1104 -85.56 -41.96 -11.23
C ASP S 1104 -86.79 -42.87 -11.24
N GLU S 1105 -87.98 -42.30 -11.46
CA GLU S 1105 -89.19 -43.11 -11.51
C GLU S 1105 -89.27 -43.96 -12.77
N LEU S 1106 -88.53 -43.61 -13.82
CA LEU S 1106 -88.54 -44.41 -15.04
C LEU S 1106 -87.78 -45.71 -14.83
N ILE S 1107 -88.32 -46.79 -15.39
CA ILE S 1107 -87.72 -48.12 -15.29
C ILE S 1107 -86.78 -48.29 -16.47
N LEU S 1108 -85.48 -48.36 -16.20
CA LEU S 1108 -84.50 -48.48 -17.28
C LEU S 1108 -84.54 -49.85 -17.93
N ASP S 1109 -84.88 -50.90 -17.17
CA ASP S 1109 -84.89 -52.25 -17.72
C ASP S 1109 -85.94 -52.37 -18.83
N ASP S 1110 -87.12 -51.79 -18.62
CA ASP S 1110 -88.16 -51.85 -19.64
C ASP S 1110 -87.73 -51.16 -20.92
N TYR S 1111 -87.12 -49.98 -20.79
CA TYR S 1111 -86.66 -49.25 -21.97
C TYR S 1111 -85.55 -50.00 -22.68
N ALA S 1112 -84.64 -50.61 -21.92
CA ALA S 1112 -83.57 -51.40 -22.52
C ALA S 1112 -84.12 -52.60 -23.28
N THR S 1113 -85.11 -53.29 -22.69
CA THR S 1113 -85.72 -54.43 -23.38
C THR S 1113 -86.43 -53.97 -24.64
N GLU S 1114 -87.14 -52.84 -24.58
CA GLU S 1114 -87.82 -52.33 -25.76
C GLU S 1114 -86.82 -51.97 -26.85
N LEU S 1115 -85.71 -51.33 -26.49
CA LEU S 1115 -84.70 -50.98 -27.48
C LEU S 1115 -84.07 -52.22 -28.09
N GLU S 1116 -83.79 -53.24 -27.26
CA GLU S 1116 -83.20 -54.47 -27.76
C GLU S 1116 -84.17 -55.22 -28.67
N ARG S 1117 -85.47 -55.11 -28.41
CA ARG S 1117 -86.44 -55.74 -29.31
C ARG S 1117 -86.58 -54.97 -30.61
N LYS S 1118 -86.60 -53.63 -30.53
CA LYS S 1118 -86.86 -52.83 -31.73
C LYS S 1118 -85.66 -52.81 -32.66
N HIS S 1119 -84.45 -52.63 -32.13
CA HIS S 1119 -83.28 -52.44 -32.96
C HIS S 1119 -82.07 -53.29 -32.55
N GLN S 1120 -82.23 -54.23 -31.61
CA GLN S 1120 -81.16 -55.14 -31.20
C GLN S 1120 -79.96 -54.37 -30.66
N LEU S 1121 -80.20 -53.59 -29.61
CA LEU S 1121 -79.17 -52.77 -29.00
C LEU S 1121 -79.14 -53.02 -27.50
N LYS S 1122 -77.96 -53.36 -26.98
CA LYS S 1122 -77.73 -53.48 -25.54
C LYS S 1122 -77.27 -52.10 -25.05
N LYS S 1123 -78.21 -51.33 -24.48
CA LYS S 1123 -77.92 -49.94 -24.13
C LYS S 1123 -78.38 -49.61 -22.71
N ARG S 1124 -78.59 -50.62 -21.86
CA ARG S 1124 -79.05 -50.35 -20.50
C ARG S 1124 -78.02 -49.54 -19.71
N SER S 1125 -76.74 -49.86 -19.87
CA SER S 1125 -75.70 -49.06 -19.23
C SER S 1125 -75.68 -47.65 -19.81
N THR S 1126 -75.91 -47.54 -21.12
CA THR S 1126 -76.00 -46.23 -21.75
C THR S 1126 -77.17 -45.43 -21.18
N LEU S 1127 -78.32 -46.07 -20.97
CA LEU S 1127 -79.46 -45.38 -20.37
C LEU S 1127 -79.14 -44.94 -18.95
N GLN S 1128 -78.45 -45.79 -18.19
CA GLN S 1128 -78.04 -45.40 -16.84
C GLN S 1128 -77.12 -44.19 -16.87
N ILE S 1129 -76.17 -44.18 -17.80
CA ILE S 1129 -75.25 -43.05 -17.93
C ILE S 1129 -76.00 -41.79 -18.32
N ILE S 1130 -76.99 -41.92 -19.22
CA ILE S 1130 -77.77 -40.76 -19.62
C ILE S 1130 -78.55 -40.20 -18.43
N LYS S 1131 -79.18 -41.08 -17.65
CA LYS S 1131 -79.91 -40.62 -16.47
C LYS S 1131 -78.97 -39.92 -15.50
N GLU S 1132 -77.78 -40.47 -15.30
CA GLU S 1132 -76.80 -39.84 -14.41
C GLU S 1132 -76.39 -38.47 -14.92
N GLU S 1133 -76.16 -38.35 -16.23
CA GLU S 1133 -75.76 -37.06 -16.79
C GLU S 1133 -76.87 -36.02 -16.65
N LEU S 1134 -78.12 -36.42 -16.85
CA LEU S 1134 -79.22 -35.49 -16.62
C LEU S 1134 -79.32 -35.10 -15.16
N GLN S 1135 -79.07 -36.04 -14.24
CA GLN S 1135 -79.12 -35.69 -12.82
C GLN S 1135 -78.00 -34.75 -12.42
N SER S 1136 -76.87 -34.76 -13.12
CA SER S 1136 -75.77 -33.84 -12.84
C SER S 1136 -74.87 -33.80 -14.05
N ARG S 1137 -74.65 -32.61 -14.60
CA ARG S 1137 -73.86 -32.45 -15.82
C ARG S 1137 -72.38 -32.49 -15.46
N TYR S 1138 -71.68 -33.54 -15.90
CA TYR S 1138 -70.25 -33.71 -15.65
C TYR S 1138 -69.93 -33.72 -14.15
N ARG S 1139 -70.47 -34.73 -13.48
CA ARG S 1139 -70.04 -35.02 -12.12
C ARG S 1139 -68.61 -35.54 -12.14
N GLU S 1140 -67.80 -35.08 -11.18
CA GLU S 1140 -66.39 -35.42 -11.18
C GLU S 1140 -66.18 -36.89 -10.87
N ILE S 1141 -65.35 -37.56 -11.67
CA ILE S 1141 -65.16 -39.00 -11.56
C ILE S 1141 -63.91 -39.31 -10.74
N ARG S 1142 -62.91 -38.44 -10.82
CA ARG S 1142 -61.65 -38.68 -10.14
C ARG S 1142 -61.85 -38.70 -8.63
N ARG S 1143 -61.00 -39.44 -7.95
CA ARG S 1143 -61.01 -39.47 -6.49
C ARG S 1143 -60.58 -38.11 -5.93
N ASP S 1144 -61.03 -37.82 -4.72
CA ASP S 1144 -60.70 -36.55 -4.09
C ASP S 1144 -59.19 -36.40 -3.89
N PHE S 1145 -58.79 -35.19 -3.52
CA PHE S 1145 -57.38 -34.89 -3.33
C PHE S 1145 -56.77 -35.82 -2.30
N HIS S 1146 -55.57 -36.32 -2.59
CA HIS S 1146 -54.90 -37.29 -1.74
C HIS S 1146 -54.05 -36.56 -0.71
N ILE S 1147 -54.32 -36.80 0.57
CA ILE S 1147 -53.60 -36.17 1.67
C ILE S 1147 -52.47 -37.10 2.10
N LEU S 1148 -51.26 -36.54 2.20
CA LEU S 1148 -50.10 -37.33 2.61
C LEU S 1148 -50.23 -37.76 4.06
N ASN S 1149 -49.79 -38.98 4.34
CA ASN S 1149 -49.81 -39.53 5.69
C ASN S 1149 -48.40 -39.45 6.30
N GLU S 1150 -48.24 -40.04 7.48
CA GLU S 1150 -46.97 -39.92 8.19
C GLU S 1150 -45.81 -40.50 7.40
N ALA S 1151 -46.02 -41.69 6.82
CA ALA S 1151 -44.97 -42.31 6.02
C ALA S 1151 -44.65 -41.49 4.78
N GLU S 1152 -45.70 -40.99 4.10
CA GLU S 1152 -45.47 -40.19 2.89
C GLU S 1152 -44.78 -38.87 3.22
N ILE S 1153 -45.18 -38.24 4.33
CA ILE S 1153 -44.53 -36.98 4.73
C ILE S 1153 -43.07 -37.23 5.08
N PHE S 1154 -42.80 -38.32 5.81
CA PHE S 1154 -41.42 -38.65 6.16
C PHE S 1154 -40.58 -38.89 4.90
N GLN S 1155 -41.12 -39.66 3.95
CA GLN S 1155 -40.37 -39.93 2.73
C GLN S 1155 -40.16 -38.66 1.92
N LEU S 1156 -41.16 -37.78 1.88
CA LEU S 1156 -41.03 -36.53 1.14
C LEU S 1156 -39.97 -35.62 1.76
N LEU S 1157 -39.93 -35.53 3.08
CA LEU S 1157 -39.03 -34.59 3.73
C LEU S 1157 -37.60 -35.13 3.80
N THR S 1158 -37.43 -36.33 4.35
CA THR S 1158 -36.09 -36.86 4.54
C THR S 1158 -35.51 -37.51 3.30
N ARG S 1159 -36.33 -37.72 2.27
CA ARG S 1159 -35.93 -38.43 1.06
C ARG S 1159 -35.41 -39.84 1.37
N GLU S 1160 -35.81 -40.39 2.51
CA GLU S 1160 -35.41 -41.71 2.95
C GLU S 1160 -36.66 -42.56 3.10
N THR S 1161 -36.66 -43.73 2.48
CA THR S 1161 -37.82 -44.61 2.56
C THR S 1161 -37.93 -45.23 3.95
N VAL S 1162 -39.15 -45.66 4.29
CA VAL S 1162 -39.37 -46.31 5.58
C VAL S 1162 -38.63 -47.65 5.63
N ASP S 1163 -38.49 -48.33 4.49
CA ASP S 1163 -37.76 -49.60 4.46
C ASP S 1163 -36.28 -49.40 4.73
N SER S 1164 -35.68 -48.35 4.14
CA SER S 1164 -34.26 -48.11 4.28
C SER S 1164 -33.89 -47.46 5.61
N PHE S 1165 -34.88 -47.06 6.41
CA PHE S 1165 -34.63 -46.44 7.72
C PHE S 1165 -35.65 -47.02 8.70
N ARG S 1166 -35.23 -48.06 9.42
CA ARG S 1166 -36.11 -48.74 10.36
C ARG S 1166 -35.25 -49.45 11.41
N LYS S 1167 -35.90 -50.29 12.22
CA LYS S 1167 -35.20 -51.02 13.26
C LYS S 1167 -34.18 -51.98 12.66
N GLY S 1168 -33.06 -52.15 13.36
CA GLY S 1168 -32.02 -53.05 12.90
C GLY S 1168 -31.25 -52.57 11.70
N MET S 1169 -30.87 -51.29 11.66
CA MET S 1169 -30.06 -50.73 10.60
C MET S 1169 -28.92 -49.94 11.21
N VAL S 1170 -27.78 -49.94 10.53
CA VAL S 1170 -26.57 -49.27 11.00
C VAL S 1170 -26.28 -48.08 10.10
N ILE S 1171 -26.16 -46.90 10.70
CA ILE S 1171 -25.90 -45.67 9.95
C ILE S 1171 -24.79 -44.89 10.61
N PRO S 1172 -23.97 -44.21 9.80
CA PRO S 1172 -22.90 -43.35 10.35
C PRO S 1172 -23.39 -41.97 10.77
N VAL S 1173 -23.96 -41.90 11.97
CA VAL S 1173 -24.49 -40.63 12.48
C VAL S 1173 -23.34 -39.74 12.94
N TYR S 1174 -23.65 -38.46 13.09
CA TYR S 1174 -22.66 -37.44 13.42
C TYR S 1174 -22.95 -36.91 14.81
N VAL S 1175 -21.94 -36.94 15.69
CA VAL S 1175 -22.13 -36.46 17.06
C VAL S 1175 -22.22 -34.94 17.06
N ARG S 1176 -23.25 -34.42 17.70
CA ARG S 1176 -23.50 -32.98 17.74
C ARG S 1176 -23.40 -32.39 19.14
N LYS S 1177 -23.66 -33.18 20.18
CA LYS S 1177 -23.56 -32.71 21.56
C LYS S 1177 -23.34 -33.91 22.47
N VAL S 1178 -22.37 -33.79 23.37
CA VAL S 1178 -22.01 -34.86 24.29
C VAL S 1178 -22.36 -34.44 25.71
N GLU S 1179 -23.12 -35.28 26.40
CA GLU S 1179 -23.48 -35.05 27.78
C GLU S 1179 -23.23 -36.32 28.59
N SER S 1180 -23.18 -36.14 29.92
CA SER S 1180 -22.87 -37.26 30.80
C SER S 1180 -23.95 -38.34 30.74
N SER S 1181 -25.22 -37.93 30.68
CA SER S 1181 -26.34 -38.87 30.72
C SER S 1181 -26.88 -39.23 29.35
N TYR S 1182 -26.49 -38.52 28.30
CA TYR S 1182 -26.95 -38.82 26.95
C TYR S 1182 -26.01 -38.16 25.95
N MET S 1183 -26.10 -38.60 24.70
CA MET S 1183 -25.39 -37.96 23.60
C MET S 1183 -26.39 -37.63 22.49
N SER S 1184 -26.34 -36.40 22.00
CA SER S 1184 -27.21 -35.95 20.92
C SER S 1184 -26.42 -36.00 19.62
N VAL S 1185 -26.94 -36.74 18.64
CA VAL S 1185 -26.27 -36.95 17.36
C VAL S 1185 -27.23 -36.62 16.24
N SER S 1186 -26.65 -36.36 15.07
CA SER S 1186 -27.40 -36.04 13.86
C SER S 1186 -27.05 -37.03 12.76
N THR S 1187 -28.08 -37.51 12.06
CA THR S 1187 -27.88 -38.43 10.95
C THR S 1187 -27.50 -37.66 9.70
N GLN S 1188 -27.34 -38.39 8.59
CA GLN S 1188 -27.05 -37.74 7.32
C GLN S 1188 -28.23 -36.91 6.84
N SER S 1189 -29.45 -37.38 7.11
CA SER S 1189 -30.67 -36.74 6.63
C SER S 1189 -31.28 -35.77 7.63
N LEU S 1190 -30.45 -35.12 8.44
CA LEU S 1190 -30.85 -34.10 9.40
C LEU S 1190 -31.75 -34.63 10.52
N ILE S 1191 -31.93 -35.94 10.61
CA ILE S 1191 -32.76 -36.52 11.66
C ILE S 1191 -32.00 -36.49 12.97
N ALA S 1192 -32.50 -35.70 13.92
CA ALA S 1192 -31.86 -35.59 15.23
C ALA S 1192 -32.08 -36.87 16.03
N GLY S 1193 -31.02 -37.35 16.68
CA GLY S 1193 -31.12 -38.57 17.45
C GLY S 1193 -30.48 -38.39 18.82
N ASN S 1194 -30.85 -39.30 19.72
CA ASN S 1194 -30.32 -39.29 21.07
C ASN S 1194 -30.11 -40.73 21.54
N ILE S 1195 -29.12 -40.91 22.42
CA ILE S 1195 -28.84 -42.20 23.04
C ILE S 1195 -28.74 -42.00 24.54
N GLN S 1196 -29.48 -42.81 25.29
CA GLN S 1196 -29.36 -42.78 26.75
C GLN S 1196 -28.01 -43.38 27.16
N ARG S 1197 -27.56 -42.98 28.36
CA ARG S 1197 -26.19 -43.27 28.79
C ARG S 1197 -25.88 -44.76 28.81
N GLN S 1198 -26.90 -45.62 28.87
CA GLN S 1198 -26.67 -47.06 28.93
C GLN S 1198 -26.02 -47.62 27.68
N ASP S 1199 -25.97 -46.87 26.57
CA ASP S 1199 -25.53 -47.44 25.31
C ASP S 1199 -24.37 -46.70 24.63
N ILE S 1200 -24.03 -45.48 25.03
CA ILE S 1200 -22.88 -44.81 24.43
C ILE S 1200 -21.60 -45.60 24.73
N LEU S 1201 -21.45 -46.02 25.98
CA LEU S 1201 -20.28 -46.78 26.41
C LEU S 1201 -20.68 -48.22 26.69
N GLU S 1202 -19.68 -49.11 26.62
CA GLU S 1202 -19.93 -50.52 26.84
C GLU S 1202 -20.35 -50.75 28.29
N PRO S 1203 -21.23 -51.72 28.55
CA PRO S 1203 -21.67 -51.98 29.93
C PRO S 1203 -20.53 -52.34 30.88
N ASN S 1204 -19.45 -52.93 30.38
CA ASN S 1204 -18.33 -53.27 31.25
C ASN S 1204 -17.47 -52.06 31.58
N ASP S 1205 -17.30 -51.15 30.61
CA ASP S 1205 -16.47 -49.97 30.82
C ASP S 1205 -17.13 -49.02 31.81
N ARG S 1206 -16.28 -48.34 32.60
CA ARG S 1206 -16.75 -47.37 33.58
C ARG S 1206 -16.25 -45.96 33.28
N ARG S 1207 -15.80 -45.69 32.05
CA ARG S 1207 -15.32 -44.36 31.69
C ARG S 1207 -16.49 -43.39 31.56
N ASP S 1208 -16.16 -42.15 31.21
CA ASP S 1208 -17.11 -41.06 31.01
C ASP S 1208 -17.41 -40.89 29.52
N PRO S 1209 -18.65 -40.57 29.17
CA PRO S 1209 -18.98 -40.38 27.74
C PRO S 1209 -18.16 -39.28 27.08
N ARG S 1210 -17.86 -38.20 27.79
CA ARG S 1210 -17.12 -37.09 27.19
C ARG S 1210 -15.68 -37.48 26.87
N GLU S 1211 -15.04 -38.28 27.74
CA GLU S 1211 -13.65 -38.64 27.50
C GLU S 1211 -13.50 -39.50 26.24
N VAL S 1212 -14.42 -40.43 26.03
CA VAL S 1212 -14.28 -41.36 24.91
C VAL S 1212 -14.74 -40.71 23.60
N TYR S 1213 -15.88 -40.02 23.62
CA TYR S 1213 -16.45 -39.41 22.43
C TYR S 1213 -16.56 -37.90 22.62
N SER S 1214 -16.26 -37.16 21.55
CA SER S 1214 -16.28 -35.71 21.59
C SER S 1214 -17.09 -35.19 20.40
N VAL S 1215 -17.34 -33.87 20.41
CA VAL S 1215 -18.09 -33.26 19.33
C VAL S 1215 -17.30 -33.35 18.03
N GLY S 1216 -18.01 -33.65 16.94
CA GLY S 1216 -17.37 -33.80 15.65
C GLY S 1216 -16.83 -35.18 15.36
N GLN S 1217 -16.89 -36.10 16.31
CA GLN S 1217 -16.40 -37.46 16.14
C GLN S 1217 -17.60 -38.33 15.80
N THR S 1218 -17.83 -38.53 14.51
CA THR S 1218 -18.93 -39.37 14.06
C THR S 1218 -18.63 -40.84 14.34
N VAL S 1219 -19.66 -41.59 14.71
CA VAL S 1219 -19.54 -43.02 14.99
C VAL S 1219 -20.72 -43.75 14.37
N ARG S 1220 -20.54 -45.05 14.18
CA ARG S 1220 -21.63 -45.90 13.72
C ARG S 1220 -22.65 -46.09 14.83
N ALA S 1221 -23.93 -46.15 14.45
CA ALA S 1221 -25.01 -46.36 15.40
C ALA S 1221 -26.07 -47.24 14.77
N CYS S 1222 -26.82 -47.93 15.62
CA CYS S 1222 -27.89 -48.82 15.19
C CYS S 1222 -29.23 -48.26 15.62
N ILE S 1223 -30.20 -48.23 14.69
CA ILE S 1223 -31.49 -47.66 14.99
C ILE S 1223 -32.28 -48.59 15.89
N LEU S 1224 -32.80 -48.03 16.99
CA LEU S 1224 -33.65 -48.77 17.92
C LEU S 1224 -35.12 -48.41 17.78
N ASP S 1225 -35.45 -47.13 17.73
CA ASP S 1225 -36.82 -46.67 17.57
C ASP S 1225 -36.84 -45.49 16.63
N VAL S 1226 -37.97 -45.31 15.94
CA VAL S 1226 -38.14 -44.22 14.98
C VAL S 1226 -39.46 -43.52 15.28
N ASP S 1227 -39.41 -42.22 15.49
CA ASP S 1227 -40.61 -41.39 15.63
C ASP S 1227 -40.82 -40.72 14.28
N TYR S 1228 -41.57 -41.39 13.41
CA TYR S 1228 -41.75 -40.91 12.04
C TYR S 1228 -42.47 -39.57 12.02
N TYR S 1229 -43.47 -39.39 12.88
CA TYR S 1229 -44.20 -38.12 12.91
C TYR S 1229 -43.30 -36.97 13.33
N ASN S 1230 -42.43 -37.20 14.31
CA ASN S 1230 -41.60 -36.14 14.87
C ASN S 1230 -40.15 -36.20 14.39
N PHE S 1231 -39.83 -37.12 13.49
CA PHE S 1231 -38.48 -37.24 12.92
C PHE S 1231 -37.43 -37.39 14.01
N LYS S 1232 -37.75 -38.18 15.03
CA LYS S 1232 -36.85 -38.47 16.15
C LYS S 1232 -36.54 -39.96 16.18
N CYS S 1233 -35.28 -40.29 16.47
CA CYS S 1233 -34.86 -41.68 16.53
C CYS S 1233 -33.93 -41.89 17.71
N GLN S 1234 -33.93 -43.11 18.23
CA GLN S 1234 -33.02 -43.52 19.29
C GLN S 1234 -32.06 -44.56 18.75
N LEU S 1235 -30.81 -44.48 19.18
CA LEU S 1235 -29.74 -45.27 18.62
C LEU S 1235 -29.02 -46.05 19.72
N SER S 1236 -28.23 -47.03 19.30
CA SER S 1236 -27.42 -47.82 20.22
C SER S 1236 -26.02 -47.97 19.65
N LEU S 1237 -25.01 -47.80 20.52
CA LEU S 1237 -23.62 -47.96 20.15
C LEU S 1237 -23.06 -49.31 20.58
N LEU S 1238 -23.91 -50.21 21.08
CA LEU S 1238 -23.44 -51.52 21.52
C LEU S 1238 -23.00 -52.34 20.33
N ARG S 1239 -21.85 -53.01 20.47
CA ARG S 1239 -21.28 -53.76 19.37
C ARG S 1239 -22.12 -54.98 18.99
N GLN S 1240 -23.07 -55.40 19.83
CA GLN S 1240 -23.94 -56.50 19.47
C GLN S 1240 -24.84 -56.14 18.30
N PHE S 1241 -25.07 -54.84 18.07
CA PHE S 1241 -25.82 -54.37 16.92
C PHE S 1241 -24.93 -53.83 15.81
N THR S 1242 -23.97 -52.98 16.16
CA THR S 1242 -23.15 -52.33 15.15
C THR S 1242 -22.22 -53.29 14.42
N GLU S 1243 -21.96 -54.46 14.99
CA GLU S 1243 -21.03 -55.41 14.39
C GLU S 1243 -21.67 -56.73 14.00
N ASN S 1244 -22.51 -57.31 14.85
CA ASN S 1244 -23.07 -58.62 14.56
C ASN S 1244 -24.08 -58.58 13.42
N GLN S 1245 -24.77 -57.45 13.23
CA GLN S 1245 -25.73 -57.31 12.14
C GLN S 1245 -24.95 -57.23 10.83
N VAL S 1246 -24.84 -58.36 10.14
CA VAL S 1246 -24.13 -58.46 8.87
C VAL S 1246 -25.05 -58.93 7.75
N ALA S 1247 -25.70 -60.07 7.93
CA ALA S 1247 -26.67 -60.57 6.96
C ALA S 1247 -28.04 -59.97 7.26
N GLY S 1248 -28.13 -58.66 7.04
CA GLY S 1248 -29.36 -57.94 7.30
C GLY S 1248 -30.46 -58.19 6.29
N LEU S 1249 -30.13 -58.79 5.15
CA LEU S 1249 -31.13 -59.11 4.15
C LEU S 1249 -32.00 -60.27 4.62
N ASN S 1250 -33.27 -60.26 4.20
CA ASN S 1250 -34.22 -61.31 4.54
C ASN S 1250 -34.41 -62.29 3.40
N VAL S 1251 -33.36 -62.56 2.63
CA VAL S 1251 -33.46 -63.46 1.50
C VAL S 1251 -33.66 -64.88 2.01
N ASN S 1252 -34.67 -65.57 1.47
CA ASN S 1252 -34.98 -66.92 1.88
C ASN S 1252 -33.87 -67.86 1.44
N ARG S 1253 -33.20 -68.49 2.41
CA ARG S 1253 -32.07 -69.38 2.15
C ARG S 1253 -32.47 -70.85 2.23
N ASN S 1254 -33.67 -71.17 1.77
CA ASN S 1254 -34.13 -72.55 1.80
C ASN S 1254 -33.25 -73.41 0.89
N PRO S 1255 -32.70 -74.52 1.40
CA PRO S 1255 -31.81 -75.34 0.56
C PRO S 1255 -32.46 -75.85 -0.71
N LYS S 1256 -33.79 -76.00 -0.74
CA LYS S 1256 -34.46 -76.46 -1.95
C LYS S 1256 -34.28 -75.46 -3.09
N PHE S 1257 -34.34 -74.16 -2.79
CA PHE S 1257 -34.21 -73.13 -3.80
C PHE S 1257 -32.97 -72.27 -3.64
N TRP S 1258 -32.20 -72.45 -2.58
CA TRP S 1258 -30.96 -71.71 -2.37
C TRP S 1258 -29.80 -72.68 -2.22
N ASP S 1259 -28.72 -72.42 -2.95
CA ASP S 1259 -27.52 -73.26 -2.88
C ASP S 1259 -26.65 -72.74 -1.73
N ILE S 1260 -26.95 -73.22 -0.52
CA ILE S 1260 -26.18 -72.80 0.64
C ILE S 1260 -24.75 -73.31 0.55
N GLU S 1261 -24.56 -74.51 0.01
CA GLU S 1261 -23.22 -75.09 -0.04
C GLU S 1261 -22.29 -74.26 -0.92
N SER S 1262 -22.78 -73.77 -2.07
CA SER S 1262 -21.96 -72.96 -2.95
C SER S 1262 -21.54 -71.65 -2.28
N GLU S 1263 -22.49 -70.99 -1.61
CA GLU S 1263 -22.18 -69.74 -0.92
C GLU S 1263 -21.19 -69.96 0.21
N ASN S 1264 -21.34 -71.07 0.95
CA ASN S 1264 -20.39 -71.39 2.01
C ASN S 1264 -19.00 -71.65 1.43
N ARG S 1265 -18.93 -72.44 0.36
CA ARG S 1265 -17.64 -72.75 -0.26
C ARG S 1265 -16.94 -71.48 -0.74
N ASP S 1266 -17.69 -70.60 -1.42
CA ASP S 1266 -17.14 -69.32 -1.81
C ASP S 1266 -16.70 -68.51 -0.60
N ARG S 1267 -17.41 -68.66 0.52
CA ARG S 1267 -17.04 -67.94 1.73
C ARG S 1267 -15.69 -68.39 2.28
N GLN S 1268 -15.48 -69.71 2.41
CA GLN S 1268 -14.12 -70.11 2.80
C GLN S 1268 -13.08 -69.78 1.73
N GLU S 1269 -13.45 -69.79 0.45
CA GLU S 1269 -12.50 -69.36 -0.58
C GLU S 1269 -12.04 -67.93 -0.33
N GLU S 1270 -12.98 -67.01 -0.12
CA GLU S 1270 -12.60 -65.61 0.10
C GLU S 1270 -11.91 -65.42 1.45
N ILE S 1271 -12.27 -66.21 2.46
CA ILE S 1271 -11.60 -66.09 3.75
C ILE S 1271 -10.16 -66.57 3.65
N ASP S 1272 -9.91 -67.66 2.93
CA ASP S 1272 -8.55 -68.11 2.69
C ASP S 1272 -7.77 -67.08 1.88
N LYS S 1273 -8.44 -66.44 0.91
CA LYS S 1273 -7.80 -65.35 0.19
C LYS S 1273 -7.39 -64.24 1.14
N GLN S 1274 -8.25 -63.91 2.10
CA GLN S 1274 -7.91 -62.90 3.10
C GLN S 1274 -6.72 -63.35 3.94
N ARG S 1275 -6.67 -64.63 4.31
CA ARG S 1275 -5.53 -65.14 5.07
C ARG S 1275 -4.23 -65.03 4.30
N GLU S 1276 -4.30 -65.06 2.98
CA GLU S 1276 -3.09 -65.01 2.16
C GLU S 1276 -2.39 -63.67 2.32
N GLU S 1277 -1.07 -63.71 2.47
CA GLU S 1277 -0.25 -62.52 2.64
C GLU S 1277 1.02 -62.66 1.81
N SER S 1278 1.97 -61.76 2.05
CA SER S 1278 3.24 -61.76 1.32
C SER S 1278 4.39 -61.67 2.30
N ARG S 1279 5.52 -62.25 1.90
CA ARG S 1279 6.73 -62.23 2.71
C ARG S 1279 7.93 -61.99 1.80
N GLU S 1280 8.99 -61.42 2.38
CA GLU S 1280 10.19 -61.09 1.64
C GLU S 1280 11.41 -61.47 2.46
N SER S 1281 12.57 -61.40 1.82
CA SER S 1281 13.84 -61.81 2.43
C SER S 1281 14.35 -60.73 3.38
N ARG S 1282 15.31 -61.12 4.22
CA ARG S 1282 15.93 -60.24 5.18
C ARG S 1282 17.39 -59.99 4.79
N VAL S 1283 17.82 -58.74 4.92
CA VAL S 1283 19.18 -58.33 4.59
C VAL S 1283 19.85 -57.81 5.86
N ILE S 1284 21.00 -58.39 6.19
CA ILE S 1284 21.76 -58.02 7.37
C ILE S 1284 23.19 -57.73 6.96
N LYS S 1285 23.80 -56.70 7.56
CA LYS S 1285 25.17 -56.33 7.26
C LYS S 1285 26.06 -56.80 8.42
N HIS S 1286 26.83 -57.86 8.18
CA HIS S 1286 27.74 -58.40 9.18
C HIS S 1286 28.82 -59.18 8.45
N PRO S 1287 30.08 -59.12 8.90
CA PRO S 1287 31.15 -59.84 8.19
C PRO S 1287 30.93 -61.33 8.09
N PHE S 1288 30.34 -61.95 9.10
CA PHE S 1288 30.12 -63.39 9.12
C PHE S 1288 28.68 -63.77 8.79
N PHE S 1289 27.89 -62.85 8.25
CA PHE S 1289 26.52 -63.13 7.86
C PHE S 1289 26.47 -63.44 6.36
N HIS S 1290 25.79 -64.53 6.01
CA HIS S 1290 25.68 -64.95 4.62
C HIS S 1290 24.27 -65.49 4.40
N ASN S 1291 23.63 -65.02 3.33
CA ASN S 1291 22.26 -65.42 3.01
C ASN S 1291 22.31 -66.78 2.30
N MET S 1292 22.37 -67.84 3.11
CA MET S 1292 22.47 -69.20 2.61
C MET S 1292 21.44 -70.09 3.28
N LYS S 1293 21.13 -71.21 2.64
CA LYS S 1293 20.28 -72.22 3.23
C LYS S 1293 21.06 -73.00 4.28
N SER S 1294 20.37 -73.92 4.97
CA SER S 1294 21.06 -74.80 5.91
C SER S 1294 22.09 -75.66 5.20
N LYS S 1295 21.69 -76.35 4.13
CA LYS S 1295 22.65 -77.12 3.34
C LYS S 1295 23.68 -76.22 2.69
N GLU S 1296 23.26 -75.05 2.21
CA GLU S 1296 24.21 -74.12 1.61
C GLU S 1296 25.25 -73.67 2.62
N ALA S 1297 24.81 -73.34 3.84
CA ALA S 1297 25.75 -72.94 4.89
C ALA S 1297 26.69 -74.09 5.24
N GLU S 1298 26.16 -75.31 5.32
CA GLU S 1298 27.02 -76.46 5.64
C GLU S 1298 28.06 -76.69 4.54
N ASP S 1299 27.67 -76.56 3.28
CA ASP S 1299 28.61 -76.72 2.17
C ASP S 1299 29.64 -75.59 2.16
N TYR S 1300 29.22 -74.37 2.47
CA TYR S 1300 30.16 -73.25 2.54
C TYR S 1300 31.18 -73.46 3.65
N LEU S 1301 30.73 -73.99 4.80
CA LEU S 1301 31.64 -74.29 5.88
C LEU S 1301 32.46 -75.55 5.63
N ALA S 1302 32.05 -76.38 4.67
CA ALA S 1302 32.80 -77.60 4.36
C ALA S 1302 34.20 -77.28 3.86
N ALA S 1303 34.32 -76.29 2.98
CA ALA S 1303 35.64 -75.89 2.46
C ALA S 1303 36.50 -75.20 3.51
N ARG S 1304 35.92 -74.83 4.65
CA ARG S 1304 36.61 -74.12 5.72
C ARG S 1304 37.00 -75.09 6.84
N PRO S 1305 38.07 -74.77 7.59
CA PRO S 1305 38.47 -75.65 8.70
C PRO S 1305 37.47 -75.63 9.85
N VAL S 1306 37.75 -76.44 10.88
CA VAL S 1306 36.82 -76.58 12.00
C VAL S 1306 36.81 -75.29 12.81
N GLY S 1307 35.60 -74.84 13.18
CA GLY S 1307 35.43 -73.68 14.03
C GLY S 1307 34.95 -72.43 13.33
N ASP S 1308 35.02 -72.36 12.01
CA ASP S 1308 34.54 -71.19 11.30
C ASP S 1308 33.03 -71.09 11.41
N VAL S 1309 32.55 -69.84 11.41
CA VAL S 1309 31.16 -69.53 11.78
C VAL S 1309 30.51 -68.75 10.66
N VAL S 1310 29.27 -69.12 10.33
CA VAL S 1310 28.46 -68.41 9.35
C VAL S 1310 27.11 -68.09 9.98
N ILE S 1311 26.49 -67.01 9.52
CA ILE S 1311 25.21 -66.54 10.05
C ILE S 1311 24.23 -66.42 8.90
N ARG S 1312 23.03 -66.97 9.07
CA ARG S 1312 22.01 -66.99 8.05
C ARG S 1312 20.65 -66.74 8.70
N PRO S 1313 19.67 -66.27 7.93
CA PRO S 1313 18.33 -66.08 8.50
C PRO S 1313 17.71 -67.39 8.96
N SER S 1314 16.91 -67.32 10.02
CA SER S 1314 16.27 -68.49 10.59
C SER S 1314 14.88 -68.70 10.00
N SER S 1315 14.45 -69.96 10.03
CA SER S 1315 13.12 -70.31 9.52
C SER S 1315 12.00 -70.02 10.51
N LYS S 1316 12.33 -69.70 11.77
CA LYS S 1316 11.32 -69.43 12.78
C LYS S 1316 10.80 -68.01 12.74
N GLY S 1317 11.36 -67.16 11.88
CA GLY S 1317 10.90 -65.79 11.78
C GLY S 1317 12.03 -64.78 11.70
N SER S 1318 11.71 -63.53 11.35
CA SER S 1318 12.72 -62.48 11.28
C SER S 1318 13.29 -62.15 12.65
N ASN S 1319 12.58 -62.47 13.73
CA ASN S 1319 13.07 -62.28 15.08
C ASN S 1319 14.00 -63.40 15.54
N HIS S 1320 14.32 -64.34 14.66
CA HIS S 1320 15.21 -65.45 14.97
C HIS S 1320 16.36 -65.47 13.98
N ILE S 1321 17.51 -65.93 14.45
CA ILE S 1321 18.73 -66.01 13.64
C ILE S 1321 19.34 -67.39 13.83
N THR S 1322 19.72 -68.03 12.73
CA THR S 1322 20.39 -69.33 12.77
C THR S 1322 21.88 -69.13 12.56
N ILE S 1323 22.68 -69.65 13.49
CA ILE S 1323 24.14 -69.59 13.41
C ILE S 1323 24.66 -71.00 13.19
N SER S 1324 25.44 -71.18 12.12
CA SER S 1324 26.00 -72.47 11.77
C SER S 1324 27.51 -72.43 11.93
N TRP S 1325 28.04 -73.37 12.71
CA TRP S 1325 29.48 -73.49 12.93
C TRP S 1325 29.90 -74.94 12.77
N LYS S 1326 31.11 -75.14 12.29
CA LYS S 1326 31.62 -76.46 11.94
C LYS S 1326 32.08 -77.18 13.21
N VAL S 1327 31.29 -78.16 13.66
CA VAL S 1327 31.68 -78.96 14.81
C VAL S 1327 32.84 -79.88 14.46
N ALA S 1328 32.78 -80.51 13.29
CA ALA S 1328 33.76 -81.50 12.86
C ALA S 1328 33.68 -81.62 11.35
N PRO S 1329 34.68 -82.26 10.71
CA PRO S 1329 34.57 -82.50 9.27
C PRO S 1329 33.26 -83.18 8.89
N GLN S 1330 32.50 -82.53 8.01
CA GLN S 1330 31.14 -82.96 7.65
C GLN S 1330 30.24 -83.08 8.88
N LEU S 1331 30.37 -82.14 9.81
CA LEU S 1331 29.52 -82.08 11.00
C LEU S 1331 29.34 -80.62 11.37
N TYR S 1332 28.09 -80.14 11.35
CA TYR S 1332 27.79 -78.73 11.57
C TYR S 1332 26.61 -78.61 12.53
N GLN S 1333 26.60 -77.54 13.32
CA GLN S 1333 25.55 -77.27 14.28
C GLN S 1333 24.86 -75.95 13.94
N HIS S 1334 23.54 -75.99 13.81
CA HIS S 1334 22.73 -74.79 13.61
C HIS S 1334 22.09 -74.42 14.93
N ILE S 1335 22.33 -73.19 15.38
CA ILE S 1335 21.83 -72.71 16.66
C ILE S 1335 20.92 -71.52 16.40
N ASP S 1336 19.70 -71.59 16.94
CA ASP S 1336 18.73 -70.52 16.78
C ASP S 1336 18.91 -69.48 17.88
N VAL S 1337 18.89 -68.21 17.48
CA VAL S 1337 19.05 -67.08 18.41
C VAL S 1337 17.80 -66.23 18.33
N LEU S 1338 17.17 -66.00 19.48
CA LEU S 1338 15.97 -65.18 19.55
C LEU S 1338 16.36 -63.73 19.78
N GLU S 1339 15.80 -62.85 18.95
CA GLU S 1339 16.09 -61.43 19.00
C GLU S 1339 15.03 -60.71 19.81
N GLU S 1340 15.46 -59.76 20.64
CA GLU S 1340 14.58 -58.95 21.46
C GLU S 1340 14.87 -57.49 21.22
N ASN S 1341 13.83 -56.66 21.38
CA ASN S 1341 13.93 -55.20 21.23
C ASN S 1341 14.45 -54.83 19.84
N LYS S 1342 13.85 -55.44 18.82
CA LYS S 1342 14.28 -55.21 17.44
C LYS S 1342 13.83 -53.84 16.95
N ASP S 1343 14.76 -53.09 16.37
CA ASP S 1343 14.43 -51.80 15.79
C ASP S 1343 13.73 -51.93 14.44
N ASP S 1344 14.07 -52.97 13.68
CA ASP S 1344 13.46 -53.20 12.38
C ASP S 1344 13.63 -54.67 12.03
N ALA S 1345 12.87 -55.12 11.03
CA ALA S 1345 12.95 -56.51 10.60
C ALA S 1345 14.35 -56.84 10.07
N ASN S 1346 14.92 -55.93 9.27
CA ASN S 1346 16.27 -56.14 8.76
C ASN S 1346 17.33 -55.77 9.78
N ALA S 1347 16.96 -55.01 10.81
CA ALA S 1347 17.92 -54.60 11.82
C ALA S 1347 18.21 -55.73 12.79
N ILE S 1348 19.29 -55.57 13.55
CA ILE S 1348 19.73 -56.55 14.53
C ILE S 1348 19.12 -56.19 15.88
N GLY S 1349 18.53 -57.18 16.54
CA GLY S 1349 17.89 -56.94 17.83
C GLY S 1349 18.91 -56.54 18.89
N ARG S 1350 18.48 -55.67 19.81
CA ARG S 1350 19.36 -55.18 20.85
C ARG S 1350 19.72 -56.25 21.89
N VAL S 1351 18.87 -57.26 22.05
CA VAL S 1351 19.10 -58.34 23.01
C VAL S 1351 19.01 -59.66 22.28
N LEU S 1352 20.01 -60.51 22.49
CA LEU S 1352 20.07 -61.83 21.87
C LEU S 1352 20.05 -62.90 22.95
N LEU S 1353 19.24 -63.93 22.74
CA LEU S 1353 19.08 -65.01 23.70
C LEU S 1353 19.44 -66.34 23.04
N VAL S 1354 20.30 -67.11 23.70
CA VAL S 1354 20.63 -68.46 23.28
C VAL S 1354 20.32 -69.36 24.48
N GLY S 1355 19.13 -69.91 24.53
CA GLY S 1355 18.69 -70.60 25.74
C GLY S 1355 18.61 -69.62 26.89
N LYS S 1356 19.19 -70.01 28.02
CA LYS S 1356 19.24 -69.11 29.17
C LYS S 1356 20.26 -68.00 29.01
N TYR S 1357 21.22 -68.17 28.11
CA TYR S 1357 22.26 -67.16 27.90
C TYR S 1357 21.67 -65.92 27.24
N ARG S 1358 22.12 -64.76 27.69
CA ARG S 1358 21.66 -63.47 27.18
C ARG S 1358 22.86 -62.65 26.72
N TYR S 1359 22.77 -62.07 25.53
CA TYR S 1359 23.84 -61.26 24.97
C TYR S 1359 23.25 -59.98 24.39
N HIS S 1360 24.12 -59.03 24.09
CA HIS S 1360 23.71 -57.72 23.62
C HIS S 1360 24.10 -57.41 22.18
N ASP S 1361 25.01 -58.17 21.58
CA ASP S 1361 25.43 -57.90 20.21
C ASP S 1361 25.96 -59.20 19.61
N LEU S 1362 26.10 -59.19 18.28
CA LEU S 1362 26.56 -60.37 17.57
C LEU S 1362 27.99 -60.76 17.99
N ASP S 1363 28.87 -59.78 18.11
CA ASP S 1363 30.26 -60.08 18.48
C ASP S 1363 30.34 -60.63 19.91
N GLU S 1364 29.59 -60.04 20.84
CA GLU S 1364 29.58 -60.55 22.21
C GLU S 1364 29.09 -61.98 22.25
N LEU S 1365 27.96 -62.25 21.58
CA LEU S 1365 27.43 -63.60 21.51
C LEU S 1365 28.46 -64.56 20.93
N LEU S 1366 29.06 -64.19 19.81
CA LEU S 1366 30.05 -65.04 19.16
C LEU S 1366 31.19 -65.37 20.11
N VAL S 1367 31.87 -64.34 20.62
CA VAL S 1367 33.07 -64.55 21.42
C VAL S 1367 32.74 -65.34 22.69
N GLU S 1368 31.65 -64.99 23.37
CA GLU S 1368 31.37 -65.62 24.66
C GLU S 1368 30.83 -67.04 24.51
N TYR S 1369 30.06 -67.34 23.46
CA TYR S 1369 29.42 -68.64 23.33
C TYR S 1369 30.17 -69.56 22.37
N VAL S 1370 30.35 -69.14 21.11
CA VAL S 1370 30.84 -70.04 20.08
C VAL S 1370 32.31 -70.39 20.33
N ASN S 1371 33.13 -69.39 20.68
CA ASN S 1371 34.54 -69.65 20.92
C ASN S 1371 34.73 -70.59 22.11
N ASN S 1372 33.98 -70.36 23.19
CA ASN S 1372 34.08 -71.24 24.35
C ASN S 1372 33.61 -72.65 24.02
N VAL S 1373 32.52 -72.78 23.26
CA VAL S 1373 32.05 -74.11 22.87
C VAL S 1373 33.10 -74.82 22.02
N ALA S 1374 33.71 -74.10 21.09
CA ALA S 1374 34.74 -74.70 20.24
C ALA S 1374 35.95 -75.12 21.06
N ASN S 1375 36.35 -74.29 22.04
CA ASN S 1375 37.46 -74.65 22.90
C ASN S 1375 37.16 -75.91 23.71
N LYS S 1376 35.94 -76.00 24.25
CA LYS S 1376 35.57 -77.20 25.00
C LYS S 1376 35.51 -78.42 24.09
N VAL S 1377 35.05 -78.25 22.85
CA VAL S 1377 35.03 -79.36 21.90
C VAL S 1377 36.45 -79.82 21.59
N GLU S 1378 37.37 -78.89 21.39
CA GLU S 1378 38.76 -79.26 21.16
C GLU S 1378 39.35 -79.97 22.37
N LEU S 1379 39.03 -79.49 23.58
CA LEU S 1379 39.51 -80.16 24.79
C LEU S 1379 38.97 -81.58 24.89
N MET S 1380 37.70 -81.78 24.52
CA MET S 1380 37.15 -83.12 24.49
C MET S 1380 37.86 -83.99 23.45
N VAL S 1381 38.13 -83.43 22.27
CA VAL S 1381 38.83 -84.18 21.23
C VAL S 1381 40.26 -84.49 21.66
N SER S 1382 40.96 -83.50 22.21
CA SER S 1382 42.32 -83.72 22.67
C SER S 1382 42.40 -84.59 23.91
N HIS S 1383 41.27 -84.88 24.55
CA HIS S 1383 41.27 -85.74 25.73
C HIS S 1383 41.65 -87.17 25.35
N ASP S 1384 42.26 -87.87 26.32
CA ASP S 1384 42.78 -89.21 26.04
C ASP S 1384 41.65 -90.22 25.80
N LYS S 1385 40.46 -89.96 26.33
CA LYS S 1385 39.33 -90.88 26.24
C LYS S 1385 38.35 -90.49 25.15
N PHE S 1386 38.83 -90.01 24.01
CA PHE S 1386 37.98 -89.55 22.93
C PHE S 1386 38.18 -90.40 21.68
N MET S 1387 37.10 -90.58 20.92
CA MET S 1387 37.14 -91.30 19.65
C MET S 1387 36.08 -90.69 18.73
N SER S 1388 36.52 -90.13 17.61
CA SER S 1388 35.62 -89.44 16.69
C SER S 1388 34.99 -90.36 15.66
N ASP S 1389 35.30 -91.66 15.68
CA ASP S 1389 34.78 -92.57 14.67
C ASP S 1389 33.29 -92.83 14.89
N SER S 1390 32.74 -93.71 14.04
CA SER S 1390 31.32 -93.99 14.06
C SER S 1390 30.92 -94.67 15.37
N LEU S 1391 29.64 -94.54 15.71
CA LEU S 1391 29.14 -95.07 16.98
C LEU S 1391 29.27 -96.58 17.05
N ASP S 1392 28.99 -97.28 15.95
CA ASP S 1392 29.11 -98.73 15.94
C ASP S 1392 30.56 -99.16 16.15
N TYR S 1393 31.50 -98.47 15.50
CA TYR S 1393 32.91 -98.79 15.69
C TYR S 1393 33.34 -98.49 17.12
N VAL S 1394 32.82 -97.41 17.70
CA VAL S 1394 33.11 -97.11 19.10
C VAL S 1394 32.60 -98.22 20.01
N LYS S 1395 31.38 -98.70 19.76
CA LYS S 1395 30.83 -99.79 20.55
C LYS S 1395 31.68 -101.06 20.42
N GLU S 1396 32.10 -101.37 19.19
CA GLU S 1396 32.93 -102.56 18.99
C GLU S 1396 34.27 -102.44 19.71
N TRP S 1397 34.90 -101.27 19.61
CA TRP S 1397 36.17 -101.07 20.30
C TRP S 1397 36.00 -101.17 21.81
N LEU S 1398 34.92 -100.58 22.35
CA LEU S 1398 34.67 -100.66 23.78
C LEU S 1398 34.44 -102.10 24.22
N GLU S 1399 33.69 -102.87 23.43
CA GLU S 1399 33.46 -104.28 23.75
C GLU S 1399 34.78 -105.05 23.77
N ARG S 1400 35.62 -104.84 22.74
CA ARG S 1400 36.90 -105.54 22.68
C ARG S 1400 37.80 -105.16 23.85
N TYR S 1401 37.88 -103.87 24.17
CA TYR S 1401 38.75 -103.42 25.25
C TYR S 1401 38.26 -103.92 26.60
N SER S 1402 36.93 -103.94 26.81
CA SER S 1402 36.39 -104.48 28.05
C SER S 1402 36.64 -105.97 28.17
N LYS S 1403 36.49 -106.72 27.07
CA LYS S 1403 36.77 -108.14 27.10
C LYS S 1403 38.24 -108.41 27.41
N ALA S 1404 39.13 -107.62 26.82
CA ALA S 1404 40.56 -107.81 27.08
C ALA S 1404 40.95 -107.36 28.49
N ASN S 1405 40.28 -106.34 29.02
CA ASN S 1405 40.64 -105.77 30.30
C ASN S 1405 39.48 -105.84 31.30
N GLY S 1406 38.85 -107.00 31.41
CA GLY S 1406 37.67 -107.17 32.24
C GLY S 1406 37.83 -106.87 33.72
N ASN S 1407 39.03 -106.48 34.14
CA ASN S 1407 39.28 -106.13 35.54
C ASN S 1407 38.94 -104.68 35.85
N ARG S 1408 38.61 -103.87 34.85
CA ARG S 1408 38.31 -102.46 35.07
C ARG S 1408 37.15 -102.04 34.19
N SER S 1409 36.52 -100.92 34.57
CA SER S 1409 35.44 -100.33 33.79
C SER S 1409 36.02 -99.27 32.86
N HIS S 1410 35.60 -99.30 31.60
CA HIS S 1410 36.15 -98.44 30.57
C HIS S 1410 35.06 -97.52 30.02
N TYR S 1411 35.39 -96.24 29.89
CA TYR S 1411 34.47 -95.24 29.35
C TYR S 1411 35.18 -94.44 28.28
N ILE S 1412 34.46 -94.13 27.19
CA ILE S 1412 35.01 -93.37 26.08
C ILE S 1412 33.95 -92.37 25.61
N PHE S 1413 34.42 -91.33 24.93
CA PHE S 1413 33.57 -90.26 24.41
C PHE S 1413 33.59 -90.29 22.88
N THR S 1414 32.47 -89.92 22.28
CA THR S 1414 32.36 -89.90 20.82
C THR S 1414 31.41 -88.79 20.40
N PHE S 1415 31.46 -88.47 19.10
CA PHE S 1415 30.60 -87.44 18.55
C PHE S 1415 29.14 -87.88 18.54
N ASN S 1416 28.24 -86.93 18.79
CA ASN S 1416 26.80 -87.15 18.67
C ASN S 1416 26.40 -86.66 17.28
N ARG S 1417 26.47 -87.57 16.30
CA ARG S 1417 26.22 -87.18 14.91
C ARG S 1417 24.76 -86.80 14.69
N LYS S 1418 23.84 -87.40 15.43
CA LYS S 1418 22.43 -87.05 15.29
C LYS S 1418 22.11 -85.69 15.91
N ALA S 1419 22.72 -85.37 17.05
CA ALA S 1419 22.47 -84.11 17.77
C ALA S 1419 23.78 -83.32 17.79
N PRO S 1420 23.95 -82.36 16.88
CA PRO S 1420 25.18 -81.57 16.86
C PRO S 1420 25.36 -80.78 18.15
N GLY S 1421 26.62 -80.58 18.54
CA GLY S 1421 26.93 -79.91 19.78
C GLY S 1421 26.86 -80.78 21.02
N TRP S 1422 26.65 -82.07 20.87
CA TRP S 1422 26.56 -83.01 21.98
C TRP S 1422 27.64 -84.07 21.84
N PHE S 1423 27.75 -84.91 22.88
CA PHE S 1423 28.68 -86.03 22.87
C PHE S 1423 28.03 -87.22 23.55
N PHE S 1424 28.38 -88.41 23.08
CA PHE S 1424 27.91 -89.66 23.66
C PHE S 1424 29.02 -90.25 24.54
N LEU S 1425 28.69 -90.46 25.81
CA LEU S 1425 29.60 -91.08 26.76
C LEU S 1425 29.20 -92.54 26.93
N LEU S 1426 29.99 -93.44 26.33
CA LEU S 1426 29.74 -94.87 26.40
C LEU S 1426 30.67 -95.49 27.42
N PHE S 1427 30.11 -96.15 28.43
CA PHE S 1427 30.88 -96.81 29.47
C PHE S 1427 30.38 -98.23 29.64
N LYS S 1428 31.31 -99.15 29.88
CA LYS S 1428 31.00 -100.56 30.09
C LYS S 1428 31.69 -101.02 31.36
N LEU S 1429 30.89 -101.36 32.38
CA LEU S 1429 31.46 -101.71 33.68
C LEU S 1429 32.31 -102.99 33.58
N ASN S 1430 31.83 -103.98 32.86
CA ASN S 1430 32.54 -105.25 32.71
C ASN S 1430 32.05 -105.90 31.43
N PRO S 1431 32.75 -106.95 30.94
CA PRO S 1431 32.28 -107.61 29.71
C PRO S 1431 30.84 -108.10 29.79
N THR S 1432 30.36 -108.47 30.99
CA THR S 1432 29.00 -108.93 31.14
C THR S 1432 27.99 -107.78 31.25
N SER S 1433 28.45 -106.55 31.47
CA SER S 1433 27.56 -105.41 31.60
C SER S 1433 27.30 -104.77 30.25
N GLU S 1434 26.05 -104.37 30.02
CA GLU S 1434 25.69 -103.74 28.77
C GLU S 1434 26.31 -102.35 28.65
N ILE S 1435 26.61 -101.96 27.42
CA ILE S 1435 27.16 -100.64 27.16
C ILE S 1435 26.07 -99.59 27.36
N LYS S 1436 26.30 -98.65 28.28
CA LYS S 1436 25.36 -97.58 28.58
C LYS S 1436 25.89 -96.28 28.03
N ILE S 1437 25.03 -95.54 27.32
CA ILE S 1437 25.40 -94.31 26.63
C ILE S 1437 24.74 -93.14 27.34
N TRP S 1438 25.53 -92.12 27.68
CA TRP S 1438 25.02 -90.93 28.33
C TRP S 1438 25.27 -89.71 27.44
N ASN S 1439 24.40 -88.71 27.59
CA ASN S 1439 24.42 -87.53 26.74
C ASN S 1439 25.16 -86.39 27.43
N VAL S 1440 26.11 -85.79 26.71
CA VAL S 1440 26.91 -84.69 27.21
C VAL S 1440 26.77 -83.52 26.24
N LYS S 1441 26.45 -82.34 26.77
CA LYS S 1441 26.26 -81.15 25.95
C LYS S 1441 27.48 -80.23 26.08
N ALA S 1442 27.94 -79.71 24.95
CA ALA S 1442 29.09 -78.81 24.93
C ALA S 1442 28.60 -77.39 25.20
N LEU S 1443 28.78 -76.94 26.43
CA LEU S 1443 28.38 -75.61 26.86
C LEU S 1443 29.60 -74.69 26.95
N PRO S 1444 29.39 -73.37 26.90
CA PRO S 1444 30.53 -72.45 27.04
C PRO S 1444 31.29 -72.61 28.34
N ASP S 1445 30.61 -72.90 29.44
CA ASP S 1445 31.26 -73.06 30.73
C ASP S 1445 31.76 -74.48 30.98
N GLY S 1446 31.50 -75.41 30.06
CA GLY S 1446 32.00 -76.76 30.22
C GLY S 1446 31.14 -77.82 29.56
N TYR S 1447 30.93 -78.94 30.25
CA TYR S 1447 30.20 -80.07 29.71
C TYR S 1447 29.07 -80.41 30.67
N LEU S 1448 27.85 -80.56 30.13
CA LEU S 1448 26.68 -80.87 30.95
C LEU S 1448 26.39 -82.36 30.87
N LEU S 1449 26.60 -83.07 31.98
CA LEU S 1449 26.29 -84.49 32.08
C LEU S 1449 25.50 -84.72 33.36
N ALA S 1450 24.36 -85.40 33.22
CA ALA S 1450 23.47 -85.67 34.36
C ALA S 1450 23.09 -84.37 35.08
N ASN S 1451 22.78 -83.34 34.30
CA ASN S 1451 22.40 -82.02 34.81
C ASN S 1451 23.50 -81.40 35.68
N ASN S 1452 24.76 -81.76 35.44
CA ASN S 1452 25.90 -81.23 36.18
C ASN S 1452 26.90 -80.63 35.20
N VAL S 1453 27.41 -79.45 35.52
CA VAL S 1453 28.34 -78.73 34.67
C VAL S 1453 29.76 -78.99 35.16
N TYR S 1454 30.60 -79.54 34.28
CA TYR S 1454 31.99 -79.83 34.61
C TYR S 1454 32.91 -78.93 33.80
N PRO S 1455 33.77 -78.15 34.47
CA PRO S 1455 34.57 -77.15 33.73
C PRO S 1455 35.51 -77.76 32.71
N ASP S 1456 36.06 -78.95 32.96
CA ASP S 1456 37.06 -79.53 32.08
C ASP S 1456 36.77 -81.01 31.90
N THR S 1457 37.48 -81.62 30.94
CA THR S 1457 37.28 -83.03 30.64
C THR S 1457 37.67 -83.92 31.81
N ASN S 1458 38.79 -83.59 32.48
CA ASN S 1458 39.20 -84.36 33.65
C ASN S 1458 38.19 -84.24 34.79
N SER S 1459 37.65 -83.04 35.00
CA SER S 1459 36.59 -82.88 35.99
C SER S 1459 35.35 -83.67 35.60
N LEU S 1460 35.03 -83.70 34.30
CA LEU S 1460 33.91 -84.49 33.83
C LEU S 1460 34.13 -85.98 34.11
N CYS S 1461 35.34 -86.47 33.87
CA CYS S 1461 35.65 -87.87 34.13
C CYS S 1461 35.55 -88.19 35.61
N ASN S 1462 36.08 -87.31 36.46
CA ASN S 1462 35.99 -87.52 37.90
C ASN S 1462 34.53 -87.51 38.37
N GLY S 1463 33.72 -86.60 37.84
CA GLY S 1463 32.31 -86.57 38.18
C GLY S 1463 31.58 -87.81 37.72
N PHE S 1464 31.91 -88.31 36.53
CA PHE S 1464 31.29 -89.54 36.04
C PHE S 1464 31.66 -90.72 36.92
N LYS S 1465 32.92 -90.83 37.33
CA LYS S 1465 33.33 -91.90 38.23
C LYS S 1465 32.63 -91.79 39.58
N THR S 1466 32.52 -90.57 40.11
CA THR S 1466 31.83 -90.38 41.39
C THR S 1466 30.35 -90.73 41.27
N LEU S 1467 29.72 -90.36 40.16
CA LEU S 1467 28.32 -90.71 39.94
C LEU S 1467 28.14 -92.22 39.86
N MET S 1468 29.05 -92.91 39.16
CA MET S 1468 28.96 -94.36 39.08
C MET S 1468 29.15 -95.00 40.46
N SER S 1469 30.09 -94.48 41.25
CA SER S 1469 30.30 -95.01 42.60
C SER S 1469 29.08 -94.79 43.49
N SER S 1470 28.48 -93.60 43.42
CA SER S 1470 27.31 -93.30 44.25
C SER S 1470 26.11 -94.14 43.83
N ARG S 1471 25.90 -94.31 42.52
CA ARG S 1471 24.77 -95.09 42.06
C ARG S 1471 24.98 -96.58 42.28
N ARG S 1472 26.22 -97.02 42.42
CA ARG S 1472 26.54 -98.42 42.69
C ARG S 1472 26.22 -98.78 44.14
N LEU T 155 16.07 -8.83 -85.07
CA LEU T 155 15.89 -8.46 -83.67
C LEU T 155 14.41 -8.18 -83.38
N GLU T 156 13.95 -7.00 -83.79
CA GLU T 156 12.54 -6.66 -83.62
C GLU T 156 11.66 -7.56 -84.49
N GLN T 157 12.14 -7.91 -85.68
CA GLN T 157 11.37 -8.81 -86.54
C GLN T 157 11.28 -10.21 -85.96
N MET T 158 12.35 -10.67 -85.29
CA MET T 158 12.28 -11.94 -84.59
C MET T 158 11.24 -11.91 -83.48
N GLN T 159 11.19 -10.81 -82.73
CA GLN T 159 10.18 -10.66 -81.70
C GLN T 159 8.78 -10.64 -82.29
N ASP T 160 8.62 -9.97 -83.44
CA ASP T 160 7.32 -9.97 -84.11
C ASP T 160 6.91 -11.37 -84.54
N GLU T 161 7.86 -12.14 -85.08
CA GLU T 161 7.56 -13.52 -85.47
C GLU T 161 7.16 -14.36 -84.26
N LEU T 162 7.89 -14.22 -83.15
CA LEU T 162 7.57 -14.98 -81.95
C LEU T 162 6.19 -14.58 -81.42
N ILE T 163 5.87 -13.29 -81.47
CA ILE T 163 4.58 -12.82 -80.97
C ILE T 163 3.45 -13.32 -81.88
N GLN T 164 3.69 -13.38 -83.19
CA GLN T 164 2.69 -13.94 -84.09
C GLN T 164 2.48 -15.43 -83.81
N GLN T 165 3.56 -16.16 -83.53
CA GLN T 165 3.41 -17.56 -83.15
C GLN T 165 2.61 -17.69 -81.86
N LEU T 166 2.87 -16.82 -80.89
CA LEU T 166 2.09 -16.80 -79.66
C LEU T 166 0.62 -16.49 -79.95
N LYS T 167 0.35 -15.59 -80.89
CA LYS T 167 -1.01 -15.26 -81.27
C LYS T 167 -1.72 -16.48 -81.84
N LEU T 168 -1.04 -17.21 -82.74
CA LEU T 168 -1.62 -18.42 -83.30
C LEU T 168 -1.87 -19.46 -82.23
N GLN T 169 -0.93 -19.64 -81.32
CA GLN T 169 -1.11 -20.60 -80.22
C GLN T 169 -2.29 -20.21 -79.34
N MET T 170 -2.43 -18.92 -79.04
CA MET T 170 -3.53 -18.47 -78.20
C MET T 170 -4.88 -18.68 -78.88
N GLU T 171 -4.97 -18.37 -80.18
CA GLU T 171 -6.22 -18.61 -80.90
C GLU T 171 -6.55 -20.09 -80.95
N GLU T 172 -5.54 -20.93 -81.21
CA GLU T 172 -5.78 -22.37 -81.25
C GLU T 172 -6.22 -22.91 -79.89
N SER T 173 -5.60 -22.42 -78.82
CA SER T 173 -5.97 -22.85 -77.48
C SER T 173 -7.39 -22.41 -77.14
N ALA T 174 -7.77 -21.19 -77.52
CA ALA T 174 -9.13 -20.73 -77.29
C ALA T 174 -10.13 -21.58 -78.04
N ILE T 175 -9.84 -21.92 -79.30
CA ILE T 175 -10.73 -22.77 -80.08
C ILE T 175 -10.85 -24.15 -79.44
N ARG T 176 -9.72 -24.72 -79.01
CA ARG T 176 -9.73 -26.04 -78.40
C ARG T 176 -10.54 -26.04 -77.09
N ASP T 177 -10.36 -25.00 -76.27
CA ASP T 177 -11.10 -24.92 -75.02
C ASP T 177 -12.59 -24.74 -75.27
N ALA T 178 -12.96 -23.92 -76.26
CA ALA T 178 -14.36 -23.77 -76.61
C ALA T 178 -14.96 -25.09 -77.06
N ASN T 179 -14.23 -25.84 -77.89
CA ASN T 179 -14.73 -27.15 -78.32
C ASN T 179 -14.86 -28.11 -77.14
N ASN T 180 -13.86 -28.11 -76.24
CA ASN T 180 -13.90 -29.01 -75.09
C ASN T 180 -15.09 -28.69 -74.20
N ILE T 181 -15.38 -27.41 -73.99
CA ILE T 181 -16.57 -27.04 -73.23
C ILE T 181 -17.82 -27.48 -73.97
N GLU T 182 -17.85 -27.32 -75.30
CA GLU T 182 -18.95 -27.85 -76.09
C GLU T 182 -18.99 -29.37 -76.08
N GLN T 183 -17.86 -30.02 -75.80
CA GLN T 183 -17.81 -31.48 -75.69
C GLN T 183 -17.95 -31.96 -74.26
N GLY T 184 -18.32 -31.09 -73.33
CA GLY T 184 -18.49 -31.50 -71.96
C GLY T 184 -17.21 -31.64 -71.17
N LYS T 185 -16.17 -30.90 -71.54
CA LYS T 185 -14.90 -30.97 -70.84
C LYS T 185 -14.46 -29.57 -70.40
N PRO T 186 -13.76 -29.46 -69.29
CA PRO T 186 -13.34 -28.13 -68.80
C PRO T 186 -12.30 -27.50 -69.71
N ALA T 187 -12.23 -26.17 -69.66
CA ALA T 187 -11.25 -25.42 -70.43
C ALA T 187 -9.91 -25.47 -69.69
N ILE T 188 -8.93 -26.15 -70.29
CA ILE T 188 -7.65 -26.39 -69.64
C ILE T 188 -6.52 -25.80 -70.47
N PHE T 189 -6.72 -25.71 -71.79
CA PHE T 189 -5.67 -25.24 -72.67
C PHE T 189 -5.30 -23.79 -72.38
N LYS T 190 -6.29 -22.96 -72.08
CA LYS T 190 -5.99 -21.57 -71.72
C LYS T 190 -5.14 -21.51 -70.46
N LEU T 191 -5.47 -22.34 -69.47
CA LEU T 191 -4.66 -22.39 -68.25
C LEU T 191 -3.25 -22.87 -68.55
N LYS T 192 -3.12 -23.85 -69.45
CA LYS T 192 -1.79 -24.36 -69.82
C LYS T 192 -0.96 -23.27 -70.48
N LEU T 193 -1.58 -22.48 -71.36
CA LEU T 193 -0.83 -21.44 -72.07
C LEU T 193 -0.64 -20.18 -71.22
N LEU T 194 -1.39 -20.03 -70.13
CA LEU T 194 -1.30 -18.82 -69.32
C LEU T 194 0.11 -18.48 -68.84
N PRO T 195 0.93 -19.42 -68.36
CA PRO T 195 2.28 -19.01 -67.88
C PRO T 195 3.13 -18.36 -68.95
N LYS T 196 3.17 -18.92 -70.17
CA LYS T 196 3.99 -18.34 -71.23
C LYS T 196 3.47 -16.97 -71.64
N VAL T 197 2.15 -16.83 -71.75
CA VAL T 197 1.57 -15.53 -72.08
C VAL T 197 1.88 -14.50 -71.02
N LYS T 198 1.81 -14.90 -69.74
CA LYS T 198 2.15 -14.00 -68.66
C LYS T 198 3.61 -13.58 -68.74
N ASP T 199 4.51 -14.53 -68.97
CA ASP T 199 5.93 -14.20 -69.07
C ASP T 199 6.21 -13.27 -70.23
N ILE T 200 5.57 -13.49 -71.38
CA ILE T 200 5.76 -12.62 -72.53
C ILE T 200 5.22 -11.22 -72.24
N LEU T 201 4.03 -11.14 -71.65
CA LEU T 201 3.40 -9.83 -71.42
C LEU T 201 4.15 -9.02 -70.37
N LEU T 202 4.68 -9.69 -69.35
CA LEU T 202 5.41 -8.98 -68.31
C LEU T 202 6.68 -8.33 -68.83
N ARG T 203 7.22 -8.79 -69.97
CA ARG T 203 8.41 -8.21 -70.55
C ARG T 203 8.05 -6.89 -71.21
N ALA T 204 8.59 -5.79 -70.69
CA ALA T 204 8.17 -4.46 -71.12
C ALA T 204 8.65 -4.14 -72.53
N ASN T 205 9.90 -4.50 -72.86
CA ASN T 205 10.46 -4.11 -74.14
C ASN T 205 9.76 -4.76 -75.33
N LEU T 206 8.96 -5.80 -75.09
CA LEU T 206 8.21 -6.44 -76.16
C LEU T 206 6.86 -5.79 -76.41
N ALA T 207 6.52 -4.75 -75.66
CA ALA T 207 5.21 -4.11 -75.81
C ALA T 207 5.06 -3.50 -77.20
N ASP T 208 6.13 -2.89 -77.71
CA ASP T 208 6.08 -2.29 -79.04
C ASP T 208 5.79 -3.34 -80.11
N SER T 209 6.45 -4.49 -80.00
CA SER T 209 6.20 -5.57 -80.96
C SER T 209 4.79 -6.15 -80.79
N ILE T 210 4.31 -6.23 -79.56
CA ILE T 210 2.94 -6.68 -79.31
C ILE T 210 1.95 -5.76 -80.02
N LEU T 211 2.15 -4.45 -79.87
CA LEU T 211 1.28 -3.48 -80.52
C LEU T 211 1.45 -3.50 -82.04
N ASP T 212 2.64 -3.85 -82.53
CA ASP T 212 2.83 -4.03 -83.97
C ASP T 212 2.02 -5.21 -84.49
N ASN T 213 1.98 -6.30 -83.73
CA ASN T 213 1.28 -7.51 -84.15
C ASN T 213 -0.17 -7.54 -83.71
N ASN T 214 -0.64 -6.54 -82.97
CA ASN T 214 -2.04 -6.44 -82.53
C ASN T 214 -2.47 -7.69 -81.77
N LEU T 215 -1.66 -8.10 -80.79
CA LEU T 215 -2.00 -9.25 -79.96
C LEU T 215 -3.23 -8.97 -79.10
N LEU T 216 -3.59 -7.69 -78.95
CA LEU T 216 -4.78 -7.35 -78.19
C LEU T 216 -6.04 -7.95 -78.79
N ALA T 217 -6.03 -8.25 -80.08
CA ALA T 217 -7.16 -8.94 -80.69
C ALA T 217 -7.36 -10.33 -80.06
N SER T 218 -6.27 -11.08 -79.91
CA SER T 218 -6.36 -12.37 -79.24
C SER T 218 -6.64 -12.21 -77.75
N VAL T 219 -6.13 -11.14 -77.14
CA VAL T 219 -6.46 -10.87 -75.74
C VAL T 219 -7.96 -10.70 -75.57
N ARG T 220 -8.58 -9.91 -76.45
CA ARG T 220 -10.02 -9.73 -76.42
C ARG T 220 -10.76 -11.03 -76.73
N LEU T 221 -10.23 -11.83 -77.66
CA LEU T 221 -10.85 -13.12 -77.95
C LEU T 221 -10.87 -14.02 -76.72
N TRP T 222 -9.77 -14.06 -75.97
CA TRP T 222 -9.78 -14.80 -74.70
C TRP T 222 -10.73 -14.18 -73.70
N LEU T 223 -10.79 -12.84 -73.63
CA LEU T 223 -11.68 -12.18 -72.68
C LEU T 223 -13.14 -12.29 -73.10
N GLU T 224 -13.42 -12.57 -74.37
CA GLU T 224 -14.80 -12.67 -74.81
C GLU T 224 -15.46 -13.89 -74.17
N PRO T 225 -16.58 -13.72 -73.47
CA PRO T 225 -17.24 -14.87 -72.87
C PRO T 225 -17.70 -15.87 -73.92
N LEU T 226 -17.60 -17.16 -73.58
CA LEU T 226 -17.98 -18.21 -74.50
C LEU T 226 -19.50 -18.25 -74.66
N PRO T 227 -20.00 -18.86 -75.73
CA PRO T 227 -21.46 -18.85 -75.98
C PRO T 227 -22.28 -19.50 -74.89
N ASP T 228 -21.69 -20.33 -74.03
CA ASP T 228 -22.41 -20.95 -72.93
C ASP T 228 -22.69 -19.98 -71.78
N ALA T 229 -22.43 -18.69 -71.97
CA ALA T 229 -22.57 -17.68 -70.92
C ALA T 229 -21.73 -18.02 -69.69
N SER T 230 -20.52 -18.52 -69.91
CA SER T 230 -19.57 -18.83 -68.85
C SER T 230 -18.37 -17.89 -68.97
N LEU T 231 -18.04 -17.22 -67.88
CA LEU T 231 -16.92 -16.29 -67.89
C LEU T 231 -15.59 -17.05 -67.87
N PRO T 232 -14.53 -16.43 -68.37
CA PRO T 232 -13.21 -17.08 -68.33
C PRO T 232 -12.70 -17.23 -66.91
N ALA T 233 -11.65 -18.03 -66.77
CA ALA T 233 -11.08 -18.30 -65.46
C ALA T 233 -10.53 -17.01 -64.85
N TYR T 234 -10.67 -16.91 -63.53
CA TYR T 234 -10.29 -15.67 -62.84
C TYR T 234 -8.81 -15.36 -63.02
N GLN T 235 -7.97 -16.39 -63.10
CA GLN T 235 -6.54 -16.17 -63.33
C GLN T 235 -6.31 -15.48 -64.67
N ILE T 236 -7.01 -15.92 -65.72
CA ILE T 236 -6.85 -15.32 -67.03
C ILE T 236 -7.29 -13.87 -67.01
N GLN T 237 -8.43 -13.59 -66.38
CA GLN T 237 -8.91 -12.21 -66.31
C GLN T 237 -7.94 -11.32 -65.55
N LYS T 238 -7.44 -11.81 -64.41
CA LYS T 238 -6.51 -11.02 -63.62
C LYS T 238 -5.21 -10.76 -64.37
N VAL T 239 -4.66 -11.78 -65.01
CA VAL T 239 -3.40 -11.61 -65.74
C VAL T 239 -3.58 -10.66 -66.92
N LEU T 240 -4.70 -10.79 -67.65
CA LEU T 240 -4.93 -9.91 -68.78
C LEU T 240 -5.15 -8.46 -68.33
N PHE T 241 -5.87 -8.26 -67.23
CA PHE T 241 -6.05 -6.91 -66.70
C PHE T 241 -4.70 -6.31 -66.28
N ASP T 242 -3.86 -7.09 -65.62
CA ASP T 242 -2.55 -6.60 -65.22
C ASP T 242 -1.71 -6.24 -66.43
N ALA T 243 -1.75 -7.08 -67.48
CA ALA T 243 -1.01 -6.79 -68.70
C ALA T 243 -1.52 -5.53 -69.38
N ILE T 244 -2.84 -5.36 -69.41
CA ILE T 244 -3.43 -4.16 -70.01
C ILE T 244 -2.98 -2.92 -69.25
N LYS T 245 -2.97 -2.99 -67.93
CA LYS T 245 -2.45 -1.87 -67.14
C LYS T 245 -0.98 -1.63 -67.44
N SER T 246 -0.20 -2.69 -67.61
CA SER T 246 1.24 -2.59 -67.77
C SER T 246 1.66 -2.07 -69.14
N LEU T 247 0.75 -1.98 -70.10
CA LEU T 247 1.17 -1.54 -71.42
C LEU T 247 0.54 -0.20 -71.77
N PRO T 248 1.24 0.65 -72.54
CA PRO T 248 0.68 1.95 -72.97
C PRO T 248 -0.28 1.83 -74.15
N ILE T 249 -1.53 1.52 -73.82
CA ILE T 249 -2.56 1.35 -74.84
C ILE T 249 -3.03 2.72 -75.32
N LYS T 250 -3.03 2.91 -76.64
CA LYS T 250 -3.48 4.14 -77.27
C LYS T 250 -4.80 3.93 -77.98
N THR T 251 -5.34 5.03 -78.53
CA THR T 251 -6.59 4.97 -79.25
C THR T 251 -6.48 4.11 -80.50
N SER T 252 -5.34 4.20 -81.19
CA SER T 252 -5.13 3.40 -82.39
C SER T 252 -5.16 1.91 -82.08
N HIS T 253 -4.51 1.51 -80.98
CA HIS T 253 -4.51 0.10 -80.59
C HIS T 253 -5.91 -0.38 -80.24
N LEU T 254 -6.68 0.45 -79.53
CA LEU T 254 -8.06 0.09 -79.22
C LEU T 254 -8.89 -0.04 -80.49
N ARG T 255 -8.68 0.86 -81.44
CA ARG T 255 -9.39 0.77 -82.73
C ARG T 255 -9.03 -0.53 -83.45
N GLU T 256 -7.75 -0.89 -83.44
CA GLU T 256 -7.34 -2.15 -84.08
C GLU T 256 -7.96 -3.35 -83.38
N SER T 257 -8.00 -3.34 -82.05
CA SER T 257 -8.45 -4.50 -81.31
C SER T 257 -9.94 -4.46 -80.97
N GLY T 258 -10.50 -3.29 -80.73
CA GLY T 258 -11.88 -3.21 -80.28
C GLY T 258 -12.12 -3.78 -78.90
N LEU T 259 -11.17 -3.58 -77.99
CA LEU T 259 -11.29 -4.12 -76.63
C LEU T 259 -12.26 -3.31 -75.78
N GLY T 260 -12.63 -2.11 -76.22
CA GLY T 260 -13.53 -1.29 -75.43
C GLY T 260 -14.88 -1.93 -75.20
N LYS T 261 -15.37 -2.69 -76.19
CA LYS T 261 -16.65 -3.37 -76.04
C LYS T 261 -16.59 -4.39 -74.90
N VAL T 262 -15.54 -5.21 -74.87
CA VAL T 262 -15.40 -6.20 -73.81
C VAL T 262 -15.16 -5.52 -72.47
N MET T 263 -14.43 -4.41 -72.47
CA MET T 263 -14.21 -3.67 -71.22
C MET T 263 -15.53 -3.14 -70.67
N VAL T 264 -16.38 -2.60 -71.55
CA VAL T 264 -17.70 -2.12 -71.12
C VAL T 264 -18.55 -3.26 -70.61
N PHE T 265 -18.50 -4.41 -71.29
CA PHE T 265 -19.24 -5.58 -70.83
C PHE T 265 -18.78 -6.00 -69.44
N TYR T 266 -17.46 -6.03 -69.20
CA TYR T 266 -16.94 -6.37 -67.89
C TYR T 266 -17.40 -5.36 -66.84
N GLN T 267 -17.39 -4.07 -67.20
CA GLN T 267 -17.83 -3.03 -66.28
C GLN T 267 -19.29 -3.20 -65.90
N LYS T 268 -20.14 -3.51 -66.88
CA LYS T 268 -21.57 -3.62 -66.63
C LYS T 268 -21.94 -4.92 -65.93
N SER T 269 -21.17 -5.98 -66.16
CA SER T 269 -21.51 -7.28 -65.60
C SER T 269 -21.34 -7.29 -64.08
N LYS T 270 -22.05 -8.22 -63.43
CA LYS T 270 -22.03 -8.33 -61.98
C LYS T 270 -21.33 -9.57 -61.46
N ARG T 271 -21.26 -10.64 -62.26
CA ARG T 271 -20.46 -11.80 -61.88
C ARG T 271 -18.97 -11.47 -61.86
N VAL T 272 -18.56 -10.38 -62.54
CA VAL T 272 -17.18 -9.95 -62.51
C VAL T 272 -16.82 -9.49 -61.10
N GLU T 273 -15.56 -9.71 -60.72
CA GLU T 273 -15.10 -9.31 -59.40
C GLU T 273 -15.19 -7.79 -59.26
N PRO T 274 -15.62 -7.28 -58.11
CA PRO T 274 -15.73 -5.82 -57.94
C PRO T 274 -14.42 -5.08 -58.14
N ASN T 275 -13.30 -5.68 -57.75
CA ASN T 275 -12.00 -5.07 -58.03
C ASN T 275 -11.76 -4.95 -59.53
N LEU T 276 -12.08 -6.01 -60.28
CA LEU T 276 -11.99 -5.94 -61.73
C LEU T 276 -12.95 -4.91 -62.30
N LYS T 277 -14.12 -4.76 -61.67
CA LYS T 277 -15.06 -3.73 -62.09
C LYS T 277 -14.47 -2.33 -61.94
N ARG T 278 -13.85 -2.06 -60.79
CA ARG T 278 -13.22 -0.76 -60.58
C ARG T 278 -12.07 -0.53 -61.55
N THR T 279 -11.25 -1.57 -61.78
CA THR T 279 -10.15 -1.43 -62.72
C THR T 279 -10.65 -1.17 -64.13
N ALA T 280 -11.74 -1.84 -64.52
CA ALA T 280 -12.33 -1.60 -65.83
C ALA T 280 -12.85 -0.18 -65.96
N GLU T 281 -13.51 0.33 -64.93
CA GLU T 281 -13.96 1.72 -64.96
C GLU T 281 -12.77 2.67 -65.10
N LYS T 282 -11.71 2.43 -64.33
CA LYS T 282 -10.53 3.28 -64.41
C LYS T 282 -9.90 3.25 -65.79
N LEU T 283 -9.77 2.06 -66.38
CA LEU T 283 -9.15 1.95 -67.69
C LEU T 283 -10.01 2.58 -68.78
N ILE T 284 -11.33 2.42 -68.68
CA ILE T 284 -12.23 3.05 -69.65
C ILE T 284 -12.12 4.56 -69.56
N SER T 285 -12.08 5.10 -68.34
CA SER T 285 -11.93 6.55 -68.18
C SER T 285 -10.59 7.02 -68.75
N ASP T 286 -9.52 6.27 -68.49
CA ASP T 286 -8.20 6.66 -69.00
C ASP T 286 -8.19 6.63 -70.52
N TRP T 287 -8.89 5.67 -71.13
CA TRP T 287 -8.90 5.58 -72.58
C TRP T 287 -9.80 6.63 -73.21
N THR T 288 -10.85 7.07 -72.50
CA THR T 288 -11.66 8.18 -72.98
C THR T 288 -10.96 9.52 -72.79
N ARG T 289 -9.98 9.59 -71.89
CA ARG T 289 -9.28 10.85 -71.64
C ARG T 289 -8.68 11.47 -72.91
N PRO T 290 -7.91 10.75 -73.73
CA PRO T 290 -7.28 11.42 -74.89
C PRO T 290 -8.28 11.88 -75.94
N ILE T 291 -9.41 11.19 -76.08
CA ILE T 291 -10.38 11.56 -77.12
C ILE T 291 -10.95 12.95 -76.87
N MET T 292 -11.28 13.25 -75.62
CA MET T 292 -11.89 14.52 -75.26
C MET T 292 -10.87 15.59 -74.90
N GLY T 293 -9.57 15.29 -75.01
CA GLY T 293 -8.54 16.26 -74.69
C GLY T 293 -7.26 15.65 -74.16
N MET U 41 50.99 52.20 44.65
CA MET U 41 49.72 51.49 44.73
C MET U 41 48.84 52.07 45.84
N SER U 42 47.64 51.50 45.98
CA SER U 42 46.73 51.93 47.03
C SER U 42 47.25 51.46 48.39
N LEU U 43 47.25 52.35 49.37
CA LEU U 43 47.77 52.03 50.68
C LEU U 43 46.87 51.00 51.38
N LEU U 44 47.50 49.99 51.97
CA LEU U 44 46.78 48.94 52.69
C LEU U 44 46.71 49.35 54.16
N ASP U 45 45.57 49.89 54.57
CA ASP U 45 45.34 50.31 55.94
C ASP U 45 43.85 50.22 56.24
N GLN U 46 43.47 50.67 57.44
CA GLN U 46 42.06 50.77 57.78
C GLN U 46 41.36 51.79 56.89
N ASP U 47 42.04 52.90 56.56
CA ASP U 47 41.44 53.92 55.72
C ASP U 47 41.10 53.40 54.33
N TYR U 48 41.82 52.37 53.86
CA TYR U 48 41.51 51.80 52.55
C TYR U 48 40.09 51.25 52.52
N TYR U 49 39.75 50.38 53.48
CA TYR U 49 38.40 49.84 53.54
C TYR U 49 37.40 50.82 54.11
N LEU U 50 37.87 51.88 54.78
CA LEU U 50 36.97 52.99 55.11
C LEU U 50 36.48 53.67 53.84
N SER U 51 37.42 54.06 52.97
CA SER U 51 37.06 54.70 51.72
C SER U 51 36.32 53.74 50.79
N ALA U 52 36.62 52.45 50.88
CA ALA U 52 35.86 51.47 50.10
C ALA U 52 34.39 51.48 50.48
N LEU U 53 34.09 51.58 51.77
CA LEU U 53 32.72 51.68 52.26
C LEU U 53 32.18 53.09 52.04
N PRO U 54 30.86 53.24 51.91
CA PRO U 54 30.28 54.57 51.81
C PRO U 54 30.46 55.36 53.11
N GLU U 55 30.41 56.69 52.97
CA GLU U 55 30.63 57.56 54.13
C GLU U 55 29.60 57.36 55.23
N ASP U 56 28.46 56.74 54.92
CA ASP U 56 27.50 56.40 55.96
C ASP U 56 28.09 55.41 56.95
N LYS U 57 28.85 54.43 56.45
CA LYS U 57 29.48 53.43 57.31
C LYS U 57 30.84 53.87 57.84
N ARG U 58 31.36 55.00 57.38
CA ARG U 58 32.67 55.47 57.83
C ARG U 58 32.58 56.21 59.16
N ALA U 59 31.83 57.30 59.20
CA ALA U 59 31.80 58.18 60.36
C ALA U 59 30.74 57.78 61.38
N GLU U 60 29.54 57.43 60.93
CA GLU U 60 28.46 57.14 61.87
C GLU U 60 28.77 55.92 62.73
N LEU U 61 29.33 54.87 62.13
CA LEU U 61 29.59 53.64 62.88
C LEU U 61 30.64 53.81 63.96
N VAL U 62 31.45 54.87 63.90
CA VAL U 62 32.53 55.08 64.86
C VAL U 62 32.30 56.34 65.68
N THR U 63 31.08 56.85 65.72
CA THR U 63 30.79 58.06 66.50
C THR U 63 31.02 57.80 67.98
N LEU U 64 31.73 58.73 68.62
CA LEU U 64 31.94 58.70 70.06
C LEU U 64 30.97 59.60 70.81
N GLN U 65 30.04 60.24 70.10
CA GLN U 65 29.02 61.08 70.69
C GLN U 65 27.65 60.47 70.44
N LEU U 66 26.85 60.38 71.50
CA LEU U 66 25.53 59.80 71.44
C LEU U 66 24.48 60.88 71.62
N THR U 67 23.51 60.93 70.71
CA THR U 67 22.43 61.92 70.76
C THR U 67 21.21 61.27 71.39
N ILE U 68 20.70 61.89 72.46
CA ILE U 68 19.60 61.34 73.24
C ILE U 68 18.47 62.36 73.30
N PRO U 69 17.32 62.09 72.67
CA PRO U 69 16.19 63.02 72.81
C PRO U 69 15.69 63.06 74.25
N LEU U 70 15.17 64.23 74.63
CA LEU U 70 14.64 64.43 75.97
C LEU U 70 13.13 64.21 75.98
N LYS U 71 12.61 63.90 77.17
CA LYS U 71 11.18 63.70 77.34
C LYS U 71 10.39 64.99 77.17
N SER U 72 11.05 66.14 77.28
CA SER U 72 10.36 67.42 77.15
C SER U 72 9.88 67.68 75.72
N GLY U 73 10.37 66.92 74.74
CA GLY U 73 9.94 67.09 73.37
C GLY U 73 11.08 67.08 72.38
N ASP U 74 11.22 68.17 71.62
CA ASP U 74 12.27 68.25 70.61
C ASP U 74 13.67 68.40 71.19
N GLU U 75 13.78 68.66 72.50
CA GLU U 75 15.09 68.83 73.12
C GLU U 75 15.87 67.52 73.09
N VAL U 76 17.16 67.62 72.76
CA VAL U 76 18.06 66.48 72.74
C VAL U 76 19.33 66.84 73.49
N VAL U 77 20.05 65.81 73.91
CA VAL U 77 21.33 65.97 74.61
C VAL U 77 22.37 65.09 73.90
N THR U 78 23.54 65.66 73.66
CA THR U 78 24.66 64.94 73.05
C THR U 78 25.76 64.79 74.09
N ILE U 79 26.15 63.55 74.36
CA ILE U 79 27.20 63.23 75.32
C ILE U 79 28.31 62.51 74.59
N ASP U 80 29.52 63.06 74.66
CA ASP U 80 30.69 62.47 74.00
C ASP U 80 31.27 61.39 74.91
N PHE U 81 31.53 60.22 74.34
CA PHE U 81 32.14 59.14 75.10
C PHE U 81 33.63 59.32 75.32
N ASN U 82 34.25 60.31 74.65
CA ASN U 82 35.64 60.62 74.96
C ASN U 82 35.79 61.10 76.40
N GLU U 83 34.85 61.90 76.88
CA GLU U 83 34.86 62.34 78.26
C GLU U 83 34.48 61.18 79.18
N ASP U 84 34.75 61.35 80.47
CA ASP U 84 34.42 60.34 81.46
C ASP U 84 32.91 60.29 81.69
N VAL U 85 32.23 59.41 80.97
CA VAL U 85 30.78 59.28 81.09
C VAL U 85 30.45 58.41 82.29
N ASP U 86 29.66 58.95 83.21
CA ASP U 86 29.22 58.18 84.37
C ASP U 86 28.07 57.26 83.98
N VAL U 87 28.14 56.01 84.42
CA VAL U 87 27.09 55.04 84.08
C VAL U 87 25.78 55.39 84.78
N SER U 88 25.85 55.69 86.07
CA SER U 88 24.63 55.92 86.85
C SER U 88 23.89 57.17 86.38
N GLN U 89 24.61 58.28 86.21
CA GLN U 89 23.96 59.51 85.77
C GLN U 89 23.37 59.38 84.38
N LEU U 90 24.11 58.76 83.46
CA LEU U 90 23.61 58.57 82.11
C LEU U 90 22.38 57.68 82.10
N CYS U 91 22.40 56.60 82.89
CA CYS U 91 21.23 55.72 82.96
C CYS U 91 20.03 56.44 83.56
N VAL U 92 20.24 57.25 84.59
CA VAL U 92 19.15 58.00 85.19
C VAL U 92 18.56 58.98 84.19
N LEU U 93 19.41 59.69 83.45
CA LEU U 93 18.93 60.63 82.44
C LEU U 93 18.17 59.91 81.35
N LEU U 94 18.68 58.77 80.88
CA LEU U 94 17.99 58.01 79.85
C LEU U 94 16.63 57.52 80.33
N GLU U 95 16.56 57.06 81.58
CA GLU U 95 15.27 56.61 82.14
C GLU U 95 14.30 57.77 82.25
N SER U 96 14.79 58.94 82.68
CA SER U 96 13.91 60.12 82.79
C SER U 96 13.37 60.53 81.42
N GLU U 97 14.24 60.55 80.40
CA GLU U 97 13.79 60.94 79.07
C GLU U 97 13.15 59.80 78.30
N ASN U 98 13.31 58.56 78.76
CA ASN U 98 12.74 57.39 78.12
C ASN U 98 13.12 57.32 76.65
N ALA U 99 14.43 57.32 76.42
CA ALA U 99 14.97 57.29 75.06
C ALA U 99 14.79 55.90 74.46
N ARG U 100 15.02 55.82 73.15
CA ARG U 100 14.87 54.56 72.43
C ARG U 100 15.91 53.55 72.93
N PRO U 101 15.55 52.26 72.95
CA PRO U 101 16.51 51.24 73.44
C PRO U 101 17.80 51.19 72.65
N ASP U 102 17.78 51.65 71.39
CA ASP U 102 19.01 51.67 70.60
C ASP U 102 20.09 52.50 71.27
N LEU U 103 19.71 53.64 71.85
CA LEU U 103 20.69 54.48 72.54
C LEU U 103 21.24 53.78 73.77
N TRP U 104 20.38 53.11 74.54
CA TRP U 104 20.83 52.36 75.71
C TRP U 104 21.85 51.29 75.32
N LEU U 105 21.52 50.50 74.29
CA LEU U 105 22.41 49.42 73.90
C LEU U 105 23.69 49.94 73.24
N SER U 106 23.61 51.06 72.53
CA SER U 106 24.82 51.66 71.97
C SER U 106 25.73 52.17 73.07
N ALA U 107 25.17 52.81 74.10
CA ALA U 107 25.98 53.21 75.24
C ALA U 107 26.59 52.01 75.94
N ALA U 108 25.83 50.92 76.05
CA ALA U 108 26.37 49.68 76.63
C ALA U 108 27.54 49.17 75.81
N LYS U 109 27.41 49.17 74.48
CA LYS U 109 28.50 48.73 73.61
C LYS U 109 29.73 49.60 73.77
N VAL U 110 29.54 50.92 73.83
CA VAL U 110 30.69 51.82 74.00
C VAL U 110 31.38 51.57 75.33
N PHE U 111 30.59 51.41 76.40
CA PHE U 111 31.19 51.12 77.70
C PHE U 111 31.87 49.75 77.71
N VAL U 112 31.40 48.83 76.88
CA VAL U 112 32.14 47.59 76.66
C VAL U 112 33.50 47.88 76.02
N SER U 113 33.52 48.77 75.03
CA SER U 113 34.78 49.17 74.41
C SER U 113 35.68 49.84 75.45
N LYS U 114 35.08 50.57 76.39
CA LYS U 114 35.84 51.16 77.50
C LYS U 114 36.29 50.13 78.52
N GLY U 115 35.82 48.89 78.42
CA GLY U 115 36.12 47.85 79.38
C GLY U 115 35.22 47.83 80.59
N ASN U 116 34.23 48.73 80.67
CA ASN U 116 33.32 48.81 81.82
C ASN U 116 32.23 47.75 81.66
N ILE U 117 32.63 46.50 81.86
CA ILE U 117 31.68 45.39 81.78
C ILE U 117 30.62 45.52 82.86
N ALA U 118 31.04 45.87 84.08
CA ALA U 118 30.07 46.13 85.14
C ALA U 118 29.17 47.30 84.79
N GLY U 119 29.74 48.36 84.20
CA GLY U 119 28.93 49.48 83.78
C GLY U 119 27.93 49.11 82.71
N SER U 120 28.36 48.29 81.74
CA SER U 120 27.43 47.85 80.70
C SER U 120 26.32 46.96 81.27
N GLN U 121 26.67 46.10 82.24
CA GLN U 121 25.64 45.29 82.89
C GLN U 121 24.65 46.18 83.64
N GLU U 122 25.15 47.23 84.31
CA GLU U 122 24.26 48.17 84.97
C GLU U 122 23.35 48.88 83.97
N ILE U 123 23.90 49.26 82.80
CA ILE U 123 23.10 49.88 81.77
C ILE U 123 21.98 48.94 81.33
N ILE U 124 22.32 47.66 81.11
CA ILE U 124 21.33 46.69 80.66
C ILE U 124 20.24 46.50 81.72
N ARG U 125 20.65 46.38 82.99
CA ARG U 125 19.69 46.16 84.06
C ARG U 125 18.75 47.35 84.22
N LYS U 126 19.30 48.56 84.22
CA LYS U 126 18.46 49.75 84.38
C LYS U 126 17.60 50.00 83.15
N ALA U 127 18.06 49.56 81.98
CA ALA U 127 17.20 49.58 80.79
C ALA U 127 16.03 48.64 80.96
N LEU U 128 16.29 47.43 81.49
CA LEU U 128 15.19 46.53 81.83
C LEU U 128 14.26 47.16 82.87
N GLN U 129 14.79 48.03 83.72
CA GLN U 129 13.97 48.78 84.66
C GLN U 129 13.32 50.00 84.03
N SER U 130 13.74 50.38 82.82
CA SER U 130 13.20 51.56 82.17
C SER U 130 11.77 51.33 81.68
N ASN U 131 11.04 52.44 81.51
CA ASN U 131 9.66 52.35 81.04
C ASN U 131 9.58 51.92 79.58
N VAL U 132 10.57 52.27 78.76
CA VAL U 132 10.51 51.97 77.34
C VAL U 132 10.49 50.46 77.11
N ILE U 133 11.40 49.73 77.75
CA ILE U 133 11.48 48.29 77.53
C ILE U 133 10.27 47.59 78.15
N LEU U 134 9.80 48.08 79.30
CA LEU U 134 8.58 47.51 79.89
C LEU U 134 7.36 47.71 78.99
N ASP U 135 7.29 48.85 78.29
CA ASP U 135 6.19 49.11 77.38
C ASP U 135 6.44 48.63 75.96
N SER U 136 7.67 48.23 75.64
CA SER U 136 7.97 47.68 74.33
C SER U 136 7.57 46.21 74.26
N SER U 137 7.78 45.61 73.09
CA SER U 137 7.50 44.19 72.92
C SER U 137 8.57 43.35 73.62
N ALA U 138 8.33 42.04 73.68
CA ALA U 138 9.30 41.14 74.28
C ALA U 138 10.57 41.03 73.45
N SER U 139 10.54 41.49 72.20
CA SER U 139 11.73 41.42 71.36
C SER U 139 12.85 42.28 71.91
N VAL U 140 12.52 43.49 72.37
CA VAL U 140 13.54 44.37 72.93
C VAL U 140 14.13 43.77 74.20
N THR U 141 13.28 43.21 75.06
CA THR U 141 13.78 42.58 76.28
C THR U 141 14.67 41.38 75.95
N SER U 142 14.30 40.62 74.92
CA SER U 142 15.14 39.50 74.49
C SER U 142 16.49 39.99 73.96
N LEU U 143 16.48 41.09 73.20
CA LEU U 143 17.73 41.65 72.70
C LEU U 143 18.62 42.11 73.85
N PHE U 144 18.04 42.72 74.88
CA PHE U 144 18.83 43.14 76.03
C PHE U 144 19.31 41.95 76.85
N HIS U 145 18.52 40.88 76.92
CA HIS U 145 18.98 39.64 77.55
C HIS U 145 20.17 39.06 76.81
N ASN U 146 20.13 39.09 75.47
CA ASN U 146 21.27 38.62 74.69
C ASN U 146 22.48 39.53 74.87
N PHE U 147 22.25 40.84 75.03
CA PHE U 147 23.35 41.75 75.33
C PHE U 147 23.99 41.40 76.68
N SER U 148 23.17 41.08 77.68
CA SER U 148 23.71 40.63 78.97
C SER U 148 24.45 39.31 78.82
N PHE U 149 23.97 38.44 77.93
CA PHE U 149 24.69 37.20 77.61
C PHE U 149 26.08 37.51 77.07
N TRP U 150 26.16 38.45 76.12
CA TRP U 150 27.46 38.86 75.60
C TRP U 150 28.32 39.47 76.68
N LEU U 151 27.70 40.20 77.62
CA LEU U 151 28.44 40.78 78.73
C LEU U 151 29.06 39.71 79.61
N SER U 152 28.29 38.65 79.91
CA SER U 152 28.83 37.54 80.67
C SER U 152 29.97 36.85 79.91
N LEU U 153 29.80 36.69 78.60
CA LEU U 153 30.86 36.10 77.79
C LEU U 153 32.13 36.93 77.85
N MET U 154 32.00 38.26 77.74
CA MET U 154 33.17 39.13 77.80
C MET U 154 33.81 39.12 79.18
N GLU U 155 32.98 39.07 80.23
CA GLU U 155 33.51 39.00 81.59
C GLU U 155 34.32 37.73 81.79
N TYR U 156 33.83 36.60 81.28
CA TYR U 156 34.60 35.37 81.35
C TYR U 156 35.88 35.46 80.52
N VAL U 157 35.78 36.03 79.32
CA VAL U 157 36.93 36.10 78.41
C VAL U 157 38.02 36.99 78.99
N SER U 158 37.64 38.15 79.53
CA SER U 158 38.64 39.09 80.03
C SER U 158 39.37 38.57 81.26
N THR U 159 38.85 37.54 81.92
CA THR U 159 39.47 37.00 83.11
C THR U 159 39.93 35.55 82.97
N ASN U 160 39.28 34.77 82.09
CA ASN U 160 39.58 33.34 81.94
C ASN U 160 39.47 32.61 83.27
N SER U 161 38.44 32.96 84.03
CA SER U 161 38.21 32.36 85.35
C SER U 161 36.72 32.46 85.65
N ARG U 162 36.31 31.74 86.69
CA ARG U 162 34.90 31.67 87.09
C ARG U 162 34.01 31.26 85.91
N GLU U 163 34.50 30.27 85.15
CA GLU U 163 33.85 29.91 83.90
C GLU U 163 32.43 29.40 84.12
N ASP U 164 32.23 28.57 85.15
CA ASP U 164 30.91 27.98 85.38
C ASP U 164 29.88 29.05 85.75
N GLN U 165 30.26 30.00 86.62
CA GLN U 165 29.30 31.01 87.07
C GLN U 165 28.86 31.90 85.91
N PHE U 166 29.83 32.44 85.16
CA PHE U 166 29.50 33.30 84.04
C PHE U 166 28.77 32.54 82.95
N LEU U 167 29.12 31.26 82.74
CA LEU U 167 28.41 30.45 81.77
C LEU U 167 26.95 30.26 82.18
N GLU U 168 26.70 30.04 83.48
CA GLU U 168 25.32 29.92 83.94
C GLU U 168 24.56 31.22 83.80
N TYR U 169 25.20 32.36 84.12
CA TYR U 169 24.53 33.66 83.95
C TYR U 169 24.16 33.87 82.49
N ALA U 170 25.11 33.60 81.59
CA ALA U 170 24.87 33.77 80.15
C ALA U 170 23.78 32.83 79.67
N SER U 171 23.78 31.59 80.17
CA SER U 171 22.76 30.63 79.77
C SER U 171 21.37 31.07 80.22
N ASN U 172 21.26 31.58 81.45
CA ASN U 172 19.97 32.06 81.93
C ASN U 172 19.49 33.25 81.10
N SER U 173 20.39 34.20 80.82
CA SER U 173 20.00 35.35 80.00
C SER U 173 19.58 34.93 78.60
N LEU U 174 20.33 33.99 78.00
CA LEU U 174 20.01 33.53 76.66
C LEU U 174 18.69 32.75 76.62
N GLN U 175 18.43 31.95 77.66
CA GLN U 175 17.17 31.23 77.74
C GLN U 175 15.99 32.19 77.89
N ALA U 176 16.17 33.23 78.72
CA ALA U 176 15.13 34.24 78.84
C ALA U 176 14.89 34.95 77.50
N SER U 177 15.97 35.27 76.78
CA SER U 177 15.83 35.91 75.48
C SER U 177 15.10 35.01 74.49
N ASN U 178 15.45 33.72 74.46
CA ASN U 178 14.81 32.79 73.54
C ASN U 178 13.33 32.63 73.87
N SER U 179 12.99 32.55 75.16
CA SER U 179 11.59 32.48 75.55
C SER U 179 10.84 33.74 75.15
N LEU U 180 11.46 34.91 75.33
CA LEU U 180 10.80 36.17 74.98
C LEU U 180 10.72 36.37 73.47
N ASP U 181 11.77 35.99 72.74
CA ASP U 181 11.77 36.12 71.28
C ASP U 181 12.67 35.03 70.72
N SER U 182 12.06 33.94 70.26
CA SER U 182 12.81 32.80 69.73
C SER U 182 13.15 32.93 68.25
N GLY U 183 12.58 33.92 67.55
CA GLY U 183 12.85 34.08 66.14
C GLY U 183 14.14 34.81 65.81
N LEU U 184 14.86 35.29 66.82
CA LEU U 184 16.09 36.04 66.60
C LEU U 184 17.25 35.09 66.37
N ILE U 185 17.94 35.25 65.23
CA ILE U 185 19.07 34.40 64.91
C ILE U 185 20.24 34.64 65.87
N LEU U 186 20.29 35.79 66.52
CA LEU U 186 21.32 36.04 67.52
C LEU U 186 21.19 35.09 68.69
N ASN U 187 19.97 34.70 69.05
CA ASN U 187 19.78 33.68 70.07
C ASN U 187 20.39 32.35 69.64
N GLY U 188 20.22 31.98 68.37
CA GLY U 188 20.85 30.77 67.87
C GLY U 188 22.36 30.85 67.88
N ILE U 189 22.91 32.02 67.53
CA ILE U 189 24.36 32.21 67.58
C ILE U 189 24.86 32.08 69.02
N GLY U 190 24.13 32.68 69.96
CA GLY U 190 24.50 32.55 71.37
C GLY U 190 24.42 31.11 71.85
N ASN U 191 23.40 30.37 71.40
CA ASN U 191 23.31 28.96 71.74
C ASN U 191 24.51 28.18 71.21
N GLY U 192 24.89 28.45 69.95
CA GLY U 192 26.05 27.78 69.39
C GLY U 192 27.34 28.12 70.12
N VAL U 193 27.50 29.39 70.51
CA VAL U 193 28.69 29.78 71.25
C VAL U 193 28.70 29.11 72.62
N LEU U 194 27.54 29.01 73.27
CA LEU U 194 27.45 28.30 74.54
C LEU U 194 27.83 26.84 74.38
N TYR U 195 27.38 26.21 73.30
CA TYR U 195 27.77 24.82 73.04
C TYR U 195 29.27 24.70 72.83
N ALA U 196 29.86 25.65 72.08
CA ALA U 196 31.29 25.62 71.83
C ALA U 196 32.10 25.79 73.12
N LYS U 197 31.65 26.69 74.01
CA LYS U 197 32.35 26.90 75.27
C LYS U 197 32.27 25.65 76.15
N SER U 198 31.14 24.96 76.14
CA SER U 198 31.00 23.69 76.83
C SER U 198 31.44 22.51 75.99
N ARG U 199 32.08 22.77 74.84
CA ARG U 199 32.59 21.74 73.95
C ARG U 199 31.49 20.82 73.43
N ARG U 200 30.29 21.37 73.27
CA ARG U 200 29.19 20.67 72.60
C ARG U 200 29.20 21.00 71.11
N TYR U 201 30.28 20.57 70.45
CA TYR U 201 30.55 21.01 69.08
C TYR U 201 29.46 20.56 68.10
N ASP U 202 28.87 19.39 68.33
CA ASP U 202 27.84 18.89 67.39
C ASP U 202 26.63 19.81 67.37
N GLU U 203 26.16 20.23 68.56
CA GLU U 203 24.98 21.09 68.61
C GLU U 203 25.27 22.46 68.00
N ALA U 204 26.46 23.01 68.26
CA ALA U 204 26.83 24.29 67.66
C ALA U 204 26.92 24.17 66.15
N LEU U 205 27.47 23.06 65.65
CA LEU U 205 27.54 22.84 64.21
C LEU U 205 26.14 22.73 63.61
N LYS U 206 25.21 22.07 64.31
CA LYS U 206 23.83 22.01 63.84
C LYS U 206 23.20 23.40 63.81
N GLU U 207 23.47 24.21 64.84
CA GLU U 207 22.96 25.58 64.85
C GLU U 207 23.50 26.39 63.68
N PHE U 208 24.78 26.23 63.38
CA PHE U 208 25.35 26.96 62.24
C PHE U 208 24.84 26.42 60.91
N ASP U 209 24.52 25.12 60.84
CA ASP U 209 23.85 24.59 59.65
C ASP U 209 22.47 25.23 59.48
N ASN U 210 21.73 25.39 60.58
CA ASN U 210 20.44 26.07 60.51
C ASN U 210 20.61 27.51 60.07
N LEU U 211 21.63 28.20 60.59
CA LEU U 211 21.88 29.59 60.18
C LEU U 211 22.23 29.67 58.71
N LEU U 212 23.03 28.73 58.21
CA LEU U 212 23.33 28.68 56.78
C LEU U 212 22.09 28.43 55.96
N LYS U 213 21.17 27.59 56.47
CA LYS U 213 19.88 27.42 55.81
C LYS U 213 19.11 28.73 55.75
N LYS U 214 19.16 29.50 56.84
CA LYS U 214 18.47 30.79 56.87
C LYS U 214 19.08 31.76 55.85
N LYS U 215 20.40 31.92 55.89
CA LYS U 215 21.10 32.80 54.97
C LYS U 215 22.59 32.44 54.96
N SER U 216 23.21 32.54 53.79
CA SER U 216 24.63 32.24 53.64
C SER U 216 25.52 33.46 53.82
N THR U 217 24.94 34.64 54.06
CA THR U 217 25.71 35.86 54.21
C THR U 217 26.05 36.17 55.67
N ASN U 218 25.70 35.28 56.60
CA ASN U 218 25.95 35.52 58.01
C ASN U 218 27.43 35.36 58.30
N ILE U 219 28.11 36.48 58.58
CA ILE U 219 29.55 36.43 58.84
C ILE U 219 29.83 35.77 60.17
N LEU U 220 29.02 36.06 61.19
CA LEU U 220 29.24 35.48 62.51
C LEU U 220 29.09 33.96 62.49
N ALA U 221 28.13 33.46 61.70
CA ALA U 221 27.98 32.02 61.56
C ALA U 221 29.23 31.40 60.93
N ILE U 222 29.77 32.06 59.91
CA ILE U 222 31.00 31.58 59.28
C ILE U 222 32.15 31.56 60.29
N LEU U 223 32.29 32.63 61.07
CA LEU U 223 33.36 32.69 62.05
C LEU U 223 33.22 31.60 63.10
N GLY U 224 32.00 31.38 63.60
CA GLY U 224 31.81 30.32 64.58
C GLY U 224 32.07 28.94 64.02
N LYS U 225 31.61 28.69 62.79
CA LYS U 225 31.86 27.40 62.15
C LYS U 225 33.36 27.18 61.97
N ALA U 226 34.08 28.21 61.51
CA ALA U 226 35.52 28.09 61.32
C ALA U 226 36.24 27.87 62.65
N GLN U 227 35.79 28.55 63.72
CA GLN U 227 36.37 28.34 65.03
C GLN U 227 36.18 26.90 65.50
N ILE U 228 34.97 26.35 65.29
CA ILE U 228 34.72 24.96 65.68
C ILE U 228 35.59 24.01 64.86
N LEU U 229 35.69 24.26 63.55
CA LEU U 229 36.50 23.38 62.70
C LEU U 229 37.97 23.42 63.10
N TYR U 230 38.48 24.60 63.43
CA TYR U 230 39.84 24.70 63.95
C TYR U 230 39.98 23.96 65.28
N LYS U 231 38.98 24.08 66.15
CA LYS U 231 38.98 23.31 67.39
C LYS U 231 38.96 21.82 67.11
N ARG U 232 38.27 21.41 66.05
CA ARG U 232 38.27 20.02 65.59
C ARG U 232 39.45 19.72 64.65
N GLN U 233 40.43 20.62 64.58
CA GLN U 233 41.65 20.44 63.79
C GLN U 233 41.37 20.38 62.28
N LYS U 234 40.20 20.85 61.84
CA LYS U 234 39.91 20.94 60.41
C LYS U 234 40.44 22.27 59.88
N TYR U 235 41.77 22.30 59.73
CA TYR U 235 42.45 23.55 59.40
C TYR U 235 42.06 24.07 58.03
N SER U 236 42.01 23.17 57.03
CA SER U 236 41.66 23.61 55.68
C SER U 236 40.18 23.99 55.58
N GLN U 237 39.31 23.20 56.21
CA GLN U 237 37.88 23.49 56.18
C GLN U 237 37.59 24.82 56.87
N ALA U 238 38.25 25.08 57.98
CA ALA U 238 38.18 26.39 58.59
C ALA U 238 38.83 27.46 57.73
N LEU U 239 39.80 27.08 56.90
CA LEU U 239 40.50 28.07 56.07
C LEU U 239 39.60 28.59 54.96
N GLU U 240 38.78 27.73 54.35
CA GLU U 240 37.85 28.25 53.35
C GLU U 240 36.86 29.22 53.98
N LEU U 241 36.38 28.91 55.19
CA LEU U 241 35.49 29.83 55.89
C LEU U 241 36.19 31.13 56.24
N TYR U 242 37.47 31.05 56.64
CA TYR U 242 38.24 32.24 56.93
C TYR U 242 38.36 33.13 55.70
N GLN U 243 38.67 32.52 54.56
CA GLN U 243 38.79 33.29 53.31
C GLN U 243 37.45 33.91 52.92
N LYS U 244 36.36 33.14 53.05
CA LYS U 244 35.04 33.69 52.71
C LYS U 244 34.68 34.85 53.62
N ALA U 245 34.92 34.72 54.92
CA ALA U 245 34.63 35.81 55.84
C ALA U 245 35.49 37.04 55.55
N LEU U 246 36.77 36.82 55.23
CA LEU U 246 37.64 37.95 54.91
C LEU U 246 37.17 38.67 53.65
N THR U 247 36.76 37.91 52.63
CA THR U 247 36.25 38.51 51.41
C THR U 247 34.94 39.26 51.67
N ILE U 248 34.06 38.69 52.49
CA ILE U 248 32.80 39.35 52.79
C ILE U 248 33.04 40.61 53.61
N ASN U 249 33.89 40.52 54.64
CA ASN U 249 34.14 41.64 55.54
C ASN U 249 35.62 41.70 55.89
N PRO U 250 36.39 42.60 55.26
CA PRO U 250 37.79 42.79 55.67
C PRO U 250 37.95 43.55 56.97
N LEU U 251 36.88 44.14 57.51
CA LEU U 251 36.92 44.92 58.74
C LEU U 251 36.08 44.26 59.83
N ILE U 252 36.09 42.93 59.88
CA ILE U 252 35.28 42.18 60.84
C ILE U 252 36.16 41.79 62.02
N VAL U 253 35.62 41.91 63.22
CA VAL U 253 36.28 41.51 64.46
C VAL U 253 35.50 40.35 65.03
N PRO U 254 36.13 39.21 65.34
CA PRO U 254 37.58 38.94 65.32
C PRO U 254 38.18 38.86 63.91
N ASP U 255 39.50 38.97 63.84
CA ASP U 255 40.19 39.04 62.57
C ASP U 255 40.26 37.65 61.92
N PRO U 256 39.71 37.46 60.72
CA PRO U 256 39.91 36.20 60.01
C PRO U 256 41.37 35.94 59.65
N ARG U 257 42.16 37.00 59.44
CA ARG U 257 43.55 36.81 59.01
C ARG U 257 44.37 36.09 60.07
N LEU U 258 43.98 36.18 61.35
CA LEU U 258 44.65 35.38 62.37
C LEU U 258 44.49 33.89 62.09
N GLY U 259 43.25 33.47 61.82
CA GLY U 259 43.01 32.09 61.45
C GLY U 259 43.67 31.70 60.14
N ILE U 260 43.72 32.64 59.18
CA ILE U 260 44.38 32.36 57.91
C ILE U 260 45.87 32.14 58.12
N GLY U 261 46.49 32.94 58.99
CA GLY U 261 47.89 32.74 59.32
C GLY U 261 48.13 31.43 60.06
N LEU U 262 47.21 31.06 60.95
CA LEU U 262 47.31 29.77 61.62
C LEU U 262 47.24 28.63 60.61
N CYS U 263 46.33 28.73 59.63
CA CYS U 263 46.23 27.71 58.60
C CYS U 263 47.49 27.66 57.74
N PHE U 264 48.03 28.82 57.39
CA PHE U 264 49.27 28.85 56.62
C PHE U 264 50.42 28.21 57.40
N TRP U 265 50.45 28.43 58.72
CA TRP U 265 51.39 27.72 59.57
C TRP U 265 51.16 26.22 59.51
N HIS U 266 49.89 25.80 59.51
CA HIS U 266 49.58 24.38 59.38
C HIS U 266 49.89 23.87 57.97
N LEU U 267 49.86 24.75 56.97
CA LEU U 267 50.17 24.38 55.59
C LEU U 267 51.59 24.77 55.19
N ASN U 268 52.44 25.14 56.15
CA ASN U 268 53.86 25.45 55.98
C ASN U 268 54.11 26.76 55.23
N ASN U 269 53.06 27.44 54.76
CA ASN U 269 53.24 28.72 54.07
C ASN U 269 53.29 29.88 55.06
N LYS U 270 54.25 29.81 55.99
CA LYS U 270 54.34 30.78 57.06
C LYS U 270 54.70 32.18 56.57
N GLN U 271 55.30 32.30 55.39
CA GLN U 271 55.58 33.63 54.84
C GLN U 271 54.29 34.39 54.57
N LEU U 272 53.33 33.73 53.93
CA LEU U 272 52.02 34.34 53.72
C LEU U 272 51.31 34.59 55.05
N ALA U 273 51.52 33.72 56.03
CA ALA U 273 50.96 33.95 57.36
C ALA U 273 51.49 35.25 57.97
N GLU U 274 52.81 35.46 57.89
CA GLU U 274 53.40 36.69 58.40
C GLU U 274 52.90 37.90 57.64
N GLN U 275 52.79 37.78 56.31
CA GLN U 275 52.30 38.91 55.52
C GLN U 275 50.87 39.28 55.90
N ALA U 276 50.00 38.27 56.04
CA ALA U 276 48.62 38.53 56.44
C ALA U 276 48.55 39.11 57.85
N TRP U 277 49.44 38.67 58.74
CA TRP U 277 49.47 39.23 60.08
C TRP U 277 49.93 40.68 60.08
N HIS U 278 50.88 41.01 59.22
CA HIS U 278 51.28 42.41 59.06
C HIS U 278 50.11 43.25 58.54
N ASN U 279 49.38 42.73 57.56
CA ASN U 279 48.21 43.45 57.05
C ASN U 279 47.16 43.64 58.15
N SER U 280 46.94 42.61 58.97
CA SER U 280 46.01 42.73 60.08
C SER U 280 46.46 43.79 61.09
N LEU U 281 47.76 43.81 61.40
CA LEU U 281 48.28 44.82 62.32
C LEU U 281 48.11 46.22 61.74
N LYS U 282 48.29 46.37 60.43
CA LYS U 282 47.99 47.65 59.79
C LYS U 282 46.51 48.00 59.95
N VAL U 283 45.63 47.02 59.77
CA VAL U 283 44.21 47.26 59.95
C VAL U 283 43.87 47.41 61.44
N HIS U 284 44.51 46.61 62.30
CA HIS U 284 44.24 46.59 63.73
C HIS U 284 45.53 46.84 64.50
N PRO U 285 45.95 48.10 64.61
CA PRO U 285 47.19 48.41 65.35
C PRO U 285 47.02 48.42 66.87
N GLN U 286 45.82 48.23 67.38
CA GLN U 286 45.55 48.36 68.80
C GLN U 286 44.87 47.09 69.31
N ASN U 287 45.18 46.75 70.56
CA ASN U 287 44.57 45.62 71.27
C ASN U 287 44.77 44.29 70.53
N ASN U 288 45.86 44.16 69.78
CA ASN U 288 46.13 42.95 69.00
C ASN U 288 47.59 42.55 69.14
N LEU U 289 48.09 42.54 70.39
CA LEU U 289 49.47 42.15 70.63
C LEU U 289 49.74 40.68 70.30
N ASN U 290 48.69 39.86 70.26
CA ASN U 290 48.87 38.45 69.91
C ASN U 290 49.43 38.30 68.51
N THR U 291 49.02 39.17 67.58
CA THR U 291 49.58 39.14 66.24
C THR U 291 51.08 39.43 66.26
N LYS U 292 51.51 40.40 67.08
CA LYS U 292 52.94 40.67 67.21
C LYS U 292 53.67 39.50 67.82
N ILE U 293 53.05 38.81 68.78
CA ILE U 293 53.66 37.63 69.38
C ILE U 293 53.85 36.55 68.32
N LEU U 294 52.83 36.33 67.49
CA LEU U 294 52.95 35.34 66.42
C LEU U 294 54.03 35.72 65.42
N ILE U 295 54.13 37.02 65.11
CA ILE U 295 55.16 37.49 64.20
C ILE U 295 56.55 37.23 64.78
N CYS U 296 56.72 37.49 66.08
CA CYS U 296 58.00 37.23 66.73
C CYS U 296 58.33 35.74 66.72
N LEU U 297 57.33 34.88 66.97
CA LEU U 297 57.56 33.44 66.92
C LEU U 297 57.97 33.00 65.51
N ALA U 298 57.31 33.54 64.49
CA ALA U 298 57.66 33.21 63.11
C ALA U 298 59.08 33.67 62.78
N LYS U 299 59.47 34.86 63.23
CA LYS U 299 60.82 35.34 63.02
C LYS U 299 61.84 34.44 63.71
N PHE U 300 61.54 34.01 64.93
CA PHE U 300 62.46 33.11 65.64
C PHE U 300 62.59 31.78 64.91
N ASP U 301 61.47 31.24 64.41
CA ASP U 301 61.52 29.99 63.66
C ASP U 301 62.35 30.14 62.40
N TYR U 302 62.16 31.25 61.68
CA TYR U 302 62.93 31.50 60.46
C TYR U 302 64.41 31.63 60.78
N CYS U 303 64.76 32.31 61.87
CA CYS U 303 66.15 32.42 62.28
C CYS U 303 66.73 31.04 62.60
N PHE U 304 65.96 30.20 63.30
CA PHE U 304 66.45 28.87 63.65
C PHE U 304 66.68 28.01 62.42
N ASN U 305 65.75 28.04 61.47
CA ASN U 305 65.74 27.04 60.40
C ASN U 305 66.25 27.55 59.06
N GLU U 306 66.64 28.82 58.94
CA GLU U 306 67.03 29.38 57.65
C GLU U 306 68.34 30.13 57.65
N SER U 307 68.93 30.42 58.82
CA SER U 307 70.15 31.23 58.87
C SER U 307 71.30 30.50 58.20
N LYS U 308 71.82 31.08 57.13
CA LYS U 308 72.87 30.44 56.33
C LYS U 308 74.25 30.56 56.96
N ASP U 309 74.41 31.39 57.99
CA ASP U 309 75.72 31.57 58.61
C ASP U 309 75.52 32.03 60.05
N ASP U 310 76.59 31.93 60.83
CA ASP U 310 76.53 32.29 62.25
C ASP U 310 76.23 33.78 62.43
N ASP U 311 76.85 34.64 61.61
CA ASP U 311 76.60 36.08 61.74
C ASP U 311 75.16 36.43 61.40
N GLU U 312 74.61 35.82 60.34
CA GLU U 312 73.20 36.03 60.01
C GLU U 312 72.29 35.52 61.11
N PHE U 313 72.64 34.37 61.69
CA PHE U 313 71.88 33.85 62.83
C PHE U 313 71.88 34.83 63.98
N THR U 314 73.05 35.39 64.31
CA THR U 314 73.14 36.35 65.39
C THR U 314 72.31 37.59 65.10
N ALA U 315 72.40 38.12 63.88
CA ALA U 315 71.64 39.31 63.52
C ALA U 315 70.14 39.06 63.63
N LEU U 316 69.67 37.96 63.05
CA LEU U 316 68.23 37.66 63.10
C LEU U 316 67.77 37.41 64.54
N TYR U 317 68.56 36.68 65.32
CA TYR U 317 68.18 36.39 66.70
C TYR U 317 68.11 37.66 67.53
N ARG U 318 69.07 38.56 67.36
CA ARG U 318 69.04 39.81 68.13
C ARG U 318 67.90 40.72 67.66
N GLU U 319 67.60 40.73 66.36
CA GLU U 319 66.44 41.49 65.88
C GLU U 319 65.15 40.95 66.47
N SER U 320 65.01 39.62 66.53
CA SER U 320 63.83 39.02 67.14
C SER U 320 63.74 39.35 68.62
N LEU U 321 64.89 39.33 69.31
CA LEU U 321 64.89 39.70 70.73
C LEU U 321 64.48 41.15 70.92
N GLU U 322 64.98 42.05 70.07
CA GLU U 322 64.61 43.46 70.19
C GLU U 322 63.13 43.67 69.91
N PHE U 323 62.58 42.99 68.91
CA PHE U 323 61.15 43.11 68.63
C PHE U 323 60.32 42.56 69.79
N LEU U 324 60.75 41.44 70.36
CA LEU U 324 60.05 40.87 71.50
C LEU U 324 60.11 41.80 72.70
N HIS U 325 61.25 42.44 72.94
CA HIS U 325 61.36 43.40 74.03
C HIS U 325 60.48 44.62 73.79
N SER U 326 60.44 45.11 72.54
CA SER U 326 59.58 46.24 72.22
C SER U 326 58.12 45.92 72.47
N CYS U 327 57.70 44.70 72.11
CA CYS U 327 56.36 44.25 72.47
C CYS U 327 56.20 44.11 73.98
N LEU U 328 57.29 43.76 74.68
CA LEU U 328 57.23 43.59 76.13
C LEU U 328 57.11 44.93 76.85
N LYS U 329 57.55 46.02 76.23
CA LYS U 329 57.41 47.33 76.85
C LYS U 329 55.95 47.74 76.99
N GLU U 330 55.04 47.07 76.27
CA GLU U 330 53.61 47.28 76.45
C GLU U 330 53.05 46.37 77.54
N ASP U 331 53.36 45.08 77.47
CA ASP U 331 52.95 44.10 78.47
C ASP U 331 54.19 43.36 78.95
N ALA U 332 54.48 43.46 80.25
CA ALA U 332 55.65 42.83 80.84
C ALA U 332 55.32 41.60 81.67
N LYS U 333 54.05 41.20 81.73
CA LYS U 333 53.63 40.05 82.53
C LYS U 333 52.94 38.98 81.69
N HIS U 334 53.08 39.02 80.37
CA HIS U 334 52.43 38.02 79.53
C HIS U 334 53.14 36.68 79.70
N PRO U 335 52.43 35.62 80.12
CA PRO U 335 53.12 34.37 80.44
C PRO U 335 53.86 33.74 79.27
N LEU U 336 53.31 33.84 78.05
CA LEU U 336 53.98 33.26 76.90
C LEU U 336 55.28 33.98 76.59
N LEU U 337 55.31 35.31 76.74
CA LEU U 337 56.56 36.05 76.53
C LEU U 337 57.62 35.64 77.55
N LEU U 338 57.21 35.46 78.81
CA LEU U 338 58.16 34.99 79.82
C LEU U 338 58.67 33.60 79.49
N MET U 339 57.78 32.71 79.03
CA MET U 339 58.20 31.37 78.65
C MET U 339 59.19 31.40 77.49
N VAL U 340 58.95 32.26 76.51
CA VAL U 340 59.86 32.38 75.38
C VAL U 340 61.21 32.92 75.84
N LEU U 341 61.19 33.95 76.68
CA LEU U 341 62.44 34.52 77.18
C LEU U 341 63.20 33.54 78.07
N ALA U 342 62.48 32.58 78.66
CA ALA U 342 63.13 31.55 79.47
C ALA U 342 64.10 30.72 78.65
N SER U 343 63.77 30.45 77.39
CA SER U 343 64.69 29.70 76.53
C SER U 343 66.00 30.48 76.32
N TYR U 344 65.88 31.77 76.02
CA TYR U 344 67.08 32.59 75.82
C TYR U 344 67.91 32.68 77.08
N TYR U 345 67.27 32.86 78.23
CA TYR U 345 68.03 33.00 79.47
C TYR U 345 68.60 31.67 79.95
N PHE U 346 67.96 30.56 79.61
CA PHE U 346 68.56 29.25 79.84
C PHE U 346 69.79 29.08 78.96
N SER U 347 69.71 29.50 77.71
CA SER U 347 70.88 29.50 76.83
C SER U 347 71.95 30.48 77.31
N LYS U 348 71.58 31.46 78.13
CA LYS U 348 72.50 32.43 78.70
C LYS U 348 73.01 32.02 80.07
N GLU U 349 72.75 30.78 80.48
CA GLU U 349 73.14 30.24 81.79
C GLU U 349 72.52 31.01 82.94
N ASP U 350 71.40 31.71 82.68
CA ASP U 350 70.67 32.42 83.74
C ASP U 350 69.54 31.55 84.28
N TYR U 351 69.94 30.41 84.86
CA TYR U 351 68.97 29.42 85.31
C TYR U 351 68.11 29.95 86.45
N GLU U 352 68.66 30.80 87.31
CA GLU U 352 67.89 31.33 88.43
C GLU U 352 66.70 32.16 87.95
N LYS U 353 66.94 33.07 87.00
CA LYS U 353 65.84 33.85 86.46
C LYS U 353 64.87 32.99 85.67
N VAL U 354 65.37 31.93 85.02
CA VAL U 354 64.48 30.98 84.35
C VAL U 354 63.53 30.36 85.36
N GLU U 355 64.07 29.95 86.52
CA GLU U 355 63.23 29.40 87.58
C GLU U 355 62.23 30.41 88.08
N LYS U 356 62.66 31.66 88.27
CA LYS U 356 61.74 32.70 88.73
C LYS U 356 60.57 32.88 87.76
N LEU U 357 60.89 33.01 86.46
CA LEU U 357 59.84 33.20 85.46
C LEU U 357 58.92 31.98 85.38
N CYS U 358 59.50 30.77 85.46
CA CYS U 358 58.69 29.57 85.39
C CYS U 358 57.73 29.48 86.57
N ASN U 359 58.23 29.79 87.78
CA ASN U 359 57.37 29.75 88.96
C ASN U 359 56.28 30.81 88.87
N LEU U 360 56.62 32.01 88.40
CA LEU U 360 55.62 33.05 88.25
C LEU U 360 54.52 32.64 87.27
N VAL U 361 54.93 32.08 86.12
CA VAL U 361 53.94 31.63 85.13
C VAL U 361 53.08 30.51 85.71
N LEU U 362 53.69 29.58 86.45
CA LEU U 362 52.91 28.52 87.07
C LEU U 362 51.89 29.08 88.04
N LYS U 363 52.27 30.11 88.81
CA LYS U 363 51.34 30.71 89.74
C LYS U 363 50.20 31.43 89.02
N GLU U 364 50.51 32.14 87.93
CA GLU U 364 49.48 32.89 87.21
C GLU U 364 48.60 31.97 86.38
N ASN U 365 49.20 31.18 85.49
CA ASN U 365 48.48 30.46 84.44
C ASN U 365 48.45 28.95 84.70
N SER U 366 48.24 28.56 85.95
CA SER U 366 48.09 27.14 86.27
C SER U 366 46.88 26.52 85.56
N ARG U 367 45.92 27.34 85.13
CA ARG U 367 44.78 26.82 84.37
C ARG U 367 45.24 26.23 83.04
N ASN U 368 46.16 26.91 82.36
CA ASN U 368 46.70 26.43 81.08
C ASN U 368 47.73 25.34 81.38
N ALA U 369 47.47 24.13 80.89
CA ALA U 369 48.38 23.02 81.16
C ALA U 369 49.64 23.10 80.31
N ALA U 370 49.57 23.73 79.14
CA ALA U 370 50.75 23.85 78.28
C ALA U 370 51.85 24.67 78.95
N PHE U 371 51.46 25.76 79.62
CA PHE U 371 52.45 26.57 80.35
C PHE U 371 53.06 25.78 81.50
N VAL U 372 52.24 24.97 82.19
CA VAL U 372 52.76 24.11 83.24
C VAL U 372 53.78 23.13 82.67
N SER U 373 53.47 22.54 81.52
CA SER U 373 54.39 21.60 80.88
C SER U 373 55.70 22.30 80.50
N ALA U 374 55.59 23.51 79.92
CA ALA U 374 56.79 24.23 79.52
C ALA U 374 57.66 24.60 80.72
N SER U 375 57.02 25.06 81.81
CA SER U 375 57.76 25.41 83.00
C SER U 375 58.43 24.19 83.62
N HIS U 376 57.72 23.05 83.66
CA HIS U 376 58.31 21.82 84.17
C HIS U 376 59.49 21.38 83.31
N PHE U 377 59.34 21.48 81.99
CA PHE U 377 60.44 21.15 81.09
C PHE U 377 61.66 22.02 81.33
N TRP U 378 61.44 23.33 81.53
CA TRP U 378 62.58 24.22 81.74
C TRP U 378 63.21 23.99 83.11
N LEU U 379 62.41 23.68 84.12
CA LEU U 379 62.97 23.32 85.42
C LEU U 379 63.80 22.05 85.33
N ALA U 380 63.32 21.06 84.59
CA ALA U 380 64.11 19.84 84.39
C ALA U 380 65.38 20.12 83.63
N ARG U 381 65.33 20.98 82.62
CA ARG U 381 66.53 21.36 81.88
C ARG U 381 67.54 22.05 82.78
N VAL U 382 67.06 22.93 83.67
CA VAL U 382 67.95 23.60 84.61
C VAL U 382 68.57 22.58 85.56
N ALA U 383 67.75 21.69 86.11
CA ALA U 383 68.25 20.69 87.04
C ALA U 383 69.17 19.69 86.37
N TYR U 384 69.13 19.58 85.04
CA TYR U 384 70.03 18.67 84.34
C TYR U 384 71.48 19.10 84.53
N HIS U 385 71.75 20.41 84.52
CA HIS U 385 73.08 20.88 84.86
C HIS U 385 73.44 20.51 86.28
N LYS U 386 72.49 20.62 87.21
CA LYS U 386 72.66 20.12 88.56
C LYS U 386 72.62 18.61 88.62
N GLU U 387 72.23 17.94 87.53
CA GLU U 387 72.19 16.49 87.43
C GLU U 387 71.26 15.86 88.48
N ASP U 388 70.19 16.57 88.84
CA ASP U 388 69.14 16.01 89.70
C ASP U 388 68.31 15.04 88.86
N TYR U 389 68.90 13.87 88.60
CA TYR U 389 68.31 12.93 87.64
C TYR U 389 66.92 12.49 88.08
N VAL U 390 66.75 12.19 89.37
CA VAL U 390 65.42 11.84 89.88
C VAL U 390 64.49 13.03 89.77
N GLN U 391 64.95 14.20 90.20
CA GLN U 391 64.11 15.39 90.16
C GLN U 391 63.82 15.81 88.72
N ALA U 392 64.83 15.76 87.85
CA ALA U 392 64.61 16.12 86.45
C ALA U 392 63.65 15.14 85.78
N GLN U 393 63.78 13.84 86.07
CA GLN U 393 62.86 12.86 85.51
C GLN U 393 61.43 13.09 86.00
N LYS U 394 61.28 13.41 87.30
CA LYS U 394 59.95 13.73 87.81
C LYS U 394 59.37 14.96 87.14
N GLN U 395 60.20 15.99 86.94
CA GLN U 395 59.73 17.20 86.27
C GLN U 395 59.34 16.91 84.82
N PHE U 396 60.12 16.08 84.13
CA PHE U 396 59.76 15.69 82.76
C PHE U 396 58.44 14.93 82.72
N LYS U 397 58.24 14.01 83.68
CA LYS U 397 56.97 13.30 83.74
C LYS U 397 55.81 14.23 84.01
N GLN U 398 55.99 15.20 84.90
CA GLN U 398 54.94 16.17 85.17
C GLN U 398 54.65 17.02 83.94
N ALA U 399 55.69 17.40 83.20
CA ALA U 399 55.49 18.15 81.95
C ALA U 399 54.70 17.32 80.95
N GLU U 400 55.03 16.04 80.82
CA GLU U 400 54.28 15.18 79.92
C GLU U 400 52.82 15.07 80.34
N ASP U 401 52.58 14.91 81.64
CA ASP U 401 51.21 14.77 82.13
C ASP U 401 50.41 16.05 81.94
N SER U 402 51.05 17.21 82.10
CA SER U 402 50.35 18.47 81.87
C SER U 402 49.92 18.60 80.42
N GLN U 403 50.86 18.43 79.48
CA GLN U 403 50.57 18.55 78.06
C GLN U 403 51.27 17.40 77.34
N ASN U 404 50.51 16.43 76.85
CA ASN U 404 51.06 15.26 76.19
C ASN U 404 51.69 15.59 74.84
N SER U 405 51.41 16.76 74.26
CA SER U 405 51.98 17.11 72.97
C SER U 405 53.45 17.52 73.07
N ASN U 406 53.97 17.69 74.28
CA ASN U 406 55.35 18.10 74.46
C ASN U 406 56.28 16.90 74.26
N THR U 407 56.72 16.69 73.01
CA THR U 407 57.63 15.58 72.73
C THR U 407 58.98 15.82 73.42
N LEU U 408 59.41 17.08 73.50
CA LEU U 408 60.70 17.38 74.11
C LEU U 408 60.75 16.94 75.57
N ALA U 409 59.64 17.07 76.29
CA ALA U 409 59.59 16.61 77.67
C ALA U 409 59.79 15.10 77.76
N LYS U 410 59.14 14.34 76.86
CA LYS U 410 59.31 12.89 76.87
C LYS U 410 60.72 12.49 76.50
N LEU U 411 61.33 13.21 75.54
CA LEU U 411 62.71 12.93 75.18
C LEU U 411 63.66 13.21 76.34
N GLY U 412 63.43 14.30 77.07
CA GLY U 412 64.21 14.56 78.26
C GLY U 412 63.99 13.51 79.34
N TYR U 413 62.76 13.00 79.44
CA TYR U 413 62.48 11.91 80.37
C TYR U 413 63.30 10.67 80.02
N ALA U 414 63.35 10.33 78.73
CA ALA U 414 64.16 9.19 78.30
C ALA U 414 65.64 9.44 78.55
N GLN U 415 66.10 10.67 78.31
CA GLN U 415 67.49 11.02 78.58
C GLN U 415 67.82 10.89 80.05
N CYS U 416 66.89 11.28 80.92
CA CYS U 416 67.09 11.13 82.36
C CYS U 416 67.09 9.66 82.76
N LEU U 417 66.25 8.84 82.12
CA LEU U 417 66.31 7.41 82.34
C LEU U 417 67.68 6.85 81.98
N ILE U 418 68.23 7.32 80.86
CA ILE U 418 69.59 6.93 80.47
C ILE U 418 70.59 7.40 81.53
N ALA U 419 70.38 8.59 82.07
CA ALA U 419 71.29 9.12 83.08
C ALA U 419 71.30 8.25 84.33
N ARG U 420 70.13 7.75 84.74
CA ARG U 420 70.03 6.86 85.89
C ARG U 420 70.38 5.41 85.55
N ASN U 421 71.06 5.18 84.43
CA ASN U 421 71.50 3.86 83.98
C ASN U 421 70.33 2.91 83.76
N GLU U 422 69.13 3.43 83.54
CA GLU U 422 67.95 2.62 83.32
C GLU U 422 67.84 2.29 81.83
N VAL U 423 68.74 1.40 81.38
CA VAL U 423 68.79 1.04 79.97
C VAL U 423 67.50 0.35 79.55
N GLY U 424 67.06 -0.65 80.31
CA GLY U 424 65.84 -1.35 79.97
C GLY U 424 64.61 -0.49 80.10
N ASP U 425 64.54 0.32 81.16
CA ASP U 425 63.40 1.20 81.36
C ASP U 425 63.30 2.24 80.25
N ALA U 426 64.44 2.84 79.88
CA ALA U 426 64.45 3.79 78.78
C ALA U 426 64.05 3.11 77.47
N THR U 427 64.52 1.88 77.25
CA THR U 427 64.16 1.15 76.04
C THR U 427 62.66 0.89 75.97
N ILE U 428 62.06 0.49 77.10
CA ILE U 428 60.62 0.22 77.12
C ILE U 428 59.84 1.51 76.88
N TYR U 429 60.24 2.61 77.54
CA TYR U 429 59.56 3.88 77.33
C TYR U 429 59.67 4.32 75.88
N LEU U 430 60.85 4.18 75.28
CA LEU U 430 61.06 4.60 73.90
C LEU U 430 60.24 3.74 72.94
N GLU U 431 60.18 2.43 73.19
CA GLU U 431 59.36 1.56 72.35
C GLU U 431 57.88 1.93 72.46
N LYS U 432 57.41 2.23 73.66
CA LYS U 432 56.02 2.64 73.84
C LYS U 432 55.74 3.92 73.06
N PHE U 433 56.64 4.92 73.18
CA PHE U 433 56.43 6.18 72.49
C PHE U 433 56.48 6.01 70.98
N PHE U 434 57.43 5.20 70.48
CA PHE U 434 57.54 5.00 69.04
C PHE U 434 56.32 4.25 68.49
N LYS U 435 55.88 3.20 69.19
CA LYS U 435 54.72 2.44 68.71
C LYS U 435 53.44 3.27 68.78
N GLU U 436 53.33 4.18 69.75
CA GLU U 436 52.19 5.08 69.77
C GLU U 436 52.31 6.20 68.75
N ASN U 437 53.54 6.57 68.38
CA ASN U 437 53.81 7.72 67.51
C ASN U 437 54.72 7.32 66.36
N GLN U 438 54.39 6.24 65.67
CA GLN U 438 55.20 5.77 64.55
C GLN U 438 55.34 6.80 63.44
N ASP U 439 54.39 7.73 63.33
CA ASP U 439 54.44 8.77 62.31
C ASP U 439 55.20 10.01 62.75
N SER U 440 55.59 10.10 64.02
CA SER U 440 56.29 11.27 64.51
C SER U 440 57.70 11.32 63.96
N LYS U 441 58.13 12.51 63.51
CA LYS U 441 59.47 12.69 62.96
C LYS U 441 60.43 13.20 64.05
N SER U 442 60.67 12.34 65.03
CA SER U 442 61.64 12.60 66.08
C SER U 442 62.93 11.88 65.67
N SER U 443 63.78 12.59 64.92
CA SER U 443 64.99 11.99 64.39
C SER U 443 65.93 11.54 65.50
N GLU U 444 66.08 12.37 66.53
CA GLU U 444 66.96 12.03 67.64
C GLU U 444 66.44 10.82 68.41
N MET U 445 65.13 10.70 68.54
CA MET U 445 64.56 9.50 69.18
C MET U 445 64.93 8.25 68.40
N MET U 446 64.83 8.30 67.07
CA MET U 446 65.18 7.15 66.26
C MET U 446 66.67 6.84 66.32
N LEU U 447 67.51 7.89 66.36
CA LEU U 447 68.94 7.67 66.52
C LEU U 447 69.25 6.98 67.85
N LEU U 448 68.60 7.42 68.92
CA LEU U 448 68.80 6.81 70.23
C LEU U 448 68.31 5.37 70.24
N LEU U 449 67.17 5.10 69.58
CA LEU U 449 66.68 3.74 69.44
C LEU U 449 67.69 2.85 68.71
N GLY U 450 68.26 3.36 67.62
CA GLY U 450 69.26 2.60 66.89
C GLY U 450 70.49 2.31 67.72
N ILE U 451 70.95 3.31 68.48
CA ILE U 451 72.12 3.11 69.34
C ILE U 451 71.82 2.08 70.41
N ILE U 452 70.64 2.16 71.04
CA ILE U 452 70.27 1.22 72.08
C ILE U 452 70.19 -0.20 71.52
N TYR U 453 69.60 -0.35 70.33
CA TYR U 453 69.47 -1.67 69.74
C TYR U 453 70.82 -2.23 69.30
N SER U 454 71.71 -1.35 68.83
CA SER U 454 73.07 -1.79 68.50
C SER U 454 73.80 -2.28 69.74
N GLN U 455 73.63 -1.57 70.86
CA GLN U 455 74.19 -2.04 72.12
C GLN U 455 73.59 -3.38 72.51
N SER U 456 72.28 -3.55 72.30
CA SER U 456 71.63 -4.82 72.54
C SER U 456 72.15 -5.90 71.58
N GLY U 457 72.35 -5.55 70.32
CA GLY U 457 72.88 -6.48 69.33
C GLY U 457 71.86 -7.34 68.61
N LYS U 458 70.98 -8.00 69.37
CA LYS U 458 69.99 -8.88 68.76
C LYS U 458 68.95 -8.12 67.94
N SER U 459 68.75 -6.84 68.22
CA SER U 459 67.74 -6.03 67.54
C SER U 459 68.38 -5.16 66.45
N TYR U 460 69.35 -5.73 65.74
CA TYR U 460 70.08 -4.97 64.73
C TYR U 460 69.17 -4.45 63.63
N TYR U 461 68.11 -5.19 63.32
CA TYR U 461 67.23 -4.80 62.22
C TYR U 461 66.46 -3.52 62.55
N LYS U 462 65.93 -3.40 63.77
CA LYS U 462 65.33 -2.14 64.19
C LYS U 462 66.37 -1.02 64.22
N ALA U 463 67.60 -1.34 64.62
CA ALA U 463 68.66 -0.33 64.62
C ALA U 463 68.91 0.19 63.21
N ILE U 464 68.97 -0.72 62.23
CA ILE U 464 69.16 -0.31 60.84
C ILE U 464 68.01 0.57 60.38
N ILE U 465 66.77 0.15 60.69
CA ILE U 465 65.60 0.91 60.25
C ILE U 465 65.62 2.32 60.84
N PHE U 466 65.89 2.41 62.14
CA PHE U 466 65.88 3.71 62.81
C PHE U 466 67.01 4.61 62.33
N LEU U 467 68.20 4.04 62.12
CA LEU U 467 69.31 4.86 61.63
C LEU U 467 69.06 5.34 60.21
N GLU U 468 68.49 4.49 59.36
CA GLU U 468 68.15 4.93 58.01
C GLU U 468 67.08 6.02 58.04
N LYS U 469 66.09 5.89 58.94
CA LYS U 469 65.08 6.93 59.06
C LYS U 469 65.69 8.23 59.54
N TYR U 470 66.61 8.17 60.50
CA TYR U 470 67.30 9.37 60.97
C TYR U 470 68.09 10.01 59.84
N VAL U 471 68.79 9.20 59.05
CA VAL U 471 69.56 9.72 57.92
C VAL U 471 68.65 10.42 56.92
N ALA U 472 67.52 9.78 56.59
CA ALA U 472 66.58 10.37 55.64
C ALA U 472 66.00 11.69 56.17
N VAL U 473 65.63 11.71 57.45
CA VAL U 473 65.05 12.93 58.04
C VAL U 473 66.08 14.05 58.03
N CYS U 474 67.33 13.75 58.39
CA CYS U 474 68.36 14.77 58.37
C CYS U 474 68.62 15.29 56.95
N GLN U 475 68.63 14.39 55.97
CA GLN U 475 68.83 14.81 54.59
C GLN U 475 67.69 15.71 54.12
N GLU U 476 66.45 15.37 54.49
CA GLU U 476 65.31 16.21 54.15
C GLU U 476 65.37 17.55 54.85
N GLU U 477 65.91 17.59 56.08
CA GLU U 477 66.00 18.82 56.85
C GLU U 477 67.28 19.60 56.58
N ASN U 478 68.19 19.07 55.77
CA ASN U 478 69.48 19.70 55.50
C ASN U 478 70.25 19.96 56.80
N TYR U 479 70.27 18.94 57.67
CA TYR U 479 71.00 18.99 58.92
C TYR U 479 72.18 18.04 58.87
N PRO U 480 73.28 18.35 59.57
CA PRO U 480 74.48 17.51 59.50
C PRO U 480 74.23 16.13 60.07
N ILE U 481 74.37 15.12 59.20
CA ILE U 481 74.19 13.74 59.63
C ILE U 481 75.33 13.35 60.56
N LEU U 482 74.99 12.79 61.71
CA LEU U 482 76.01 12.38 62.67
C LEU U 482 76.79 11.19 62.12
N PRO U 483 78.11 11.28 62.02
CA PRO U 483 78.88 10.10 61.55
C PRO U 483 78.81 8.92 62.49
N GLU U 484 78.43 9.13 63.75
CA GLU U 484 78.29 8.01 64.68
C GLU U 484 77.20 7.04 64.23
N ALA U 485 76.12 7.56 63.66
CA ALA U 485 75.11 6.68 63.08
C ALA U 485 75.70 5.85 61.95
N TYR U 486 76.56 6.45 61.13
CA TYR U 486 77.22 5.70 60.07
C TYR U 486 78.14 4.62 60.63
N LEU U 487 78.87 4.93 61.69
CA LEU U 487 79.73 3.92 62.31
C LEU U 487 78.90 2.77 62.88
N VAL U 488 77.78 3.08 63.53
CA VAL U 488 76.91 2.04 64.06
C VAL U 488 76.35 1.18 62.94
N LEU U 489 75.92 1.81 61.84
CA LEU U 489 75.41 1.06 60.70
C LEU U 489 76.48 0.15 60.10
N SER U 490 77.71 0.65 59.99
CA SER U 490 78.80 -0.18 59.48
C SER U 490 79.09 -1.35 60.42
N ARG U 491 79.07 -1.09 61.73
CA ARG U 491 79.27 -2.16 62.69
C ARG U 491 78.20 -3.24 62.56
N VAL U 492 76.94 -2.82 62.37
CA VAL U 492 75.86 -3.78 62.21
C VAL U 492 76.03 -4.56 60.91
N TYR U 493 76.35 -3.86 59.82
CA TYR U 493 76.48 -4.51 58.51
C TYR U 493 77.74 -5.34 58.39
N GLU U 494 78.67 -5.24 59.33
CA GLU U 494 79.84 -6.11 59.33
C GLU U 494 79.44 -7.58 59.22
N ASN U 495 78.38 -7.97 59.92
CA ASN U 495 77.92 -9.35 59.89
C ASN U 495 76.87 -9.61 58.81
N LYS U 496 76.42 -8.57 58.10
CA LYS U 496 75.46 -8.73 57.02
C LYS U 496 76.02 -8.41 55.65
N ASP U 497 76.55 -7.21 55.46
CA ASP U 497 77.02 -6.77 54.15
C ASP U 497 78.27 -5.92 54.35
N LEU U 498 79.42 -6.46 53.93
CA LEU U 498 80.66 -5.69 54.00
C LEU U 498 80.63 -4.50 53.06
N ASN U 499 79.92 -4.62 51.93
CA ASN U 499 79.86 -3.53 50.97
C ASN U 499 79.14 -2.32 51.54
N VAL U 500 77.97 -2.53 52.15
CA VAL U 500 77.22 -1.42 52.72
C VAL U 500 77.96 -0.82 53.90
N ALA U 501 78.58 -1.67 54.73
CA ALA U 501 79.36 -1.16 55.85
C ALA U 501 80.53 -0.30 55.37
N LEU U 502 81.23 -0.75 54.34
CA LEU U 502 82.34 0.03 53.79
C LEU U 502 81.84 1.35 53.20
N ASP U 503 80.69 1.31 52.51
CA ASP U 503 80.13 2.54 51.95
C ASP U 503 79.76 3.53 53.05
N TYR U 504 79.15 3.05 54.13
CA TYR U 504 78.79 3.93 55.24
C TYR U 504 80.04 4.47 55.93
N LEU U 505 81.09 3.65 56.06
CA LEU U 505 82.33 4.14 56.64
C LEU U 505 82.96 5.22 55.77
N MET U 506 82.91 5.04 54.44
CA MET U 506 83.40 6.07 53.53
C MET U 506 82.60 7.36 53.67
N LYS U 507 81.28 7.25 53.80
CA LYS U 507 80.45 8.45 53.99
C LYS U 507 80.80 9.15 55.30
N ALA U 508 81.00 8.38 56.36
CA ALA U 508 81.39 8.97 57.65
C ALA U 508 82.73 9.66 57.54
N ASN U 509 83.69 9.04 56.85
CA ASN U 509 85.00 9.65 56.68
C ASN U 509 84.90 10.95 55.86
N ASP U 510 84.05 10.95 54.83
CA ASP U 510 83.86 12.17 54.05
C ASP U 510 83.24 13.28 54.89
N ILE U 511 82.29 12.93 55.75
CA ILE U 511 81.72 13.93 56.66
C ILE U 511 82.79 14.47 57.60
N LEU U 512 83.60 13.57 58.17
CA LEU U 512 84.63 13.99 59.11
C LEU U 512 85.68 14.89 58.45
N GLY U 513 86.10 14.55 57.24
CA GLY U 513 87.15 15.29 56.58
C GLY U 513 88.48 15.14 57.30
N ASP U 514 88.95 16.22 57.92
CA ASP U 514 90.17 16.15 58.71
C ASP U 514 89.95 15.48 60.06
N LYS U 515 88.70 15.28 60.45
CA LYS U 515 88.36 14.64 61.73
C LYS U 515 88.45 13.12 61.68
N ALA U 516 89.06 12.55 60.63
CA ALA U 516 89.21 11.12 60.54
C ALA U 516 90.10 10.59 61.67
N ASN U 517 89.70 9.48 62.26
CA ASN U 517 90.43 8.89 63.38
C ASN U 517 91.16 7.63 62.94
N VAL U 518 91.97 7.10 63.87
CA VAL U 518 92.78 5.93 63.58
C VAL U 518 91.91 4.69 63.36
N TYR U 519 90.83 4.57 64.14
CA TYR U 519 89.97 3.40 64.02
C TYR U 519 89.26 3.37 62.67
N VAL U 520 88.81 4.53 62.20
CA VAL U 520 88.11 4.59 60.91
C VAL U 520 89.05 4.19 59.78
N LEU U 521 90.27 4.72 59.79
CA LEU U 521 91.24 4.35 58.76
C LEU U 521 91.61 2.87 58.82
N ASN U 522 91.79 2.34 60.04
CA ASN U 522 92.11 0.93 60.17
C ASN U 522 90.99 0.05 59.64
N ASN U 523 89.73 0.40 59.95
CA ASN U 523 88.61 -0.40 59.48
C ASN U 523 88.44 -0.28 57.96
N LEU U 524 88.70 0.90 57.41
CA LEU U 524 88.68 1.04 55.95
C LEU U 524 89.76 0.17 55.30
N GLY U 525 90.96 0.18 55.87
CA GLY U 525 92.02 -0.67 55.34
C GLY U 525 91.69 -2.15 55.43
N ILE U 526 91.08 -2.56 56.54
CA ILE U 526 90.68 -3.96 56.70
C ILE U 526 89.58 -4.31 55.71
N TYR U 527 88.64 -3.38 55.47
CA TYR U 527 87.60 -3.61 54.47
C TYR U 527 88.19 -3.82 53.09
N HIS U 528 89.14 -2.96 52.71
CA HIS U 528 89.76 -3.10 51.39
C HIS U 528 90.64 -4.34 51.32
N PHE U 529 91.25 -4.75 52.44
CA PHE U 529 92.01 -5.99 52.47
C PHE U 529 91.09 -7.19 52.25
N PHE U 530 89.91 -7.19 52.88
CA PHE U 530 88.94 -8.24 52.64
C PHE U 530 88.37 -8.15 51.23
N ARG U 531 88.31 -6.94 50.66
CA ARG U 531 87.94 -6.75 49.27
C ARG U 531 89.09 -6.99 48.31
N ASN U 532 90.27 -7.38 48.82
CA ASN U 532 91.47 -7.60 48.02
C ASN U 532 91.94 -6.33 47.32
N ASN U 533 91.52 -5.17 47.81
CA ASN U 533 92.01 -3.88 47.30
C ASN U 533 93.33 -3.58 47.99
N VAL U 534 94.39 -4.22 47.47
CA VAL U 534 95.69 -4.13 48.13
C VAL U 534 96.19 -2.70 48.16
N SER U 535 96.06 -1.97 47.05
CA SER U 535 96.52 -0.59 47.00
C SER U 535 95.75 0.29 47.98
N GLN U 536 94.42 0.22 47.94
CA GLN U 536 93.61 1.06 48.82
C GLN U 536 93.79 0.67 50.28
N SER U 537 93.88 -0.62 50.56
CA SER U 537 94.13 -1.06 51.93
C SER U 537 95.48 -0.53 52.43
N SER U 538 96.51 -0.61 51.59
CA SER U 538 97.83 -0.11 51.98
C SER U 538 97.80 1.39 52.21
N ASP U 539 97.09 2.14 51.35
CA ASP U 539 96.98 3.58 51.55
C ASP U 539 96.26 3.91 52.84
N PHE U 540 95.18 3.20 53.15
CA PHE U 540 94.45 3.45 54.40
C PHE U 540 95.31 3.11 55.60
N PHE U 541 96.07 2.02 55.53
CA PHE U 541 96.96 1.67 56.64
C PHE U 541 98.06 2.71 56.82
N ALA U 542 98.59 3.24 55.70
CA ALA U 542 99.58 4.30 55.80
C ALA U 542 98.99 5.56 56.42
N GLN U 543 97.76 5.92 56.05
CA GLN U 543 97.10 7.06 56.67
C GLN U 543 96.87 6.82 58.15
N SER U 544 96.52 5.59 58.53
CA SER U 544 96.34 5.26 59.94
C SER U 544 97.65 5.40 60.70
N LEU U 545 98.75 4.92 60.12
CA LEU U 545 100.05 5.07 60.78
C LEU U 545 100.46 6.54 60.89
N GLU U 546 100.14 7.33 59.87
CA GLU U 546 100.42 8.77 59.92
C GLU U 546 99.61 9.43 61.03
N ALA U 547 98.34 9.06 61.17
CA ALA U 547 97.49 9.62 62.20
C ALA U 547 97.83 9.10 63.59
N LEU U 548 98.59 8.00 63.67
CA LEU U 548 98.99 7.46 64.96
C LEU U 548 99.79 8.48 65.78
N ASN U 549 100.45 9.42 65.11
CA ASN U 549 101.19 10.45 65.83
C ASN U 549 100.27 11.33 66.68
N ASN U 550 99.00 11.39 66.34
CA ASN U 550 98.04 12.21 67.07
C ASN U 550 97.30 11.43 68.16
N VAL U 551 97.64 10.16 68.37
CA VAL U 551 96.93 9.34 69.35
C VAL U 551 97.32 9.75 70.76
N SER U 552 96.37 9.63 71.69
CA SER U 552 96.66 9.89 73.09
C SER U 552 97.72 8.92 73.60
N PRO U 553 98.62 9.37 74.48
CA PRO U 553 99.72 8.50 74.92
C PRO U 553 99.27 7.23 75.61
N GLN U 554 98.12 7.24 76.30
CA GLN U 554 97.68 6.07 77.04
C GLN U 554 97.40 4.90 76.11
N ASN U 555 96.64 5.14 75.05
CA ASN U 555 96.33 4.10 74.08
C ASN U 555 97.33 4.04 72.93
N LYS U 556 98.35 4.90 72.95
CA LYS U 556 99.27 4.98 71.81
C LYS U 556 100.04 3.67 71.63
N GLU U 557 100.51 3.07 72.73
CA GLU U 557 101.27 1.83 72.62
C GLU U 557 100.40 0.70 72.05
N ALA U 558 99.19 0.56 72.57
CA ALA U 558 98.30 -0.51 72.09
C ALA U 558 97.94 -0.32 70.63
N LEU U 559 97.61 0.92 70.24
CA LEU U 559 97.23 1.16 68.84
C LEU U 559 98.43 1.01 67.91
N SER U 560 99.63 1.39 68.37
CA SER U 560 100.82 1.18 67.57
C SER U 560 101.10 -0.30 67.37
N ILE U 561 100.92 -1.10 68.42
CA ILE U 561 101.09 -2.55 68.30
C ILE U 561 100.08 -3.11 67.31
N THR U 562 98.82 -2.68 67.41
CA THR U 562 97.80 -3.18 66.49
C THR U 562 98.10 -2.79 65.04
N LEU U 563 98.49 -1.54 64.82
CA LEU U 563 98.78 -1.08 63.46
C LEU U 563 100.01 -1.78 62.88
N HIS U 564 101.03 -1.99 63.71
CA HIS U 564 102.21 -2.72 63.25
C HIS U 564 101.86 -4.17 62.92
N TYR U 565 100.99 -4.79 63.71
CA TYR U 565 100.54 -6.14 63.39
C TYR U 565 99.79 -6.18 62.08
N ASN U 566 98.91 -5.18 61.84
CA ASN U 566 98.20 -5.12 60.57
C ASN U 566 99.14 -4.92 59.40
N LYS U 567 100.12 -4.03 59.55
CA LYS U 567 101.11 -3.81 58.50
C LYS U 567 101.93 -5.06 58.24
N ALA U 568 102.27 -5.80 59.31
CA ALA U 568 102.99 -7.06 59.14
C ALA U 568 102.13 -8.09 58.42
N ARG U 569 100.82 -8.11 58.67
CA ARG U 569 99.94 -8.99 57.91
C ARG U 569 99.92 -8.62 56.43
N VAL U 570 99.84 -7.32 56.14
CA VAL U 570 99.86 -6.87 54.74
C VAL U 570 101.17 -7.25 54.08
N GLU U 571 102.29 -7.12 54.80
CA GLU U 571 103.58 -7.54 54.28
C GLU U 571 103.60 -9.05 54.03
N GLU U 572 103.10 -9.82 54.98
CA GLU U 572 103.05 -11.27 54.81
C GLU U 572 102.27 -11.64 53.56
N VAL U 573 101.24 -10.86 53.25
CA VAL U 573 100.58 -11.01 51.94
C VAL U 573 101.54 -10.65 50.82
N SER U 574 102.26 -9.54 50.97
CA SER U 574 103.15 -9.07 49.92
C SER U 574 104.52 -9.75 49.98
N ASN U 575 105.26 -9.55 51.07
CA ASN U 575 106.62 -10.06 51.19
C ASN U 575 106.82 -10.56 52.62
N GLN U 576 107.17 -11.83 52.78
CA GLN U 576 107.25 -12.43 54.11
C GLN U 576 108.43 -11.91 54.93
N SER U 577 109.47 -11.37 54.28
CA SER U 577 110.65 -10.94 55.04
C SER U 577 110.33 -9.75 55.94
N GLU U 578 109.69 -8.72 55.39
CA GLU U 578 109.31 -7.57 56.21
C GLU U 578 108.27 -7.97 57.26
N ALA U 579 107.41 -8.92 56.92
CA ALA U 579 106.45 -9.43 57.91
C ALA U 579 107.17 -10.05 59.09
N GLU U 580 108.19 -10.87 58.82
CA GLU U 580 108.95 -11.50 59.90
C GLU U 580 109.73 -10.45 60.69
N LYS U 581 110.27 -9.45 60.01
CA LYS U 581 110.98 -8.37 60.71
C LYS U 581 110.05 -7.65 61.69
N LEU U 582 108.88 -7.23 61.21
CA LEU U 582 107.92 -6.57 62.09
C LEU U 582 107.40 -7.51 63.16
N TYR U 583 107.32 -8.81 62.86
CA TYR U 583 106.94 -9.78 63.88
C TYR U 583 107.95 -9.82 65.01
N SER U 584 109.24 -9.83 64.67
CA SER U 584 110.27 -9.76 65.69
C SER U 584 110.21 -8.45 66.46
N LYS U 585 109.97 -7.34 65.75
CA LYS U 585 109.88 -6.04 66.40
C LYS U 585 108.76 -6.02 67.44
N LEU U 586 107.58 -6.53 67.07
CA LEU U 586 106.46 -6.54 67.99
C LEU U 586 106.66 -7.54 69.12
N MET U 587 107.28 -8.69 68.82
CA MET U 587 107.54 -9.69 69.86
C MET U 587 108.48 -9.14 70.91
N GLU U 588 109.52 -8.40 70.48
CA GLU U 588 110.35 -7.69 71.45
C GLU U 588 109.54 -6.62 72.17
N LYS U 589 108.66 -5.92 71.44
CA LYS U 589 107.82 -4.90 72.05
C LYS U 589 106.83 -5.50 73.03
N CYS U 590 106.20 -6.62 72.66
CA CYS U 590 105.18 -7.25 73.50
C CYS U 590 105.26 -8.76 73.32
N PRO U 591 106.07 -9.44 74.14
CA PRO U 591 106.17 -10.90 74.02
C PRO U 591 104.88 -11.63 74.35
N GLY U 592 103.96 -11.01 75.10
CA GLY U 592 102.76 -11.70 75.54
C GLY U 592 101.75 -11.95 74.44
N TYR U 593 101.84 -11.22 73.33
CA TYR U 593 100.88 -11.38 72.25
C TYR U 593 101.06 -12.75 71.59
N THR U 594 99.94 -13.38 71.25
CA THR U 594 99.93 -14.75 70.72
C THR U 594 99.89 -14.81 69.20
N SER U 595 99.05 -13.98 68.57
CA SER U 595 98.89 -14.04 67.13
C SER U 595 100.20 -13.71 66.42
N ASN U 596 100.95 -12.74 66.93
CA ASN U 596 102.26 -12.44 66.37
C ASN U 596 103.19 -13.64 66.43
N LYS U 597 103.28 -14.27 67.60
CA LYS U 597 104.13 -15.45 67.74
C LYS U 597 103.64 -16.59 66.86
N ILE U 598 102.32 -16.79 66.80
CA ILE U 598 101.76 -17.86 65.98
C ILE U 598 102.15 -17.67 64.51
N ARG U 599 101.95 -16.45 63.99
CA ARG U 599 102.28 -16.19 62.60
C ARG U 599 103.77 -16.30 62.35
N TYR U 600 104.60 -15.81 63.28
CA TYR U 600 106.05 -15.88 63.09
C TYR U 600 106.53 -17.33 63.06
N ILE U 601 106.06 -18.14 64.01
CA ILE U 601 106.45 -19.54 64.05
C ILE U 601 105.90 -20.28 62.82
N TYR U 602 104.71 -19.91 62.36
CA TYR U 602 104.14 -20.53 61.16
C TYR U 602 104.99 -20.22 59.93
N LEU U 603 105.42 -18.96 59.79
CA LEU U 603 106.30 -18.61 58.68
C LEU U 603 107.64 -19.33 58.77
N LEU U 604 108.18 -19.46 60.00
CA LEU U 604 109.42 -20.19 60.17
C LEU U 604 109.26 -21.66 59.79
N ALA U 605 108.13 -22.27 60.18
CA ALA U 605 107.86 -23.66 59.82
C ALA U 605 107.72 -23.82 58.32
N LEU U 606 107.08 -22.85 57.65
CA LEU U 606 107.03 -22.88 56.20
C LEU U 606 108.44 -22.81 55.60
N LYS U 607 109.28 -21.94 56.16
CA LYS U 607 110.65 -21.81 55.64
C LYS U 607 111.52 -23.00 56.02
N SER U 608 111.30 -23.55 57.23
CA SER U 608 112.12 -24.64 57.73
C SER U 608 111.51 -26.01 57.49
N ASN U 609 110.38 -26.09 56.79
CA ASN U 609 109.70 -27.36 56.50
C ASN U 609 109.38 -28.12 57.78
N GLY U 610 108.89 -27.41 58.79
CA GLY U 610 108.51 -28.02 60.04
C GLY U 610 109.68 -28.61 60.82
N ASN U 611 110.79 -27.89 60.85
CA ASN U 611 111.97 -28.30 61.62
C ASN U 611 112.08 -27.56 62.95
N ASN U 612 111.04 -26.83 63.35
CA ASN U 612 111.01 -26.08 64.60
C ASN U 612 109.91 -26.60 65.52
N TYR U 613 109.80 -27.93 65.63
CA TYR U 613 108.79 -28.53 66.49
C TYR U 613 108.98 -28.11 67.94
N ALA U 614 110.23 -27.87 68.35
CA ALA U 614 110.48 -27.39 69.72
C ALA U 614 109.81 -26.03 69.95
N ASP U 615 109.88 -25.15 68.96
CA ASP U 615 109.24 -23.84 69.09
C ASP U 615 107.73 -23.98 69.22
N VAL U 616 107.13 -24.88 68.43
CA VAL U 616 105.69 -25.09 68.49
C VAL U 616 105.29 -25.65 69.85
N GLN U 617 106.06 -26.62 70.36
CA GLN U 617 105.77 -27.17 71.68
C GLN U 617 105.90 -26.11 72.77
N GLN U 618 106.94 -25.26 72.68
CA GLN U 618 107.10 -24.19 73.65
C GLN U 618 105.94 -23.21 73.60
N LEU U 619 105.50 -22.86 72.39
CA LEU U 619 104.36 -21.95 72.26
C LEU U 619 103.10 -22.57 72.84
N LEU U 620 102.91 -23.88 72.61
CA LEU U 620 101.76 -24.57 73.21
C LEU U 620 101.83 -24.52 74.72
N ASP U 621 103.03 -24.71 75.29
CA ASP U 621 103.20 -24.62 76.73
C ASP U 621 102.90 -23.21 77.24
N ASP U 622 103.26 -22.19 76.46
CA ASP U 622 103.03 -20.81 76.89
C ASP U 622 101.56 -20.50 77.07
N PHE U 623 100.72 -20.95 76.13
CA PHE U 623 99.29 -20.67 76.15
C PHE U 623 98.51 -21.96 75.93
N PRO U 624 98.47 -22.83 76.94
CA PRO U 624 97.67 -24.07 76.80
C PRO U 624 96.18 -23.82 76.69
N SER U 625 95.69 -22.67 77.16
CA SER U 625 94.27 -22.35 77.09
C SER U 625 93.89 -21.59 75.83
N ASP U 626 94.86 -21.13 75.04
CA ASP U 626 94.56 -20.40 73.81
C ASP U 626 94.08 -21.37 72.73
N LEU U 627 92.88 -21.13 72.21
CA LEU U 627 92.35 -21.97 71.15
C LEU U 627 93.17 -21.84 69.87
N GLU U 628 93.64 -20.62 69.56
CA GLU U 628 94.44 -20.43 68.36
C GLU U 628 95.77 -21.16 68.44
N VAL U 629 96.43 -21.08 69.61
CA VAL U 629 97.71 -21.76 69.78
C VAL U 629 97.54 -23.27 69.66
N ARG U 630 96.49 -23.80 70.31
CA ARG U 630 96.23 -25.24 70.25
C ARG U 630 95.90 -25.69 68.83
N SER U 631 95.10 -24.90 68.10
CA SER U 631 94.75 -25.24 66.74
C SER U 631 95.97 -25.23 65.83
N PHE U 632 96.84 -24.23 65.98
CA PHE U 632 98.07 -24.18 65.20
C PHE U 632 98.98 -25.35 65.52
N TYR U 633 99.10 -25.70 66.81
CA TYR U 633 99.92 -26.84 67.19
C TYR U 633 99.36 -28.13 66.62
N GLY U 634 98.04 -28.29 66.63
CA GLY U 634 97.44 -29.47 66.05
C GLY U 634 97.61 -29.54 64.54
N TRP U 635 97.54 -28.38 63.87
CA TRP U 635 97.80 -28.34 62.43
C TRP U 635 99.23 -28.74 62.13
N PHE U 636 100.19 -28.24 62.93
CA PHE U 636 101.59 -28.62 62.74
C PHE U 636 101.78 -30.12 62.99
N LEU U 637 101.09 -30.66 63.99
CA LEU U 637 101.15 -32.10 64.24
C LEU U 637 100.60 -32.88 63.05
N LYS U 638 99.42 -32.50 62.56
CA LYS U 638 98.85 -33.20 61.41
C LYS U 638 99.77 -33.10 60.20
N ARG U 639 100.51 -32.01 60.08
CA ARG U 639 101.42 -31.84 58.95
C ARG U 639 102.66 -32.71 59.08
N TYR U 640 103.28 -32.77 60.26
CA TYR U 640 104.60 -33.39 60.36
C TYR U 640 104.72 -34.40 61.49
N GLY U 641 103.65 -35.12 61.82
CA GLY U 641 103.74 -36.14 62.85
C GLY U 641 104.63 -37.30 62.45
N ARG U 642 104.48 -37.77 61.20
CA ARG U 642 105.32 -38.86 60.73
C ARG U 642 106.77 -38.40 60.54
N LYS U 643 106.97 -37.14 60.14
CA LYS U 643 108.32 -36.60 60.06
C LYS U 643 108.97 -36.56 61.43
N ASN U 644 108.22 -36.12 62.45
CA ASN U 644 108.74 -36.03 63.81
C ASN U 644 108.64 -37.34 64.58
N GLY U 645 107.98 -38.35 64.02
CA GLY U 645 107.88 -39.63 64.67
C GLY U 645 107.05 -39.64 65.94
N LEU U 646 106.15 -38.67 66.10
CA LEU U 646 105.35 -38.59 67.31
C LEU U 646 104.24 -39.63 67.29
N LYS U 647 103.58 -39.79 68.43
CA LYS U 647 102.49 -40.75 68.55
C LYS U 647 101.33 -40.38 67.65
N GLN U 648 100.73 -41.39 67.02
CA GLN U 648 99.58 -41.15 66.16
C GLN U 648 98.40 -40.60 66.95
N ASP U 649 98.17 -41.12 68.15
CA ASP U 649 97.05 -40.68 68.98
C ASP U 649 97.39 -39.49 69.86
N LEU U 650 98.63 -38.98 69.82
CA LEU U 650 99.00 -37.86 70.66
C LEU U 650 98.17 -36.62 70.35
N GLU U 651 98.00 -36.31 69.07
CA GLU U 651 97.15 -35.20 68.67
C GLU U 651 95.70 -35.48 69.04
N SER U 652 95.29 -36.75 68.97
CA SER U 652 93.94 -37.12 69.39
C SER U 652 93.72 -36.82 70.87
N GLN U 653 94.69 -37.19 71.72
CA GLN U 653 94.57 -36.88 73.14
C GLN U 653 94.60 -35.38 73.39
N HIS U 654 95.43 -34.64 72.64
CA HIS U 654 95.47 -33.19 72.79
C HIS U 654 94.13 -32.56 72.47
N HIS U 655 93.51 -32.98 71.36
CA HIS U 655 92.22 -32.43 70.98
C HIS U 655 91.12 -32.88 71.94
N LYS U 656 91.21 -34.10 72.46
CA LYS U 656 90.23 -34.55 73.44
C LYS U 656 90.32 -33.72 74.72
N ASP U 657 91.54 -33.42 75.17
CA ASP U 657 91.70 -32.56 76.33
C ASP U 657 91.18 -31.16 76.05
N THR U 658 91.44 -30.64 74.84
CA THR U 658 90.92 -29.32 74.47
C THR U 658 89.40 -29.31 74.52
N LEU U 659 88.75 -30.36 74.01
CA LEU U 659 87.29 -30.38 73.98
C LEU U 659 86.71 -30.55 75.37
N ILE U 660 87.26 -31.47 76.18
CA ILE U 660 86.68 -31.77 77.48
C ILE U 660 86.91 -30.61 78.45
N ASN U 661 88.13 -30.09 78.49
CA ASN U 661 88.51 -29.15 79.55
C ASN U 661 88.45 -27.68 79.15
N TYR U 662 88.44 -27.37 77.84
CA TYR U 662 88.45 -25.99 77.40
C TYR U 662 87.19 -25.59 76.64
N ASP U 663 86.83 -26.31 75.60
CA ASP U 663 85.65 -25.98 74.81
C ASP U 663 85.22 -27.20 74.02
N LYS U 664 84.04 -27.75 74.33
CA LYS U 664 83.51 -28.90 73.61
C LYS U 664 82.76 -28.50 72.34
N HIS U 665 82.66 -27.20 72.05
CA HIS U 665 81.97 -26.71 70.87
C HIS U 665 82.93 -26.15 69.83
N ASP U 666 84.22 -26.46 69.94
CA ASP U 666 85.21 -26.00 68.98
C ASP U 666 85.21 -26.94 67.78
N CYS U 667 84.83 -26.41 66.61
CA CYS U 667 84.74 -27.23 65.41
C CYS U 667 86.11 -27.68 64.90
N TYR U 668 87.16 -26.93 65.18
CA TYR U 668 88.49 -27.29 64.69
C TYR U 668 88.96 -28.62 65.26
N ALA U 669 88.92 -28.74 66.59
CA ALA U 669 89.34 -29.99 67.22
C ALA U 669 88.40 -31.14 66.88
N LEU U 670 87.11 -30.86 66.75
CA LEU U 670 86.16 -31.91 66.37
C LEU U 670 86.46 -32.43 64.97
N LEU U 671 86.76 -31.53 64.03
CA LEU U 671 87.11 -31.96 62.68
C LEU U 671 88.43 -32.72 62.66
N SER U 672 89.41 -32.28 63.45
CA SER U 672 90.67 -33.00 63.53
C SER U 672 90.46 -34.41 64.06
N LEU U 673 89.66 -34.54 65.12
CA LEU U 673 89.37 -35.85 65.67
C LEU U 673 88.62 -36.73 64.68
N GLY U 674 87.67 -36.14 63.95
CA GLY U 674 86.95 -36.90 62.94
C GLY U 674 87.86 -37.40 61.84
N ASN U 675 88.78 -36.55 61.39
CA ASN U 675 89.73 -36.96 60.37
C ASN U 675 90.64 -38.08 60.89
N ILE U 676 91.09 -37.96 62.14
CA ILE U 676 91.93 -39.00 62.72
C ILE U 676 91.17 -40.33 62.80
N TYR U 677 89.93 -40.28 63.26
CA TYR U 677 89.14 -41.51 63.39
C TYR U 677 88.85 -42.12 62.01
N ALA U 678 88.57 -41.27 61.01
CA ALA U 678 88.35 -41.78 59.67
C ALA U 678 89.61 -42.43 59.10
N THR U 679 90.77 -41.82 59.36
CA THR U 679 92.03 -42.42 58.92
C THR U 679 92.26 -43.76 59.59
N ILE U 680 91.99 -43.84 60.90
CA ILE U 680 92.17 -45.09 61.63
C ILE U 680 91.25 -46.16 61.06
N ALA U 681 89.99 -45.81 60.80
CA ALA U 681 89.05 -46.77 60.24
C ALA U 681 89.46 -47.22 58.85
N ARG U 682 89.93 -46.28 58.02
CA ARG U 682 90.34 -46.63 56.67
C ARG U 682 91.55 -47.56 56.68
N GLU U 683 92.54 -47.27 57.53
CA GLU U 683 93.71 -48.13 57.61
C GLU U 683 93.43 -49.46 58.28
N MET U 684 92.29 -49.60 58.97
CA MET U 684 91.98 -50.84 59.65
C MET U 684 91.69 -51.95 58.65
N LYS U 685 92.30 -53.11 58.86
CA LYS U 685 92.09 -54.24 57.97
C LYS U 685 90.71 -54.85 58.21
N VAL U 686 90.06 -55.27 57.12
CA VAL U 686 88.74 -55.88 57.17
C VAL U 686 88.90 -57.38 56.96
N THR U 687 88.42 -58.17 57.92
CA THR U 687 88.56 -59.62 57.85
C THR U 687 87.21 -60.32 58.00
N ASP U 688 86.30 -59.73 58.77
CA ASP U 688 85.01 -60.33 59.04
C ASP U 688 84.01 -59.24 59.36
N GLN U 689 82.83 -59.64 59.83
CA GLN U 689 81.79 -58.67 60.14
C GLN U 689 82.17 -57.80 61.34
N LYS U 690 82.89 -58.38 62.31
CA LYS U 690 83.24 -57.62 63.51
C LYS U 690 84.17 -56.47 63.19
N GLN U 691 85.18 -56.71 62.35
CA GLN U 691 86.13 -55.65 62.02
C GLN U 691 85.46 -54.56 61.18
N ASN U 692 84.58 -54.96 60.25
CA ASN U 692 83.82 -53.97 59.49
C ASN U 692 82.90 -53.16 60.39
N GLU U 693 82.31 -53.80 61.42
CA GLU U 693 81.48 -53.06 62.36
C GLU U 693 82.31 -52.10 63.21
N ILE U 694 83.53 -52.49 63.58
CA ILE U 694 84.40 -51.57 64.32
C ILE U 694 84.79 -50.38 63.44
N LYS U 695 85.09 -50.64 62.17
CA LYS U 695 85.38 -49.57 61.22
C LYS U 695 84.17 -48.64 61.08
N ARG U 696 82.97 -49.22 60.99
CA ARG U 696 81.76 -48.42 60.89
C ARG U 696 81.52 -47.62 62.17
N GLN U 697 81.90 -48.17 63.33
CA GLN U 697 81.78 -47.42 64.58
C GLN U 697 82.74 -46.25 64.64
N GLN U 698 83.97 -46.43 64.15
CA GLN U 698 84.90 -45.30 64.07
C GLN U 698 84.38 -44.25 63.11
N TYR U 699 83.86 -44.67 61.96
CA TYR U 699 83.26 -43.72 61.04
C TYR U 699 82.05 -43.03 61.66
N LEU U 700 81.31 -43.74 62.51
CA LEU U 700 80.17 -43.15 63.21
C LEU U 700 80.64 -42.11 64.23
N ARG U 701 81.77 -42.37 64.89
CA ARG U 701 82.33 -41.37 65.79
C ARG U 701 82.73 -40.11 65.02
N ALA U 702 83.39 -40.30 63.88
CA ALA U 702 83.76 -39.14 63.05
C ALA U 702 82.52 -38.40 62.56
N ALA U 703 81.48 -39.14 62.18
CA ALA U 703 80.23 -38.53 61.73
C ALA U 703 79.54 -37.79 62.86
N GLN U 704 79.64 -38.29 64.09
CA GLN U 704 79.08 -37.56 65.23
C GLN U 704 79.86 -36.28 65.50
N PHE U 705 81.19 -36.32 65.34
CA PHE U 705 81.98 -35.09 65.40
C PHE U 705 81.49 -34.08 64.38
N TYR U 706 81.32 -34.53 63.13
CA TYR U 706 80.86 -33.63 62.07
C TYR U 706 79.44 -33.13 62.32
N HIS U 707 78.57 -33.99 62.88
CA HIS U 707 77.20 -33.58 63.16
C HIS U 707 77.15 -32.56 64.29
N LYS U 708 78.01 -32.72 65.30
CA LYS U 708 78.12 -31.68 66.32
C LYS U 708 78.64 -30.38 65.75
N VAL U 709 79.59 -30.46 64.82
CA VAL U 709 80.08 -29.25 64.16
C VAL U 709 78.95 -28.57 63.39
N LEU U 710 78.14 -29.35 62.67
CA LEU U 710 77.03 -28.79 61.92
C LEU U 710 75.98 -28.20 62.85
N SER U 711 75.74 -28.84 64.00
CA SER U 711 74.84 -28.27 64.99
C SER U 711 75.38 -26.93 65.50
N ILE U 712 76.69 -26.84 65.71
CA ILE U 712 77.31 -25.56 66.03
C ILE U 712 77.15 -24.59 64.86
N ASP U 713 77.42 -25.07 63.64
CA ASP U 713 77.33 -24.23 62.45
C ASP U 713 76.98 -25.07 61.23
N PRO U 714 75.75 -24.94 60.69
CA PRO U 714 75.38 -25.73 59.52
C PRO U 714 76.06 -25.28 58.23
N LYS U 715 76.84 -24.21 58.26
CA LYS U 715 77.53 -23.69 57.08
C LYS U 715 78.99 -24.15 57.00
N ASN U 716 79.28 -25.35 57.52
CA ASN U 716 80.64 -25.87 57.55
C ASN U 716 80.87 -26.75 56.32
N ILE U 717 81.74 -26.29 55.43
CA ILE U 717 82.04 -27.05 54.22
C ILE U 717 82.85 -28.30 54.56
N TYR U 718 83.77 -28.21 55.53
CA TYR U 718 84.65 -29.33 55.83
C TYR U 718 83.89 -30.49 56.47
N ALA U 719 82.88 -30.19 57.29
CA ALA U 719 82.06 -31.26 57.85
C ALA U 719 81.34 -32.02 56.75
N ALA U 720 80.77 -31.30 55.78
CA ALA U 720 80.11 -31.97 54.66
C ALA U 720 81.11 -32.74 53.81
N GLN U 721 82.33 -32.22 53.67
CA GLN U 721 83.36 -32.93 52.91
C GLN U 721 83.75 -34.23 53.59
N GLY U 722 83.89 -34.21 54.91
CA GLY U 722 84.14 -35.43 55.65
C GLY U 722 82.98 -36.41 55.54
N ILE U 723 81.76 -35.90 55.57
CA ILE U 723 80.58 -36.75 55.40
C ILE U 723 80.62 -37.42 54.02
N ALA U 724 80.96 -36.66 52.99
CA ALA U 724 81.05 -37.21 51.64
C ALA U 724 82.15 -38.25 51.54
N ILE U 725 83.29 -38.02 52.21
CA ILE U 725 84.37 -39.00 52.21
C ILE U 725 83.91 -40.29 52.87
N ILE U 726 83.21 -40.17 54.00
CA ILE U 726 82.68 -41.35 54.68
C ILE U 726 81.71 -42.10 53.77
N PHE U 727 80.84 -41.36 53.07
CA PHE U 727 79.91 -41.98 52.13
C PHE U 727 80.66 -42.69 51.01
N SER U 728 81.76 -42.09 50.55
CA SER U 728 82.60 -42.73 49.54
C SER U 728 83.16 -44.04 50.06
N ASP U 729 83.60 -44.06 51.33
CA ASP U 729 84.01 -45.31 51.95
C ASP U 729 82.84 -46.26 52.10
N LYS U 730 81.64 -45.72 52.30
CA LYS U 730 80.42 -46.52 52.41
C LYS U 730 79.70 -46.71 51.08
N GLU U 731 80.30 -46.23 49.98
CA GLU U 731 79.77 -46.36 48.62
C GLU U 731 78.43 -45.66 48.43
N ARG U 732 78.15 -44.60 49.19
CA ARG U 732 76.99 -43.76 48.96
C ARG U 732 77.42 -42.64 48.00
N THR U 733 77.48 -43.00 46.71
CA THR U 733 78.10 -42.12 45.72
C THR U 733 77.24 -40.89 45.44
N GLY U 734 75.92 -41.05 45.42
CA GLY U 734 75.06 -39.92 45.08
C GLY U 734 75.13 -38.79 46.09
N LEU U 735 75.08 -39.13 47.38
CA LEU U 735 75.16 -38.10 48.41
C LEU U 735 76.51 -37.40 48.38
N ALA U 736 77.59 -38.16 48.18
CA ALA U 736 78.91 -37.55 48.08
C ALA U 736 79.01 -36.63 46.87
N LEU U 737 78.42 -37.04 45.75
CA LEU U 737 78.43 -36.21 44.55
C LEU U 737 77.68 -34.92 44.79
N GLU U 738 76.50 -34.99 45.41
CA GLU U 738 75.73 -33.78 45.70
C GLU U 738 76.51 -32.86 46.64
N ILE U 739 77.12 -33.43 47.69
CA ILE U 739 77.87 -32.64 48.65
C ILE U 739 79.06 -31.97 47.96
N PHE U 740 79.77 -32.70 47.11
CA PHE U 740 80.93 -32.14 46.44
C PHE U 740 80.53 -31.04 45.46
N LYS U 741 79.40 -31.22 44.76
CA LYS U 741 78.93 -30.16 43.88
C LYS U 741 78.58 -28.90 44.67
N LYS U 742 77.90 -29.07 45.81
CA LYS U 742 77.58 -27.91 46.64
C LYS U 742 78.85 -27.25 47.16
N VAL U 743 79.85 -28.05 47.54
CA VAL U 743 81.11 -27.50 48.05
C VAL U 743 81.81 -26.71 46.95
N ARG U 744 81.86 -27.26 45.74
CA ARG U 744 82.47 -26.55 44.62
C ARG U 744 81.74 -25.24 44.34
N ASP U 745 80.41 -25.27 44.41
CA ASP U 745 79.64 -24.04 44.27
C ASP U 745 80.01 -23.05 45.37
N THR U 746 80.33 -23.56 46.57
CA THR U 746 80.70 -22.70 47.68
C THR U 746 82.14 -22.20 47.56
N VAL U 747 83.10 -23.13 47.53
CA VAL U 747 84.51 -22.79 47.52
C VAL U 747 85.20 -23.57 46.41
N GLN U 748 86.28 -23.01 45.88
CA GLN U 748 87.03 -23.62 44.77
C GLN U 748 88.49 -23.76 45.18
N ASP U 749 88.89 -24.97 45.55
CA ASP U 749 90.29 -25.29 45.79
C ASP U 749 90.65 -26.55 45.02
N LEU U 750 91.94 -26.91 45.07
CA LEU U 750 92.40 -28.10 44.35
C LEU U 750 91.74 -29.37 44.88
N GLY U 751 91.57 -29.46 46.20
CA GLY U 751 90.99 -30.66 46.79
C GLY U 751 89.57 -30.90 46.34
N THR U 752 88.77 -29.84 46.22
CA THR U 752 87.40 -29.99 45.78
C THR U 752 87.34 -30.56 44.36
N PHE U 753 88.16 -30.03 43.46
CA PHE U 753 88.18 -30.54 42.10
C PHE U 753 88.66 -31.98 42.04
N ILE U 754 89.68 -32.32 42.83
CA ILE U 754 90.18 -33.69 42.84
C ILE U 754 89.10 -34.63 43.36
N ASN U 755 88.39 -34.24 44.42
CA ASN U 755 87.32 -35.08 44.94
C ASN U 755 86.17 -35.22 43.96
N LEU U 756 85.86 -34.14 43.23
CA LEU U 756 84.84 -34.22 42.19
C LEU U 756 85.24 -35.19 41.10
N GLY U 757 86.50 -35.14 40.68
CA GLY U 757 86.97 -36.11 39.69
C GLY U 757 86.90 -37.53 40.20
N HIS U 758 87.30 -37.75 41.45
CA HIS U 758 87.21 -39.08 42.05
C HIS U 758 85.78 -39.57 42.07
N CYS U 759 84.84 -38.70 42.47
CA CYS U 759 83.44 -39.10 42.52
C CYS U 759 82.89 -39.41 41.13
N PHE U 760 83.27 -38.61 40.14
CA PHE U 760 82.85 -38.88 38.77
C PHE U 760 83.40 -40.22 38.28
N MET U 761 84.65 -40.52 38.64
CA MET U 761 85.19 -41.83 38.33
C MET U 761 84.40 -42.93 39.01
N GLU U 762 84.02 -42.73 40.27
CA GLU U 762 83.13 -43.67 40.96
C GLU U 762 81.73 -43.65 40.38
N ALA U 763 81.30 -42.52 39.81
CA ALA U 763 79.98 -42.41 39.20
C ALA U 763 79.99 -42.77 37.73
N LYS U 764 81.12 -43.24 37.20
CA LYS U 764 81.29 -43.67 35.82
C LYS U 764 81.10 -42.54 34.81
N GLN U 765 81.06 -41.29 35.27
CA GLN U 765 81.05 -40.14 34.36
C GLN U 765 82.49 -39.71 34.10
N PHE U 766 83.12 -40.43 33.18
CA PHE U 766 84.55 -40.27 32.96
C PHE U 766 84.87 -38.95 32.27
N GLY U 767 83.99 -38.48 31.39
CA GLY U 767 84.23 -37.20 30.74
C GLY U 767 84.24 -36.04 31.72
N LYS U 768 83.26 -36.02 32.64
CA LYS U 768 83.22 -34.99 33.66
C LYS U 768 84.42 -35.11 34.60
N ALA U 769 84.85 -36.34 34.87
CA ALA U 769 86.06 -36.53 35.66
C ALA U 769 87.27 -35.93 34.96
N ILE U 770 87.37 -36.14 33.65
CA ILE U 770 88.47 -35.57 32.88
C ILE U 770 88.43 -34.06 32.96
N GLU U 771 87.25 -33.47 32.80
CA GLU U 771 87.12 -32.01 32.89
C GLU U 771 87.52 -31.50 34.27
N SER U 772 87.07 -32.18 35.32
CA SER U 772 87.39 -31.74 36.68
C SER U 772 88.89 -31.83 36.94
N TYR U 773 89.52 -32.92 36.51
CA TYR U 773 90.95 -33.08 36.70
C TYR U 773 91.73 -32.04 35.90
N THR U 774 91.27 -31.74 34.68
CA THR U 774 91.94 -30.72 33.87
C THR U 774 91.84 -29.35 34.53
N ILE U 775 90.66 -29.01 35.06
CA ILE U 775 90.51 -27.72 35.74
C ILE U 775 91.38 -27.68 36.99
N ALA U 776 91.44 -28.78 37.74
CA ALA U 776 92.30 -28.83 38.92
C ALA U 776 93.75 -28.63 38.53
N LEU U 777 94.19 -29.28 37.44
CA LEU U 777 95.58 -29.14 37.01
C LEU U 777 95.88 -27.70 36.59
N GLU U 778 94.97 -27.07 35.84
CA GLU U 778 95.26 -25.74 35.31
C GLU U 778 95.19 -24.68 36.40
N LYS U 779 94.18 -24.74 37.26
CA LYS U 779 93.93 -23.63 38.18
C LYS U 779 94.97 -23.56 39.28
N PHE U 780 95.32 -24.70 39.89
CA PHE U 780 96.15 -24.71 41.08
C PHE U 780 97.50 -25.36 40.85
N SER U 781 97.53 -26.62 40.41
CA SER U 781 98.80 -27.32 40.23
C SER U 781 99.61 -26.76 39.06
N ASN U 782 98.94 -26.07 38.12
CA ASN U 782 99.61 -25.44 36.98
C ASN U 782 100.40 -26.45 36.15
N GLY U 783 99.89 -27.68 36.06
CA GLY U 783 100.52 -28.69 35.22
C GLY U 783 101.82 -29.26 35.74
N MET U 784 102.06 -29.20 37.05
CA MET U 784 103.31 -29.67 37.62
C MET U 784 103.17 -30.97 38.41
N ASP U 785 102.04 -31.21 39.06
CA ASP U 785 101.89 -32.41 39.88
C ASP U 785 101.74 -33.64 39.00
N SER U 786 102.44 -34.71 39.37
CA SER U 786 102.33 -35.96 38.61
C SER U 786 101.05 -36.70 38.92
N LYS U 787 100.52 -36.54 40.14
CA LYS U 787 99.33 -37.30 40.53
C LYS U 787 98.11 -36.91 39.71
N LEU U 788 97.95 -35.62 39.42
CA LEU U 788 96.83 -35.20 38.59
C LEU U 788 96.96 -35.73 37.17
N LEU U 789 98.18 -35.76 36.63
CA LEU U 789 98.40 -36.37 35.33
C LEU U 789 98.07 -37.85 35.35
N VAL U 790 98.43 -38.54 36.44
CA VAL U 790 98.09 -39.95 36.58
C VAL U 790 96.57 -40.14 36.57
N LEU U 791 95.86 -39.28 37.30
CA LEU U 791 94.41 -39.35 37.33
C LEU U 791 93.81 -39.09 35.95
N ILE U 792 94.35 -38.11 35.22
CA ILE U 792 93.86 -37.83 33.88
C ILE U 792 94.08 -39.03 32.96
N GLY U 793 95.26 -39.65 33.05
CA GLY U 793 95.52 -40.83 32.24
C GLY U 793 94.60 -41.98 32.59
N ARG U 794 94.34 -42.19 33.87
CA ARG U 794 93.42 -43.24 34.28
C ARG U 794 92.00 -42.99 33.75
N ALA U 795 91.55 -41.74 33.84
CA ALA U 795 90.22 -41.40 33.35
C ALA U 795 90.14 -41.60 31.83
N TRP U 796 91.18 -41.19 31.11
CA TRP U 796 91.20 -41.39 29.66
C TRP U 796 91.18 -42.87 29.32
N TYR U 797 91.93 -43.68 30.05
CA TYR U 797 91.94 -45.12 29.82
C TYR U 797 90.56 -45.72 30.10
N HIS U 798 89.90 -45.27 31.17
CA HIS U 798 88.56 -45.75 31.46
C HIS U 798 87.60 -45.39 30.33
N ARG U 799 87.68 -44.15 29.83
CA ARG U 799 86.83 -43.73 28.72
C ARG U 799 87.08 -44.59 27.49
N GLY U 800 88.36 -44.81 27.16
CA GLY U 800 88.67 -45.61 25.99
C GLY U 800 88.22 -47.06 26.12
N PHE U 801 88.35 -47.62 27.32
CA PHE U 801 87.96 -49.01 27.52
C PHE U 801 86.44 -49.17 27.47
N TYR U 802 85.71 -48.32 28.19
CA TYR U 802 84.26 -48.49 28.25
C TYR U 802 83.56 -48.01 26.99
N GLU U 803 84.19 -47.10 26.22
CA GLU U 803 83.57 -46.56 25.03
C GLU U 803 84.23 -47.01 23.73
N LYS U 804 85.29 -47.83 23.82
CA LYS U 804 85.98 -48.36 22.64
C LYS U 804 86.47 -47.24 21.74
N SER U 805 87.14 -46.26 22.34
CA SER U 805 87.65 -45.09 21.63
C SER U 805 89.17 -45.12 21.61
N MET U 806 89.74 -45.05 20.41
CA MET U 806 91.19 -45.08 20.26
C MET U 806 91.84 -43.75 20.63
N ASP U 807 91.17 -42.64 20.32
CA ASP U 807 91.73 -41.33 20.63
C ASP U 807 91.91 -41.13 22.14
N ALA U 808 90.99 -41.70 22.93
CA ALA U 808 91.17 -41.69 24.38
C ALA U 808 92.45 -42.40 24.78
N TYR U 809 92.72 -43.56 24.15
CA TYR U 809 93.96 -44.27 24.43
C TYR U 809 95.18 -43.44 24.03
N LYS U 810 95.11 -42.77 22.89
CA LYS U 810 96.24 -41.95 22.45
C LYS U 810 96.50 -40.81 23.43
N LYS U 811 95.44 -40.15 23.89
CA LYS U 811 95.61 -39.06 24.84
C LYS U 811 96.13 -39.56 26.18
N ALA U 812 95.63 -40.71 26.63
CA ALA U 812 96.15 -41.30 27.87
C ALA U 812 97.62 -41.65 27.74
N LEU U 813 98.02 -42.20 26.59
CA LEU U 813 99.41 -42.54 26.37
C LEU U 813 100.29 -41.30 26.39
N GLU U 814 99.83 -40.22 25.73
CA GLU U 814 100.62 -39.00 25.72
C GLU U 814 100.73 -38.39 27.11
N VAL U 815 99.65 -38.40 27.88
CA VAL U 815 99.68 -37.87 29.25
C VAL U 815 100.63 -38.69 30.11
N SER U 816 100.57 -40.01 29.99
CA SER U 816 101.47 -40.86 30.77
C SER U 816 102.92 -40.62 30.37
N GLU U 817 103.18 -40.43 29.08
CA GLU U 817 104.54 -40.15 28.63
C GLU U 817 105.05 -38.83 29.20
N GLN U 818 104.20 -37.80 29.19
CA GLN U 818 104.61 -36.52 29.78
C GLN U 818 104.89 -36.66 31.27
N ALA U 819 104.02 -37.38 31.99
CA ALA U 819 104.23 -37.57 33.42
C ALA U 819 105.52 -38.32 33.69
N TYR U 820 105.79 -39.37 32.91
CA TYR U 820 107.03 -40.13 33.08
C TYR U 820 108.24 -39.27 32.80
N GLN U 821 108.22 -38.50 31.70
CA GLN U 821 109.34 -37.61 31.41
C GLN U 821 109.52 -36.58 32.50
N LEU U 822 108.45 -36.22 33.20
CA LEU U 822 108.60 -35.36 34.37
C LEU U 822 109.18 -36.09 35.57
N SER U 823 108.93 -37.40 35.69
CA SER U 823 109.34 -38.14 36.88
C SER U 823 110.30 -39.29 36.58
N LYS U 824 110.01 -40.11 35.56
CA LYS U 824 110.80 -41.32 35.26
C LYS U 824 110.81 -42.28 36.45
N LEU U 825 109.61 -42.72 36.83
CA LEU U 825 109.44 -43.67 37.93
C LEU U 825 108.96 -45.02 37.41
N PRO U 826 109.26 -46.12 38.12
CA PRO U 826 108.79 -47.43 37.66
C PRO U 826 107.28 -47.53 37.55
N ALA U 827 106.54 -46.83 38.41
CA ALA U 827 105.07 -46.89 38.34
C ALA U 827 104.57 -46.35 37.01
N LEU U 828 105.11 -45.22 36.57
CA LEU U 828 104.68 -44.65 35.29
C LEU U 828 105.21 -45.45 34.12
N ARG U 829 106.36 -46.11 34.27
CA ARG U 829 106.84 -47.03 33.26
C ARG U 829 105.85 -48.18 33.07
N PHE U 830 105.38 -48.76 34.18
CA PHE U 830 104.39 -49.82 34.09
C PHE U 830 103.08 -49.30 33.52
N ASN U 831 102.71 -48.07 33.87
CA ASN U 831 101.49 -47.48 33.31
C ASN U 831 101.59 -47.35 31.80
N ILE U 832 102.75 -46.88 31.29
CA ILE U 832 102.95 -46.78 29.86
C ILE U 832 102.88 -48.16 29.20
N VAL U 833 103.51 -49.15 29.83
CA VAL U 833 103.49 -50.51 29.28
C VAL U 833 102.07 -51.04 29.21
N PHE U 834 101.29 -50.84 30.28
CA PHE U 834 99.91 -51.31 30.30
C PHE U 834 99.08 -50.60 29.24
N ILE U 835 99.28 -49.29 29.08
CA ILE U 835 98.54 -48.55 28.05
C ILE U 835 98.89 -49.08 26.67
N GLN U 836 100.17 -49.33 26.41
CA GLN U 836 100.57 -49.82 25.09
C GLN U 836 100.04 -51.22 24.83
N PHE U 837 100.04 -52.09 25.85
CA PHE U 837 99.47 -53.42 25.69
C PHE U 837 97.97 -53.36 25.39
N GLN U 838 97.25 -52.51 26.13
CA GLN U 838 95.82 -52.35 25.87
C GLN U 838 95.58 -51.79 24.48
N ILE U 839 96.43 -50.86 24.05
CA ILE U 839 96.31 -50.26 22.72
C ILE U 839 96.49 -51.34 21.65
N ALA U 840 97.51 -52.18 21.81
CA ALA U 840 97.74 -53.24 20.84
C ALA U 840 96.58 -54.23 20.81
N ASP U 841 96.07 -54.61 21.98
CA ASP U 841 94.95 -55.54 22.04
C ASP U 841 93.71 -54.94 21.37
N PHE U 842 93.41 -53.67 21.65
CA PHE U 842 92.23 -53.04 21.07
C PHE U 842 92.38 -52.89 19.56
N VAL U 843 93.56 -52.51 19.09
CA VAL U 843 93.78 -52.36 17.65
C VAL U 843 93.66 -53.70 16.95
N LYS U 844 94.19 -54.77 17.54
CA LYS U 844 94.01 -56.09 16.96
C LYS U 844 92.54 -56.48 16.93
N SER U 845 91.81 -56.15 18.00
CA SER U 845 90.38 -56.45 18.04
C SER U 845 89.58 -55.64 17.02
N LEU U 846 90.10 -54.48 16.60
CA LEU U 846 89.37 -53.65 15.67
C LEU U 846 89.31 -54.29 14.29
N PRO U 847 88.23 -54.08 13.54
CA PRO U 847 88.17 -54.55 12.15
C PRO U 847 89.09 -53.73 11.25
N ASN U 848 89.29 -54.26 10.04
CA ASN U 848 90.13 -53.57 9.07
C ASN U 848 89.55 -52.23 8.67
N THR U 849 88.23 -52.16 8.49
CA THR U 849 87.60 -50.92 8.07
C THR U 849 87.67 -49.83 9.12
N GLN U 850 87.91 -50.20 10.37
CA GLN U 850 87.94 -49.24 11.47
C GLN U 850 89.35 -48.84 11.88
N ARG U 851 90.36 -49.24 11.11
CA ARG U 851 91.75 -48.94 11.45
C ARG U 851 92.52 -48.71 10.15
N ASP U 852 93.80 -48.36 10.31
CA ASP U 852 94.69 -48.13 9.19
C ASP U 852 96.06 -48.71 9.50
N LEU U 853 96.94 -48.68 8.50
CA LEU U 853 98.28 -49.25 8.66
C LEU U 853 99.10 -48.46 9.67
N THR U 854 98.94 -47.13 9.71
CA THR U 854 99.74 -46.32 10.64
C THR U 854 99.46 -46.70 12.08
N THR U 855 98.18 -46.88 12.43
CA THR U 855 97.85 -47.28 13.80
C THR U 855 98.41 -48.65 14.12
N LEU U 856 98.37 -49.57 13.15
CA LEU U 856 98.95 -50.90 13.36
C LEU U 856 100.45 -50.82 13.63
N GLU U 857 101.17 -50.02 12.85
CA GLU U 857 102.61 -49.88 13.04
C GLU U 857 102.93 -49.24 14.39
N ASN U 858 102.17 -48.20 14.76
CA ASN U 858 102.37 -47.56 16.04
C ASN U 858 102.11 -48.53 17.19
N ALA U 859 101.05 -49.34 17.07
CA ALA U 859 100.74 -50.33 18.10
C ALA U 859 101.84 -51.37 18.21
N LEU U 860 102.38 -51.82 17.07
CA LEU U 860 103.46 -52.81 17.11
C LEU U 860 104.71 -52.25 17.75
N SER U 861 105.09 -51.01 17.40
CA SER U 861 106.25 -50.37 18.00
C SER U 861 106.05 -50.19 19.51
N GLY U 862 104.85 -49.75 19.91
CA GLY U 862 104.55 -49.64 21.32
C GLY U 862 104.59 -50.97 22.04
N LEU U 863 104.16 -52.05 21.37
CA LEU U 863 104.23 -53.37 21.97
C LEU U 863 105.68 -53.79 22.20
N ASN U 864 106.54 -53.55 21.21
CA ASN U 864 107.96 -53.88 21.38
C ASN U 864 108.57 -53.10 22.53
N ASP U 865 108.32 -51.79 22.57
CA ASP U 865 108.87 -50.96 23.65
C ASP U 865 108.29 -51.37 25.00
N ALA U 866 107.01 -51.77 25.02
CA ALA U 866 106.38 -52.20 26.27
C ALA U 866 106.98 -53.51 26.77
N ILE U 867 107.29 -54.43 25.86
CA ILE U 867 107.95 -55.67 26.26
C ILE U 867 109.34 -55.37 26.83
N LYS U 868 110.09 -54.49 26.16
CA LYS U 868 111.41 -54.13 26.67
C LYS U 868 111.32 -53.49 28.05
N SER U 869 110.36 -52.58 28.24
CA SER U 869 110.20 -51.94 29.53
C SER U 869 109.69 -52.91 30.59
N LEU U 870 108.90 -53.91 30.19
CA LEU U 870 108.48 -54.95 31.14
C LEU U 870 109.69 -55.74 31.63
N LEU U 871 110.60 -56.08 30.71
CA LEU U 871 111.83 -56.74 31.13
C LEU U 871 112.64 -55.82 32.06
N LYS U 872 112.72 -54.54 31.73
CA LYS U 872 113.45 -53.59 32.58
C LYS U 872 112.85 -53.55 33.97
N LEU U 873 111.51 -53.50 34.07
CA LEU U 873 110.85 -53.49 35.37
C LEU U 873 111.10 -54.79 36.12
N ALA U 874 111.06 -55.92 35.43
CA ALA U 874 111.35 -57.20 36.06
C ALA U 874 112.79 -57.27 36.56
N GLU U 875 113.69 -56.50 35.96
CA GLU U 875 115.07 -56.44 36.45
C GLU U 875 115.27 -55.46 37.60
N LEU U 876 114.22 -54.76 38.03
CA LEU U 876 114.35 -53.79 39.11
C LEU U 876 114.36 -54.50 40.47
N GLU U 877 114.67 -53.72 41.51
CA GLU U 877 114.71 -54.27 42.86
C GLU U 877 113.31 -54.52 43.40
N GLN U 878 112.50 -53.46 43.48
CA GLN U 878 111.12 -53.55 43.98
C GLN U 878 110.19 -52.95 42.93
N PRO U 879 109.88 -53.70 41.88
CA PRO U 879 108.94 -53.20 40.86
C PRO U 879 107.55 -53.07 41.43
N PRO U 880 106.69 -52.25 40.80
CA PRO U 880 105.32 -52.09 41.32
C PRO U 880 104.54 -53.40 41.36
N TYR U 881 104.84 -54.33 40.47
CA TYR U 881 104.25 -55.66 40.44
C TYR U 881 105.38 -56.69 40.44
N PRO U 882 105.10 -57.90 40.91
CA PRO U 882 106.17 -58.91 41.00
C PRO U 882 106.82 -59.16 39.65
N SER U 883 108.14 -59.34 39.66
CA SER U 883 108.90 -59.49 38.42
C SER U 883 108.45 -60.71 37.63
N GLU U 884 108.01 -61.76 38.32
CA GLU U 884 107.50 -62.93 37.62
C GLU U 884 106.27 -62.57 36.79
N ASP U 885 105.37 -61.77 37.37
CA ASP U 885 104.18 -61.34 36.61
C ASP U 885 104.57 -60.49 35.42
N LEU U 886 105.55 -59.59 35.59
CA LEU U 886 105.99 -58.75 34.49
C LEU U 886 106.57 -59.59 33.35
N LYS U 887 107.43 -60.55 33.69
CA LYS U 887 108.02 -61.41 32.66
C LYS U 887 106.96 -62.27 31.98
N ALA U 888 106.01 -62.79 32.76
CA ALA U 888 104.95 -63.60 32.18
C ALA U 888 104.10 -62.78 31.21
N ARG U 889 103.76 -61.54 31.60
CA ARG U 889 102.97 -60.69 30.72
C ARG U 889 103.74 -60.34 29.45
N ALA U 890 105.03 -60.03 29.58
CA ALA U 890 105.83 -59.74 28.39
C ALA U 890 105.89 -60.94 27.45
N THR U 891 106.09 -62.13 28.01
CA THR U 891 106.12 -63.35 27.20
C THR U 891 104.78 -63.58 26.52
N MET U 892 103.67 -63.41 27.26
CA MET U 892 102.36 -63.61 26.68
C MET U 892 102.09 -62.63 25.55
N GLY U 893 102.49 -61.37 25.73
CA GLY U 893 102.32 -60.39 24.67
C GLY U 893 103.16 -60.69 23.45
N SER U 894 104.40 -61.15 23.65
CA SER U 894 105.28 -61.39 22.52
C SER U 894 104.88 -62.66 21.76
N ASN U 895 104.38 -63.68 22.47
CA ASN U 895 104.12 -64.97 21.84
C ASN U 895 102.97 -64.91 20.85
N THR U 896 101.84 -64.32 21.25
CA THR U 896 100.62 -64.36 20.47
C THR U 896 100.22 -63.00 19.91
N LEU U 897 100.20 -61.97 20.75
CA LEU U 897 99.72 -60.66 20.31
C LEU U 897 100.60 -60.09 19.20
N ARG U 898 101.92 -60.33 19.30
CA ARG U 898 102.83 -59.79 18.30
C ARG U 898 102.56 -60.38 16.91
N ASN U 899 102.29 -61.69 16.84
CA ASN U 899 102.00 -62.32 15.55
C ASN U 899 100.63 -61.91 15.03
N GLN U 900 99.64 -61.78 15.93
CA GLN U 900 98.33 -61.33 15.51
C GLN U 900 98.37 -59.92 14.95
N LEU U 901 99.25 -59.07 15.51
CA LEU U 901 99.42 -57.73 14.96
C LEU U 901 99.93 -57.78 13.52
N GLU U 902 100.91 -58.66 13.26
CA GLU U 902 101.43 -58.78 11.90
C GLU U 902 100.38 -59.34 10.95
N ARG U 903 99.56 -60.29 11.41
CA ARG U 903 98.47 -60.79 10.58
C ARG U 903 97.47 -59.68 10.26
N ALA U 904 97.14 -58.85 11.25
CA ALA U 904 96.26 -57.73 11.00
C ALA U 904 96.89 -56.75 10.02
N ILE U 905 98.19 -56.53 10.12
CA ILE U 905 98.87 -55.64 9.18
C ILE U 905 98.78 -56.18 7.77
N GLN U 906 98.99 -57.48 7.60
CA GLN U 906 98.89 -58.09 6.27
C GLN U 906 97.48 -57.98 5.72
N ASP U 907 96.47 -58.23 6.56
CA ASP U 907 95.09 -58.10 6.11
C ASP U 907 94.76 -56.67 5.70
N GLN U 908 95.24 -55.70 6.48
CA GLN U 908 95.03 -54.29 6.14
C GLN U 908 95.69 -53.94 4.82
N GLN U 909 96.91 -54.44 4.60
CA GLN U 909 97.60 -54.18 3.34
C GLN U 909 96.83 -54.78 2.17
N ASP U 910 96.30 -56.00 2.35
CA ASP U 910 95.50 -56.62 1.30
C ASP U 910 94.25 -55.80 1.00
N TYR U 911 93.60 -55.28 2.04
CA TYR U 911 92.40 -54.47 1.87
C TYR U 911 92.72 -53.18 1.11
N GLU U 912 93.81 -52.52 1.47
CA GLU U 912 94.23 -51.31 0.76
C GLU U 912 94.56 -51.62 -0.70
N MET U 913 95.23 -52.74 -0.95
CA MET U 913 95.56 -53.12 -2.32
C MET U 913 94.30 -53.38 -3.14
N SER U 914 93.31 -54.04 -2.54
CA SER U 914 92.06 -54.27 -3.26
C SER U 914 91.37 -52.95 -3.58
N ILE U 915 91.36 -52.02 -2.62
CA ILE U 915 90.76 -50.71 -2.87
C ILE U 915 91.44 -50.03 -4.04
N GLN U 916 92.77 -50.03 -4.05
CA GLN U 916 93.51 -49.35 -5.11
C GLN U 916 93.30 -50.04 -6.45
N GLU U 917 93.19 -51.37 -6.44
CA GLU U 917 92.91 -52.09 -7.68
C GLU U 917 91.56 -51.69 -8.25
N LYS U 918 90.53 -51.62 -7.42
CA LYS U 918 89.23 -51.18 -7.89
C LYS U 918 89.29 -49.76 -8.44
N LEU U 919 89.97 -48.86 -7.73
CA LEU U 919 90.04 -47.46 -8.15
C LEU U 919 90.76 -47.33 -9.48
N ARG U 920 91.83 -48.11 -9.69
CA ARG U 920 92.56 -48.01 -10.95
C ARG U 920 91.81 -48.69 -12.08
N THR U 921 91.02 -49.73 -11.78
CA THR U 921 90.28 -50.40 -12.85
C THR U 921 89.08 -49.60 -13.32
N ALA U 922 88.44 -48.84 -12.43
CA ALA U 922 87.24 -48.09 -12.82
C ALA U 922 87.56 -47.04 -13.87
N ARG U 923 88.67 -46.30 -13.70
CA ARG U 923 88.96 -45.16 -14.57
C ARG U 923 89.26 -45.61 -15.99
N ARG U 924 89.92 -46.75 -16.16
CA ARG U 924 90.21 -47.24 -17.49
C ARG U 924 88.93 -47.55 -18.26
N LYS U 925 87.97 -48.22 -17.60
CA LYS U 925 86.71 -48.51 -18.27
C LYS U 925 85.94 -47.23 -18.57
N GLN U 926 85.99 -46.25 -17.67
CA GLN U 926 85.34 -44.98 -17.95
C GLN U 926 85.93 -44.31 -19.19
N GLN U 927 87.26 -44.32 -19.31
CA GLN U 927 87.91 -43.73 -20.48
C GLN U 927 87.55 -44.49 -21.75
N LEU U 928 87.48 -45.83 -21.67
CA LEU U 928 87.06 -46.62 -22.82
C LEU U 928 85.65 -46.23 -23.27
N ASP U 929 84.73 -46.08 -22.31
CA ASP U 929 83.38 -45.68 -22.67
C ASP U 929 83.35 -44.29 -23.31
N GLU U 930 84.12 -43.35 -22.78
CA GLU U 930 84.16 -42.01 -23.37
C GLU U 930 84.71 -42.08 -24.80
N GLU U 931 85.72 -42.90 -25.03
CA GLU U 931 86.24 -43.06 -26.39
C GLU U 931 85.20 -43.66 -27.32
N LYS U 932 84.39 -44.59 -26.81
CA LYS U 932 83.31 -45.15 -27.61
C LYS U 932 82.31 -44.07 -28.03
N ARG U 933 81.93 -43.22 -27.07
CA ARG U 933 81.04 -42.10 -27.40
C ARG U 933 81.67 -41.18 -28.44
N LEU U 934 82.96 -40.90 -28.31
CA LEU U 934 83.63 -40.05 -29.29
C LEU U 934 83.61 -40.67 -30.68
N GLU U 935 83.83 -41.99 -30.76
CA GLU U 935 83.80 -42.66 -32.06
C GLU U 935 82.41 -42.58 -32.69
N GLN U 936 81.37 -42.81 -31.89
CA GLN U 936 80.01 -42.71 -32.44
C GLN U 936 79.71 -41.28 -32.91
N GLU U 937 80.16 -40.29 -32.15
CA GLU U 937 79.97 -38.90 -32.56
C GLU U 937 80.66 -38.62 -33.88
N GLN U 938 81.89 -39.12 -34.04
CA GLN U 938 82.61 -38.91 -35.30
C GLN U 938 81.89 -39.58 -36.47
N ARG U 939 81.36 -40.78 -36.25
CA ARG U 939 80.60 -41.45 -37.30
C ARG U 939 79.40 -40.61 -37.74
N ARG U 940 78.64 -40.10 -36.77
CA ARG U 940 77.47 -39.30 -37.12
C ARG U 940 77.87 -38.02 -37.83
N LEU U 941 78.97 -37.39 -37.40
CA LEU U 941 79.44 -36.18 -38.06
C LEU U 941 79.82 -36.47 -39.51
N GLU U 942 80.50 -37.59 -39.76
CA GLU U 942 80.87 -37.94 -41.13
C GLU U 942 79.64 -38.19 -41.98
N GLU U 943 78.63 -38.87 -41.42
CA GLU U 943 77.39 -39.09 -42.16
C GLU U 943 76.72 -37.77 -42.53
N ALA U 944 76.66 -36.83 -41.58
CA ALA U 944 76.06 -35.54 -41.87
C ALA U 944 76.85 -34.80 -42.94
N ARG U 945 78.18 -34.89 -42.89
CA ARG U 945 79.01 -34.23 -43.90
C ARG U 945 78.73 -34.81 -45.29
N LYS U 946 78.60 -36.13 -45.39
CA LYS U 946 78.30 -36.75 -46.67
C LYS U 946 76.93 -36.30 -47.19
N ARG U 947 75.93 -36.25 -46.32
CA ARG U 947 74.62 -35.77 -46.75
C ARG U 947 74.67 -34.33 -47.24
N GLN U 948 75.40 -33.47 -46.53
CA GLN U 948 75.52 -32.08 -46.95
C GLN U 948 76.20 -31.97 -48.30
N GLU U 949 77.25 -32.77 -48.52
CA GLU U 949 77.93 -32.75 -49.81
C GLU U 949 77.00 -33.16 -50.93
N ALA U 950 76.22 -34.23 -50.72
CA ALA U 950 75.29 -34.68 -51.75
C ALA U 950 74.25 -33.61 -52.05
N GLU U 951 73.71 -32.98 -51.02
CA GLU U 951 72.70 -31.95 -51.23
C GLU U 951 73.28 -30.73 -51.95
N LEU U 952 74.53 -30.37 -51.64
CA LEU U 952 75.19 -29.29 -52.37
C LEU U 952 75.38 -29.64 -53.84
N ILE U 953 75.75 -30.90 -54.11
CA ILE U 953 75.90 -31.34 -55.49
C ILE U 953 74.58 -31.20 -56.23
N LYS U 954 73.47 -31.58 -55.59
CA LYS U 954 72.16 -31.39 -56.21
C LYS U 954 71.84 -29.91 -56.39
N ARG U 955 72.23 -29.07 -55.43
CA ARG U 955 71.89 -27.67 -55.45
C ARG U 955 72.58 -26.92 -56.58
N GLN U 956 73.81 -27.33 -56.91
CA GLN U 956 74.57 -26.61 -57.94
C GLN U 956 73.89 -26.69 -59.29
N GLU U 957 73.22 -27.80 -59.61
CA GLU U 957 72.50 -27.90 -60.87
C GLU U 957 71.37 -26.88 -60.95
N LEU U 958 70.61 -26.73 -59.86
CA LEU U 958 69.56 -25.72 -59.83
C LEU U 958 70.14 -24.32 -59.95
N ILE U 959 71.27 -24.08 -59.31
CA ILE U 959 71.91 -22.77 -59.41
C ILE U 959 72.28 -22.47 -60.86
N LYS U 960 72.85 -23.46 -61.55
CA LYS U 960 73.22 -23.28 -62.95
C LYS U 960 71.99 -23.02 -63.82
N GLN U 961 70.92 -23.79 -63.61
CA GLN U 961 69.70 -23.57 -64.38
C GLN U 961 69.14 -22.17 -64.14
N ALA U 962 69.12 -21.73 -62.88
CA ALA U 962 68.62 -20.40 -62.55
C ALA U 962 69.45 -19.32 -63.20
N GLU U 963 70.78 -19.47 -63.18
CA GLU U 963 71.63 -18.46 -63.81
C GLU U 963 71.40 -18.42 -65.31
N GLU U 964 71.27 -19.59 -65.96
CA GLU U 964 71.00 -19.61 -67.39
C GLU U 964 69.66 -18.95 -67.72
N TRP U 965 68.63 -19.22 -66.93
CA TRP U 965 67.33 -18.62 -67.20
C TRP U 965 67.34 -17.12 -66.96
N ASN U 966 68.08 -16.66 -65.94
CA ASN U 966 68.19 -15.23 -65.70
C ASN U 966 68.94 -14.55 -66.84
N LYS U 967 69.96 -15.22 -67.39
CA LYS U 967 70.63 -14.69 -68.57
C LYS U 967 69.68 -14.65 -69.76
N MET U 968 68.82 -15.66 -69.90
CA MET U 968 67.84 -15.66 -70.98
C MET U 968 66.88 -14.48 -70.85
N ASP U 969 66.45 -14.18 -69.62
CA ASP U 969 65.53 -13.06 -69.41
C ASP U 969 66.19 -11.74 -69.77
N ILE U 970 67.48 -11.60 -69.48
CA ILE U 970 68.22 -10.40 -69.86
C ILE U 970 68.46 -10.40 -71.37
N SER V 223 -49.72 26.39 57.68
CA SER V 223 -50.05 27.75 58.10
C SER V 223 -49.20 28.17 59.29
N LYS V 224 -48.46 27.21 59.85
CA LYS V 224 -47.63 27.50 61.00
C LYS V 224 -46.43 28.34 60.59
N PRO V 225 -45.93 29.19 61.50
CA PRO V 225 -44.73 29.98 61.19
C PRO V 225 -43.51 29.09 60.98
N ALA V 226 -42.62 29.53 60.10
CA ALA V 226 -41.44 28.78 59.78
C ALA V 226 -40.35 29.02 60.82
N THR V 227 -39.69 27.94 61.25
CA THR V 227 -38.59 28.02 62.18
C THR V 227 -37.27 28.23 61.44
N LEU V 228 -36.17 28.23 62.18
CA LEU V 228 -34.87 28.42 61.57
C LEU V 228 -34.49 27.25 60.67
N SER V 229 -34.80 26.02 61.11
CA SER V 229 -34.44 24.84 60.33
C SER V 229 -35.21 24.77 59.02
N ASP V 230 -36.48 25.19 59.02
CA ASP V 230 -37.25 25.16 57.78
C ASP V 230 -36.65 26.10 56.74
N ILE V 231 -36.23 27.29 57.15
CA ILE V 231 -35.56 28.20 56.22
C ILE V 231 -34.20 27.66 55.82
N ASN V 232 -33.48 27.03 56.75
CA ASN V 232 -32.17 26.47 56.43
C ASN V 232 -32.29 25.33 55.41
N LYS V 233 -33.42 24.63 55.40
CA LYS V 233 -33.62 23.57 54.41
C LYS V 233 -33.62 24.10 52.99
N ILE V 234 -34.01 25.35 52.77
CA ILE V 234 -34.09 25.92 51.44
C ILE V 234 -32.92 26.88 51.18
N ILE V 235 -31.81 26.69 51.88
CA ILE V 235 -30.61 27.48 51.61
C ILE V 235 -30.16 27.25 50.17
N PHE V 236 -29.95 28.33 49.43
CA PHE V 236 -29.50 28.28 48.05
C PHE V 236 -28.23 29.11 47.96
N GLY V 237 -27.08 28.44 47.96
CA GLY V 237 -25.80 29.12 48.01
C GLY V 237 -25.49 29.85 46.72
N ARG V 238 -24.48 30.72 46.82
CA ARG V 238 -24.02 31.45 45.64
C ARG V 238 -23.47 30.49 44.58
N THR V 239 -22.77 29.44 45.02
CA THR V 239 -22.36 28.39 44.08
C THR V 239 -23.57 27.73 43.44
N ALA V 240 -24.61 27.45 44.23
CA ALA V 240 -25.84 26.90 43.67
C ALA V 240 -26.51 27.91 42.74
N MET V 241 -26.42 29.20 43.07
CA MET V 241 -26.96 30.23 42.19
C MET V 241 -26.27 30.20 40.83
N SER V 242 -24.93 30.16 40.82
CA SER V 242 -24.20 30.03 39.56
C SER V 242 -24.54 28.73 38.85
N LYS V 243 -24.82 27.67 39.61
CA LYS V 243 -25.17 26.39 39.02
C LYS V 243 -26.56 26.39 38.40
N TYR V 244 -27.46 27.28 38.84
CA TYR V 244 -28.84 27.19 38.40
C TYR V 244 -29.45 28.51 37.94
N TRP V 245 -28.71 29.62 37.83
CA TRP V 245 -29.31 30.92 37.51
C TRP V 245 -29.88 30.96 36.10
N TYR V 246 -29.29 30.20 35.19
CA TYR V 246 -29.68 30.27 33.79
C TYR V 246 -30.92 29.43 33.48
N TYR V 247 -31.45 28.72 34.47
CA TYR V 247 -32.66 27.94 34.25
C TYR V 247 -33.85 28.87 34.00
N PRO V 248 -34.72 28.55 33.04
CA PRO V 248 -35.92 29.37 32.84
C PRO V 248 -36.82 29.42 34.07
N GLU V 249 -36.90 28.34 34.84
CA GLU V 249 -37.74 28.31 36.03
C GLU V 249 -37.06 28.96 37.23
N PHE V 250 -35.77 29.26 37.13
CA PHE V 250 -35.03 29.83 38.26
C PHE V 250 -35.61 31.18 38.68
N ASP V 251 -36.22 31.91 37.74
CA ASP V 251 -36.83 33.18 38.07
C ASP V 251 -37.92 33.02 39.11
N ASP V 252 -38.81 32.05 38.91
CA ASP V 252 -39.85 31.79 39.90
C ASP V 252 -39.32 31.03 41.11
N VAL V 253 -38.26 30.24 40.93
CA VAL V 253 -37.68 29.51 42.05
C VAL V 253 -37.11 30.48 43.08
N VAL V 254 -36.37 31.49 42.61
CA VAL V 254 -35.73 32.43 43.53
C VAL V 254 -36.75 33.39 44.13
N LYS V 255 -37.93 33.49 43.56
CA LYS V 255 -38.96 34.40 44.07
C LYS V 255 -39.37 33.99 45.48
N GLY V 256 -39.40 34.96 46.40
CA GLY V 256 -39.85 34.74 47.75
C GLY V 256 -38.84 34.08 48.67
N MET V 257 -37.64 33.79 48.18
CA MET V 257 -36.65 33.10 49.00
C MET V 257 -35.96 34.06 49.96
N TYR V 258 -35.44 33.49 51.05
CA TYR V 258 -34.72 34.24 52.07
C TYR V 258 -33.27 33.77 52.07
N LEU V 259 -32.34 34.71 51.93
CA LEU V 259 -30.93 34.37 51.85
C LEU V 259 -30.10 35.44 52.54
N ARG V 260 -28.91 35.04 52.98
CA ARG V 260 -27.97 35.97 53.61
C ARG V 260 -27.39 36.91 52.57
N LEU V 261 -27.38 38.21 52.90
CA LEU V 261 -26.92 39.23 51.98
C LEU V 261 -25.87 40.10 52.66
N ASN V 262 -24.84 40.46 51.90
CA ASN V 262 -23.80 41.37 52.37
C ASN V 262 -24.28 42.80 52.14
N THR V 263 -24.58 43.52 53.23
CA THR V 263 -25.06 44.89 53.11
C THR V 263 -24.00 45.79 52.48
N GLY V 264 -22.74 45.64 52.90
CA GLY V 264 -21.65 46.43 52.33
C GLY V 264 -21.50 47.79 52.97
N SER V 265 -22.61 48.45 53.26
CA SER V 265 -22.57 49.79 53.85
C SER V 265 -22.53 49.71 55.37
N SER V 271 -19.17 44.46 57.81
CA SER V 271 -20.49 44.60 57.22
C SER V 271 -21.46 43.58 57.80
N PRO V 272 -22.55 44.07 58.41
CA PRO V 272 -23.54 43.16 58.99
C PRO V 272 -24.37 42.44 57.94
N TYR V 273 -24.23 41.12 57.86
CA TYR V 273 -25.05 40.33 56.95
C TYR V 273 -26.50 40.36 57.41
N LYS V 274 -27.43 40.48 56.46
CA LYS V 274 -28.85 40.53 56.76
C LYS V 274 -29.62 39.74 55.72
N VAL V 275 -30.92 39.57 55.97
CA VAL V 275 -31.79 38.78 55.11
C VAL V 275 -32.66 39.73 54.29
N VAL V 276 -32.85 39.39 53.02
CA VAL V 276 -33.68 40.18 52.12
C VAL V 276 -34.69 39.26 51.45
N GLU V 277 -35.82 39.85 51.06
CA GLU V 277 -36.91 39.14 50.41
C GLU V 277 -36.90 39.46 48.92
N VAL V 278 -36.93 38.41 48.10
CA VAL V 278 -36.81 38.57 46.66
C VAL V 278 -38.16 38.99 46.09
N LEU V 279 -38.26 40.23 45.63
CA LEU V 279 -39.46 40.71 44.96
C LEU V 279 -39.50 40.33 43.49
N GLY V 280 -38.40 39.83 42.96
CA GLY V 280 -38.35 39.41 41.57
C GLY V 280 -36.93 39.49 41.04
N SER V 281 -36.80 39.21 39.75
CA SER V 281 -35.53 39.25 39.07
C SER V 281 -35.69 40.01 37.76
N GLN V 282 -34.60 40.60 37.29
CA GLN V 282 -34.62 41.39 36.06
C GLN V 282 -33.28 41.22 35.36
N ARG V 283 -33.24 40.59 34.19
CA ARG V 283 -32.00 40.51 33.40
C ARG V 283 -31.62 41.91 32.91
N ILE V 284 -30.35 42.24 33.05
CA ILE V 284 -29.78 43.53 32.70
C ILE V 284 -28.67 43.29 31.68
N LYS V 285 -28.93 43.64 30.42
CA LYS V 285 -27.92 43.52 29.39
C LYS V 285 -26.84 44.60 29.59
N GLY V 286 -25.61 44.24 29.26
CA GLY V 286 -24.49 45.14 29.41
C GLY V 286 -23.95 45.27 30.81
N SER V 287 -24.53 44.57 31.79
CA SER V 287 -24.09 44.59 33.17
C SER V 287 -23.48 43.24 33.56
N ALA V 288 -22.82 42.57 32.62
CA ALA V 288 -22.12 41.32 32.88
C ALA V 288 -21.07 41.53 33.99
N TYR V 289 -21.06 40.67 35.00
CA TYR V 289 -20.19 40.79 36.15
C TYR V 289 -19.61 39.44 36.52
N GLY V 290 -18.42 39.45 37.09
CA GLY V 290 -17.85 38.22 37.62
C GLY V 290 -18.67 37.71 38.79
N LEU V 291 -19.16 36.48 38.67
CA LEU V 291 -20.01 35.89 39.70
C LEU V 291 -19.16 35.22 40.78
N ASN V 292 -18.34 34.24 40.40
CA ASN V 292 -17.43 33.58 41.32
C ASN V 292 -15.98 33.74 40.90
N SER V 293 -15.68 33.52 39.63
CA SER V 293 -14.35 33.73 39.07
C SER V 293 -14.42 34.75 37.94
N LYS V 294 -13.30 34.93 37.24
CA LYS V 294 -13.27 35.84 36.11
C LYS V 294 -14.18 35.36 34.98
N GLU V 295 -14.21 34.05 34.73
CA GLU V 295 -15.02 33.51 33.65
C GLU V 295 -16.50 33.49 33.98
N ASN V 296 -16.87 33.60 35.26
CA ASN V 296 -18.27 33.54 35.67
C ASN V 296 -18.98 34.86 35.41
N ASN V 297 -19.17 35.17 34.13
CA ASN V 297 -19.90 36.33 33.63
C ASN V 297 -21.41 36.05 33.72
N CYS V 298 -22.11 36.76 34.58
CA CYS V 298 -23.56 36.65 34.78
C CYS V 298 -24.26 37.97 34.47
N ASP V 299 -25.48 37.92 33.91
CA ASP V 299 -26.32 39.10 33.64
C ASP V 299 -27.69 39.06 34.34
N MET V 300 -27.99 37.98 35.07
CA MET V 300 -29.15 37.93 35.94
C MET V 300 -28.96 38.86 37.13
N TYR V 301 -30.04 39.56 37.50
CA TYR V 301 -30.05 40.43 38.66
C TYR V 301 -31.26 40.11 39.51
N LEU V 302 -31.11 40.26 40.82
CA LEU V 302 -32.16 39.93 41.78
C LEU V 302 -32.68 41.21 42.41
N LYS V 303 -33.98 41.45 42.28
CA LYS V 303 -34.63 42.60 42.93
C LYS V 303 -35.11 42.16 44.31
N VAL V 304 -34.40 42.58 45.34
CA VAL V 304 -34.71 42.21 46.71
C VAL V 304 -35.02 43.48 47.50
N ALA V 305 -35.36 43.31 48.77
CA ALA V 305 -35.70 44.45 49.61
C ALA V 305 -35.63 44.06 51.07
N PHE V 306 -34.96 44.89 51.86
CA PHE V 306 -35.06 44.77 53.30
C PHE V 306 -36.46 45.19 53.75
N PRO V 307 -36.97 44.61 54.84
CA PRO V 307 -38.27 45.06 55.34
C PRO V 307 -38.22 46.52 55.76
N ASN V 308 -37.28 46.86 56.64
CA ASN V 308 -37.14 48.24 57.09
C ASN V 308 -36.74 49.16 55.94
N GLN V 309 -35.80 48.72 55.11
CA GLN V 309 -35.31 49.54 54.01
C GLN V 309 -36.23 49.35 52.79
N LYS V 310 -35.78 49.83 51.63
CA LYS V 310 -36.61 49.88 50.45
C LYS V 310 -36.13 48.85 49.41
N GLU V 311 -36.76 48.86 48.24
CA GLU V 311 -36.45 47.89 47.20
C GLU V 311 -35.05 48.12 46.63
N MET V 312 -34.36 47.02 46.32
CA MET V 312 -33.00 47.08 45.81
C MET V 312 -32.81 46.06 44.72
N VAL V 313 -32.09 46.45 43.67
CA VAL V 313 -31.66 45.52 42.62
C VAL V 313 -30.21 45.17 42.86
N ARG V 314 -29.93 43.88 43.10
CA ARG V 314 -28.59 43.45 43.46
C ARG V 314 -28.11 42.33 42.56
N PRO V 315 -26.81 42.24 42.31
CA PRO V 315 -26.26 41.09 41.60
C PRO V 315 -26.22 39.86 42.49
N LEU V 316 -25.94 38.71 41.86
CA LEU V 316 -26.03 37.44 42.55
C LEU V 316 -24.89 37.24 43.54
N PHE V 317 -23.68 37.72 43.22
CA PHE V 317 -22.51 37.43 44.04
C PHE V 317 -22.56 38.13 45.40
N VAL V 318 -23.48 39.07 45.60
CA VAL V 318 -23.53 39.79 46.87
C VAL V 318 -23.91 38.85 48.01
N PHE V 319 -24.76 37.87 47.73
CA PHE V 319 -25.14 36.90 48.75
C PHE V 319 -23.94 36.05 49.13
N SER V 320 -23.92 35.62 50.40
CA SER V 320 -22.83 34.84 50.95
C SER V 320 -23.28 33.41 51.20
N ASP V 321 -22.38 32.46 50.94
CA ASP V 321 -22.69 31.05 51.14
C ASP V 321 -22.87 30.70 52.62
N SER V 322 -22.42 31.55 53.53
CA SER V 322 -22.53 31.27 54.95
C SER V 322 -24.00 31.27 55.39
N SER V 323 -24.30 30.44 56.38
CA SER V 323 -25.66 30.27 56.85
C SER V 323 -26.13 31.50 57.62
N ILE V 324 -27.44 31.71 57.61
CA ILE V 324 -28.04 32.84 58.33
C ILE V 324 -28.00 32.55 59.83
N THR V 325 -27.46 33.50 60.59
CA THR V 325 -27.31 33.32 62.03
C THR V 325 -28.60 33.68 62.76
N HIS V 326 -28.66 33.27 64.03
CA HIS V 326 -29.82 33.59 64.87
C HIS V 326 -30.07 35.08 65.00
N PRO V 327 -29.08 35.93 65.31
CA PRO V 327 -29.38 37.37 65.35
C PRO V 327 -29.84 37.93 64.02
N GLU V 328 -29.35 37.40 62.90
CA GLU V 328 -29.79 37.87 61.59
C GLU V 328 -31.28 37.59 61.37
N PHE V 329 -31.70 36.36 61.64
CA PHE V 329 -33.11 36.02 61.49
C PHE V 329 -33.98 36.79 62.49
N ASP V 330 -33.46 37.01 63.70
CA ASP V 330 -34.20 37.80 64.68
C ASP V 330 -34.38 39.23 64.21
N LEU V 331 -33.34 39.84 63.66
CA LEU V 331 -33.46 41.19 63.12
C LEU V 331 -34.42 41.24 61.94
N PHE V 332 -34.39 40.23 61.08
CA PHE V 332 -35.34 40.18 59.97
C PHE V 332 -36.77 40.11 60.49
N LEU V 333 -37.01 39.28 61.52
CA LEU V 333 -38.34 39.20 62.12
C LEU V 333 -38.76 40.53 62.73
N ARG V 334 -37.83 41.20 63.43
CA ARG V 334 -38.16 42.49 64.04
C ARG V 334 -38.49 43.53 62.97
N GLU V 335 -37.76 43.54 61.87
CA GLU V 335 -38.06 44.47 60.78
C GLU V 335 -39.42 44.16 60.16
N LEU V 336 -39.73 42.87 59.99
CA LEU V 336 -41.04 42.50 59.47
C LEU V 336 -42.16 42.95 60.41
N ASP V 337 -41.96 42.77 61.72
CA ASP V 337 -42.97 43.21 62.68
C ASP V 337 -43.11 44.73 62.66
N ALA V 338 -42.00 45.46 62.52
CA ALA V 338 -42.05 46.91 62.43
C ALA V 338 -42.85 47.34 61.20
N GLU V 339 -42.62 46.68 60.07
CA GLU V 339 -43.39 47.00 58.86
C GLU V 339 -44.82 46.45 58.93
N GLY V 340 -45.04 45.38 59.70
CA GLY V 340 -46.35 44.77 59.77
C GLY V 340 -46.53 43.68 58.75
N LEU V 341 -45.51 42.83 58.60
CA LEU V 341 -45.53 41.72 57.68
C LEU V 341 -45.39 40.41 58.46
N SER V 342 -45.61 39.29 57.75
CA SER V 342 -45.56 37.99 58.40
C SER V 342 -44.46 37.13 57.79
N VAL V 343 -44.31 35.90 58.29
CA VAL V 343 -43.31 34.97 57.82
C VAL V 343 -43.99 33.98 56.87
N MET V 344 -43.18 33.40 55.98
CA MET V 344 -43.68 32.41 55.04
C MET V 344 -44.28 31.22 55.77
N ASP V 345 -45.44 30.76 55.29
CA ASP V 345 -46.10 29.62 55.90
C ASP V 345 -45.28 28.35 55.73
N LEU V 346 -45.45 27.42 56.67
CA LEU V 346 -44.75 26.15 56.59
C LEU V 346 -45.16 25.36 55.35
N ARG V 347 -46.43 25.44 54.95
CA ARG V 347 -46.86 24.86 53.69
C ARG V 347 -46.13 25.50 52.52
N ASP V 348 -46.01 26.84 52.55
CA ASP V 348 -45.27 27.53 51.51
C ASP V 348 -43.77 27.22 51.58
N VAL V 349 -43.24 27.02 52.79
CA VAL V 349 -41.84 26.62 52.94
C VAL V 349 -41.62 25.26 52.27
N ASP V 350 -42.54 24.31 52.50
CA ASP V 350 -42.44 23.01 51.87
C ASP V 350 -42.57 23.12 50.35
N TYR V 351 -43.46 24.01 49.89
CA TYR V 351 -43.61 24.19 48.45
C TYR V 351 -42.32 24.74 47.82
N LYS V 352 -41.69 25.70 48.48
CA LYS V 352 -40.38 26.19 48.03
C LYS V 352 -39.34 25.08 48.03
N TYR V 353 -39.30 24.27 49.10
CA TYR V 353 -38.31 23.21 49.17
C TYR V 353 -38.50 22.21 48.04
N HIS V 354 -39.75 21.84 47.76
CA HIS V 354 -40.03 20.92 46.67
C HIS V 354 -39.67 21.54 45.33
N GLN V 355 -39.93 22.85 45.16
CA GLN V 355 -39.56 23.52 43.91
C GLN V 355 -38.06 23.46 43.69
N LEU V 356 -37.28 23.79 44.72
CA LEU V 356 -35.83 23.74 44.60
C LEU V 356 -35.33 22.32 44.34
N LYS V 357 -35.91 21.33 45.02
CA LYS V 357 -35.47 19.95 44.81
C LYS V 357 -35.79 19.48 43.39
N GLU V 358 -36.95 19.85 42.86
CA GLU V 358 -37.30 19.51 41.48
C GLU V 358 -36.36 20.20 40.50
N MET V 359 -36.06 21.48 40.74
CA MET V 359 -35.22 22.24 39.83
C MET V 359 -33.78 21.74 39.83
N SER V 360 -33.25 21.37 41.00
CA SER V 360 -31.86 20.96 41.08
C SER V 360 -31.64 19.57 40.47
N SER V 361 -32.61 18.68 40.61
CA SER V 361 -32.51 17.32 40.11
C SER V 361 -33.12 17.15 38.73
N ARG V 362 -33.59 18.23 38.11
CA ARG V 362 -34.18 18.14 36.78
C ARG V 362 -33.12 17.80 35.75
N SER V 363 -33.57 17.15 34.67
CA SER V 363 -32.71 16.81 33.54
C SER V 363 -33.05 17.74 32.38
N LEU V 364 -32.06 18.49 31.93
CA LEU V 364 -32.28 19.48 30.88
C LEU V 364 -32.51 18.80 29.53
N SER V 365 -33.26 19.46 28.67
CA SER V 365 -33.50 18.98 27.32
C SER V 365 -32.47 19.56 26.35
N ASN V 366 -32.47 19.03 25.13
CA ASN V 366 -31.56 19.52 24.10
C ASN V 366 -31.85 20.98 23.77
N ASP V 367 -33.14 21.32 23.61
CA ASP V 367 -33.51 22.70 23.29
C ASP V 367 -33.11 23.65 24.41
N GLU V 368 -33.30 23.23 25.66
CA GLU V 368 -32.89 24.07 26.79
C GLU V 368 -31.38 24.26 26.80
N VAL V 369 -30.62 23.21 26.47
CA VAL V 369 -29.17 23.34 26.40
C VAL V 369 -28.77 24.32 25.31
N ASN V 370 -29.41 24.24 24.14
CA ASN V 370 -29.11 25.18 23.07
C ASN V 370 -29.43 26.61 23.49
N SER V 371 -30.56 26.80 24.17
CA SER V 371 -30.93 28.14 24.63
C SER V 371 -29.92 28.69 25.62
N ILE V 372 -29.48 27.86 26.57
CA ILE V 372 -28.49 28.30 27.55
C ILE V 372 -27.17 28.62 26.87
N VAL V 373 -26.78 27.87 25.83
CA VAL V 373 -25.61 28.21 24.99
C VAL V 373 -25.79 29.59 24.35
N LYS V 374 -26.93 29.84 23.69
CA LYS V 374 -27.24 31.16 23.09
C LYS V 374 -27.29 32.30 24.12
N MET V 375 -27.77 32.04 25.33
CA MET V 375 -27.71 32.98 26.47
C MET V 375 -26.25 33.34 26.80
N LYS V 376 -25.39 32.35 27.05
CA LYS V 376 -23.97 32.59 27.36
C LYS V 376 -23.23 33.32 26.22
N GLN V 377 -23.47 32.93 24.96
CA GLN V 377 -22.85 33.54 23.79
C GLN V 377 -23.32 34.97 23.51
N SER V 378 -24.59 35.30 23.77
CA SER V 378 -25.10 36.67 23.65
C SER V 378 -24.73 37.56 24.85
N LEU V 379 -24.51 36.96 26.03
CA LEU V 379 -24.00 37.63 27.22
C LEU V 379 -22.52 38.04 27.06
N SER V 380 -21.63 37.09 26.78
CA SER V 380 -20.18 37.34 26.71
C SER V 380 -19.79 38.21 25.52
N SER V 381 -18.91 39.19 25.75
CA SER V 381 -18.26 39.99 24.71
C SER V 381 -17.03 39.30 24.07
N ASN V 382 -16.58 38.16 24.62
CA ASN V 382 -15.27 37.56 24.34
C ASN V 382 -15.32 36.02 24.22
N THR V 383 -14.50 35.45 23.33
CA THR V 383 -14.06 34.05 23.33
C THR V 383 -12.66 33.98 22.72
N GLY V 384 -11.70 33.35 23.42
CA GLY V 384 -10.26 33.52 23.19
C GLY V 384 -9.79 33.38 21.74
N PHE V 385 -10.00 32.20 21.13
CA PHE V 385 -9.66 31.92 19.73
C PHE V 385 -10.28 32.95 18.75
N ASN V 386 -11.55 33.29 18.95
CA ASN V 386 -12.28 34.23 18.09
C ASN V 386 -11.75 35.68 18.19
N THR V 387 -11.15 36.10 19.31
CA THR V 387 -10.46 37.41 19.38
C THR V 387 -9.27 37.47 18.41
N VAL V 388 -8.55 36.36 18.20
CA VAL V 388 -7.45 36.30 17.21
C VAL V 388 -8.00 36.52 15.81
N LEU V 389 -9.10 35.83 15.47
CA LEU V 389 -9.78 35.98 14.18
C LEU V 389 -10.24 37.43 13.96
N LYS V 390 -10.83 38.11 14.96
CA LYS V 390 -11.28 39.48 14.75
C LYS V 390 -10.09 40.41 14.54
N LYS V 391 -9.03 40.23 15.32
CA LYS V 391 -7.85 41.08 15.15
C LYS V 391 -7.19 40.86 13.79
N ALA V 392 -7.14 39.62 13.34
CA ALA V 392 -6.59 39.34 12.01
C ALA V 392 -7.44 39.99 10.92
N GLN V 393 -8.76 39.88 11.04
CA GLN V 393 -9.65 40.51 10.06
C GLN V 393 -9.49 42.04 10.07
N LEU V 394 -9.33 42.61 11.26
CA LEU V 394 -9.10 44.05 11.36
C LEU V 394 -7.78 44.45 10.71
N GLN V 395 -6.73 43.65 10.90
CA GLN V 395 -5.45 43.95 10.26
C GLN V 395 -5.58 43.88 8.74
N GLU V 396 -6.31 42.89 8.23
CA GLU V 396 -6.52 42.79 6.79
C GLU V 396 -7.30 44.00 6.26
N GLU V 397 -8.35 44.41 6.98
CA GLU V 397 -9.09 45.59 6.58
C GLU V 397 -8.21 46.84 6.63
N LEU V 398 -7.31 46.90 7.61
CA LEU V 398 -6.43 48.05 7.73
C LEU V 398 -5.46 48.13 6.56
N GLU V 399 -4.90 46.98 6.14
CA GLU V 399 -4.00 47.03 5.00
C GLU V 399 -4.76 47.38 3.73
N GLU V 400 -6.01 46.91 3.62
CA GLU V 400 -6.83 47.29 2.46
C GLU V 400 -7.07 48.80 2.43
N ALA V 401 -7.37 49.39 3.60
CA ALA V 401 -7.54 50.83 3.67
C ALA V 401 -6.25 51.57 3.37
N ARG V 402 -5.12 51.04 3.84
CA ARG V 402 -3.82 51.65 3.58
C ARG V 402 -3.53 51.68 2.08
N ASP V 403 -3.81 50.58 1.39
CA ASP V 403 -3.56 50.52 -0.05
C ASP V 403 -4.48 51.46 -0.82
N ALA V 404 -5.61 51.86 -0.24
CA ALA V 404 -6.53 52.79 -0.88
C ALA V 404 -6.27 54.23 -0.48
N HIS V 405 -5.23 54.49 0.32
CA HIS V 405 -4.87 55.84 0.75
C HIS V 405 -6.03 56.55 1.45
N ASP V 406 -6.76 55.81 2.27
CA ASP V 406 -7.87 56.36 3.06
C ASP V 406 -7.34 56.68 4.44
N HIS V 407 -6.97 57.93 4.66
CA HIS V 407 -6.37 58.36 5.93
C HIS V 407 -7.39 58.48 7.05
N GLU V 408 -8.68 58.40 6.76
CA GLU V 408 -9.72 58.55 7.77
C GLU V 408 -10.15 57.21 8.36
N ARG V 409 -10.37 56.22 7.49
CA ARG V 409 -10.73 54.89 7.97
C ARG V 409 -9.59 54.25 8.77
N VAL V 410 -8.35 54.46 8.32
CA VAL V 410 -7.21 53.80 8.94
C VAL V 410 -7.04 54.25 10.38
N ALA V 411 -7.36 55.52 10.68
CA ALA V 411 -7.28 55.98 12.06
C ALA V 411 -8.27 55.26 12.95
N ARG V 412 -9.51 55.08 12.48
CA ARG V 412 -10.50 54.35 13.25
C ARG V 412 -10.09 52.90 13.46
N ILE V 413 -9.56 52.27 12.41
CA ILE V 413 -9.15 50.87 12.53
C ILE V 413 -7.98 50.74 13.51
N GLU V 414 -7.04 51.69 13.47
CA GLU V 414 -5.93 51.67 14.42
C GLU V 414 -6.43 51.85 15.85
N ALA V 415 -7.38 52.75 16.06
CA ALA V 415 -7.93 52.93 17.40
C ALA V 415 -8.62 51.66 17.89
N GLU V 416 -9.40 51.02 17.01
CA GLU V 416 -10.07 49.77 17.38
C GLU V 416 -9.06 48.68 17.70
N LEU V 417 -8.01 48.57 16.90
CA LEU V 417 -6.97 47.57 17.16
C LEU V 417 -6.27 47.83 18.49
N LYS V 418 -5.99 49.09 18.79
CA LYS V 418 -5.37 49.42 20.08
C LYS V 418 -6.28 49.06 21.23
N SER V 419 -7.58 49.34 21.08
CA SER V 419 -8.53 49.01 22.15
C SER V 419 -8.62 47.50 22.36
N ILE V 420 -8.70 46.73 21.27
CA ILE V 420 -8.87 45.29 21.40
C ILE V 420 -7.61 44.62 21.94
N GLY V 421 -6.43 45.12 21.60
CA GLY V 421 -5.19 44.46 21.91
C GLY V 421 -4.76 44.53 23.37
N ALA V 422 -3.44 44.59 23.60
CA ALA V 422 -2.86 44.63 24.93
C ALA V 422 -3.17 43.35 25.72
N GLU V 423 -2.69 42.23 25.18
CA GLU V 423 -2.87 40.92 25.80
C GLU V 423 -1.81 40.68 26.87
N SER V 424 -1.93 39.56 27.57
CA SER V 424 -1.03 39.22 28.66
C SER V 424 -0.53 37.78 28.50
N VAL V 425 0.67 37.53 29.01
CA VAL V 425 1.28 36.20 28.96
C VAL V 425 1.17 35.47 30.29
N VAL V 426 1.45 36.17 31.40
CA VAL V 426 1.50 35.59 32.73
C VAL V 426 2.45 34.40 32.70
N ALA V 427 3.74 34.67 32.59
CA ALA V 427 4.73 33.61 32.53
C ALA V 427 4.88 32.92 33.89
N SER V 428 5.23 31.65 33.86
CA SER V 428 5.41 30.89 35.08
C SER V 428 6.66 31.36 35.82
N LYS V 429 6.75 30.97 37.10
CA LYS V 429 7.87 31.39 37.93
C LYS V 429 9.19 30.83 37.40
N ALA V 430 9.18 29.56 36.97
CA ALA V 430 10.40 28.95 36.46
C ALA V 430 10.90 29.66 35.21
N SER V 431 10.00 30.04 34.32
CA SER V 431 10.39 30.74 33.10
C SER V 431 10.99 32.11 33.42
N SER V 432 10.38 32.84 34.36
CA SER V 432 10.92 34.14 34.74
C SER V 432 12.30 34.00 35.37
N SER V 433 12.48 33.01 36.24
CA SER V 433 13.79 32.77 36.82
C SER V 433 14.81 32.43 35.74
N MET V 434 14.43 31.60 34.78
CA MET V 434 15.34 31.25 33.69
C MET V 434 15.70 32.48 32.87
N LEU V 435 14.75 33.38 32.63
CA LEU V 435 15.06 34.60 31.89
C LEU V 435 16.05 35.47 32.65
N LYS V 436 15.86 35.61 33.97
CA LYS V 436 16.80 36.40 34.76
C LYS V 436 18.20 35.77 34.73
N ILE V 437 18.27 34.45 34.87
CA ILE V 437 19.56 33.76 34.82
C ILE V 437 20.21 33.98 33.45
N ASP V 438 19.43 33.91 32.38
CA ASP V 438 19.97 34.09 31.04
C ASP V 438 20.53 35.50 30.87
N GLN V 439 19.82 36.51 31.34
CA GLN V 439 20.33 37.88 31.23
C GLN V 439 21.64 38.04 31.99
N ARG V 440 21.67 37.55 33.24
CA ARG V 440 22.89 37.65 34.02
C ARG V 440 24.06 36.93 33.35
N ASN V 441 23.81 35.71 32.85
CA ASN V 441 24.87 34.94 32.22
C ASN V 441 25.35 35.59 30.94
N LYS V 442 24.44 36.17 30.17
CA LYS V 442 24.85 36.86 28.95
C LYS V 442 25.76 38.03 29.27
N LYS V 443 25.40 38.83 30.28
CA LYS V 443 26.25 39.95 30.66
C LYS V 443 27.61 39.47 31.14
N LEU V 444 27.63 38.45 31.99
CA LEU V 444 28.89 37.95 32.54
C LEU V 444 29.78 37.38 31.45
N ASN V 445 29.19 36.64 30.50
CA ASN V 445 29.96 36.12 29.39
C ASN V 445 30.54 37.24 28.54
N ASN V 446 29.70 38.20 28.16
CA ASN V 446 30.16 39.31 27.33
C ASN V 446 31.30 40.06 28.00
N ARG V 447 31.30 40.12 29.34
CA ARG V 447 32.42 40.78 30.00
C ARG V 447 33.66 39.89 30.04
N PHE V 448 33.52 38.68 30.58
CA PHE V 448 34.69 37.86 30.90
C PHE V 448 35.37 37.34 29.63
N ILE V 449 34.61 36.89 28.64
CA ILE V 449 35.22 36.38 27.42
C ILE V 449 36.00 37.47 26.72
N ARG V 450 35.42 38.67 26.64
CA ARG V 450 36.12 39.79 26.02
C ARG V 450 37.39 40.14 26.79
N LYS V 451 37.32 40.14 28.12
CA LYS V 451 38.51 40.44 28.92
C LYS V 451 39.60 39.40 28.69
N ALA V 452 39.23 38.12 28.65
CA ALA V 452 40.22 37.06 28.43
C ALA V 452 40.83 37.16 27.04
N GLU V 453 40.02 37.47 26.02
CA GLU V 453 40.55 37.63 24.68
C GLU V 453 41.51 38.81 24.60
N MET V 454 41.17 39.92 25.25
CA MET V 454 42.07 41.06 25.27
C MET V 454 43.37 40.73 25.99
N ALA V 455 43.29 39.94 27.07
CA ALA V 455 44.51 39.52 27.76
C ALA V 455 45.37 38.64 26.88
N ALA V 456 44.75 37.76 26.10
CA ALA V 456 45.52 36.82 25.29
C ALA V 456 46.14 37.49 24.06
N VAL V 457 45.44 38.44 23.45
CA VAL V 457 45.93 39.01 22.19
C VAL V 457 47.18 39.84 22.43
N GLU V 458 47.25 40.57 23.54
CA GLU V 458 48.43 41.37 23.80
C GLU V 458 49.65 40.49 24.06
N LYS V 459 49.46 39.36 24.77
CA LYS V 459 50.54 38.43 24.98
C LYS V 459 51.00 37.82 23.66
N ARG V 460 50.05 37.46 22.79
CA ARG V 460 50.44 36.94 21.47
C ARG V 460 51.14 37.99 20.63
N LYS V 461 50.80 39.27 20.84
CA LYS V 461 51.46 40.33 20.10
C LYS V 461 52.91 40.52 20.57
N LEU V 462 53.13 40.55 21.88
CA LEU V 462 54.47 40.83 22.38
C LEU V 462 55.43 39.66 22.18
N ARG V 463 54.90 38.46 21.94
CA ARG V 463 55.75 37.32 21.57
C ARG V 463 56.19 37.42 20.10
N LYS V 515 75.90 25.81 46.79
CA LYS V 515 76.77 25.71 47.95
C LYS V 515 76.05 26.17 49.22
N LEU V 516 74.83 26.70 49.04
CA LEU V 516 74.06 27.16 50.18
C LEU V 516 73.64 26.01 51.08
N GLU V 517 73.50 24.80 50.51
CA GLU V 517 73.16 23.65 51.33
C GLU V 517 74.29 23.32 52.31
N SER V 518 75.54 23.46 51.88
CA SER V 518 76.68 23.23 52.75
C SER V 518 77.02 24.46 53.58
N MET V 519 76.74 25.67 53.07
CA MET V 519 77.04 26.88 53.82
C MET V 519 76.17 27.00 55.06
N VAL V 520 74.90 26.60 54.97
CA VAL V 520 74.00 26.70 56.11
C VAL V 520 74.45 25.81 57.27
N LYS V 521 75.19 24.74 56.99
CA LYS V 521 75.70 23.87 58.03
C LYS V 521 76.77 24.61 58.83
N SER V 522 76.48 24.91 60.09
CA SER V 522 77.39 25.68 60.93
C SER V 522 77.19 25.23 62.38
N ASN V 523 77.67 26.06 63.31
CA ASN V 523 77.75 25.63 64.72
C ASN V 523 76.38 25.32 65.31
N TYR V 524 75.38 26.15 65.04
CA TYR V 524 74.07 25.92 65.65
C TYR V 524 73.46 24.61 65.15
N ARG V 525 73.63 24.31 63.87
CA ARG V 525 73.20 23.01 63.36
C ARG V 525 74.05 21.90 63.94
N ASN V 526 75.35 22.15 64.11
CA ASN V 526 76.23 21.15 64.72
C ASN V 526 75.98 21.00 66.21
N GLY V 527 75.28 21.95 66.84
CA GLY V 527 74.99 21.89 68.25
C GLY V 527 75.56 23.03 69.07
N GLY V 528 76.30 23.96 68.47
CA GLY V 528 76.87 25.08 69.22
C GLY V 528 75.95 26.28 69.27
N LEU V 529 74.63 26.04 69.18
CA LEU V 529 73.67 27.13 69.22
C LEU V 529 73.71 27.87 70.56
N ASP V 530 73.81 27.12 71.66
CA ASP V 530 73.80 27.73 72.98
C ASP V 530 74.99 28.68 73.16
N ARG V 531 76.16 28.28 72.67
CA ARG V 531 77.32 29.16 72.72
C ARG V 531 77.09 30.41 71.89
N ILE V 532 76.43 30.28 70.74
CA ILE V 532 76.14 31.44 69.90
C ILE V 532 75.22 32.41 70.64
N ILE V 533 74.18 31.88 71.29
CA ILE V 533 73.29 32.74 72.07
C ILE V 533 74.05 33.39 73.21
N SER V 534 74.99 32.66 73.82
CA SER V 534 75.81 33.24 74.87
C SER V 534 76.68 34.37 74.34
N LYS V 535 77.10 34.29 73.08
CA LYS V 535 77.85 35.37 72.45
C LYS V 535 76.98 36.56 72.07
N ILE V 536 75.66 36.44 72.16
CA ILE V 536 74.74 37.53 71.88
C ILE V 536 74.25 38.05 73.21
N ASP V 537 74.63 39.28 73.55
CA ASP V 537 74.29 39.89 74.83
C ASP V 537 73.24 40.97 74.62
N PHE V 538 72.23 40.97 75.49
CA PHE V 538 71.17 41.95 75.45
C PHE V 538 70.64 42.16 76.86
N ASP V 539 70.23 43.39 77.16
CA ASP V 539 69.72 43.75 78.46
C ASP V 539 68.21 43.96 78.39
N PHE V 540 67.48 43.26 79.25
CA PHE V 540 66.03 43.34 79.32
C PHE V 540 65.61 44.13 80.56
N ASP V 541 64.37 44.59 80.54
CA ASP V 541 63.77 45.26 81.70
C ASP V 541 62.98 44.25 82.53
N LEU V 542 63.70 43.24 83.01
CA LEU V 542 63.07 42.12 83.69
C LEU V 542 62.49 42.52 85.04
N GLU V 543 61.29 42.02 85.32
CA GLU V 543 60.69 42.21 86.63
C GLU V 543 61.30 41.28 87.67
N LEU V 544 61.78 40.11 87.24
CA LEU V 544 62.33 39.12 88.15
C LEU V 544 63.85 39.01 88.01
N HIS W 105 42.17 58.12 -61.22
CA HIS W 105 41.43 59.35 -61.52
C HIS W 105 39.93 59.11 -61.58
N THR W 106 39.24 59.35 -60.47
CA THR W 106 37.78 59.26 -60.44
C THR W 106 37.23 60.53 -61.06
N LYS W 107 36.77 60.42 -62.31
CA LYS W 107 36.30 61.59 -63.05
C LYS W 107 35.06 62.18 -62.37
N SER W 108 34.95 63.50 -62.42
CA SER W 108 33.82 64.18 -61.81
C SER W 108 32.53 63.79 -62.52
N VAL W 109 31.53 63.37 -61.74
CA VAL W 109 30.27 62.90 -62.31
C VAL W 109 29.49 64.07 -62.91
N TYR W 110 29.49 65.22 -62.22
CA TYR W 110 28.65 66.35 -62.61
C TYR W 110 29.44 67.29 -63.50
N ASP W 111 28.96 67.45 -64.74
CA ASP W 111 29.58 68.39 -65.68
C ASP W 111 28.55 69.19 -66.46
N ASN W 112 27.27 69.16 -66.06
CA ASN W 112 26.26 69.94 -66.77
C ASN W 112 26.47 71.43 -66.61
N GLY W 113 26.94 71.86 -65.43
CA GLY W 113 27.18 73.26 -65.17
C GLY W 113 25.96 74.06 -64.77
N GLU W 114 24.81 73.41 -64.61
CA GLU W 114 23.60 74.12 -64.24
C GLU W 114 23.79 74.82 -62.90
N THR W 115 23.29 76.05 -62.80
CA THR W 115 23.54 76.91 -61.66
C THR W 115 22.24 77.57 -61.21
N LEU W 116 22.07 77.69 -59.89
CA LEU W 116 20.90 78.30 -59.30
C LEU W 116 21.23 79.71 -58.84
N ASP W 117 20.39 80.67 -59.22
CA ASP W 117 20.55 82.07 -58.79
C ASP W 117 19.67 82.33 -57.58
N ILE W 118 20.06 81.71 -56.46
CA ILE W 118 19.35 81.84 -55.19
C ILE W 118 20.09 82.83 -54.32
N SER W 119 19.35 83.79 -53.76
CA SER W 119 19.91 84.80 -52.88
C SER W 119 19.31 84.63 -51.49
N LEU W 120 20.18 84.53 -50.48
CA LEU W 120 19.76 84.24 -49.11
C LEU W 120 19.76 85.51 -48.27
N PRO W 121 18.70 85.75 -47.50
CA PRO W 121 18.68 86.91 -46.59
C PRO W 121 19.44 86.60 -45.31
N ILE W 122 20.39 87.47 -44.96
CA ILE W 122 21.22 87.30 -43.77
C ILE W 122 21.06 88.52 -42.89
N HIS W 123 20.96 88.29 -41.56
CA HIS W 123 20.79 89.35 -40.57
C HIS W 123 22.10 89.64 -39.86
N PRO W 124 22.32 90.90 -39.46
CA PRO W 124 23.52 91.24 -38.68
C PRO W 124 23.54 90.52 -37.34
N LYS W 125 24.75 90.22 -36.87
CA LYS W 125 24.96 89.50 -35.63
C LYS W 125 25.22 90.46 -34.49
N SER W 126 24.61 90.18 -33.34
CA SER W 126 24.84 91.00 -32.15
C SER W 126 26.28 90.91 -31.65
N HIS W 127 26.99 89.83 -31.97
CA HIS W 127 28.36 89.65 -31.55
C HIS W 127 29.11 88.91 -32.65
N ILE W 128 30.44 89.05 -32.64
CA ILE W 128 31.29 88.41 -33.63
C ILE W 128 32.46 87.75 -32.94
N PRO W 129 32.70 86.46 -33.17
CA PRO W 129 33.88 85.81 -32.58
C PRO W 129 35.18 86.41 -33.09
N GLN W 130 36.19 86.43 -32.22
CA GLN W 130 37.49 87.02 -32.53
C GLN W 130 38.55 85.92 -32.57
N GLY W 131 39.36 85.93 -33.63
CA GLY W 131 40.50 85.05 -33.74
C GLY W 131 40.21 83.62 -34.11
N LYS W 132 39.00 83.11 -33.82
CA LYS W 132 38.67 81.72 -34.10
C LYS W 132 37.17 81.55 -34.07
N GLN W 133 36.62 80.90 -35.10
CA GLN W 133 35.20 80.57 -35.15
C GLN W 133 34.95 79.22 -34.48
N ASP W 134 35.33 79.14 -33.20
CA ASP W 134 35.24 77.90 -32.44
C ASP W 134 34.14 78.01 -31.39
N ARG W 135 33.41 76.91 -31.24
CA ARG W 135 32.36 76.81 -30.23
C ARG W 135 32.46 75.46 -29.55
N TRP W 136 31.97 75.39 -28.32
CA TRP W 136 32.00 74.18 -27.51
C TRP W 136 30.58 73.66 -27.34
N VAL W 137 30.35 72.43 -27.77
CA VAL W 137 29.05 71.81 -27.55
C VAL W 137 29.04 71.18 -26.16
N VAL W 138 28.00 71.49 -25.39
CA VAL W 138 27.88 71.05 -24.00
C VAL W 138 26.58 70.31 -23.83
N LYS W 139 26.65 69.08 -23.32
CA LYS W 139 25.44 68.33 -23.01
C LYS W 139 24.81 68.88 -21.73
N LEU W 140 23.49 68.97 -21.72
CA LEU W 140 22.77 69.53 -20.59
C LEU W 140 22.44 68.43 -19.60
N PRO W 141 22.92 68.49 -18.37
CA PRO W 141 22.57 67.47 -17.38
C PRO W 141 21.13 67.62 -16.93
N ASP W 142 20.63 66.58 -16.26
CA ASP W 142 19.26 66.61 -15.77
C ASP W 142 19.08 67.60 -14.63
N PHE W 143 20.12 67.79 -13.80
CA PHE W 143 20.04 68.69 -12.66
C PHE W 143 20.28 70.15 -13.05
N LEU W 144 20.59 70.42 -14.30
CA LEU W 144 20.82 71.77 -14.78
C LEU W 144 19.85 72.06 -15.93
N ASP W 145 19.26 73.25 -15.91
CA ASP W 145 18.30 73.66 -16.93
C ASP W 145 18.60 75.06 -17.40
N ILE W 146 18.12 75.37 -18.60
CA ILE W 146 18.29 76.68 -19.23
C ILE W 146 16.94 77.33 -19.36
N ASN W 147 16.82 78.55 -18.86
CA ASN W 147 15.60 79.35 -18.96
C ASN W 147 15.94 80.60 -19.78
N ALA W 148 15.78 80.49 -21.10
CA ALA W 148 16.09 81.62 -21.98
C ALA W 148 15.17 82.80 -21.73
N GLU W 149 13.95 82.54 -21.27
CA GLU W 149 12.99 83.60 -21.04
C GLU W 149 13.49 84.53 -19.93
N PRO W 150 13.23 85.84 -20.03
CA PRO W 150 13.60 86.74 -18.94
C PRO W 150 12.88 86.36 -17.65
N PHE W 151 13.57 86.50 -16.53
CA PHE W 151 13.01 86.09 -15.25
C PHE W 151 11.88 87.01 -14.84
N ASP W 152 10.70 86.42 -14.60
CA ASP W 152 9.51 87.15 -14.16
C ASP W 152 9.14 86.65 -12.78
N PRO W 153 9.52 87.38 -11.71
CA PRO W 153 9.33 86.83 -10.36
C PRO W 153 7.87 86.51 -10.01
N ARG W 154 6.92 87.34 -10.44
CA ARG W 154 5.54 87.14 -10.04
C ARG W 154 4.94 85.89 -10.66
N PRO W 155 5.02 85.66 -11.98
CA PRO W 155 4.54 84.37 -12.51
C PRO W 155 5.27 83.18 -11.93
N PHE W 156 6.57 83.31 -11.65
CA PHE W 156 7.32 82.21 -11.06
C PHE W 156 6.78 81.85 -9.68
N GLU W 157 6.53 82.87 -8.85
CA GLU W 157 5.98 82.61 -7.52
C GLU W 157 4.56 82.05 -7.60
N MET W 158 3.76 82.57 -8.54
CA MET W 158 2.37 82.13 -8.66
C MET W 158 2.23 80.77 -9.35
N ASN W 159 3.29 80.25 -9.97
CA ASN W 159 3.23 78.99 -10.70
C ASN W 159 4.04 77.88 -10.05
N VAL W 160 4.47 78.05 -8.80
CA VAL W 160 5.18 76.98 -8.10
C VAL W 160 4.20 75.87 -7.77
N LYS W 161 4.57 74.65 -8.11
CA LYS W 161 3.69 73.49 -7.99
C LYS W 161 4.12 72.62 -6.82
N THR W 162 3.14 72.16 -6.04
CA THR W 162 3.38 71.30 -4.89
C THR W 162 2.77 69.93 -5.15
N HIS W 163 3.58 68.89 -5.02
CA HIS W 163 3.16 67.52 -5.31
C HIS W 163 3.32 66.65 -4.07
N GLU W 164 2.49 65.61 -4.00
CA GLU W 164 2.59 64.64 -2.90
C GLU W 164 3.90 63.87 -2.97
N ASP W 165 4.34 63.50 -4.18
CA ASP W 165 5.56 62.74 -4.35
C ASP W 165 6.77 63.57 -3.94
N LYS W 166 7.41 63.19 -2.83
CA LYS W 166 8.52 63.99 -2.31
C LYS W 166 9.69 64.00 -3.27
N ASN W 167 9.97 62.87 -3.93
CA ASN W 167 11.10 62.80 -4.85
C ASN W 167 10.91 63.75 -6.02
N GLN W 168 9.72 63.75 -6.63
CA GLN W 168 9.47 64.64 -7.75
C GLN W 168 9.54 66.10 -7.33
N GLU W 169 8.98 66.43 -6.16
CA GLU W 169 9.02 67.81 -5.69
C GLU W 169 10.45 68.26 -5.43
N LEU W 170 11.26 67.40 -4.82
CA LEU W 170 12.66 67.75 -4.57
C LEU W 170 13.44 67.91 -5.87
N LEU W 171 13.20 67.03 -6.85
CA LEU W 171 13.86 67.17 -8.13
C LEU W 171 13.47 68.47 -8.82
N ASP W 172 12.19 68.82 -8.78
CA ASP W 172 11.74 70.07 -9.38
C ASP W 172 12.34 71.27 -8.68
N LYS W 173 12.41 71.23 -7.34
CA LYS W 173 13.04 72.32 -6.60
C LYS W 173 14.50 72.47 -6.98
N LEU W 174 15.22 71.35 -7.09
CA LEU W 174 16.65 71.41 -7.43
C LEU W 174 16.85 71.96 -8.83
N ILE W 175 16.07 71.48 -9.80
CA ILE W 175 16.24 71.95 -11.17
C ILE W 175 15.83 73.42 -11.29
N ALA W 176 14.83 73.86 -10.52
CA ALA W 176 14.42 75.25 -10.57
C ALA W 176 15.48 76.17 -9.95
N VAL W 177 16.03 75.79 -8.80
CA VAL W 177 17.04 76.64 -8.18
C VAL W 177 18.35 76.61 -8.98
N ASN W 178 18.60 75.52 -9.71
CA ASN W 178 19.81 75.41 -10.51
C ASN W 178 19.63 75.90 -11.94
N THR W 179 18.42 76.27 -12.34
CA THR W 179 18.17 76.69 -13.72
C THR W 179 18.88 78.00 -14.02
N VAL W 180 19.53 78.06 -15.18
CA VAL W 180 20.17 79.28 -15.64
C VAL W 180 19.10 80.25 -16.10
N ARG W 181 19.13 81.47 -15.57
CA ARG W 181 18.12 82.47 -15.87
C ARG W 181 18.78 83.80 -16.13
N TRP W 182 17.97 84.79 -16.53
CA TRP W 182 18.42 86.14 -16.75
C TRP W 182 17.25 87.09 -16.59
N ARG W 183 17.56 88.35 -16.34
CA ARG W 183 16.51 89.35 -16.15
C ARG W 183 17.09 90.73 -16.48
N TYR W 184 16.19 91.67 -16.71
CA TYR W 184 16.56 93.05 -17.00
C TYR W 184 16.85 93.78 -15.69
N ALA W 185 18.03 94.39 -15.60
CA ALA W 185 18.44 95.12 -14.41
C ALA W 185 18.46 96.61 -14.72
N LYS W 186 17.69 97.37 -13.95
CA LYS W 186 17.65 98.82 -14.12
C LYS W 186 18.91 99.43 -13.55
N SER W 187 19.71 100.06 -14.40
CA SER W 187 20.95 100.68 -13.97
C SER W 187 20.67 101.89 -13.09
N GLU W 188 21.65 102.24 -12.25
CA GLU W 188 21.50 103.40 -11.38
C GLU W 188 21.44 104.70 -12.17
N THR W 189 21.87 104.68 -13.43
CA THR W 189 21.82 105.86 -14.28
C THR W 189 20.52 105.95 -15.08
N GLY W 190 19.57 105.04 -14.83
CA GLY W 190 18.31 105.04 -15.53
C GLY W 190 18.22 104.13 -16.73
N GLY W 191 19.35 103.58 -17.20
CA GLY W 191 19.34 102.68 -18.33
C GLY W 191 18.94 101.28 -17.94
N ILE W 192 18.76 100.44 -18.96
CA ILE W 192 18.40 99.04 -18.78
C ILE W 192 19.56 98.17 -19.28
N PHE W 193 19.89 97.14 -18.50
CA PHE W 193 20.97 96.24 -18.83
C PHE W 193 20.52 94.80 -18.64
N LYS W 194 21.12 93.91 -19.43
CA LYS W 194 20.88 92.48 -19.29
C LYS W 194 21.73 91.93 -18.14
N GLU W 195 21.08 91.33 -17.17
CA GLU W 195 21.75 90.76 -16.01
C GLU W 195 21.48 89.27 -15.93
N THR W 196 22.51 88.49 -15.66
CA THR W 196 22.42 87.04 -15.62
C THR W 196 22.92 86.53 -14.27
N ASN W 197 22.47 85.33 -13.91
CA ASN W 197 22.88 84.69 -12.67
C ASN W 197 23.92 83.60 -12.87
N SER W 198 24.48 83.50 -14.07
CA SER W 198 25.39 82.42 -14.41
C SER W 198 26.70 82.99 -14.95
N GLN W 199 27.81 82.35 -14.58
CA GLN W 199 29.14 82.80 -14.97
C GLN W 199 30.00 81.58 -15.29
N ILE W 200 31.10 81.83 -15.99
CA ILE W 200 32.08 80.81 -16.34
C ILE W 200 33.39 81.19 -15.66
N ILE W 201 33.97 80.24 -14.93
CA ILE W 201 35.18 80.46 -14.17
C ILE W 201 36.29 79.56 -14.71
N GLN W 202 37.45 80.16 -14.99
CA GLN W 202 38.63 79.44 -15.42
C GLN W 202 39.65 79.47 -14.28
N TRP W 203 40.11 78.28 -13.88
CA TRP W 203 41.05 78.16 -12.78
C TRP W 203 42.49 78.30 -13.28
N GLU W 204 43.44 78.19 -12.35
CA GLU W 204 44.85 78.34 -12.71
C GLU W 204 45.34 77.17 -13.56
N ASP W 205 44.75 75.99 -13.39
CA ASP W 205 45.14 74.84 -14.19
C ASP W 205 44.65 74.91 -15.63
N GLY W 206 43.78 75.88 -15.94
CA GLY W 206 43.22 76.02 -17.27
C GLY W 206 41.86 75.39 -17.46
N THR W 207 41.38 74.63 -16.47
CA THR W 207 40.07 74.01 -16.58
C THR W 207 38.97 75.08 -16.44
N TYR W 208 37.80 74.76 -16.99
CA TYR W 208 36.66 75.66 -16.98
C TYR W 208 35.54 75.06 -16.14
N SER W 209 34.76 75.93 -15.53
CA SER W 209 33.65 75.50 -14.68
C SER W 209 32.45 76.40 -14.90
N LEU W 210 31.27 75.80 -14.95
CA LEU W 210 30.02 76.53 -15.08
C LEU W 210 29.48 76.82 -13.68
N ARG W 211 29.18 78.08 -13.41
CA ARG W 211 28.75 78.52 -12.09
C ARG W 211 27.35 79.10 -12.16
N VAL W 212 26.46 78.57 -11.32
CA VAL W 212 25.13 79.13 -11.11
C VAL W 212 24.99 79.40 -9.62
N GLY W 213 24.88 80.67 -9.25
CA GLY W 213 24.85 81.02 -7.84
C GLY W 213 26.14 80.57 -7.17
N SER W 214 25.98 79.85 -6.05
CA SER W 214 27.13 79.28 -5.35
C SER W 214 27.52 77.91 -5.85
N GLU W 215 26.73 77.32 -6.75
CA GLU W 215 27.03 75.99 -7.28
C GLU W 215 28.07 76.07 -8.37
N ILE W 216 29.00 75.12 -8.37
CA ILE W 216 30.06 75.06 -9.37
C ILE W 216 30.07 73.66 -9.97
N PHE W 217 30.02 73.58 -11.30
CA PHE W 217 30.06 72.31 -12.02
C PHE W 217 31.26 72.33 -12.94
N ASP W 218 32.11 71.31 -12.82
CA ASP W 218 33.32 71.24 -13.62
C ASP W 218 32.99 70.86 -15.07
N MET W 219 33.89 71.22 -15.98
CA MET W 219 33.74 70.93 -17.40
C MET W 219 34.84 69.97 -17.83
N PHE W 220 34.43 68.88 -18.48
CA PHE W 220 35.36 67.91 -19.04
C PHE W 220 35.30 68.00 -20.56
N THR W 221 36.43 68.35 -21.18
CA THR W 221 36.48 68.65 -22.60
C THR W 221 37.17 67.51 -23.34
N THR W 222 36.52 67.02 -24.40
CA THR W 222 37.10 66.03 -25.29
C THR W 222 37.13 66.61 -26.70
N ASN W 223 38.29 66.59 -27.32
CA ASN W 223 38.46 67.16 -28.65
C ASN W 223 37.74 66.32 -29.69
N THR W 224 36.98 66.98 -30.57
CA THR W 224 36.23 66.31 -31.62
C THR W 224 36.58 66.95 -32.96
N ASP W 225 36.90 66.10 -33.94
CA ASP W 225 37.27 66.56 -35.27
C ASP W 225 36.14 66.31 -36.26
N ASP W 226 36.10 67.16 -37.29
CA ASP W 226 35.07 67.11 -38.33
C ASP W 226 33.67 67.23 -37.73
N ASN W 227 33.51 68.13 -36.78
CA ASN W 227 32.23 68.45 -36.17
C ASN W 227 31.99 69.94 -36.30
N TYR W 228 30.91 70.33 -36.96
CA TYR W 228 30.62 71.72 -37.25
C TYR W 228 29.18 72.06 -36.89
N LEU W 229 28.92 73.36 -36.77
CA LEU W 229 27.59 73.88 -36.51
C LEU W 229 27.06 74.56 -37.77
N VAL W 230 25.80 74.29 -38.11
CA VAL W 230 25.17 74.84 -39.30
C VAL W 230 23.87 75.52 -38.91
N SER W 231 23.40 76.40 -39.79
CA SER W 231 22.11 77.07 -39.64
C SER W 231 21.15 76.54 -40.69
N GLU W 232 19.97 76.12 -40.24
CA GLU W 232 18.97 75.52 -41.12
C GLU W 232 18.10 76.59 -41.76
N HIS W 233 17.93 76.49 -43.08
CA HIS W 233 17.05 77.36 -43.86
C HIS W 233 15.99 76.46 -44.48
N ASN W 234 14.91 76.22 -43.72
CA ASN W 234 13.90 75.26 -44.14
C ASN W 234 13.14 75.74 -45.38
N GLU W 235 12.86 77.04 -45.46
CA GLU W 235 12.07 77.55 -46.58
C GLU W 235 12.79 77.36 -47.91
N GLU W 236 14.12 77.32 -47.91
CA GLU W 236 14.89 77.05 -49.12
C GLU W 236 15.44 75.64 -49.17
N GLY W 237 15.34 74.88 -48.09
CA GLY W 237 15.82 73.52 -48.07
C GLY W 237 17.31 73.36 -48.23
N ILE W 238 18.10 74.29 -47.68
CA ILE W 238 19.55 74.20 -47.70
C ILE W 238 20.07 74.50 -46.30
N LEU W 239 21.27 74.01 -46.03
CA LEU W 239 21.92 74.19 -44.73
C LEU W 239 23.13 75.09 -44.88
N MET W 240 23.16 76.16 -44.10
CA MET W 240 24.27 77.11 -44.10
C MET W 240 25.12 76.90 -42.86
N THR W 241 26.42 76.69 -43.06
CA THR W 241 27.31 76.48 -41.93
C THR W 241 27.45 77.74 -41.09
N GLU W 242 27.73 77.54 -39.81
CA GLU W 242 27.93 78.64 -38.86
C GLU W 242 29.35 78.70 -38.32
N SER W 243 29.82 77.63 -37.72
CA SER W 243 31.16 77.58 -37.13
C SER W 243 31.51 76.11 -36.88
N THR W 244 32.62 75.89 -36.18
CA THR W 244 33.14 74.56 -35.92
C THR W 244 32.98 74.22 -34.44
N LEU W 245 32.50 73.01 -34.17
CA LEU W 245 32.38 72.51 -32.80
C LEU W 245 33.62 71.67 -32.51
N SER W 246 34.66 72.32 -31.99
CA SER W 246 35.93 71.64 -31.78
C SER W 246 35.91 70.68 -30.60
N LYS W 247 35.28 71.07 -29.50
CA LYS W 247 35.34 70.29 -28.27
C LYS W 247 33.93 69.98 -27.77
N SER W 248 33.76 68.76 -27.27
CA SER W 248 32.54 68.35 -26.56
C SER W 248 32.80 68.44 -25.06
N VAL W 249 31.90 69.11 -24.35
CA VAL W 249 32.10 69.43 -22.94
C VAL W 249 31.01 68.75 -22.12
N LYS W 250 31.42 68.04 -21.08
CA LYS W 250 30.51 67.42 -20.12
C LYS W 250 30.54 68.20 -18.82
N LEU W 251 29.38 68.34 -18.18
CA LEU W 251 29.26 69.05 -16.92
C LEU W 251 29.15 68.05 -15.77
N VAL W 252 30.04 68.20 -14.79
CA VAL W 252 30.13 67.25 -13.68
C VAL W 252 30.10 68.02 -12.36
N PRO W 253 29.36 67.54 -11.36
CA PRO W 253 29.40 68.19 -10.04
C PRO W 253 30.80 68.22 -9.47
N ALA W 254 31.11 69.31 -8.75
CA ALA W 254 32.49 69.52 -8.29
C ALA W 254 32.89 68.49 -7.23
N SER W 255 32.01 68.20 -6.28
CA SER W 255 32.37 67.32 -5.18
C SER W 255 31.11 66.67 -4.61
N PHE W 256 31.33 65.68 -3.73
CA PHE W 256 30.22 65.04 -3.05
C PHE W 256 29.46 66.01 -2.17
N GLN W 257 30.18 66.89 -1.47
CA GLN W 257 29.56 67.78 -0.50
C GLN W 257 28.71 68.86 -1.16
N SER W 258 28.78 69.02 -2.47
CA SER W 258 27.93 69.97 -3.17
C SER W 258 26.46 69.63 -2.93
N THR W 259 25.66 70.68 -2.67
CA THR W 259 24.25 70.46 -2.35
C THR W 259 23.49 69.83 -3.50
N THR W 260 23.86 70.17 -4.75
CA THR W 260 23.20 69.57 -5.90
C THR W 260 23.40 68.07 -5.94
N HIS W 261 24.64 67.62 -5.71
CA HIS W 261 24.92 66.19 -5.71
C HIS W 261 24.17 65.48 -4.60
N GLN W 262 24.13 66.07 -3.41
CA GLN W 262 23.42 65.45 -2.29
C GLN W 262 21.93 65.36 -2.56
N LYS W 263 21.35 66.41 -3.14
CA LYS W 263 19.93 66.37 -3.47
C LYS W 263 19.64 65.32 -4.54
N LEU W 264 20.51 65.23 -5.55
CA LEU W 264 20.34 64.19 -6.57
C LEU W 264 20.43 62.80 -5.95
N ALA W 265 21.40 62.60 -5.06
CA ALA W 265 21.54 61.29 -4.41
C ALA W 265 20.32 60.95 -3.58
N LYS W 266 19.81 61.92 -2.83
CA LYS W 266 18.61 61.69 -2.02
C LYS W 266 17.42 61.34 -2.90
N ALA W 267 17.23 62.09 -3.98
CA ALA W 267 16.10 61.85 -4.87
C ALA W 267 16.19 60.48 -5.51
N LEU W 268 17.36 60.10 -6.00
CA LEU W 268 17.49 58.81 -6.67
C LEU W 268 17.45 57.64 -5.69
N SER W 269 17.94 57.85 -4.46
CA SER W 269 17.89 56.78 -3.47
C SER W 269 16.48 56.53 -2.99
N ALA W 270 15.71 57.59 -2.74
CA ALA W 270 14.33 57.41 -2.31
C ALA W 270 13.37 57.12 -3.45
N LYS W 271 13.80 57.36 -4.70
CA LYS W 271 12.95 57.05 -5.85
C LYS W 271 12.76 55.54 -6.00
N GLN W 272 13.84 54.77 -5.84
CA GLN W 272 13.78 53.32 -6.01
C GLN W 272 13.32 52.60 -4.74
N LYS W 273 13.08 53.32 -3.64
CA LYS W 273 12.56 52.68 -2.44
C LYS W 273 11.07 52.40 -2.54
N LYS W 274 10.31 53.25 -3.23
CA LYS W 274 8.87 53.10 -3.32
C LYS W 274 8.54 52.14 -4.46
N GLU W 275 8.03 50.96 -4.12
CA GLU W 275 7.67 49.96 -5.13
C GLU W 275 6.61 49.04 -4.52
N SER W 276 5.34 49.30 -4.84
CA SER W 276 4.24 48.45 -4.39
C SER W 276 3.09 48.65 -5.38
N TYR W 277 2.91 47.68 -6.28
CA TYR W 277 1.92 47.79 -7.34
C TYR W 277 0.60 47.14 -7.00
N ALA W 278 0.63 45.90 -6.49
CA ALA W 278 -0.59 45.19 -6.16
C ALA W 278 -1.28 45.87 -4.98
N ARG W 279 -2.60 46.03 -5.08
CA ARG W 279 -3.41 46.68 -4.07
C ARG W 279 -4.27 45.63 -3.37
N SER W 280 -4.22 45.62 -2.04
CA SER W 280 -4.93 44.61 -1.28
C SER W 280 -6.43 44.90 -1.26
N VAL W 281 -7.21 43.84 -1.02
CA VAL W 281 -8.66 43.94 -0.97
C VAL W 281 -9.17 42.79 -0.11
N VAL W 282 -10.40 42.90 0.37
CA VAL W 282 -11.00 41.91 1.25
C VAL W 282 -12.12 41.19 0.50
N THR W 283 -12.05 39.87 0.47
CA THR W 283 -13.08 39.06 -0.17
C THR W 283 -14.16 38.71 0.85
N LYS W 284 -15.41 39.06 0.52
CA LYS W 284 -16.53 38.79 1.41
C LYS W 284 -17.34 37.56 1.00
N GLU W 285 -17.23 37.13 -0.24
CA GLU W 285 -18.01 36.01 -0.75
C GLU W 285 -17.12 35.12 -1.60
N ASP W 286 -17.71 34.06 -2.13
CA ASP W 286 -16.96 33.13 -2.98
C ASP W 286 -16.59 33.81 -4.29
N PRO W 287 -15.31 33.83 -4.66
CA PRO W 287 -14.93 34.45 -5.94
C PRO W 287 -15.50 33.73 -7.16
N GLU W 288 -15.93 32.48 -7.02
CA GLU W 288 -16.50 31.74 -8.13
C GLU W 288 -18.01 31.89 -8.26
N GLU W 289 -18.64 32.67 -7.38
CA GLU W 289 -20.10 32.76 -7.39
C GLU W 289 -20.61 33.44 -8.67
N ARG W 290 -19.92 34.49 -9.11
CA ARG W 290 -20.35 35.20 -10.31
C ARG W 290 -20.35 34.27 -11.52
N GLN W 291 -19.30 33.48 -11.68
CA GLN W 291 -19.21 32.58 -12.83
C GLN W 291 -20.36 31.58 -12.84
N ARG W 292 -20.62 30.95 -11.69
CA ARG W 292 -21.65 29.92 -11.67
C ARG W 292 -23.05 30.51 -11.86
N ARG W 293 -23.33 31.66 -11.24
CA ARG W 293 -24.65 32.26 -11.43
C ARG W 293 -24.85 32.72 -12.87
N LEU W 294 -23.81 33.28 -13.48
CA LEU W 294 -23.94 33.71 -14.86
C LEU W 294 -24.03 32.52 -15.81
N GLU W 295 -23.35 31.42 -15.50
CA GLU W 295 -23.49 30.21 -16.30
C GLU W 295 -24.91 29.66 -16.20
N SER W 296 -25.51 29.68 -15.00
CA SER W 296 -26.90 29.26 -14.81
C SER W 296 -27.87 30.13 -15.61
N GLN W 297 -27.67 31.45 -15.58
CA GLN W 297 -28.42 32.40 -16.41
C GLN W 297 -28.24 32.11 -17.92
N GLU W 298 -27.03 31.77 -18.37
CA GLU W 298 -26.80 31.29 -19.74
C GLU W 298 -27.54 29.99 -20.05
N ASN W 299 -27.51 28.99 -19.16
CA ASN W 299 -28.25 27.74 -19.37
C ASN W 299 -29.76 27.98 -19.49
N GLU W 300 -30.32 28.89 -18.69
CA GLU W 300 -31.72 29.30 -18.80
C GLU W 300 -32.02 30.01 -20.14
N ARG W 301 -31.20 30.97 -20.58
CA ARG W 301 -31.46 31.61 -21.88
C ARG W 301 -31.12 30.73 -23.09
N TYR W 302 -30.22 29.76 -22.99
CA TYR W 302 -30.05 28.71 -24.00
C TYR W 302 -31.27 27.76 -24.05
N ARG W 303 -31.90 27.43 -22.90
CA ARG W 303 -33.16 26.68 -22.86
C ARG W 303 -34.30 27.45 -23.53
N LEU W 304 -34.42 28.76 -23.28
CA LEU W 304 -35.35 29.64 -23.99
C LEU W 304 -35.02 29.79 -25.48
N GLU W 305 -33.74 29.84 -25.87
CA GLU W 305 -33.31 29.84 -27.28
C GLU W 305 -33.75 28.55 -27.99
N ARG W 306 -33.55 27.38 -27.37
CA ARG W 306 -34.05 26.10 -27.90
C ARG W 306 -35.57 26.08 -28.03
N ARG W 307 -36.30 26.55 -27.02
CA ARG W 307 -37.77 26.71 -27.06
C ARG W 307 -38.21 27.60 -28.23
N ARG W 308 -37.55 28.75 -28.44
CA ARG W 308 -37.80 29.66 -29.57
C ARG W 308 -37.54 28.99 -30.92
N LYS W 309 -36.40 28.31 -31.07
CA LYS W 309 -36.03 27.57 -32.29
C LYS W 309 -36.99 26.40 -32.61
N GLN W 310 -37.59 25.77 -31.60
CA GLN W 310 -38.66 24.80 -31.78
C GLN W 310 -40.01 25.44 -32.13
N ALA W 311 -40.32 26.62 -31.58
CA ALA W 311 -41.60 27.31 -31.76
C ALA W 311 -41.73 28.08 -33.10
N GLU W 312 -40.64 28.59 -33.67
CA GLU W 312 -40.61 29.40 -34.90
C GLU W 312 -41.20 28.70 -36.14
N ARG X 10 96.08 -58.55 39.98
CA ARG X 10 95.46 -57.68 39.01
C ARG X 10 96.47 -56.65 38.49
N GLN X 11 97.16 -56.99 37.42
CA GLN X 11 98.20 -56.13 36.84
C GLN X 11 97.53 -55.15 35.90
N ASP X 12 97.24 -53.96 36.41
CA ASP X 12 96.59 -52.91 35.61
C ASP X 12 97.20 -51.56 35.99
N TYR X 13 96.53 -50.50 35.57
CA TYR X 13 97.02 -49.13 35.76
C TYR X 13 97.22 -48.83 37.24
N ILE X 14 98.36 -48.21 37.55
CA ILE X 14 98.69 -47.87 38.94
C ILE X 14 98.20 -46.45 39.23
N ALA X 15 97.36 -46.31 40.25
CA ALA X 15 96.86 -45.01 40.67
C ALA X 15 96.44 -45.09 42.12
N LYS X 16 96.73 -44.03 42.87
CA LYS X 16 96.39 -43.96 44.29
C LYS X 16 95.34 -42.88 44.51
N VAL X 17 94.34 -43.19 45.32
CA VAL X 17 93.23 -42.29 45.60
C VAL X 17 93.31 -41.87 47.06
N ARG X 18 93.42 -40.57 47.30
CA ARG X 18 93.46 -40.02 48.66
C ARG X 18 92.67 -38.72 48.66
N TYR X 19 91.51 -38.73 49.31
CA TYR X 19 90.69 -37.53 49.41
C TYR X 19 91.40 -36.46 50.24
N GLN X 20 91.31 -35.22 49.79
CA GLN X 20 91.95 -34.09 50.44
C GLN X 20 90.89 -33.27 51.17
N ASN X 21 90.91 -33.34 52.49
CA ASN X 21 90.02 -32.56 53.36
C ASN X 21 90.83 -31.92 54.48
N ASP X 22 92.07 -31.53 54.17
CA ASP X 22 92.96 -31.00 55.19
C ASP X 22 92.57 -29.58 55.58
N LEU X 23 92.48 -29.34 56.88
CA LEU X 23 92.11 -28.02 57.37
C LEU X 23 93.25 -27.03 57.14
N PRO X 24 92.96 -25.81 56.68
CA PRO X 24 94.02 -24.81 56.51
C PRO X 24 94.52 -24.29 57.84
N ALA X 25 95.70 -23.68 57.80
CA ALA X 25 96.27 -23.07 58.99
C ALA X 25 95.44 -21.84 59.39
N PRO X 26 95.43 -21.50 60.67
CA PRO X 26 94.67 -20.33 61.13
C PRO X 26 95.12 -19.07 60.40
N PRO X 27 94.19 -18.20 60.02
CA PRO X 27 94.55 -17.04 59.21
C PRO X 27 95.15 -15.90 60.02
N CYS X 28 94.68 -15.72 61.24
CA CYS X 28 95.07 -14.59 62.09
C CYS X 28 94.93 -13.26 61.35
N PRO X 29 93.73 -12.89 60.92
CA PRO X 29 93.55 -11.69 60.11
C PRO X 29 93.73 -10.43 60.96
N PRO X 30 93.93 -9.27 60.33
CA PRO X 30 94.03 -8.03 61.10
C PRO X 30 92.75 -7.78 61.90
N LYS X 31 92.92 -7.26 63.12
CA LYS X 31 91.81 -7.05 64.03
C LYS X 31 91.22 -5.66 63.86
N LEU X 32 89.89 -5.61 63.81
CA LEU X 32 89.19 -4.34 63.79
C LEU X 32 89.38 -3.61 65.12
N LEU X 33 89.34 -2.29 65.08
CA LEU X 33 89.44 -1.46 66.27
C LEU X 33 88.07 -0.89 66.61
N LYS X 34 87.65 -1.10 67.85
CA LYS X 34 86.34 -0.63 68.29
C LYS X 34 86.29 0.89 68.27
N TYR X 35 85.15 1.43 67.86
CA TYR X 35 84.96 2.87 67.86
C TYR X 35 84.92 3.40 69.29
N GLU X 36 85.10 4.72 69.42
CA GLU X 36 84.93 5.34 70.73
C GLU X 36 83.49 5.17 71.22
N ILE X 37 82.51 5.20 70.32
CA ILE X 37 81.12 4.99 70.69
C ILE X 37 80.78 3.53 70.93
N GLU X 38 81.76 2.63 70.82
CA GLU X 38 81.55 1.23 71.17
C GLU X 38 81.81 0.95 72.65
N LYS X 39 82.23 1.95 73.41
CA LYS X 39 82.49 1.81 74.84
C LYS X 39 81.35 2.44 75.63
N GLU X 40 81.04 1.83 76.78
CA GLU X 40 79.84 2.22 77.52
C GLU X 40 79.92 3.66 78.02
N ALA X 41 81.08 4.07 78.56
CA ALA X 41 81.20 5.42 79.09
C ALA X 41 81.06 6.50 78.02
N PRO X 42 81.74 6.42 76.86
CA PRO X 42 81.46 7.41 75.82
C PRO X 42 80.02 7.39 75.33
N GLN X 43 79.39 6.22 75.29
CA GLN X 43 77.97 6.16 74.93
C GLN X 43 77.13 6.94 75.92
N LYS X 44 77.41 6.76 77.22
CA LYS X 44 76.67 7.49 78.25
C LYS X 44 76.90 8.99 78.12
N GLU X 45 78.15 9.40 77.87
CA GLU X 45 78.44 10.82 77.72
C GLU X 45 77.73 11.42 76.51
N PHE X 46 77.71 10.69 75.39
CA PHE X 46 77.10 11.21 74.16
C PHE X 46 75.59 11.27 74.29
N LEU X 47 74.96 10.23 74.84
CA LEU X 47 73.50 10.23 74.94
C LEU X 47 73.00 11.26 75.94
N LYS X 48 73.72 11.47 77.04
CA LYS X 48 73.32 12.40 78.07
C LYS X 48 73.64 13.85 77.72
N ASP X 49 73.94 14.14 76.46
CA ASP X 49 74.24 15.50 76.04
C ASP X 49 73.01 16.39 76.16
N SER X 50 73.24 17.64 76.56
CA SER X 50 72.17 18.63 76.64
C SER X 50 71.98 19.39 75.32
N ARG X 51 73.02 19.47 74.50
CA ARG X 51 72.88 20.12 73.19
C ARG X 51 71.94 19.35 72.29
N LEU X 52 71.78 18.04 72.53
CA LEU X 52 70.81 17.27 71.76
C LEU X 52 69.39 17.77 72.01
N LEU X 53 69.06 18.03 73.28
CA LEU X 53 67.75 18.60 73.60
C LEU X 53 67.62 20.03 73.08
N SER X 54 68.72 20.78 73.02
CA SER X 54 68.67 22.12 72.43
C SER X 54 68.35 22.05 70.95
N ALA X 55 68.98 21.11 70.23
CA ALA X 55 68.65 20.91 68.82
C ALA X 55 67.21 20.45 68.64
N LEU X 56 66.73 19.59 69.54
CA LEU X 56 65.34 19.15 69.47
C LEU X 56 64.40 20.32 69.70
N PHE X 57 64.73 21.21 70.64
CA PHE X 57 63.93 22.41 70.84
C PHE X 57 63.94 23.29 69.60
N SER X 58 65.11 23.47 68.98
CA SER X 58 65.19 24.29 67.78
C SER X 58 64.34 23.71 66.66
N LYS X 59 64.34 22.37 66.53
CA LYS X 59 63.47 21.72 65.55
C LYS X 59 62.01 21.97 65.88
N ASP X 60 61.63 21.79 67.16
CA ASP X 60 60.25 21.99 67.57
C ASP X 60 59.91 23.47 67.69
N ASN X 61 60.86 24.29 68.14
CA ASN X 61 60.65 25.72 68.38
C ASN X 61 59.47 25.95 69.33
N PHE X 62 58.38 26.48 68.80
CA PHE X 62 57.18 26.80 69.57
C PHE X 62 55.95 26.27 68.84
N ARG X 63 56.02 25.01 68.41
CA ARG X 63 54.91 24.39 67.68
C ARG X 63 53.65 24.30 68.56
N TYR X 64 53.76 23.58 69.67
CA TYR X 64 52.61 23.32 70.53
C TYR X 64 52.29 24.46 71.48
N LEU X 65 52.99 25.59 71.38
CA LEU X 65 52.66 26.76 72.17
C LEU X 65 51.70 27.72 71.47
N MET X 66 51.30 27.42 70.23
CA MET X 66 50.33 28.24 69.53
C MET X 66 48.89 27.90 69.90
N ASN X 67 48.66 26.86 70.71
CA ASN X 67 47.31 26.49 71.08
C ASN X 67 46.64 27.59 71.90
N GLU X 68 47.38 28.23 72.82
CA GLU X 68 46.81 29.32 73.60
C GLU X 68 46.56 30.55 72.74
N THR X 69 47.37 30.75 71.70
CA THR X 69 47.26 31.94 70.84
C THR X 69 45.98 31.98 70.03
N SER X 70 45.07 31.03 70.24
CA SER X 70 43.77 31.01 69.57
C SER X 70 42.79 32.02 70.15
N ASP X 71 43.27 33.00 70.92
CA ASP X 71 42.39 34.02 71.48
C ASP X 71 41.65 34.79 70.39
N GLY X 72 42.22 34.83 69.17
CA GLY X 72 41.55 35.50 68.07
C GLY X 72 40.37 34.72 67.51
N LEU X 73 40.23 33.45 67.87
CA LEU X 73 39.10 32.67 67.36
C LEU X 73 37.79 33.05 68.04
N ASP X 74 37.85 33.55 69.27
CA ASP X 74 36.63 33.91 69.99
C ASP X 74 35.89 35.02 69.27
N VAL X 75 34.57 34.87 69.17
CA VAL X 75 33.71 35.79 68.43
C VAL X 75 32.72 36.40 69.40
N ASN X 76 32.63 37.73 69.41
CA ASN X 76 31.68 38.45 70.25
C ASN X 76 30.99 39.51 69.42
N TYR X 77 29.68 39.67 69.64
CA TYR X 77 28.89 40.58 68.82
C TYR X 77 29.28 42.04 69.06
N LEU X 78 29.56 42.41 70.32
CA LEU X 78 29.81 43.80 70.67
C LEU X 78 31.14 44.33 70.10
N ARG X 79 32.01 43.46 69.58
CA ARG X 79 33.30 43.92 69.10
C ARG X 79 33.16 44.88 67.93
N ILE X 80 32.28 44.59 67.00
CA ILE X 80 32.12 45.44 65.81
C ILE X 80 31.49 46.77 66.23
N PRO X 81 32.08 47.91 65.85
CA PRO X 81 31.52 49.20 66.28
C PRO X 81 30.13 49.48 65.74
N GLY X 82 29.92 49.30 64.43
CA GLY X 82 28.69 49.70 63.79
C GLY X 82 27.64 48.63 63.59
N ILE X 83 27.85 47.41 64.10
CA ILE X 83 26.87 46.35 63.90
C ILE X 83 25.69 46.48 64.84
N ILE X 84 25.79 47.31 65.88
CA ILE X 84 24.79 47.34 66.93
C ILE X 84 24.07 48.69 67.03
N GLU X 85 24.61 49.76 66.43
CA GLU X 85 24.05 51.09 66.66
C GLU X 85 22.57 51.17 66.33
N ASN X 86 22.10 50.36 65.38
CA ASN X 86 20.69 50.15 65.15
C ASN X 86 20.39 48.66 65.27
N GLU X 87 19.14 48.34 65.61
CA GLU X 87 18.76 46.94 65.74
C GLU X 87 19.03 46.18 64.45
N LYS X 88 18.79 46.81 63.30
CA LYS X 88 19.02 46.21 62.00
C LYS X 88 20.35 46.62 61.39
N SER X 89 21.27 47.16 62.20
CA SER X 89 22.61 47.47 61.70
C SER X 89 23.34 46.20 61.26
N LEU X 90 23.02 45.06 61.86
CA LEU X 90 23.59 43.79 61.40
C LEU X 90 23.21 43.54 59.95
N GLY X 91 21.92 43.67 59.62
CA GLY X 91 21.51 43.50 58.23
C GLY X 91 22.06 44.58 57.32
N LYS X 92 22.15 45.80 57.82
CA LYS X 92 22.70 46.89 57.01
C LYS X 92 24.16 46.64 56.66
N LEU X 93 24.96 46.20 57.63
CA LEU X 93 26.37 45.92 57.38
C LEU X 93 26.54 44.67 56.53
N PHE X 94 25.69 43.66 56.73
CA PHE X 94 25.71 42.50 55.85
C PHE X 94 25.34 42.89 54.43
N SER X 95 24.45 43.88 54.27
CA SER X 95 24.10 44.43 52.97
C SER X 95 24.93 45.65 52.59
N SER X 96 25.81 46.12 53.49
CA SER X 96 26.73 47.19 53.13
C SER X 96 27.88 46.70 52.27
N TYR X 97 28.26 45.42 52.42
CA TYR X 97 29.36 44.85 51.65
C TYR X 97 28.89 44.21 50.35
N LYS X 98 27.58 44.19 50.08
CA LYS X 98 27.11 43.74 48.78
C LYS X 98 27.52 44.71 47.67
N ASN X 99 27.70 45.99 48.03
CA ASN X 99 28.28 46.94 47.07
C ASN X 99 29.72 46.61 46.77
N LEU X 100 30.42 46.01 47.73
CA LEU X 100 31.81 45.60 47.55
C LEU X 100 31.87 44.18 46.98
N ALA X 101 33.06 43.80 46.53
CA ALA X 101 33.29 42.49 45.95
C ALA X 101 34.78 42.18 46.07
N ILE X 102 35.23 41.15 45.34
CA ILE X 102 36.64 40.81 45.33
C ILE X 102 37.48 41.93 44.74
N GLU X 103 36.92 42.64 43.74
CA GLU X 103 37.67 43.72 43.11
C GLU X 103 37.99 44.83 44.10
N ASN X 104 37.04 45.18 44.96
CA ASN X 104 37.25 46.23 45.94
C ASN X 104 38.25 45.85 47.02
N LEU X 105 38.59 44.56 47.14
CA LEU X 105 39.61 44.15 48.09
C LEU X 105 40.97 44.70 47.69
N HIS X 106 41.81 44.94 48.70
CA HIS X 106 43.15 45.44 48.43
C HIS X 106 43.97 44.40 47.67
N PRO X 107 44.80 44.83 46.72
CA PRO X 107 45.59 43.84 45.95
C PRO X 107 46.42 42.92 46.82
N ASP X 108 47.02 43.45 47.88
CA ASP X 108 47.78 42.58 48.79
C ASP X 108 46.86 41.61 49.51
N ASP X 109 45.67 42.07 49.92
CA ASP X 109 44.70 41.16 50.52
C ASP X 109 44.17 40.15 49.51
N ARG X 110 44.06 40.56 48.24
CA ARG X 110 43.73 39.60 47.18
C ARG X 110 44.83 38.55 47.06
N LEU X 111 46.09 38.95 47.24
CA LEU X 111 47.19 37.99 47.22
C LEU X 111 47.08 37.00 48.37
N LEU X 112 46.43 37.39 49.47
CA LEU X 112 46.18 36.46 50.57
C LEU X 112 45.16 35.39 50.23
N LEU X 113 44.38 35.57 49.17
CA LEU X 113 43.40 34.59 48.73
C LEU X 113 44.11 33.61 47.80
N VAL X 114 44.71 32.58 48.39
CA VAL X 114 45.47 31.56 47.67
C VAL X 114 44.69 30.26 47.71
N ASP X 115 44.50 29.64 46.56
CA ASP X 115 43.76 28.40 46.46
C ASP X 115 44.52 27.29 47.18
N PRO X 116 43.92 26.62 48.17
CA PRO X 116 44.56 25.51 48.89
C PRO X 116 44.87 24.32 47.98
N SER X 126 41.81 32.38 37.02
CA SER X 126 41.62 33.24 35.86
C SER X 126 40.68 32.59 34.85
N PRO X 127 39.78 33.39 34.28
CA PRO X 127 38.86 32.84 33.27
C PRO X 127 39.59 32.47 31.99
N VAL X 128 39.02 31.51 31.27
CA VAL X 128 39.51 31.09 29.97
C VAL X 128 38.42 31.36 28.95
N PHE X 129 38.85 31.76 27.75
CA PHE X 129 37.93 32.26 26.74
C PHE X 129 36.99 31.19 26.19
N PHE X 130 37.27 29.92 26.41
CA PHE X 130 36.50 28.84 25.78
C PHE X 130 35.57 28.13 26.75
N LEU X 131 35.31 28.70 27.92
CA LEU X 131 34.36 28.15 28.87
C LEU X 131 33.26 29.19 29.07
N ARG X 132 32.18 29.05 28.30
CA ARG X 132 31.05 29.95 28.42
C ARG X 132 30.18 29.58 29.61
N ARG X 133 29.40 30.54 30.06
CA ARG X 133 28.39 30.25 31.07
C ARG X 133 27.07 29.87 30.41
N PRO X 134 26.45 28.77 30.82
CA PRO X 134 25.31 28.26 30.05
C PRO X 134 24.13 29.22 30.03
N GLN X 135 23.38 29.18 28.94
CA GLN X 135 22.19 29.99 28.75
C GLN X 135 21.01 29.09 28.41
N TYR X 136 19.83 29.71 28.35
CA TYR X 136 18.61 28.97 28.03
C TYR X 136 17.81 29.56 26.88
N VAL X 137 17.93 30.85 26.58
CA VAL X 137 17.15 31.47 25.51
C VAL X 137 17.98 31.65 24.24
N SER X 138 19.31 31.65 24.34
CA SER X 138 20.19 31.86 23.17
C SER X 138 19.83 33.21 22.56
N ASP X 139 19.92 33.35 21.23
CA ASP X 139 19.62 34.64 20.60
C ASP X 139 19.35 34.39 19.12
N GLY X 140 18.81 35.42 18.47
CA GLY X 140 18.47 35.34 17.06
C GLY X 140 17.11 35.95 16.75
N ASP X 159 12.21 73.89 2.23
CA ASP X 159 12.15 75.11 1.44
C ASP X 159 11.25 74.93 0.22
N THR X 160 10.19 74.13 0.38
CA THR X 160 9.22 73.93 -0.68
C THR X 160 8.27 75.11 -0.84
N ASN X 161 8.34 76.08 0.07
CA ASN X 161 7.49 77.26 0.00
C ASN X 161 7.85 78.06 -1.25
N PRO X 162 6.87 78.46 -2.05
CA PRO X 162 7.18 79.30 -3.23
C PRO X 162 7.91 80.58 -2.88
N ARG X 163 7.61 81.17 -1.73
CA ARG X 163 8.36 82.34 -1.28
C ARG X 163 9.83 82.00 -1.08
N SER X 164 10.11 80.83 -0.49
CA SER X 164 11.49 80.41 -0.30
C SER X 164 12.20 80.20 -1.63
N GLN X 165 11.51 79.59 -2.59
CA GLN X 165 12.13 79.38 -3.91
C GLN X 165 12.43 80.71 -4.59
N LEU X 166 11.48 81.65 -4.53
CA LEU X 166 11.72 82.97 -5.12
C LEU X 166 12.90 83.66 -4.44
N HIS X 167 12.95 83.59 -3.10
CA HIS X 167 14.05 84.21 -2.36
C HIS X 167 15.39 83.60 -2.74
N SER X 168 15.41 82.28 -2.93
CA SER X 168 16.63 81.63 -3.41
C SER X 168 17.01 82.14 -4.80
N VAL X 169 16.00 82.37 -5.65
CA VAL X 169 16.28 82.87 -7.00
C VAL X 169 16.92 84.26 -6.94
N GLU X 170 16.35 85.18 -6.16
CA GLU X 170 16.96 86.50 -6.08
C GLU X 170 18.30 86.46 -5.37
N ARG X 171 18.48 85.56 -4.40
CA ARG X 171 19.79 85.43 -3.76
C ARG X 171 20.84 84.98 -4.76
N THR X 172 20.50 84.00 -5.60
CA THR X 172 21.43 83.57 -6.65
C THR X 172 21.71 84.69 -7.63
N PHE X 173 20.69 85.47 -7.99
CA PHE X 173 20.89 86.59 -8.89
C PHE X 173 21.83 87.63 -8.30
N ASP X 174 21.70 87.90 -6.99
CA ASP X 174 22.45 88.98 -6.37
C ASP X 174 23.91 88.63 -6.13
N GLU X 175 24.24 87.34 -6.03
CA GLU X 175 25.60 86.91 -5.68
C GLU X 175 26.49 86.71 -6.90
N VAL X 176 26.17 87.33 -8.03
CA VAL X 176 26.99 87.22 -9.22
C VAL X 176 28.26 88.04 -9.04
N ILE X 177 29.40 87.44 -9.34
CA ILE X 177 30.70 88.08 -9.14
C ILE X 177 31.03 88.94 -10.36
N ASP X 178 31.43 90.18 -10.09
CA ASP X 178 31.81 91.10 -11.16
C ASP X 178 33.10 90.62 -11.81
N PRO X 179 33.12 90.36 -13.12
CA PRO X 179 34.36 89.90 -13.75
C PRO X 179 35.51 90.87 -13.63
N ARG X 180 35.24 92.17 -13.57
CA ARG X 180 36.31 93.15 -13.40
C ARG X 180 36.88 93.15 -11.99
N ASN X 181 36.13 92.67 -11.00
CA ASN X 181 36.60 92.66 -9.63
C ASN X 181 37.66 91.57 -9.44
N LYS X 182 38.93 91.94 -9.56
CA LYS X 182 40.01 90.97 -9.43
C LYS X 182 40.07 90.41 -8.02
N ASN X 183 39.87 91.26 -7.01
CA ASN X 183 39.97 90.81 -5.62
C ASN X 183 38.89 89.79 -5.29
N ARG X 184 37.64 90.08 -5.66
CA ARG X 184 36.56 89.13 -5.40
C ARG X 184 36.72 87.86 -6.23
N LEU X 185 37.25 87.97 -7.44
CA LEU X 185 37.53 86.79 -8.24
C LEU X 185 38.57 85.90 -7.58
N GLN X 186 39.64 86.51 -7.03
CA GLN X 186 40.64 85.73 -6.32
C GLN X 186 40.10 85.19 -5.00
N SER X 187 39.08 85.83 -4.44
CA SER X 187 38.45 85.30 -3.23
C SER X 187 37.81 83.95 -3.48
N LEU X 188 37.16 83.79 -4.63
CA LEU X 188 36.55 82.51 -4.98
C LEU X 188 37.62 81.44 -5.16
N ILE X 189 37.37 80.27 -4.58
CA ILE X 189 38.30 79.15 -4.59
C ILE X 189 37.54 77.89 -4.96
N HIS X 190 38.16 77.03 -5.76
CA HIS X 190 37.54 75.77 -6.14
C HIS X 190 37.29 74.91 -4.91
N PRO X 191 36.08 74.36 -4.75
CA PRO X 191 35.79 73.56 -3.55
C PRO X 191 36.71 72.37 -3.36
N ARG X 192 37.10 71.70 -4.45
CA ARG X 192 37.95 70.52 -4.37
C ARG X 192 39.39 70.81 -4.75
N LYS X 193 39.61 71.50 -5.86
CA LYS X 193 40.98 71.81 -6.29
C LYS X 193 41.68 72.78 -5.36
N LYS X 194 40.93 73.60 -4.62
CA LYS X 194 41.50 74.64 -3.75
C LYS X 194 42.40 75.58 -4.54
N ILE X 195 41.94 75.97 -5.73
CA ILE X 195 42.70 76.77 -6.66
C ILE X 195 41.95 78.07 -6.93
N LYS X 196 42.69 79.17 -6.95
CA LYS X 196 42.09 80.49 -7.17
C LYS X 196 41.58 80.63 -8.61
N ALA X 197 40.64 81.55 -8.77
CA ALA X 197 40.07 81.85 -10.08
C ALA X 197 40.95 82.84 -10.83
N VAL X 198 41.03 82.67 -12.15
CA VAL X 198 41.86 83.52 -12.98
C VAL X 198 40.99 84.50 -13.76
N LYS X 199 40.10 83.96 -14.59
CA LYS X 199 39.26 84.78 -15.46
C LYS X 199 37.81 84.33 -15.36
N ALA X 200 36.91 85.24 -15.67
CA ALA X 200 35.48 84.99 -15.60
C ALA X 200 34.79 85.52 -16.84
N TRP X 201 33.62 84.95 -17.14
CA TRP X 201 32.80 85.37 -18.27
C TRP X 201 31.33 85.29 -17.89
N HIS X 202 30.57 86.30 -18.27
CA HIS X 202 29.12 86.25 -18.11
C HIS X 202 28.51 85.23 -19.06
N PHE X 203 27.45 84.59 -18.61
CA PHE X 203 26.74 83.58 -19.40
C PHE X 203 25.41 84.17 -19.83
N PHE X 204 25.28 84.44 -21.13
CA PHE X 204 24.08 85.07 -21.67
C PHE X 204 23.58 84.31 -22.89
N PRO X 205 22.28 84.34 -23.13
CA PRO X 205 21.75 83.80 -24.40
C PRO X 205 21.97 84.80 -25.54
N ASP X 206 21.76 84.30 -26.75
CA ASP X 206 21.96 85.09 -27.97
C ASP X 206 20.62 85.50 -28.54
N THR X 207 20.46 86.79 -28.83
CA THR X 207 19.16 87.32 -29.25
C THR X 207 18.97 87.22 -30.76
N SER X 208 20.03 87.53 -31.52
CA SER X 208 19.92 87.58 -32.97
C SER X 208 19.87 86.21 -33.63
N THR X 209 20.11 85.13 -32.89
CA THR X 209 20.24 83.82 -33.49
C THR X 209 19.14 82.83 -33.09
N PHE X 210 18.22 83.22 -32.19
CA PHE X 210 17.16 82.30 -31.79
C PHE X 210 16.17 82.03 -32.92
N ASP X 211 16.01 82.99 -33.84
CA ASP X 211 15.10 82.76 -34.96
C ASP X 211 15.59 81.63 -35.86
N GLN X 212 16.91 81.55 -36.07
CA GLN X 212 17.46 80.51 -36.92
C GLN X 212 17.43 79.16 -36.21
N VAL X 213 17.66 78.10 -36.98
CA VAL X 213 17.66 76.73 -36.48
C VAL X 213 19.08 76.18 -36.62
N PHE X 214 19.62 75.65 -35.54
CA PHE X 214 20.99 75.16 -35.51
C PHE X 214 21.00 73.65 -35.36
N HIS X 215 21.84 72.98 -36.16
CA HIS X 215 22.00 71.54 -36.12
C HIS X 215 23.49 71.19 -36.05
N SER X 216 23.81 70.25 -35.17
CA SER X 216 25.19 69.76 -35.05
C SER X 216 25.44 68.72 -36.12
N LEU X 217 26.34 69.02 -37.04
CA LEU X 217 26.62 68.17 -38.18
C LEU X 217 27.98 67.50 -37.98
N LYS X 218 28.01 66.17 -38.11
CA LYS X 218 29.20 65.39 -37.85
C LYS X 218 29.39 64.35 -38.96
N PHE X 219 30.65 64.02 -39.23
CA PHE X 219 31.02 63.00 -40.21
C PHE X 219 31.41 61.73 -39.46
N VAL X 220 30.87 60.60 -39.90
CA VAL X 220 31.00 59.32 -39.20
C VAL X 220 31.94 58.43 -39.97
N GLY X 221 32.98 57.94 -39.29
CA GLY X 221 33.86 56.94 -39.90
C GLY X 221 34.74 57.52 -40.98
N SER X 222 34.80 56.81 -42.11
CA SER X 222 35.69 57.21 -43.20
C SER X 222 35.28 58.52 -43.85
N ALA X 223 34.07 59.01 -43.58
CA ALA X 223 33.62 60.28 -44.13
C ALA X 223 34.37 61.48 -43.55
N SER X 224 35.34 61.24 -42.66
CA SER X 224 36.11 62.34 -42.09
C SER X 224 36.86 63.11 -43.18
N LEU X 225 36.75 64.43 -43.14
CA LEU X 225 37.43 65.26 -44.13
C LEU X 225 38.95 65.18 -43.96
N SER X 226 39.42 65.05 -42.72
CA SER X 226 40.86 64.87 -42.50
C SER X 226 41.35 63.56 -43.10
N LYS X 227 40.55 62.50 -42.98
CA LYS X 227 40.93 61.21 -43.55
C LYS X 227 41.02 61.28 -45.07
N ASP X 228 40.10 62.00 -45.70
CA ASP X 228 40.11 62.16 -47.14
C ASP X 228 41.21 63.12 -47.56
N ARG X 229 42.41 62.59 -47.79
CA ARG X 229 43.57 63.43 -48.11
C ARG X 229 43.39 64.21 -49.42
N PRO X 230 42.98 63.61 -50.54
CA PRO X 230 42.80 64.43 -51.75
C PRO X 230 41.76 65.52 -51.59
N LEU X 231 40.67 65.23 -50.85
CA LEU X 231 39.66 66.25 -50.61
C LEU X 231 40.23 67.41 -49.81
N ASN X 232 41.00 67.11 -48.76
CA ASN X 232 41.62 68.17 -47.96
C ASN X 232 42.61 68.97 -48.77
N GLU X 233 43.41 68.29 -49.61
CA GLU X 233 44.37 69.00 -50.45
C GLU X 233 43.68 69.92 -51.44
N GLN X 234 42.59 69.44 -52.05
CA GLN X 234 41.85 70.28 -52.99
C GLN X 234 41.21 71.48 -52.29
N LEU X 235 40.65 71.26 -51.11
CA LEU X 235 39.94 72.31 -50.38
C LEU X 235 40.83 73.11 -49.45
N GLY X 236 42.13 72.80 -49.40
CA GLY X 236 43.04 73.52 -48.53
C GLY X 236 43.36 72.76 -47.26
N GLN X 237 44.64 72.73 -46.89
CA GLN X 237 45.07 71.99 -45.71
C GLN X 237 44.58 72.66 -44.43
N VAL X 246 42.40 77.48 -39.82
CA VAL X 246 41.18 76.87 -40.34
C VAL X 246 40.90 77.37 -41.74
N ASN X 247 40.57 76.46 -42.64
CA ASN X 247 40.28 76.82 -44.02
C ASN X 247 38.96 77.56 -44.10
N ALA X 248 38.97 78.70 -44.82
CA ALA X 248 37.73 79.45 -45.01
C ALA X 248 36.76 78.71 -45.92
N SER X 249 37.27 77.86 -46.81
CA SER X 249 36.38 77.10 -47.70
C SER X 249 35.48 76.17 -46.90
N ILE X 250 36.03 75.49 -45.88
CA ILE X 250 35.22 74.67 -45.01
C ILE X 250 34.24 75.53 -44.22
N LEU X 251 34.70 76.70 -43.75
CA LEU X 251 33.87 77.58 -42.94
C LEU X 251 32.77 78.26 -43.74
N THR X 252 32.75 78.11 -45.07
CA THR X 252 31.72 78.72 -45.91
C THR X 252 31.01 77.69 -46.78
N SER X 253 31.09 76.42 -46.44
CA SER X 253 30.48 75.38 -47.26
C SER X 253 28.97 75.42 -47.17
N LEU X 254 28.32 74.89 -48.21
CA LEU X 254 26.87 74.80 -48.27
C LEU X 254 26.43 73.35 -48.38
N PHE X 255 25.28 73.05 -47.77
CA PHE X 255 24.71 71.71 -47.79
C PHE X 255 23.30 71.77 -48.36
N LYS X 256 22.98 70.81 -49.23
CA LYS X 256 21.70 70.79 -49.94
C LYS X 256 21.04 69.43 -49.78
N PRO X 257 20.13 69.26 -48.83
CA PRO X 257 19.43 67.98 -48.68
C PRO X 257 18.39 67.79 -49.78
N ILE X 258 18.53 66.70 -50.53
CA ILE X 258 17.61 66.35 -51.60
C ILE X 258 17.14 64.91 -51.39
N GLU X 259 15.83 64.68 -51.51
CA GLU X 259 15.24 63.37 -51.28
C GLU X 259 14.35 63.03 -52.47
N ILE X 260 14.78 62.05 -53.27
CA ILE X 260 13.94 61.59 -54.38
C ILE X 260 12.70 60.90 -53.86
N ASN X 261 12.86 60.03 -52.87
CA ASN X 261 11.75 59.28 -52.30
C ASN X 261 12.06 59.03 -50.83
N PRO X 262 11.10 58.51 -50.06
CA PRO X 262 11.42 58.17 -48.66
C PRO X 262 12.57 57.20 -48.52
N HIS X 263 12.75 56.26 -49.45
CA HIS X 263 13.82 55.29 -49.33
C HIS X 263 15.17 55.87 -49.71
N ASN X 264 15.23 56.75 -50.71
CA ASN X 264 16.48 57.26 -51.25
C ASN X 264 16.69 58.69 -50.76
N LYS X 265 17.83 58.94 -50.12
CA LYS X 265 18.12 60.25 -49.57
C LYS X 265 19.63 60.44 -49.48
N TRP X 266 20.08 61.68 -49.62
CA TRP X 266 21.50 62.01 -49.56
C TRP X 266 21.64 63.50 -49.29
N ILE X 267 22.89 63.93 -49.12
CA ILE X 267 23.22 65.34 -48.88
C ILE X 267 24.25 65.77 -49.90
N SER X 268 24.10 67.00 -50.41
CA SER X 268 25.02 67.57 -51.39
C SER X 268 25.87 68.64 -50.73
N LEU X 269 27.17 68.57 -50.96
CA LEU X 269 28.13 69.50 -50.36
C LEU X 269 28.71 70.41 -51.43
N TYR X 270 28.77 71.70 -51.12
CA TYR X 270 29.33 72.69 -52.02
C TYR X 270 30.32 73.56 -51.26
N ALA X 271 31.30 74.09 -51.99
CA ALA X 271 32.34 74.91 -51.37
C ALA X 271 32.93 75.83 -52.42
N VAL X 272 33.71 76.81 -51.95
CA VAL X 272 34.38 77.77 -52.82
C VAL X 272 35.82 77.29 -53.01
N THR X 273 36.16 76.89 -54.24
CA THR X 273 37.50 76.39 -54.50
C THR X 273 38.55 77.49 -54.36
N ASP X 274 38.26 78.70 -54.83
CA ASP X 274 39.21 79.79 -54.74
C ASP X 274 39.35 80.24 -53.29
N LYS X 275 40.60 80.48 -52.86
CA LYS X 275 40.83 80.93 -51.50
C LYS X 275 40.48 82.40 -51.34
N LEU X 276 40.76 83.21 -52.36
CA LEU X 276 40.49 84.65 -52.25
C LEU X 276 39.00 84.92 -52.16
N SER X 277 38.20 84.27 -53.01
CA SER X 277 36.76 84.47 -52.97
C SER X 277 36.17 83.99 -51.65
N ALA X 278 36.62 82.82 -51.17
CA ALA X 278 36.13 82.31 -49.89
C ALA X 278 36.52 83.23 -48.74
N GLU X 279 37.74 83.75 -48.76
CA GLU X 279 38.19 84.66 -47.72
C GLU X 279 37.35 85.95 -47.72
N SER X 280 37.12 86.52 -48.91
CA SER X 280 36.32 87.72 -48.99
C SER X 280 34.90 87.48 -48.50
N PHE X 281 34.30 86.34 -48.89
CA PHE X 281 32.95 86.03 -48.45
C PHE X 281 32.90 85.83 -46.95
N ARG X 282 33.90 85.15 -46.38
CA ARG X 282 33.92 84.94 -44.93
C ARG X 282 34.07 86.25 -44.18
N LYS X 283 34.95 87.13 -44.67
CA LYS X 283 35.11 88.43 -44.03
C LYS X 283 33.82 89.25 -44.10
N SER X 284 33.17 89.24 -45.27
CA SER X 284 31.91 89.97 -45.39
C SER X 284 30.84 89.40 -44.46
N PHE X 285 30.76 88.07 -44.37
CA PHE X 285 29.74 87.44 -43.54
C PHE X 285 29.97 87.69 -42.06
N ASN X 286 31.23 87.60 -41.62
CA ASN X 286 31.55 87.78 -40.21
C ASN X 286 31.59 89.24 -39.78
N SER X 287 31.47 90.18 -40.72
CA SER X 287 31.50 91.61 -40.41
C SER X 287 30.15 92.28 -40.66
N ILE X 288 29.06 91.49 -40.65
CA ILE X 288 27.75 92.06 -40.88
C ILE X 288 27.26 92.72 -39.60
N LYS X 289 27.54 94.01 -39.45
CA LYS X 289 27.00 94.81 -38.36
C LYS X 289 26.36 96.09 -38.86
N ASP X 290 26.38 96.35 -40.16
CA ASP X 290 25.77 97.52 -40.77
C ASP X 290 24.68 97.06 -41.73
N ASP X 291 24.12 98.01 -42.48
CA ASP X 291 23.01 97.75 -43.39
C ASP X 291 23.42 97.91 -44.86
N ASN X 292 24.68 97.62 -45.17
CA ASN X 292 25.19 97.69 -46.54
C ASN X 292 25.93 96.41 -46.84
N ILE X 293 25.41 95.62 -47.77
CA ILE X 293 26.00 94.33 -48.17
C ILE X 293 26.25 94.38 -49.66
N VAL X 294 27.49 94.06 -50.06
CA VAL X 294 27.87 94.04 -51.46
C VAL X 294 27.33 92.78 -52.12
N ASN X 295 26.96 92.91 -53.39
CA ASN X 295 26.44 91.77 -54.14
C ASN X 295 27.57 90.81 -54.51
N ARG X 296 27.87 89.87 -53.62
CA ARG X 296 28.96 88.92 -53.83
C ARG X 296 28.39 87.69 -54.52
N HIS X 297 28.40 87.69 -55.86
CA HIS X 297 27.92 86.55 -56.64
C HIS X 297 28.98 85.46 -56.62
N VAL X 298 28.95 84.67 -55.55
CA VAL X 298 29.93 83.62 -55.32
C VAL X 298 29.38 82.32 -55.86
N ILE X 299 30.20 81.60 -56.63
CA ILE X 299 29.80 80.36 -57.27
C ILE X 299 30.36 79.20 -56.45
N TYR X 300 29.49 78.26 -56.07
CA TYR X 300 29.86 77.12 -55.26
C TYR X 300 29.95 75.86 -56.13
N ASP X 301 31.02 75.10 -55.95
CA ASP X 301 31.26 73.89 -56.72
C ASP X 301 30.97 72.66 -55.88
N HIS X 302 30.30 71.68 -56.50
CA HIS X 302 30.00 70.43 -55.82
C HIS X 302 31.29 69.67 -55.52
N ILE X 303 31.32 69.00 -54.36
CA ILE X 303 32.51 68.29 -53.94
C ILE X 303 32.21 66.81 -53.74
N LYS X 304 31.28 66.51 -52.84
CA LYS X 304 30.97 65.12 -52.53
C LYS X 304 29.55 65.01 -51.99
N ASP X 305 29.03 63.79 -52.01
CA ASP X 305 27.72 63.48 -51.47
C ASP X 305 27.86 62.40 -50.40
N PHE X 306 27.01 62.50 -49.36
CA PHE X 306 27.06 61.56 -48.24
C PHE X 306 25.65 61.11 -47.90
N ASP X 307 25.56 59.90 -47.33
CA ASP X 307 24.30 59.42 -46.76
C ASP X 307 24.08 60.06 -45.40
N GLN X 308 22.82 60.33 -45.08
CA GLN X 308 22.48 61.09 -43.89
C GLN X 308 21.48 60.35 -43.02
N MET X 309 21.63 60.54 -41.71
CA MET X 309 20.64 60.13 -40.73
C MET X 309 20.52 61.24 -39.69
N PHE X 310 19.34 61.37 -39.09
CA PHE X 310 19.04 62.46 -38.19
C PHE X 310 18.46 61.94 -36.89
N ARG X 311 18.89 62.52 -35.77
CA ARG X 311 18.32 62.24 -34.46
C ARG X 311 17.87 63.56 -33.84
N GLY X 312 16.62 63.61 -33.40
CA GLY X 312 16.04 64.83 -32.87
C GLY X 312 16.08 64.86 -31.35
N HIS X 313 16.16 66.07 -30.80
CA HIS X 313 16.17 66.27 -29.36
C HIS X 313 14.75 66.44 -28.85
N LYS X 314 14.37 65.64 -27.86
CA LYS X 314 13.03 65.75 -27.28
C LYS X 314 12.82 67.09 -26.62
N LYS X 315 13.82 67.56 -25.87
CA LYS X 315 13.78 68.86 -25.22
C LYS X 315 14.40 69.92 -26.13
N LEU X 316 13.97 71.17 -25.94
CA LEU X 316 14.46 72.26 -26.77
C LEU X 316 15.97 72.45 -26.59
N PHE X 317 16.39 72.80 -25.37
CA PHE X 317 17.80 73.06 -25.09
C PHE X 317 18.52 71.82 -24.56
N GLU X 318 18.40 70.69 -25.26
CA GLU X 318 19.17 69.51 -24.88
C GLU X 318 20.66 69.74 -25.07
N ASP X 319 21.04 70.39 -26.16
CA ASP X 319 22.42 70.74 -26.44
C ASP X 319 22.52 72.24 -26.69
N PHE X 320 23.65 72.81 -26.31
CA PHE X 320 23.89 74.23 -26.55
C PHE X 320 25.37 74.46 -26.79
N ALA X 321 25.67 75.26 -27.81
CA ALA X 321 27.05 75.61 -28.15
C ALA X 321 27.39 76.96 -27.52
N ILE X 322 28.60 77.06 -26.99
CA ILE X 322 29.03 78.25 -26.25
C ILE X 322 30.06 79.00 -27.09
N SER X 323 29.80 80.29 -27.30
CA SER X 323 30.73 81.18 -27.97
C SER X 323 31.15 82.26 -26.99
N PHE X 324 32.39 82.73 -27.12
CA PHE X 324 32.97 83.66 -26.17
C PHE X 324 33.17 85.03 -26.79
N ASP X 325 33.32 86.02 -25.92
CA ASP X 325 33.57 87.41 -26.34
C ASP X 325 34.38 88.06 -25.23
N ASP X 326 35.70 88.14 -25.44
CA ASP X 326 36.60 88.58 -24.37
C ASP X 326 36.43 90.07 -24.07
N ILE X 327 36.16 90.88 -25.09
CA ILE X 327 36.09 92.33 -24.88
C ILE X 327 34.91 92.67 -23.98
N SER X 328 33.80 91.95 -24.11
CA SER X 328 32.63 92.19 -23.28
C SER X 328 32.58 91.27 -22.06
N ASP X 329 33.52 90.33 -21.95
CA ASP X 329 33.55 89.36 -20.85
C ASP X 329 32.22 88.61 -20.74
N ARG X 330 31.70 88.17 -21.88
CA ARG X 330 30.45 87.44 -21.94
C ARG X 330 30.67 86.10 -22.63
N ALA X 331 29.64 85.25 -22.56
CA ALA X 331 29.63 83.97 -23.24
C ALA X 331 28.22 83.71 -23.75
N PHE X 332 28.06 83.67 -25.07
CA PHE X 332 26.75 83.51 -25.69
C PHE X 332 26.54 82.05 -26.09
N PHE X 333 25.40 81.50 -25.71
CA PHE X 333 25.06 80.12 -26.01
C PHE X 333 23.82 80.09 -26.92
N VAL X 334 23.80 79.10 -27.82
CA VAL X 334 22.70 78.97 -28.77
C VAL X 334 22.14 77.55 -28.69
N PRO X 335 20.85 77.36 -28.88
CA PRO X 335 20.27 76.02 -28.81
C PRO X 335 20.67 75.17 -30.00
N ILE X 336 20.64 73.85 -29.78
CA ILE X 336 20.90 72.87 -30.83
C ILE X 336 19.65 72.01 -30.98
N VAL X 337 19.10 71.97 -32.18
CA VAL X 337 17.84 71.28 -32.40
C VAL X 337 18.06 69.78 -32.58
N GLY X 338 19.00 69.40 -33.44
CA GLY X 338 19.24 67.99 -33.71
C GLY X 338 20.66 67.76 -34.17
N ARG X 339 20.98 66.49 -34.36
CA ARG X 339 22.30 66.05 -34.79
C ARG X 339 22.18 65.33 -36.12
N LEU X 340 22.99 65.73 -37.10
CA LEU X 340 23.00 65.13 -38.43
C LEU X 340 24.33 64.42 -38.65
N GLU X 341 24.27 63.15 -39.03
CA GLU X 341 25.45 62.34 -39.25
C GLU X 341 25.57 62.00 -40.73
N LEU X 342 26.78 62.09 -41.27
CA LEU X 342 27.05 61.83 -42.67
C LEU X 342 28.08 60.72 -42.81
N LYS X 343 27.82 59.80 -43.74
CA LYS X 343 28.72 58.70 -44.03
C LYS X 343 28.97 58.64 -45.53
N LYS X 344 30.15 58.13 -45.90
CA LYS X 344 30.51 58.02 -47.31
C LYS X 344 29.55 57.08 -48.04
N LYS X 345 29.05 57.52 -49.18
CA LYS X 345 28.10 56.76 -49.97
C LYS X 345 28.67 56.48 -51.35
N ARG X 346 28.70 55.20 -51.73
CA ARG X 346 29.16 54.78 -53.04
C ARG X 346 27.96 54.72 -53.98
N ILE X 347 27.97 55.57 -55.00
CA ILE X 347 26.83 55.65 -55.92
C ILE X 347 26.78 54.38 -56.77
N VAL X 348 25.59 53.79 -56.86
CA VAL X 348 25.41 52.59 -57.67
C VAL X 348 25.60 52.94 -59.15
N PRO X 349 26.36 52.14 -59.91
CA PRO X 349 26.58 52.48 -61.33
C PRO X 349 25.30 52.53 -62.15
N GLY X 350 24.25 51.83 -61.74
CA GLY X 350 23.00 51.81 -62.47
C GLY X 350 22.09 53.01 -62.25
N LEU X 351 22.47 53.95 -61.38
CA LEU X 351 21.65 55.11 -61.08
C LEU X 351 22.34 56.43 -61.39
N VAL X 352 23.54 56.40 -61.99
CA VAL X 352 24.25 57.64 -62.32
C VAL X 352 23.46 58.47 -63.31
N ASP X 353 22.64 57.82 -64.15
CA ASP X 353 21.82 58.56 -65.11
C ASP X 353 20.85 59.50 -64.41
N MET X 354 20.20 59.02 -63.34
CA MET X 354 19.34 59.89 -62.56
C MET X 354 20.15 60.80 -61.63
N VAL X 355 21.34 60.35 -61.21
CA VAL X 355 22.19 61.17 -60.35
C VAL X 355 22.56 62.46 -61.05
N ASN X 356 22.95 62.36 -62.32
CA ASN X 356 23.32 63.54 -63.09
C ASN X 356 22.16 64.53 -63.22
N ARG X 357 20.92 64.07 -63.04
CA ARG X 357 19.75 64.93 -63.12
C ARG X 357 19.30 65.45 -61.76
N THR X 358 20.00 65.08 -60.68
CA THR X 358 19.59 65.50 -59.34
C THR X 358 20.32 66.77 -58.89
N ASN X 359 21.63 66.71 -58.80
CA ASN X 359 22.42 67.83 -58.28
C ASN X 359 22.92 68.68 -59.44
N TYR X 360 23.80 69.64 -59.14
CA TYR X 360 24.30 70.56 -60.14
C TYR X 360 25.80 70.73 -59.98
N ALA X 361 26.46 71.12 -61.05
CA ALA X 361 27.91 71.34 -61.00
C ALA X 361 28.26 72.63 -60.27
N HIS X 362 27.39 73.64 -60.35
CA HIS X 362 27.67 74.93 -59.72
C HIS X 362 26.39 75.47 -59.08
N ILE X 363 26.57 76.29 -58.05
CA ILE X 363 25.49 77.04 -57.41
C ILE X 363 25.99 78.45 -57.16
N ARG X 364 25.19 79.45 -57.55
CA ARG X 364 25.55 80.85 -57.41
C ARG X 364 24.80 81.44 -56.23
N MET X 365 25.55 82.05 -55.30
CA MET X 365 24.98 82.73 -54.15
C MET X 365 25.09 84.23 -54.34
N ASP X 366 23.96 84.92 -54.22
CA ASP X 366 23.91 86.38 -54.32
C ASP X 366 23.55 86.94 -52.95
N LEU X 367 24.32 87.93 -52.50
CA LEU X 367 24.09 88.53 -51.19
C LEU X 367 23.19 89.76 -51.36
N ARG X 368 22.03 89.73 -50.69
CA ARG X 368 21.09 90.84 -50.71
C ARG X 368 20.61 91.10 -49.31
N ASN X 369 20.23 92.36 -49.05
CA ASN X 369 19.70 92.71 -47.75
C ASN X 369 18.36 92.01 -47.53
N PRO X 370 18.09 91.50 -46.33
CA PRO X 370 16.83 90.81 -46.09
C PRO X 370 15.64 91.74 -46.29
N SER X 371 14.54 91.17 -46.80
CA SER X 371 13.34 91.95 -47.05
C SER X 371 12.72 92.40 -45.73
N THR X 372 11.95 93.50 -45.80
CA THR X 372 11.34 94.05 -44.61
C THR X 372 10.34 93.06 -43.98
N GLN X 373 9.55 92.38 -44.82
CA GLN X 373 8.57 91.44 -44.29
C GLN X 373 9.24 90.23 -43.62
N GLU X 374 10.29 89.69 -44.24
CA GLU X 374 11.00 88.57 -43.62
C GLU X 374 11.69 89.00 -42.32
N THR X 375 12.25 90.20 -42.31
CA THR X 375 12.87 90.71 -41.07
C THR X 375 11.81 90.88 -39.98
N ALA X 376 10.63 91.36 -40.35
CA ALA X 376 9.54 91.48 -39.37
C ALA X 376 9.10 90.11 -38.86
N ILE X 377 9.05 89.11 -39.75
CA ILE X 377 8.70 87.76 -39.33
C ILE X 377 9.73 87.22 -38.35
N ARG X 378 11.02 87.42 -38.65
CA ARG X 378 12.06 86.97 -37.75
C ARG X 378 12.00 87.70 -36.41
N ASP X 379 11.69 89.00 -36.43
CA ASP X 379 11.53 89.74 -35.19
C ASP X 379 10.35 89.22 -34.38
N SER X 380 9.25 88.88 -35.05
CA SER X 380 8.11 88.30 -34.35
C SER X 380 8.49 86.96 -33.72
N ARG X 381 9.28 86.15 -34.43
CA ARG X 381 9.76 84.90 -33.87
C ARG X 381 10.63 85.14 -32.65
N ARG X 382 11.52 86.14 -32.72
CA ARG X 382 12.41 86.45 -31.61
C ARG X 382 11.67 87.10 -30.45
N GLU X 383 10.48 87.64 -30.67
CA GLU X 383 9.74 88.33 -29.61
C GLU X 383 9.44 87.42 -28.43
N GLN X 384 9.45 86.11 -28.63
CA GLN X 384 9.25 85.19 -27.50
C GLN X 384 10.36 85.33 -26.48
N TYR X 385 11.61 85.48 -26.92
CA TYR X 385 12.74 85.59 -26.00
C TYR X 385 12.88 87.01 -25.45
N ASP X 386 13.10 87.99 -26.33
CA ASP X 386 13.35 89.36 -25.89
C ASP X 386 12.26 90.28 -26.40
N PRO X 387 11.29 90.66 -25.55
CA PRO X 387 10.24 91.59 -25.98
C PRO X 387 10.54 93.06 -25.74
N VAL X 388 11.55 93.39 -24.93
CA VAL X 388 11.84 94.78 -24.64
C VAL X 388 12.36 95.51 -25.88
N ASN X 389 13.22 94.84 -26.66
CA ASN X 389 13.87 95.46 -27.80
C ASN X 389 13.31 95.02 -29.14
N TYR X 390 12.30 94.15 -29.17
CA TYR X 390 11.79 93.62 -30.43
C TYR X 390 10.28 93.55 -30.52
N SER X 391 9.53 93.94 -29.49
CA SER X 391 8.08 93.86 -29.54
C SER X 391 7.51 94.80 -30.59
N SER X 392 6.52 94.32 -31.32
CA SER X 392 5.86 95.15 -32.32
C SER X 392 5.04 96.24 -31.64
N ILE X 393 4.98 97.41 -32.28
CA ILE X 393 4.22 98.54 -31.76
C ILE X 393 3.11 98.90 -32.74
N ASP Y 165 98.22 -10.50 82.96
CA ASP Y 165 98.30 -9.58 84.08
C ASP Y 165 98.62 -8.16 83.59
N ASP Y 166 99.02 -8.06 82.34
CA ASP Y 166 99.39 -6.78 81.75
C ASP Y 166 98.13 -5.98 81.42
N PRO Y 167 97.96 -4.77 81.96
CA PRO Y 167 96.84 -3.93 81.52
C PRO Y 167 96.90 -3.58 80.05
N LEU Y 168 98.10 -3.53 79.45
CA LEU Y 168 98.21 -3.29 78.02
C LEU Y 168 97.53 -4.41 77.22
N LEU Y 169 97.77 -5.66 77.62
CA LEU Y 169 97.14 -6.79 76.92
C LEU Y 169 95.62 -6.76 77.09
N LYS Y 170 95.15 -6.43 78.29
CA LYS Y 170 93.71 -6.33 78.50
C LYS Y 170 93.10 -5.23 77.64
N GLU Y 171 93.78 -4.08 77.53
CA GLU Y 171 93.28 -3.00 76.69
C GLU Y 171 93.28 -3.40 75.22
N ILE Y 172 94.32 -4.11 74.79
CA ILE Y 172 94.37 -4.60 73.41
C ILE Y 172 93.20 -5.53 73.14
N ALA Y 173 92.96 -6.47 74.05
CA ALA Y 173 91.86 -7.42 73.87
C ALA Y 173 90.51 -6.70 73.84
N SER Y 174 90.34 -5.70 74.71
CA SER Y 174 89.10 -4.93 74.72
C SER Y 174 88.90 -4.16 73.42
N ASN Y 175 89.96 -3.54 72.90
CA ASN Y 175 89.85 -2.77 71.67
C ASN Y 175 89.83 -3.68 70.43
N GLU Y 176 90.43 -4.85 70.51
CA GLU Y 176 90.45 -5.75 69.35
C GLU Y 176 89.06 -6.25 69.00
N ARG Y 177 88.75 -6.23 67.71
CA ARG Y 177 87.54 -6.84 67.18
C ARG Y 177 87.92 -7.63 65.93
N VAL Y 178 87.32 -8.80 65.77
CA VAL Y 178 87.58 -9.68 64.64
C VAL Y 178 86.35 -9.66 63.75
N LEU Y 179 86.57 -9.46 62.45
CA LEU Y 179 85.45 -9.27 61.52
C LEU Y 179 84.58 -10.53 61.44
N ILE Y 180 85.19 -11.71 61.40
CA ILE Y 180 84.46 -12.95 61.24
C ILE Y 180 84.78 -13.87 62.41
N ASP Y 181 83.79 -14.67 62.79
CA ASP Y 181 83.91 -15.54 63.96
C ASP Y 181 84.65 -16.82 63.59
N HIS Y 182 85.02 -17.58 64.64
CA HIS Y 182 85.73 -18.83 64.42
C HIS Y 182 84.88 -19.84 63.66
N ASN Y 183 83.59 -19.95 64.03
CA ASN Y 183 82.70 -20.84 63.30
C ASN Y 183 82.26 -20.23 61.97
N LYS Y 184 82.15 -18.91 61.91
CA LYS Y 184 81.65 -18.23 60.72
C LYS Y 184 82.72 -17.99 59.68
N VAL Y 185 83.98 -18.37 59.95
CA VAL Y 185 85.07 -18.09 59.01
C VAL Y 185 84.84 -18.78 57.67
N LEU Y 186 84.13 -19.92 57.68
CA LEU Y 186 83.82 -20.60 56.43
C LEU Y 186 82.71 -19.90 55.65
N ARG Y 187 81.97 -18.99 56.28
CA ARG Y 187 80.95 -18.23 55.59
C ARG Y 187 81.57 -17.08 54.80
N GLY Y 188 82.33 -16.22 55.48
CA GLY Y 188 82.95 -15.10 54.80
C GLY Y 188 81.91 -14.17 54.21
N LEU Y 189 82.16 -13.76 52.96
CA LEU Y 189 81.24 -12.87 52.26
C LEU Y 189 80.05 -13.58 51.64
N LYS Y 190 80.09 -14.90 51.54
CA LYS Y 190 79.02 -15.67 50.90
C LYS Y 190 78.77 -16.94 51.70
N PRO Y 191 77.77 -16.93 52.59
CA PRO Y 191 77.43 -18.14 53.34
C PRO Y 191 76.42 -19.00 52.61
N LYS Y 192 76.50 -20.30 52.87
CA LYS Y 192 75.58 -21.27 52.29
C LYS Y 192 75.15 -22.24 53.37
N ASP Y 193 73.96 -22.81 53.19
CA ASP Y 193 73.32 -23.63 54.21
C ASP Y 193 73.36 -25.10 53.80
N PHE Y 194 73.75 -25.96 54.74
CA PHE Y 194 73.71 -27.40 54.57
C PHE Y 194 72.79 -28.06 55.60
N SER Y 195 71.72 -27.36 55.97
CA SER Y 195 70.76 -27.92 56.93
C SER Y 195 70.11 -29.18 56.38
N SER Y 196 69.76 -29.18 55.09
CA SER Y 196 69.26 -30.39 54.46
C SER Y 196 70.30 -31.49 54.47
N VAL Y 197 71.58 -31.13 54.25
CA VAL Y 197 72.65 -32.10 54.32
C VAL Y 197 72.77 -32.68 55.73
N ALA Y 198 72.64 -31.83 56.75
CA ALA Y 198 72.69 -32.31 58.12
C ALA Y 198 71.54 -33.24 58.43
N LYS Y 199 70.33 -32.90 57.96
CA LYS Y 199 69.18 -33.76 58.19
C LYS Y 199 69.35 -35.11 57.50
N ASP Y 200 69.85 -35.10 56.26
CA ASP Y 200 70.09 -36.36 55.56
C ASP Y 200 71.16 -37.19 56.26
N CYS Y 201 72.21 -36.54 56.77
CA CYS Y 201 73.23 -37.25 57.52
C CYS Y 201 72.65 -37.89 58.77
N GLU Y 202 71.81 -37.15 59.50
CA GLU Y 202 71.18 -37.70 60.70
C GLU Y 202 70.29 -38.89 60.36
N LEU Y 203 69.50 -38.77 59.29
CA LEU Y 203 68.59 -39.84 58.90
C LEU Y 203 69.29 -41.03 58.26
N ARG Y 204 70.52 -40.87 57.77
CA ARG Y 204 71.18 -41.90 57.01
C ARG Y 204 72.53 -42.34 57.57
N ILE Y 205 73.00 -41.74 58.65
CA ILE Y 205 74.24 -42.18 59.29
C ILE Y 205 73.98 -42.52 60.75
N LEU Y 206 73.48 -41.54 61.50
CA LEU Y 206 73.14 -41.79 62.90
C LEU Y 206 71.95 -42.73 63.01
N LYS Y 207 70.99 -42.60 62.10
CA LYS Y 207 69.83 -43.49 62.04
C LYS Y 207 70.00 -44.60 61.01
N GLU Y 208 71.21 -44.80 60.51
CA GLU Y 208 71.46 -45.83 59.51
C GLU Y 208 71.22 -47.21 60.10
N LYS Y 209 70.58 -48.07 59.32
CA LYS Y 209 70.31 -49.44 59.74
C LYS Y 209 71.08 -50.44 58.88
N LYS Y 236 61.14 -60.07 31.49
CA LYS Y 236 59.69 -60.14 31.31
C LYS Y 236 59.24 -59.22 30.18
N GLU Y 237 58.71 -59.83 29.11
CA GLU Y 237 58.30 -59.07 27.95
C GLU Y 237 56.99 -58.34 28.22
N PRO Y 238 56.81 -57.13 27.69
CA PRO Y 238 55.54 -56.43 27.88
C PRO Y 238 54.43 -57.07 27.06
N ILE Y 239 53.19 -56.70 27.40
CA ILE Y 239 52.00 -57.30 26.83
C ILE Y 239 51.21 -56.22 26.09
N ILE Y 240 50.72 -56.57 24.90
CA ILE Y 240 49.80 -55.73 24.14
C ILE Y 240 48.50 -56.49 23.99
N VAL Y 241 47.40 -55.85 24.38
CA VAL Y 241 46.09 -56.49 24.43
C VAL Y 241 45.26 -56.06 23.23
N LEU Y 242 44.70 -57.04 22.53
CA LEU Y 242 43.85 -56.79 21.37
C LEU Y 242 42.41 -57.19 21.70
N SER Y 243 41.48 -56.54 21.02
CA SER Y 243 40.07 -56.86 21.18
C SER Y 243 39.72 -58.13 20.41
N PRO Y 244 39.11 -59.13 21.06
CA PRO Y 244 38.69 -60.33 20.31
C PRO Y 244 37.48 -60.10 19.42
N ALA Y 245 36.96 -58.88 19.32
CA ALA Y 245 35.81 -58.60 18.48
C ALA Y 245 36.12 -58.84 17.02
N ALA Y 246 35.13 -59.32 16.28
CA ALA Y 246 35.33 -59.61 14.87
C ALA Y 246 35.38 -58.35 14.01
N SER Y 247 34.84 -57.24 14.51
CA SER Y 247 34.87 -55.99 13.76
C SER Y 247 36.18 -55.22 13.92
N SER Y 248 37.11 -55.72 14.74
CA SER Y 248 38.36 -55.03 14.96
C SER Y 248 39.19 -55.01 13.68
N LEU Y 249 39.79 -53.86 13.38
CA LEU Y 249 40.67 -53.75 12.22
C LEU Y 249 42.02 -54.42 12.45
N VAL Y 250 42.41 -54.62 13.70
CA VAL Y 250 43.65 -55.29 14.04
C VAL Y 250 43.29 -56.53 14.86
N ARG Y 251 43.62 -57.70 14.30
CA ARG Y 251 43.38 -58.98 14.97
C ARG Y 251 44.68 -59.78 14.95
N MET Y 252 44.64 -60.93 15.64
CA MET Y 252 45.84 -61.75 15.75
C MET Y 252 46.31 -62.24 14.39
N SER Y 253 45.41 -62.37 13.42
CA SER Y 253 45.80 -62.85 12.10
C SER Y 253 46.73 -61.88 11.39
N ASN Y 254 46.46 -60.57 11.48
CA ASN Y 254 47.20 -59.58 10.74
C ASN Y 254 47.97 -58.59 11.63
N VAL Y 255 48.07 -58.87 12.93
CA VAL Y 255 48.76 -57.94 13.82
C VAL Y 255 50.26 -57.93 13.54
N LYS Y 256 50.83 -59.09 13.21
CA LYS Y 256 52.27 -59.17 13.00
C LYS Y 256 52.70 -58.38 11.77
N GLU Y 257 51.97 -58.52 10.66
CA GLU Y 257 52.33 -57.79 9.46
C GLU Y 257 52.09 -56.30 9.60
N PHE Y 258 51.13 -55.91 10.46
CA PHE Y 258 50.81 -54.49 10.60
C PHE Y 258 51.78 -53.80 11.55
N LEU Y 259 51.83 -54.25 12.81
CA LEU Y 259 52.64 -53.56 13.81
C LEU Y 259 54.14 -53.69 13.51
N GLN Y 260 54.57 -54.86 13.05
CA GLN Y 260 55.99 -55.11 12.84
C GLN Y 260 56.43 -54.75 11.42
N GLU Y 261 55.84 -55.39 10.41
CA GLU Y 261 56.25 -55.16 9.03
C GLU Y 261 55.76 -53.83 8.48
N GLY Y 262 54.73 -53.24 9.07
CA GLY Y 262 54.23 -51.97 8.60
C GLY Y 262 53.25 -52.03 7.44
N LYS Y 263 52.81 -53.22 7.06
CA LYS Y 263 51.86 -53.40 5.96
C LYS Y 263 50.52 -53.82 6.52
N PHE Y 264 49.46 -53.11 6.11
CA PHE Y 264 48.12 -53.36 6.60
C PHE Y 264 47.35 -54.23 5.62
N LEU Y 265 46.78 -55.32 6.11
CA LEU Y 265 45.94 -56.21 5.34
C LEU Y 265 44.56 -56.27 5.97
N ASP Y 266 43.54 -56.47 5.14
CA ASP Y 266 42.18 -56.50 5.65
C ASP Y 266 41.98 -57.77 6.46
N PRO Y 267 41.66 -57.68 7.76
CA PRO Y 267 41.55 -58.90 8.57
C PRO Y 267 40.35 -59.76 8.23
N SER Y 268 39.32 -59.20 7.59
CA SER Y 268 38.15 -59.99 7.22
C SER Y 268 38.52 -61.07 6.21
N LYS Y 269 39.41 -60.76 5.27
CA LYS Y 269 39.84 -61.72 4.26
C LYS Y 269 40.88 -62.70 4.80
N GLU Y 270 41.65 -62.29 5.79
CA GLU Y 270 42.66 -63.17 6.36
C GLU Y 270 42.00 -64.31 7.13
N PRO Y 271 42.56 -65.52 7.07
CA PRO Y 271 42.01 -66.61 7.88
C PRO Y 271 42.20 -66.38 9.36
N ALA Y 272 41.27 -66.91 10.15
CA ALA Y 272 41.35 -66.76 11.60
C ALA Y 272 42.54 -67.50 12.16
N SER Y 273 43.17 -66.92 13.19
CA SER Y 273 44.34 -67.50 13.82
C SER Y 273 43.94 -68.28 15.05
N SER Y 274 44.41 -69.52 15.14
CA SER Y 274 44.08 -70.39 16.26
C SER Y 274 44.81 -70.02 17.55
N SER Y 275 46.00 -69.44 17.44
CA SER Y 275 46.81 -69.11 18.61
C SER Y 275 46.47 -67.72 19.11
N ASN Y 276 46.22 -67.60 20.41
CA ASN Y 276 45.89 -66.33 21.03
C ASN Y 276 47.12 -65.59 21.56
N LEU Y 277 48.32 -66.14 21.38
CA LEU Y 277 49.56 -65.51 21.80
C LEU Y 277 50.50 -65.39 20.62
N LEU Y 278 51.10 -64.20 20.47
CA LEU Y 278 52.03 -63.94 19.39
C LEU Y 278 53.14 -63.04 19.91
N ALA Y 279 54.31 -63.13 19.26
CA ALA Y 279 55.47 -62.34 19.63
C ALA Y 279 55.92 -61.53 18.43
N ILE Y 280 56.24 -60.25 18.66
CA ILE Y 280 56.68 -59.35 17.60
C ILE Y 280 57.95 -58.66 18.03
N GLN Y 281 58.68 -58.14 17.03
CA GLN Y 281 59.93 -57.44 17.25
C GLN Y 281 59.80 -55.99 16.76
N ARG Y 282 60.25 -55.06 17.60
CA ARG Y 282 60.18 -53.64 17.29
C ARG Y 282 61.57 -53.06 17.23
N LYS Y 283 61.88 -52.39 16.11
CA LYS Y 283 63.17 -51.71 15.92
C LYS Y 283 62.93 -50.21 16.07
N SER Y 284 63.68 -49.59 16.98
CA SER Y 284 63.49 -48.17 17.26
C SER Y 284 64.85 -47.49 17.37
N SER Y 285 64.86 -46.19 17.06
CA SER Y 285 66.08 -45.40 17.24
C SER Y 285 66.32 -45.09 18.71
N ARG Y 286 65.27 -45.17 19.54
CA ARG Y 286 65.43 -44.93 20.96
C ARG Y 286 66.18 -46.04 21.67
N PHE Y 287 66.22 -47.24 21.08
CA PHE Y 287 66.82 -48.41 21.72
C PHE Y 287 67.89 -49.00 20.81
N LYS Y 288 69.00 -49.43 21.41
CA LYS Y 288 70.06 -50.05 20.62
C LYS Y 288 69.61 -51.37 20.01
N THR Y 289 68.86 -52.17 20.77
CA THR Y 289 68.46 -53.50 20.34
C THR Y 289 66.96 -53.58 20.11
N PRO Y 290 66.52 -54.44 19.19
CA PRO Y 290 65.07 -54.64 19.01
C PRO Y 290 64.42 -55.19 20.27
N ILE Y 291 63.17 -54.78 20.50
CA ILE Y 291 62.41 -55.16 21.68
C ILE Y 291 61.44 -56.26 21.29
N LYS Y 292 61.38 -57.31 22.11
CA LYS Y 292 60.45 -58.41 21.92
C LYS Y 292 59.22 -58.16 22.78
N LEU Y 293 58.04 -58.21 22.17
CA LEU Y 293 56.78 -57.97 22.85
C LEU Y 293 55.83 -59.12 22.60
N LEU Y 294 54.94 -59.36 23.56
CA LEU Y 294 53.95 -60.42 23.48
C LEU Y 294 52.57 -59.80 23.22
N VAL Y 295 51.87 -60.33 22.23
CA VAL Y 295 50.54 -59.85 21.87
C VAL Y 295 49.53 -60.90 22.31
N VAL Y 296 48.56 -60.49 23.11
CA VAL Y 296 47.57 -61.39 23.69
C VAL Y 296 46.18 -60.89 23.32
N ASP Y 297 45.34 -61.78 22.80
CA ASP Y 297 43.98 -61.43 22.44
C ASP Y 297 43.01 -61.57 23.61
N ASN Y 298 43.08 -62.67 24.35
CA ASN Y 298 42.20 -62.92 25.48
C ASN Y 298 43.01 -63.04 26.75
N VAL Y 299 42.64 -62.25 27.77
CA VAL Y 299 43.37 -62.23 29.02
C VAL Y 299 42.79 -63.19 30.05
N GLU Y 300 41.70 -63.87 29.73
CA GLU Y 300 41.08 -64.78 30.70
C GLU Y 300 42.03 -65.92 31.05
N LYS Y 301 42.69 -66.50 30.06
CA LYS Y 301 43.55 -67.65 30.26
C LYS Y 301 45.02 -67.29 30.42
N LEU Y 302 45.39 -66.02 30.28
CA LEU Y 302 46.78 -65.60 30.38
C LEU Y 302 47.04 -64.57 31.46
N PHE Y 303 46.03 -64.10 32.18
CA PHE Y 303 46.20 -63.10 33.22
C PHE Y 303 45.71 -63.62 34.57
N THR Y 304 46.13 -64.84 34.91
CA THR Y 304 45.81 -65.40 36.22
C THR Y 304 46.49 -64.62 37.34
N LYS Y 305 47.68 -64.08 37.07
CA LYS Y 305 48.44 -63.32 38.06
C LYS Y 305 48.23 -61.82 37.84
N SER Y 306 48.25 -61.08 38.95
CA SER Y 306 48.08 -59.63 38.86
C SER Y 306 49.34 -58.95 38.34
N GLU Y 307 50.50 -59.57 38.54
CA GLU Y 307 51.75 -58.97 38.09
C GLU Y 307 51.86 -58.88 36.58
N TYR Y 308 51.05 -59.66 35.85
CA TYR Y 308 51.03 -59.53 34.39
C TYR Y 308 50.52 -58.16 33.96
N TRP Y 309 49.57 -57.61 34.71
CA TRP Y 309 49.02 -56.29 34.38
C TRP Y 309 50.07 -55.20 34.45
N ASP Y 310 51.15 -55.42 35.19
CA ASP Y 310 52.25 -54.45 35.22
C ASP Y 310 52.98 -54.40 33.89
N ARG Y 311 52.86 -55.44 33.06
CA ARG Y 311 53.55 -55.50 31.78
C ARG Y 311 52.73 -54.94 30.63
N VAL Y 312 51.46 -54.59 30.85
CA VAL Y 312 50.61 -54.11 29.78
C VAL Y 312 51.05 -52.71 29.36
N VAL Y 313 51.30 -52.54 28.07
CA VAL Y 313 51.74 -51.25 27.55
C VAL Y 313 50.76 -50.65 26.54
N ALA Y 314 49.79 -51.41 26.05
CA ALA Y 314 48.83 -50.87 25.09
C ALA Y 314 47.58 -51.74 25.12
N ILE Y 315 46.43 -51.10 24.91
CA ILE Y 315 45.14 -51.79 24.85
C ILE Y 315 44.41 -51.32 23.61
N VAL Y 316 43.94 -52.25 22.80
CA VAL Y 316 43.19 -51.97 21.59
C VAL Y 316 41.74 -52.37 21.82
N THR Y 317 40.83 -51.43 21.63
CA THR Y 317 39.41 -51.66 21.88
C THR Y 317 38.60 -51.27 20.65
N THR Y 318 37.42 -51.87 20.55
CA THR Y 318 36.48 -51.58 19.47
C THR Y 318 35.34 -50.68 19.91
N GLY Y 319 35.46 -50.04 21.07
CA GLY Y 319 34.38 -49.22 21.58
C GLY Y 319 33.26 -50.00 22.23
N LYS Y 320 33.50 -51.24 22.62
CA LYS Y 320 32.50 -52.11 23.20
C LYS Y 320 32.74 -52.26 24.69
N ASP Y 321 31.68 -52.14 25.48
CA ASP Y 321 31.79 -52.23 26.93
C ASP Y 321 32.13 -53.65 27.37
N TRP Y 322 31.62 -54.66 26.68
CA TRP Y 322 31.72 -56.03 27.15
C TRP Y 322 33.14 -56.58 27.08
N GLN Y 323 34.08 -55.85 26.48
CA GLN Y 323 35.47 -56.29 26.49
C GLN Y 323 36.04 -56.33 27.90
N PHE Y 324 35.47 -55.55 28.82
CA PHE Y 324 36.09 -55.27 30.11
C PHE Y 324 35.42 -55.99 31.27
N LYS Y 325 34.69 -57.07 31.00
CA LYS Y 325 34.03 -57.80 32.07
C LYS Y 325 35.03 -58.43 33.03
N ASN Y 326 36.11 -59.00 32.50
CA ASN Y 326 37.09 -59.72 33.30
C ASN Y 326 38.39 -58.94 33.48
N TYR Y 327 38.42 -57.67 33.08
CA TYR Y 327 39.66 -56.91 33.14
C TYR Y 327 39.95 -56.46 34.57
N LYS Y 328 41.15 -55.91 34.75
CA LYS Y 328 41.55 -55.43 36.08
C LYS Y 328 40.63 -54.33 36.59
N TYR Y 329 40.30 -53.38 35.72
CA TYR Y 329 39.36 -52.30 36.04
C TYR Y 329 38.16 -52.47 35.12
N LYS Y 330 37.08 -53.02 35.65
CA LYS Y 330 35.91 -53.32 34.85
C LYS Y 330 35.25 -52.07 34.29
N ASP Y 331 35.55 -50.91 34.85
CA ASP Y 331 35.08 -49.65 34.26
C ASP Y 331 36.07 -49.18 33.21
N PRO Y 332 35.60 -48.83 32.00
CA PRO Y 332 36.54 -48.43 30.94
C PRO Y 332 37.37 -47.20 31.29
N GLN Y 333 36.79 -46.23 32.00
CA GLN Y 333 37.46 -44.96 32.23
C GLN Y 333 38.78 -45.18 32.97
N ILE Y 334 38.71 -45.78 34.16
CA ILE Y 334 39.90 -45.97 34.99
C ILE Y 334 40.95 -46.80 34.25
N LEU Y 335 40.50 -47.80 33.51
CA LEU Y 335 41.43 -48.58 32.69
C LEU Y 335 42.16 -47.68 31.70
N PHE Y 336 41.43 -46.74 31.09
CA PHE Y 336 42.05 -45.91 30.08
C PHE Y 336 42.88 -44.75 30.65
N GLN Y 337 42.67 -44.34 31.90
CA GLN Y 337 43.69 -43.47 32.48
C GLN Y 337 44.91 -44.26 32.96
N LYS Y 338 44.74 -45.51 33.34
CA LYS Y 338 45.87 -46.30 33.83
C LYS Y 338 46.56 -47.09 32.73
N PHE Y 339 46.03 -47.11 31.51
CA PHE Y 339 46.67 -47.82 30.41
C PHE Y 339 46.46 -47.04 29.12
N ASN Y 340 47.32 -47.31 28.14
CA ASN Y 340 47.22 -46.67 26.84
C ASN Y 340 46.18 -47.38 25.99
N GLY Y 341 45.15 -46.64 25.57
CA GLY Y 341 44.09 -47.20 24.74
C GLY Y 341 44.19 -46.66 23.33
N PHE Y 342 44.08 -47.57 22.35
CA PHE Y 342 44.14 -47.21 20.94
C PHE Y 342 42.92 -47.75 20.24
N TYR Y 343 42.36 -46.94 19.35
CA TYR Y 343 41.22 -47.32 18.52
C TYR Y 343 41.57 -47.10 17.07
N PHE Y 344 41.46 -48.14 16.26
CA PHE Y 344 41.80 -48.08 14.84
C PHE Y 344 40.52 -47.98 14.02
N LYS Y 345 40.45 -46.96 13.17
CA LYS Y 345 39.32 -46.75 12.29
C LYS Y 345 39.81 -46.37 10.91
N TYR Y 346 39.01 -46.69 9.90
CA TYR Y 346 39.31 -46.26 8.53
C TYR Y 346 39.14 -44.76 8.42
N LYS Y 347 39.95 -44.16 7.55
CA LYS Y 347 39.90 -42.71 7.38
C LYS Y 347 38.55 -42.30 6.78
N GLY Y 348 37.90 -41.33 7.41
CA GLY Y 348 36.61 -40.85 6.99
C GLY Y 348 35.43 -41.42 7.75
N ASP Y 349 35.62 -42.53 8.46
CA ASP Y 349 34.55 -43.12 9.24
C ASP Y 349 34.33 -42.34 10.53
N ALA Y 350 33.09 -42.37 11.02
CA ALA Y 350 32.73 -41.66 12.23
C ALA Y 350 33.12 -42.46 13.47
N VAL Y 351 33.61 -41.77 14.47
CA VAL Y 351 34.05 -42.42 15.72
C VAL Y 351 32.83 -42.83 16.52
N PRO Y 352 32.84 -44.01 17.14
CA PRO Y 352 31.72 -44.37 18.04
C PRO Y 352 31.65 -43.44 19.24
N ALA Y 353 30.43 -43.32 19.78
CA ALA Y 353 30.20 -42.38 20.87
C ALA Y 353 31.00 -42.74 22.11
N SER Y 354 31.05 -44.03 22.47
CA SER Y 354 31.77 -44.44 23.66
C SER Y 354 33.27 -44.15 23.53
N VAL Y 355 33.81 -44.27 22.32
CA VAL Y 355 35.22 -44.00 22.10
C VAL Y 355 35.51 -42.52 22.37
N LYS Y 356 34.64 -41.63 21.90
CA LYS Y 356 34.85 -40.20 22.13
C LYS Y 356 34.75 -39.85 23.60
N SER Y 357 34.03 -40.65 24.38
CA SER Y 357 33.89 -40.43 25.81
C SER Y 357 35.00 -41.06 26.63
N TRP Y 358 35.98 -41.68 25.98
CA TRP Y 358 37.09 -42.33 26.66
C TRP Y 358 38.40 -41.62 26.29
N ASN Y 359 39.42 -41.86 27.11
CA ASN Y 359 40.74 -41.30 26.89
C ASN Y 359 41.58 -42.31 26.10
N VAL Y 360 41.34 -42.34 24.79
CA VAL Y 360 42.06 -43.22 23.89
C VAL Y 360 42.51 -42.44 22.67
N LYS Y 361 43.59 -42.90 22.05
CA LYS Y 361 44.07 -42.30 20.82
C LYS Y 361 43.29 -42.85 19.62
N VAL Y 362 43.19 -42.03 18.58
CA VAL Y 362 42.49 -42.40 17.36
C VAL Y 362 43.51 -42.48 16.23
N LEU Y 363 43.59 -43.64 15.59
CA LEU Y 363 44.53 -43.87 14.50
C LEU Y 363 43.76 -44.25 13.25
N ASP Y 364 44.04 -43.54 12.16
CA ASP Y 364 43.28 -43.69 10.92
C ASP Y 364 44.10 -44.44 9.88
N ILE Y 365 43.49 -45.43 9.26
CA ILE Y 365 44.11 -46.20 8.19
C ILE Y 365 43.34 -45.93 6.91
N ASP Y 366 44.04 -45.52 5.85
CA ASP Y 366 43.37 -45.24 4.59
C ASP Y 366 42.94 -46.54 3.92
N ARG Y 367 41.80 -46.49 3.23
CA ARG Y 367 41.27 -47.68 2.57
C ARG Y 367 42.04 -48.02 1.30
N VAL Y 368 42.60 -47.03 0.62
CA VAL Y 368 43.22 -47.23 -0.70
C VAL Y 368 44.75 -47.12 -0.62
N GLU Y 369 45.25 -45.94 -0.23
CA GLU Y 369 46.69 -45.72 -0.19
C GLU Y 369 47.32 -46.51 0.95
N ARG Y 370 48.41 -47.21 0.66
CA ARG Y 370 49.03 -48.10 1.63
C ARG Y 370 50.37 -47.59 2.15
N PHE Y 371 50.83 -46.42 1.69
CA PHE Y 371 52.09 -45.88 2.19
C PHE Y 371 51.97 -45.27 3.58
N SER Y 372 50.75 -44.89 4.00
CA SER Y 372 50.56 -44.27 5.30
C SER Y 372 50.49 -45.27 6.44
N ASP Y 373 50.48 -46.57 6.13
CA ASP Y 373 50.45 -47.59 7.18
C ASP Y 373 51.69 -47.49 8.06
N ARG Y 374 52.85 -47.27 7.44
CA ARG Y 374 54.08 -47.12 8.21
C ARG Y 374 54.00 -45.90 9.12
N GLN Y 375 53.41 -44.80 8.63
CA GLN Y 375 53.28 -43.60 9.46
C GLN Y 375 52.39 -43.87 10.67
N VAL Y 376 51.26 -44.54 10.45
CA VAL Y 376 50.35 -44.83 11.56
C VAL Y 376 51.03 -45.74 12.58
N VAL Y 377 51.73 -46.76 12.07
CA VAL Y 377 52.46 -47.68 12.95
C VAL Y 377 53.52 -46.92 13.73
N GLU Y 378 54.16 -45.93 13.09
CA GLU Y 378 55.17 -45.14 13.77
C GLU Y 378 54.56 -44.31 14.89
N GLN Y 379 53.38 -43.76 14.67
CA GLN Y 379 52.70 -43.01 15.75
C GLN Y 379 52.38 -43.94 16.92
N PHE Y 380 51.82 -45.10 16.63
CA PHE Y 380 51.51 -46.08 17.67
C PHE Y 380 52.76 -46.44 18.47
N TRP Y 381 53.86 -46.72 17.75
CA TRP Y 381 55.08 -47.12 18.44
C TRP Y 381 55.72 -45.95 19.16
N ASP Y 382 55.49 -44.72 18.70
CA ASP Y 382 55.96 -43.56 19.44
C ASP Y 382 55.31 -43.50 20.81
N THR Y 383 53.99 -43.67 20.85
CA THR Y 383 53.30 -43.68 22.14
C THR Y 383 53.78 -44.85 23.01
N VAL Y 384 53.90 -46.03 22.41
CA VAL Y 384 54.30 -47.23 23.17
C VAL Y 384 55.71 -47.06 23.72
N GLU Y 385 56.62 -46.51 22.91
CA GLU Y 385 58.00 -46.32 23.34
C GLU Y 385 58.10 -45.26 24.41
N ASN Y 386 57.28 -44.22 24.33
CA ASN Y 386 57.23 -43.24 25.40
C ASN Y 386 56.83 -43.91 26.71
N THR Y 387 55.81 -44.76 26.66
CA THR Y 387 55.41 -45.48 27.86
C THR Y 387 56.52 -46.40 28.36
N LEU Y 388 57.19 -47.09 27.45
CA LEU Y 388 58.26 -48.02 27.85
C LEU Y 388 59.42 -47.28 28.49
N VAL Y 389 59.82 -46.13 27.95
CA VAL Y 389 60.91 -45.35 28.54
C VAL Y 389 60.48 -44.79 29.89
N ALA Y 390 59.22 -44.34 30.00
CA ALA Y 390 58.74 -43.84 31.29
C ALA Y 390 58.75 -44.92 32.35
N LYS Y 391 58.56 -46.19 31.96
CA LYS Y 391 58.58 -47.30 32.89
C LYS Y 391 59.98 -47.78 33.23
N ARG Y 392 61.02 -47.22 32.58
CA ARG Y 392 62.40 -47.61 32.82
C ARG Y 392 62.60 -49.11 32.59
N TYR Y 393 61.99 -49.63 31.53
CA TYR Y 393 62.12 -51.04 31.20
C TYR Y 393 63.55 -51.35 30.74
N LYS Y 394 64.01 -52.54 31.09
CA LYS Y 394 65.37 -52.99 30.78
C LYS Y 394 65.32 -53.99 29.63
N SER Y 395 66.16 -53.77 28.62
CA SER Y 395 66.21 -54.66 27.47
C SER Y 395 67.65 -55.01 27.11
N GLU Z 63 -109.51 24.97 18.52
CA GLU Z 63 -110.24 26.19 18.28
C GLU Z 63 -109.54 27.11 17.29
N LEU Z 64 -110.33 27.78 16.47
CA LEU Z 64 -109.80 28.64 15.40
C LEU Z 64 -109.02 29.81 15.96
N LEU Z 65 -107.95 30.17 15.26
CA LEU Z 65 -106.95 31.11 15.75
C LEU Z 65 -107.12 32.51 15.19
N ILE Z 66 -107.61 32.62 13.95
CA ILE Z 66 -107.92 33.91 13.37
C ILE Z 66 -109.27 34.39 13.90
N ARG Z 67 -109.34 35.69 14.20
CA ARG Z 67 -110.56 36.26 14.74
C ARG Z 67 -111.67 36.20 13.69
N LYS Z 68 -112.90 35.99 14.16
CA LYS Z 68 -113.96 35.57 13.25
C LYS Z 68 -114.48 36.73 12.42
N LEU Z 69 -114.60 37.90 13.02
CA LEU Z 69 -115.19 39.05 12.35
C LEU Z 69 -114.19 39.70 11.40
N PRO Z 70 -112.93 39.87 11.78
CA PRO Z 70 -111.94 40.32 10.79
C PRO Z 70 -111.87 39.39 9.59
N PHE Z 71 -111.97 38.09 9.84
CA PHE Z 71 -111.95 37.13 8.74
C PHE Z 71 -113.18 37.28 7.87
N GLN Z 72 -114.34 37.49 8.49
CA GLN Z 72 -115.55 37.75 7.71
C GLN Z 72 -115.39 38.98 6.83
N ARG Z 73 -114.83 40.05 7.39
CA ARG Z 73 -114.65 41.25 6.59
C ARG Z 73 -113.66 41.02 5.46
N LEU Z 74 -112.59 40.28 5.72
CA LEU Z 74 -111.65 39.96 4.65
C LEU Z 74 -112.33 39.17 3.54
N VAL Z 75 -113.14 38.18 3.91
CA VAL Z 75 -113.80 37.35 2.91
C VAL Z 75 -114.76 38.20 2.09
N ARG Z 76 -115.52 39.07 2.73
CA ARG Z 76 -116.44 39.95 2.00
C ARG Z 76 -115.67 40.88 1.07
N GLU Z 77 -114.56 41.42 1.55
CA GLU Z 77 -113.77 42.32 0.72
C GLU Z 77 -113.26 41.61 -0.52
N ILE Z 78 -112.80 40.37 -0.36
CA ILE Z 78 -112.32 39.62 -1.50
C ILE Z 78 -113.46 39.26 -2.43
N ALA Z 79 -114.61 38.89 -1.86
CA ALA Z 79 -115.77 38.54 -2.67
C ALA Z 79 -116.37 39.75 -3.37
N GLN Z 80 -115.97 40.96 -3.00
CA GLN Z 80 -116.58 42.14 -3.58
C GLN Z 80 -116.11 42.37 -5.01
N ASP Z 81 -115.11 41.62 -5.47
CA ASP Z 81 -114.62 41.79 -6.82
C ASP Z 81 -115.37 40.94 -7.84
N PHE Z 82 -115.86 39.77 -7.44
CA PHE Z 82 -116.39 38.83 -8.42
C PHE Z 82 -117.88 39.04 -8.67
N LYS Z 83 -118.61 39.57 -7.69
CA LYS Z 83 -120.00 39.94 -7.90
C LYS Z 83 -120.43 40.86 -6.77
N THR Z 84 -121.02 41.99 -7.13
CA THR Z 84 -121.34 43.03 -6.16
C THR Z 84 -122.50 42.59 -5.28
N ASP Z 85 -122.37 42.85 -3.98
CA ASP Z 85 -123.43 42.66 -3.00
C ASP Z 85 -123.89 41.21 -2.91
N LEU Z 86 -122.96 40.35 -2.49
CA LEU Z 86 -123.24 38.94 -2.30
C LEU Z 86 -123.62 38.69 -0.84
N ARG Z 87 -124.44 37.67 -0.62
CA ARG Z 87 -124.70 37.19 0.73
C ARG Z 87 -123.94 35.89 0.99
N PHE Z 88 -123.62 35.67 2.26
CA PHE Z 88 -122.87 34.50 2.68
C PHE Z 88 -123.57 33.79 3.83
N GLN Z 89 -123.62 32.47 3.75
CA GLN Z 89 -124.00 31.69 4.92
C GLN Z 89 -122.90 31.74 5.97
N SER Z 90 -123.31 31.60 7.23
CA SER Z 90 -122.34 31.57 8.32
C SER Z 90 -121.45 30.34 8.24
N ALA Z 91 -122.05 29.18 7.92
CA ALA Z 91 -121.27 27.96 7.76
C ALA Z 91 -120.28 28.05 6.61
N ALA Z 92 -120.59 28.86 5.60
CA ALA Z 92 -119.63 29.08 4.52
C ALA Z 92 -118.37 29.76 5.05
N ILE Z 93 -118.54 30.81 5.85
CA ILE Z 93 -117.39 31.49 6.43
C ILE Z 93 -116.65 30.58 7.40
N GLY Z 94 -117.38 29.75 8.15
CA GLY Z 94 -116.72 28.83 9.05
C GLY Z 94 -115.87 27.80 8.31
N ALA Z 95 -116.42 27.26 7.23
CA ALA Z 95 -115.67 26.30 6.42
C ALA Z 95 -114.46 26.96 5.78
N LEU Z 96 -114.63 28.19 5.31
CA LEU Z 96 -113.48 28.90 4.74
C LEU Z 96 -112.39 29.09 5.77
N GLN Z 97 -112.76 29.43 7.01
CA GLN Z 97 -111.74 29.64 8.02
C GLN Z 97 -111.05 28.33 8.39
N GLU Z 98 -111.81 27.25 8.50
CA GLU Z 98 -111.18 25.95 8.78
C GLU Z 98 -110.21 25.56 7.68
N ALA Z 99 -110.63 25.69 6.42
CA ALA Z 99 -109.74 25.33 5.32
C ALA Z 99 -108.51 26.21 5.29
N SER Z 100 -108.68 27.52 5.52
CA SER Z 100 -107.55 28.43 5.49
C SER Z 100 -106.54 28.11 6.59
N GLU Z 101 -107.04 27.84 7.79
CA GLU Z 101 -106.11 27.55 8.88
C GLU Z 101 -105.42 26.20 8.69
N ALA Z 102 -106.14 25.19 8.20
CA ALA Z 102 -105.50 23.92 7.91
C ALA Z 102 -104.41 24.08 6.86
N TYR Z 103 -104.71 24.85 5.81
CA TYR Z 103 -103.75 25.08 4.74
C TYR Z 103 -102.51 25.77 5.27
N LEU Z 104 -102.73 26.82 6.08
CA LEU Z 104 -101.59 27.57 6.60
C LEU Z 104 -100.77 26.73 7.56
N VAL Z 105 -101.41 25.88 8.35
CA VAL Z 105 -100.64 25.03 9.26
C VAL Z 105 -99.79 24.05 8.47
N GLY Z 106 -100.34 23.46 7.41
CA GLY Z 106 -99.54 22.59 6.57
C GLY Z 106 -98.37 23.34 5.94
N LEU Z 107 -98.62 24.56 5.50
CA LEU Z 107 -97.56 25.35 4.90
C LEU Z 107 -96.49 25.69 5.92
N PHE Z 108 -96.88 25.93 7.17
CA PHE Z 108 -95.89 26.22 8.20
C PHE Z 108 -95.12 24.97 8.59
N GLU Z 109 -95.74 23.81 8.48
CA GLU Z 109 -95.02 22.56 8.65
C GLU Z 109 -93.93 22.40 7.61
N ASP Z 110 -94.28 22.61 6.34
CA ASP Z 110 -93.28 22.50 5.29
C ASP Z 110 -92.19 23.56 5.45
N THR Z 111 -92.56 24.78 5.84
CA THR Z 111 -91.58 25.83 6.06
C THR Z 111 -90.64 25.47 7.20
N ASN Z 112 -91.18 24.91 8.28
CA ASN Z 112 -90.32 24.46 9.38
C ASN Z 112 -89.38 23.38 8.93
N LEU Z 113 -89.86 22.45 8.10
CA LEU Z 113 -88.99 21.41 7.59
C LEU Z 113 -87.84 22.00 6.79
N CYS Z 114 -88.14 22.96 5.90
CA CYS Z 114 -87.09 23.59 5.12
C CYS Z 114 -86.11 24.35 6.01
N ALA Z 115 -86.63 25.08 7.00
CA ALA Z 115 -85.76 25.86 7.86
C ALA Z 115 -84.83 24.97 8.67
N ILE Z 116 -85.36 23.84 9.17
CA ILE Z 116 -84.51 22.87 9.84
C ILE Z 116 -83.48 22.30 8.87
N HIS Z 117 -83.90 22.05 7.64
CA HIS Z 117 -82.97 21.57 6.64
C HIS Z 117 -81.81 22.53 6.48
N ALA Z 118 -82.08 23.82 6.47
CA ALA Z 118 -81.01 24.78 6.33
C ALA Z 118 -80.20 24.93 7.60
N LYS Z 119 -80.32 24.01 8.58
CA LYS Z 119 -79.68 24.02 9.91
C LYS Z 119 -80.13 25.19 10.79
N ARG Z 120 -81.29 25.80 10.50
CA ARG Z 120 -81.75 26.98 11.21
C ARG Z 120 -82.87 26.59 12.16
N VAL Z 121 -83.49 27.60 12.77
CA VAL Z 121 -84.65 27.42 13.63
C VAL Z 121 -85.64 28.53 13.30
N THR Z 122 -85.18 29.54 12.58
CA THR Z 122 -86.00 30.67 12.17
C THR Z 122 -86.49 30.43 10.76
N ILE Z 123 -87.79 30.56 10.56
CA ILE Z 123 -88.39 30.47 9.23
C ILE Z 123 -88.32 31.81 8.52
N MET Z 124 -87.90 31.79 7.26
CA MET Z 124 -87.70 33.00 6.49
C MET Z 124 -88.52 32.91 5.20
N PRO Z 125 -88.80 34.03 4.54
CA PRO Z 125 -89.68 33.98 3.37
C PRO Z 125 -89.18 33.10 2.24
N LYS Z 126 -87.87 32.87 2.14
CA LYS Z 126 -87.39 32.02 1.07
C LYS Z 126 -87.74 30.56 1.32
N ASP Z 127 -87.95 30.19 2.58
CA ASP Z 127 -88.40 28.84 2.89
C ASP Z 127 -89.83 28.64 2.44
N ILE Z 128 -90.67 29.66 2.66
CA ILE Z 128 -92.03 29.64 2.17
C ILE Z 128 -92.03 29.53 0.66
N GLN Z 129 -91.17 30.29 -0.01
CA GLN Z 129 -91.13 30.27 -1.46
C GLN Z 129 -90.71 28.91 -1.97
N LEU Z 130 -89.71 28.29 -1.33
CA LEU Z 130 -89.29 26.96 -1.72
C LEU Z 130 -90.39 25.94 -1.51
N ALA Z 131 -91.10 26.04 -0.39
CA ALA Z 131 -92.20 25.13 -0.10
C ALA Z 131 -93.29 25.25 -1.15
N ARG Z 132 -93.66 26.49 -1.50
CA ARG Z 132 -94.72 26.66 -2.49
C ARG Z 132 -94.26 26.24 -3.87
N ARG Z 133 -92.96 26.35 -4.15
CA ARG Z 133 -92.43 25.88 -5.42
C ARG Z 133 -92.51 24.37 -5.51
N ILE Z 134 -92.11 23.69 -4.44
CA ILE Z 134 -92.09 22.23 -4.49
C ILE Z 134 -93.51 21.68 -4.49
N ARG Z 135 -94.40 22.29 -3.70
CA ARG Z 135 -95.80 21.88 -3.75
C ARG Z 135 -96.40 22.04 -5.13
N GLY Z 136 -95.86 22.96 -5.93
CA GLY Z 136 -96.43 23.20 -7.24
C GLY Z 136 -97.43 24.34 -7.21
N GLU Z 137 -97.14 25.37 -6.42
CA GLU Z 137 -98.07 26.47 -6.20
C GLU Z 137 -97.59 27.71 -6.94
N ARG Z 138 -98.56 28.48 -7.42
CA ARG Z 138 -98.27 29.58 -8.34
C ARG Z 138 -98.68 30.91 -7.75
N LYS AA 24 -121.48 50.14 1.34
CA LYS AA 24 -120.15 50.37 1.90
C LYS AA 24 -119.14 49.39 1.30
N VAL AA 25 -117.98 49.91 0.92
CA VAL AA 25 -116.91 49.12 0.34
C VAL AA 25 -115.84 48.85 1.39
N LEU AA 26 -115.30 47.63 1.39
CA LEU AA 26 -114.25 47.23 2.32
C LEU AA 26 -112.89 47.52 1.69
N ARG AA 27 -112.01 48.16 2.46
CA ARG AA 27 -110.73 48.61 1.94
C ARG AA 27 -109.60 48.16 2.85
N ASP AA 28 -108.73 47.28 2.32
CA ASP AA 28 -107.50 46.86 2.97
C ASP AA 28 -107.74 46.24 4.34
N ASN AA 29 -108.43 45.11 4.34
CA ASN AA 29 -108.78 44.43 5.57
C ASN AA 29 -107.85 43.26 5.82
N ILE AA 30 -106.79 43.15 5.01
CA ILE AA 30 -105.81 42.09 5.14
C ILE AA 30 -105.06 42.21 6.45
N GLN AA 31 -104.91 43.44 6.94
CA GLN AA 31 -104.27 43.68 8.22
C GLN AA 31 -105.12 43.23 9.39
N GLY AA 32 -106.29 42.66 9.14
CA GLY AA 32 -107.01 42.01 10.22
C GLY AA 32 -106.46 40.66 10.60
N ILE AA 33 -105.48 40.16 9.83
CA ILE AA 33 -104.74 38.96 10.20
C ILE AA 33 -103.56 39.46 11.05
N THR AA 34 -103.82 39.62 12.33
CA THR AA 34 -102.84 40.28 13.19
C THR AA 34 -101.57 39.45 13.30
N LYS AA 35 -100.52 40.11 13.74
CA LYS AA 35 -99.25 39.42 13.92
C LYS AA 35 -99.33 38.31 14.96
N PRO AA 36 -99.96 38.49 16.13
CA PRO AA 36 -100.10 37.36 17.05
C PRO AA 36 -100.88 36.20 16.47
N ALA AA 37 -101.83 36.46 15.57
CA ALA AA 37 -102.54 35.35 14.94
C ALA AA 37 -101.61 34.51 14.09
N ILE AA 38 -100.76 35.17 13.29
CA ILE AA 38 -99.81 34.44 12.46
C ILE AA 38 -98.81 33.70 13.35
N ARG AA 39 -98.44 34.32 14.48
CA ARG AA 39 -97.55 33.66 15.41
C ARG AA 39 -98.18 32.40 15.98
N ARG AA 40 -99.47 32.48 16.32
CA ARG AA 40 -100.17 31.31 16.85
C ARG AA 40 -100.26 30.21 15.81
N LEU AA 41 -100.56 30.58 14.55
CA LEU AA 41 -100.58 29.59 13.48
C LEU AA 41 -99.21 28.95 13.28
N ALA AA 42 -98.14 29.72 13.46
CA ALA AA 42 -96.81 29.16 13.36
C ALA AA 42 -96.50 28.24 14.53
N ARG AA 43 -96.92 28.61 15.74
CA ARG AA 43 -96.68 27.76 16.89
C ARG AA 43 -97.42 26.43 16.76
N ARG AA 44 -98.68 26.48 16.33
CA ARG AA 44 -99.37 25.23 16.00
C ARG AA 44 -98.65 24.47 14.90
N GLY AA 45 -97.96 25.18 14.01
CA GLY AA 45 -97.15 24.49 13.01
C GLY AA 45 -95.79 24.06 13.48
N GLY AA 46 -95.41 24.41 14.70
CA GLY AA 46 -94.15 23.97 15.26
C GLY AA 46 -92.99 24.93 15.05
N VAL AA 47 -93.26 26.18 14.70
CA VAL AA 47 -92.20 27.14 14.44
C VAL AA 47 -91.81 27.83 15.74
N LYS AA 48 -90.51 27.84 16.03
CA LYS AA 48 -90.04 28.42 17.28
C LYS AA 48 -89.65 29.88 17.16
N ARG AA 49 -88.94 30.24 16.10
CA ARG AA 49 -88.48 31.62 15.90
C ARG AA 49 -88.93 32.07 14.51
N ILE AA 50 -89.54 33.26 14.44
CA ILE AA 50 -90.18 33.73 13.21
C ILE AA 50 -89.59 35.06 12.78
N SER AA 51 -89.18 35.12 11.51
CA SER AA 51 -88.68 36.36 10.93
C SER AA 51 -89.83 37.36 10.75
N GLY AA 52 -89.47 38.65 10.72
CA GLY AA 52 -90.50 39.67 10.64
C GLY AA 52 -91.13 39.85 9.28
N LEU AA 53 -90.49 39.36 8.22
CA LEU AA 53 -91.07 39.45 6.88
C LEU AA 53 -92.07 38.33 6.62
N ILE AA 54 -92.12 37.35 7.51
CA ILE AA 54 -93.02 36.24 7.33
C ILE AA 54 -94.45 36.75 7.29
N TYR AA 55 -94.79 37.66 8.20
CA TYR AA 55 -96.20 37.97 8.40
C TYR AA 55 -96.83 38.48 7.12
N GLU AA 56 -96.11 39.38 6.44
CA GLU AA 56 -96.57 39.87 5.14
C GLU AA 56 -96.55 38.77 4.09
N GLU AA 57 -95.47 37.99 4.04
CA GLU AA 57 -95.45 36.84 3.13
C GLU AA 57 -96.73 36.01 3.26
N THR AA 58 -96.96 35.50 4.47
CA THR AA 58 -98.14 34.72 4.77
C THR AA 58 -99.41 35.44 4.32
N ARG AA 59 -99.51 36.73 4.60
CA ARG AA 59 -100.72 37.45 4.24
C ARG AA 59 -100.98 37.36 2.74
N GLY AA 60 -99.94 37.64 1.95
CA GLY AA 60 -100.08 37.52 0.50
C GLY AA 60 -100.50 36.12 0.08
N VAL AA 61 -99.84 35.10 0.65
CA VAL AA 61 -100.18 33.72 0.33
C VAL AA 61 -101.65 33.45 0.57
N LEU AA 62 -102.12 33.87 1.74
CA LEU AA 62 -103.50 33.64 2.12
C LEU AA 62 -104.45 34.33 1.16
N LYS AA 63 -104.12 35.57 0.79
CA LYS AA 63 -104.92 36.28 -0.20
C LYS AA 63 -105.07 35.44 -1.46
N VAL AA 64 -103.94 34.96 -2.00
CA VAL AA 64 -103.97 34.23 -3.26
C VAL AA 64 -104.78 32.95 -3.13
N PHE AA 65 -104.72 32.33 -1.96
CA PHE AA 65 -105.53 31.14 -1.69
C PHE AA 65 -107.01 31.49 -1.73
N LEU AA 66 -107.40 32.47 -0.94
CA LEU AA 66 -108.83 32.74 -0.82
C LEU AA 66 -109.37 33.21 -2.16
N GLU AA 67 -108.62 34.05 -2.87
CA GLU AA 67 -109.07 34.48 -4.19
C GLU AA 67 -109.28 33.31 -5.13
N ASN AA 68 -108.49 32.24 -4.96
CA ASN AA 68 -108.68 31.10 -5.83
C ASN AA 68 -109.86 30.26 -5.43
N VAL AA 69 -110.16 30.21 -4.14
CA VAL AA 69 -111.26 29.37 -3.69
C VAL AA 69 -112.58 30.08 -3.92
N ILE AA 70 -112.64 31.34 -3.50
CA ILE AA 70 -113.83 32.17 -3.63
C ILE AA 70 -114.23 32.34 -5.09
N ARG AA 71 -113.27 32.56 -5.99
CA ARG AA 71 -113.66 32.68 -7.39
C ARG AA 71 -114.46 31.46 -7.88
N ASP AA 72 -114.15 30.28 -7.35
CA ASP AA 72 -114.89 29.10 -7.75
C ASP AA 72 -116.22 29.02 -7.01
N ALA AA 73 -116.21 29.33 -5.71
CA ALA AA 73 -117.45 29.26 -4.96
C ALA AA 73 -118.47 30.19 -5.57
N VAL AA 74 -118.05 31.43 -5.84
CA VAL AA 74 -118.90 32.40 -6.51
C VAL AA 74 -119.35 31.89 -7.87
N THR AA 75 -118.45 31.21 -8.60
CA THR AA 75 -118.86 30.68 -9.90
C THR AA 75 -120.01 29.68 -9.75
N TYR AA 76 -119.94 28.85 -8.72
CA TYR AA 76 -121.05 27.94 -8.46
C TYR AA 76 -122.30 28.70 -8.05
N THR AA 77 -122.16 29.68 -7.17
CA THR AA 77 -123.32 30.41 -6.67
C THR AA 77 -124.02 31.11 -7.82
N GLU AA 78 -123.26 31.71 -8.72
CA GLU AA 78 -123.83 32.41 -9.87
C GLU AA 78 -124.45 31.42 -10.85
N HIS AA 79 -123.92 30.20 -10.91
CA HIS AA 79 -124.50 29.28 -11.88
C HIS AA 79 -125.84 28.74 -11.40
N ALA AA 80 -125.98 28.54 -10.10
CA ALA AA 80 -127.28 28.16 -9.55
C ALA AA 80 -128.28 29.28 -9.59
N LYS AA 81 -127.92 30.41 -10.20
CA LYS AA 81 -128.79 31.58 -10.30
C LYS AA 81 -129.26 32.03 -8.92
N ARG AA 82 -128.40 31.88 -7.93
CA ARG AA 82 -128.65 32.29 -6.56
C ARG AA 82 -127.91 33.59 -6.27
N LYS AA 83 -128.17 34.15 -5.09
CA LYS AA 83 -127.52 35.37 -4.66
C LYS AA 83 -126.82 35.21 -3.31
N THR AA 84 -126.88 34.03 -2.71
CA THR AA 84 -126.26 33.75 -1.43
C THR AA 84 -125.24 32.64 -1.64
N VAL AA 85 -124.05 32.82 -1.09
CA VAL AA 85 -123.03 31.77 -1.16
C VAL AA 85 -123.27 30.76 -0.05
N THR AA 86 -123.60 29.54 -0.43
CA THR AA 86 -123.92 28.50 0.53
C THR AA 86 -122.69 27.68 0.89
N ALA AA 87 -122.83 26.85 1.91
CA ALA AA 87 -121.73 26.01 2.35
C ALA AA 87 -121.37 24.96 1.32
N MET AA 88 -122.36 24.44 0.59
CA MET AA 88 -122.08 23.44 -0.43
C MET AA 88 -121.28 24.01 -1.60
N ASP AA 89 -121.47 25.30 -1.91
CA ASP AA 89 -120.65 25.92 -2.93
C ASP AA 89 -119.19 25.90 -2.52
N VAL AA 90 -118.92 26.25 -1.26
CA VAL AA 90 -117.55 26.21 -0.75
C VAL AA 90 -117.02 24.78 -0.77
N VAL AA 91 -117.86 23.83 -0.40
CA VAL AA 91 -117.44 22.44 -0.34
C VAL AA 91 -117.06 21.94 -1.73
N TYR AA 92 -117.84 22.30 -2.75
CA TYR AA 92 -117.51 21.89 -4.10
C TYR AA 92 -116.26 22.60 -4.60
N ALA AA 93 -116.10 23.88 -4.26
CA ALA AA 93 -114.90 24.60 -4.68
C ALA AA 93 -113.66 23.98 -4.08
N LEU AA 94 -113.73 23.56 -2.81
CA LEU AA 94 -112.60 22.91 -2.18
C LEU AA 94 -112.36 21.54 -2.78
N LYS AA 95 -113.43 20.76 -2.94
CA LYS AA 95 -113.32 19.44 -3.56
C LYS AA 95 -112.69 19.50 -4.93
N ARG AA 96 -112.89 20.60 -5.65
CA ARG AA 96 -112.32 20.68 -6.99
C ARG AA 96 -110.79 20.78 -6.92
N GLN AA 97 -110.27 21.42 -5.88
CA GLN AA 97 -108.83 21.54 -5.68
C GLN AA 97 -108.25 20.38 -4.88
N GLY AA 98 -108.99 19.29 -4.68
CA GLY AA 98 -108.49 18.27 -3.80
C GLY AA 98 -108.38 18.71 -2.37
N ARG AA 99 -109.31 19.55 -1.91
CA ARG AA 99 -109.29 20.03 -0.53
C ARG AA 99 -110.51 19.56 0.25
N THR AA 100 -110.89 18.29 0.11
CA THR AA 100 -112.12 17.78 0.68
C THR AA 100 -112.21 18.08 2.17
N LEU AA 101 -113.36 18.60 2.59
CA LEU AA 101 -113.58 19.03 3.96
C LEU AA 101 -114.75 18.26 4.56
N TYR AA 102 -114.46 17.52 5.63
CA TYR AA 102 -115.50 16.86 6.41
C TYR AA 102 -115.94 17.72 7.58
N GLY AA 103 -117.25 17.72 7.83
CA GLY AA 103 -117.82 18.39 8.98
C GLY AA 103 -118.92 19.36 8.64
N PHE AA 104 -118.91 19.89 7.42
CA PHE AA 104 -119.84 20.94 7.01
C PHE AA 104 -120.81 20.44 5.96
N GLY AA 105 -120.93 19.13 5.80
CA GLY AA 105 -121.69 18.52 4.73
C GLY AA 105 -120.78 17.80 3.75
N GLY AA 106 -121.41 17.00 2.90
CA GLY AA 106 -120.68 16.24 1.91
C GLY AA 106 -121.22 14.85 1.67
N THR BA 20 -124.23 19.38 -43.00
CA THR BA 20 -123.81 18.84 -41.67
C THR BA 20 -124.08 19.85 -40.57
N ARG BA 21 -124.01 19.43 -39.30
CA ARG BA 21 -124.15 20.42 -38.25
C ARG BA 21 -122.87 21.21 -38.01
N SER BA 22 -121.73 20.74 -38.50
CA SER BA 22 -120.51 21.52 -38.38
C SER BA 22 -120.55 22.71 -39.33
N SER BA 23 -121.14 22.52 -40.51
CA SER BA 23 -121.23 23.58 -41.50
C SER BA 23 -122.16 24.68 -41.03
N ARG BA 24 -123.29 24.29 -40.45
CA ARG BA 24 -124.28 25.27 -40.00
C ARG BA 24 -123.70 26.20 -38.95
N ALA BA 25 -122.77 25.70 -38.14
CA ALA BA 25 -122.14 26.52 -37.12
C ALA BA 25 -120.83 27.12 -37.59
N GLY BA 26 -120.44 26.88 -38.84
CA GLY BA 26 -119.19 27.39 -39.36
C GLY BA 26 -118.00 26.77 -38.66
N LEU BA 27 -118.09 25.48 -38.36
CA LEU BA 27 -117.05 24.78 -37.63
C LEU BA 27 -116.40 23.71 -38.50
N GLN BA 28 -115.24 23.25 -38.04
CA GLN BA 28 -114.54 22.12 -38.64
C GLN BA 28 -114.60 20.86 -37.79
N PHE BA 29 -114.78 20.98 -36.49
CA PHE BA 29 -114.94 19.80 -35.65
C PHE BA 29 -116.35 19.24 -35.80
N PRO BA 30 -116.52 17.94 -35.53
CA PRO BA 30 -117.83 17.30 -35.74
C PRO BA 30 -118.79 17.59 -34.61
N VAL BA 31 -120.04 17.89 -34.96
CA VAL BA 31 -121.07 18.05 -33.95
C VAL BA 31 -121.77 16.72 -33.66
N GLY BA 32 -122.00 15.92 -34.70
CA GLY BA 32 -122.65 14.63 -34.51
C GLY BA 32 -121.83 13.68 -33.67
N ARG BA 33 -120.53 13.59 -33.95
CA ARG BA 33 -119.66 12.73 -33.16
C ARG BA 33 -119.65 13.14 -31.70
N VAL BA 34 -119.52 14.45 -31.43
CA VAL BA 34 -119.47 14.90 -30.05
C VAL BA 34 -120.79 14.64 -29.34
N HIS BA 35 -121.90 14.86 -30.04
CA HIS BA 35 -123.20 14.56 -29.45
C HIS BA 35 -123.33 13.09 -29.13
N ARG BA 36 -122.85 12.22 -30.03
CA ARG BA 36 -122.91 10.79 -29.78
C ARG BA 36 -122.03 10.38 -28.61
N LEU BA 37 -120.86 10.99 -28.49
CA LEU BA 37 -119.99 10.67 -27.36
C LEU BA 37 -120.57 11.15 -26.04
N LEU BA 38 -121.23 12.31 -26.06
CA LEU BA 38 -121.91 12.78 -24.86
C LEU BA 38 -123.11 11.92 -24.51
N ARG BA 39 -123.76 11.38 -25.54
CA ARG BA 39 -124.95 10.55 -25.35
C ARG BA 39 -124.56 9.18 -24.79
N LYS BA 40 -123.45 8.63 -25.25
CA LYS BA 40 -123.05 7.28 -24.90
C LYS BA 40 -122.06 7.26 -23.74
N GLY BA 41 -121.80 8.41 -23.14
CA GLY BA 41 -120.83 8.51 -22.07
C GLY BA 41 -121.44 8.47 -20.69
N ASN BA 42 -122.75 8.25 -20.57
CA ASN BA 42 -123.46 8.23 -19.30
C ASN BA 42 -123.20 9.51 -18.52
N TYR BA 43 -123.51 10.64 -19.16
CA TYR BA 43 -123.32 11.95 -18.49
C TYR BA 43 -124.66 12.46 -17.95
N SER BA 44 -125.70 12.49 -18.81
CA SER BA 44 -127.00 12.98 -18.34
C SER BA 44 -128.10 12.22 -19.06
N GLU BA 45 -129.31 12.31 -18.50
CA GLU BA 45 -130.44 11.63 -19.11
C GLU BA 45 -130.68 12.12 -20.52
N ARG BA 46 -130.59 13.43 -20.72
CA ARG BA 46 -130.75 14.06 -22.03
C ARG BA 46 -129.70 15.15 -22.16
N VAL BA 47 -129.39 15.49 -23.41
CA VAL BA 47 -128.35 16.45 -23.72
C VAL BA 47 -128.96 17.51 -24.62
N GLY BA 48 -128.86 18.77 -24.20
CA GLY BA 48 -129.37 19.84 -25.03
C GLY BA 48 -128.55 20.02 -26.29
N ALA BA 49 -129.13 20.77 -27.22
CA ALA BA 49 -128.49 20.95 -28.52
C ALA BA 49 -127.46 22.06 -28.54
N GLY BA 50 -127.41 22.92 -27.53
CA GLY BA 50 -126.39 23.96 -27.52
C GLY BA 50 -125.13 23.59 -26.80
N ALA BA 51 -125.12 22.46 -26.11
CA ALA BA 51 -123.91 22.02 -25.43
C ALA BA 51 -122.84 21.51 -26.40
N PRO BA 52 -123.14 20.59 -27.32
CA PRO BA 52 -122.07 20.09 -28.20
C PRO BA 52 -121.47 21.16 -29.10
N VAL BA 53 -122.27 22.13 -29.56
CA VAL BA 53 -121.73 23.19 -30.39
C VAL BA 53 -120.75 24.04 -29.59
N TYR BA 54 -121.12 24.40 -28.37
CA TYR BA 54 -120.26 25.21 -27.53
C TYR BA 54 -118.98 24.47 -27.21
N LEU BA 55 -119.10 23.18 -26.86
CA LEU BA 55 -117.92 22.41 -26.49
C LEU BA 55 -117.00 22.19 -27.68
N ALA BA 56 -117.57 21.96 -28.87
CA ALA BA 56 -116.74 21.83 -30.07
C ALA BA 56 -116.02 23.13 -30.36
N ALA BA 57 -116.69 24.26 -30.18
CA ALA BA 57 -116.03 25.54 -30.40
C ALA BA 57 -114.88 25.74 -29.43
N VAL BA 58 -115.07 25.38 -28.16
CA VAL BA 58 -114.00 25.50 -27.18
C VAL BA 58 -112.82 24.62 -27.55
N LEU BA 59 -113.09 23.37 -27.91
CA LEU BA 59 -112.01 22.45 -28.26
C LEU BA 59 -111.27 22.94 -29.50
N GLU BA 60 -112.01 23.46 -30.48
CA GLU BA 60 -111.37 23.98 -31.68
C GLU BA 60 -110.50 25.19 -31.36
N TYR BA 61 -110.97 26.08 -30.50
CA TYR BA 61 -110.16 27.22 -30.10
C TYR BA 61 -108.88 26.77 -29.41
N LEU BA 62 -108.99 25.82 -28.50
CA LEU BA 62 -107.82 25.40 -27.74
C LEU BA 62 -106.81 24.68 -28.62
N THR BA 63 -107.28 23.83 -29.52
CA THR BA 63 -106.36 23.19 -30.44
C THR BA 63 -105.74 24.18 -31.40
N ALA BA 64 -106.48 25.22 -31.81
CA ALA BA 64 -105.90 26.23 -32.68
C ALA BA 64 -104.79 26.98 -31.95
N GLU BA 65 -105.00 27.31 -30.69
CA GLU BA 65 -103.97 27.98 -29.92
C GLU BA 65 -102.73 27.11 -29.78
N ILE BA 66 -102.96 25.83 -29.43
CA ILE BA 66 -101.85 24.90 -29.25
C ILE BA 66 -101.05 24.78 -30.55
N LEU BA 67 -101.76 24.62 -31.68
CA LEU BA 67 -101.07 24.40 -32.93
C LEU BA 67 -100.38 25.67 -33.41
N GLU BA 68 -100.93 26.83 -33.09
CA GLU BA 68 -100.27 28.08 -33.43
C GLU BA 68 -98.93 28.19 -32.71
N LEU BA 69 -98.93 27.99 -31.39
CA LEU BA 69 -97.67 28.10 -30.67
C LEU BA 69 -96.71 27.00 -31.05
N ALA BA 70 -97.21 25.79 -31.35
CA ALA BA 70 -96.30 24.73 -31.74
C ALA BA 70 -95.69 24.96 -33.10
N GLY BA 71 -96.46 25.56 -34.03
CA GLY BA 71 -95.89 25.91 -35.32
C GLY BA 71 -94.86 27.01 -35.20
N ASN BA 72 -95.12 28.00 -34.34
CA ASN BA 72 -94.12 29.02 -34.06
C ASN BA 72 -92.85 28.38 -33.50
N ALA BA 73 -93.00 27.47 -32.55
CA ALA BA 73 -91.84 26.82 -31.95
C ALA BA 73 -91.09 25.97 -32.97
N ALA BA 74 -91.80 25.35 -33.91
CA ALA BA 74 -91.13 24.52 -34.91
C ALA BA 74 -90.42 25.37 -35.96
N ARG BA 75 -90.98 26.53 -36.30
CA ARG BA 75 -90.29 27.43 -37.20
C ARG BA 75 -89.06 28.01 -36.51
N ASP BA 76 -89.17 28.26 -35.20
CA ASP BA 76 -88.04 28.77 -34.44
C ASP BA 76 -86.85 27.83 -34.52
N ASN BA 77 -87.13 26.54 -34.62
CA ASN BA 77 -86.11 25.51 -34.80
C ASN BA 77 -85.82 25.24 -36.27
N LYS BA 78 -86.46 26.00 -37.16
CA LYS BA 78 -86.37 25.80 -38.60
C LYS BA 78 -86.75 24.37 -38.98
N LYS BA 79 -87.96 23.99 -38.59
CA LYS BA 79 -88.56 22.75 -39.06
C LYS BA 79 -89.95 23.05 -39.59
N THR BA 80 -90.35 22.28 -40.61
CA THR BA 80 -91.66 22.47 -41.22
C THR BA 80 -92.67 21.42 -40.78
N ARG BA 81 -92.27 20.60 -39.81
CA ARG BA 81 -93.16 19.59 -39.28
C ARG BA 81 -93.11 19.64 -37.76
N ILE BA 82 -94.26 19.50 -37.12
CA ILE BA 82 -94.32 19.57 -35.67
C ILE BA 82 -94.02 18.21 -35.06
N ILE BA 83 -93.07 18.18 -34.12
CA ILE BA 83 -92.77 16.95 -33.39
C ILE BA 83 -93.20 17.12 -31.95
N PRO BA 84 -93.16 16.08 -31.11
CA PRO BA 84 -93.53 16.25 -29.70
C PRO BA 84 -92.68 17.27 -28.96
N ARG BA 85 -91.43 17.47 -29.37
CA ARG BA 85 -90.58 18.44 -28.69
C ARG BA 85 -91.18 19.84 -28.79
N HIS BA 86 -91.70 20.19 -29.96
CA HIS BA 86 -92.28 21.52 -30.12
C HIS BA 86 -93.57 21.68 -29.34
N LEU BA 87 -94.36 20.60 -29.23
CA LEU BA 87 -95.52 20.65 -28.37
C LEU BA 87 -95.13 20.87 -26.92
N GLN BA 88 -94.09 20.18 -26.45
CA GLN BA 88 -93.65 20.37 -25.07
C GLN BA 88 -93.16 21.79 -24.84
N LEU BA 89 -92.40 22.33 -25.80
CA LEU BA 89 -91.90 23.69 -25.66
C LEU BA 89 -93.04 24.70 -25.65
N ALA BA 90 -94.01 24.52 -26.55
CA ALA BA 90 -95.16 25.42 -26.61
C ALA BA 90 -95.97 25.37 -25.32
N ILE BA 91 -96.15 24.18 -24.77
CA ILE BA 91 -96.94 24.04 -23.54
C ILE BA 91 -96.20 24.66 -22.37
N ARG BA 92 -94.96 24.24 -22.13
CA ARG BA 92 -94.24 24.71 -20.96
C ARG BA 92 -93.81 26.15 -21.08
N ASN BA 93 -93.87 26.73 -22.27
CA ASN BA 93 -93.48 28.12 -22.46
C ASN BA 93 -94.64 29.09 -22.33
N ASP BA 94 -95.87 28.62 -22.47
CA ASP BA 94 -97.05 29.46 -22.29
C ASP BA 94 -97.58 29.31 -20.87
N GLU BA 95 -97.71 30.44 -20.18
CA GLU BA 95 -98.08 30.40 -18.76
C GLU BA 95 -99.45 29.79 -18.57
N GLU BA 96 -100.43 30.18 -19.39
CA GLU BA 96 -101.78 29.72 -19.18
C GLU BA 96 -101.92 28.24 -19.53
N LEU BA 97 -101.34 27.84 -20.65
CA LEU BA 97 -101.34 26.44 -21.01
C LEU BA 97 -100.56 25.60 -20.00
N ASN BA 98 -99.38 26.07 -19.61
CA ASN BA 98 -98.59 25.31 -18.63
C ASN BA 98 -99.31 25.18 -17.31
N LYS BA 99 -100.12 26.17 -16.94
CA LYS BA 99 -100.96 26.01 -15.76
C LYS BA 99 -102.09 25.03 -16.01
N LEU BA 100 -102.62 25.02 -17.23
CA LEU BA 100 -103.68 24.09 -17.58
C LEU BA 100 -103.17 22.66 -17.66
N LEU BA 101 -102.07 22.45 -18.37
CA LEU BA 101 -101.45 21.14 -18.48
C LEU BA 101 -100.28 21.01 -17.51
N GLY BA 102 -100.63 21.02 -16.23
CA GLY BA 102 -99.62 21.09 -15.20
C GLY BA 102 -99.18 19.72 -14.73
N ARG BA 103 -100.01 18.70 -14.95
CA ARG BA 103 -99.72 17.37 -14.46
C ARG BA 103 -99.40 16.36 -15.56
N VAL BA 104 -99.45 16.76 -16.82
CA VAL BA 104 -99.30 15.82 -17.93
C VAL BA 104 -97.84 15.76 -18.30
N THR BA 105 -97.38 14.56 -18.65
CA THR BA 105 -96.04 14.37 -19.21
C THR BA 105 -96.15 13.98 -20.67
N ILE BA 106 -95.28 14.56 -21.49
CA ILE BA 106 -95.31 14.34 -22.93
C ILE BA 106 -94.13 13.45 -23.29
N ALA BA 107 -94.42 12.30 -23.90
CA ALA BA 107 -93.36 11.39 -24.30
C ALA BA 107 -92.51 12.05 -25.37
N GLN BA 108 -91.19 11.99 -25.20
CA GLN BA 108 -90.25 12.62 -26.13
C GLN BA 108 -90.41 14.14 -26.16
N GLY BA 109 -90.85 14.71 -25.04
CA GLY BA 109 -91.02 16.17 -24.97
C GLY BA 109 -89.77 16.80 -24.39
N GLY BA 110 -89.06 16.08 -23.53
CA GLY BA 110 -87.87 16.62 -22.90
C GLY BA 110 -88.22 17.60 -21.78
N VAL BA 111 -87.24 18.46 -21.49
CA VAL BA 111 -87.39 19.51 -20.49
C VAL BA 111 -86.91 20.82 -21.11
N LEU BA 112 -87.36 21.91 -20.52
CA LEU BA 112 -86.84 23.21 -20.91
C LEU BA 112 -85.39 23.37 -20.48
N PRO BA 113 -84.56 24.05 -21.26
CA PRO BA 113 -83.19 24.36 -20.82
C PRO BA 113 -83.23 25.32 -19.65
N ASN BA 114 -82.68 24.89 -18.52
CA ASN BA 114 -82.74 25.67 -17.29
C ASN BA 114 -81.54 25.32 -16.43
N ILE BA 115 -80.61 26.26 -16.31
CA ILE BA 115 -79.43 26.09 -15.44
C ILE BA 115 -79.52 27.11 -14.32
N GLN BA 116 -79.37 26.64 -13.09
CA GLN BA 116 -79.52 27.49 -11.93
C GLN BA 116 -78.39 28.51 -11.87
N ALA BA 117 -78.68 29.64 -11.21
CA ALA BA 117 -77.73 30.75 -11.19
C ALA BA 117 -76.46 30.37 -10.44
N VAL BA 118 -76.59 29.63 -9.33
CA VAL BA 118 -75.43 29.36 -8.49
C VAL BA 118 -74.54 28.26 -9.06
N LEU BA 119 -75.04 27.50 -10.03
CA LEU BA 119 -74.24 26.42 -10.61
C LEU BA 119 -73.39 26.91 -11.76
N LEU BA 120 -73.70 28.08 -12.31
CA LEU BA 120 -72.95 28.60 -13.42
C LEU BA 120 -71.51 28.92 -12.99
N PRO BA 121 -70.56 28.74 -13.90
CA PRO BA 121 -69.14 28.82 -13.51
C PRO BA 121 -68.73 30.26 -13.23
N LYS BA 122 -67.53 30.39 -12.67
CA LYS BA 122 -67.01 31.68 -12.25
C LYS BA 122 -65.60 31.90 -12.78
N ARG CA 35 -112.48 -3.32 -41.50
CA ARG CA 35 -111.74 -3.79 -40.33
C ARG CA 35 -112.10 -2.98 -39.10
N SER CA 36 -111.13 -2.77 -38.22
CA SER CA 36 -111.34 -2.00 -36.99
C SER CA 36 -111.40 -0.52 -37.38
N ARG CA 37 -112.61 0.03 -37.42
CA ARG CA 37 -112.84 1.41 -37.85
C ARG CA 37 -112.96 2.27 -36.59
N LYS CA 38 -111.80 2.63 -36.03
CA LYS CA 38 -111.72 3.40 -34.81
C LYS CA 38 -111.51 4.87 -35.13
N GLU CA 39 -112.14 5.74 -34.35
CA GLU CA 39 -112.22 7.16 -34.66
C GLU CA 39 -111.13 7.92 -33.92
N SER CA 40 -110.84 9.11 -34.45
CA SER CA 40 -109.79 9.97 -33.90
C SER CA 40 -110.08 11.38 -34.37
N TYR CA 41 -109.18 12.31 -34.03
CA TYR CA 41 -109.35 13.70 -34.41
C TYR CA 41 -108.29 14.16 -35.40
N SER CA 42 -107.59 13.22 -36.02
CA SER CA 42 -106.37 13.57 -36.77
C SER CA 42 -106.69 14.49 -37.93
N ILE CA 43 -107.76 14.20 -38.68
CA ILE CA 43 -108.07 15.00 -39.85
C ILE CA 43 -108.51 16.39 -39.44
N TYR CA 44 -109.23 16.51 -38.33
CA TYR CA 44 -109.65 17.82 -37.87
C TYR CA 44 -108.48 18.63 -37.35
N VAL CA 45 -107.58 18.00 -36.60
CA VAL CA 45 -106.36 18.68 -36.17
C VAL CA 45 -105.56 19.14 -37.38
N TYR CA 46 -105.49 18.32 -38.42
CA TYR CA 46 -104.74 18.71 -39.60
C TYR CA 46 -105.39 19.88 -40.32
N LYS CA 47 -106.72 19.87 -40.41
CA LYS CA 47 -107.44 20.98 -41.01
C LYS CA 47 -107.21 22.27 -40.23
N VAL CA 48 -107.26 22.18 -38.89
CA VAL CA 48 -107.02 23.35 -38.06
C VAL CA 48 -105.59 23.85 -38.25
N LEU CA 49 -104.63 22.93 -38.33
CA LEU CA 49 -103.24 23.33 -38.53
C LEU CA 49 -103.09 24.08 -39.85
N LYS CA 50 -103.67 23.54 -40.91
CA LYS CA 50 -103.57 24.22 -42.20
C LYS CA 50 -104.37 25.51 -42.20
N GLN CA 51 -105.33 25.65 -41.29
CA GLN CA 51 -106.03 26.92 -41.17
C GLN CA 51 -105.17 27.97 -40.47
N VAL CA 52 -104.37 27.55 -39.49
CA VAL CA 52 -103.52 28.50 -38.76
C VAL CA 52 -102.15 28.60 -39.38
N HIS CA 53 -101.53 27.46 -39.69
CA HIS CA 53 -100.17 27.44 -40.27
C HIS CA 53 -100.25 26.65 -41.56
N PRO CA 54 -100.25 27.31 -42.71
CA PRO CA 54 -100.40 26.59 -43.97
C PRO CA 54 -99.16 25.77 -44.33
N ASP CA 55 -97.98 26.37 -44.18
CA ASP CA 55 -96.72 25.69 -44.59
C ASP CA 55 -96.06 25.02 -43.38
N THR CA 56 -96.82 24.20 -42.64
CA THR CA 56 -96.26 23.46 -41.51
C THR CA 56 -96.97 22.11 -41.42
N GLY CA 57 -96.19 21.05 -41.27
CA GLY CA 57 -96.74 19.72 -41.08
C GLY CA 57 -96.67 19.28 -39.63
N ILE CA 58 -97.07 18.03 -39.40
CA ILE CA 58 -97.11 17.43 -38.08
C ILE CA 58 -96.74 15.96 -38.15
N SER CA 59 -95.93 15.52 -37.19
CA SER CA 59 -95.55 14.12 -37.15
C SER CA 59 -96.71 13.27 -36.65
N SER CA 60 -96.59 11.96 -36.80
CA SER CA 60 -97.65 11.08 -36.33
C SER CA 60 -97.69 11.00 -34.82
N LYS CA 61 -96.54 11.05 -34.17
CA LYS CA 61 -96.51 10.99 -32.71
C LYS CA 61 -97.11 12.24 -32.11
N ALA CA 62 -96.91 13.40 -32.75
CA ALA CA 62 -97.56 14.59 -32.26
C ALA CA 62 -99.05 14.57 -32.55
N MET CA 63 -99.46 13.96 -33.66
CA MET CA 63 -100.90 13.85 -33.89
C MET CA 63 -101.55 12.95 -32.85
N GLY CA 64 -100.86 11.88 -32.46
CA GLY CA 64 -101.32 11.06 -31.36
C GLY CA 64 -101.44 11.84 -30.06
N ILE CA 65 -100.44 12.67 -29.78
CA ILE CA 65 -100.46 13.45 -28.54
C ILE CA 65 -101.61 14.45 -28.57
N MET CA 66 -101.87 15.05 -29.73
CA MET CA 66 -102.96 16.01 -29.83
C MET CA 66 -104.31 15.32 -29.69
N ASN CA 67 -104.44 14.11 -30.23
CA ASN CA 67 -105.67 13.35 -30.04
C ASN CA 67 -105.89 13.02 -28.57
N SER CA 68 -104.82 12.61 -27.87
CA SER CA 68 -104.93 12.33 -26.46
C SER CA 68 -105.29 13.58 -25.68
N PHE CA 69 -104.73 14.72 -26.09
CA PHE CA 69 -105.04 15.99 -25.43
C PHE CA 69 -106.51 16.36 -25.61
N VAL CA 70 -107.02 16.20 -26.82
CA VAL CA 70 -108.43 16.52 -27.07
C VAL CA 70 -109.32 15.62 -26.23
N ASN CA 71 -109.02 14.33 -26.19
CA ASN CA 71 -109.85 13.41 -25.41
C ASN CA 71 -109.80 13.77 -23.93
N ASP CA 72 -108.61 14.10 -23.42
CA ASP CA 72 -108.48 14.49 -22.02
C ASP CA 72 -109.33 15.71 -21.71
N ILE CA 73 -109.21 16.76 -22.52
CA ILE CA 73 -109.95 17.98 -22.23
C ILE CA 73 -111.45 17.74 -22.32
N PHE CA 74 -111.86 16.93 -23.30
CA PHE CA 74 -113.26 16.54 -23.38
C PHE CA 74 -113.72 15.88 -22.09
N GLU CA 75 -112.91 14.95 -21.59
CA GLU CA 75 -113.31 14.20 -20.41
C GLU CA 75 -113.41 15.12 -19.20
N ARG CA 76 -112.47 16.05 -19.06
CA ARG CA 76 -112.51 16.99 -17.94
C ARG CA 76 -113.78 17.83 -18.01
N ILE CA 77 -114.07 18.39 -19.18
CA ILE CA 77 -115.20 19.27 -19.32
C ILE CA 77 -116.51 18.52 -19.09
N ALA CA 78 -116.60 17.31 -19.62
CA ALA CA 78 -117.84 16.56 -19.45
C ALA CA 78 -118.05 16.13 -18.01
N GLY CA 79 -116.97 15.79 -17.30
CA GLY CA 79 -117.11 15.44 -15.90
C GLY CA 79 -117.54 16.62 -15.06
N GLU CA 80 -116.95 17.79 -15.31
CA GLU CA 80 -117.39 18.98 -14.61
C GLU CA 80 -118.85 19.31 -14.91
N ALA CA 81 -119.24 19.22 -16.18
CA ALA CA 81 -120.62 19.50 -16.55
C ALA CA 81 -121.59 18.54 -15.88
N SER CA 82 -121.22 17.26 -15.80
CA SER CA 82 -122.05 16.27 -15.13
C SER CA 82 -122.20 16.60 -13.65
N ARG CA 83 -121.08 16.90 -13.00
CA ARG CA 83 -121.15 17.24 -11.57
C ARG CA 83 -122.02 18.47 -11.34
N LEU CA 84 -121.91 19.47 -12.22
CA LEU CA 84 -122.72 20.67 -12.07
C LEU CA 84 -124.19 20.36 -12.25
N ALA CA 85 -124.51 19.57 -13.28
CA ALA CA 85 -125.91 19.19 -13.51
C ALA CA 85 -126.46 18.44 -12.31
N HIS CA 86 -125.68 17.55 -11.72
CA HIS CA 86 -126.17 16.79 -10.58
C HIS CA 86 -126.29 17.66 -9.35
N TYR CA 87 -125.42 18.66 -9.21
CA TYR CA 87 -125.58 19.62 -8.13
C TYR CA 87 -126.87 20.40 -8.27
N ASN CA 88 -127.18 20.83 -9.50
CA ASN CA 88 -128.34 21.69 -9.72
C ASN CA 88 -129.61 20.91 -9.98
N LYS CA 89 -129.59 19.58 -9.86
CA LYS CA 89 -130.77 18.74 -10.05
C LYS CA 89 -131.40 18.95 -11.41
N ARG CA 90 -130.61 18.71 -12.46
CA ARG CA 90 -131.10 18.79 -13.82
C ARG CA 90 -130.70 17.55 -14.60
N SER CA 91 -131.56 17.17 -15.54
CA SER CA 91 -131.34 15.97 -16.33
C SER CA 91 -130.65 16.26 -17.65
N THR CA 92 -130.32 17.52 -17.90
CA THR CA 92 -129.88 17.96 -19.23
C THR CA 92 -128.53 18.65 -19.11
N ILE CA 93 -127.65 18.38 -20.06
CA ILE CA 93 -126.43 19.13 -20.23
C ILE CA 93 -126.65 20.13 -21.37
N THR CA 94 -126.82 21.39 -21.01
CA THR CA 94 -127.01 22.46 -21.99
C THR CA 94 -125.72 23.25 -22.17
N SER CA 95 -125.81 24.37 -22.89
CA SER CA 95 -124.66 25.22 -23.11
C SER CA 95 -124.30 26.05 -21.88
N ARG CA 96 -125.24 26.23 -20.95
CA ARG CA 96 -124.91 26.96 -19.73
C ARG CA 96 -123.95 26.15 -18.86
N GLU CA 97 -124.20 24.85 -18.76
CA GLU CA 97 -123.28 23.99 -18.02
C GLU CA 97 -121.92 23.96 -18.67
N ILE CA 98 -121.87 23.88 -20.00
CA ILE CA 98 -120.60 23.85 -20.69
C ILE CA 98 -119.85 25.15 -20.48
N GLN CA 99 -120.56 26.28 -20.54
CA GLN CA 99 -119.92 27.57 -20.35
C GLN CA 99 -119.36 27.71 -18.95
N THR CA 100 -120.13 27.32 -17.94
CA THR CA 100 -119.63 27.50 -16.58
C THR CA 100 -118.53 26.50 -16.25
N ALA CA 101 -118.56 25.31 -16.86
CA ALA CA 101 -117.43 24.40 -16.69
C ALA CA 101 -116.18 24.93 -17.34
N VAL CA 102 -116.32 25.57 -18.51
CA VAL CA 102 -115.18 26.24 -19.13
C VAL CA 102 -114.63 27.32 -18.22
N ARG CA 103 -115.52 28.12 -17.63
CA ARG CA 103 -115.09 29.16 -16.72
C ARG CA 103 -114.38 28.58 -15.50
N LEU CA 104 -114.89 27.47 -14.97
CA LEU CA 104 -114.24 26.85 -13.82
C LEU CA 104 -112.88 26.30 -14.18
N LEU CA 105 -112.72 25.78 -15.41
CA LEU CA 105 -111.53 25.02 -15.71
C LEU CA 105 -110.40 25.87 -16.26
N LEU CA 106 -110.70 26.77 -17.16
CA LEU CA 106 -109.63 27.47 -17.83
C LEU CA 106 -109.26 28.75 -17.09
N PRO CA 107 -108.03 29.22 -17.26
CA PRO CA 107 -107.63 30.48 -16.61
C PRO CA 107 -108.23 31.68 -17.32
N GLY CA 108 -108.14 32.82 -16.65
CA GLY CA 108 -108.90 34.02 -17.00
C GLY CA 108 -108.98 34.39 -18.46
N GLU CA 109 -107.86 34.80 -19.07
CA GLU CA 109 -107.88 35.20 -20.47
C GLU CA 109 -108.26 34.04 -21.37
N LEU CA 110 -107.72 32.86 -21.09
CA LEU CA 110 -108.06 31.69 -21.91
C LEU CA 110 -109.54 31.38 -21.82
N ALA CA 111 -110.10 31.42 -20.61
CA ALA CA 111 -111.52 31.16 -20.45
C ALA CA 111 -112.35 32.22 -21.15
N LYS CA 112 -111.91 33.48 -21.07
CA LYS CA 112 -112.62 34.56 -21.72
C LYS CA 112 -112.67 34.38 -23.23
N HIS CA 113 -111.52 34.08 -23.82
CA HIS CA 113 -111.48 33.86 -25.27
C HIS CA 113 -112.30 32.66 -25.66
N ALA CA 114 -112.24 31.59 -24.87
CA ALA CA 114 -112.99 30.38 -25.21
C ALA CA 114 -114.49 30.63 -25.12
N VAL CA 115 -114.94 31.37 -24.10
CA VAL CA 115 -116.35 31.70 -23.99
C VAL CA 115 -116.78 32.58 -25.14
N SER CA 116 -115.94 33.54 -25.53
CA SER CA 116 -116.23 34.36 -26.69
C SER CA 116 -116.45 33.50 -27.93
N GLU CA 117 -115.50 32.59 -28.19
CA GLU CA 117 -115.62 31.71 -29.35
C GLU CA 117 -116.88 30.87 -29.30
N GLY CA 118 -117.16 30.26 -28.14
CA GLY CA 118 -118.33 29.42 -28.03
C GLY CA 118 -119.62 30.18 -28.22
N THR CA 119 -119.72 31.37 -27.63
CA THR CA 119 -120.92 32.17 -27.81
C THR CA 119 -121.08 32.58 -29.25
N LYS CA 120 -119.99 33.01 -29.89
CA LYS CA 120 -120.04 33.37 -31.30
C LYS CA 120 -120.57 32.22 -32.14
N ALA CA 121 -120.00 31.03 -31.94
CA ALA CA 121 -120.42 29.88 -32.73
C ALA CA 121 -121.86 29.50 -32.47
N VAL CA 122 -122.29 29.55 -31.20
CA VAL CA 122 -123.66 29.19 -30.88
C VAL CA 122 -124.63 30.16 -31.53
N THR CA 123 -124.35 31.46 -31.45
CA THR CA 123 -125.24 32.43 -32.07
C THR CA 123 -125.24 32.30 -33.58
N LYS CA 124 -124.09 32.04 -34.19
CA LYS CA 124 -124.08 31.89 -35.65
C LYS CA 124 -124.83 30.64 -36.08
N TYR CA 125 -124.78 29.58 -35.28
CA TYR CA 125 -125.50 28.37 -35.63
C TYR CA 125 -126.99 28.54 -35.41
N THR CA 126 -127.36 29.27 -34.36
CA THR CA 126 -128.76 29.44 -34.03
C THR CA 126 -129.43 30.43 -34.96
N SER CA 127 -128.70 31.45 -35.41
CA SER CA 127 -129.27 32.44 -36.30
C SER CA 127 -129.69 31.81 -37.61
N ALA CA 128 -128.88 30.91 -38.15
CA ALA CA 128 -129.27 30.17 -39.33
C ALA CA 128 -130.03 28.92 -38.89
N LYS CA 129 -130.31 28.02 -39.84
CA LYS CA 129 -130.88 26.72 -39.51
C LYS CA 129 -130.75 25.78 -40.70
N THR DA 49 -66.91 21.37 -15.53
CA THR DA 49 -67.05 21.88 -16.89
C THR DA 49 -67.67 20.81 -17.77
N VAL DA 50 -67.18 19.58 -17.68
CA VAL DA 50 -67.84 18.48 -18.37
C VAL DA 50 -69.22 18.24 -17.79
N ALA DA 51 -69.41 18.55 -16.49
CA ALA DA 51 -70.73 18.44 -15.91
C ALA DA 51 -71.72 19.39 -16.59
N LEU DA 52 -71.30 20.62 -16.82
CA LEU DA 52 -72.18 21.58 -17.49
C LEU DA 52 -72.36 21.24 -18.95
N ARG DA 53 -71.31 20.74 -19.60
CA ARG DA 53 -71.45 20.28 -20.97
C ARG DA 53 -72.50 19.18 -21.07
N GLU DA 54 -72.47 18.24 -20.13
CA GLU DA 54 -73.45 17.16 -20.13
C GLU DA 54 -74.85 17.69 -19.82
N ILE DA 55 -74.96 18.65 -18.92
CA ILE DA 55 -76.27 19.22 -18.60
C ILE DA 55 -76.87 19.87 -19.85
N ARG DA 56 -76.05 20.63 -20.57
CA ARG DA 56 -76.53 21.26 -21.80
C ARG DA 56 -76.90 20.20 -22.83
N ARG DA 57 -76.11 19.13 -22.92
CA ARG DA 57 -76.36 18.10 -23.89
C ARG DA 57 -77.63 17.31 -23.59
N TYR DA 58 -77.93 17.09 -22.30
CA TYR DA 58 -79.06 16.26 -21.95
C TYR DA 58 -80.35 17.03 -21.78
N GLN DA 59 -80.29 18.35 -21.59
CA GLN DA 59 -81.51 19.11 -21.63
C GLN DA 59 -81.93 19.43 -23.05
N LYS DA 60 -81.07 19.17 -24.02
CA LYS DA 60 -81.41 19.33 -25.43
C LYS DA 60 -82.07 18.09 -26.01
N SER DA 61 -81.53 16.91 -25.73
CA SER DA 61 -82.04 15.69 -26.33
C SER DA 61 -83.29 15.21 -25.59
N THR DA 62 -84.00 14.28 -26.23
CA THR DA 62 -85.20 13.69 -25.66
C THR DA 62 -85.12 12.17 -25.57
N GLU DA 63 -84.03 11.56 -26.02
CA GLU DA 63 -83.94 10.12 -26.08
C GLU DA 63 -83.83 9.50 -24.68
N LEU DA 64 -84.35 8.28 -24.56
CA LEU DA 64 -84.42 7.61 -23.27
C LEU DA 64 -83.01 7.30 -22.76
N LEU DA 65 -82.76 7.59 -21.49
CA LEU DA 65 -81.43 7.49 -20.92
C LEU DA 65 -81.17 6.17 -20.22
N ILE DA 66 -82.17 5.30 -20.11
CA ILE DA 66 -82.01 3.96 -19.57
C ILE DA 66 -82.00 2.96 -20.73
N ARG DA 67 -81.13 1.96 -20.62
CA ARG DA 67 -81.09 0.88 -21.59
C ARG DA 67 -82.35 0.04 -21.51
N LYS DA 68 -82.79 -0.45 -22.66
CA LYS DA 68 -84.14 -0.98 -22.76
C LYS DA 68 -84.25 -2.32 -22.04
N LEU DA 69 -83.30 -3.20 -22.32
CA LEU DA 69 -83.33 -4.55 -21.75
C LEU DA 69 -83.24 -4.55 -20.23
N PRO DA 70 -82.34 -3.78 -19.59
CA PRO DA 70 -82.37 -3.74 -18.12
C PRO DA 70 -83.69 -3.30 -17.56
N PHE DA 71 -84.33 -2.31 -18.20
CA PHE DA 71 -85.61 -1.83 -17.69
C PHE DA 71 -86.69 -2.88 -17.89
N GLN DA 72 -86.64 -3.60 -19.01
CA GLN DA 72 -87.60 -4.67 -19.23
C GLN DA 72 -87.43 -5.79 -18.21
N ARG DA 73 -86.18 -6.17 -17.94
CA ARG DA 73 -85.91 -7.19 -16.94
C ARG DA 73 -86.35 -6.75 -15.55
N LEU DA 74 -86.14 -5.48 -15.20
CA LEU DA 74 -86.60 -4.98 -13.92
C LEU DA 74 -88.13 -5.02 -13.83
N VAL DA 75 -88.80 -4.63 -14.91
CA VAL DA 75 -90.25 -4.63 -14.92
C VAL DA 75 -90.79 -6.04 -14.75
N ARG DA 76 -90.20 -6.99 -15.47
CA ARG DA 76 -90.66 -8.38 -15.36
C ARG DA 76 -90.36 -8.95 -13.99
N GLU DA 77 -89.21 -8.61 -13.40
CA GLU DA 77 -88.90 -9.06 -12.05
C GLU DA 77 -89.93 -8.55 -11.06
N ILE DA 78 -90.28 -7.27 -11.16
CA ILE DA 78 -91.27 -6.70 -10.25
C ILE DA 78 -92.62 -7.34 -10.48
N ALA DA 79 -93.04 -7.47 -11.74
CA ALA DA 79 -94.36 -7.98 -12.06
C ALA DA 79 -94.51 -9.44 -11.63
N GLN DA 80 -93.42 -10.19 -11.64
CA GLN DA 80 -93.48 -11.60 -11.28
C GLN DA 80 -93.87 -11.81 -9.83
N ASP DA 81 -93.83 -10.77 -9.00
CA ASP DA 81 -94.25 -10.88 -7.62
C ASP DA 81 -95.75 -10.67 -7.42
N PHE DA 82 -96.50 -10.36 -8.47
CA PHE DA 82 -97.95 -10.24 -8.34
C PHE DA 82 -98.72 -11.32 -9.09
N LYS DA 83 -98.20 -11.80 -10.21
CA LYS DA 83 -98.86 -12.86 -10.97
C LYS DA 83 -97.88 -13.45 -11.96
N THR DA 84 -97.71 -14.76 -11.92
CA THR DA 84 -96.78 -15.41 -12.83
C THR DA 84 -97.41 -15.52 -14.22
N ASP DA 85 -96.53 -15.65 -15.22
CA ASP DA 85 -96.90 -15.69 -16.63
C ASP DA 85 -97.76 -14.49 -17.02
N LEU DA 86 -97.15 -13.32 -16.91
CA LEU DA 86 -97.73 -12.07 -17.38
C LEU DA 86 -97.00 -11.64 -18.65
N ARG DA 87 -97.73 -11.08 -19.60
CA ARG DA 87 -97.13 -10.55 -20.81
C ARG DA 87 -97.28 -9.04 -20.89
N PHE DA 88 -96.29 -8.40 -21.50
CA PHE DA 88 -96.25 -6.95 -21.63
C PHE DA 88 -96.10 -6.59 -23.10
N GLN DA 89 -97.01 -5.77 -23.60
CA GLN DA 89 -96.77 -5.13 -24.88
C GLN DA 89 -95.57 -4.20 -24.80
N SER DA 90 -94.79 -4.16 -25.88
CA SER DA 90 -93.62 -3.29 -25.91
C SER DA 90 -93.98 -1.84 -25.64
N ALA DA 91 -95.17 -1.42 -26.06
CA ALA DA 91 -95.60 -0.04 -25.81
C ALA DA 91 -95.85 0.20 -24.33
N ALA DA 92 -96.25 -0.84 -23.60
CA ALA DA 92 -96.43 -0.70 -22.16
C ALA DA 92 -95.09 -0.42 -21.48
N ILE DA 93 -94.06 -1.17 -21.86
CA ILE DA 93 -92.72 -0.92 -21.32
C ILE DA 93 -92.23 0.46 -21.73
N GLY DA 94 -92.48 0.88 -22.97
CA GLY DA 94 -92.06 2.20 -23.39
C GLY DA 94 -92.73 3.30 -22.59
N ALA DA 95 -94.04 3.18 -22.37
CA ALA DA 95 -94.77 4.15 -21.58
C ALA DA 95 -94.27 4.18 -20.15
N LEU DA 96 -94.01 3.00 -19.58
CA LEU DA 96 -93.48 2.94 -18.22
C LEU DA 96 -92.13 3.62 -18.14
N GLN DA 97 -91.29 3.44 -19.14
CA GLN DA 97 -89.97 4.05 -19.10
C GLN DA 97 -90.07 5.56 -19.23
N GLU DA 98 -90.94 6.04 -20.12
CA GLU DA 98 -91.14 7.48 -20.24
C GLU DA 98 -91.63 8.08 -18.94
N ALA DA 99 -92.64 7.45 -18.32
CA ALA DA 99 -93.17 7.98 -17.08
C ALA DA 99 -92.14 7.95 -15.97
N SER DA 100 -91.36 6.87 -15.88
CA SER DA 100 -90.38 6.74 -14.82
C SER DA 100 -89.27 7.77 -14.98
N GLU DA 101 -88.81 7.99 -16.21
CA GLU DA 101 -87.76 8.99 -16.39
C GLU DA 101 -88.30 10.40 -16.14
N ALA DA 102 -89.52 10.69 -16.58
CA ALA DA 102 -90.08 12.02 -16.32
C ALA DA 102 -90.23 12.26 -14.83
N TYR DA 103 -90.69 11.25 -14.10
CA TYR DA 103 -90.81 11.34 -12.66
C TYR DA 103 -89.45 11.58 -12.02
N LEU DA 104 -88.46 10.81 -12.42
CA LEU DA 104 -87.15 10.92 -11.81
C LEU DA 104 -86.51 12.26 -12.12
N VAL DA 105 -86.75 12.81 -13.31
CA VAL DA 105 -86.17 14.11 -13.65
C VAL DA 105 -86.84 15.21 -12.83
N GLY DA 106 -88.17 15.15 -12.68
CA GLY DA 106 -88.82 16.13 -11.81
C GLY DA 106 -88.33 16.03 -10.38
N LEU DA 107 -88.14 14.81 -9.90
CA LEU DA 107 -87.63 14.64 -8.54
C LEU DA 107 -86.22 15.18 -8.41
N PHE DA 108 -85.39 14.99 -9.43
CA PHE DA 108 -84.04 15.52 -9.38
C PHE DA 108 -84.02 17.03 -9.44
N GLU DA 109 -85.00 17.62 -10.13
CA GLU DA 109 -85.11 19.08 -10.14
C GLU DA 109 -85.48 19.61 -8.75
N ASP DA 110 -86.46 18.98 -8.11
CA ASP DA 110 -86.78 19.38 -6.74
C ASP DA 110 -85.60 19.17 -5.80
N THR DA 111 -84.88 18.06 -5.97
CA THR DA 111 -83.70 17.80 -5.13
C THR DA 111 -82.65 18.87 -5.34
N ASN DA 112 -82.43 19.27 -6.59
CA ASN DA 112 -81.48 20.33 -6.88
C ASN DA 112 -81.91 21.65 -6.24
N LEU DA 113 -83.21 21.94 -6.27
CA LEU DA 113 -83.70 23.13 -5.61
C LEU DA 113 -83.42 23.09 -4.12
N CYS DA 114 -83.68 21.94 -3.48
CA CYS DA 114 -83.40 21.81 -2.05
C CYS DA 114 -81.92 21.99 -1.76
N ALA DA 115 -81.07 21.38 -2.58
CA ALA DA 115 -79.64 21.45 -2.36
C ALA DA 115 -79.15 22.89 -2.48
N ILE DA 116 -79.66 23.62 -3.47
CA ILE DA 116 -79.27 25.01 -3.62
C ILE DA 116 -79.81 25.83 -2.47
N HIS DA 117 -81.00 25.50 -1.98
CA HIS DA 117 -81.52 26.18 -0.81
C HIS DA 117 -80.59 26.00 0.38
N ALA DA 118 -80.06 24.78 0.56
CA ALA DA 118 -79.18 24.64 1.72
C ALA DA 118 -77.82 25.29 1.53
N LYS DA 119 -77.55 25.97 0.39
CA LYS DA 119 -76.23 26.37 -0.13
C LYS DA 119 -75.23 25.20 -0.28
N ARG DA 120 -75.63 24.19 -1.06
CA ARG DA 120 -74.75 23.11 -1.57
C ARG DA 120 -74.90 22.89 -3.08
N VAL DA 121 -73.81 22.55 -3.73
CA VAL DA 121 -73.80 22.06 -5.13
C VAL DA 121 -74.17 20.57 -5.18
N THR DA 122 -73.80 19.80 -4.15
CA THR DA 122 -73.94 18.34 -4.06
C THR DA 122 -75.30 17.95 -3.49
N ILE DA 123 -76.05 17.14 -4.24
CA ILE DA 123 -77.31 16.58 -3.77
C ILE DA 123 -77.04 15.38 -2.88
N MET DA 124 -77.81 15.25 -1.82
CA MET DA 124 -77.58 14.27 -0.77
C MET DA 124 -78.89 13.50 -0.52
N PRO DA 125 -78.84 12.29 0.05
CA PRO DA 125 -80.07 11.55 0.34
C PRO DA 125 -81.05 12.30 1.23
N LYS DA 126 -80.55 13.12 2.16
CA LYS DA 126 -81.45 13.91 2.98
C LYS DA 126 -82.21 14.94 2.16
N ASP DA 127 -81.59 15.43 1.08
CA ASP DA 127 -82.30 16.33 0.18
C ASP DA 127 -83.46 15.60 -0.50
N ILE DA 128 -83.21 14.37 -0.97
CA ILE DA 128 -84.26 13.60 -1.60
C ILE DA 128 -85.39 13.33 -0.62
N GLN DA 129 -85.04 12.94 0.60
CA GLN DA 129 -86.07 12.64 1.59
C GLN DA 129 -86.88 13.87 1.92
N LEU DA 130 -86.22 15.03 2.01
CA LEU DA 130 -86.95 16.26 2.27
C LEU DA 130 -87.88 16.62 1.12
N ALA DA 131 -87.40 16.48 -0.11
CA ALA DA 131 -88.24 16.79 -1.26
C ALA DA 131 -89.44 15.86 -1.33
N ARG DA 132 -89.24 14.57 -1.05
CA ARG DA 132 -90.35 13.62 -1.11
C ARG DA 132 -91.32 13.86 0.04
N ARG DA 133 -90.81 14.31 1.18
CA ARG DA 133 -91.71 14.64 2.32
C ARG DA 133 -92.53 15.89 2.00
N ILE DA 134 -91.90 16.90 1.41
CA ILE DA 134 -92.61 18.14 1.13
C ILE DA 134 -93.63 17.92 0.02
N ARG DA 135 -93.30 17.10 -0.97
CA ARG DA 135 -94.29 16.79 -2.00
C ARG DA 135 -95.51 16.12 -1.38
N GLY DA 136 -95.31 15.36 -0.32
CA GLY DA 136 -96.36 14.55 0.25
C GLY DA 136 -96.30 13.11 -0.18
N GLU DA 137 -95.10 12.57 -0.43
CA GLU DA 137 -94.95 11.20 -0.90
C GLU DA 137 -94.52 10.27 0.21
N ARG DA 138 -93.52 10.66 0.99
CA ARG DA 138 -93.22 10.01 2.25
C ARG DA 138 -93.96 10.71 3.38
N ASN EA 29 -82.17 -7.61 -10.81
CA ASN EA 29 -82.48 -6.80 -11.97
C ASN EA 29 -82.54 -5.32 -11.62
N ILE EA 30 -82.45 -5.02 -10.33
CA ILE EA 30 -82.39 -3.62 -9.92
C ILE EA 30 -80.98 -3.04 -10.05
N GLN EA 31 -80.01 -3.92 -10.28
CA GLN EA 31 -78.61 -3.46 -10.49
C GLN EA 31 -78.48 -2.93 -11.92
N GLY EA 32 -79.42 -3.30 -12.80
CA GLY EA 32 -79.35 -2.86 -14.18
C GLY EA 32 -79.45 -1.36 -14.36
N ILE EA 33 -79.97 -0.66 -13.35
CA ILE EA 33 -79.96 0.80 -13.37
C ILE EA 33 -78.60 1.29 -12.90
N THR EA 34 -77.67 1.42 -13.84
CA THR EA 34 -76.28 1.66 -13.47
C THR EA 34 -76.09 3.08 -12.98
N LYS EA 35 -74.91 3.31 -12.40
CA LYS EA 35 -74.55 4.64 -11.92
C LYS EA 35 -74.52 5.68 -13.05
N PRO EA 36 -73.93 5.40 -14.21
CA PRO EA 36 -74.00 6.39 -15.30
C PRO EA 36 -75.40 6.77 -15.72
N ALA EA 37 -76.37 5.85 -15.63
CA ALA EA 37 -77.73 6.21 -16.02
C ALA EA 37 -78.34 7.20 -15.04
N ILE EA 38 -78.10 6.99 -13.75
CA ILE EA 38 -78.57 7.94 -12.75
C ILE EA 38 -77.85 9.28 -12.90
N ARG EA 39 -76.56 9.24 -13.24
CA ARG EA 39 -75.84 10.47 -13.51
C ARG EA 39 -76.44 11.22 -14.70
N ARG EA 40 -76.80 10.48 -15.75
CA ARG EA 40 -77.41 11.11 -16.92
C ARG EA 40 -78.74 11.75 -16.58
N LEU EA 41 -79.56 11.04 -15.80
CA LEU EA 41 -80.85 11.59 -15.38
C LEU EA 41 -80.67 12.83 -14.50
N ALA EA 42 -79.63 12.84 -13.67
CA ALA EA 42 -79.40 14.03 -12.86
C ALA EA 42 -78.87 15.19 -13.69
N ARG EA 43 -78.07 14.89 -14.72
CA ARG EA 43 -77.58 15.97 -15.58
C ARG EA 43 -78.69 16.57 -16.41
N ARG EA 44 -79.64 15.76 -16.89
CA ARG EA 44 -80.77 16.37 -17.57
C ARG EA 44 -81.64 17.15 -16.59
N GLY EA 45 -81.62 16.78 -15.31
CA GLY EA 45 -82.28 17.56 -14.28
C GLY EA 45 -81.49 18.74 -13.76
N GLY EA 46 -80.31 18.98 -14.31
CA GLY EA 46 -79.53 20.14 -13.94
C GLY EA 46 -78.66 19.99 -12.72
N VAL EA 47 -78.39 18.76 -12.28
CA VAL EA 47 -77.62 18.54 -11.06
C VAL EA 47 -76.14 18.56 -11.40
N LYS EA 48 -75.34 19.35 -10.68
CA LYS EA 48 -73.90 19.56 -10.98
C LYS EA 48 -72.96 18.62 -10.21
N ARG EA 49 -73.28 18.23 -8.96
CA ARG EA 49 -72.49 17.27 -8.15
C ARG EA 49 -73.41 16.29 -7.41
N ILE EA 50 -72.99 15.03 -7.31
CA ILE EA 50 -73.82 13.92 -6.86
C ILE EA 50 -73.08 13.17 -5.77
N SER EA 51 -73.76 12.91 -4.66
CA SER EA 51 -73.20 12.09 -3.58
C SER EA 51 -73.12 10.63 -4.02
N GLY EA 52 -72.62 9.78 -3.12
CA GLY EA 52 -72.43 8.39 -3.47
C GLY EA 52 -73.60 7.52 -3.08
N LEU EA 53 -74.45 8.01 -2.17
CA LEU EA 53 -75.62 7.26 -1.75
C LEU EA 53 -76.85 7.59 -2.58
N ILE EA 54 -76.73 8.60 -3.45
CA ILE EA 54 -77.84 9.02 -4.27
C ILE EA 54 -78.31 7.87 -5.16
N TYR EA 55 -77.38 7.00 -5.56
CA TYR EA 55 -77.74 5.93 -6.47
C TYR EA 55 -78.65 4.91 -5.81
N GLU EA 56 -78.31 4.49 -4.60
CA GLU EA 56 -79.17 3.57 -3.87
C GLU EA 56 -80.49 4.23 -3.51
N GLU EA 57 -80.44 5.51 -3.11
CA GLU EA 57 -81.68 6.20 -2.77
C GLU EA 57 -82.61 6.25 -3.98
N THR EA 58 -82.06 6.55 -5.15
CA THR EA 58 -82.84 6.64 -6.36
C THR EA 58 -83.39 5.28 -6.77
N ARG EA 59 -82.59 4.23 -6.60
CA ARG EA 59 -83.08 2.89 -6.89
C ARG EA 59 -84.26 2.54 -6.00
N GLY EA 60 -84.19 2.88 -4.72
CA GLY EA 60 -85.33 2.63 -3.84
C GLY EA 60 -86.58 3.40 -4.26
N VAL EA 61 -86.40 4.67 -4.59
CA VAL EA 61 -87.54 5.50 -4.97
C VAL EA 61 -88.18 4.98 -6.24
N LEU EA 62 -87.35 4.63 -7.23
CA LEU EA 62 -87.85 4.10 -8.49
C LEU EA 62 -88.57 2.78 -8.26
N LYS EA 63 -88.02 1.94 -7.39
CA LYS EA 63 -88.68 0.67 -7.11
C LYS EA 63 -90.06 0.89 -6.51
N VAL EA 64 -90.19 1.84 -5.59
CA VAL EA 64 -91.50 2.11 -4.99
C VAL EA 64 -92.48 2.60 -6.06
N PHE EA 65 -92.05 3.55 -6.88
CA PHE EA 65 -92.91 4.08 -7.94
C PHE EA 65 -93.37 2.98 -8.88
N LEU EA 66 -92.43 2.17 -9.36
CA LEU EA 66 -92.77 1.13 -10.30
C LEU EA 66 -93.66 0.08 -9.66
N GLU EA 67 -93.43 -0.22 -8.39
CA GLU EA 67 -94.26 -1.18 -7.70
C GLU EA 67 -95.72 -0.74 -7.69
N ASN EA 68 -95.94 0.52 -7.33
CA ASN EA 68 -97.31 1.03 -7.30
C ASN EA 68 -97.94 1.02 -8.69
N VAL EA 69 -97.21 1.50 -9.68
CA VAL EA 69 -97.79 1.62 -11.01
C VAL EA 69 -98.09 0.25 -11.61
N ILE EA 70 -97.17 -0.69 -11.45
CA ILE EA 70 -97.38 -2.01 -12.02
C ILE EA 70 -98.48 -2.75 -11.27
N ARG EA 71 -98.61 -2.50 -9.96
CA ARG EA 71 -99.70 -3.11 -9.22
C ARG EA 71 -101.05 -2.63 -9.74
N ASP EA 72 -101.17 -1.32 -9.99
CA ASP EA 72 -102.42 -0.82 -10.55
C ASP EA 72 -102.67 -1.39 -11.95
N ALA EA 73 -101.63 -1.45 -12.77
CA ALA EA 73 -101.80 -1.97 -14.12
C ALA EA 73 -102.24 -3.43 -14.09
N VAL EA 74 -101.65 -4.23 -13.22
CA VAL EA 74 -102.01 -5.63 -13.14
C VAL EA 74 -103.41 -5.78 -12.60
N THR EA 75 -103.84 -4.88 -11.71
CA THR EA 75 -105.23 -4.90 -11.27
C THR EA 75 -106.17 -4.68 -12.47
N TYR EA 76 -105.86 -3.68 -13.29
CA TYR EA 76 -106.67 -3.44 -14.49
C TYR EA 76 -106.69 -4.65 -15.39
N THR EA 77 -105.52 -5.27 -15.60
CA THR EA 77 -105.45 -6.42 -16.50
C THR EA 77 -106.28 -7.59 -15.98
N GLU EA 78 -106.10 -7.94 -14.70
CA GLU EA 78 -106.90 -9.01 -14.11
C GLU EA 78 -108.38 -8.72 -14.23
N HIS EA 79 -108.80 -7.47 -14.01
CA HIS EA 79 -110.21 -7.15 -14.16
C HIS EA 79 -110.65 -7.39 -15.59
N ALA EA 80 -109.83 -6.96 -16.56
CA ALA EA 80 -110.19 -7.21 -17.95
C ALA EA 80 -110.06 -8.68 -18.34
N LYS EA 81 -109.69 -9.55 -17.40
CA LYS EA 81 -109.59 -10.99 -17.65
C LYS EA 81 -108.57 -11.29 -18.74
N ARG EA 82 -107.43 -10.61 -18.69
CA ARG EA 82 -106.35 -10.81 -19.64
C ARG EA 82 -105.12 -11.37 -18.96
N LYS EA 83 -104.22 -11.92 -19.77
CA LYS EA 83 -102.92 -12.36 -19.30
C LYS EA 83 -101.78 -11.48 -19.82
N THR EA 84 -102.09 -10.52 -20.68
CA THR EA 84 -101.12 -9.60 -21.24
C THR EA 84 -101.40 -8.20 -20.72
N VAL EA 85 -100.36 -7.47 -20.37
CA VAL EA 85 -100.50 -6.08 -19.92
C VAL EA 85 -100.39 -5.13 -21.11
N THR EA 86 -101.47 -4.43 -21.40
CA THR EA 86 -101.56 -3.56 -22.56
C THR EA 86 -101.06 -2.16 -22.21
N ALA EA 87 -100.98 -1.30 -23.22
CA ALA EA 87 -100.63 0.10 -22.98
C ALA EA 87 -101.80 0.85 -22.36
N MET EA 88 -103.03 0.40 -22.59
CA MET EA 88 -104.18 1.06 -21.99
C MET EA 88 -104.19 0.89 -20.48
N ASP EA 89 -103.76 -0.26 -19.98
CA ASP EA 89 -103.69 -0.46 -18.54
C ASP EA 89 -102.70 0.50 -17.91
N VAL EA 90 -101.53 0.66 -18.53
CA VAL EA 90 -100.54 1.58 -18.01
C VAL EA 90 -101.07 3.01 -18.05
N VAL EA 91 -101.76 3.38 -19.13
CA VAL EA 91 -102.24 4.75 -19.25
C VAL EA 91 -103.31 5.03 -18.22
N TYR EA 92 -104.23 4.09 -18.01
CA TYR EA 92 -105.24 4.27 -16.97
C TYR EA 92 -104.65 4.25 -15.58
N ALA EA 93 -103.60 3.46 -15.37
CA ALA EA 93 -102.97 3.44 -14.05
C ALA EA 93 -102.26 4.75 -13.77
N LEU EA 94 -101.69 5.38 -14.80
CA LEU EA 94 -101.06 6.67 -14.60
C LEU EA 94 -102.11 7.77 -14.41
N LYS EA 95 -103.22 7.68 -15.13
CA LYS EA 95 -104.34 8.60 -14.90
C LYS EA 95 -104.90 8.44 -13.50
N ARG EA 96 -104.84 7.22 -12.96
CA ARG EA 96 -105.26 6.96 -11.60
C ARG EA 96 -104.36 7.70 -10.61
N GLN EA 97 -103.04 7.66 -10.83
CA GLN EA 97 -102.12 8.38 -9.96
C GLN EA 97 -102.15 9.88 -10.18
N GLY EA 98 -102.59 10.34 -11.34
CA GLY EA 98 -102.51 11.75 -11.65
C GLY EA 98 -101.35 12.12 -12.53
N ARG EA 99 -100.75 11.14 -13.20
CA ARG EA 99 -99.56 11.32 -14.01
C ARG EA 99 -99.88 11.21 -15.49
N THR EA 100 -101.01 11.82 -15.89
CA THR EA 100 -101.54 11.72 -17.24
C THR EA 100 -100.46 11.77 -18.30
N LEU EA 101 -100.47 10.78 -19.20
CA LEU EA 101 -99.47 10.64 -20.25
C LEU EA 101 -100.15 10.77 -21.61
N TYR EA 102 -99.58 11.59 -22.46
CA TYR EA 102 -100.09 11.79 -23.81
C TYR EA 102 -99.22 11.04 -24.80
N GLY EA 103 -99.85 10.50 -25.84
CA GLY EA 103 -99.12 9.93 -26.95
C GLY EA 103 -99.08 8.41 -26.96
N PHE EA 104 -99.91 7.78 -26.13
CA PHE EA 104 -99.95 6.29 -26.08
C PHE EA 104 -101.38 5.77 -26.26
N GLY EA 105 -102.26 6.57 -26.87
CA GLY EA 105 -103.61 6.16 -27.16
C GLY EA 105 -104.65 6.68 -26.20
N GLY EA 106 -104.28 7.52 -25.26
CA GLY EA 106 -105.21 8.08 -24.30
C GLY EA 106 -106.32 8.89 -24.93
N ALA FA 18 -137.07 -12.51 6.64
CA ALA FA 18 -136.18 -11.37 6.39
C ALA FA 18 -136.64 -10.55 5.20
N LYS FA 19 -137.43 -9.52 5.47
CA LYS FA 19 -138.04 -8.73 4.40
C LYS FA 19 -137.00 -7.80 3.78
N THR FA 20 -136.40 -6.93 4.59
CA THR FA 20 -135.45 -5.97 4.08
C THR FA 20 -134.24 -6.71 3.51
N ARG FA 21 -133.67 -6.14 2.45
CA ARG FA 21 -132.52 -6.79 1.84
C ARG FA 21 -131.29 -6.74 2.74
N SER FA 22 -131.25 -5.79 3.68
CA SER FA 22 -130.15 -5.76 4.63
C SER FA 22 -130.16 -7.00 5.52
N SER FA 23 -131.35 -7.42 5.95
CA SER FA 23 -131.47 -8.61 6.78
C SER FA 23 -131.03 -9.86 6.02
N ARG FA 24 -131.42 -9.96 4.75
CA ARG FA 24 -131.07 -11.12 3.95
C ARG FA 24 -129.58 -11.22 3.71
N ALA FA 25 -128.85 -10.13 3.96
CA ALA FA 25 -127.40 -10.08 3.83
C ALA FA 25 -126.71 -9.90 5.17
N GLY FA 26 -127.47 -9.76 6.25
CA GLY FA 26 -126.91 -9.58 7.58
C GLY FA 26 -126.18 -8.26 7.74
N LEU FA 27 -126.71 -7.20 7.16
CA LEU FA 27 -126.08 -5.89 7.16
C LEU FA 27 -126.91 -4.92 7.98
N GLN FA 28 -126.30 -3.78 8.30
CA GLN FA 28 -126.97 -2.67 8.96
C GLN FA 28 -127.23 -1.49 8.06
N PHE FA 29 -126.43 -1.31 7.01
CA PHE FA 29 -126.65 -0.24 6.06
C PHE FA 29 -127.82 -0.59 5.14
N PRO FA 30 -128.46 0.42 4.53
CA PRO FA 30 -129.65 0.15 3.71
C PRO FA 30 -129.26 -0.28 2.29
N VAL FA 31 -129.56 -1.53 1.96
CA VAL FA 31 -129.35 -2.00 0.60
C VAL FA 31 -130.24 -1.27 -0.39
N GLY FA 32 -131.51 -1.05 -0.02
CA GLY FA 32 -132.43 -0.41 -0.94
C GLY FA 32 -132.05 1.03 -1.28
N ARG FA 33 -131.62 1.79 -0.28
CA ARG FA 33 -131.21 3.17 -0.56
C ARG FA 33 -129.98 3.20 -1.45
N VAL FA 34 -129.01 2.33 -1.19
CA VAL FA 34 -127.82 2.27 -2.02
C VAL FA 34 -128.17 1.88 -3.44
N HIS FA 35 -129.13 0.96 -3.59
CA HIS FA 35 -129.61 0.57 -4.91
C HIS FA 35 -130.25 1.74 -5.63
N ARG FA 36 -131.10 2.50 -4.92
CA ARG FA 36 -131.73 3.65 -5.52
C ARG FA 36 -130.72 4.71 -5.93
N LEU FA 37 -129.71 4.95 -5.09
CA LEU FA 37 -128.70 5.95 -5.41
C LEU FA 37 -127.82 5.51 -6.56
N LEU FA 38 -127.55 4.21 -6.66
CA LEU FA 38 -126.76 3.70 -7.77
C LEU FA 38 -127.55 3.79 -9.07
N ARG FA 39 -128.87 3.58 -9.00
CA ARG FA 39 -129.68 3.69 -10.19
C ARG FA 39 -129.95 5.15 -10.53
N LYS FA 40 -130.60 5.86 -9.59
CA LYS FA 40 -130.90 7.30 -9.81
C LYS FA 40 -129.62 8.12 -9.54
N GLY FA 41 -128.49 7.72 -10.14
CA GLY FA 41 -127.23 8.46 -9.96
C GLY FA 41 -126.47 8.61 -11.26
N ASN FA 42 -126.98 8.02 -12.34
CA ASN FA 42 -126.36 8.10 -13.66
C ASN FA 42 -124.91 7.63 -13.58
N TYR FA 43 -124.75 6.33 -13.31
CA TYR FA 43 -123.39 5.74 -13.31
C TYR FA 43 -123.27 4.75 -14.48
N SER FA 44 -124.29 3.90 -14.67
CA SER FA 44 -124.24 2.93 -15.75
C SER FA 44 -125.65 2.55 -16.13
N GLU FA 45 -125.78 1.96 -17.33
CA GLU FA 45 -127.12 1.62 -17.83
C GLU FA 45 -127.81 0.62 -16.93
N ARG FA 46 -127.06 -0.34 -16.40
CA ARG FA 46 -127.62 -1.40 -15.59
C ARG FA 46 -126.82 -1.54 -14.30
N VAL FA 47 -127.45 -2.13 -13.30
CA VAL FA 47 -126.83 -2.38 -12.01
C VAL FA 47 -127.07 -3.84 -11.66
N GLY FA 48 -126.07 -4.48 -11.06
CA GLY FA 48 -126.22 -5.88 -10.69
C GLY FA 48 -127.19 -6.07 -9.55
N ALA FA 49 -127.16 -7.26 -8.93
CA ALA FA 49 -127.93 -7.50 -7.72
C ALA FA 49 -127.06 -7.56 -6.47
N GLY FA 50 -125.78 -7.89 -6.59
CA GLY FA 50 -124.88 -7.95 -5.47
C GLY FA 50 -123.91 -6.80 -5.35
N ALA FA 51 -123.92 -5.88 -6.30
CA ALA FA 51 -123.08 -4.69 -6.17
C ALA FA 51 -123.53 -3.83 -4.99
N PRO FA 52 -124.82 -3.51 -4.82
CA PRO FA 52 -125.21 -2.77 -3.61
C PRO FA 52 -124.87 -3.52 -2.34
N VAL FA 53 -125.03 -4.84 -2.33
CA VAL FA 53 -124.73 -5.62 -1.13
C VAL FA 53 -123.25 -5.51 -0.81
N TYR FA 54 -122.41 -5.66 -1.83
CA TYR FA 54 -120.97 -5.65 -1.62
C TYR FA 54 -120.53 -4.28 -1.12
N LEU FA 55 -121.05 -3.23 -1.73
CA LEU FA 55 -120.68 -1.87 -1.35
C LEU FA 55 -121.16 -1.54 0.07
N ALA FA 56 -122.38 -1.95 0.42
CA ALA FA 56 -122.85 -1.72 1.77
C ALA FA 56 -121.99 -2.47 2.79
N ALA FA 57 -121.59 -3.70 2.47
CA ALA FA 57 -120.72 -4.44 3.37
C ALA FA 57 -119.39 -3.72 3.56
N VAL FA 58 -118.81 -3.22 2.47
CA VAL FA 58 -117.54 -2.52 2.56
C VAL FA 58 -117.70 -1.25 3.40
N LEU FA 59 -118.77 -0.50 3.17
CA LEU FA 59 -118.97 0.74 3.90
C LEU FA 59 -119.17 0.48 5.38
N GLU FA 60 -119.97 -0.53 5.73
CA GLU FA 60 -120.16 -0.86 7.13
C GLU FA 60 -118.86 -1.31 7.78
N TYR FA 61 -118.06 -2.11 7.07
CA TYR FA 61 -116.78 -2.53 7.61
C TYR FA 61 -115.87 -1.35 7.87
N LEU FA 62 -115.82 -0.41 6.93
CA LEU FA 62 -114.92 0.73 7.09
C LEU FA 62 -115.37 1.64 8.24
N THR FA 63 -116.68 1.84 8.37
CA THR FA 63 -117.16 2.65 9.48
C THR FA 63 -116.86 1.97 10.81
N ALA FA 64 -117.00 0.65 10.88
CA ALA FA 64 -116.65 -0.05 12.11
C ALA FA 64 -115.16 0.10 12.41
N GLU FA 65 -114.34 -0.01 11.36
CA GLU FA 65 -112.90 0.15 11.51
C GLU FA 65 -112.56 1.50 12.11
N ILE FA 66 -113.20 2.56 11.60
CA ILE FA 66 -112.92 3.90 12.10
C ILE FA 66 -113.44 4.08 13.51
N LEU FA 67 -114.65 3.58 13.78
CA LEU FA 67 -115.25 3.80 15.08
C LEU FA 67 -114.51 3.04 16.19
N GLU FA 68 -113.90 1.91 15.87
CA GLU FA 68 -113.08 1.24 16.88
C GLU FA 68 -111.96 2.14 17.37
N LEU FA 69 -111.20 2.72 16.43
CA LEU FA 69 -110.07 3.54 16.83
C LEU FA 69 -110.52 4.85 17.44
N ALA FA 70 -111.66 5.38 16.99
CA ALA FA 70 -112.17 6.60 17.59
C ALA FA 70 -112.62 6.34 19.03
N GLY FA 71 -113.25 5.18 19.27
CA GLY FA 71 -113.58 4.81 20.64
C GLY FA 71 -112.35 4.62 21.50
N ASN FA 72 -111.32 3.99 20.95
CA ASN FA 72 -110.06 3.85 21.67
C ASN FA 72 -109.49 5.22 22.06
N ALA FA 73 -109.46 6.15 21.11
CA ALA FA 73 -108.91 7.46 21.40
C ALA FA 73 -109.77 8.23 22.40
N ALA FA 74 -111.09 8.08 22.34
CA ALA FA 74 -111.94 8.76 23.31
C ALA FA 74 -111.84 8.15 24.69
N ARG FA 75 -111.50 6.86 24.76
CA ARG FA 75 -111.30 6.19 26.03
C ARG FA 75 -109.93 6.48 26.60
N ASP FA 76 -108.95 6.81 25.75
CA ASP FA 76 -107.66 7.23 26.25
C ASP FA 76 -107.69 8.65 26.79
N ASN FA 77 -108.71 9.41 26.45
CA ASN FA 77 -108.89 10.76 26.97
C ASN FA 77 -110.00 10.82 28.02
N LYS FA 78 -110.41 9.65 28.51
CA LYS FA 78 -111.43 9.55 29.57
C LYS FA 78 -112.72 10.27 29.17
N LYS FA 79 -113.13 10.10 27.91
CA LYS FA 79 -114.34 10.75 27.42
C LYS FA 79 -115.32 9.73 26.89
N THR FA 80 -116.61 9.97 27.15
CA THR FA 80 -117.66 9.06 26.71
C THR FA 80 -118.17 9.39 25.31
N ARG FA 81 -118.09 10.66 24.91
CA ARG FA 81 -118.60 11.17 23.63
C ARG FA 81 -117.46 11.33 22.60
N ILE FA 82 -117.60 10.78 21.39
CA ILE FA 82 -116.63 10.95 20.32
C ILE FA 82 -116.82 12.32 19.70
N ILE FA 83 -115.72 13.07 19.58
CA ILE FA 83 -115.77 14.40 18.99
C ILE FA 83 -114.83 14.44 17.79
N PRO FA 84 -114.86 15.51 16.99
CA PRO FA 84 -113.95 15.58 15.84
C PRO FA 84 -112.49 15.39 16.19
N ARG FA 85 -112.12 15.77 17.42
CA ARG FA 85 -110.72 15.59 17.88
C ARG FA 85 -110.35 14.11 17.83
N HIS FA 86 -111.24 13.22 18.28
CA HIS FA 86 -110.93 11.80 18.33
C HIS FA 86 -110.92 11.19 16.94
N LEU FA 87 -111.79 11.67 16.06
CA LEU FA 87 -111.75 11.23 14.66
C LEU FA 87 -110.45 11.64 13.99
N SER GA 36 -139.47 18.58 5.09
CA SER GA 36 -138.58 17.84 4.21
C SER GA 36 -137.85 16.75 4.96
N ARG GA 37 -137.80 15.55 4.38
CA ARG GA 37 -137.11 14.41 4.97
C ARG GA 37 -135.73 14.32 4.36
N LYS GA 38 -134.72 14.79 5.09
CA LYS GA 38 -133.34 14.74 4.64
C LYS GA 38 -132.74 13.38 5.00
N GLU GA 39 -131.95 12.82 4.09
CA GLU GA 39 -131.36 11.51 4.28
C GLU GA 39 -129.92 11.61 4.76
N SER GA 40 -129.59 10.81 5.77
CA SER GA 40 -128.27 10.77 6.36
C SER GA 40 -128.06 9.37 6.92
N TYR GA 41 -126.79 9.03 7.17
CA TYR GA 41 -126.44 7.70 7.66
C TYR GA 41 -126.30 7.67 9.18
N SER GA 42 -126.98 8.57 9.88
CA SER GA 42 -126.73 8.76 11.30
C SER GA 42 -127.19 7.56 12.12
N ILE GA 43 -128.39 7.07 11.84
CA ILE GA 43 -128.92 5.93 12.59
C ILE GA 43 -128.07 4.70 12.36
N TYR GA 44 -127.55 4.55 11.16
CA TYR GA 44 -126.71 3.40 10.86
C TYR GA 44 -125.39 3.49 11.58
N VAL GA 45 -124.86 4.70 11.73
CA VAL GA 45 -123.64 4.88 12.49
C VAL GA 45 -123.89 4.62 13.97
N TYR GA 46 -125.04 5.03 14.49
CA TYR GA 46 -125.40 4.63 15.85
C TYR GA 46 -125.45 3.12 16.02
N LYS GA 47 -126.08 2.44 15.06
CA LYS GA 47 -126.16 0.98 15.12
C LYS GA 47 -124.77 0.36 15.13
N VAL GA 48 -123.90 0.81 14.22
CA VAL GA 48 -122.55 0.29 14.12
C VAL GA 48 -121.76 0.59 15.39
N LEU GA 49 -121.94 1.79 15.93
CA LEU GA 49 -121.23 2.17 17.14
C LEU GA 49 -121.64 1.28 18.32
N LYS GA 50 -122.94 1.10 18.50
CA LYS GA 50 -123.40 0.24 19.59
C LYS GA 50 -122.92 -1.18 19.39
N GLN GA 51 -122.86 -1.64 18.15
CA GLN GA 51 -122.24 -2.92 17.85
C GLN GA 51 -120.77 -2.95 18.26
N VAL GA 52 -120.06 -1.83 18.08
CA VAL GA 52 -118.64 -1.79 18.37
C VAL GA 52 -118.36 -1.30 19.78
N HIS GA 53 -118.96 -0.19 20.16
CA HIS GA 53 -118.73 0.40 21.48
C HIS GA 53 -120.09 0.69 22.11
N PRO GA 54 -120.62 -0.25 22.88
CA PRO GA 54 -121.95 -0.04 23.48
C PRO GA 54 -121.98 1.14 24.45
N ASP GA 55 -120.88 1.40 25.15
CA ASP GA 55 -120.80 2.47 26.15
C ASP GA 55 -120.06 3.70 25.65
N THR GA 56 -120.23 4.05 24.37
CA THR GA 56 -119.64 5.25 23.80
C THR GA 56 -120.69 6.02 23.01
N GLY GA 57 -120.55 7.34 23.00
CA GLY GA 57 -121.48 8.17 22.25
C GLY GA 57 -120.77 9.05 21.24
N ILE GA 58 -121.52 9.55 20.26
CA ILE GA 58 -120.98 10.38 19.19
C ILE GA 58 -121.63 11.76 19.25
N SER GA 59 -120.81 12.79 19.05
CA SER GA 59 -121.34 14.14 18.95
C SER GA 59 -122.02 14.36 17.60
N SER GA 60 -122.77 15.46 17.51
CA SER GA 60 -123.44 15.79 16.26
C SER GA 60 -122.43 16.10 15.16
N LYS GA 61 -121.36 16.81 15.50
CA LYS GA 61 -120.35 17.17 14.50
C LYS GA 61 -119.59 15.95 14.02
N ALA GA 62 -119.30 15.02 14.93
CA ALA GA 62 -118.65 13.79 14.50
C ALA GA 62 -119.56 12.99 13.58
N MET GA 63 -120.87 13.08 13.79
CA MET GA 63 -121.79 12.42 12.88
C MET GA 63 -121.84 13.12 11.54
N GLY GA 64 -121.72 14.44 11.52
CA GLY GA 64 -121.62 15.15 10.25
C GLY GA 64 -120.38 14.72 9.48
N ILE GA 65 -119.27 14.58 10.18
CA ILE GA 65 -118.03 14.14 9.55
C ILE GA 65 -118.19 12.73 8.99
N MET GA 66 -118.81 11.85 9.78
CA MET GA 66 -118.99 10.47 9.33
C MET GA 66 -119.89 10.40 8.11
N ASN GA 67 -120.96 11.20 8.10
CA ASN GA 67 -121.83 11.26 6.92
C ASN GA 67 -121.08 11.75 5.70
N SER GA 68 -120.26 12.80 5.86
CA SER GA 68 -119.46 13.28 4.75
C SER GA 68 -118.51 12.19 4.26
N PHE GA 69 -117.92 11.45 5.19
CA PHE GA 69 -116.99 10.39 4.80
C PHE GA 69 -117.69 9.30 4.00
N VAL GA 70 -118.87 8.88 4.46
CA VAL GA 70 -119.60 7.81 3.79
C VAL GA 70 -120.00 8.25 2.39
N ASN GA 71 -120.49 9.48 2.27
CA ASN GA 71 -120.89 9.99 0.96
C ASN GA 71 -119.68 10.08 0.04
N ASP GA 72 -118.55 10.54 0.56
CA ASP GA 72 -117.34 10.66 -0.24
C ASP GA 72 -116.87 9.30 -0.75
N ILE GA 73 -116.87 8.30 0.13
CA ILE GA 73 -116.42 6.98 -0.29
C ILE GA 73 -117.37 6.40 -1.33
N PHE GA 74 -118.67 6.60 -1.14
CA PHE GA 74 -119.62 6.12 -2.14
C PHE GA 74 -119.37 6.78 -3.48
N GLU GA 75 -119.12 8.09 -3.48
CA GLU GA 75 -118.86 8.79 -4.73
C GLU GA 75 -117.60 8.27 -5.41
N ARG GA 76 -116.54 8.06 -4.62
CA ARG GA 76 -115.30 7.55 -5.19
C ARG GA 76 -115.50 6.19 -5.83
N ILE GA 77 -116.16 5.28 -5.12
CA ILE GA 77 -116.30 3.92 -5.59
C ILE GA 77 -117.21 3.87 -6.81
N ALA GA 78 -118.32 4.61 -6.78
CA ALA GA 78 -119.22 4.58 -7.93
C ALA GA 78 -118.57 5.20 -9.15
N GLY GA 79 -117.83 6.29 -8.98
CA GLY GA 79 -117.13 6.88 -10.11
C GLY GA 79 -116.09 5.95 -10.71
N GLU GA 80 -115.34 5.27 -9.85
CA GLU GA 80 -114.33 4.34 -10.38
C GLU GA 80 -114.97 3.13 -11.05
N ALA GA 81 -116.09 2.65 -10.51
CA ALA GA 81 -116.82 1.55 -11.15
C ALA GA 81 -117.33 1.95 -12.51
N SER GA 82 -117.87 3.17 -12.62
CA SER GA 82 -118.32 3.66 -13.92
C SER GA 82 -117.14 3.78 -14.89
N ARG GA 83 -116.01 4.26 -14.39
CA ARG GA 83 -114.84 4.40 -15.25
C ARG GA 83 -114.40 3.03 -15.78
N LEU GA 84 -114.40 2.01 -14.92
CA LEU GA 84 -114.06 0.66 -15.38
C LEU GA 84 -115.07 0.15 -16.39
N ALA GA 85 -116.35 0.35 -16.13
CA ALA GA 85 -117.38 -0.15 -17.04
C ALA GA 85 -117.23 0.48 -18.41
N HIS GA 86 -116.95 1.78 -18.45
CA HIS GA 86 -116.73 2.44 -19.73
C HIS GA 86 -115.43 1.98 -20.38
N TYR GA 87 -114.37 1.76 -19.58
CA TYR GA 87 -113.12 1.27 -20.14
C TYR GA 87 -113.33 -0.06 -20.82
N ASN GA 88 -114.20 -0.91 -20.28
CA ASN GA 88 -114.38 -2.25 -20.83
C ASN GA 88 -115.64 -2.38 -21.67
N LYS GA 89 -116.21 -1.26 -22.11
CA LYS GA 89 -117.39 -1.27 -22.97
C LYS GA 89 -118.50 -2.13 -22.35
N ARG GA 90 -118.80 -1.86 -21.08
CA ARG GA 90 -119.89 -2.54 -20.40
C ARG GA 90 -120.92 -1.53 -19.94
N SER GA 91 -122.16 -2.00 -19.79
CA SER GA 91 -123.26 -1.16 -19.36
C SER GA 91 -123.92 -1.70 -18.10
N THR GA 92 -123.15 -2.34 -17.22
CA THR GA 92 -123.69 -2.85 -15.98
C THR GA 92 -122.59 -2.85 -14.93
N ILE GA 93 -122.95 -2.47 -13.71
CA ILE GA 93 -122.05 -2.49 -12.57
C ILE GA 93 -122.33 -3.75 -11.77
N THR GA 94 -121.44 -4.73 -11.87
CA THR GA 94 -121.57 -5.96 -11.10
C THR GA 94 -120.55 -5.96 -9.96
N SER GA 95 -120.68 -6.95 -9.08
CA SER GA 95 -119.86 -6.97 -7.88
C SER GA 95 -118.39 -7.11 -8.19
N ARG GA 96 -118.04 -7.56 -9.40
CA ARG GA 96 -116.64 -7.63 -9.79
C ARG GA 96 -116.04 -6.26 -9.95
N GLU GA 97 -116.77 -5.34 -10.60
CA GLU GA 97 -116.30 -3.98 -10.73
C GLU GA 97 -116.10 -3.33 -9.37
N ILE GA 98 -117.04 -3.57 -8.45
CA ILE GA 98 -116.91 -2.98 -7.12
C ILE GA 98 -115.73 -3.60 -6.38
N GLN GA 99 -115.53 -4.91 -6.55
CA GLN GA 99 -114.41 -5.59 -5.91
C GLN GA 99 -113.08 -5.03 -6.40
N THR GA 100 -112.93 -4.88 -7.71
CA THR GA 100 -111.66 -4.37 -8.22
C THR GA 100 -111.49 -2.90 -7.93
N ALA GA 101 -112.58 -2.15 -7.81
CA ALA GA 101 -112.48 -0.77 -7.34
C ALA GA 101 -111.93 -0.73 -5.91
N VAL GA 102 -112.43 -1.61 -5.04
CA VAL GA 102 -111.92 -1.70 -3.69
C VAL GA 102 -110.44 -2.09 -3.70
N ARG GA 103 -110.09 -2.99 -4.61
CA ARG GA 103 -108.68 -3.37 -4.76
C ARG GA 103 -107.81 -2.18 -5.16
N LEU GA 104 -108.32 -1.33 -6.04
CA LEU GA 104 -107.55 -0.16 -6.46
C LEU GA 104 -107.45 0.87 -5.35
N LEU GA 105 -108.56 1.15 -4.67
CA LEU GA 105 -108.59 2.26 -3.72
C LEU GA 105 -107.91 1.90 -2.41
N LEU GA 106 -108.28 0.78 -1.81
CA LEU GA 106 -107.79 0.52 -0.47
C LEU GA 106 -106.36 -0.01 -0.48
N PRO GA 107 -105.60 0.27 0.57
CA PRO GA 107 -104.26 -0.32 0.70
C PRO GA 107 -104.34 -1.79 1.08
N GLY GA 108 -103.18 -2.44 1.20
CA GLY GA 108 -103.08 -3.88 1.23
C GLY GA 108 -104.01 -4.60 2.21
N GLU GA 109 -103.71 -4.44 3.51
CA GLU GA 109 -104.51 -5.13 4.55
C GLU GA 109 -105.97 -4.67 4.47
N LEU GA 110 -106.20 -3.36 4.36
CA LEU GA 110 -107.56 -2.85 4.28
C LEU GA 110 -108.30 -3.47 3.11
N ALA GA 111 -107.64 -3.54 1.94
CA ALA GA 111 -108.27 -4.14 0.78
C ALA GA 111 -108.58 -5.60 1.02
N LYS GA 112 -107.64 -6.33 1.61
CA LYS GA 112 -107.87 -7.75 1.87
C LYS GA 112 -109.07 -7.97 2.77
N HIS GA 113 -109.12 -7.25 3.90
CA HIS GA 113 -110.21 -7.45 4.83
C HIS GA 113 -111.54 -7.00 4.24
N ALA GA 114 -111.55 -5.88 3.53
CA ALA GA 114 -112.81 -5.39 2.98
C ALA GA 114 -113.31 -6.30 1.87
N VAL GA 115 -112.40 -6.85 1.06
CA VAL GA 115 -112.79 -7.81 0.04
C VAL GA 115 -113.36 -9.06 0.69
N SER GA 116 -112.70 -9.55 1.74
CA SER GA 116 -113.22 -10.73 2.42
C SER GA 116 -114.62 -10.48 2.99
N GLU GA 117 -114.80 -9.32 3.63
CA GLU GA 117 -116.09 -8.98 4.20
C GLU GA 117 -117.17 -8.90 3.13
N GLY GA 118 -116.87 -8.23 2.03
CA GLY GA 118 -117.85 -8.07 0.97
C GLY GA 118 -118.21 -9.39 0.32
N THR GA 119 -117.22 -10.23 0.02
CA THR GA 119 -117.52 -11.52 -0.56
C THR GA 119 -118.33 -12.39 0.41
N LYS GA 120 -117.99 -12.35 1.70
CA LYS GA 120 -118.78 -13.09 2.69
C LYS GA 120 -120.22 -12.62 2.69
N ALA GA 121 -120.44 -11.31 2.73
CA ALA GA 121 -121.80 -10.78 2.77
C ALA GA 121 -122.57 -11.10 1.51
N VAL GA 122 -121.92 -11.00 0.35
CA VAL GA 122 -122.60 -11.27 -0.91
C VAL GA 122 -122.93 -12.76 -1.00
N THR GA 123 -122.01 -13.61 -0.57
CA THR GA 123 -122.26 -15.04 -0.57
C THR GA 123 -123.44 -15.38 0.31
N LYS GA 124 -123.51 -14.77 1.50
CA LYS GA 124 -124.59 -15.14 2.40
C LYS GA 124 -125.92 -14.54 1.96
N TYR GA 125 -125.90 -13.38 1.32
CA TYR GA 125 -127.12 -12.82 0.76
C TYR GA 125 -127.63 -13.66 -0.39
N THR GA 126 -126.73 -14.16 -1.23
CA THR GA 126 -127.12 -15.05 -2.32
C THR GA 126 -127.68 -16.35 -1.76
N SER GA 127 -127.01 -16.92 -0.76
CA SER GA 127 -127.45 -18.19 -0.20
C SER GA 127 -128.83 -18.05 0.43
N ALA GA 128 -129.06 -16.95 1.15
CA ALA GA 128 -130.34 -16.71 1.80
C ALA GA 128 -131.40 -16.29 0.78
N LYS HA 479 -108.76 -15.63 9.04
CA LYS HA 479 -109.91 -15.33 9.90
C LYS HA 479 -110.58 -14.06 9.40
N LEU HA 480 -111.87 -13.90 9.75
CA LEU HA 480 -112.61 -12.64 9.67
C LEU HA 480 -112.00 -11.56 10.58
N ARG HA 481 -112.13 -10.29 10.19
CA ARG HA 481 -111.40 -9.16 10.79
C ARG HA 481 -111.94 -8.67 12.13
N ASN HA 482 -113.24 -8.73 12.38
CA ASN HA 482 -113.84 -8.18 13.61
C ASN HA 482 -113.30 -8.87 14.88
N GLU HA 483 -113.14 -10.19 14.86
CA GLU HA 483 -112.55 -10.93 15.96
C GLU HA 483 -111.04 -10.62 16.13
N THR HA 484 -110.30 -10.34 15.06
CA THR HA 484 -108.91 -9.89 15.23
C THR HA 484 -108.86 -8.47 15.79
N THR HA 485 -109.67 -7.51 15.34
CA THR HA 485 -109.67 -6.17 15.94
C THR HA 485 -110.10 -6.22 17.40
N ASN HA 486 -111.07 -7.06 17.78
CA ASN HA 486 -111.39 -7.31 19.18
C ASN HA 486 -110.17 -7.86 19.95
N THR HA 487 -109.45 -8.83 19.38
CA THR HA 487 -108.23 -9.41 20.01
C THR HA 487 -107.11 -8.37 20.14
N GLU HA 488 -106.83 -7.62 19.08
CA GLU HA 488 -105.84 -6.55 19.03
C GLU HA 488 -106.18 -5.42 20.02
N GLU HA 489 -107.45 -5.04 20.10
CA GLU HA 489 -107.91 -4.03 21.03
C GLU HA 489 -107.92 -4.54 22.49
N GLU HA 490 -108.17 -5.82 22.76
CA GLU HA 490 -107.97 -6.38 24.10
C GLU HA 490 -106.48 -6.40 24.49
N LYS HA 491 -105.57 -6.68 23.55
CA LYS HA 491 -104.13 -6.46 23.76
C LYS HA 491 -103.82 -4.97 23.98
N GLU HA 492 -104.54 -4.07 23.31
CA GLU HA 492 -104.43 -2.63 23.56
C GLU HA 492 -105.04 -2.21 24.93
N ARG HA 493 -106.07 -2.89 25.45
CA ARG HA 493 -106.54 -2.69 26.84
C ARG HA 493 -105.47 -3.14 27.84
N LEU HA 494 -104.78 -4.25 27.59
CA LEU HA 494 -103.60 -4.64 28.38
C LEU HA 494 -102.47 -3.59 28.26
N ARG HA 495 -102.23 -3.04 27.07
CA ARG HA 495 -101.28 -1.93 26.86
C ARG HA 495 -101.61 -0.73 27.75
N LYS HA 496 -102.88 -0.31 27.78
CA LYS HA 496 -103.40 0.78 28.63
C LYS HA 496 -103.32 0.46 30.11
N GLU HA 497 -103.66 -0.77 30.50
CA GLU HA 497 -103.56 -1.25 31.88
C GLU HA 497 -102.10 -1.21 32.38
N ILE HA 498 -101.16 -1.67 31.56
CA ILE HA 498 -99.73 -1.55 31.83
C ILE HA 498 -99.37 -0.07 32.00
N GLN HA 499 -99.74 0.79 31.04
CA GLN HA 499 -99.48 2.23 31.15
C GLN HA 499 -100.04 2.85 32.44
N LYS HA 500 -101.25 2.47 32.86
CA LYS HA 500 -101.84 2.92 34.13
C LYS HA 500 -101.04 2.42 35.34
N GLN HA 501 -100.65 1.15 35.36
CA GLN HA 501 -99.77 0.60 36.39
C GLN HA 501 -98.42 1.33 36.44
N LEU HA 502 -97.82 1.66 35.29
CA LEU HA 502 -96.59 2.43 35.22
C LEU HA 502 -96.77 3.83 35.81
N HIS HA 503 -97.86 4.55 35.50
CA HIS HA 503 -98.06 5.88 36.09
C HIS HA 503 -98.23 5.79 37.62
N GLU HA 504 -99.05 4.85 38.12
CA GLU HA 504 -99.21 4.63 39.56
C GLU HA 504 -97.91 4.21 40.25
N LYS HA 505 -97.09 3.38 39.58
CA LYS HA 505 -95.79 2.94 40.08
C LYS HA 505 -94.83 4.12 40.24
N ILE HA 506 -94.72 4.97 39.23
CA ILE HA 506 -93.83 6.14 39.28
C ILE HA 506 -94.30 7.16 40.30
N GLN HA 507 -95.61 7.39 40.40
CA GLN HA 507 -96.12 8.31 41.46
C GLN HA 507 -95.57 7.85 42.82
N LYS HA 508 -95.82 6.58 43.19
CA LYS HA 508 -95.37 6.05 44.50
C LYS HA 508 -93.85 6.11 44.59
N GLU HA 509 -93.14 5.75 43.50
CA GLU HA 509 -91.66 5.79 43.48
C GLU HA 509 -91.19 7.20 43.84
N GLY HA 510 -91.74 8.23 43.17
CA GLY HA 510 -91.36 9.62 43.46
C GLY HA 510 -91.69 10.00 44.90
N LEU HA 511 -92.86 9.61 45.38
CA LEU HA 511 -93.27 9.92 46.79
C LEU HA 511 -92.27 9.33 47.77
N ALA HA 512 -91.75 8.13 47.47
CA ALA HA 512 -90.73 7.49 48.34
C ALA HA 512 -89.38 8.22 48.22
N ARG HA 513 -88.95 8.53 46.99
CA ARG HA 513 -87.63 9.19 46.76
C ARG HA 513 -87.58 10.54 47.48
N PHE HA 514 -88.66 11.31 47.44
CA PHE HA 514 -88.66 12.64 48.02
C PHE HA 514 -89.47 12.64 49.32
N ASN HA 515 -88.83 12.93 50.46
CA ASN HA 515 -89.53 13.08 51.74
C ASN HA 515 -89.70 14.56 52.11
N LYS HA 516 -90.71 14.85 52.95
CA LYS HA 516 -90.96 16.20 53.48
C LYS HA 516 -89.79 16.82 54.24
N SER HA 517 -88.87 16.01 54.77
CA SER HA 517 -87.63 16.48 55.42
C SER HA 517 -86.62 17.06 54.42
N ASP HA 518 -86.57 16.49 53.22
CA ASP HA 518 -85.68 17.02 52.15
C ASP HA 518 -86.25 18.37 51.69
N ALA HA 519 -87.58 18.48 51.60
CA ALA HA 519 -88.23 19.76 51.21
C ALA HA 519 -87.91 20.83 52.26
N GLN HA 520 -87.93 20.47 53.55
CA GLN HA 520 -87.60 21.43 54.64
C GLN HA 520 -86.14 21.87 54.48
N ASP HA 521 -85.24 20.93 54.15
CA ASP HA 521 -83.81 21.27 53.94
C ASP HA 521 -83.63 21.76 52.49
N GLY HA 522 -84.09 22.98 52.20
CA GLY HA 522 -83.98 23.52 50.83
C GLY HA 522 -82.65 24.22 50.61
N ASN HA 523 -81.79 23.60 49.80
CA ASN HA 523 -80.45 24.17 49.55
C ASN HA 523 -80.67 25.34 48.61
N GLU HA 524 -81.19 26.45 49.14
CA GLU HA 524 -81.50 27.57 48.24
C GLU HA 524 -80.20 27.93 47.54
N ASN HA 525 -80.23 27.98 46.21
CA ASN HA 525 -79.00 28.34 45.46
C ASN HA 525 -78.86 29.86 45.55
N HIS HA 526 -78.70 30.40 46.76
CA HIS HA 526 -78.43 31.85 46.89
C HIS HA 526 -77.32 32.15 45.91
N ALA HA 527 -77.40 33.26 45.18
CA ALA HA 527 -76.34 33.45 44.16
C ALA HA 527 -75.01 33.47 44.90
N VAL HA 528 -74.04 32.70 44.40
CA VAL HA 528 -72.73 32.60 45.11
C VAL HA 528 -71.85 33.72 44.56
N PHE HA 529 -71.79 34.86 45.24
CA PHE HA 529 -70.89 35.88 44.74
C PHE HA 529 -69.48 35.30 44.54
N LYS HA 530 -69.01 35.30 43.29
CA LYS HA 530 -67.62 34.96 42.98
C LYS HA 530 -66.71 36.06 43.51
N ARG HA 531 -66.18 35.88 44.72
CA ARG HA 531 -65.28 36.85 45.36
C ARG HA 531 -64.04 37.10 44.50
N TYR HA 532 -63.87 38.34 44.06
CA TYR HA 532 -62.67 38.84 43.41
C TYR HA 532 -62.19 40.10 44.11
N GLU HA 533 -60.89 40.37 44.05
CA GLU HA 533 -60.29 41.58 44.61
C GLU HA 533 -59.13 42.04 43.72
N SER HA 534 -59.04 43.35 43.50
CA SER HA 534 -57.96 43.97 42.72
C SER HA 534 -56.64 44.04 43.51
N TYR HA 535 -56.64 44.73 44.65
CA TYR HA 535 -55.47 44.87 45.49
C TYR HA 535 -55.83 44.75 46.97
N VAL HA 536 -54.90 44.20 47.74
CA VAL HA 536 -54.99 44.11 49.21
C VAL HA 536 -54.28 45.30 49.87
N ARG HA 537 -53.21 45.81 49.25
CA ARG HA 537 -52.36 46.90 49.80
C ARG HA 537 -52.08 47.95 48.75
N GLU HA 538 -51.96 49.22 49.17
CA GLU HA 538 -51.63 50.34 48.30
C GLU HA 538 -50.27 50.21 47.59
N SER HA 539 -49.33 49.47 48.17
CA SER HA 539 -48.02 49.20 47.58
C SER HA 539 -48.08 48.35 46.31
N GLN HA 540 -49.23 47.70 46.06
CA GLN HA 540 -49.39 46.82 44.86
C GLN HA 540 -49.78 47.68 43.64
N ILE HA 541 -50.23 48.91 43.88
CA ILE HA 541 -50.55 49.83 42.74
C ILE HA 541 -49.23 50.16 42.03
N PRO HA 542 -49.07 49.84 40.73
CA PRO HA 542 -47.80 50.05 40.03
C PRO HA 542 -47.28 51.50 40.10
N SER HA 543 -45.95 51.66 40.14
CA SER HA 543 -45.34 53.02 40.19
C SER HA 543 -45.71 53.80 38.91
N LYS HA 544 -45.92 53.10 37.80
CA LYS HA 544 -46.29 53.75 36.52
C LYS HA 544 -47.48 54.70 36.74
N VAL HA 545 -48.48 54.26 37.52
CA VAL HA 545 -49.70 55.07 37.74
C VAL HA 545 -49.32 56.34 38.52
N LYS HA 546 -49.33 57.50 37.86
CA LYS HA 546 -48.92 58.77 38.51
C LYS HA 546 -49.30 59.96 37.62
N ASN HA 547 -49.75 59.72 36.39
CA ASN HA 547 -50.04 60.83 35.44
C ASN HA 547 -51.52 61.22 35.48
N LEU HA 548 -52.25 60.83 36.53
CA LEU HA 548 -53.71 61.12 36.64
C LEU HA 548 -54.41 60.64 35.37
N ARG HA 549 -54.10 59.42 34.90
CA ARG HA 549 -54.67 58.91 33.63
C ARG HA 549 -55.20 57.48 33.80
N ILE HA 550 -55.94 56.99 32.80
CA ILE HA 550 -56.44 55.62 32.84
C ILE HA 550 -55.29 54.66 32.56
N SER HA 551 -55.14 53.66 33.42
CA SER HA 551 -54.10 52.64 33.30
C SER HA 551 -54.68 51.27 33.57
N ILE HA 552 -54.06 50.25 32.99
CA ILE HA 552 -54.54 48.87 33.05
C ILE HA 552 -53.44 48.03 33.67
N ASP HA 553 -53.79 47.21 34.64
CA ASP HA 553 -52.93 46.18 35.20
C ASP HA 553 -53.42 44.78 34.77
N PRO HA 554 -52.78 44.16 33.78
CA PRO HA 554 -53.10 42.81 33.35
C PRO HA 554 -52.83 41.75 34.43
N LYS HA 555 -51.88 41.98 35.36
CA LYS HA 555 -51.53 41.00 36.40
C LYS HA 555 -52.64 40.89 37.44
N ALA HA 556 -53.08 42.04 37.97
CA ALA HA 556 -54.21 42.13 38.90
C ALA HA 556 -55.59 42.15 38.22
N GLN HA 557 -55.62 41.95 36.89
CA GLN HA 557 -56.90 42.02 36.13
C GLN HA 557 -57.69 43.24 36.62
N THR HA 558 -57.12 44.44 36.49
CA THR HA 558 -57.74 45.64 37.06
C THR HA 558 -57.56 46.85 36.15
N ILE HA 559 -58.62 47.65 36.05
CA ILE HA 559 -58.64 48.97 35.40
C ILE HA 559 -58.49 50.02 36.49
N ILE HA 560 -57.51 50.91 36.40
CA ILE HA 560 -57.30 52.00 37.36
C ILE HA 560 -57.75 53.30 36.73
N LEU HA 561 -58.74 53.95 37.35
CA LEU HA 561 -59.41 55.14 36.85
C LEU HA 561 -59.10 56.39 37.69
N PRO HA 562 -58.84 57.55 37.04
CA PRO HA 562 -58.55 58.78 37.75
C PRO HA 562 -59.82 59.52 38.20
N ILE HA 563 -60.31 59.22 39.40
CA ILE HA 563 -61.46 59.91 39.99
C ILE HA 563 -60.95 60.97 40.97
N CYS HA 564 -61.12 62.25 40.64
CA CYS HA 564 -60.79 63.39 41.49
C CYS HA 564 -59.42 63.29 42.19
N GLY HA 565 -58.38 62.91 41.45
CA GLY HA 565 -57.00 62.85 41.99
C GLY HA 565 -56.64 61.55 42.70
N ARG HA 566 -57.53 60.56 42.73
CA ARG HA 566 -57.31 59.24 43.34
C ARG HA 566 -57.29 58.07 42.34
N PRO HA 567 -56.32 57.15 42.43
CA PRO HA 567 -56.23 55.98 41.57
C PRO HA 567 -57.21 54.90 42.02
N VAL HA 568 -58.42 54.91 41.45
CA VAL HA 568 -59.49 53.97 41.84
C VAL HA 568 -59.41 52.69 41.01
N PRO HA 569 -59.13 51.53 41.62
CA PRO HA 569 -59.17 50.25 40.92
C PRO HA 569 -60.61 49.79 40.69
N PHE HA 570 -60.86 49.18 39.53
CA PHE HA 570 -62.05 48.40 39.19
C PHE HA 570 -61.61 47.07 38.59
N HIS HA 571 -62.04 45.96 39.19
CA HIS HA 571 -61.69 44.63 38.71
C HIS HA 571 -62.41 44.32 37.39
N ILE HA 572 -61.81 43.54 36.48
CA ILE HA 572 -62.42 43.25 35.17
C ILE HA 572 -63.77 42.52 35.24
N ASN HA 573 -64.02 41.82 36.36
CA ASN HA 573 -65.30 41.17 36.62
C ASN HA 573 -66.42 42.15 36.99
N SER HA 574 -66.13 43.33 37.54
CA SER HA 574 -67.14 44.38 37.74
C SER HA 574 -67.44 45.13 36.44
N PHE HA 575 -66.48 45.19 35.51
CA PHE HA 575 -66.66 45.79 34.19
C PHE HA 575 -67.57 44.95 33.28
N LYS HA 576 -68.57 45.61 32.67
CA LYS HA 576 -69.51 45.00 31.71
C LYS HA 576 -69.07 45.20 30.27
N ASN HA 577 -69.11 46.46 29.83
CA ASN HA 577 -68.71 46.83 28.45
C ASN HA 577 -68.49 48.35 28.40
N GLY HA 578 -67.89 48.86 27.32
CA GLY HA 578 -67.64 50.29 27.18
C GLY HA 578 -67.86 50.77 25.75
N SER HA 579 -67.88 52.07 25.56
CA SER HA 579 -67.96 52.73 24.26
C SER HA 579 -66.95 53.87 24.19
N LYS HA 580 -66.57 54.23 22.96
CA LYS HA 580 -65.63 55.32 22.70
C LYS HA 580 -66.24 56.26 21.65
N ASN HA 581 -66.19 57.57 21.90
CA ASN HA 581 -66.72 58.60 20.99
C ASN HA 581 -65.66 59.69 20.79
N GLU HA 582 -65.47 60.13 19.56
CA GLU HA 582 -64.58 61.25 19.23
C GLU HA 582 -65.39 62.54 19.09
N GLU HA 583 -64.98 63.60 19.78
CA GLU HA 583 -65.73 64.86 19.83
C GLU HA 583 -64.76 66.06 19.80
N GLY HA 584 -64.65 66.73 18.66
CA GLY HA 584 -63.71 67.84 18.47
C GLY HA 584 -62.27 67.38 18.74
N ASP HA 585 -61.58 68.08 19.64
CA ASP HA 585 -60.21 67.75 20.05
C ASP HA 585 -60.12 66.65 21.12
N TYR HA 586 -61.26 66.22 21.67
CA TYR HA 586 -61.30 65.25 22.76
C TYR HA 586 -61.81 63.88 22.30
N MET HA 587 -61.34 62.83 22.96
CA MET HA 587 -61.88 61.49 22.88
C MET HA 587 -62.51 61.10 24.20
N TYR HA 588 -63.75 60.66 24.14
CA TYR HA 588 -64.54 60.21 25.26
C TYR HA 588 -64.54 58.69 25.34
N ILE HA 589 -64.37 58.13 26.53
CA ILE HA 589 -64.62 56.72 26.83
C ILE HA 589 -65.69 56.64 27.92
N ARG HA 590 -66.75 55.90 27.64
CA ARG HA 590 -67.73 55.48 28.65
C ARG HA 590 -67.48 54.03 29.03
N LEU HA 591 -67.27 53.77 30.32
CA LEU HA 591 -67.14 52.43 30.89
C LEU HA 591 -68.42 52.11 31.67
N ASN HA 592 -69.09 51.03 31.31
CA ASN HA 592 -70.28 50.52 32.00
C ASN HA 592 -69.89 49.32 32.88
N PHE HA 593 -70.42 49.29 34.09
CA PHE HA 593 -70.18 48.24 35.08
C PHE HA 593 -71.44 47.42 35.33
N ASN HA 594 -71.29 46.23 35.91
CA ASN HA 594 -72.41 45.34 36.22
C ASN HA 594 -73.29 45.95 37.32
N SER HA 595 -74.58 46.04 37.07
CA SER HA 595 -75.59 46.48 38.04
C SER HA 595 -76.87 45.67 37.85
N PRO HA 596 -77.74 45.47 38.89
CA PRO HA 596 -79.04 44.80 38.66
C PRO HA 596 -79.89 45.67 37.70
N GLY HA 597 -80.81 45.05 36.96
CA GLY HA 597 -81.57 45.80 35.93
C GLY HA 597 -80.81 45.75 34.63
N MET HA 598 -79.59 46.33 34.59
CA MET HA 598 -78.73 46.20 33.39
C MET HA 598 -77.87 44.96 33.61
N GLY HA 599 -78.49 43.78 33.72
CA GLY HA 599 -77.74 42.55 34.04
C GLY HA 599 -77.09 41.89 32.85
N SER HA 600 -76.07 41.06 33.11
CA SER HA 600 -75.37 40.31 32.03
C SER HA 600 -76.05 38.98 31.77
N SER HA 601 -75.52 38.17 30.83
CA SER HA 601 -76.16 36.88 30.45
C SER HA 601 -75.91 35.78 31.49
N VAL HA 602 -75.33 36.13 32.64
CA VAL HA 602 -74.97 35.10 33.67
C VAL HA 602 -76.25 34.56 34.32
N LYS HA 603 -76.26 33.27 34.72
CA LYS HA 603 -77.47 32.64 35.33
C LYS HA 603 -77.68 33.15 36.76
N LYS HA 604 -78.81 32.79 37.39
CA LYS HA 604 -79.10 33.31 38.73
C LYS HA 604 -78.19 32.73 39.84
N THR HA 605 -77.56 31.58 39.59
CA THR HA 605 -76.67 30.88 40.52
C THR HA 605 -75.33 31.58 40.82
N GLU HA 606 -74.78 32.42 39.94
CA GLU HA 606 -73.47 33.09 40.15
C GLU HA 606 -73.50 34.57 39.74
N LEU HA 607 -73.61 35.51 40.69
CA LEU HA 607 -73.60 36.93 40.37
C LEU HA 607 -72.18 37.53 40.41
N PRO HA 608 -71.88 38.52 39.54
CA PRO HA 608 -70.60 39.24 39.56
C PRO HA 608 -70.51 40.27 40.70
N TYR HA 609 -71.53 40.37 41.54
CA TYR HA 609 -71.62 41.22 42.71
C TYR HA 609 -72.34 40.45 43.82
N GLU HA 610 -72.18 40.94 45.05
CA GLU HA 610 -72.81 40.24 46.21
C GLU HA 610 -74.28 40.68 46.31
N ASP HA 611 -75.18 39.77 46.66
CA ASP HA 611 -76.62 40.10 46.69
C ASP HA 611 -76.85 41.19 47.74
N GLY HA 612 -77.68 42.18 47.42
CA GLY HA 612 -77.90 43.31 48.35
C GLY HA 612 -78.93 44.30 47.83
N ASP HA 613 -80.09 44.37 48.49
CA ASP HA 613 -81.17 45.31 48.09
C ASP HA 613 -80.72 46.72 48.47
N ASP HA 614 -80.03 46.87 49.60
CA ASP HA 614 -79.49 48.17 50.04
C ASP HA 614 -78.16 48.57 49.38
N LYS HA 615 -77.65 47.79 48.43
CA LYS HA 615 -76.37 48.11 47.77
C LYS HA 615 -76.62 49.01 46.56
N GLU HA 616 -75.88 50.10 46.50
CA GLU HA 616 -75.87 51.02 45.38
C GLU HA 616 -74.69 50.72 44.46
N PHE HA 617 -74.87 50.95 43.16
CA PHE HA 617 -73.81 50.51 42.20
C PHE HA 617 -73.32 51.62 41.29
N VAL HA 618 -72.03 51.58 40.94
CA VAL HA 618 -71.49 52.54 39.92
C VAL HA 618 -71.88 51.96 38.57
N ARG HA 619 -72.83 52.59 37.87
CA ARG HA 619 -73.34 52.02 36.63
C ARG HA 619 -72.47 52.38 35.44
N SER HA 620 -72.04 53.64 35.34
CA SER HA 620 -71.11 54.06 34.30
C SER HA 620 -70.27 55.26 34.69
N LEU HA 621 -69.05 55.31 34.16
CA LEU HA 621 -68.14 56.44 34.27
C LEU HA 621 -67.72 56.87 32.85
N THR HA 622 -67.82 58.17 32.57
CA THR HA 622 -67.39 58.74 31.29
C THR HA 622 -66.16 59.62 31.51
N PHE HA 623 -65.07 59.33 30.80
CA PHE HA 623 -63.83 60.11 30.80
C PHE HA 623 -63.59 60.78 29.45
N ARG HA 624 -62.87 61.89 29.45
CA ARG HA 624 -62.37 62.56 28.24
C ARG HA 624 -60.85 62.74 28.27
N SER HA 625 -60.23 62.78 27.10
CA SER HA 625 -58.79 63.03 26.91
C SER HA 625 -58.52 63.74 25.59
N THR HA 626 -57.55 64.65 25.58
CA THR HA 626 -57.05 65.29 24.35
C THR HA 626 -56.27 64.33 23.44
N ASN HA 627 -55.58 63.34 24.02
CA ASN HA 627 -54.83 62.35 23.25
C ASN HA 627 -55.74 61.20 22.78
N LYS HA 628 -56.13 61.23 21.50
CA LYS HA 628 -57.04 60.26 20.87
C LYS HA 628 -56.42 58.87 20.66
N GLU HA 629 -55.17 58.81 20.22
CA GLU HA 629 -54.49 57.54 19.90
C GLU HA 629 -54.32 56.66 21.14
N ARG HA 630 -53.70 57.21 22.18
CA ARG HA 630 -53.53 56.47 23.46
C ARG HA 630 -54.90 56.04 24.00
N MET HA 631 -55.89 56.94 24.02
CA MET HA 631 -57.20 56.62 24.57
C MET HA 631 -57.85 55.46 23.79
N SER HA 632 -57.69 55.41 22.46
CA SER HA 632 -58.06 54.25 21.65
C SER HA 632 -57.31 52.96 22.02
N GLU HA 633 -56.00 53.03 22.29
CA GLU HA 633 -55.21 51.88 22.74
C GLU HA 633 -55.65 51.35 24.11
N VAL HA 634 -55.90 52.26 25.06
CA VAL HA 634 -56.43 51.92 26.39
C VAL HA 634 -57.76 51.19 26.27
N PHE HA 635 -58.68 51.68 25.43
CA PHE HA 635 -59.95 51.00 25.20
C PHE HA 635 -59.79 49.58 24.61
N LYS HA 636 -58.87 49.42 23.65
CA LYS HA 636 -58.54 48.10 23.06
C LYS HA 636 -58.00 47.15 24.14
N ALA HA 637 -57.07 47.61 24.97
CA ALA HA 637 -56.48 46.81 26.03
C ALA HA 637 -57.51 46.41 27.12
N ILE HA 638 -58.45 47.29 27.48
CA ILE HA 638 -59.58 46.92 28.39
C ILE HA 638 -60.43 45.82 27.77
N THR HA 639 -60.76 45.95 26.49
CA THR HA 639 -61.59 44.98 25.75
C THR HA 639 -60.89 43.63 25.63
N GLU HA 640 -59.59 43.62 25.35
CA GLU HA 640 -58.76 42.41 25.31
C GLU HA 640 -58.69 41.73 26.67
N LEU HA 641 -58.45 42.49 27.74
CA LEU HA 641 -58.43 41.97 29.11
C LEU HA 641 -59.75 41.28 29.47
N LYS HA 642 -60.89 41.87 29.09
CA LYS HA 642 -62.22 41.26 29.29
C LYS HA 642 -62.36 39.95 28.50
N LYS HA 643 -61.94 39.93 27.23
CA LYS HA 643 -61.98 38.70 26.41
C LYS HA 643 -61.14 37.58 27.01
N THR HA 644 -59.93 37.89 27.48
CA THR HA 644 -59.05 36.91 28.14
C THR HA 644 -59.66 36.39 29.44
N ALA HA 645 -60.27 37.26 30.25
CA ALA HA 645 -60.96 36.87 31.49
C ALA HA 645 -62.13 35.93 31.21
N VAL HA 646 -63.01 36.27 30.25
CA VAL HA 646 -64.16 35.44 29.87
C VAL HA 646 -63.71 34.08 29.31
N LYS HA 647 -62.68 34.06 28.47
CA LYS HA 647 -62.12 32.82 27.93
C LYS HA 647 -61.59 31.90 29.04
N ARG HA 648 -60.84 32.45 30.01
CA ARG HA 648 -60.32 31.70 31.15
C ARG HA 648 -61.44 31.14 32.04
N ASP HA 649 -62.50 31.92 32.27
CA ASP HA 649 -63.66 31.46 33.02
C ASP HA 649 -64.44 30.37 32.27
N GLN HA 650 -64.54 30.47 30.94
CA GLN HA 650 -65.19 29.37 30.16
C GLN HA 650 -64.32 28.11 30.28
N GLU HA 651 -63.00 28.23 30.06
CA GLU HA 651 -62.07 27.10 30.17
C GLU HA 651 -62.16 26.42 31.54
N ARG HA 652 -62.24 27.22 32.62
CA ARG HA 652 -62.43 26.69 33.98
C ARG HA 652 -63.73 25.89 34.08
N LYS HA 653 -64.86 26.47 33.65
CA LYS HA 653 -66.17 25.81 33.66
C LYS HA 653 -66.19 24.52 32.85
N THR HA 654 -65.52 24.49 31.69
CA THR HA 654 -65.40 23.26 30.90
C THR HA 654 -64.56 22.18 31.59
N MET HA 655 -63.61 22.56 32.45
CA MET HA 655 -62.73 21.64 33.17
C MET HA 655 -63.30 21.16 34.52
N GLU HA 656 -64.23 21.90 35.13
CA GLU HA 656 -64.83 21.56 36.44
C GLU HA 656 -65.48 20.16 36.44
N ASP HA 657 -66.09 19.77 35.30
CA ASP HA 657 -66.79 18.46 35.24
C ASP HA 657 -65.88 17.35 34.68
N VAL HA 658 -64.59 17.61 34.47
CA VAL HA 658 -63.64 16.59 33.98
C VAL HA 658 -63.03 15.88 35.19
N VAL HA 659 -63.55 14.69 35.49
CA VAL HA 659 -63.00 13.82 36.54
C VAL HA 659 -61.64 13.27 36.10
N ALA HA 660 -60.61 13.46 36.93
CA ALA HA 660 -59.28 12.90 36.68
C ALA HA 660 -59.35 11.37 36.68
N GLN HA 661 -59.05 10.75 35.54
CA GLN HA 661 -59.08 9.29 35.38
C GLN HA 661 -57.76 8.63 35.78
N ALA HA 662 -57.83 7.33 36.12
CA ALA HA 662 -56.65 6.49 36.30
C ALA HA 662 -55.85 6.36 34.99
N GLN HA 663 -54.59 5.97 35.13
CA GLN HA 663 -53.71 5.80 33.94
C GLN HA 663 -53.91 4.42 33.30
N LEU HA 664 -54.03 4.38 31.96
CA LEU HA 664 -54.16 3.13 31.22
C LEU HA 664 -52.92 2.25 31.42
N VAL HA 665 -53.15 0.99 31.80
CA VAL HA 665 -52.11 -0.01 32.01
C VAL HA 665 -51.90 -0.82 30.73
N GLU HA 666 -50.76 -0.60 30.09
CA GLU HA 666 -50.39 -1.28 28.86
C GLU HA 666 -50.27 -2.80 29.05
N PHE HA 667 -50.71 -3.54 28.04
CA PHE HA 667 -50.59 -4.98 28.01
C PHE HA 667 -49.14 -5.39 27.73
N LYS HA 668 -48.54 -6.21 28.60
CA LYS HA 668 -47.10 -6.58 28.53
C LYS HA 668 -46.74 -7.51 27.35
N GLY HA 669 -47.72 -8.10 26.65
CA GLY HA 669 -47.53 -8.94 25.46
C GLY HA 669 -47.90 -8.23 24.15
N ARG HA 670 -48.17 -8.98 23.07
CA ARG HA 670 -48.69 -8.41 21.81
C ARG HA 670 -50.18 -8.06 21.99
N PRO HA 671 -50.57 -6.76 22.01
CA PRO HA 671 -51.96 -6.38 22.18
C PRO HA 671 -52.78 -6.74 20.93
N LYS HA 672 -54.06 -7.07 21.14
CA LYS HA 672 -55.06 -7.15 20.06
C LYS HA 672 -55.22 -5.74 19.48
N LYS HA 673 -55.29 -5.61 18.15
CA LYS HA 673 -55.33 -4.32 17.46
C LYS HA 673 -56.28 -4.31 16.26
N LEU HA 674 -56.88 -3.15 16.01
CA LEU HA 674 -57.70 -2.84 14.83
C LEU HA 674 -57.07 -1.66 14.09
N GLU HA 675 -56.64 -1.89 12.85
CA GLU HA 675 -55.91 -0.91 12.03
C GLU HA 675 -56.85 -0.09 11.12
N ASN HA 676 -56.38 1.07 10.65
CA ASN HA 676 -57.06 1.93 9.68
C ASN HA 676 -58.42 2.46 10.15
N VAL HA 677 -58.50 2.87 11.42
CA VAL HA 677 -59.72 3.36 12.06
C VAL HA 677 -59.68 4.88 12.21
N PHE HA 678 -60.80 5.54 11.96
CA PHE HA 678 -60.98 6.96 12.30
C PHE HA 678 -61.65 7.11 13.65
N VAL HA 679 -61.31 8.18 14.38
CA VAL HA 679 -61.91 8.52 15.68
C VAL HA 679 -62.76 9.79 15.56
N ARG HA 680 -63.92 9.80 16.22
CA ARG HA 680 -64.81 10.97 16.41
C ARG HA 680 -65.12 11.12 17.90
N PRO HA 681 -64.99 12.33 18.48
CA PRO HA 681 -64.42 13.54 17.87
C PRO HA 681 -62.92 13.38 17.57
N ALA HA 682 -62.45 13.99 16.48
CA ALA HA 682 -61.04 13.96 16.11
C ALA HA 682 -60.18 14.76 17.10
N PRO HA 683 -59.04 14.26 17.65
CA PRO HA 683 -58.25 15.05 18.60
C PRO HA 683 -57.59 16.24 17.89
N ASP HA 684 -57.44 16.17 16.57
CA ASP HA 684 -56.84 17.28 15.78
C ASP HA 684 -57.78 17.59 14.60
N SER HA 685 -57.72 18.82 14.08
CA SER HA 685 -58.60 19.23 12.95
C SER HA 685 -58.41 18.27 11.76
N LYS HA 686 -57.19 17.76 11.58
CA LYS HA 686 -56.90 16.85 10.44
C LYS HA 686 -57.46 15.44 10.69
N ARG HA 687 -58.30 14.95 9.78
CA ARG HA 687 -58.73 13.55 9.92
C ARG HA 687 -57.58 12.62 9.50
N VAL HA 688 -57.15 11.76 10.41
CA VAL HA 688 -56.05 10.80 10.21
C VAL HA 688 -56.52 9.41 10.66
N THR HA 689 -56.16 8.36 9.91
CA THR HA 689 -56.39 6.98 10.33
C THR HA 689 -55.43 6.59 11.45
N GLY HA 690 -55.91 5.82 12.41
CA GLY HA 690 -55.13 5.32 13.53
C GLY HA 690 -55.31 3.83 13.76
N THR HA 691 -54.65 3.33 14.80
CA THR HA 691 -54.79 1.95 15.27
C THR HA 691 -55.38 1.94 16.67
N LEU HA 692 -56.40 1.10 16.90
CA LEU HA 692 -57.02 0.89 18.20
C LEU HA 692 -56.43 -0.35 18.86
N PHE HA 693 -55.94 -0.22 20.08
CA PHE HA 693 -55.31 -1.29 20.87
C PHE HA 693 -56.14 -1.63 22.11
N ILE HA 694 -56.25 -2.92 22.41
CA ILE HA 694 -56.85 -3.40 23.67
C ILE HA 694 -55.74 -3.61 24.71
N HIS HA 695 -55.90 -3.02 25.88
CA HIS HA 695 -54.98 -3.10 27.01
C HIS HA 695 -55.66 -3.74 28.24
N GLN HA 696 -54.98 -3.78 29.40
CA GLN HA 696 -55.53 -4.54 30.56
C GLN HA 696 -56.78 -3.90 31.18
N ASN HA 697 -56.83 -2.56 31.23
CA ASN HA 697 -57.96 -1.86 31.91
C ASN HA 697 -58.66 -0.86 30.97
N GLY HA 698 -58.42 -0.95 29.65
CA GLY HA 698 -59.05 -0.08 28.67
C GLY HA 698 -58.55 -0.27 27.25
N ILE HA 699 -58.95 0.65 26.38
CA ILE HA 699 -58.54 0.73 24.97
C ILE HA 699 -57.74 2.01 24.71
N ARG HA 700 -56.82 1.95 23.75
CA ARG HA 700 -56.00 3.08 23.30
C ARG HA 700 -56.10 3.25 21.80
N TYR HA 701 -56.55 4.41 21.36
CA TYR HA 701 -56.36 4.84 19.98
C TYR HA 701 -55.03 5.58 19.83
N GLN HA 702 -54.27 5.22 18.78
CA GLN HA 702 -52.94 5.84 18.56
C GLN HA 702 -52.74 6.21 17.08
N SER HA 703 -52.64 7.50 16.76
CA SER HA 703 -52.36 7.98 15.41
C SER HA 703 -50.89 7.68 15.01
N PRO HA 704 -50.63 7.21 13.77
CA PRO HA 704 -49.28 6.95 13.28
C PRO HA 704 -48.49 8.24 13.01
N VAL HA 705 -49.17 9.37 12.78
CA VAL HA 705 -48.53 10.64 12.37
C VAL HA 705 -47.93 11.38 13.57
N ARG HA 706 -48.58 11.30 14.75
CA ARG HA 706 -48.13 11.95 15.99
C ARG HA 706 -48.46 11.09 17.19
N SER HA 707 -47.43 10.76 17.96
CA SER HA 707 -47.54 10.02 19.24
C SER HA 707 -48.38 10.75 20.28
N ASP HA 708 -48.43 12.08 20.24
CA ASP HA 708 -49.13 12.92 21.22
C ASP HA 708 -50.66 12.86 21.07
N HIS HA 709 -51.18 12.46 19.91
CA HIS HA 709 -52.62 12.28 19.67
C HIS HA 709 -53.07 10.85 20.03
N ARG HA 710 -52.79 10.43 21.27
CA ARG HA 710 -53.36 9.21 21.85
C ARG HA 710 -54.67 9.51 22.56
N VAL HA 711 -55.64 8.60 22.45
CA VAL HA 711 -56.90 8.66 23.20
C VAL HA 711 -57.04 7.37 23.99
N ASP HA 712 -56.98 7.50 25.31
CA ASP HA 712 -57.11 6.38 26.24
C ASP HA 712 -58.51 6.37 26.84
N ILE HA 713 -59.16 5.21 26.82
CA ILE HA 713 -60.51 5.02 27.37
C ILE HA 713 -60.48 3.80 28.29
N LEU HA 714 -60.73 4.01 29.58
CA LEU HA 714 -60.81 2.92 30.56
C LEU HA 714 -62.12 2.15 30.44
N PHE HA 715 -62.09 0.85 30.66
CA PHE HA 715 -63.30 0.02 30.70
C PHE HA 715 -64.28 0.46 31.79
N SER HA 716 -63.76 0.89 32.95
CA SER HA 716 -64.58 1.38 34.06
C SER HA 716 -65.42 2.61 33.71
N ASN HA 717 -64.95 3.42 32.76
CA ASN HA 717 -65.62 4.64 32.33
C ASN HA 717 -66.57 4.44 31.15
N ILE HA 718 -66.51 3.30 30.43
CA ILE HA 718 -67.49 3.01 29.38
C ILE HA 718 -68.80 2.63 30.07
N LYS HA 719 -69.89 3.30 29.67
CA LYS HA 719 -71.25 3.00 30.08
C LYS HA 719 -71.87 2.00 29.11
N HIS HA 720 -71.82 2.31 27.81
CA HIS HA 720 -72.38 1.47 26.74
C HIS HA 720 -71.39 1.28 25.60
N LEU HA 721 -71.34 0.07 25.06
CA LEU HA 721 -70.50 -0.30 23.92
C LEU HA 721 -71.38 -0.79 22.77
N PHE HA 722 -71.44 -0.01 21.68
CA PHE HA 722 -72.26 -0.35 20.52
C PHE HA 722 -71.41 -0.81 19.34
N PHE HA 723 -71.92 -1.80 18.61
CA PHE HA 723 -71.44 -2.17 17.29
C PHE HA 723 -72.55 -1.96 16.25
N GLN HA 724 -72.27 -1.12 15.26
CA GLN HA 724 -73.25 -0.83 14.17
C GLN HA 724 -72.68 -1.34 12.84
N PRO HA 725 -73.23 -2.42 12.22
CA PRO HA 725 -72.62 -2.98 11.01
C PRO HA 725 -72.87 -2.13 9.76
N CYS HA 726 -72.05 -2.32 8.75
CA CYS HA 726 -72.26 -1.61 7.47
C CYS HA 726 -73.14 -2.50 6.60
N LYS HA 727 -74.46 -2.24 6.63
CA LYS HA 727 -75.41 -3.01 5.79
C LYS HA 727 -76.06 -2.03 4.81
N GLU HA 728 -76.77 -1.01 5.32
CA GLU HA 728 -77.31 0.01 4.39
C GLU HA 728 -76.55 1.33 4.48
N GLU HA 729 -75.62 1.44 5.43
CA GLU HA 729 -74.73 2.58 5.58
C GLU HA 729 -73.40 2.31 4.88
N LEU HA 730 -72.61 3.38 4.66
CA LEU HA 730 -71.30 3.30 4.01
C LEU HA 730 -70.13 3.15 5.00
N MET HA 731 -70.42 2.97 6.28
CA MET HA 731 -69.41 2.88 7.34
C MET HA 731 -69.79 1.85 8.40
N VAL HA 732 -68.77 1.21 8.96
CA VAL HA 732 -68.89 0.32 10.13
C VAL HA 732 -68.37 1.04 11.38
N ILE HA 733 -69.06 0.84 12.52
CA ILE HA 733 -68.79 1.68 13.72
C ILE HA 733 -68.58 0.91 15.03
N ILE HA 734 -67.72 1.42 15.92
CA ILE HA 734 -67.57 0.86 17.30
C ILE HA 734 -67.72 2.07 18.23
N HIS HA 735 -68.86 2.23 18.90
CA HIS HA 735 -69.15 3.44 19.67
C HIS HA 735 -69.06 3.18 21.16
N CYS HA 736 -68.32 4.02 21.87
CA CYS HA 736 -68.20 3.99 23.32
C CYS HA 736 -68.92 5.22 23.90
N HIS HA 737 -70.04 5.00 24.60
CA HIS HA 737 -70.68 6.02 25.42
C HIS HA 737 -70.10 5.96 26.85
N LEU HA 738 -69.68 7.09 27.39
CA LEU HA 738 -68.91 7.20 28.64
C LEU HA 738 -69.78 7.65 29.81
N LYS HA 739 -69.45 7.17 31.02
CA LYS HA 739 -70.06 7.62 32.28
C LYS HA 739 -69.62 9.04 32.64
N THR HA 740 -68.32 9.29 32.57
CA THR HA 740 -67.72 10.63 32.77
C THR HA 740 -67.12 11.13 31.46
N PRO HA 741 -67.27 12.44 31.18
CA PRO HA 741 -66.82 13.02 29.93
C PRO HA 741 -65.30 13.12 29.86
N LEU HA 742 -64.75 12.90 28.67
CA LEU HA 742 -63.31 13.00 28.40
C LEU HA 742 -62.98 14.24 27.56
N MET HA 743 -61.81 14.83 27.82
CA MET HA 743 -61.22 15.88 26.99
C MET HA 743 -60.44 15.25 25.84
N ILE HA 744 -60.98 15.30 24.63
CA ILE HA 744 -60.29 14.88 23.41
C ILE HA 744 -59.94 16.14 22.60
N GLY HA 745 -58.64 16.44 22.52
CA GLY HA 745 -58.14 17.69 21.93
C GLY HA 745 -58.65 18.90 22.73
N LYS HA 746 -59.56 19.68 22.13
CA LYS HA 746 -60.19 20.86 22.77
C LYS HA 746 -61.66 20.62 23.16
N LYS HA 747 -62.21 19.44 22.87
CA LYS HA 747 -63.64 19.15 23.07
C LYS HA 747 -63.82 18.18 24.22
N LYS HA 748 -64.72 18.55 25.14
CA LYS HA 748 -65.30 17.64 26.13
C LYS HA 748 -66.36 16.77 25.43
N THR HA 749 -66.31 15.45 25.61
CA THR HA 749 -67.27 14.53 24.97
C THR HA 749 -67.63 13.36 25.90
N PHE HA 750 -68.89 12.95 25.90
CA PHE HA 750 -69.35 11.69 26.49
C PHE HA 750 -69.25 10.52 25.50
N ASP HA 751 -69.06 10.82 24.21
CA ASP HA 751 -69.12 9.84 23.14
C ASP HA 751 -67.80 9.79 22.39
N VAL HA 752 -67.28 8.58 22.21
CA VAL HA 752 -66.11 8.32 21.38
C VAL HA 752 -66.43 7.20 20.40
N GLN HA 753 -66.39 7.54 19.12
CA GLN HA 753 -66.74 6.65 18.03
C GLN HA 753 -65.50 6.29 17.21
N PHE HA 754 -65.35 5.00 16.92
CA PHE HA 754 -64.34 4.43 16.06
C PHE HA 754 -65.02 3.88 14.81
N TYR HA 755 -64.61 4.31 13.63
CA TYR HA 755 -65.30 3.92 12.41
C TYR HA 755 -64.38 3.81 11.20
N ARG HA 756 -64.84 3.09 10.17
CA ARG HA 756 -64.06 2.94 8.93
C ARG HA 756 -65.03 2.93 7.74
N GLU HA 757 -64.89 3.90 6.82
CA GLU HA 757 -65.84 4.00 5.68
C GLU HA 757 -65.48 2.99 4.60
N VAL HA 758 -66.47 2.21 4.13
CA VAL HA 758 -66.24 1.22 3.03
C VAL HA 758 -66.40 1.93 1.69
N SER HA 759 -66.96 3.14 1.68
CA SER HA 759 -67.22 3.88 0.41
C SER HA 759 -65.96 3.82 -0.49
N ASP HA 760 -66.06 3.12 -1.62
CA ASP HA 760 -64.89 2.97 -2.53
C ASP HA 760 -65.31 3.24 -3.97
N VAL HA 761 -64.47 3.94 -4.73
CA VAL HA 761 -64.77 4.25 -6.14
C VAL HA 761 -64.22 3.12 -7.01
N THR HA 762 -65.08 2.45 -7.78
CA THR HA 762 -64.76 1.14 -8.38
C THR HA 762 -64.64 1.12 -9.90
N VAL HA 763 -65.29 2.02 -10.63
CA VAL HA 763 -65.27 2.01 -12.11
C VAL HA 763 -63.94 2.53 -12.64
N GLY HA 776 -69.52 -2.81 -19.41
CA GLY HA 776 -70.74 -3.60 -19.65
C GLY HA 776 -71.25 -4.27 -18.38
N ASP HA 777 -72.41 -4.93 -18.45
CA ASP HA 777 -73.19 -5.25 -17.24
C ASP HA 777 -72.48 -6.26 -16.31
N GLU HA 778 -71.51 -7.02 -16.84
CA GLU HA 778 -70.68 -7.99 -16.11
C GLU HA 778 -69.66 -7.33 -15.15
N ASP HA 779 -69.03 -6.24 -15.62
CA ASP HA 779 -68.05 -5.50 -14.77
C ASP HA 779 -68.78 -4.83 -13.60
N GLU HA 780 -69.96 -4.25 -13.84
CA GLU HA 780 -70.68 -3.52 -12.79
C GLU HA 780 -71.14 -4.51 -11.72
N LEU HA 781 -71.66 -5.66 -12.16
CA LEU HA 781 -72.06 -6.72 -11.24
C LEU HA 781 -70.87 -7.27 -10.44
N GLU HA 782 -69.67 -7.36 -11.04
CA GLU HA 782 -68.45 -7.74 -10.33
C GLU HA 782 -68.03 -6.69 -9.29
N GLN HA 783 -68.14 -5.40 -9.64
CA GLN HA 783 -67.84 -4.32 -8.66
C GLN HA 783 -68.83 -4.39 -7.50
N GLU HA 784 -70.14 -4.50 -7.79
CA GLU HA 784 -71.16 -4.61 -6.74
C GLU HA 784 -70.90 -5.83 -5.82
N GLN HA 785 -70.51 -6.97 -6.40
CA GLN HA 785 -70.10 -8.14 -5.62
C GLN HA 785 -68.85 -7.89 -4.77
N GLU HA 786 -67.85 -7.20 -5.29
CA GLU HA 786 -66.63 -6.87 -4.56
C GLU HA 786 -66.92 -5.91 -3.39
N GLU HA 787 -67.78 -4.90 -3.59
CA GLU HA 787 -68.27 -4.02 -2.53
C GLU HA 787 -68.99 -4.79 -1.42
N ARG HA 788 -69.90 -5.71 -1.78
CA ARG HA 788 -70.59 -6.57 -0.80
C ARG HA 788 -69.61 -7.44 -0.01
N ARG HA 789 -68.60 -8.02 -0.67
CA ARG HA 789 -67.54 -8.79 0.01
C ARG HA 789 -66.74 -7.92 0.97
N ARG HA 790 -66.37 -6.68 0.57
CA ARG HA 790 -65.66 -5.74 1.43
C ARG HA 790 -66.49 -5.32 2.65
N LYS HA 791 -67.77 -5.01 2.48
CA LYS HA 791 -68.71 -4.71 3.59
C LYS HA 791 -68.75 -5.87 4.58
N ALA HA 792 -68.98 -7.09 4.09
CA ALA HA 792 -69.07 -8.28 4.94
C ALA HA 792 -67.75 -8.58 5.68
N LEU HA 793 -66.60 -8.35 5.04
CA LEU HA 793 -65.29 -8.53 5.67
C LEU HA 793 -65.05 -7.51 6.79
N LEU HA 794 -65.34 -6.24 6.55
CA LEU HA 794 -65.21 -5.16 7.54
C LEU HA 794 -66.15 -5.36 8.73
N ASP HA 795 -67.42 -5.74 8.48
CA ASP HA 795 -68.37 -6.06 9.54
C ASP HA 795 -67.89 -7.23 10.40
N LYS HA 796 -67.32 -8.27 9.79
CA LYS HA 796 -66.76 -9.41 10.51
C LYS HA 796 -65.55 -9.00 11.36
N GLU HA 797 -64.67 -8.16 10.82
CA GLU HA 797 -63.48 -7.66 11.52
C GLU HA 797 -63.86 -6.79 12.73
N PHE HA 798 -64.72 -5.79 12.53
CA PHE HA 798 -65.17 -4.89 13.60
C PHE HA 798 -66.01 -5.60 14.65
N ARG HA 799 -66.93 -6.50 14.26
CA ARG HA 799 -67.72 -7.29 15.21
C ARG HA 799 -66.82 -8.12 16.11
N ARG HA 800 -65.88 -8.86 15.51
CA ARG HA 800 -64.91 -9.68 16.27
C ARG HA 800 -64.12 -8.81 17.24
N PHE HA 801 -63.64 -7.65 16.79
CA PHE HA 801 -62.87 -6.77 17.66
C PHE HA 801 -63.72 -6.20 18.82
N ALA HA 802 -64.98 -5.87 18.57
CA ALA HA 802 -65.91 -5.42 19.60
C ALA HA 802 -66.22 -6.52 20.64
N GLU HA 803 -66.39 -7.77 20.21
CA GLU HA 803 -66.50 -8.94 21.09
C GLU HA 803 -65.21 -9.10 21.93
N GLU HA 804 -64.03 -8.95 21.33
CA GLU HA 804 -62.74 -9.00 22.05
C GLU HA 804 -62.59 -7.87 23.09
N ILE HA 805 -63.19 -6.69 22.89
CA ILE HA 805 -63.27 -5.60 23.89
C ILE HA 805 -64.16 -6.02 25.06
N SER HA 806 -65.34 -6.58 24.78
CA SER HA 806 -66.27 -7.07 25.80
C SER HA 806 -65.63 -8.18 26.64
N GLU HA 807 -64.97 -9.15 26.02
CA GLU HA 807 -64.22 -10.21 26.72
C GLU HA 807 -63.10 -9.65 27.61
N ALA HA 808 -62.31 -8.69 27.10
CA ALA HA 808 -61.22 -8.08 27.85
C ALA HA 808 -61.68 -7.28 29.08
N SER HA 809 -62.95 -6.85 29.10
CA SER HA 809 -63.55 -6.12 30.21
C SER HA 809 -63.91 -7.02 31.41
N ASN HA 810 -63.72 -8.34 31.32
CA ASN HA 810 -64.10 -9.33 32.34
C ASN HA 810 -65.59 -9.26 32.73
N GLY HA 811 -66.48 -9.04 31.74
CA GLY HA 811 -67.93 -8.97 31.94
C GLY HA 811 -68.45 -7.63 32.47
N LEU HA 812 -67.62 -6.58 32.47
CA LEU HA 812 -68.08 -5.22 32.78
C LEU HA 812 -68.87 -4.57 31.64
N LEU HA 813 -68.62 -4.98 30.40
CA LEU HA 813 -69.20 -4.38 29.19
C LEU HA 813 -69.90 -5.44 28.33
N ASP HA 814 -71.17 -5.22 28.09
CA ASP HA 814 -71.93 -5.96 27.08
C ASP HA 814 -71.85 -5.28 25.71
N LEU HA 815 -71.72 -6.09 24.66
CA LEU HA 815 -71.76 -5.59 23.29
C LEU HA 815 -73.21 -5.47 22.80
N GLU HA 816 -73.65 -4.25 22.52
CA GLU HA 816 -74.98 -3.98 21.99
C GLU HA 816 -74.98 -3.80 20.47
N THR HA 817 -75.97 -4.40 19.79
CA THR HA 817 -76.20 -4.22 18.35
C THR HA 817 -77.61 -3.68 18.12
N PRO HA 818 -77.80 -2.60 17.32
CA PRO HA 818 -79.11 -2.01 17.10
C PRO HA 818 -80.07 -2.90 16.32
N PHE HA 819 -81.34 -2.88 16.70
CA PHE HA 819 -82.45 -3.53 16.01
C PHE HA 819 -82.99 -2.65 14.88
N ARG HA 820 -82.44 -2.82 13.68
CA ARG HA 820 -82.82 -1.98 12.52
C ARG HA 820 -84.31 -2.03 12.17
N GLU HA 821 -84.95 -3.18 12.33
CA GLU HA 821 -86.37 -3.40 12.00
C GLU HA 821 -87.32 -2.59 12.89
N LEU HA 822 -86.87 -2.22 14.09
CA LEU HA 822 -87.61 -1.40 15.06
C LEU HA 822 -87.25 0.10 14.97
N GLY HA 823 -86.47 0.50 13.97
CA GLY HA 823 -86.03 1.88 13.80
C GLY HA 823 -87.12 2.80 13.26
N PHE HA 824 -87.11 4.05 13.68
CA PHE HA 824 -88.02 5.09 13.19
C PHE HA 824 -87.26 6.38 12.88
N THR HA 825 -87.77 7.16 11.92
CA THR HA 825 -87.14 8.42 11.52
C THR HA 825 -87.61 9.58 12.41
N GLY HA 826 -86.69 10.49 12.74
CA GLY HA 826 -86.98 11.66 13.56
C GLY HA 826 -85.83 12.68 13.54
N VAL HA 827 -86.04 13.83 14.17
CA VAL HA 827 -85.11 14.97 14.21
C VAL HA 827 -84.76 15.29 15.67
N PRO HA 828 -83.76 14.62 16.31
CA PRO HA 828 -83.36 15.02 17.66
C PRO HA 828 -82.58 16.34 17.65
N PHE HA 829 -81.87 16.65 16.55
CA PHE HA 829 -81.03 17.87 16.53
C PHE HA 829 -81.41 18.78 15.37
N ARG HA 830 -80.78 18.62 14.20
CA ARG HA 830 -81.03 19.56 13.07
C ARG HA 830 -81.24 18.77 11.76
N SER HA 831 -80.95 17.47 11.77
CA SER HA 831 -81.19 16.63 10.60
C SER HA 831 -82.15 15.50 10.95
N SER HA 832 -82.92 15.06 9.93
CA SER HA 832 -83.69 13.82 10.02
C SER HA 832 -82.74 12.64 9.96
N VAL HA 833 -82.87 11.75 10.93
CA VAL HA 833 -82.00 10.60 11.14
C VAL HA 833 -82.84 9.39 11.57
N LEU HA 834 -82.34 8.20 11.27
CA LEU HA 834 -82.94 6.96 11.74
C LEU HA 834 -82.50 6.70 13.20
N CYS HA 835 -83.45 6.80 14.13
CA CYS HA 835 -83.26 6.41 15.52
C CYS HA 835 -83.46 4.89 15.64
N LEU HA 836 -82.50 4.22 16.27
CA LEU HA 836 -82.45 2.77 16.36
C LEU HA 836 -82.51 2.34 17.83
N PRO HA 837 -83.50 1.52 18.23
CA PRO HA 837 -83.48 0.91 19.55
C PRO HA 837 -82.43 -0.22 19.61
N THR HA 838 -81.85 -0.37 20.78
CA THR HA 838 -80.94 -1.46 21.19
C THR HA 838 -81.60 -2.20 22.36
N ARG HA 839 -80.84 -3.03 23.10
CA ARG HA 839 -81.37 -3.72 24.27
C ARG HA 839 -81.75 -2.71 25.36
N ASP HA 840 -80.84 -1.77 25.65
CA ASP HA 840 -80.93 -0.88 26.82
C ASP HA 840 -80.98 0.61 26.44
N CYS HA 841 -80.85 0.93 25.15
CA CYS HA 841 -80.76 2.38 24.78
C CYS HA 841 -81.44 2.75 23.46
N LEU HA 842 -81.77 4.04 23.29
CA LEU HA 842 -82.27 4.54 21.98
C LEU HA 842 -81.10 5.30 21.39
N ILE HA 843 -80.64 4.94 20.19
CA ILE HA 843 -79.39 5.50 19.66
C ILE HA 843 -79.52 6.07 18.26
N GLN HA 844 -78.64 7.03 17.97
CA GLN HA 844 -78.28 7.45 16.63
C GLN HA 844 -76.78 7.73 16.62
N LEU HA 845 -76.03 6.97 15.80
CA LEU HA 845 -74.55 6.99 15.81
C LEU HA 845 -73.94 7.40 14.46
N ILE HA 846 -74.76 7.55 13.42
CA ILE HA 846 -74.28 7.79 12.05
C ILE HA 846 -73.74 9.23 11.89
N ASP HA 847 -74.60 10.19 12.24
CA ASP HA 847 -74.30 11.62 12.13
C ASP HA 847 -73.95 12.22 13.49
N THR HA 848 -73.02 13.17 13.50
CA THR HA 848 -72.75 14.00 14.68
C THR HA 848 -73.68 15.21 14.72
N PRO HA 849 -74.24 15.60 15.88
CA PRO HA 849 -74.03 15.02 17.22
C PRO HA 849 -74.78 13.70 17.42
N PHE HA 850 -74.16 12.80 18.19
CA PHE HA 850 -74.71 11.48 18.50
C PHE HA 850 -75.85 11.58 19.52
N LEU HA 851 -76.84 10.71 19.38
CA LEU HA 851 -77.89 10.50 20.38
C LEU HA 851 -77.66 9.16 21.07
N VAL HA 852 -77.55 9.17 22.40
CA VAL HA 852 -77.57 7.95 23.22
C VAL HA 852 -78.47 8.20 24.43
N VAL HA 853 -79.67 7.59 24.40
CA VAL HA 853 -80.65 7.67 25.49
C VAL HA 853 -80.72 6.30 26.15
N THR HA 854 -80.30 6.21 27.41
CA THR HA 854 -80.45 4.97 28.20
C THR HA 854 -81.90 4.85 28.68
N LEU HA 855 -82.56 3.74 28.37
CA LEU HA 855 -83.99 3.53 28.65
C LEU HA 855 -84.29 3.54 30.15
N GLU HA 856 -83.40 2.97 30.97
CA GLU HA 856 -83.54 2.94 32.43
C GLU HA 856 -83.51 4.33 33.11
N GLU HA 857 -82.86 5.32 32.48
CA GLU HA 857 -82.78 6.69 33.00
C GLU HA 857 -84.02 7.54 32.70
N ILE HA 858 -84.94 7.05 31.87
CA ILE HA 858 -86.16 7.76 31.51
C ILE HA 858 -87.16 7.63 32.65
N GLU HA 859 -87.75 8.75 33.06
CA GLU HA 859 -88.86 8.80 34.02
C GLU HA 859 -90.20 8.74 33.26
N VAL HA 860 -90.40 9.59 32.24
CA VAL HA 860 -91.63 9.63 31.44
C VAL HA 860 -91.36 10.09 30.01
N ALA HA 861 -92.13 9.57 29.06
CA ALA HA 861 -92.16 10.03 27.68
C ALA HA 861 -93.44 10.86 27.40
N HIS HA 862 -93.31 12.01 26.74
CA HIS HA 862 -94.47 12.81 26.33
C HIS HA 862 -94.51 12.95 24.81
N LEU HA 863 -95.64 12.59 24.20
CA LEU HA 863 -95.89 12.71 22.77
C LEU HA 863 -96.62 14.03 22.49
N GLU HA 864 -95.91 15.00 21.94
CA GLU HA 864 -96.46 16.32 21.62
C GLU HA 864 -97.02 16.38 20.20
N ARG HA 865 -98.01 17.24 20.00
CA ARG HA 865 -98.71 17.50 18.72
C ARG HA 865 -99.43 16.27 18.17
N VAL HA 866 -99.88 15.39 19.04
CA VAL HA 866 -100.78 14.29 18.68
C VAL HA 866 -102.19 14.88 18.55
N GLN HA 867 -102.55 15.24 17.31
CA GLN HA 867 -103.90 15.79 17.05
C GLN HA 867 -104.31 15.47 15.61
N PHE HA 868 -105.61 15.36 15.36
CA PHE HA 868 -106.14 15.00 14.04
C PHE HA 868 -105.73 16.03 12.98
N GLY HA 869 -105.22 15.55 11.84
CA GLY HA 869 -104.80 16.38 10.70
C GLY HA 869 -103.31 16.76 10.66
N LEU HA 870 -102.53 16.49 11.70
CA LEU HA 870 -101.07 16.60 11.63
C LEU HA 870 -100.42 15.33 11.08
N LYS HA 871 -99.39 15.52 10.24
CA LYS HA 871 -98.62 14.41 9.64
C LYS HA 871 -97.50 13.90 10.54
N ASN HA 872 -97.08 14.76 11.48
CA ASN HA 872 -95.91 14.43 12.35
C ASN HA 872 -96.11 14.87 13.79
N PHE HA 873 -95.64 14.06 14.74
CA PHE HA 873 -95.64 14.36 16.17
C PHE HA 873 -94.20 14.52 16.69
N ASP HA 874 -94.03 15.00 17.91
CA ASP HA 874 -92.73 15.06 18.60
C ASP HA 874 -92.74 14.14 19.82
N LEU HA 875 -91.59 13.58 20.17
CA LEU HA 875 -91.40 12.75 21.35
C LEU HA 875 -90.41 13.42 22.30
N VAL HA 876 -90.79 13.55 23.57
CA VAL HA 876 -89.96 14.16 24.62
C VAL HA 876 -89.65 13.13 25.69
N PHE HA 877 -88.37 12.92 25.98
CA PHE HA 877 -87.93 12.11 27.11
C PHE HA 877 -87.56 12.99 28.30
N VAL HA 878 -88.22 12.74 29.43
CA VAL HA 878 -87.87 13.28 30.74
C VAL HA 878 -87.06 12.24 31.50
N PHE HA 879 -85.95 12.64 32.11
CA PHE HA 879 -85.08 11.74 32.88
C PHE HA 879 -85.42 11.73 34.37
N LYS HA 880 -85.05 10.64 35.06
CA LYS HA 880 -85.16 10.51 36.53
C LYS HA 880 -84.34 11.57 37.27
N ASP HA 881 -83.16 11.89 36.72
CA ASP HA 881 -82.37 13.04 37.17
C ASP HA 881 -82.94 14.31 36.54
N PHE HA 882 -83.73 15.06 37.32
CA PHE HA 882 -84.36 16.30 36.87
C PHE HA 882 -83.37 17.40 36.51
N SER HA 883 -82.10 17.32 36.94
CA SER HA 883 -81.05 18.28 36.54
C SER HA 883 -80.63 18.12 35.07
N LYS HA 884 -80.79 16.92 34.51
CA LYS HA 884 -80.50 16.61 33.11
C LYS HA 884 -81.57 17.23 32.21
N PRO HA 885 -81.18 17.96 31.14
CA PRO HA 885 -82.15 18.53 30.21
C PRO HA 885 -82.93 17.43 29.47
N VAL HA 886 -84.22 17.70 29.22
CA VAL HA 886 -85.09 16.82 28.42
C VAL HA 886 -84.55 16.67 26.99
N VAL HA 887 -84.78 15.50 26.39
CA VAL HA 887 -84.39 15.19 25.01
C VAL HA 887 -85.63 15.21 24.12
N HIS HA 888 -85.60 16.04 23.07
CA HIS HA 888 -86.64 16.10 22.05
C HIS HA 888 -86.24 15.28 20.82
N ILE HA 889 -87.17 14.50 20.28
CA ILE HA 889 -87.08 13.88 18.95
C ILE HA 889 -88.26 14.41 18.13
N ASN HA 890 -87.97 15.38 17.26
CA ASN HA 890 -89.01 16.08 16.54
C ASN HA 890 -89.39 15.41 15.22
N THR HA 891 -90.55 15.75 14.68
CA THR HA 891 -90.95 15.42 13.30
C THR HA 891 -90.96 13.91 13.04
N ILE HA 892 -91.49 13.13 13.98
CA ILE HA 892 -91.70 11.69 13.79
C ILE HA 892 -92.97 11.50 12.95
N PRO HA 893 -92.96 10.70 11.87
CA PRO HA 893 -94.14 10.44 11.07
C PRO HA 893 -95.27 9.83 11.91
N ILE HA 894 -96.51 10.33 11.74
CA ILE HA 894 -97.67 9.86 12.51
C ILE HA 894 -97.97 8.36 12.29
N GLU HA 895 -97.57 7.80 11.16
CA GLU HA 895 -97.66 6.36 10.86
C GLU HA 895 -96.91 5.49 11.89
N MET HA 896 -95.90 6.05 12.56
CA MET HA 896 -95.11 5.37 13.57
C MET HA 896 -95.63 5.57 15.00
N LEU HA 897 -96.71 6.33 15.21
CA LEU HA 897 -97.22 6.67 16.55
C LEU HA 897 -97.57 5.42 17.37
N GLU HA 898 -98.39 4.54 16.80
CA GLU HA 898 -98.88 3.34 17.47
C GLU HA 898 -97.77 2.34 17.75
N PHE HA 899 -96.77 2.29 16.87
CA PHE HA 899 -95.54 1.52 17.05
C PHE HA 899 -94.71 2.08 18.21
N VAL HA 900 -94.48 3.39 18.26
CA VAL HA 900 -93.74 4.04 19.36
C VAL HA 900 -94.45 3.84 20.70
N LYS HA 901 -95.78 4.00 20.75
CA LYS HA 901 -96.58 3.73 21.96
C LYS HA 901 -96.44 2.27 22.43
N GLN HA 902 -96.47 1.33 21.49
CA GLN HA 902 -96.28 -0.08 21.80
C GLN HA 902 -94.87 -0.33 22.35
N TRP HA 903 -93.85 0.18 21.66
CA TRP HA 903 -92.46 0.05 22.08
C TRP HA 903 -92.20 0.63 23.47
N LEU HA 904 -92.73 1.81 23.79
CA LEU HA 904 -92.61 2.41 25.13
C LEU HA 904 -93.28 1.53 26.20
N THR HA 905 -94.42 0.91 25.88
CA THR HA 905 -95.11 -0.01 26.79
C THR HA 905 -94.29 -1.29 27.01
N ASP HA 906 -93.73 -1.87 25.95
CA ASP HA 906 -92.91 -3.09 26.02
C ASP HA 906 -91.60 -2.87 26.82
N VAL HA 907 -91.15 -1.63 26.95
CA VAL HA 907 -89.96 -1.21 27.71
C VAL HA 907 -90.31 -0.69 29.12
N ASP HA 908 -91.59 -0.76 29.54
CA ASP HA 908 -92.07 -0.26 30.84
C ASP HA 908 -91.86 1.26 31.06
N ILE HA 909 -91.88 2.06 29.99
CA ILE HA 909 -91.82 3.53 30.07
C ILE HA 909 -93.24 4.10 30.02
N PRO HA 910 -93.70 4.86 31.04
CA PRO HA 910 -94.99 5.51 30.93
C PRO HA 910 -94.96 6.59 29.85
N TYR HA 911 -96.07 6.75 29.16
CA TYR HA 911 -96.22 7.85 28.23
C TYR HA 911 -97.52 8.63 28.42
N SER HA 912 -97.51 9.87 27.95
CA SER HA 912 -98.66 10.76 27.87
C SER HA 912 -98.69 11.43 26.50
N GLU HA 913 -99.86 11.88 26.05
CA GLU HA 913 -100.02 12.54 24.76
C GLU HA 913 -100.67 13.91 24.93
N GLY HA 914 -100.28 14.87 24.09
CA GLY HA 914 -100.79 16.23 24.14
C GLY HA 914 -100.81 16.88 22.77
N ALA HA 915 -101.80 17.74 22.51
CA ALA HA 915 -101.92 18.47 21.25
C ALA HA 915 -100.90 19.63 21.12
N VAL HA 916 -100.33 20.09 22.24
CA VAL HA 916 -99.50 21.30 22.33
C VAL HA 916 -98.08 20.97 22.77
N ASN HA 917 -97.09 21.69 22.26
CA ASN HA 917 -95.72 21.63 22.77
C ASN HA 917 -95.60 22.36 24.11
N LEU HA 918 -95.07 21.68 25.13
CA LEU HA 918 -94.95 22.25 26.47
C LEU HA 918 -93.62 23.01 26.65
N ASN HA 919 -93.62 24.03 27.52
CA ASN HA 919 -92.39 24.69 27.93
C ASN HA 919 -91.67 23.91 29.05
N TRP HA 920 -91.01 22.82 28.66
CA TRP HA 920 -90.24 21.97 29.57
C TRP HA 920 -89.18 22.71 30.37
N GLY HA 921 -88.60 23.79 29.83
CA GLY HA 921 -87.60 24.59 30.55
C GLY HA 921 -88.17 25.34 31.76
N THR HA 922 -89.46 25.69 31.74
CA THR HA 922 -90.17 26.24 32.91
C THR HA 922 -90.63 25.11 33.83
N ILE HA 923 -91.24 24.05 33.27
CA ILE HA 923 -91.76 22.91 34.03
C ILE HA 923 -90.66 22.27 34.88
N MET HA 924 -89.52 21.93 34.27
CA MET HA 924 -88.40 21.30 34.98
C MET HA 924 -87.82 22.20 36.07
N LYS HA 925 -87.86 23.53 35.92
CA LYS HA 925 -87.42 24.46 36.99
C LYS HA 925 -88.37 24.47 38.17
N THR HA 926 -89.68 24.40 37.91
CA THR HA 926 -90.69 24.28 38.96
C THR HA 926 -90.52 22.96 39.71
N ILE HA 927 -90.37 21.84 38.98
CA ILE HA 927 -90.15 20.52 39.57
C ILE HA 927 -88.83 20.48 40.36
N GLN HA 928 -87.77 21.14 39.86
CA GLN HA 928 -86.48 21.19 40.62
C GLN HA 928 -86.64 21.99 41.91
N ALA HA 929 -87.48 23.04 41.91
CA ALA HA 929 -87.62 23.92 43.07
C ALA HA 929 -88.23 23.17 44.26
N ASP HA 930 -89.27 22.37 44.00
CA ASP HA 930 -89.87 21.47 45.00
C ASP HA 930 -90.37 20.17 44.36
N PRO HA 931 -89.50 19.13 44.29
CA PRO HA 931 -89.89 17.83 43.76
C PRO HA 931 -90.95 17.13 44.61
N TYR HA 932 -90.99 17.39 45.93
CA TYR HA 932 -91.92 16.73 46.84
C TYR HA 932 -93.34 17.23 46.61
N GLU HA 933 -93.54 18.56 46.60
CA GLU HA 933 -94.84 19.17 46.31
C GLU HA 933 -95.38 18.74 44.94
N PHE HA 934 -94.49 18.57 43.94
CA PHE HA 934 -94.87 18.08 42.62
C PHE HA 934 -95.52 16.69 42.69
N PHE HA 935 -94.90 15.73 43.36
CA PHE HA 935 -95.50 14.39 43.51
C PHE HA 935 -96.70 14.40 44.47
N GLU HA 936 -96.68 15.27 45.48
CA GLU HA 936 -97.82 15.37 46.43
C GLU HA 936 -99.10 15.68 45.65
N ASN HA 937 -99.05 16.66 44.74
CA ASN HA 937 -100.26 17.09 43.99
C ASN HA 937 -100.78 15.95 43.09
N GLY HA 938 -99.90 15.21 42.42
CA GLY HA 938 -100.32 14.14 41.49
C GLY HA 938 -99.20 13.77 40.56
N GLY HA 939 -98.12 14.55 40.55
CA GLY HA 939 -96.94 14.26 39.74
C GLY HA 939 -97.17 14.48 38.25
N TRP HA 940 -96.90 13.46 37.43
CA TRP HA 940 -97.00 13.52 35.97
C TRP HA 940 -98.43 13.46 35.40
N SER HA 941 -99.46 13.37 36.24
CA SER HA 941 -100.87 13.27 35.81
C SER HA 941 -101.34 14.49 35.01
N PHE HA 942 -100.80 15.69 35.28
CA PHE HA 942 -101.16 16.92 34.56
C PHE HA 942 -100.87 16.86 33.04
N LEU HA 943 -99.97 15.97 32.60
CA LEU HA 943 -99.65 15.77 31.19
C LEU HA 943 -100.76 15.07 30.40
N GLY HA 944 -101.66 14.37 31.09
CA GLY HA 944 -102.78 13.68 30.42
C GLY HA 944 -103.87 14.66 30.02
N GLY HA 945 -103.52 15.68 29.23
CA GLY HA 945 -104.50 16.71 28.77
C GLY HA 945 -105.28 17.26 29.98
N GLY HA 946 -106.61 17.22 29.92
CA GLY HA 946 -107.45 17.71 31.04
C GLY HA 946 -108.16 16.52 31.69
N GLU HA 947 -108.06 16.38 33.02
CA GLU HA 947 -108.73 15.27 33.74
C GLU HA 947 -110.17 15.67 34.08
N SER HA 948 -111.01 15.86 33.06
CA SER HA 948 -112.42 16.23 33.29
C SER HA 948 -113.16 15.07 33.95
N ASP HA 949 -112.89 13.83 33.54
CA ASP HA 949 -113.54 12.63 34.10
C ASP HA 949 -115.07 12.80 34.06
N ASP HA 950 -115.60 13.31 32.95
CA ASP HA 950 -117.06 13.53 32.81
C ASP HA 950 -117.48 13.30 31.35
N GLU HA 951 -118.69 12.79 31.14
CA GLU HA 951 -119.20 12.57 29.76
C GLU HA 951 -119.32 13.92 29.04
N GLU HA 952 -118.73 14.03 27.84
CA GLU HA 952 -118.80 15.28 27.07
C GLU HA 952 -120.26 15.59 26.70
N SER HA 953 -121.00 14.59 26.20
CA SER HA 953 -122.43 14.76 25.84
C SER HA 953 -122.61 16.01 24.98
N GLU HA 954 -121.75 16.21 23.97
CA GLU HA 954 -121.84 17.40 23.09
C GLU HA 954 -123.11 17.31 22.24
N GLU HA 955 -123.46 16.11 21.77
CA GLU HA 955 -124.70 15.93 20.96
C GLU HA 955 -125.92 16.34 21.77
N GLU HA 956 -126.81 17.15 21.18
CA GLU HA 956 -128.03 17.61 21.88
C GLU HA 956 -129.09 16.50 21.83
N MET IA 4 -39.42 81.95 63.83
CA MET IA 4 -40.67 81.23 63.48
C MET IA 4 -40.31 80.21 62.41
N SER IA 5 -40.42 78.92 62.72
CA SER IA 5 -40.07 77.84 61.79
C SER IA 5 -41.16 77.72 60.72
N THR IA 6 -40.94 78.31 59.55
CA THR IA 6 -41.75 78.04 58.35
C THR IA 6 -41.36 76.68 57.80
N VAL IA 7 -42.31 75.74 57.75
CA VAL IA 7 -42.10 74.46 57.07
C VAL IA 7 -42.62 74.56 55.65
N ASP IA 8 -41.78 74.17 54.70
CA ASP IA 8 -42.06 74.22 53.29
C ASP IA 8 -41.77 72.88 52.61
N PHE IA 9 -42.59 72.59 51.61
CA PHE IA 9 -42.49 71.40 50.79
C PHE IA 9 -42.43 71.83 49.34
N ASP IA 10 -41.40 71.38 48.64
CA ASP IA 10 -41.26 71.58 47.20
C ASP IA 10 -41.99 70.47 46.43
N THR IA 11 -42.26 70.69 45.14
CA THR IA 11 -42.89 69.66 44.27
C THR IA 11 -44.34 69.25 44.63
N ILE IA 12 -45.07 70.11 45.31
CA ILE IA 12 -46.48 69.87 45.64
C ILE IA 12 -47.40 70.45 44.58
N PHE IA 13 -48.49 69.77 44.26
CA PHE IA 13 -49.46 70.19 43.25
C PHE IA 13 -50.79 70.55 43.92
N LEU IA 14 -51.43 71.62 43.43
CA LEU IA 14 -52.68 72.14 43.98
C LEU IA 14 -53.84 71.76 43.07
N ASN IA 15 -54.86 71.09 43.60
CA ASN IA 15 -56.08 70.68 42.89
C ASN IA 15 -55.81 69.97 41.55
N GLN IA 16 -54.78 69.11 41.52
CA GLN IA 16 -54.41 68.34 40.28
C GLN IA 16 -53.72 69.25 39.24
N SER IA 17 -53.08 70.34 39.67
CA SER IA 17 -52.34 71.22 38.77
C SER IA 17 -51.26 70.43 38.00
N LYS IA 18 -51.03 70.82 36.75
CA LYS IA 18 -49.95 70.30 35.92
C LYS IA 18 -48.58 70.75 36.41
N ALA IA 19 -48.47 72.01 36.83
CA ALA IA 19 -47.23 72.57 37.34
C ALA IA 19 -47.04 72.23 38.84
N PRO IA 20 -45.84 71.77 39.25
CA PRO IA 20 -45.49 71.68 40.65
C PRO IA 20 -45.31 73.08 41.25
N GLY IA 21 -45.57 73.18 42.55
CA GLY IA 21 -45.39 74.39 43.33
C GLY IA 21 -44.73 74.13 44.67
N ARG IA 22 -44.43 75.22 45.37
CA ARG IA 22 -43.93 75.22 46.74
C ARG IA 22 -45.09 75.48 47.69
N PHE IA 23 -45.35 74.51 48.55
CA PHE IA 23 -46.33 74.59 49.62
C PHE IA 23 -45.63 75.09 50.91
N ARG IA 24 -46.29 75.95 51.67
CA ARG IA 24 -45.77 76.52 52.92
C ARG IA 24 -46.86 76.55 53.98
N ILE IA 25 -46.48 76.19 55.20
CA ILE IA 25 -47.31 76.30 56.39
C ILE IA 25 -46.81 77.49 57.21
N THR IA 26 -47.72 78.42 57.52
CA THR IA 26 -47.45 79.59 58.38
C THR IA 26 -48.54 79.72 59.43
N SER IA 27 -48.27 80.48 60.50
CA SER IA 27 -49.28 80.76 61.54
C SER IA 27 -50.50 81.49 61.00
N SER IA 28 -50.35 82.23 59.90
CA SER IA 28 -51.46 82.89 59.21
C SER IA 28 -52.32 81.95 58.36
N GLY IA 29 -51.83 80.76 58.01
CA GLY IA 29 -52.55 79.84 57.12
C GLY IA 29 -51.66 78.96 56.24
N LEU IA 30 -52.25 78.42 55.19
CA LEU IA 30 -51.56 77.64 54.17
C LEU IA 30 -51.28 78.50 52.92
N GLY IA 31 -50.11 78.35 52.34
CA GLY IA 31 -49.75 79.01 51.09
C GLY IA 31 -49.22 78.04 50.05
N TRP IA 32 -49.60 78.22 48.79
CA TRP IA 32 -49.04 77.47 47.66
C TRP IA 32 -48.69 78.41 46.52
N LYS IA 33 -47.49 78.26 45.95
CA LYS IA 33 -47.04 79.07 44.81
C LYS IA 33 -46.47 78.17 43.71
N PRO IA 34 -46.85 78.33 42.43
CA PRO IA 34 -46.28 77.55 41.35
C PRO IA 34 -44.76 77.79 41.22
N SER IA 35 -44.01 76.75 40.89
CA SER IA 35 -42.57 76.85 40.62
C SER IA 35 -42.34 77.59 39.30
N SER IA 36 -41.45 78.58 39.31
CA SER IA 36 -41.21 79.53 38.21
C SER IA 36 -40.58 78.94 36.93
N GLN IA 37 -40.39 77.62 36.87
CA GLN IA 37 -39.70 76.95 35.74
C GLN IA 37 -40.62 76.58 34.56
N VAL IA 38 -41.95 76.74 34.66
CA VAL IA 38 -42.89 76.36 33.59
C VAL IA 38 -43.66 77.58 33.07
N PRO IA 39 -43.61 77.91 31.77
CA PRO IA 39 -44.36 79.03 31.20
C PRO IA 39 -45.86 78.69 31.21
N THR IA 40 -46.49 78.97 32.34
CA THR IA 40 -47.93 78.61 32.45
C THR IA 40 -48.69 79.88 32.11
N LYS IA 41 -49.21 79.97 30.89
CA LYS IA 41 -50.06 81.16 30.59
C LYS IA 41 -51.02 81.18 31.77
N GLY IA 42 -50.95 82.18 32.65
CA GLY IA 42 -51.74 82.03 33.88
C GLY IA 42 -51.28 82.94 35.06
N LYS IA 43 -52.17 83.56 35.90
CA LYS IA 43 -51.67 84.32 37.06
C LYS IA 43 -50.63 83.51 37.86
N THR IA 44 -49.51 84.15 38.19
CA THR IA 44 -48.44 83.63 39.06
C THR IA 44 -48.71 83.85 40.56
N ASP IA 45 -49.92 84.29 40.90
CA ASP IA 45 -50.29 84.70 42.25
C ASP IA 45 -50.32 83.48 43.20
N PRO IA 46 -49.76 83.61 44.41
CA PRO IA 46 -49.79 82.53 45.39
C PRO IA 46 -51.23 82.27 45.84
N PHE IA 47 -51.62 81.01 45.88
CA PHE IA 47 -52.82 80.57 46.59
C PHE IA 47 -52.59 80.71 48.10
N LEU IA 48 -53.53 81.34 48.81
CA LEU IA 48 -53.48 81.54 50.25
C LEU IA 48 -54.79 81.10 50.88
N LEU IA 49 -54.72 80.24 51.88
CA LEU IA 49 -55.85 79.81 52.70
C LEU IA 49 -55.63 80.26 54.15
N PRO IA 50 -56.46 81.16 54.69
CA PRO IA 50 -56.37 81.60 56.08
C PRO IA 50 -56.53 80.46 57.08
N SER IA 51 -55.86 80.54 58.23
CA SER IA 51 -55.95 79.55 59.31
C SER IA 51 -57.38 79.39 59.85
N GLY IA 52 -58.15 80.47 59.90
CA GLY IA 52 -59.54 80.47 60.38
C GLY IA 52 -60.52 79.66 59.50
N ASP IA 53 -60.17 79.45 58.23
CA ASP IA 53 -61.02 78.74 57.27
C ASP IA 53 -60.80 77.22 57.30
N ILE IA 54 -59.75 76.73 57.96
CA ILE IA 54 -59.43 75.31 58.04
C ILE IA 54 -60.36 74.64 59.07
N LEU IA 55 -61.11 73.62 58.64
CA LEU IA 55 -61.98 72.83 59.51
C LEU IA 55 -61.31 71.51 59.93
N SER IA 56 -60.88 70.72 58.97
CA SER IA 56 -60.24 69.42 59.20
C SER IA 56 -59.30 69.08 58.05
N VAL IA 57 -58.36 68.16 58.30
CA VAL IA 57 -57.35 67.76 57.31
C VAL IA 57 -57.23 66.24 57.31
N SER IA 58 -57.31 65.64 56.13
CA SER IA 58 -57.11 64.21 55.94
C SER IA 58 -55.88 63.92 55.07
N TRP IA 59 -55.23 62.80 55.39
CA TRP IA 59 -54.07 62.26 54.70
C TRP IA 59 -54.45 60.95 54.05
N SER IA 60 -54.15 60.79 52.77
CA SER IA 60 -54.52 59.58 52.03
C SER IA 60 -53.68 59.41 50.76
N ARG IA 61 -53.75 58.24 50.14
CA ARG IA 61 -53.03 57.95 48.90
C ARG IA 61 -53.66 58.68 47.70
N GLY IA 62 -52.86 59.49 47.01
CA GLY IA 62 -53.22 60.16 45.75
C GLY IA 62 -52.57 59.51 44.52
N TYR IA 63 -52.62 60.16 43.35
CA TYR IA 63 -51.89 59.68 42.16
C TYR IA 63 -50.36 59.85 42.26
N ARG IA 64 -49.92 61.02 42.72
CA ARG IA 64 -48.50 61.44 42.73
C ARG IA 64 -47.78 61.18 44.06
N GLY IA 65 -48.24 60.20 44.84
CA GLY IA 65 -47.74 59.93 46.19
C GLY IA 65 -48.88 60.07 47.19
N TRP IA 66 -48.65 60.81 48.26
CA TRP IA 66 -49.66 61.10 49.26
C TRP IA 66 -50.32 62.45 49.00
N GLU IA 67 -51.59 62.51 49.35
CA GLU IA 67 -52.47 63.66 49.22
C GLU IA 67 -52.89 64.15 50.60
N LEU IA 68 -52.74 65.45 50.80
CA LEU IA 68 -53.31 66.20 51.91
C LEU IA 68 -54.60 66.87 51.43
N ARG IA 69 -55.74 66.44 51.95
CA ARG IA 69 -57.05 67.01 51.63
C ARG IA 69 -57.52 67.86 52.80
N VAL IA 70 -57.68 69.16 52.53
CA VAL IA 70 -58.07 70.17 53.52
C VAL IA 70 -59.54 70.53 53.33
N TYR IA 71 -60.34 70.30 54.35
CA TYR IA 71 -61.74 70.70 54.40
C TYR IA 71 -61.84 72.10 54.99
N THR IA 72 -62.49 73.01 54.26
CA THR IA 72 -62.68 74.39 54.70
C THR IA 72 -64.06 74.58 55.35
N ARG IA 73 -64.22 75.62 56.17
CA ARG IA 73 -65.51 76.01 56.76
C ARG IA 73 -66.54 76.49 55.74
N ASN IA 74 -66.07 76.90 54.55
CA ASN IA 74 -66.89 77.34 53.42
C ASN IA 74 -67.29 76.17 52.48
N ASP IA 75 -67.29 74.94 52.99
CA ASP IA 75 -67.70 73.72 52.26
C ASP IA 75 -66.91 73.44 50.97
N LYS IA 76 -65.71 74.02 50.84
CA LYS IA 76 -64.75 73.72 49.77
C LYS IA 76 -63.70 72.72 50.24
N VAL IA 77 -63.29 71.87 49.31
CA VAL IA 77 -62.21 70.90 49.50
C VAL IA 77 -60.99 71.34 48.69
N ILE IA 78 -59.84 71.44 49.35
CA ILE IA 78 -58.56 71.72 48.70
C ILE IA 78 -57.72 70.45 48.72
N MET IA 79 -57.22 70.07 47.55
CA MET IA 79 -56.39 68.89 47.35
C MET IA 79 -54.94 69.30 47.10
N LEU IA 80 -54.01 68.80 47.92
CA LEU IA 80 -52.57 68.98 47.73
C LEU IA 80 -51.91 67.62 47.59
N ASP IA 81 -51.39 67.33 46.39
CA ASP IA 81 -50.76 65.99 46.15
C ASP IA 81 -49.27 66.14 45.82
N GLY IA 82 -48.50 65.07 46.04
CA GLY IA 82 -47.05 65.04 45.78
C GLY IA 82 -46.19 64.78 47.01
N PHE IA 83 -46.78 64.59 48.18
CA PHE IA 83 -46.04 64.30 49.40
C PHE IA 83 -45.49 62.86 49.43
N GLU IA 84 -44.36 62.69 50.10
CA GLU IA 84 -43.80 61.38 50.41
C GLU IA 84 -44.40 60.82 51.71
N GLN IA 85 -44.25 59.50 51.91
CA GLN IA 85 -44.75 58.86 53.14
C GLN IA 85 -44.02 59.38 54.40
N GLN IA 86 -42.77 59.81 54.25
CA GLN IA 86 -41.98 60.30 55.42
C GLN IA 86 -42.55 61.65 55.90
N ASP IA 87 -43.04 62.47 54.98
CA ASP IA 87 -43.57 63.81 55.30
C ASP IA 87 -44.74 63.77 56.30
N PHE IA 88 -45.40 62.61 56.47
CA PHE IA 88 -46.57 62.47 57.33
C PHE IA 88 -46.32 62.90 58.78
N GLN IA 89 -45.21 62.44 59.35
CA GLN IA 89 -44.89 62.78 60.77
C GLN IA 89 -44.70 64.28 60.91
N GLN IA 90 -43.93 64.90 59.99
CA GLN IA 90 -43.65 66.36 60.06
C GLN IA 90 -44.96 67.12 59.89
N LEU IA 91 -45.74 66.81 58.84
CA LEU IA 91 -47.03 67.48 58.61
C LEU IA 91 -47.98 67.34 59.80
N LYS IA 92 -48.08 66.14 60.39
CA LYS IA 92 -48.94 65.89 61.56
C LYS IA 92 -48.56 66.81 62.73
N ASN IA 93 -47.27 66.90 63.04
CA ASN IA 93 -46.79 67.74 64.13
C ASN IA 93 -47.02 69.23 63.86
N GLU IA 94 -46.74 69.70 62.64
CA GLU IA 94 -46.88 71.11 62.28
C GLU IA 94 -48.35 71.57 62.19
N ILE IA 95 -49.24 70.76 61.61
CA ILE IA 95 -50.67 71.07 61.52
C ILE IA 95 -51.28 71.10 62.93
N GLN IA 96 -50.94 70.12 63.78
CA GLN IA 96 -51.39 70.10 65.17
C GLN IA 96 -50.90 71.32 65.95
N ARG IA 97 -49.62 71.67 65.79
CA ARG IA 97 -49.00 72.82 66.48
C ARG IA 97 -49.57 74.16 66.02
N THR IA 98 -49.80 74.32 64.71
CA THR IA 98 -50.15 75.62 64.10
C THR IA 98 -51.65 75.89 64.10
N PHE IA 99 -52.47 74.87 63.80
CA PHE IA 99 -53.92 75.02 63.62
C PHE IA 99 -54.74 74.31 64.70
N ASN IA 100 -54.13 73.49 65.57
CA ASN IA 100 -54.81 72.65 66.55
C ASN IA 100 -55.83 71.69 65.90
N VAL IA 101 -55.50 71.18 64.71
CA VAL IA 101 -56.31 70.25 63.92
C VAL IA 101 -55.59 68.90 63.82
N ASN IA 102 -56.31 67.81 64.12
CA ASN IA 102 -55.77 66.46 63.96
C ASN IA 102 -55.68 66.08 62.47
N LEU IA 103 -54.52 65.56 62.05
CA LEU IA 103 -54.34 64.97 60.72
C LEU IA 103 -54.84 63.52 60.69
N GLU IA 104 -55.99 63.27 60.07
CA GLU IA 104 -56.61 61.95 59.99
C GLU IA 104 -56.06 61.11 58.84
N HIS IA 105 -55.60 59.88 59.10
CA HIS IA 105 -55.19 58.95 58.05
C HIS IA 105 -56.41 58.16 57.52
N LYS IA 106 -56.78 58.39 56.26
CA LYS IA 106 -57.95 57.78 55.62
C LYS IA 106 -57.53 56.71 54.61
N GLU IA 107 -57.74 55.44 54.96
CA GLU IA 107 -57.48 54.29 54.07
C GLU IA 107 -58.62 54.08 53.08
N HIS IA 108 -58.25 53.83 51.81
CA HIS IA 108 -59.28 53.70 50.75
C HIS IA 108 -59.44 52.25 50.27
N SER IA 109 -60.66 51.89 49.87
CA SER IA 109 -60.96 50.56 49.36
C SER IA 109 -60.27 50.32 48.03
N LEU IA 110 -59.48 49.23 47.95
CA LEU IA 110 -58.78 48.82 46.73
C LEU IA 110 -59.34 47.53 46.11
N ARG IA 111 -60.54 47.10 46.55
CA ARG IA 111 -61.12 45.80 46.17
C ARG IA 111 -61.52 45.72 44.69
N GLY IA 112 -61.80 46.85 44.05
CA GLY IA 112 -62.23 46.86 42.65
C GLY IA 112 -63.71 46.57 42.42
N TRP IA 113 -64.52 46.62 43.48
CA TRP IA 113 -65.97 46.45 43.43
C TRP IA 113 -66.64 47.76 43.01
N ASN IA 114 -67.69 47.65 42.19
CA ASN IA 114 -68.48 48.82 41.78
C ASN IA 114 -69.78 48.97 42.59
N TRP IA 115 -69.94 48.14 43.63
CA TRP IA 115 -71.11 48.28 44.53
C TRP IA 115 -70.67 48.84 45.88
N GLY IA 116 -71.61 49.36 46.65
CA GLY IA 116 -71.30 50.00 47.92
C GLY IA 116 -72.49 50.79 48.47
N LYS IA 117 -72.19 51.83 49.25
CA LYS IA 117 -73.16 52.81 49.76
C LYS IA 117 -72.62 54.21 49.50
N THR IA 118 -73.43 55.07 48.88
CA THR IA 118 -73.15 56.49 48.80
C THR IA 118 -73.47 57.18 50.12
N GLN IA 119 -72.67 58.22 50.42
CA GLN IA 119 -72.85 58.97 51.69
C GLN IA 119 -72.61 60.47 51.45
N LEU IA 120 -73.68 61.27 51.47
CA LEU IA 120 -73.55 62.72 51.20
C LEU IA 120 -72.87 63.41 52.39
N THR IA 121 -71.55 63.58 52.36
CA THR IA 121 -70.86 64.36 53.44
C THR IA 121 -70.98 65.87 53.14
N ARG IA 122 -70.78 66.73 54.14
CA ARG IA 122 -70.96 68.21 54.00
C ARG IA 122 -70.39 68.80 52.70
N ALA IA 123 -69.16 68.45 52.30
CA ALA IA 123 -68.52 69.10 51.14
C ALA IA 123 -68.29 68.16 49.94
N GLU IA 124 -68.44 66.85 50.13
CA GLU IA 124 -68.16 65.84 49.10
C GLU IA 124 -69.18 64.69 49.13
N LEU IA 125 -69.47 64.14 47.96
CA LEU IA 125 -70.16 62.86 47.80
C LEU IA 125 -69.14 61.72 47.93
N VAL IA 126 -69.34 60.83 48.91
CA VAL IA 126 -68.45 59.70 49.18
C VAL IA 126 -69.09 58.39 48.74
N PHE IA 127 -68.37 57.56 47.97
CA PHE IA 127 -68.80 56.20 47.68
C PHE IA 127 -68.01 55.20 48.51
N ASN IA 128 -68.68 54.51 49.45
CA ASN IA 128 -68.06 53.54 50.33
C ASN IA 128 -68.22 52.10 49.82
N VAL IA 129 -67.11 51.36 49.76
CA VAL IA 129 -67.06 49.93 49.45
C VAL IA 129 -66.54 49.20 50.68
N ASN IA 130 -67.33 48.29 51.25
CA ASN IA 130 -66.96 47.58 52.52
C ASN IA 130 -66.46 48.60 53.55
N ASN IA 131 -67.33 49.50 53.98
CA ASN IA 131 -67.08 50.49 55.03
C ASN IA 131 -65.80 51.31 54.87
N ARG IA 132 -65.21 51.33 53.68
CA ARG IA 132 -64.07 52.17 53.33
C ARG IA 132 -64.40 53.05 52.13
N PRO IA 133 -63.96 54.31 52.09
CA PRO IA 133 -64.13 55.19 50.94
C PRO IA 133 -63.40 54.60 49.72
N ALA IA 134 -64.09 54.42 48.60
CA ALA IA 134 -63.45 54.09 47.32
C ALA IA 134 -63.03 55.36 46.58
N TRP IA 135 -63.93 56.36 46.55
CA TRP IA 135 -63.69 57.66 45.94
C TRP IA 135 -64.66 58.69 46.51
N GLU IA 136 -64.27 59.96 46.40
CA GLU IA 136 -65.08 61.11 46.78
C GLU IA 136 -65.04 62.17 45.70
N ILE IA 137 -66.19 62.81 45.47
CA ILE IA 137 -66.34 63.90 44.52
C ILE IA 137 -66.79 65.15 45.26
N PRO IA 138 -65.99 66.24 45.28
CA PRO IA 138 -66.41 67.51 45.87
C PRO IA 138 -67.64 68.07 45.16
N TYR IA 139 -68.60 68.62 45.92
CA TYR IA 139 -69.81 69.21 45.33
C TYR IA 139 -69.50 70.35 44.36
N SER IA 140 -68.42 71.10 44.59
CA SER IA 140 -67.95 72.16 43.69
C SER IA 140 -67.55 71.67 42.30
N GLU IA 141 -67.21 70.39 42.13
CA GLU IA 141 -66.89 69.79 40.83
C GLU IA 141 -68.15 69.33 40.06
N ILE IA 142 -69.28 69.14 40.74
CA ILE IA 142 -70.54 68.71 40.13
C ILE IA 142 -71.22 69.91 39.45
N SER IA 143 -71.41 69.83 38.14
CA SER IA 143 -72.05 70.90 37.36
C SER IA 143 -73.57 70.80 37.36
N ASN IA 144 -74.06 69.56 37.25
CA ASN IA 144 -75.48 69.25 37.13
C ASN IA 144 -75.73 67.81 37.58
N SER IA 145 -76.96 67.51 37.97
CA SER IA 145 -77.43 66.16 38.28
C SER IA 145 -78.80 65.96 37.66
N ASN IA 146 -79.10 64.76 37.12
CA ASN IA 146 -80.39 64.48 36.41
C ASN IA 146 -80.87 63.03 36.57
N LEU IA 147 -82.08 62.80 37.08
CA LEU IA 147 -82.70 61.47 37.17
C LEU IA 147 -82.88 60.90 35.75
N THR IA 148 -82.13 59.84 35.41
CA THR IA 148 -82.20 59.22 34.07
C THR IA 148 -83.12 57.99 34.01
N GLY IA 149 -83.63 57.55 35.16
CA GLY IA 149 -84.58 56.44 35.30
C GLY IA 149 -85.04 56.30 36.75
N ARG IA 150 -85.96 55.35 37.03
CA ARG IA 150 -86.56 55.16 38.37
C ARG IA 150 -85.55 54.85 39.49
N HIS IA 151 -84.37 54.35 39.13
CA HIS IA 151 -83.30 53.96 40.05
C HIS IA 151 -81.93 54.49 39.58
N GLU IA 152 -81.90 55.51 38.71
CA GLU IA 152 -80.66 55.95 38.05
C GLU IA 152 -80.46 57.46 38.16
N ILE IA 153 -79.28 57.83 38.65
CA ILE IA 153 -78.89 59.21 38.88
C ILE IA 153 -77.61 59.48 38.10
N SER IA 154 -77.66 60.46 37.19
CA SER IA 154 -76.52 60.89 36.40
C SER IA 154 -76.02 62.23 36.90
N MET IA 155 -74.75 62.31 37.25
CA MET IA 155 -74.07 63.53 37.65
C MET IA 155 -73.08 63.93 36.56
N GLU IA 156 -73.23 65.15 36.06
CA GLU IA 156 -72.29 65.78 35.14
C GLU IA 156 -71.29 66.59 35.96
N LEU IA 157 -70.02 66.51 35.58
CA LEU IA 157 -68.96 67.26 36.32
C LEU IA 157 -68.54 68.48 35.48
N ASN IA 158 -68.10 69.55 36.15
CA ASN IA 158 -67.64 70.78 35.44
C ASN IA 158 -66.48 70.42 34.51
N PRO IA 159 -66.57 70.70 33.19
CA PRO IA 159 -65.46 70.44 32.27
C PRO IA 159 -64.27 71.32 32.64
N LYS IA 160 -63.11 70.70 32.92
CA LYS IA 160 -61.90 71.48 33.29
C LYS IA 160 -61.24 71.99 32.01
N THR IA 161 -61.72 73.10 31.47
CA THR IA 161 -61.18 73.64 30.19
C THR IA 161 -60.28 74.85 30.46
N VAL IA 162 -60.70 76.04 30.02
CA VAL IA 162 -59.85 77.27 30.18
C VAL IA 162 -60.63 78.31 31.00
N ASP IA 163 -60.23 78.53 32.27
CA ASP IA 163 -60.93 79.50 33.14
C ASP IA 163 -59.87 80.48 33.65
N GLU IA 164 -60.18 81.78 33.72
CA GLU IA 164 -59.09 82.69 34.10
C GLU IA 164 -58.49 82.50 35.52
N ASN IA 165 -59.09 81.62 36.33
CA ASN IA 165 -58.74 81.37 37.73
C ASN IA 165 -58.23 79.95 38.06
N HIS IA 166 -58.06 79.04 37.09
CA HIS IA 166 -57.66 77.65 37.36
C HIS IA 166 -56.39 77.20 36.62
N TYR IA 167 -55.48 76.51 37.34
CA TYR IA 167 -54.27 75.91 36.79
C TYR IA 167 -54.60 74.77 35.81
N GLU IA 168 -53.86 74.63 34.71
CA GLU IA 168 -54.04 73.53 33.75
C GLU IA 168 -54.00 72.17 34.46
N THR IA 169 -55.01 71.33 34.28
CA THR IA 169 -55.05 69.96 34.80
C THR IA 169 -54.32 68.98 33.89
N LEU IA 170 -53.70 67.97 34.51
CA LEU IA 170 -52.89 67.01 33.71
C LEU IA 170 -53.48 65.59 33.77
N GLY IA 171 -53.99 65.08 32.64
CA GLY IA 171 -54.46 63.69 32.56
C GLY IA 171 -55.81 63.52 31.88
N ASP IA 172 -56.47 62.40 32.21
CA ASP IA 172 -57.81 62.06 31.76
C ASP IA 172 -58.83 62.61 32.75
N GLU IA 173 -59.85 63.30 32.24
CA GLU IA 173 -60.82 64.00 33.08
C GLU IA 173 -62.15 63.25 33.14
N LEU IA 174 -62.69 63.08 34.34
CA LEU IA 174 -64.01 62.52 34.56
C LEU IA 174 -65.08 63.57 34.21
N VAL IA 175 -66.04 63.19 33.36
CA VAL IA 175 -67.08 64.08 32.82
C VAL IA 175 -68.45 63.75 33.37
N GLU IA 176 -68.73 62.46 33.57
CA GLU IA 176 -70.06 62.00 33.96
C GLU IA 176 -69.95 60.74 34.82
N VAL IA 177 -70.73 60.70 35.90
CA VAL IA 177 -70.87 59.55 36.79
C VAL IA 177 -72.33 59.17 36.85
N ARG IA 178 -72.65 57.90 36.57
CA ARG IA 178 -74.01 57.36 36.74
C ARG IA 178 -74.04 56.35 37.85
N LEU IA 179 -74.93 56.58 38.81
CA LEU IA 179 -75.20 55.70 39.93
C LEU IA 179 -76.54 54.99 39.73
N TYR IA 180 -76.61 53.76 40.22
CA TYR IA 180 -77.83 52.98 40.32
C TYR IA 180 -78.15 52.76 41.80
N VAL IA 181 -79.29 53.30 42.22
CA VAL IA 181 -79.77 53.26 43.61
C VAL IA 181 -81.07 52.46 43.64
N PRO IA 182 -81.02 51.16 43.99
CA PRO IA 182 -82.21 50.31 44.07
C PRO IA 182 -83.09 50.66 45.27
N GLY IA 183 -84.35 50.22 45.22
CA GLY IA 183 -85.29 50.28 46.34
C GLY IA 183 -86.36 51.38 46.26
N GLN IA 184 -87.48 51.15 46.95
CA GLN IA 184 -88.58 52.14 46.92
C GLN IA 184 -88.89 52.60 48.35
N LYS IA 204 -86.15 55.51 46.41
CA LYS IA 204 -84.94 55.86 47.19
C LYS IA 204 -84.02 56.79 46.38
N SER IA 205 -83.94 56.58 45.06
CA SER IA 205 -83.15 57.42 44.16
C SER IA 205 -83.66 58.87 44.04
N GLN IA 206 -84.96 59.09 44.17
CA GLN IA 206 -85.54 60.42 44.10
C GLN IA 206 -85.19 61.24 45.35
N LEU IA 207 -85.29 60.64 46.54
CA LEU IA 207 -84.83 61.28 47.77
C LEU IA 207 -83.32 61.58 47.73
N PHE IA 208 -82.52 60.64 47.26
CA PHE IA 208 -81.08 60.89 47.12
C PHE IA 208 -80.79 62.06 46.18
N TYR IA 209 -81.52 62.15 45.06
CA TYR IA 209 -81.42 63.26 44.12
C TYR IA 209 -81.80 64.61 44.76
N GLU IA 210 -82.89 64.66 45.51
CA GLU IA 210 -83.32 65.85 46.26
C GLU IA 210 -82.24 66.28 47.28
N GLN IA 211 -81.73 65.34 48.09
CA GLN IA 211 -80.67 65.63 49.06
C GLN IA 211 -79.36 66.09 48.40
N LEU IA 212 -79.00 65.50 47.25
CA LEU IA 212 -77.82 65.92 46.49
C LEU IA 212 -78.00 67.36 45.97
N LYS IA 213 -79.20 67.70 45.50
CA LYS IA 213 -79.54 69.04 45.01
C LYS IA 213 -79.42 70.09 46.11
N ASP IA 214 -79.93 69.79 47.30
CA ASP IA 214 -79.86 70.70 48.46
C ASP IA 214 -78.41 70.94 48.91
N LYS IA 215 -77.58 69.88 48.95
CA LYS IA 215 -76.18 69.97 49.41
C LYS IA 215 -75.21 70.53 48.40
N ALA IA 216 -75.41 70.21 47.12
CA ALA IA 216 -74.56 70.76 46.06
C ALA IA 216 -74.85 72.24 45.77
N ASP IA 217 -75.93 72.78 46.35
CA ASP IA 217 -76.29 74.21 46.15
C ASP IA 217 -76.39 74.54 44.66
N PHE IA 218 -77.21 73.80 43.89
CA PHE IA 218 -77.42 74.11 42.45
C PHE IA 218 -78.25 75.40 42.31
N ASP IA 219 -78.12 76.11 41.18
CA ASP IA 219 -78.92 77.34 40.92
C ASP IA 219 -80.38 77.10 41.31
N THR IA 220 -80.99 78.03 42.06
CA THR IA 220 -82.37 77.81 42.57
C THR IA 220 -83.30 78.91 42.05
N THR IA 221 -84.61 78.80 42.38
CA THR IA 221 -85.61 79.80 41.93
C THR IA 221 -85.54 79.93 40.39
N SER IA 222 -85.36 78.80 39.70
CA SER IA 222 -85.29 78.81 38.21
C SER IA 222 -86.64 79.26 37.67
N GLU IA 223 -86.64 80.11 36.64
CA GLU IA 223 -87.91 80.64 36.08
C GLU IA 223 -88.05 80.21 34.63
N ALA IA 224 -88.68 79.05 34.38
CA ALA IA 224 -88.94 78.64 33.00
C ALA IA 224 -89.66 79.78 32.27
N ILE IA 225 -89.20 80.08 31.06
CA ILE IA 225 -89.81 81.11 30.19
C ILE IA 225 -91.19 80.65 29.74
N VAL IA 226 -91.33 79.34 29.45
CA VAL IA 226 -92.58 78.69 29.05
C VAL IA 226 -92.50 77.20 29.34
N SER IA 227 -93.62 76.60 29.75
CA SER IA 227 -93.79 75.16 29.93
C SER IA 227 -94.93 74.65 29.05
N PHE IA 228 -94.77 73.43 28.54
CA PHE IA 228 -95.79 72.69 27.82
C PHE IA 228 -95.96 71.33 28.47
N GLU IA 229 -97.15 71.07 28.99
CA GLU IA 229 -97.46 69.84 29.71
C GLU IA 229 -97.98 68.74 28.79
N ASP IA 230 -97.81 67.49 29.21
CA ASP IA 230 -98.41 66.29 28.60
C ASP IA 230 -98.15 66.07 27.09
N ILE IA 231 -96.98 66.46 26.58
CA ILE IA 231 -96.64 66.26 25.16
C ILE IA 231 -96.32 64.78 24.89
N LEU IA 232 -97.10 64.18 23.99
CA LEU IA 232 -96.89 62.75 23.67
C LEU IA 232 -95.76 62.61 22.65
N PHE IA 233 -94.62 62.06 23.07
CA PHE IA 233 -93.49 61.82 22.14
C PHE IA 233 -93.69 60.47 21.44
N LEU IA 234 -92.92 60.19 20.40
CA LEU IA 234 -92.97 58.87 19.71
C LEU IA 234 -91.58 58.24 19.75
N THR IA 235 -90.54 59.08 19.76
CA THR IA 235 -89.13 58.59 19.83
C THR IA 235 -88.39 59.40 20.89
N PRO IA 236 -88.18 58.89 22.13
CA PRO IA 236 -88.93 57.74 22.65
C PRO IA 236 -90.36 58.09 23.07
N ARG IA 237 -91.29 57.13 22.95
CA ARG IA 237 -92.72 57.38 23.29
C ARG IA 237 -92.84 57.68 24.78
N GLY IA 238 -93.43 58.83 25.13
CA GLY IA 238 -93.64 59.19 26.55
C GLY IA 238 -94.40 60.50 26.69
N ARG IA 239 -95.07 60.71 27.83
CA ARG IA 239 -95.79 61.98 28.08
C ARG IA 239 -94.85 62.93 28.82
N PHE IA 240 -94.06 63.71 28.07
CA PHE IA 240 -93.07 64.59 28.68
C PHE IA 240 -93.64 66.00 28.81
N GLU IA 241 -93.31 66.65 29.92
CA GLU IA 241 -93.41 68.09 30.07
C GLU IA 241 -92.15 68.74 29.50
N ILE IA 242 -92.33 69.76 28.66
CA ILE IA 242 -91.24 70.53 28.06
C ILE IA 242 -91.17 71.90 28.75
N SER IA 243 -90.13 72.14 29.54
CA SER IA 243 -89.87 73.44 30.16
C SER IA 243 -88.71 74.13 29.42
N MET IA 244 -88.94 75.34 28.89
CA MET IA 244 -87.93 76.09 28.14
C MET IA 244 -87.29 77.19 28.99
N TYR IA 245 -85.96 77.27 28.93
CA TYR IA 245 -85.16 78.32 29.58
C TYR IA 245 -84.32 79.07 28.54
N ALA IA 246 -83.67 80.16 28.95
CA ALA IA 246 -82.87 80.99 28.06
C ALA IA 246 -81.74 80.21 27.36
N ASN IA 247 -81.06 79.31 28.08
CA ASN IA 247 -79.90 78.57 27.56
C ASN IA 247 -80.15 77.07 27.31
N ASN IA 248 -81.25 76.59 27.90
CA ASN IA 248 -81.52 75.13 27.87
C ASN IA 248 -83.00 74.77 27.80
N LEU IA 249 -83.31 73.58 27.30
CA LEU IA 249 -84.61 72.96 27.24
C LEU IA 249 -84.60 71.76 28.19
N ARG IA 250 -85.61 71.64 29.04
CA ARG IA 250 -85.79 70.48 29.92
C ARG IA 250 -86.98 69.65 29.46
N LEU IA 251 -86.79 68.33 29.41
CA LEU IA 251 -87.85 67.35 29.21
C LEU IA 251 -88.01 66.61 30.53
N ARG IA 252 -89.16 66.76 31.19
CA ARG IA 252 -89.49 66.00 32.40
C ARG IA 252 -90.44 64.89 32.05
N GLY IA 253 -90.11 63.67 32.45
CA GLY IA 253 -90.94 62.49 32.22
C GLY IA 253 -91.11 61.70 33.50
N GLN IA 254 -92.01 60.72 33.51
CA GLN IA 254 -92.27 59.93 34.73
C GLN IA 254 -91.03 59.16 35.23
N SER IA 255 -90.16 58.72 34.31
CA SER IA 255 -88.98 57.90 34.65
C SER IA 255 -87.65 58.55 34.27
N TYR IA 256 -87.65 59.57 33.42
CA TYR IA 256 -86.43 60.15 32.86
C TYR IA 256 -86.59 61.65 32.68
N ASP IA 257 -85.65 62.39 33.27
CA ASP IA 257 -85.48 63.82 33.06
C ASP IA 257 -84.27 64.08 32.16
N TYR IA 258 -84.45 64.91 31.14
CA TYR IA 258 -83.40 65.30 30.21
C TYR IA 258 -83.21 66.81 30.21
N LYS IA 259 -81.95 67.25 30.21
CA LYS IA 259 -81.56 68.65 30.02
C LYS IA 259 -80.78 68.77 28.71
N ILE IA 260 -81.36 69.46 27.73
CA ILE IA 260 -80.76 69.70 26.41
C ILE IA 260 -80.35 71.17 26.33
N GLN IA 261 -79.09 71.46 26.02
CA GLN IA 261 -78.69 72.84 25.79
C GLN IA 261 -79.21 73.35 24.44
N ASN IA 262 -79.61 74.62 24.35
CA ASN IA 262 -80.16 75.19 23.12
C ASN IA 262 -79.15 75.11 21.95
N LYS IA 263 -77.84 75.17 22.24
CA LYS IA 263 -76.76 74.97 21.25
C LYS IA 263 -76.73 73.58 20.61
N ASN IA 264 -77.15 72.54 21.35
CA ASN IA 264 -77.15 71.14 20.91
C ASN IA 264 -78.30 70.82 19.96
N VAL IA 265 -79.32 71.67 19.89
CA VAL IA 265 -80.40 71.55 18.90
C VAL IA 265 -79.85 72.01 17.54
N LEU IA 266 -79.72 71.07 16.61
CA LEU IA 266 -79.20 71.35 15.27
C LEU IA 266 -80.29 71.80 14.31
N ARG IA 267 -81.45 71.14 14.33
CA ARG IA 267 -82.55 71.35 13.37
C ARG IA 267 -83.90 71.09 14.02
N ILE IA 268 -84.89 71.86 13.58
CA ILE IA 268 -86.30 71.72 13.98
C ILE IA 268 -87.09 71.44 12.70
N PHE IA 269 -87.84 70.33 12.66
CA PHE IA 269 -88.77 70.02 11.58
C PHE IA 269 -90.20 70.15 12.11
N SER IA 270 -91.08 70.74 11.32
CA SER IA 270 -92.52 70.83 11.60
C SER IA 270 -93.26 70.26 10.41
N LEU IA 271 -93.73 69.02 10.53
CA LEU IA 271 -94.22 68.20 9.41
C LEU IA 271 -95.64 67.69 9.70
N PRO IA 272 -96.61 67.90 8.81
CA PRO IA 272 -97.94 67.31 8.95
C PRO IA 272 -97.90 65.82 8.66
N ARG IA 273 -98.58 65.00 9.47
CA ARG IA 273 -98.76 63.58 9.21
C ARG IA 273 -99.78 63.38 8.08
N LEU IA 274 -99.62 62.34 7.25
CA LEU IA 274 -100.53 62.07 6.12
C LEU IA 274 -101.97 61.70 6.54
N ASP IA 275 -102.17 61.43 7.84
CA ASP IA 275 -103.53 61.10 8.36
C ASP IA 275 -104.39 62.36 8.42
N ASP IA 276 -103.77 63.54 8.23
CA ASP IA 276 -104.51 64.83 8.22
C ASP IA 276 -105.22 65.05 9.55
N ARG IA 277 -104.79 64.35 10.61
CA ARG IA 277 -105.39 64.52 11.96
C ARG IA 277 -104.28 64.88 12.96
N HIS IA 278 -103.02 64.68 12.58
CA HIS IA 278 -101.91 64.92 13.55
C HIS IA 278 -100.80 65.78 12.93
N HIS IA 279 -99.97 66.40 13.77
CA HIS IA 279 -98.82 67.21 13.28
C HIS IA 279 -97.57 66.80 14.06
N LEU IA 280 -96.45 66.55 13.38
CA LEU IA 280 -95.19 66.11 13.95
C LEU IA 280 -94.25 67.29 14.11
N VAL IA 281 -93.65 67.43 15.30
CA VAL IA 281 -92.52 68.33 15.52
C VAL IA 281 -91.30 67.49 15.88
N ILE IA 282 -90.21 67.64 15.14
CA ILE IA 282 -89.04 66.78 15.25
C ILE IA 282 -87.79 67.60 15.54
N LEU IA 283 -87.07 67.27 16.61
CA LEU IA 283 -85.82 67.92 16.99
C LEU IA 283 -84.64 67.01 16.71
N GLN IA 284 -83.68 67.49 15.94
CA GLN IA 284 -82.37 66.85 15.83
C GLN IA 284 -81.44 67.39 16.92
N VAL IA 285 -80.93 66.49 17.76
CA VAL IA 285 -80.06 66.83 18.90
C VAL IA 285 -78.70 66.16 18.75
N ASP IA 286 -77.63 66.93 18.94
CA ASP IA 286 -76.25 66.45 18.96
C ASP IA 286 -75.51 67.05 20.16
N PRO IA 287 -75.00 66.24 21.12
CA PRO IA 287 -75.02 64.77 21.15
C PRO IA 287 -76.42 64.16 21.29
N PRO IA 288 -76.66 62.95 20.75
CA PRO IA 288 -77.96 62.28 20.82
C PRO IA 288 -78.32 61.94 22.27
N LEU IA 289 -79.61 62.08 22.61
CA LEU IA 289 -80.12 61.72 23.93
C LEU IA 289 -79.93 60.23 24.22
N ARG IA 290 -79.64 59.88 25.47
CA ARG IA 290 -79.46 58.48 25.89
C ARG IA 290 -80.54 58.05 26.85
N GLN IA 291 -81.06 56.86 26.61
CA GLN IA 291 -81.91 56.15 27.55
C GLN IA 291 -81.30 54.77 27.74
N GLY IA 292 -80.55 54.59 28.83
CA GLY IA 292 -79.74 53.39 29.02
C GLY IA 292 -78.72 53.20 27.90
N GLN IA 293 -78.92 52.19 27.05
CA GLN IA 293 -77.94 51.91 25.96
C GLN IA 293 -78.39 52.56 24.66
N THR IA 294 -79.70 52.75 24.47
CA THR IA 294 -80.26 53.28 23.21
C THR IA 294 -80.06 54.78 23.12
N ARG IA 295 -79.84 55.28 21.89
CA ARG IA 295 -79.66 56.71 21.61
C ARG IA 295 -80.74 57.24 20.69
N TYR IA 296 -81.16 58.46 20.96
CA TYR IA 296 -82.17 59.19 20.21
C TYR IA 296 -81.56 60.47 19.63
N PRO IA 297 -81.02 60.42 18.40
CA PRO IA 297 -80.57 61.63 17.68
C PRO IA 297 -81.72 62.52 17.24
N PHE IA 298 -82.92 61.94 17.10
CA PHE IA 298 -84.14 62.66 16.75
C PHE IA 298 -85.19 62.44 17.84
N LEU IA 299 -85.78 63.55 18.30
CA LEU IA 299 -86.94 63.54 19.16
C LEU IA 299 -88.17 63.80 18.32
N VAL IA 300 -89.14 62.89 18.33
CA VAL IA 300 -90.35 63.00 17.53
C VAL IA 300 -91.54 63.22 18.45
N MET IA 301 -92.11 64.42 18.40
CA MET IA 301 -93.32 64.80 19.12
C MET IA 301 -94.54 64.72 18.18
N GLN IA 302 -95.66 64.30 18.77
CA GLN IA 302 -96.93 64.15 18.00
C GLN IA 302 -98.04 64.99 18.66
N PHE IA 303 -98.58 65.97 17.93
CA PHE IA 303 -99.67 66.85 18.36
C PHE IA 303 -100.94 66.53 17.60
N ASP IA 304 -102.10 66.76 18.21
CA ASP IA 304 -103.35 66.87 17.47
C ASP IA 304 -103.39 68.25 16.79
N ARG IA 305 -103.84 68.32 15.53
CA ARG IA 305 -103.97 69.58 14.79
C ARG IA 305 -105.02 70.51 15.40
N ASN IA 306 -106.03 69.95 16.06
CA ASN IA 306 -107.10 70.71 16.70
C ASN IA 306 -106.76 71.13 18.14
N GLU IA 307 -105.61 70.73 18.67
CA GLU IA 307 -105.17 71.12 20.00
C GLU IA 307 -104.71 72.58 19.98
N GLU IA 308 -105.43 73.43 20.70
CA GLU IA 308 -105.16 74.86 20.86
C GLU IA 308 -104.69 75.15 22.29
N LEU IA 309 -103.73 76.05 22.43
CA LEU IA 309 -103.15 76.42 23.72
C LEU IA 309 -102.95 77.93 23.77
N GLU IA 310 -103.27 78.55 24.90
CA GLU IA 310 -102.94 79.96 25.16
C GLU IA 310 -101.79 80.01 26.17
N VAL IA 311 -100.74 80.78 25.86
CA VAL IA 311 -99.52 80.82 26.69
C VAL IA 311 -98.97 82.23 26.78
N GLU IA 312 -98.78 82.70 28.01
CA GLU IA 312 -98.04 83.92 28.31
C GLU IA 312 -96.60 83.57 28.72
N LEU IA 313 -95.62 84.29 28.14
CA LEU IA 313 -94.22 84.07 28.51
C LEU IA 313 -93.91 84.65 29.89
N ASN IA 314 -93.20 83.90 30.72
CA ASN IA 314 -92.72 84.38 32.00
C ASN IA 314 -91.43 85.20 31.84
N LEU IA 315 -91.56 86.44 31.35
CA LEU IA 315 -90.46 87.39 31.13
C LEU IA 315 -90.84 88.78 31.61
N SER IA 316 -89.89 89.49 32.22
CA SER IA 316 -90.04 90.91 32.53
C SER IA 316 -90.05 91.76 31.24
N ASP IA 317 -90.77 92.88 31.24
CA ASP IA 317 -90.91 93.75 30.06
C ASP IA 317 -89.57 94.31 29.57
N GLU IA 318 -88.61 94.52 30.47
CA GLU IA 318 -87.25 94.99 30.13
C GLU IA 318 -86.42 93.89 29.44
N GLU IA 319 -86.49 92.66 29.93
CA GLU IA 319 -85.80 91.52 29.33
C GLU IA 319 -86.41 91.12 27.98
N TYR IA 320 -87.74 91.18 27.86
CA TYR IA 320 -88.42 90.91 26.61
C TYR IA 320 -87.98 91.89 25.51
N LYS IA 321 -88.05 93.20 25.78
CA LYS IA 321 -87.65 94.25 24.83
C LYS IA 321 -86.18 94.14 24.44
N SER IA 322 -85.30 93.90 25.41
CA SER IA 322 -83.85 93.87 25.14
C SER IA 322 -83.38 92.63 24.37
N LYS IA 323 -83.94 91.44 24.65
CA LYS IA 323 -83.39 90.16 24.14
C LYS IA 323 -84.30 89.41 23.15
N TYR IA 324 -85.62 89.54 23.27
CA TYR IA 324 -86.59 88.65 22.62
C TYR IA 324 -87.58 89.35 21.69
N GLU IA 325 -87.58 90.69 21.67
CA GLU IA 325 -88.40 91.49 20.75
C GLU IA 325 -88.12 91.11 19.28
N GLY IA 326 -89.17 90.79 18.53
CA GLY IA 326 -89.09 90.30 17.16
C GLY IA 326 -88.70 88.81 17.00
N LYS IA 327 -88.29 88.12 18.09
CA LYS IA 327 -88.01 86.67 18.10
C LYS IA 327 -89.15 85.85 18.71
N LEU IA 328 -89.79 86.37 19.75
CA LEU IA 328 -90.90 85.73 20.49
C LEU IA 328 -92.06 86.71 20.64
N ASN IA 329 -93.29 86.20 20.71
CA ASN IA 329 -94.45 87.01 21.10
C ASN IA 329 -94.60 87.00 22.62
N ARG IA 330 -94.98 88.15 23.22
CA ARG IA 330 -95.17 88.28 24.68
C ARG IA 330 -96.27 87.36 25.21
N SER IA 331 -97.35 87.25 24.45
CA SER IA 331 -98.45 86.31 24.63
C SER IA 331 -98.78 85.70 23.28
N TYR IA 332 -99.07 84.40 23.29
CA TYR IA 332 -99.61 83.67 22.15
C TYR IA 332 -101.10 83.50 22.40
N GLY IA 333 -101.93 83.87 21.41
CA GLY IA 333 -103.39 83.65 21.54
C GLY IA 333 -103.74 82.17 21.48
N THR IA 334 -105.03 81.86 21.27
CA THR IA 334 -105.45 80.43 21.31
C THR IA 334 -105.17 79.81 19.93
N ASP IA 335 -103.90 79.54 19.63
CA ASP IA 335 -103.51 78.97 18.32
C ASP IA 335 -103.07 77.51 18.51
N SER IA 336 -102.81 76.78 17.42
CA SER IA 336 -102.46 75.37 17.54
C SER IA 336 -101.17 75.17 18.33
N THR IA 337 -101.14 74.25 19.30
CA THR IA 337 -100.00 74.02 20.23
C THR IA 337 -98.68 73.83 19.48
N TYR IA 338 -98.68 73.05 18.40
CA TYR IA 338 -97.47 72.78 17.62
C TYR IA 338 -96.87 74.04 16.96
N LYS IA 339 -97.69 75.05 16.62
CA LYS IA 339 -97.22 76.33 16.05
C LYS IA 339 -96.54 77.17 17.10
N ILE IA 340 -97.17 77.31 18.27
CA ILE IA 340 -96.63 78.03 19.41
C ILE IA 340 -95.30 77.42 19.83
N LEU IA 341 -95.26 76.10 20.00
CA LEU IA 341 -94.04 75.36 20.34
C LEU IA 341 -92.93 75.56 19.29
N SER IA 342 -93.25 75.44 18.00
CA SER IA 342 -92.28 75.64 16.91
C SER IA 342 -91.73 77.08 16.89
N HIS IA 343 -92.57 78.07 17.24
CA HIS IA 343 -92.12 79.48 17.27
C HIS IA 343 -91.21 79.69 18.49
N CYS IA 344 -91.63 79.22 19.67
CA CYS IA 344 -90.80 79.29 20.87
C CYS IA 344 -89.42 78.62 20.67
N LEU IA 345 -89.40 77.42 20.10
CA LEU IA 345 -88.15 76.73 19.77
C LEU IA 345 -87.28 77.55 18.80
N ARG IA 346 -87.87 78.14 17.77
CA ARG IA 346 -87.16 79.02 16.84
C ARG IA 346 -86.55 80.23 17.54
N GLY IA 347 -87.31 80.89 18.41
CA GLY IA 347 -86.86 82.10 19.11
C GLY IA 347 -85.75 81.82 20.12
N LEU IA 348 -85.80 80.71 20.85
CA LEU IA 348 -84.83 80.36 21.89
C LEU IA 348 -83.57 79.64 21.36
N THR IA 349 -83.69 78.79 20.33
CA THR IA 349 -82.55 78.07 19.76
C THR IA 349 -81.90 78.80 18.58
N GLU IA 350 -82.56 79.83 18.05
CA GLU IA 350 -82.16 80.56 16.84
C GLU IA 350 -82.00 79.66 15.59
N ARG IA 351 -82.57 78.44 15.64
CA ARG IA 351 -82.60 77.52 14.50
C ARG IA 351 -83.84 77.75 13.64
N ARG IA 352 -83.67 77.66 12.33
CA ARG IA 352 -84.79 77.75 11.37
C ARG IA 352 -85.65 76.49 11.46
N VAL IA 353 -86.97 76.68 11.49
CA VAL IA 353 -87.95 75.59 11.39
C VAL IA 353 -88.07 75.18 9.93
N ILE IA 354 -87.88 73.89 9.67
CA ILE IA 354 -88.03 73.29 8.34
C ILE IA 354 -89.45 72.78 8.20
N THR IA 355 -90.23 73.43 7.35
CA THR IA 355 -91.59 73.04 6.97
C THR IA 355 -91.56 72.19 5.68
N PRO IA 356 -92.67 71.53 5.31
CA PRO IA 356 -92.77 70.82 4.04
C PRO IA 356 -92.42 71.72 2.86
N GLY IA 357 -91.68 71.16 1.90
CA GLY IA 357 -91.23 71.85 0.71
C GLY IA 357 -92.28 71.96 -0.38
N SER IA 358 -91.85 72.29 -1.60
CA SER IA 358 -92.76 72.41 -2.75
C SER IA 358 -93.24 71.07 -3.32
N PHE IA 359 -92.79 69.95 -2.79
CA PHE IA 359 -93.20 68.62 -3.25
C PHE IA 359 -94.66 68.34 -2.90
N GLN IA 360 -95.42 67.89 -3.91
CA GLN IA 360 -96.84 67.49 -3.69
C GLN IA 360 -97.02 66.12 -4.35
N SER IA 361 -97.49 65.12 -3.59
CA SER IA 361 -97.67 63.75 -4.14
C SER IA 361 -98.81 63.74 -5.17
N GLN IA 362 -99.02 62.62 -5.88
CA GLN IA 362 -100.20 62.58 -6.80
C GLN IA 362 -101.46 62.92 -6.01
N HIS IA 363 -101.58 62.42 -4.78
CA HIS IA 363 -102.73 62.67 -3.91
C HIS IA 363 -102.72 64.05 -3.23
N MET IA 364 -101.90 65.00 -3.70
CA MET IA 364 -101.73 66.34 -3.12
C MET IA 364 -101.22 66.31 -1.67
N GLN IA 365 -100.56 65.23 -1.27
CA GLN IA 365 -100.00 65.08 0.07
C GLN IA 365 -98.54 65.56 0.14
N PRO IA 366 -98.07 66.09 1.28
CA PRO IA 366 -96.71 66.61 1.46
C PRO IA 366 -95.63 65.53 1.60
N GLY IA 367 -96.02 64.25 1.64
CA GLY IA 367 -95.11 63.12 1.79
C GLY IA 367 -95.74 61.83 1.25
N VAL IA 368 -94.99 60.73 1.29
CA VAL IA 368 -95.40 59.44 0.72
C VAL IA 368 -95.22 58.33 1.76
N ASN IA 369 -96.15 57.37 1.81
CA ASN IA 369 -95.99 56.18 2.64
C ASN IA 369 -94.94 55.23 2.05
N CYS IA 370 -94.05 54.72 2.89
CA CYS IA 370 -93.00 53.77 2.51
C CYS IA 370 -92.55 52.94 3.71
N SER IA 371 -91.86 51.83 3.46
CA SER IA 371 -91.21 51.04 4.51
C SER IA 371 -89.69 51.14 4.38
N LEU IA 372 -89.01 51.44 5.48
CA LEU IA 372 -87.56 51.30 5.57
C LEU IA 372 -87.26 50.03 6.35
N LYS IA 373 -86.78 48.99 5.69
CA LYS IA 373 -86.62 47.64 6.27
C LYS IA 373 -87.99 47.12 6.80
N ALA IA 374 -88.09 46.76 8.07
CA ALA IA 374 -89.32 46.31 8.73
C ALA IA 374 -90.19 47.44 9.30
N SER IA 375 -89.72 48.69 9.25
CA SER IA 375 -90.40 49.87 9.83
C SER IA 375 -91.20 50.62 8.76
N GLU IA 376 -92.52 50.63 8.90
CA GLU IA 376 -93.44 51.43 8.06
C GLU IA 376 -93.43 52.90 8.50
N GLY IA 377 -93.48 53.81 7.52
CA GLY IA 377 -93.41 55.24 7.78
C GLY IA 377 -93.65 56.15 6.60
N GLN IA 378 -93.30 57.42 6.78
CA GLN IA 378 -93.56 58.49 5.82
C GLN IA 378 -92.26 59.16 5.41
N ILE IA 379 -92.05 59.28 4.10
CA ILE IA 379 -90.93 60.00 3.51
C ILE IA 379 -91.38 61.39 3.05
N TYR IA 380 -90.68 62.41 3.52
CA TYR IA 380 -90.88 63.81 3.14
C TYR IA 380 -89.72 64.26 2.25
N LEU IA 381 -90.06 64.75 1.06
CA LEU IA 381 -89.12 65.38 0.13
C LEU IA 381 -89.14 66.89 0.37
N LEU IA 382 -88.24 67.35 1.24
CA LEU IA 382 -88.10 68.77 1.59
C LEU IA 382 -87.10 69.44 0.65
N ASP IA 383 -87.13 70.77 0.53
CA ASP IA 383 -86.31 71.51 -0.45
C ASP IA 383 -84.79 71.25 -0.40
N LYS IA 384 -84.25 70.85 0.76
CA LYS IA 384 -82.79 70.62 0.92
C LYS IA 384 -82.42 69.20 1.31
N CYS IA 385 -83.40 68.36 1.61
CA CYS IA 385 -83.16 67.05 2.19
C CYS IA 385 -84.38 66.14 2.07
N LEU IA 386 -84.09 64.84 2.02
CA LEU IA 386 -85.06 63.79 2.22
C LEU IA 386 -85.11 63.42 3.70
N PHE IA 387 -86.32 63.37 4.27
CA PHE IA 387 -86.52 63.07 5.68
C PHE IA 387 -87.55 61.95 5.86
N PHE IA 388 -87.14 60.89 6.59
CA PHE IA 388 -88.07 59.79 6.96
C PHE IA 388 -88.46 60.03 8.41
N ALA IA 389 -89.75 59.90 8.78
CA ALA IA 389 -90.17 60.31 10.15
C ALA IA 389 -90.67 59.18 11.06
N THR IA 390 -90.24 57.93 10.86
CA THR IA 390 -90.66 56.86 11.82
C THR IA 390 -89.45 56.03 12.28
N LYS IA 391 -89.32 55.77 13.58
CA LYS IA 391 -88.17 55.02 14.15
C LYS IA 391 -87.72 53.88 13.23
N PRO IA 392 -86.45 53.87 12.77
CA PRO IA 392 -85.52 54.98 13.04
C PRO IA 392 -85.74 56.19 12.11
N CYS IA 393 -85.54 57.41 12.64
CA CYS IA 393 -85.62 58.63 11.84
C CYS IA 393 -84.38 58.75 10.95
N VAL IA 394 -84.56 59.06 9.68
CA VAL IA 394 -83.45 59.18 8.73
C VAL IA 394 -83.48 60.56 8.07
N TYR IA 395 -82.38 61.30 8.23
CA TYR IA 395 -82.13 62.59 7.57
C TYR IA 395 -81.06 62.43 6.50
N LEU IA 396 -81.40 62.77 5.25
CA LEU IA 396 -80.48 62.69 4.11
C LEU IA 396 -80.44 64.04 3.37
N PRO IA 397 -79.38 64.85 3.52
CA PRO IA 397 -79.22 66.08 2.74
C PRO IA 397 -78.92 65.76 1.27
N TYR IA 398 -79.50 66.51 0.33
CA TYR IA 398 -79.27 66.28 -1.11
C TYR IA 398 -77.80 66.45 -1.51
N SER IA 399 -77.05 67.32 -0.82
CA SER IA 399 -75.60 67.48 -1.05
C SER IA 399 -74.78 66.22 -0.76
N GLY IA 400 -75.29 65.29 0.05
CA GLY IA 400 -74.62 64.04 0.39
C GLY IA 400 -75.04 62.84 -0.46
N ILE IA 401 -76.09 62.99 -1.29
CA ILE IA 401 -76.63 61.91 -2.12
C ILE IA 401 -75.85 61.82 -3.44
N ILE IA 402 -75.32 60.62 -3.72
CA ILE IA 402 -74.56 60.33 -4.95
C ILE IA 402 -75.51 60.03 -6.11
N SER IA 403 -76.45 59.11 -5.89
CA SER IA 403 -77.50 58.77 -6.84
C SER IA 403 -78.67 58.07 -6.17
N VAL IA 404 -79.84 58.20 -6.77
CA VAL IA 404 -81.06 57.50 -6.38
C VAL IA 404 -81.39 56.49 -7.48
N VAL IA 405 -81.52 55.21 -7.10
CA VAL IA 405 -81.87 54.12 -8.01
C VAL IA 405 -83.31 53.71 -7.73
N THR IA 406 -84.16 53.72 -8.75
CA THR IA 406 -85.51 53.16 -8.65
C THR IA 406 -85.50 51.73 -9.18
N SER IA 407 -85.87 50.76 -8.34
CA SER IA 407 -85.98 49.35 -8.70
C SER IA 407 -87.45 48.88 -8.66
N ARG IA 408 -87.79 47.92 -9.52
CA ARG IA 408 -89.08 47.24 -9.46
C ARG IA 408 -88.98 46.10 -8.45
N GLY IA 409 -89.91 46.04 -7.50
CA GLY IA 409 -89.94 44.98 -6.48
C GLY IA 409 -89.82 43.59 -7.12
N SER IA 415 -96.11 44.62 -10.22
CA SER IA 415 -96.09 45.15 -8.86
C SER IA 415 -96.73 46.55 -8.84
N ARG IA 416 -97.73 46.74 -7.97
CA ARG IA 416 -98.38 48.06 -7.72
C ARG IA 416 -97.45 49.04 -7.01
N THR IA 417 -96.32 48.56 -6.53
CA THR IA 417 -95.34 49.33 -5.78
C THR IA 417 -93.95 49.20 -6.39
N PHE IA 418 -93.08 50.14 -6.04
CA PHE IA 418 -91.68 50.20 -6.42
C PHE IA 418 -90.83 50.62 -5.22
N ASP IA 419 -89.51 50.40 -5.34
CA ASP IA 419 -88.56 50.68 -4.28
C ASP IA 419 -87.57 51.75 -4.75
N ILE IA 420 -87.13 52.59 -3.80
CA ILE IA 420 -86.15 53.65 -4.01
C ILE IA 420 -84.92 53.36 -3.16
N GLU IA 421 -83.79 53.12 -3.81
CA GLU IA 421 -82.49 53.03 -3.15
C GLU IA 421 -81.73 54.36 -3.25
N VAL IA 422 -81.49 55.01 -2.11
CA VAL IA 422 -80.71 56.24 -2.03
C VAL IA 422 -79.26 55.90 -1.66
N GLN IA 423 -78.33 56.13 -2.58
CA GLN IA 423 -76.89 55.93 -2.36
C GLN IA 423 -76.22 57.24 -1.92
N PHE IA 424 -75.43 57.18 -0.86
CA PHE IA 424 -74.67 58.30 -0.30
C PHE IA 424 -73.26 57.82 0.11
N SER IA 425 -72.36 58.74 0.43
CA SER IA 425 -70.95 58.42 0.72
C SER IA 425 -70.73 57.43 1.87
N GLY IA 426 -71.71 57.25 2.75
CA GLY IA 426 -71.65 56.37 3.93
C GLY IA 426 -72.46 55.06 3.82
N GLY IA 427 -73.08 54.74 2.67
CA GLY IA 427 -73.89 53.54 2.48
C GLY IA 427 -75.09 53.75 1.55
N SER IA 428 -76.08 52.85 1.62
CA SER IA 428 -77.36 53.00 0.91
C SER IA 428 -78.57 52.71 1.81
N HIS IA 429 -79.67 53.41 1.54
CA HIS IA 429 -80.96 53.18 2.19
C HIS IA 429 -82.02 52.81 1.14
N THR IA 430 -82.63 51.64 1.30
CA THR IA 430 -83.72 51.17 0.45
C THR IA 430 -85.06 51.45 1.12
N PHE IA 431 -85.85 52.33 0.52
CA PHE IA 431 -87.25 52.58 0.88
C PHE IA 431 -88.14 51.74 -0.02
N ALA IA 432 -88.88 50.80 0.55
CA ALA IA 432 -89.71 49.86 -0.17
C ALA IA 432 -91.20 50.21 -0.08
N ASN IA 433 -92.00 49.50 -0.88
CA ASN IA 433 -93.47 49.52 -0.83
C ASN IA 433 -94.10 50.89 -1.13
N ILE IA 434 -93.46 51.68 -2.01
CA ILE IA 434 -93.98 52.98 -2.45
C ILE IA 434 -94.97 52.76 -3.61
N ASN IA 435 -96.12 53.41 -3.60
CA ASN IA 435 -97.10 53.29 -4.69
C ASN IA 435 -96.51 53.78 -6.02
N LYS IA 436 -96.68 53.00 -7.10
CA LYS IA 436 -96.12 53.30 -8.44
C LYS IA 436 -96.59 54.62 -9.03
N ASP IA 437 -97.79 55.06 -8.69
CA ASP IA 437 -98.32 56.37 -9.13
C ASP IA 437 -97.44 57.54 -8.64
N GLU IA 438 -96.78 57.38 -7.49
CA GLU IA 438 -95.88 58.38 -6.91
C GLU IA 438 -94.49 58.40 -7.58
N GLN IA 439 -94.19 57.48 -8.49
CA GLN IA 439 -92.86 57.39 -9.12
C GLN IA 439 -92.50 58.66 -9.90
N LYS IA 440 -93.37 59.13 -10.81
CA LYS IA 440 -93.08 60.30 -11.66
C LYS IA 440 -92.91 61.59 -10.85
N PRO IA 441 -93.82 61.94 -9.91
CA PRO IA 441 -93.65 63.13 -9.08
C PRO IA 441 -92.33 63.13 -8.31
N ILE IA 442 -91.93 61.99 -7.75
CA ILE IA 442 -90.68 61.86 -6.99
C ILE IA 442 -89.47 62.03 -7.91
N GLU IA 443 -89.45 61.39 -9.07
CA GLU IA 443 -88.34 61.51 -10.03
C GLU IA 443 -88.16 62.95 -10.51
N ASP IA 444 -89.25 63.63 -10.88
CA ASP IA 444 -89.22 65.01 -11.37
C ASP IA 444 -88.75 65.98 -10.29
N PHE IA 445 -89.21 65.80 -9.05
CA PHE IA 445 -88.74 66.60 -7.92
C PHE IA 445 -87.24 66.39 -7.65
N LEU IA 446 -86.77 65.15 -7.59
CA LEU IA 446 -85.35 64.84 -7.34
C LEU IA 446 -84.44 65.35 -8.46
N LYS IA 447 -84.86 65.24 -9.72
CA LYS IA 447 -84.15 65.84 -10.87
C LYS IA 447 -84.12 67.36 -10.74
N GLY IA 448 -85.21 67.99 -10.31
CA GLY IA 448 -85.29 69.43 -10.03
C GLY IA 448 -84.33 69.90 -8.93
N GLN IA 449 -84.11 69.08 -7.91
CA GLN IA 449 -83.13 69.32 -6.84
C GLN IA 449 -81.68 68.98 -7.24
N GLY IA 450 -81.42 68.57 -8.49
CA GLY IA 450 -80.09 68.25 -9.00
C GLY IA 450 -79.54 66.88 -8.57
N VAL IA 451 -80.41 65.98 -8.08
CA VAL IA 451 -80.03 64.61 -7.70
C VAL IA 451 -80.03 63.68 -8.92
N ARG IA 452 -78.99 62.86 -9.06
CA ARG IA 452 -78.90 61.89 -10.16
C ARG IA 452 -79.85 60.70 -9.93
N VAL IA 453 -80.90 60.59 -10.74
CA VAL IA 453 -81.85 59.47 -10.72
C VAL IA 453 -81.51 58.45 -11.80
N LYS IA 454 -81.36 57.17 -11.43
CA LYS IA 454 -81.14 56.04 -12.35
C LYS IA 454 -82.34 55.11 -12.32
N ASN IA 455 -82.84 54.75 -13.49
CA ASN IA 455 -83.99 53.79 -13.58
C ASN IA 455 -83.53 52.45 -14.17
N GLU IA 456 -83.41 51.40 -13.35
CA GLU IA 456 -83.09 50.06 -13.86
C GLU IA 456 -84.16 49.66 -14.89
ZN ZN JA . -8.17 -21.44 -21.30
ZN ZN KA . 13.04 -9.20 -63.85
MG MG LA . 29.09 -0.16 6.56
ZN ZN MA . 0.75 -28.51 -33.18
ZN ZN NA . -1.05 -12.15 46.66
ZN ZN OA . 59.63 55.59 -10.29
ZN ZN PA . 37.51 51.02 -53.42
ZN ZN QA . 25.24 9.73 38.05
ZN ZN RA . -16.40 24.66 19.33
ZN ZN SA . 5.91 24.93 -65.46
ZN ZN TA . -36.83 23.24 -57.27
#